data_7TFD
#
_entry.id   7TFD
#
_cell.length_a   1.00
_cell.length_b   1.00
_cell.length_c   1.00
_cell.angle_alpha   90.00
_cell.angle_beta   90.00
_cell.angle_gamma   90.00
#
_symmetry.space_group_name_H-M   'P 1'
#
loop_
_entity.id
_entity.type
_entity.pdbx_description
1 polymer 'Glutamine synthetase'
2 non-polymer 'MAGNESIUM ION'
#
_entity_poly.entity_id   1
_entity_poly.type   'polypeptide(L)'
_entity_poly.pdbx_seq_one_letter_code
;MGSSHHHHHHSSGLVPRGSHMSYTREDIIRIAEEENVRFIRLQFTDLLGTIKNVEIPVSQLEKALDNKMMFDGSSIEGYV
RIEESDMYLYPDLDTWVVFPWVTSDRVARLICDIYKPDGSPFAGDPRGILKRVLKEAEELGYTSMNVGPEPEFFLFKTDE
KGDPTTELNDQGGYFDLAPMDLGENCRREIVLKLEEMGFEIEASHHEVAPGQHEIDFKYADAVKAADQIQTFKLVVKTIA
RQHGLHATFMPKPLFGVNGSGMHCNQSLFKDNENVFYDETDELGLSQTARHYMAGILKHARAMAAITNPTVNSYKRLVPG
YEAPCYVAWSASNRSPMIRIPASRGLSTRVEVRNPDPAANPYLALAVMLRAGLDGIKRQMALPAPIDRNIYVMSEEERIE
EGIPSLPADLKEALSELIRSEVISDALGDHALAYFYELKEIEWDMYRTQVHQWERDQYLTLY
;
_entity_poly.pdbx_strand_id   B,E,F,J,K,L,Q,R,S,T,W,X
#
# COMPACT_ATOMS: atom_id res chain seq x y z
N SER A 22 -19.92 -60.70 -10.25
CA SER A 22 -20.22 -60.19 -11.59
C SER A 22 -21.55 -59.43 -11.59
N TYR A 23 -22.03 -59.09 -12.78
CA TYR A 23 -23.25 -58.32 -12.93
C TYR A 23 -23.88 -58.67 -14.28
N THR A 24 -25.13 -58.28 -14.44
CA THR A 24 -25.84 -58.45 -15.70
C THR A 24 -26.71 -57.22 -15.96
N ARG A 25 -27.26 -57.15 -17.16
CA ARG A 25 -28.02 -55.98 -17.58
C ARG A 25 -29.15 -55.67 -16.60
N GLU A 26 -29.95 -56.67 -16.27
CA GLU A 26 -31.04 -56.47 -15.32
C GLU A 26 -30.49 -56.10 -13.95
N ASP A 27 -29.35 -56.66 -13.56
CA ASP A 27 -28.73 -56.27 -12.30
C ASP A 27 -28.35 -54.80 -12.30
N ILE A 28 -27.77 -54.32 -13.40
CA ILE A 28 -27.41 -52.91 -13.49
C ILE A 28 -28.65 -52.04 -13.41
N ILE A 29 -29.71 -52.41 -14.13
CA ILE A 29 -30.94 -51.61 -14.10
C ILE A 29 -31.52 -51.58 -12.69
N ARG A 30 -31.55 -52.73 -12.02
CA ARG A 30 -32.09 -52.80 -10.67
C ARG A 30 -31.26 -51.98 -9.70
N ILE A 31 -29.94 -52.03 -9.83
CA ILE A 31 -29.08 -51.27 -8.93
C ILE A 31 -29.25 -49.76 -9.17
N ALA A 32 -29.35 -49.38 -10.44
CA ALA A 32 -29.58 -47.98 -10.77
C ALA A 32 -30.90 -47.48 -10.19
N GLU A 33 -31.94 -48.31 -10.27
CA GLU A 33 -33.20 -47.96 -9.63
C GLU A 33 -33.06 -47.90 -8.11
N GLU A 34 -32.26 -48.80 -7.54
CA GLU A 34 -32.11 -48.85 -6.09
C GLU A 34 -31.35 -47.65 -5.57
N GLU A 35 -30.22 -47.32 -6.18
CA GLU A 35 -29.31 -46.31 -5.65
C GLU A 35 -29.65 -44.90 -6.11
N ASN A 36 -30.71 -44.72 -6.90
CA ASN A 36 -31.06 -43.42 -7.46
C ASN A 36 -29.90 -42.83 -8.24
N VAL A 37 -29.21 -43.68 -9.02
CA VAL A 37 -28.14 -43.21 -9.87
C VAL A 37 -28.73 -42.33 -10.97
N ARG A 38 -28.21 -41.11 -11.10
CA ARG A 38 -28.69 -40.17 -12.09
C ARG A 38 -27.65 -39.79 -13.14
N PHE A 39 -26.39 -40.15 -12.93
CA PHE A 39 -25.29 -39.64 -13.72
C PHE A 39 -24.31 -40.77 -13.98
N ILE A 40 -23.96 -40.99 -15.25
CA ILE A 40 -23.18 -42.15 -15.65
C ILE A 40 -21.93 -41.68 -16.37
N ARG A 41 -20.79 -42.23 -16.01
CA ARG A 41 -19.51 -41.91 -16.65
C ARG A 41 -19.06 -43.12 -17.47
N LEU A 42 -19.29 -43.07 -18.78
CA LEU A 42 -18.80 -44.09 -19.71
C LEU A 42 -17.31 -43.81 -19.90
N GLN A 43 -16.48 -44.59 -19.21
CA GLN A 43 -15.06 -44.30 -19.13
C GLN A 43 -14.29 -44.99 -20.24
N PHE A 44 -13.10 -44.47 -20.54
CA PHE A 44 -12.10 -45.14 -21.36
C PHE A 44 -10.82 -44.31 -21.30
N THR A 45 -9.81 -44.74 -22.07
CA THR A 45 -8.50 -44.11 -22.03
C THR A 45 -7.93 -44.03 -23.43
N ASP A 46 -7.11 -43.00 -23.66
CA ASP A 46 -6.39 -42.83 -24.91
C ASP A 46 -4.98 -43.39 -24.77
N LEU A 47 -4.18 -43.22 -25.82
CA LEU A 47 -2.79 -43.66 -25.75
C LEU A 47 -1.97 -42.75 -24.84
N LEU A 48 -2.37 -41.48 -24.70
CA LEU A 48 -1.68 -40.56 -23.81
C LEU A 48 -1.90 -40.90 -22.34
N GLY A 49 -2.92 -41.69 -22.03
CA GLY A 49 -3.16 -42.15 -20.68
C GLY A 49 -4.19 -41.36 -19.90
N THR A 50 -4.43 -40.10 -20.26
CA THR A 50 -5.35 -39.27 -19.49
C THR A 50 -6.77 -39.79 -19.64
N ILE A 51 -7.49 -39.83 -18.53
CA ILE A 51 -8.82 -40.45 -18.46
C ILE A 51 -9.78 -39.69 -19.35
N LYS A 52 -10.52 -40.42 -20.19
CA LYS A 52 -11.52 -39.84 -21.06
C LYS A 52 -12.86 -40.50 -20.79
N ASN A 53 -13.96 -39.82 -21.13
CA ASN A 53 -15.26 -40.41 -20.83
C ASN A 53 -16.38 -39.70 -21.60
N VAL A 54 -17.61 -40.16 -21.33
CA VAL A 54 -18.84 -39.51 -21.75
C VAL A 54 -19.79 -39.47 -20.57
N GLU A 55 -20.43 -38.32 -20.36
CA GLU A 55 -21.42 -38.20 -19.29
C GLU A 55 -22.82 -38.42 -19.83
N ILE A 56 -23.58 -39.28 -19.16
CA ILE A 56 -24.89 -39.69 -19.66
C ILE A 56 -25.93 -39.60 -18.54
N PRO A 57 -27.16 -39.18 -18.84
CA PRO A 57 -28.23 -39.28 -17.84
C PRO A 57 -28.72 -40.71 -17.69
N VAL A 58 -29.43 -40.97 -16.61
CA VAL A 58 -29.88 -42.32 -16.31
C VAL A 58 -30.85 -42.85 -17.36
N SER A 59 -31.65 -41.98 -17.99
CA SER A 59 -32.67 -42.42 -18.92
C SER A 59 -32.10 -43.07 -20.18
N GLN A 60 -30.82 -42.88 -20.47
CA GLN A 60 -30.16 -43.52 -21.60
C GLN A 60 -29.44 -44.80 -21.22
N LEU A 61 -29.52 -45.20 -19.94
CA LEU A 61 -28.71 -46.32 -19.46
C LEU A 61 -28.98 -47.58 -20.24
N GLU A 62 -30.25 -47.87 -20.52
CA GLU A 62 -30.58 -49.05 -21.32
C GLU A 62 -29.86 -49.01 -22.66
N LYS A 63 -29.89 -47.86 -23.35
CA LYS A 63 -29.17 -47.74 -24.61
C LYS A 63 -27.68 -47.91 -24.40
N ALA A 64 -27.16 -47.46 -23.25
CA ALA A 64 -25.77 -47.69 -22.93
C ALA A 64 -25.48 -49.18 -22.81
N LEU A 65 -26.40 -49.94 -22.23
CA LEU A 65 -26.18 -51.37 -22.07
C LEU A 65 -26.34 -52.11 -23.38
N ASP A 66 -26.88 -51.45 -24.40
CA ASP A 66 -27.12 -52.06 -25.70
C ASP A 66 -25.90 -52.04 -26.60
N ASN A 67 -24.79 -51.46 -26.13
CA ASN A 67 -23.57 -51.32 -26.93
C ASN A 67 -23.85 -50.51 -28.20
N LYS A 68 -24.40 -49.30 -28.03
CA LYS A 68 -24.84 -48.50 -29.15
C LYS A 68 -24.37 -47.06 -29.10
N MET A 69 -23.85 -46.59 -27.96
CA MET A 69 -23.39 -45.21 -27.84
C MET A 69 -22.21 -44.97 -28.77
N MET A 70 -22.20 -43.82 -29.44
CA MET A 70 -21.15 -43.46 -30.37
C MET A 70 -20.48 -42.17 -29.94
N PHE A 71 -19.23 -41.99 -30.37
CA PHE A 71 -18.48 -40.76 -30.13
C PHE A 71 -17.44 -40.62 -31.24
N ASP A 72 -16.56 -39.62 -31.07
CA ASP A 72 -15.60 -39.27 -32.12
C ASP A 72 -14.74 -40.47 -32.52
N GLY A 73 -14.17 -41.15 -31.53
CA GLY A 73 -13.29 -42.26 -31.78
C GLY A 73 -11.86 -41.87 -32.08
N SER A 74 -11.65 -40.84 -32.91
CA SER A 74 -10.31 -40.37 -33.21
C SER A 74 -9.63 -39.75 -32.01
N SER A 75 -10.37 -39.50 -30.93
CA SER A 75 -9.75 -38.99 -29.71
C SER A 75 -8.67 -39.91 -29.18
N ILE A 76 -8.73 -41.20 -29.52
CA ILE A 76 -7.70 -42.14 -29.11
C ILE A 76 -6.35 -41.73 -29.67
N GLU A 77 -6.32 -41.21 -30.90
CA GLU A 77 -5.06 -40.76 -31.48
C GLU A 77 -4.54 -39.48 -30.82
N GLY A 78 -5.34 -38.85 -29.97
CA GLY A 78 -4.88 -37.68 -29.22
C GLY A 78 -5.16 -36.36 -29.91
N TYR A 79 -4.24 -35.41 -29.74
CA TYR A 79 -4.36 -34.09 -30.36
C TYR A 79 -3.83 -34.05 -31.78
N VAL A 80 -3.32 -35.17 -32.29
CA VAL A 80 -2.83 -35.27 -33.65
C VAL A 80 -3.84 -35.91 -34.59
N ARG A 81 -5.10 -36.04 -34.14
CA ARG A 81 -6.13 -36.59 -35.00
C ARG A 81 -6.36 -35.70 -36.21
N ILE A 82 -6.36 -36.31 -37.39
CA ILE A 82 -6.46 -35.59 -38.65
C ILE A 82 -7.78 -35.89 -39.37
N GLU A 83 -8.27 -37.13 -39.25
CA GLU A 83 -9.50 -37.52 -39.91
C GLU A 83 -10.47 -38.09 -38.87
N GLU A 84 -11.73 -37.68 -39.00
CA GLU A 84 -12.73 -38.03 -38.00
C GLU A 84 -13.30 -39.42 -38.28
N SER A 85 -13.68 -40.10 -37.21
CA SER A 85 -14.34 -41.40 -37.27
C SER A 85 -15.63 -41.35 -36.47
N ASP A 86 -16.26 -42.51 -36.34
CA ASP A 86 -17.39 -42.72 -35.44
C ASP A 86 -17.15 -44.06 -34.75
N MET A 87 -17.09 -44.05 -33.42
CA MET A 87 -16.70 -45.26 -32.73
C MET A 87 -17.62 -45.49 -31.53
N TYR A 88 -17.96 -46.76 -31.31
CA TYR A 88 -18.95 -47.11 -30.32
C TYR A 88 -18.30 -47.56 -29.02
N LEU A 89 -18.98 -47.24 -27.91
CA LEU A 89 -18.54 -47.59 -26.58
C LEU A 89 -19.22 -48.87 -26.13
N TYR A 90 -18.42 -49.89 -25.78
CA TYR A 90 -18.96 -51.16 -25.29
C TYR A 90 -18.60 -51.30 -23.83
N PRO A 91 -19.53 -51.08 -22.91
CA PRO A 91 -19.18 -51.16 -21.48
C PRO A 91 -18.90 -52.59 -21.06
N ASP A 92 -18.11 -52.72 -19.99
CA ASP A 92 -17.86 -53.99 -19.34
C ASP A 92 -18.61 -53.98 -18.02
N LEU A 93 -19.70 -54.75 -17.95
CA LEU A 93 -20.62 -54.65 -16.83
C LEU A 93 -19.95 -54.99 -15.51
N ASP A 94 -18.94 -55.85 -15.54
CA ASP A 94 -18.26 -56.28 -14.33
C ASP A 94 -17.54 -55.13 -13.62
N THR A 95 -17.34 -54.01 -14.29
CA THR A 95 -16.64 -52.86 -13.73
C THR A 95 -17.58 -51.76 -13.24
N TRP A 96 -18.87 -52.04 -13.14
CA TRP A 96 -19.81 -51.05 -12.62
C TRP A 96 -19.45 -50.67 -11.19
N VAL A 97 -19.60 -49.40 -10.86
CA VAL A 97 -19.36 -48.91 -9.50
C VAL A 97 -20.01 -47.54 -9.37
N VAL A 98 -20.32 -47.16 -8.13
CA VAL A 98 -20.96 -45.89 -7.82
C VAL A 98 -20.10 -45.15 -6.80
N PHE A 99 -19.84 -43.87 -7.06
CA PHE A 99 -18.92 -43.11 -6.23
C PHE A 99 -19.59 -42.70 -4.92
N PRO A 100 -18.85 -42.67 -3.82
CA PRO A 100 -19.43 -42.26 -2.53
C PRO A 100 -19.26 -40.77 -2.24
N TRP A 101 -19.77 -39.89 -3.09
CA TRP A 101 -19.46 -38.48 -2.92
C TRP A 101 -20.40 -37.76 -1.96
N VAL A 102 -21.18 -38.51 -1.17
CA VAL A 102 -22.03 -37.97 -0.11
C VAL A 102 -22.82 -36.78 -0.64
N THR A 103 -23.70 -37.04 -1.61
CA THR A 103 -24.57 -36.00 -2.15
C THR A 103 -25.74 -36.68 -2.83
N SER A 104 -26.83 -35.94 -3.03
CA SER A 104 -27.96 -36.45 -3.80
C SER A 104 -27.56 -36.57 -5.25
N ASP A 105 -28.39 -37.24 -6.06
CA ASP A 105 -28.12 -37.44 -7.47
C ASP A 105 -26.79 -38.16 -7.67
N ARG A 106 -26.72 -39.42 -7.22
CA ARG A 106 -25.47 -40.16 -7.23
C ARG A 106 -24.98 -40.40 -8.65
N VAL A 107 -23.67 -40.67 -8.77
CA VAL A 107 -23.00 -40.82 -10.05
C VAL A 107 -22.44 -42.23 -10.14
N ALA A 108 -22.51 -42.82 -11.34
CA ALA A 108 -22.07 -44.19 -11.58
C ALA A 108 -20.98 -44.22 -12.62
N ARG A 109 -20.16 -45.26 -12.55
CA ARG A 109 -19.01 -45.40 -13.43
C ARG A 109 -19.13 -46.70 -14.21
N LEU A 110 -18.85 -46.63 -15.50
CA LEU A 110 -18.70 -47.82 -16.33
C LEU A 110 -17.43 -47.70 -17.15
N ILE A 111 -16.61 -48.75 -17.14
CA ILE A 111 -15.40 -48.79 -17.94
C ILE A 111 -15.69 -49.50 -19.25
N CYS A 112 -15.32 -48.87 -20.35
CA CYS A 112 -15.75 -49.30 -21.67
C CYS A 112 -14.54 -49.62 -22.55
N ASP A 113 -14.77 -50.49 -23.52
CA ASP A 113 -13.86 -50.67 -24.62
C ASP A 113 -14.38 -49.90 -25.82
N ILE A 114 -13.52 -49.71 -26.82
CA ILE A 114 -13.87 -48.95 -28.01
C ILE A 114 -13.96 -49.92 -29.18
N TYR A 115 -15.02 -49.80 -29.97
CA TYR A 115 -15.24 -50.69 -31.10
C TYR A 115 -15.52 -49.89 -32.36
N LYS A 116 -15.09 -50.43 -33.49
CA LYS A 116 -15.34 -49.81 -34.79
C LYS A 116 -16.83 -49.91 -35.13
N PRO A 117 -17.31 -49.09 -36.06
CA PRO A 117 -18.71 -49.22 -36.49
C PRO A 117 -19.04 -50.56 -37.09
N ASP A 118 -18.07 -51.25 -37.69
CA ASP A 118 -18.35 -52.56 -38.28
C ASP A 118 -18.28 -53.69 -37.26
N GLY A 119 -17.97 -53.40 -36.01
CA GLY A 119 -17.97 -54.37 -34.94
C GLY A 119 -16.60 -54.86 -34.52
N SER A 120 -15.58 -54.67 -35.35
CA SER A 120 -14.26 -55.15 -34.99
C SER A 120 -13.62 -54.25 -33.93
N PRO A 121 -12.73 -54.79 -33.11
CA PRO A 121 -12.07 -53.96 -32.09
C PRO A 121 -11.17 -52.91 -32.73
N PHE A 122 -11.05 -51.78 -32.04
CA PHE A 122 -10.12 -50.74 -32.48
C PHE A 122 -8.71 -51.13 -32.09
N ALA A 123 -7.79 -51.07 -33.07
CA ALA A 123 -6.42 -51.50 -32.83
C ALA A 123 -5.69 -50.64 -31.81
N GLY A 124 -6.01 -49.35 -31.73
CA GLY A 124 -5.25 -48.42 -30.94
C GLY A 124 -5.69 -48.21 -29.50
N ASP A 125 -6.57 -49.06 -28.98
CA ASP A 125 -7.05 -48.89 -27.62
C ASP A 125 -6.12 -49.59 -26.64
N PRO A 126 -5.58 -48.89 -25.63
CA PRO A 126 -4.64 -49.56 -24.71
C PRO A 126 -5.24 -50.77 -24.02
N ARG A 127 -6.51 -50.69 -23.61
CA ARG A 127 -7.16 -51.85 -23.03
C ARG A 127 -7.25 -52.99 -24.03
N GLY A 128 -7.55 -52.67 -25.28
CA GLY A 128 -7.53 -53.68 -26.32
C GLY A 128 -6.15 -54.30 -26.49
N ILE A 129 -5.11 -53.48 -26.39
CA ILE A 129 -3.74 -53.99 -26.50
C ILE A 129 -3.45 -54.96 -25.37
N LEU A 130 -3.80 -54.58 -24.14
CA LEU A 130 -3.53 -55.44 -23.00
C LEU A 130 -4.31 -56.74 -23.09
N LYS A 131 -5.57 -56.67 -23.53
CA LYS A 131 -6.37 -57.88 -23.66
C LYS A 131 -5.84 -58.78 -24.78
N ARG A 132 -5.34 -58.19 -25.86
CA ARG A 132 -4.74 -58.99 -26.91
C ARG A 132 -3.49 -59.70 -26.40
N VAL A 133 -2.66 -59.00 -25.61
CA VAL A 133 -1.46 -59.63 -25.07
C VAL A 133 -1.83 -60.71 -24.06
N LEU A 134 -2.90 -60.49 -23.29
CA LEU A 134 -3.38 -61.55 -22.39
C LEU A 134 -3.91 -62.74 -23.17
N LYS A 135 -4.55 -62.50 -24.31
CA LYS A 135 -5.01 -63.59 -25.16
C LYS A 135 -3.85 -64.40 -25.69
N GLU A 136 -2.79 -63.72 -26.15
CA GLU A 136 -1.63 -64.45 -26.64
C GLU A 136 -0.85 -65.10 -25.51
N ALA A 137 -1.01 -64.62 -24.27
CA ALA A 137 -0.46 -65.33 -23.13
C ALA A 137 -1.26 -66.59 -22.82
N GLU A 138 -2.58 -66.50 -22.88
CA GLU A 138 -3.44 -67.65 -22.65
C GLU A 138 -3.20 -68.73 -23.69
N GLU A 139 -2.99 -68.34 -24.95
CA GLU A 139 -2.66 -69.31 -25.98
C GLU A 139 -1.36 -70.04 -25.67
N LEU A 140 -0.50 -69.46 -24.82
CA LEU A 140 0.72 -70.11 -24.38
C LEU A 140 0.51 -70.99 -23.16
N GLY A 141 -0.70 -71.06 -22.63
CA GLY A 141 -1.02 -71.94 -21.52
C GLY A 141 -1.11 -71.29 -20.17
N TYR A 142 -0.75 -70.01 -20.05
CA TYR A 142 -0.83 -69.29 -18.77
C TYR A 142 -2.17 -68.57 -18.71
N THR A 143 -2.96 -68.86 -17.68
CA THR A 143 -4.32 -68.37 -17.64
C THR A 143 -4.40 -66.87 -17.35
N SER A 144 -3.56 -66.36 -16.45
CA SER A 144 -3.69 -64.96 -16.05
C SER A 144 -2.35 -64.42 -15.59
N MET A 145 -2.33 -63.11 -15.36
CA MET A 145 -1.15 -62.39 -14.90
C MET A 145 -1.53 -61.59 -13.66
N ASN A 146 -1.03 -62.01 -12.50
CA ASN A 146 -1.29 -61.32 -11.25
C ASN A 146 -0.37 -60.10 -11.16
N VAL A 147 -0.97 -58.92 -11.01
CA VAL A 147 -0.26 -57.65 -11.04
C VAL A 147 -0.68 -56.82 -9.84
N GLY A 148 0.30 -56.35 -9.08
CA GLY A 148 0.06 -55.43 -7.99
C GLY A 148 0.97 -54.23 -8.07
N PRO A 149 0.41 -53.05 -8.26
CA PRO A 149 1.21 -51.84 -8.38
C PRO A 149 1.46 -51.18 -7.02
N GLU A 150 2.45 -50.31 -6.99
CA GLU A 150 2.74 -49.47 -5.83
C GLU A 150 2.92 -48.03 -6.27
N PRO A 151 1.82 -47.33 -6.60
CA PRO A 151 1.94 -45.94 -7.06
C PRO A 151 2.10 -44.96 -5.90
N GLU A 152 2.89 -43.91 -6.13
CA GLU A 152 3.11 -42.83 -5.19
C GLU A 152 2.68 -41.52 -5.84
N PHE A 153 2.12 -40.61 -5.04
CA PHE A 153 1.67 -39.34 -5.58
C PHE A 153 2.13 -38.22 -4.66
N PHE A 154 2.25 -37.03 -5.22
CA PHE A 154 2.62 -35.83 -4.51
C PHE A 154 1.39 -34.97 -4.27
N LEU A 155 1.35 -34.35 -3.09
CA LEU A 155 0.33 -33.37 -2.77
C LEU A 155 1.00 -32.02 -2.54
N PHE A 156 0.50 -31.00 -3.21
CA PHE A 156 1.03 -29.65 -3.12
C PHE A 156 -0.07 -28.69 -2.67
N LYS A 157 0.29 -27.76 -1.81
CA LYS A 157 -0.65 -26.72 -1.41
C LYS A 157 -1.01 -25.86 -2.61
N THR A 158 -2.29 -25.51 -2.71
CA THR A 158 -2.81 -24.70 -3.80
C THR A 158 -2.79 -23.24 -3.40
N ASP A 159 -2.92 -22.38 -4.40
CA ASP A 159 -3.02 -20.94 -4.18
C ASP A 159 -4.50 -20.52 -4.20
N GLU A 160 -4.74 -19.21 -4.21
CA GLU A 160 -6.11 -18.72 -4.20
C GLU A 160 -6.85 -19.03 -5.49
N LYS A 161 -6.13 -19.06 -6.61
CA LYS A 161 -6.77 -19.30 -7.91
C LYS A 161 -6.93 -20.78 -8.23
N GLY A 162 -6.46 -21.68 -7.38
CA GLY A 162 -6.60 -23.10 -7.62
C GLY A 162 -5.43 -23.76 -8.32
N ASP A 163 -4.27 -23.12 -8.36
CA ASP A 163 -3.15 -23.78 -9.01
C ASP A 163 -2.17 -24.32 -7.98
N PRO A 164 -1.44 -25.39 -8.30
CA PRO A 164 -0.48 -25.93 -7.33
C PRO A 164 0.73 -25.01 -7.18
N THR A 165 1.18 -24.85 -5.94
CA THR A 165 2.38 -24.10 -5.62
C THR A 165 3.53 -25.08 -5.44
N THR A 166 4.67 -24.56 -4.97
CA THR A 166 5.88 -25.37 -4.86
C THR A 166 6.07 -25.96 -3.45
N GLU A 167 5.25 -25.56 -2.49
CA GLU A 167 5.40 -26.04 -1.12
C GLU A 167 4.56 -27.28 -0.90
N LEU A 168 5.15 -28.27 -0.23
CA LEU A 168 4.47 -29.54 -0.02
C LEU A 168 3.48 -29.44 1.13
N ASN A 169 2.67 -30.49 1.29
CA ASN A 169 1.68 -30.51 2.35
C ASN A 169 2.28 -30.78 3.73
N ASP A 170 3.35 -31.58 3.80
CA ASP A 170 3.97 -31.88 5.07
C ASP A 170 5.48 -31.96 4.88
N GLN A 171 6.20 -32.23 5.96
CA GLN A 171 7.64 -32.31 5.95
C GLN A 171 8.14 -33.54 6.69
N GLY A 172 7.40 -34.64 6.60
CA GLY A 172 7.83 -35.87 7.25
C GLY A 172 8.86 -36.63 6.44
N GLY A 173 9.46 -37.63 7.07
CA GLY A 173 10.45 -38.47 6.43
C GLY A 173 9.87 -39.77 5.90
N TYR A 174 10.72 -40.75 5.66
CA TYR A 174 10.26 -42.02 5.09
C TYR A 174 9.48 -42.82 6.13
N PHE A 175 8.34 -43.36 5.71
CA PHE A 175 7.42 -44.07 6.61
C PHE A 175 7.12 -43.27 7.87
N ASP A 176 6.44 -42.14 7.71
CA ASP A 176 6.19 -41.26 8.84
C ASP A 176 4.71 -41.23 9.19
N LEU A 177 4.40 -40.47 10.24
CA LEU A 177 3.03 -40.19 10.67
C LEU A 177 2.74 -38.70 10.62
N ALA A 178 3.48 -37.98 9.76
CA ALA A 178 3.32 -36.53 9.68
C ALA A 178 1.88 -36.12 9.36
N PRO A 179 1.19 -36.72 8.39
CA PRO A 179 -0.21 -36.32 8.25
C PRO A 179 -1.10 -37.00 9.29
N MET A 180 -1.13 -36.40 10.47
CA MET A 180 -1.86 -36.95 11.61
C MET A 180 -3.19 -36.21 11.77
N ASP A 181 -3.97 -36.62 12.77
CA ASP A 181 -5.21 -35.98 13.17
C ASP A 181 -6.30 -36.11 12.13
N LEU A 182 -7.00 -35.01 11.85
CA LEU A 182 -8.09 -35.01 10.88
C LEU A 182 -7.97 -33.82 9.93
N GLY A 183 -7.23 -32.80 10.35
CA GLY A 183 -7.04 -31.63 9.50
C GLY A 183 -6.27 -31.93 8.24
N GLU A 184 -6.98 -31.97 7.12
CA GLU A 184 -6.40 -32.27 5.81
C GLU A 184 -5.67 -33.61 5.82
N ASN A 185 -6.29 -34.60 6.47
CA ASN A 185 -5.76 -35.96 6.48
C ASN A 185 -6.26 -36.70 5.24
N CYS A 186 -5.57 -36.45 4.13
CA CYS A 186 -6.01 -36.96 2.83
C CYS A 186 -5.84 -38.47 2.74
N ARG A 187 -4.76 -39.00 3.29
CA ARG A 187 -4.42 -40.41 3.10
C ARG A 187 -5.53 -41.32 3.63
N ARG A 188 -6.02 -41.02 4.83
CA ARG A 188 -7.10 -41.82 5.42
C ARG A 188 -8.34 -41.78 4.56
N GLU A 189 -8.68 -40.59 4.06
CA GLU A 189 -9.86 -40.45 3.22
C GLU A 189 -9.72 -41.28 1.96
N ILE A 190 -8.54 -41.25 1.34
CA ILE A 190 -8.32 -42.04 0.13
C ILE A 190 -8.49 -43.52 0.43
N VAL A 191 -7.87 -43.99 1.52
CA VAL A 191 -7.97 -45.40 1.84
C VAL A 191 -9.41 -45.82 2.05
N LEU A 192 -10.17 -45.01 2.80
CA LEU A 192 -11.54 -45.37 3.13
C LEU A 192 -12.43 -45.35 1.89
N LYS A 193 -12.29 -44.33 1.04
CA LYS A 193 -13.13 -44.28 -0.15
C LYS A 193 -12.80 -45.41 -1.10
N LEU A 194 -11.52 -45.72 -1.30
CA LEU A 194 -11.16 -46.83 -2.17
C LEU A 194 -11.65 -48.15 -1.61
N GLU A 195 -11.62 -48.30 -0.28
CA GLU A 195 -12.16 -49.51 0.32
C GLU A 195 -13.67 -49.62 0.11
N GLU A 196 -14.39 -48.51 0.28
CA GLU A 196 -15.82 -48.52 0.01
C GLU A 196 -16.10 -48.79 -1.46
N MET A 197 -15.13 -48.52 -2.33
CA MET A 197 -15.27 -48.89 -3.73
C MET A 197 -14.91 -50.35 -3.96
N GLY A 198 -14.43 -51.03 -2.93
CA GLY A 198 -14.22 -52.47 -3.01
C GLY A 198 -12.82 -52.84 -3.42
N PHE A 199 -11.99 -51.85 -3.72
CA PHE A 199 -10.60 -52.12 -4.07
C PHE A 199 -9.82 -52.59 -2.84
N GLU A 200 -8.94 -53.55 -3.05
CA GLU A 200 -8.22 -54.22 -1.96
C GLU A 200 -6.94 -53.45 -1.71
N ILE A 201 -6.92 -52.69 -0.63
CA ILE A 201 -5.78 -51.85 -0.28
C ILE A 201 -4.90 -52.59 0.70
N GLU A 202 -3.67 -52.92 0.28
CA GLU A 202 -2.74 -53.65 1.13
C GLU A 202 -2.12 -52.74 2.19
N ALA A 203 -1.78 -51.50 1.81
CA ALA A 203 -1.11 -50.59 2.74
C ALA A 203 -1.16 -49.18 2.17
N SER A 204 -0.81 -48.22 3.03
CA SER A 204 -0.75 -46.81 2.68
C SER A 204 0.14 -46.09 3.67
N HIS A 205 1.08 -45.32 3.15
CA HIS A 205 2.15 -44.80 4.01
C HIS A 205 2.78 -43.57 3.36
N HIS A 206 3.64 -42.92 4.14
CA HIS A 206 4.36 -41.74 3.69
C HIS A 206 5.68 -42.15 3.04
N GLU A 207 6.00 -41.53 1.92
CA GLU A 207 7.14 -41.97 1.13
C GLU A 207 8.34 -41.06 1.41
N VAL A 208 9.41 -41.27 0.63
CA VAL A 208 10.72 -40.72 0.98
C VAL A 208 10.70 -39.21 1.05
N ALA A 209 10.32 -38.57 -0.03
CA ALA A 209 10.34 -37.12 0.00
C ALA A 209 9.19 -36.59 0.84
N PRO A 210 9.28 -35.35 1.31
CA PRO A 210 8.10 -34.72 1.94
C PRO A 210 6.95 -34.66 0.95
N GLY A 211 5.75 -34.90 1.45
CA GLY A 211 4.56 -34.78 0.63
C GLY A 211 4.30 -35.89 -0.35
N GLN A 212 4.95 -37.04 -0.19
CA GLN A 212 4.78 -38.16 -1.11
C GLN A 212 4.10 -39.33 -0.40
N HIS A 213 2.99 -39.78 -0.95
CA HIS A 213 2.21 -40.85 -0.36
C HIS A 213 2.10 -42.03 -1.33
N GLU A 214 2.46 -43.21 -0.85
CA GLU A 214 2.39 -44.44 -1.64
C GLU A 214 1.17 -45.24 -1.19
N ILE A 215 0.42 -45.77 -2.16
CA ILE A 215 -0.74 -46.60 -1.85
C ILE A 215 -0.51 -47.96 -2.49
N ASP A 216 -0.52 -49.01 -1.68
CA ASP A 216 -0.24 -50.35 -2.14
C ASP A 216 -1.55 -51.07 -2.43
N PHE A 217 -1.66 -51.67 -3.60
CA PHE A 217 -2.83 -52.45 -3.95
C PHE A 217 -2.58 -53.92 -3.64
N LYS A 218 -3.65 -54.62 -3.29
CA LYS A 218 -3.59 -56.07 -3.28
C LYS A 218 -3.69 -56.60 -4.71
N TYR A 219 -3.11 -57.77 -4.91
CA TYR A 219 -2.85 -58.25 -6.26
C TYR A 219 -4.13 -58.73 -6.92
N ALA A 220 -4.25 -58.47 -8.21
CA ALA A 220 -5.46 -58.76 -8.95
C ALA A 220 -5.10 -59.05 -10.41
N ASP A 221 -6.12 -59.39 -11.19
CA ASP A 221 -5.90 -59.71 -12.59
C ASP A 221 -5.50 -58.45 -13.36
N ALA A 222 -4.86 -58.67 -14.51
CA ALA A 222 -4.16 -57.59 -15.19
C ALA A 222 -5.11 -56.46 -15.58
N VAL A 223 -6.21 -56.79 -16.27
CA VAL A 223 -7.10 -55.75 -16.76
C VAL A 223 -7.75 -55.02 -15.59
N LYS A 224 -8.22 -55.77 -14.59
CA LYS A 224 -8.85 -55.12 -13.44
C LYS A 224 -7.83 -54.38 -12.61
N ALA A 225 -6.57 -54.84 -12.59
CA ALA A 225 -5.53 -54.08 -11.90
C ALA A 225 -5.27 -52.74 -12.57
N ALA A 226 -5.21 -52.74 -13.90
CA ALA A 226 -5.05 -51.47 -14.62
C ALA A 226 -6.24 -50.55 -14.38
N ASP A 227 -7.45 -51.10 -14.39
CA ASP A 227 -8.63 -50.30 -14.07
C ASP A 227 -8.55 -49.74 -12.66
N GLN A 228 -8.03 -50.54 -11.72
CA GLN A 228 -7.81 -50.06 -10.36
C GLN A 228 -6.84 -48.90 -10.35
N ILE A 229 -5.75 -48.99 -11.11
CA ILE A 229 -4.79 -47.89 -11.16
C ILE A 229 -5.43 -46.62 -11.69
N GLN A 230 -6.20 -46.75 -12.77
CA GLN A 230 -6.81 -45.56 -13.37
C GLN A 230 -7.84 -44.93 -12.43
N THR A 231 -8.74 -45.75 -11.88
CA THR A 231 -9.73 -45.22 -10.95
C THR A 231 -9.06 -44.69 -9.70
N PHE A 232 -7.94 -45.31 -9.30
CA PHE A 232 -7.10 -44.75 -8.24
C PHE A 232 -6.67 -43.33 -8.56
N LYS A 233 -6.11 -43.11 -9.74
CA LYS A 233 -5.66 -41.77 -10.08
C LYS A 233 -6.82 -40.78 -10.00
N LEU A 234 -7.96 -41.16 -10.58
CA LEU A 234 -9.11 -40.27 -10.58
C LEU A 234 -9.58 -39.95 -9.15
N VAL A 235 -9.68 -40.98 -8.31
CA VAL A 235 -10.22 -40.77 -6.97
C VAL A 235 -9.23 -39.98 -6.12
N VAL A 236 -7.94 -40.29 -6.23
CA VAL A 236 -6.94 -39.57 -5.44
C VAL A 236 -6.96 -38.10 -5.81
N LYS A 237 -7.00 -37.79 -7.11
CA LYS A 237 -7.07 -36.39 -7.51
C LYS A 237 -8.36 -35.73 -7.04
N THR A 238 -9.49 -36.43 -7.15
CA THR A 238 -10.75 -35.84 -6.71
C THR A 238 -10.70 -35.48 -5.23
N ILE A 239 -10.21 -36.40 -4.41
CA ILE A 239 -10.08 -36.15 -2.98
C ILE A 239 -9.14 -34.99 -2.71
N ALA A 240 -8.01 -34.94 -3.43
CA ALA A 240 -7.07 -33.84 -3.23
C ALA A 240 -7.72 -32.50 -3.53
N ARG A 241 -8.43 -32.39 -4.65
CA ARG A 241 -9.16 -31.14 -4.92
C ARG A 241 -10.17 -30.85 -3.82
N GLN A 242 -10.78 -31.88 -3.26
CA GLN A 242 -11.73 -31.66 -2.17
C GLN A 242 -11.09 -31.04 -0.94
N HIS A 243 -9.86 -31.46 -0.60
CA HIS A 243 -9.18 -30.97 0.59
C HIS A 243 -8.36 -29.71 0.32
N GLY A 244 -8.58 -29.07 -0.82
CA GLY A 244 -7.80 -27.91 -1.18
C GLY A 244 -6.33 -28.19 -1.43
N LEU A 245 -6.03 -29.35 -2.02
CA LEU A 245 -4.67 -29.72 -2.37
C LEU A 245 -4.63 -30.13 -3.84
N HIS A 246 -3.44 -30.21 -4.40
CA HIS A 246 -3.25 -30.65 -5.77
C HIS A 246 -2.48 -31.96 -5.76
N ALA A 247 -3.03 -32.98 -6.40
CA ALA A 247 -2.41 -34.28 -6.49
C ALA A 247 -1.76 -34.45 -7.86
N THR A 248 -0.48 -34.77 -7.86
CA THR A 248 0.27 -34.92 -9.10
C THR A 248 1.07 -36.21 -9.07
N PHE A 249 1.13 -36.89 -10.22
CA PHE A 249 1.98 -38.05 -10.40
C PHE A 249 3.22 -37.73 -11.22
N MET A 250 3.54 -36.46 -11.41
CA MET A 250 4.63 -36.11 -12.29
C MET A 250 5.91 -36.76 -11.77
N PRO A 251 6.63 -37.50 -12.61
CA PRO A 251 7.66 -38.42 -12.09
C PRO A 251 8.77 -37.75 -11.30
N LYS A 252 9.04 -36.48 -11.54
CA LYS A 252 10.09 -35.74 -10.82
C LYS A 252 9.70 -34.28 -10.76
N PRO A 253 8.79 -33.90 -9.87
CA PRO A 253 8.29 -32.52 -9.88
C PRO A 253 9.32 -31.50 -9.43
N LEU A 254 10.17 -31.84 -8.49
CA LEU A 254 11.09 -30.88 -7.91
C LEU A 254 12.50 -31.45 -7.93
N PHE A 255 13.46 -30.60 -8.28
CA PHE A 255 14.85 -31.02 -8.27
C PHE A 255 15.34 -31.16 -6.83
N GLY A 256 16.17 -32.17 -6.61
CA GLY A 256 16.72 -32.41 -5.29
C GLY A 256 15.91 -33.31 -4.39
N VAL A 257 14.73 -33.74 -4.82
CA VAL A 257 13.90 -34.66 -4.05
C VAL A 257 13.60 -35.88 -4.93
N ASN A 258 13.38 -37.01 -4.27
CA ASN A 258 13.10 -38.23 -5.01
C ASN A 258 11.76 -38.13 -5.72
N GLY A 259 11.67 -38.82 -6.87
CA GLY A 259 10.48 -38.77 -7.68
C GLY A 259 9.46 -39.82 -7.28
N SER A 260 8.55 -40.10 -8.23
CA SER A 260 7.46 -41.02 -8.00
C SER A 260 7.64 -42.27 -8.85
N GLY A 261 7.62 -43.43 -8.21
CA GLY A 261 7.77 -44.70 -8.89
C GLY A 261 6.51 -45.55 -8.80
N MET A 262 6.40 -46.48 -9.72
CA MET A 262 5.30 -47.44 -9.81
C MET A 262 5.86 -48.85 -9.92
N HIS A 263 6.65 -49.24 -8.93
CA HIS A 263 7.06 -50.63 -8.83
C HIS A 263 5.84 -51.52 -9.02
N CYS A 264 5.92 -52.42 -10.00
CA CYS A 264 4.84 -53.34 -10.31
C CYS A 264 5.32 -54.75 -10.00
N ASN A 265 4.54 -55.46 -9.20
CA ASN A 265 4.80 -56.86 -8.89
C ASN A 265 3.98 -57.72 -9.84
N GLN A 266 4.63 -58.67 -10.52
CA GLN A 266 3.94 -59.50 -11.49
C GLN A 266 4.31 -60.96 -11.31
N SER A 267 3.35 -61.82 -11.64
CA SER A 267 3.55 -63.26 -11.59
C SER A 267 2.57 -63.94 -12.52
N LEU A 268 3.00 -65.00 -13.19
CA LEU A 268 2.13 -65.72 -14.11
C LEU A 268 1.32 -66.78 -13.37
N PHE A 269 0.11 -67.04 -13.86
CA PHE A 269 -0.79 -68.03 -13.27
C PHE A 269 -1.35 -68.93 -14.35
N LYS A 270 -1.32 -70.23 -14.09
CA LYS A 270 -2.08 -71.22 -14.86
C LYS A 270 -2.89 -72.05 -13.87
N ASP A 271 -4.21 -71.89 -13.92
CA ASP A 271 -5.14 -72.65 -13.09
C ASP A 271 -4.77 -72.53 -11.61
N ASN A 272 -4.92 -71.29 -11.12
CA ASN A 272 -4.60 -70.86 -9.74
C ASN A 272 -3.34 -71.54 -9.21
N GLU A 273 -2.35 -71.72 -10.08
CA GLU A 273 -1.05 -72.26 -9.71
C GLU A 273 0.01 -71.24 -10.11
N ASN A 274 0.87 -70.87 -9.16
CA ASN A 274 1.94 -69.90 -9.42
C ASN A 274 3.10 -70.64 -10.08
N VAL A 275 3.28 -70.42 -11.39
CA VAL A 275 4.33 -71.12 -12.13
C VAL A 275 5.72 -70.71 -11.70
N PHE A 276 5.89 -69.51 -11.16
CA PHE A 276 7.21 -69.03 -10.78
C PHE A 276 7.81 -69.80 -9.63
N TYR A 277 6.99 -70.39 -8.76
CA TYR A 277 7.48 -71.05 -7.57
C TYR A 277 8.06 -72.41 -7.90
N ASP A 278 9.19 -72.73 -7.24
CA ASP A 278 9.83 -74.04 -7.39
C ASP A 278 10.72 -74.26 -6.18
N GLU A 279 10.33 -75.21 -5.32
CA GLU A 279 11.11 -75.46 -4.12
C GLU A 279 12.47 -76.08 -4.45
N THR A 280 12.63 -76.60 -5.66
CA THR A 280 13.90 -77.20 -6.05
C THR A 280 14.96 -76.14 -6.37
N ASP A 281 14.55 -74.92 -6.70
CA ASP A 281 15.50 -73.88 -7.05
C ASP A 281 16.24 -73.37 -5.82
N GLU A 282 17.47 -72.90 -6.04
CA GLU A 282 18.25 -72.35 -4.94
C GLU A 282 17.59 -71.12 -4.35
N LEU A 283 17.08 -70.23 -5.20
CA LEU A 283 16.34 -69.05 -4.76
C LEU A 283 14.85 -69.29 -4.73
N GLY A 284 14.40 -70.49 -5.06
CA GLY A 284 12.97 -70.75 -5.17
C GLY A 284 12.31 -70.04 -6.33
N LEU A 285 12.98 -70.00 -7.49
CA LEU A 285 12.44 -69.40 -8.70
C LEU A 285 12.51 -70.42 -9.82
N SER A 286 11.38 -70.70 -10.44
CA SER A 286 11.32 -71.69 -11.49
C SER A 286 12.00 -71.19 -12.75
N GLN A 287 12.29 -72.12 -13.66
CA GLN A 287 12.95 -71.77 -14.92
C GLN A 287 12.10 -70.80 -15.73
N THR A 288 10.77 -70.94 -15.64
CA THR A 288 9.88 -70.03 -16.35
C THR A 288 10.04 -68.60 -15.85
N ALA A 289 10.17 -68.42 -14.54
CA ALA A 289 10.40 -67.08 -14.00
C ALA A 289 11.72 -66.52 -14.48
N ARG A 290 12.76 -67.35 -14.54
CA ARG A 290 14.06 -66.88 -15.02
C ARG A 290 13.98 -66.45 -16.48
N HIS A 291 13.32 -67.24 -17.31
CA HIS A 291 13.15 -66.84 -18.70
C HIS A 291 12.34 -65.56 -18.81
N TYR A 292 11.31 -65.41 -17.99
CA TYR A 292 10.49 -64.20 -17.99
C TYR A 292 11.34 -62.98 -17.67
N MET A 293 12.09 -63.04 -16.58
CA MET A 293 12.88 -61.88 -16.17
C MET A 293 14.00 -61.60 -17.16
N ALA A 294 14.58 -62.65 -17.77
CA ALA A 294 15.59 -62.43 -18.78
C ALA A 294 15.02 -61.72 -20.00
N GLY A 295 13.82 -62.13 -20.43
CA GLY A 295 13.17 -61.46 -21.54
C GLY A 295 12.83 -60.01 -21.22
N ILE A 296 12.44 -59.74 -19.98
CA ILE A 296 12.23 -58.36 -19.56
C ILE A 296 13.54 -57.57 -19.61
N LEU A 297 14.63 -58.19 -19.15
CA LEU A 297 15.92 -57.52 -19.13
C LEU A 297 16.38 -57.16 -20.55
N LYS A 298 16.29 -58.12 -21.48
CA LYS A 298 16.85 -57.89 -22.81
C LYS A 298 16.16 -56.72 -23.52
N HIS A 299 14.85 -56.62 -23.43
CA HIS A 299 14.10 -55.59 -24.11
C HIS A 299 13.83 -54.37 -23.23
N ALA A 300 14.61 -54.20 -22.16
CA ALA A 300 14.32 -53.12 -21.21
C ALA A 300 14.49 -51.75 -21.86
N ARG A 301 15.62 -51.52 -22.51
CA ARG A 301 15.85 -50.25 -23.19
C ARG A 301 14.76 -49.98 -24.22
N ALA A 302 14.26 -51.03 -24.86
CA ALA A 302 13.17 -50.85 -25.82
C ALA A 302 11.90 -50.41 -25.12
N MET A 303 11.51 -51.09 -24.05
CA MET A 303 10.23 -50.79 -23.41
C MET A 303 10.28 -49.53 -22.57
N ALA A 304 11.45 -48.93 -22.37
CA ALA A 304 11.53 -47.72 -21.57
C ALA A 304 10.68 -46.59 -22.16
N ALA A 305 10.61 -46.51 -23.49
CA ALA A 305 9.88 -45.41 -24.13
C ALA A 305 8.40 -45.44 -23.83
N ILE A 306 7.83 -46.62 -23.60
CA ILE A 306 6.41 -46.76 -23.29
C ILE A 306 6.17 -46.84 -21.79
N THR A 307 7.12 -47.38 -21.03
CA THR A 307 6.95 -47.44 -19.59
C THR A 307 7.53 -46.22 -18.89
N ASN A 308 8.26 -45.36 -19.59
CA ASN A 308 8.69 -44.06 -19.09
C ASN A 308 8.37 -43.05 -20.19
N PRO A 309 7.10 -42.66 -20.32
CA PRO A 309 6.66 -41.98 -21.53
C PRO A 309 6.95 -40.49 -21.57
N THR A 310 7.08 -39.85 -20.41
CA THR A 310 7.25 -38.40 -20.37
C THR A 310 8.71 -38.04 -20.57
N VAL A 311 8.93 -36.78 -20.96
CA VAL A 311 10.29 -36.25 -20.98
C VAL A 311 10.81 -36.09 -19.57
N ASN A 312 9.93 -35.71 -18.64
CA ASN A 312 10.33 -35.54 -17.25
C ASN A 312 10.77 -36.84 -16.60
N SER A 313 10.26 -37.98 -17.08
CA SER A 313 10.56 -39.24 -16.41
C SER A 313 12.04 -39.55 -16.40
N TYR A 314 12.74 -39.26 -17.49
CA TYR A 314 14.17 -39.53 -17.55
C TYR A 314 14.99 -38.52 -16.76
N LYS A 315 14.35 -37.49 -16.21
CA LYS A 315 15.00 -36.69 -15.18
C LYS A 315 15.05 -37.43 -13.85
N ARG A 316 14.11 -38.34 -13.61
CA ARG A 316 14.09 -39.12 -12.38
C ARG A 316 15.16 -40.20 -12.40
N LEU A 317 15.46 -40.76 -13.56
CA LEU A 317 16.49 -41.80 -13.68
C LEU A 317 17.88 -41.19 -13.59
N VAL A 318 18.19 -40.67 -12.41
CA VAL A 318 19.50 -40.10 -12.11
C VAL A 318 19.99 -40.71 -10.80
N PRO A 319 21.30 -40.81 -10.59
CA PRO A 319 21.79 -41.47 -9.37
C PRO A 319 21.53 -40.66 -8.11
N GLY A 320 21.38 -41.38 -7.00
CA GLY A 320 21.29 -40.77 -5.69
C GLY A 320 19.91 -40.65 -5.09
N TYR A 321 18.88 -41.19 -5.73
CA TYR A 321 17.52 -41.07 -5.21
C TYR A 321 16.78 -42.40 -5.30
N GLU A 322 17.46 -43.51 -5.09
CA GLU A 322 16.91 -44.87 -5.14
C GLU A 322 16.50 -45.26 -6.57
N ALA A 323 16.54 -44.33 -7.51
CA ALA A 323 16.06 -44.60 -8.85
C ALA A 323 16.92 -45.65 -9.54
N PRO A 324 16.32 -46.73 -10.02
CA PRO A 324 17.09 -47.74 -10.75
C PRO A 324 17.42 -47.25 -12.15
N CYS A 325 18.71 -47.03 -12.39
CA CYS A 325 19.18 -46.55 -13.68
C CYS A 325 19.86 -47.62 -14.52
N TYR A 326 19.80 -48.89 -14.12
CA TYR A 326 20.59 -49.93 -14.77
C TYR A 326 19.80 -51.23 -14.85
N VAL A 327 20.10 -52.01 -15.88
CA VAL A 327 19.36 -53.23 -16.17
C VAL A 327 20.13 -54.47 -15.73
N ALA A 328 19.90 -54.89 -14.49
CA ALA A 328 20.43 -56.14 -13.96
C ALA A 328 19.49 -56.59 -12.85
N TRP A 329 19.44 -57.90 -12.63
CA TRP A 329 18.51 -58.47 -11.68
C TRP A 329 19.24 -58.81 -10.38
N SER A 330 18.56 -58.58 -9.27
CA SER A 330 19.15 -58.85 -7.97
C SER A 330 18.03 -59.07 -6.96
N ALA A 331 18.29 -59.97 -6.02
CA ALA A 331 17.37 -60.17 -4.91
C ALA A 331 17.33 -58.98 -3.97
N SER A 332 18.44 -58.26 -3.82
CA SER A 332 18.48 -57.09 -2.94
C SER A 332 19.65 -56.23 -3.36
N ASN A 333 19.37 -55.05 -3.93
CA ASN A 333 20.41 -54.09 -4.24
C ASN A 333 19.79 -52.72 -4.41
N ARG A 334 20.63 -51.69 -4.31
CA ARG A 334 20.14 -50.32 -4.36
C ARG A 334 19.46 -50.03 -5.69
N SER A 335 20.05 -50.48 -6.79
CA SER A 335 19.49 -50.16 -8.10
C SER A 335 19.68 -51.28 -9.12
N PRO A 336 18.96 -52.39 -8.97
CA PRO A 336 18.86 -53.34 -10.08
C PRO A 336 17.59 -53.11 -10.88
N MET A 337 17.52 -53.66 -12.09
CA MET A 337 16.26 -53.54 -12.88
C MET A 337 15.15 -54.39 -12.26
N ILE A 338 15.48 -55.62 -11.83
CA ILE A 338 14.43 -56.52 -11.37
C ILE A 338 14.76 -56.96 -9.96
N ARG A 339 13.82 -56.75 -9.04
CA ARG A 339 13.97 -57.15 -7.65
C ARG A 339 13.07 -58.35 -7.39
N ILE A 340 13.65 -59.38 -6.78
CA ILE A 340 12.92 -60.59 -6.43
C ILE A 340 12.74 -60.60 -4.91
N PRO A 341 11.53 -60.40 -4.40
CA PRO A 341 11.33 -60.33 -2.95
C PRO A 341 11.60 -61.67 -2.29
N ALA A 342 11.62 -61.63 -0.96
CA ALA A 342 11.86 -62.85 -0.18
C ALA A 342 10.62 -63.73 -0.10
N SER A 343 9.43 -63.16 -0.30
CA SER A 343 8.21 -63.96 -0.20
C SER A 343 8.18 -65.02 -1.30
N ARG A 344 7.77 -66.23 -0.93
CA ARG A 344 7.81 -67.37 -1.84
C ARG A 344 6.46 -68.06 -1.93
N GLY A 345 6.43 -69.25 -2.48
CA GLY A 345 5.20 -70.01 -2.54
C GLY A 345 4.28 -69.44 -3.58
N LEU A 346 3.04 -69.15 -3.19
CA LEU A 346 2.11 -68.48 -4.07
C LEU A 346 2.38 -66.98 -4.18
N SER A 347 3.27 -66.45 -3.34
CA SER A 347 3.57 -65.03 -3.30
C SER A 347 4.91 -64.69 -3.96
N THR A 348 5.59 -65.68 -4.54
CA THR A 348 6.81 -65.39 -5.27
C THR A 348 6.47 -64.58 -6.52
N ARG A 349 7.29 -63.58 -6.83
CA ARG A 349 6.94 -62.61 -7.84
C ARG A 349 8.18 -61.85 -8.32
N VAL A 350 8.02 -61.13 -9.43
CA VAL A 350 9.07 -60.30 -9.99
C VAL A 350 8.61 -58.84 -9.86
N GLU A 351 9.46 -57.99 -9.30
CA GLU A 351 9.14 -56.59 -9.11
C GLU A 351 9.95 -55.75 -10.09
N VAL A 352 9.27 -55.14 -11.06
CA VAL A 352 9.90 -54.24 -12.00
C VAL A 352 9.66 -52.82 -11.51
N ARG A 353 10.74 -52.08 -11.29
CA ARG A 353 10.70 -50.84 -10.52
C ARG A 353 10.82 -49.59 -11.37
N ASN A 354 11.31 -49.70 -12.60
CA ASN A 354 11.52 -48.52 -13.43
C ASN A 354 10.24 -47.78 -13.81
N PRO A 355 9.13 -48.42 -14.19
CA PRO A 355 7.96 -47.64 -14.61
C PRO A 355 7.45 -46.73 -13.52
N ASP A 356 6.89 -45.60 -13.94
CA ASP A 356 6.46 -44.51 -13.11
C ASP A 356 4.98 -44.18 -13.32
N PRO A 357 4.34 -43.52 -12.35
CA PRO A 357 2.88 -43.38 -12.42
C PRO A 357 2.37 -42.64 -13.65
N ALA A 358 3.20 -41.83 -14.30
CA ALA A 358 2.75 -41.18 -15.52
C ALA A 358 2.57 -42.17 -16.67
N ALA A 359 3.21 -43.33 -16.60
CA ALA A 359 3.10 -44.32 -17.67
C ALA A 359 1.72 -44.96 -17.69
N ASN A 360 1.26 -45.28 -18.89
CA ASN A 360 -0.04 -45.92 -19.05
C ASN A 360 0.04 -47.33 -18.48
N PRO A 361 -0.83 -47.70 -17.53
CA PRO A 361 -0.72 -49.05 -16.95
C PRO A 361 -1.03 -50.14 -17.95
N TYR A 362 -2.04 -49.94 -18.80
CA TYR A 362 -2.36 -50.94 -19.81
C TYR A 362 -1.15 -51.21 -20.71
N LEU A 363 -0.58 -50.14 -21.27
CA LEU A 363 0.55 -50.32 -22.18
C LEU A 363 1.77 -50.88 -21.46
N ALA A 364 2.04 -50.40 -20.24
CA ALA A 364 3.22 -50.86 -19.52
C ALA A 364 3.12 -52.34 -19.22
N LEU A 365 1.98 -52.78 -18.69
CA LEU A 365 1.79 -54.19 -18.41
C LEU A 365 1.82 -55.02 -19.70
N ALA A 366 1.23 -54.49 -20.77
CA ALA A 366 1.21 -55.22 -22.04
C ALA A 366 2.62 -55.45 -22.56
N VAL A 367 3.45 -54.41 -22.57
CA VAL A 367 4.80 -54.57 -23.10
C VAL A 367 5.65 -55.42 -22.17
N MET A 368 5.50 -55.27 -20.85
CA MET A 368 6.22 -56.13 -19.92
C MET A 368 5.90 -57.59 -20.20
N LEU A 369 4.61 -57.93 -20.26
CA LEU A 369 4.22 -59.31 -20.46
C LEU A 369 4.68 -59.82 -21.83
N ARG A 370 4.57 -58.99 -22.87
CA ARG A 370 4.97 -59.46 -24.20
C ARG A 370 6.46 -59.74 -24.26
N ALA A 371 7.28 -58.85 -23.70
CA ALA A 371 8.72 -59.11 -23.67
C ALA A 371 9.02 -60.34 -22.83
N GLY A 372 8.30 -60.52 -21.72
CA GLY A 372 8.52 -61.70 -20.90
C GLY A 372 8.20 -63.00 -21.61
N LEU A 373 7.07 -63.04 -22.33
CA LEU A 373 6.75 -64.24 -23.09
C LEU A 373 7.73 -64.45 -24.25
N ASP A 374 8.24 -63.37 -24.83
CA ASP A 374 9.28 -63.54 -25.83
C ASP A 374 10.50 -64.21 -25.21
N GLY A 375 10.90 -63.76 -24.03
CA GLY A 375 12.02 -64.40 -23.34
C GLY A 375 11.73 -65.84 -22.99
N ILE A 376 10.49 -66.12 -22.59
CA ILE A 376 10.10 -67.49 -22.24
C ILE A 376 10.18 -68.40 -23.46
N LYS A 377 9.63 -67.95 -24.59
CA LYS A 377 9.66 -68.76 -25.79
C LYS A 377 11.08 -68.96 -26.29
N ARG A 378 11.90 -67.92 -26.28
CA ARG A 378 13.27 -68.07 -26.74
C ARG A 378 14.19 -68.70 -25.71
N GLN A 379 13.71 -68.92 -24.48
CA GLN A 379 14.50 -69.53 -23.41
C GLN A 379 15.82 -68.82 -23.23
N MET A 380 15.73 -67.51 -23.06
CA MET A 380 16.92 -66.67 -22.95
C MET A 380 17.71 -67.01 -21.69
N ALA A 381 19.03 -67.05 -21.83
CA ALA A 381 19.91 -67.40 -20.73
C ALA A 381 20.00 -66.21 -19.77
N LEU A 382 19.59 -66.43 -18.53
CA LEU A 382 19.57 -65.36 -17.55
C LEU A 382 20.99 -64.99 -17.12
N PRO A 383 21.40 -63.73 -17.23
CA PRO A 383 22.71 -63.34 -16.72
C PRO A 383 22.77 -63.45 -15.21
N ALA A 384 24.00 -63.47 -14.69
CA ALA A 384 24.20 -63.66 -13.27
C ALA A 384 23.65 -62.47 -12.48
N PRO A 385 23.15 -62.69 -11.28
CA PRO A 385 22.71 -61.56 -10.45
C PRO A 385 23.90 -60.78 -9.91
N ILE A 386 23.64 -59.55 -9.50
CA ILE A 386 24.67 -58.73 -8.89
C ILE A 386 24.64 -58.94 -7.38
N ASP A 387 25.82 -58.94 -6.76
CA ASP A 387 25.94 -59.05 -5.32
C ASP A 387 25.73 -57.66 -4.70
N ARG A 388 26.10 -57.49 -3.44
CA ARG A 388 26.00 -56.18 -2.79
C ARG A 388 26.82 -55.13 -3.51
N ASN A 389 27.57 -55.53 -4.54
CA ASN A 389 28.35 -54.60 -5.36
C ASN A 389 27.46 -53.49 -5.88
N ILE A 390 27.96 -52.26 -5.80
CA ILE A 390 27.19 -51.09 -6.20
C ILE A 390 27.83 -50.54 -7.46
N TYR A 391 27.24 -49.51 -8.06
CA TYR A 391 27.57 -49.13 -9.42
C TYR A 391 28.34 -47.83 -9.45
N VAL A 392 29.30 -47.69 -8.52
CA VAL A 392 30.30 -46.63 -8.61
C VAL A 392 31.39 -46.94 -9.61
N MET A 393 31.30 -48.09 -10.29
CA MET A 393 32.34 -48.50 -11.22
C MET A 393 32.32 -47.63 -12.47
N SER A 394 33.38 -47.74 -13.25
CA SER A 394 33.52 -46.98 -14.48
C SER A 394 32.64 -47.57 -15.58
N GLU A 395 32.46 -46.79 -16.65
CA GLU A 395 31.71 -47.30 -17.80
C GLU A 395 32.40 -48.50 -18.42
N GLU A 396 33.74 -48.48 -18.48
CA GLU A 396 34.48 -49.64 -18.94
C GLU A 396 34.23 -50.84 -18.04
N GLU A 397 34.25 -50.62 -16.72
CA GLU A 397 33.91 -51.69 -15.80
C GLU A 397 32.44 -52.09 -15.90
N ARG A 398 31.55 -51.12 -16.16
CA ARG A 398 30.13 -51.42 -16.28
C ARG A 398 29.85 -52.32 -17.47
N ILE A 399 30.50 -52.05 -18.60
CA ILE A 399 30.33 -52.91 -19.78
C ILE A 399 31.15 -54.19 -19.66
N GLU A 400 32.22 -54.19 -18.88
CA GLU A 400 33.00 -55.40 -18.67
C GLU A 400 32.18 -56.46 -17.95
N GLU A 401 31.36 -56.04 -16.98
CA GLU A 401 30.46 -56.95 -16.29
C GLU A 401 29.16 -57.19 -17.05
N GLY A 402 29.00 -56.58 -18.21
CA GLY A 402 27.78 -56.74 -18.99
C GLY A 402 26.55 -56.14 -18.36
N ILE A 403 26.63 -54.92 -17.84
CA ILE A 403 25.53 -54.24 -17.19
C ILE A 403 25.16 -53.03 -18.03
N PRO A 404 24.18 -53.13 -18.93
CA PRO A 404 23.77 -51.96 -19.70
C PRO A 404 22.95 -51.00 -18.84
N SER A 405 22.57 -49.88 -19.45
CA SER A 405 21.83 -48.83 -18.76
C SER A 405 20.59 -48.44 -19.55
N LEU A 406 19.64 -47.85 -18.84
CA LEU A 406 18.44 -47.34 -19.48
C LEU A 406 18.76 -46.13 -20.35
N PRO A 407 17.90 -45.83 -21.33
CA PRO A 407 18.18 -44.69 -22.22
C PRO A 407 18.29 -43.39 -21.43
N ALA A 408 19.19 -42.52 -21.88
CA ALA A 408 19.46 -41.28 -21.18
C ALA A 408 18.30 -40.30 -21.20
N ASP A 409 17.56 -40.23 -22.30
CA ASP A 409 16.42 -39.34 -22.40
C ASP A 409 15.43 -39.96 -23.38
N LEU A 410 14.39 -39.20 -23.70
CA LEU A 410 13.25 -39.75 -24.41
C LEU A 410 13.58 -40.08 -25.87
N LYS A 411 14.49 -39.31 -26.49
CA LYS A 411 14.79 -39.54 -27.90
C LYS A 411 15.46 -40.89 -28.11
N GLU A 412 16.42 -41.24 -27.27
CA GLU A 412 17.06 -42.56 -27.37
C GLU A 412 16.05 -43.66 -27.13
N ALA A 413 15.12 -43.42 -26.20
CA ALA A 413 14.06 -44.39 -25.96
C ALA A 413 13.21 -44.61 -27.20
N LEU A 414 12.86 -43.53 -27.90
CA LEU A 414 12.06 -43.66 -29.11
C LEU A 414 12.83 -44.41 -30.20
N SER A 415 14.11 -44.10 -30.37
CA SER A 415 14.89 -44.78 -31.39
C SER A 415 14.98 -46.28 -31.08
N GLU A 416 15.19 -46.63 -29.81
CA GLU A 416 15.23 -48.04 -29.42
C GLU A 416 13.88 -48.70 -29.65
N LEU A 417 12.79 -48.00 -29.35
CA LEU A 417 11.46 -48.56 -29.59
C LEU A 417 11.26 -48.88 -31.07
N ILE A 418 11.63 -47.96 -31.95
CA ILE A 418 11.50 -48.21 -33.38
C ILE A 418 12.36 -49.38 -33.80
N ARG A 419 13.60 -49.43 -33.32
CA ARG A 419 14.50 -50.51 -33.70
C ARG A 419 14.13 -51.85 -33.10
N SER A 420 13.21 -51.89 -32.14
CA SER A 420 12.80 -53.14 -31.52
C SER A 420 11.62 -53.74 -32.25
N GLU A 421 11.72 -55.02 -32.60
CA GLU A 421 10.69 -55.69 -33.37
C GLU A 421 9.67 -56.43 -32.51
N VAL A 422 9.83 -56.42 -31.18
CA VAL A 422 8.90 -57.15 -30.33
C VAL A 422 7.79 -56.25 -29.83
N ILE A 423 8.13 -55.21 -29.08
CA ILE A 423 7.10 -54.34 -28.52
C ILE A 423 6.44 -53.47 -29.57
N SER A 424 7.11 -53.21 -30.69
CA SER A 424 6.44 -52.58 -31.81
C SER A 424 5.28 -53.44 -32.30
N ASP A 425 5.51 -54.75 -32.41
CA ASP A 425 4.42 -55.67 -32.73
C ASP A 425 3.36 -55.68 -31.63
N ALA A 426 3.80 -55.69 -30.37
CA ALA A 426 2.85 -55.73 -29.27
C ALA A 426 1.91 -54.54 -29.29
N LEU A 427 2.44 -53.34 -29.49
CA LEU A 427 1.59 -52.16 -29.56
C LEU A 427 0.71 -52.19 -30.80
N GLY A 428 1.15 -52.85 -31.85
CA GLY A 428 0.42 -52.87 -33.10
C GLY A 428 0.87 -51.77 -34.05
N ASP A 429 0.69 -52.04 -35.35
CA ASP A 429 1.21 -51.15 -36.37
C ASP A 429 0.54 -49.78 -36.31
N HIS A 430 -0.77 -49.75 -36.14
CA HIS A 430 -1.48 -48.47 -36.14
C HIS A 430 -1.13 -47.64 -34.91
N ALA A 431 -1.15 -48.24 -33.73
CA ALA A 431 -0.89 -47.48 -32.51
C ALA A 431 0.56 -47.04 -32.41
N LEU A 432 1.49 -47.85 -32.95
CA LEU A 432 2.89 -47.50 -32.88
C LEU A 432 3.17 -46.19 -33.60
N ALA A 433 2.60 -46.02 -34.79
CA ALA A 433 2.84 -44.80 -35.54
C ALA A 433 2.33 -43.57 -34.79
N TYR A 434 1.13 -43.66 -34.22
CA TYR A 434 0.56 -42.50 -33.56
C TYR A 434 1.29 -42.16 -32.26
N PHE A 435 1.65 -43.18 -31.47
CA PHE A 435 2.42 -42.90 -30.27
C PHE A 435 3.79 -42.33 -30.61
N TYR A 436 4.44 -42.86 -31.64
CA TYR A 436 5.72 -42.31 -32.07
C TYR A 436 5.57 -40.86 -32.49
N GLU A 437 4.51 -40.54 -33.23
CA GLU A 437 4.29 -39.17 -33.66
C GLU A 437 4.07 -38.24 -32.46
N LEU A 438 3.28 -38.69 -31.49
CA LEU A 438 3.06 -37.90 -30.29
C LEU A 438 4.36 -37.62 -29.56
N LYS A 439 5.18 -38.65 -29.40
CA LYS A 439 6.43 -38.46 -28.65
C LYS A 439 7.43 -37.63 -29.43
N GLU A 440 7.46 -37.76 -30.77
CA GLU A 440 8.30 -36.88 -31.57
C GLU A 440 7.87 -35.43 -31.40
N ILE A 441 6.58 -35.15 -31.43
CA ILE A 441 6.13 -33.78 -31.25
C ILE A 441 6.50 -33.27 -29.87
N GLU A 442 6.30 -34.10 -28.84
CA GLU A 442 6.64 -33.69 -27.48
C GLU A 442 8.13 -33.37 -27.36
N TRP A 443 8.97 -34.26 -27.85
CA TRP A 443 10.41 -34.04 -27.74
C TRP A 443 10.87 -32.85 -28.58
N ASP A 444 10.28 -32.66 -29.76
CA ASP A 444 10.63 -31.52 -30.58
C ASP A 444 10.26 -30.22 -29.88
N MET A 445 9.11 -30.19 -29.22
CA MET A 445 8.76 -29.01 -28.44
C MET A 445 9.72 -28.80 -27.29
N TYR A 446 10.13 -29.88 -26.63
CA TYR A 446 10.97 -29.74 -25.44
C TYR A 446 12.37 -29.29 -25.79
N ARG A 447 12.95 -29.82 -26.86
CA ARG A 447 14.36 -29.57 -27.15
C ARG A 447 14.62 -28.14 -27.59
N THR A 448 13.63 -27.45 -28.14
CA THR A 448 13.84 -26.10 -28.66
C THR A 448 13.50 -25.01 -27.64
N GLN A 449 13.11 -25.37 -26.43
CA GLN A 449 12.85 -24.37 -25.40
C GLN A 449 14.15 -23.79 -24.87
N VAL A 450 14.05 -22.60 -24.29
CA VAL A 450 15.16 -21.94 -23.62
C VAL A 450 14.77 -21.76 -22.16
N HIS A 451 15.32 -22.61 -21.30
CA HIS A 451 14.92 -22.65 -19.90
C HIS A 451 15.65 -21.59 -19.09
N GLN A 452 15.14 -21.37 -17.87
CA GLN A 452 15.74 -20.35 -17.00
C GLN A 452 17.11 -20.76 -16.49
N TRP A 453 17.38 -22.07 -16.40
CA TRP A 453 18.69 -22.51 -15.93
C TRP A 453 19.79 -22.04 -16.87
N GLU A 454 19.52 -22.04 -18.18
CA GLU A 454 20.50 -21.52 -19.13
C GLU A 454 20.76 -20.04 -18.90
N ARG A 455 19.72 -19.25 -18.68
CA ARG A 455 19.91 -17.83 -18.42
C ARG A 455 20.58 -17.60 -17.08
N ASP A 456 20.52 -18.58 -16.18
CA ASP A 456 21.24 -18.47 -14.92
C ASP A 456 22.73 -18.72 -15.13
N GLN A 457 23.07 -19.87 -15.71
CA GLN A 457 24.47 -20.18 -15.98
C GLN A 457 25.08 -19.17 -16.95
N TYR A 458 24.43 -18.98 -18.09
CA TYR A 458 24.88 -18.05 -19.10
C TYR A 458 24.22 -16.69 -18.86
N LEU A 459 24.27 -15.82 -19.86
CA LEU A 459 23.71 -14.46 -19.81
C LEU A 459 24.60 -13.56 -18.96
N THR A 460 25.58 -14.15 -18.31
CA THR A 460 26.64 -13.42 -17.60
C THR A 460 28.02 -13.94 -17.94
N LEU A 461 28.17 -15.27 -18.06
CA LEU A 461 29.49 -15.84 -18.33
C LEU A 461 29.90 -15.64 -19.78
N TYR A 462 28.93 -15.54 -20.69
CA TYR A 462 29.21 -15.28 -22.10
C TYR A 462 28.50 -14.01 -22.55
N SER B 22 -64.52 -3.69 1.10
CA SER B 22 -64.43 -2.56 2.00
C SER B 22 -64.08 -3.02 3.42
N TYR B 23 -64.10 -2.08 4.36
CA TYR B 23 -63.74 -2.36 5.74
C TYR B 23 -64.51 -1.41 6.64
N THR B 24 -64.47 -1.69 7.95
CA THR B 24 -65.05 -0.81 8.95
C THR B 24 -64.17 -0.79 10.18
N ARG B 25 -64.56 0.03 11.15
CA ARG B 25 -63.77 0.18 12.37
C ARG B 25 -63.59 -1.14 13.08
N GLU B 26 -64.70 -1.86 13.31
CA GLU B 26 -64.62 -3.14 13.99
C GLU B 26 -63.85 -4.16 13.17
N ASP B 27 -63.98 -4.11 11.84
CA ASP B 27 -63.17 -4.98 10.99
C ASP B 27 -61.70 -4.68 11.16
N ILE B 28 -61.33 -3.40 11.20
CA ILE B 28 -59.93 -3.03 11.38
C ILE B 28 -59.40 -3.54 12.72
N ILE B 29 -60.19 -3.36 13.78
CA ILE B 29 -59.77 -3.80 15.10
C ILE B 29 -59.61 -5.32 15.13
N ARG B 30 -60.56 -6.04 14.53
CA ARG B 30 -60.50 -7.50 14.50
C ARG B 30 -59.28 -7.97 13.71
N ILE B 31 -59.01 -7.34 12.58
CA ILE B 31 -57.86 -7.75 11.76
C ILE B 31 -56.55 -7.46 12.51
N ALA B 32 -56.49 -6.32 13.19
CA ALA B 32 -55.31 -6.01 13.99
C ALA B 32 -55.10 -7.04 15.09
N GLU B 33 -56.19 -7.47 15.73
CA GLU B 33 -56.09 -8.52 16.73
C GLU B 33 -55.64 -9.84 16.10
N GLU B 34 -56.15 -10.15 14.91
CA GLU B 34 -55.83 -11.42 14.27
C GLU B 34 -54.39 -11.47 13.80
N GLU B 35 -53.94 -10.42 13.12
CA GLU B 35 -52.63 -10.42 12.47
C GLU B 35 -51.49 -10.02 13.39
N ASN B 36 -51.79 -9.71 14.65
CA ASN B 36 -50.77 -9.21 15.59
C ASN B 36 -50.07 -7.98 15.02
N VAL B 37 -50.85 -7.09 14.41
CA VAL B 37 -50.29 -5.84 13.92
C VAL B 37 -49.87 -4.98 15.11
N ARG B 38 -48.60 -4.56 15.10
CA ARG B 38 -48.07 -3.76 16.19
C ARG B 38 -47.65 -2.36 15.79
N PHE B 39 -47.63 -2.05 14.49
CA PHE B 39 -46.99 -0.85 13.99
C PHE B 39 -47.82 -0.30 12.84
N ILE B 40 -48.23 0.96 12.96
CA ILE B 40 -49.19 1.56 12.03
C ILE B 40 -48.55 2.77 11.38
N ARG B 41 -48.73 2.89 10.06
CA ARG B 41 -48.23 4.03 9.30
C ARG B 41 -49.41 4.88 8.85
N LEU B 42 -49.74 5.91 9.63
CA LEU B 42 -50.72 6.91 9.21
C LEU B 42 -50.10 7.67 8.06
N GLN B 43 -50.57 7.37 6.85
CA GLN B 43 -49.81 7.65 5.66
C GLN B 43 -50.45 8.82 4.90
N PHE B 44 -49.63 9.62 4.22
CA PHE B 44 -50.12 10.69 3.36
C PHE B 44 -48.98 11.24 2.51
N THR B 45 -49.26 12.31 1.78
CA THR B 45 -48.31 12.87 0.83
C THR B 45 -48.36 14.39 0.89
N ASP B 46 -47.23 15.02 0.58
CA ASP B 46 -47.12 16.46 0.46
C ASP B 46 -47.24 16.88 -1.00
N LEU B 47 -47.04 18.17 -1.25
CA LEU B 47 -47.06 18.65 -2.64
C LEU B 47 -45.83 18.21 -3.40
N LEU B 48 -44.73 17.95 -2.71
CA LEU B 48 -43.51 17.49 -3.36
C LEU B 48 -43.64 16.07 -3.89
N GLY B 49 -44.62 15.30 -3.40
CA GLY B 49 -44.81 13.93 -3.80
C GLY B 49 -44.16 12.91 -2.89
N THR B 50 -43.18 13.30 -2.09
CA THR B 50 -42.48 12.36 -1.24
C THR B 50 -43.43 11.81 -0.17
N ILE B 51 -43.28 10.52 0.12
CA ILE B 51 -44.22 9.80 0.97
C ILE B 51 -43.98 10.15 2.42
N LYS B 52 -44.99 10.74 3.08
CA LYS B 52 -44.87 11.21 4.45
C LYS B 52 -45.81 10.42 5.34
N ASN B 53 -45.45 10.24 6.61
CA ASN B 53 -46.30 9.41 7.46
C ASN B 53 -46.04 9.69 8.94
N VAL B 54 -46.80 8.99 9.78
CA VAL B 54 -46.62 8.98 11.23
C VAL B 54 -46.64 7.54 11.69
N GLU B 55 -45.70 7.17 12.55
CA GLU B 55 -45.63 5.82 13.09
C GLU B 55 -46.33 5.75 14.44
N ILE B 56 -47.20 4.75 14.59
CA ILE B 56 -48.05 4.66 15.78
C ILE B 56 -48.03 3.24 16.32
N PRO B 57 -48.00 3.05 17.64
CA PRO B 57 -48.18 1.70 18.19
C PRO B 57 -49.64 1.27 18.11
N VAL B 58 -49.86 -0.04 18.23
CA VAL B 58 -51.20 -0.58 18.07
C VAL B 58 -52.17 -0.07 19.13
N SER B 59 -51.69 0.26 20.32
CA SER B 59 -52.57 0.66 21.41
C SER B 59 -53.29 1.98 21.14
N GLN B 60 -52.82 2.78 20.19
CA GLN B 60 -53.48 4.01 19.80
C GLN B 60 -54.41 3.84 18.60
N LEU B 61 -54.54 2.61 18.09
CA LEU B 61 -55.26 2.38 16.83
C LEU B 61 -56.69 2.88 16.91
N GLU B 62 -57.37 2.61 18.02
CA GLU B 62 -58.73 3.11 18.18
C GLU B 62 -58.78 4.62 18.05
N LYS B 63 -57.85 5.32 18.70
CA LYS B 63 -57.81 6.78 18.56
C LYS B 63 -57.51 7.18 17.12
N ALA B 64 -56.71 6.37 16.43
CA ALA B 64 -56.46 6.63 15.01
C ALA B 64 -57.76 6.51 14.21
N LEU B 65 -58.60 5.54 14.56
CA LEU B 65 -59.84 5.37 13.83
C LEU B 65 -60.86 6.44 14.16
N ASP B 66 -60.61 7.22 15.20
CA ASP B 66 -61.51 8.29 15.63
C ASP B 66 -61.30 9.59 14.86
N ASN B 67 -60.31 9.62 13.96
CA ASN B 67 -59.95 10.85 13.24
C ASN B 67 -59.59 11.96 14.22
N LYS B 68 -58.66 11.68 15.13
CA LYS B 68 -58.28 12.62 16.18
C LYS B 68 -56.77 12.87 16.24
N MET B 69 -55.98 12.12 15.49
CA MET B 69 -54.53 12.32 15.50
C MET B 69 -54.18 13.67 14.87
N MET B 70 -53.25 14.38 15.48
CA MET B 70 -52.83 15.69 15.00
C MET B 70 -51.34 15.66 14.68
N PHE B 71 -50.92 16.57 13.80
CA PHE B 71 -49.53 16.75 13.45
C PHE B 71 -49.33 18.18 12.96
N ASP B 72 -48.14 18.46 12.44
CA ASP B 72 -47.75 19.82 12.08
C ASP B 72 -48.71 20.41 11.05
N GLY B 73 -49.01 19.65 9.99
CA GLY B 73 -49.84 20.14 8.92
C GLY B 73 -49.11 21.00 7.91
N SER B 74 -48.26 21.92 8.38
CA SER B 74 -47.49 22.76 7.47
C SER B 74 -46.48 21.97 6.66
N SER B 75 -46.22 20.71 7.01
CA SER B 75 -45.34 19.86 6.23
C SER B 75 -45.81 19.73 4.79
N ILE B 76 -47.11 19.92 4.54
CA ILE B 76 -47.63 19.88 3.18
C ILE B 76 -46.96 20.94 2.32
N GLU B 77 -46.70 22.13 2.88
CA GLU B 77 -46.04 23.17 2.13
C GLU B 77 -44.57 22.87 1.86
N GLY B 78 -44.01 21.83 2.50
CA GLY B 78 -42.63 21.44 2.27
C GLY B 78 -41.64 22.11 3.19
N TYR B 79 -40.44 22.41 2.66
CA TYR B 79 -39.42 23.08 3.44
C TYR B 79 -39.53 24.60 3.39
N VAL B 80 -40.54 25.12 2.70
CA VAL B 80 -40.79 26.56 2.64
C VAL B 80 -41.82 27.00 3.67
N ARG B 81 -42.14 26.13 4.63
CA ARG B 81 -43.11 26.46 5.66
C ARG B 81 -42.59 27.59 6.54
N ILE B 82 -43.43 28.60 6.76
CA ILE B 82 -43.05 29.78 7.52
C ILE B 82 -43.83 29.88 8.82
N GLU B 83 -45.08 29.44 8.85
CA GLU B 83 -45.89 29.47 10.06
C GLU B 83 -46.51 28.10 10.28
N GLU B 84 -46.47 27.65 11.54
CA GLU B 84 -46.91 26.31 11.86
C GLU B 84 -48.43 26.27 12.06
N SER B 85 -49.00 25.10 11.83
CA SER B 85 -50.41 24.82 12.05
C SER B 85 -50.56 23.59 12.93
N ASP B 86 -51.80 23.15 13.07
CA ASP B 86 -52.12 21.85 13.66
C ASP B 86 -53.19 21.21 12.79
N MET B 87 -52.91 20.03 12.27
CA MET B 87 -53.82 19.44 11.30
C MET B 87 -54.03 17.97 11.63
N TYR B 88 -55.25 17.50 11.42
CA TYR B 88 -55.65 16.17 11.85
C TYR B 88 -55.64 15.19 10.68
N LEU B 89 -55.32 13.95 10.99
CA LEU B 89 -55.26 12.87 10.02
C LEU B 89 -56.56 12.10 10.05
N TYR B 90 -57.23 12.00 8.90
CA TYR B 90 -58.47 11.24 8.78
C TYR B 90 -58.22 10.03 7.90
N PRO B 91 -58.07 8.83 8.46
CA PRO B 91 -57.75 7.67 7.63
C PRO B 91 -58.92 7.26 6.75
N ASP B 92 -58.59 6.62 5.63
CA ASP B 92 -59.58 6.02 4.75
C ASP B 92 -59.51 4.51 4.95
N LEU B 93 -60.51 3.96 5.64
CA LEU B 93 -60.46 2.57 6.07
C LEU B 93 -60.37 1.62 4.89
N ASP B 94 -60.92 2.00 3.74
CA ASP B 94 -60.88 1.14 2.56
C ASP B 94 -59.47 0.91 2.05
N THR B 95 -58.50 1.71 2.48
CA THR B 95 -57.11 1.59 2.05
C THR B 95 -56.24 0.89 3.08
N TRP B 96 -56.82 0.25 4.09
CA TRP B 96 -56.03 -0.54 5.03
C TRP B 96 -55.31 -1.66 4.28
N VAL B 97 -54.07 -1.92 4.67
CA VAL B 97 -53.28 -2.98 4.06
C VAL B 97 -52.14 -3.30 5.02
N VAL B 98 -51.59 -4.50 4.90
CA VAL B 98 -50.57 -5.01 5.81
C VAL B 98 -49.37 -5.50 5.02
N PHE B 99 -48.17 -5.11 5.46
CA PHE B 99 -46.96 -5.45 4.75
C PHE B 99 -46.54 -6.88 5.07
N PRO B 100 -46.16 -7.67 4.06
CA PRO B 100 -45.66 -9.03 4.33
C PRO B 100 -44.15 -9.12 4.43
N TRP B 101 -43.56 -8.44 5.41
CA TRP B 101 -42.10 -8.36 5.50
C TRP B 101 -41.46 -9.55 6.21
N VAL B 102 -42.21 -10.63 6.41
CA VAL B 102 -41.69 -11.88 6.97
C VAL B 102 -40.89 -11.58 8.24
N THR B 103 -41.57 -11.09 9.27
CA THR B 103 -40.94 -10.84 10.56
C THR B 103 -42.04 -10.76 11.61
N SER B 104 -41.67 -10.93 12.88
CA SER B 104 -42.60 -10.71 13.97
C SER B 104 -42.87 -9.23 14.10
N ASP B 105 -43.86 -8.85 14.92
CA ASP B 105 -44.24 -7.46 15.09
C ASP B 105 -44.64 -6.85 13.76
N ARG B 106 -45.71 -7.36 13.16
CA ARG B 106 -46.09 -6.99 11.80
C ARG B 106 -46.55 -5.54 11.76
N VAL B 107 -46.44 -4.93 10.58
CA VAL B 107 -46.68 -3.51 10.37
C VAL B 107 -47.85 -3.33 9.40
N ALA B 108 -48.66 -2.30 9.64
CA ALA B 108 -49.85 -2.03 8.85
C ALA B 108 -49.82 -0.61 8.32
N ARG B 109 -50.54 -0.40 7.22
CA ARG B 109 -50.56 0.89 6.53
C ARG B 109 -51.99 1.41 6.46
N LEU B 110 -52.14 2.71 6.72
CA LEU B 110 -53.41 3.39 6.50
C LEU B 110 -53.14 4.69 5.76
N ILE B 111 -53.83 4.88 4.64
CA ILE B 111 -53.71 6.10 3.86
C ILE B 111 -54.73 7.12 4.37
N CYS B 112 -54.27 8.33 4.64
CA CYS B 112 -55.07 9.32 5.34
C CYS B 112 -55.20 10.57 4.50
N ASP B 113 -56.29 11.30 4.72
CA ASP B 113 -56.44 12.67 4.24
C ASP B 113 -56.11 13.62 5.38
N ILE B 114 -55.91 14.89 5.03
CA ILE B 114 -55.54 15.92 6.00
C ILE B 114 -56.72 16.86 6.16
N TYR B 115 -57.05 17.19 7.40
CA TYR B 115 -58.17 18.07 7.69
C TYR B 115 -57.74 19.17 8.63
N LYS B 116 -58.37 20.34 8.48
CA LYS B 116 -58.12 21.46 9.35
C LYS B 116 -58.69 21.19 10.74
N PRO B 117 -58.23 21.91 11.76
CA PRO B 117 -58.80 21.73 13.10
C PRO B 117 -60.29 22.05 13.18
N ASP B 118 -60.79 22.93 12.32
CA ASP B 118 -62.22 23.26 12.35
C ASP B 118 -63.07 22.27 11.56
N GLY B 119 -62.45 21.27 10.93
CA GLY B 119 -63.17 20.21 10.24
C GLY B 119 -63.16 20.32 8.73
N SER B 120 -62.87 21.48 8.18
CA SER B 120 -62.87 21.63 6.73
C SER B 120 -61.63 20.99 6.12
N PRO B 121 -61.71 20.55 4.86
CA PRO B 121 -60.55 19.96 4.22
C PRO B 121 -59.44 20.99 4.00
N PHE B 122 -58.20 20.51 4.03
CA PHE B 122 -57.07 21.36 3.72
C PHE B 122 -56.98 21.54 2.21
N ALA B 123 -56.87 22.80 1.78
CA ALA B 123 -56.85 23.11 0.35
C ALA B 123 -55.65 22.52 -0.37
N GLY B 124 -54.48 22.50 0.28
CA GLY B 124 -53.24 22.13 -0.38
C GLY B 124 -52.90 20.67 -0.41
N ASP B 125 -53.82 19.78 -0.10
CA ASP B 125 -53.51 18.35 -0.09
C ASP B 125 -53.74 17.76 -1.48
N PRO B 126 -52.74 17.13 -2.09
CA PRO B 126 -52.92 16.61 -3.46
C PRO B 126 -54.08 15.63 -3.58
N ARG B 127 -54.26 14.76 -2.59
CA ARG B 127 -55.40 13.85 -2.60
C ARG B 127 -56.71 14.63 -2.56
N GLY B 128 -56.76 15.68 -1.73
CA GLY B 128 -57.93 16.54 -1.72
C GLY B 128 -58.16 17.19 -3.06
N ILE B 129 -57.08 17.59 -3.74
CA ILE B 129 -57.23 18.20 -5.07
C ILE B 129 -57.83 17.20 -6.04
N LEU B 130 -57.30 15.97 -6.05
CA LEU B 130 -57.80 14.96 -6.98
C LEU B 130 -59.26 14.63 -6.67
N LYS B 131 -59.62 14.52 -5.40
CA LYS B 131 -61.00 14.21 -5.06
C LYS B 131 -61.93 15.37 -5.42
N ARG B 132 -61.47 16.60 -5.28
CA ARG B 132 -62.28 17.74 -5.70
C ARG B 132 -62.50 17.72 -7.20
N VAL B 133 -61.46 17.39 -7.97
CA VAL B 133 -61.61 17.33 -9.43
C VAL B 133 -62.52 16.18 -9.82
N LEU B 134 -62.44 15.05 -9.10
CA LEU B 134 -63.38 13.96 -9.35
C LEU B 134 -64.81 14.36 -8.99
N LYS B 135 -64.98 15.15 -7.93
CA LYS B 135 -66.31 15.64 -7.59
C LYS B 135 -66.87 16.53 -8.69
N GLU B 136 -66.05 17.44 -9.22
CA GLU B 136 -66.53 18.30 -10.29
C GLU B 136 -66.69 17.52 -11.60
N ALA B 137 -66.02 16.37 -11.74
CA ALA B 137 -66.30 15.48 -12.86
C ALA B 137 -67.65 14.80 -12.69
N GLU B 138 -67.94 14.31 -11.48
CA GLU B 138 -69.21 13.65 -11.21
C GLU B 138 -70.37 14.61 -11.39
N GLU B 139 -70.20 15.86 -10.97
CA GLU B 139 -71.24 16.87 -11.21
C GLU B 139 -71.53 17.06 -12.69
N LEU B 140 -70.60 16.69 -13.56
CA LEU B 140 -70.80 16.73 -15.00
C LEU B 140 -71.42 15.45 -15.54
N GLY B 141 -71.67 14.46 -14.69
CA GLY B 141 -72.35 13.25 -15.10
C GLY B 141 -71.49 12.03 -15.31
N TYR B 142 -70.16 12.16 -15.26
CA TYR B 142 -69.25 11.04 -15.43
C TYR B 142 -68.91 10.50 -14.04
N THR B 143 -69.17 9.22 -13.83
CA THR B 143 -69.07 8.66 -12.49
C THR B 143 -67.64 8.52 -12.01
N SER B 144 -66.73 8.06 -12.87
CA SER B 144 -65.37 7.80 -12.41
C SER B 144 -64.39 7.95 -13.56
N MET B 145 -63.11 7.84 -13.21
CA MET B 145 -62.00 7.97 -14.15
C MET B 145 -61.10 6.75 -14.03
N ASN B 146 -61.14 5.87 -15.02
CA ASN B 146 -60.31 4.68 -15.02
C ASN B 146 -58.90 5.07 -15.47
N VAL B 147 -57.93 4.80 -14.60
CA VAL B 147 -56.54 5.23 -14.79
C VAL B 147 -55.63 4.04 -14.56
N GLY B 148 -54.77 3.75 -15.53
CA GLY B 148 -53.75 2.74 -15.38
C GLY B 148 -52.39 3.25 -15.78
N PRO B 149 -51.46 3.28 -14.83
CA PRO B 149 -50.12 3.79 -15.12
C PRO B 149 -49.19 2.71 -15.63
N GLU B 150 -48.09 3.14 -16.23
CA GLU B 150 -47.00 2.25 -16.63
C GLU B 150 -45.67 2.85 -16.19
N PRO B 151 -45.38 2.81 -14.88
CA PRO B 151 -44.15 3.43 -14.38
C PRO B 151 -42.94 2.50 -14.54
N GLU B 152 -41.78 3.12 -14.79
CA GLU B 152 -40.51 2.43 -14.93
C GLU B 152 -39.54 2.97 -13.88
N PHE B 153 -38.68 2.10 -13.36
CA PHE B 153 -37.72 2.52 -12.35
C PHE B 153 -36.34 1.97 -12.72
N PHE B 154 -35.32 2.61 -12.18
CA PHE B 154 -33.93 2.25 -12.42
C PHE B 154 -33.34 1.61 -11.19
N LEU B 155 -32.53 0.57 -11.41
CA LEU B 155 -31.83 -0.11 -10.33
C LEU B 155 -30.33 0.07 -10.52
N PHE B 156 -29.65 0.53 -9.49
CA PHE B 156 -28.23 0.76 -9.52
C PHE B 156 -27.54 -0.01 -8.39
N LYS B 157 -26.37 -0.56 -8.69
CA LYS B 157 -25.60 -1.23 -7.65
C LYS B 157 -25.10 -0.19 -6.63
N THR B 158 -25.16 -0.58 -5.37
CA THR B 158 -24.76 0.29 -4.27
C THR B 158 -23.30 0.04 -3.94
N ASP B 159 -22.72 0.97 -3.19
CA ASP B 159 -21.35 0.84 -2.71
C ASP B 159 -21.35 0.30 -1.29
N GLU B 160 -20.18 0.33 -0.65
CA GLU B 160 -20.06 -0.20 0.71
C GLU B 160 -20.84 0.63 1.72
N LYS B 161 -20.89 1.94 1.54
CA LYS B 161 -21.55 2.83 2.49
C LYS B 161 -23.05 2.94 2.25
N GLY B 162 -23.59 2.29 1.23
CA GLY B 162 -25.01 2.35 0.97
C GLY B 162 -25.46 3.42 0.00
N ASP B 163 -24.56 3.93 -0.85
CA ASP B 163 -25.03 4.94 -1.78
C ASP B 163 -25.05 4.38 -3.20
N PRO B 164 -25.93 4.88 -4.06
CA PRO B 164 -25.98 4.35 -5.43
C PRO B 164 -24.76 4.77 -6.24
N THR B 165 -24.25 3.84 -7.03
CA THR B 165 -23.16 4.09 -7.96
C THR B 165 -23.75 4.33 -9.34
N THR B 166 -22.87 4.41 -10.35
CA THR B 166 -23.31 4.74 -11.70
C THR B 166 -23.53 3.51 -12.56
N GLU B 167 -23.14 2.32 -12.09
CA GLU B 167 -23.24 1.11 -12.90
C GLU B 167 -24.57 0.41 -12.64
N LEU B 168 -25.21 -0.04 -13.71
CA LEU B 168 -26.53 -0.65 -13.63
C LEU B 168 -26.42 -2.08 -13.13
N ASN B 169 -27.57 -2.67 -12.81
CA ASN B 169 -27.60 -4.06 -12.35
C ASN B 169 -27.44 -5.06 -13.48
N ASP B 170 -27.96 -4.79 -14.66
CA ASP B 170 -27.84 -5.72 -15.78
C ASP B 170 -27.59 -4.92 -17.05
N GLN B 171 -27.41 -5.65 -18.15
CA GLN B 171 -27.10 -5.04 -19.45
C GLN B 171 -27.97 -5.63 -20.55
N GLY B 172 -29.21 -5.97 -20.22
CA GLY B 172 -30.11 -6.51 -21.22
C GLY B 172 -30.75 -5.42 -22.08
N GLY B 173 -31.37 -5.86 -23.17
CA GLY B 173 -32.03 -4.95 -24.09
C GLY B 173 -33.51 -4.80 -23.78
N TYR B 174 -34.28 -4.31 -24.76
CA TYR B 174 -35.70 -4.06 -24.54
C TYR B 174 -36.47 -5.37 -24.49
N PHE B 175 -37.38 -5.48 -23.51
CA PHE B 175 -38.14 -6.71 -23.26
C PHE B 175 -37.23 -7.93 -23.17
N ASP B 176 -36.34 -7.97 -22.19
CA ASP B 176 -35.38 -9.04 -22.09
C ASP B 176 -35.69 -9.97 -20.92
N LEU B 177 -34.89 -11.02 -20.82
CA LEU B 177 -34.89 -11.94 -19.68
C LEU B 177 -33.57 -11.89 -18.95
N ALA B 178 -32.86 -10.74 -19.08
CA ALA B 178 -31.55 -10.61 -18.43
C ALA B 178 -31.61 -10.84 -16.93
N PRO B 179 -32.56 -10.28 -16.19
CA PRO B 179 -32.60 -10.68 -14.76
C PRO B 179 -33.23 -12.06 -14.60
N MET B 180 -32.40 -13.08 -14.77
CA MET B 180 -32.84 -14.46 -14.70
C MET B 180 -32.45 -15.08 -13.35
N ASP B 181 -32.66 -16.39 -13.23
CA ASP B 181 -32.20 -17.19 -12.10
C ASP B 181 -32.94 -16.87 -10.81
N LEU B 182 -32.19 -16.75 -9.72
CA LEU B 182 -32.77 -16.44 -8.41
C LEU B 182 -31.96 -15.35 -7.73
N GLY B 183 -30.72 -15.17 -8.17
CA GLY B 183 -29.86 -14.15 -7.59
C GLY B 183 -30.32 -12.74 -7.89
N GLU B 184 -30.93 -12.10 -6.89
CA GLU B 184 -31.37 -10.70 -6.97
C GLU B 184 -32.32 -10.47 -8.14
N ASN B 185 -33.34 -11.32 -8.24
CA ASN B 185 -34.47 -11.05 -9.13
C ASN B 185 -35.46 -10.12 -8.42
N CYS B 186 -35.13 -8.84 -8.47
CA CYS B 186 -35.96 -7.82 -7.82
C CYS B 186 -37.34 -7.75 -8.48
N ARG B 187 -37.40 -7.98 -9.79
CA ARG B 187 -38.68 -7.89 -10.49
C ARG B 187 -39.68 -8.92 -9.98
N ARG B 188 -39.24 -10.18 -9.86
CA ARG B 188 -40.13 -11.23 -9.38
C ARG B 188 -40.59 -10.93 -7.96
N GLU B 189 -39.66 -10.52 -7.10
CA GLU B 189 -40.00 -10.26 -5.71
C GLU B 189 -41.01 -9.14 -5.59
N ILE B 190 -40.79 -8.04 -6.32
CA ILE B 190 -41.70 -6.91 -6.22
C ILE B 190 -43.09 -7.29 -6.76
N VAL B 191 -43.11 -8.04 -7.87
CA VAL B 191 -44.41 -8.45 -8.41
C VAL B 191 -45.16 -9.31 -7.42
N LEU B 192 -44.47 -10.27 -6.79
CA LEU B 192 -45.14 -11.19 -5.88
C LEU B 192 -45.61 -10.48 -4.61
N LYS B 193 -44.77 -9.60 -4.05
CA LYS B 193 -45.19 -8.87 -2.86
C LYS B 193 -46.37 -7.95 -3.16
N LEU B 194 -46.34 -7.27 -4.30
CA LEU B 194 -47.46 -6.42 -4.67
C LEU B 194 -48.73 -7.26 -4.88
N GLU B 195 -48.59 -8.44 -5.48
CA GLU B 195 -49.75 -9.31 -5.64
C GLU B 195 -50.31 -9.72 -4.28
N GLU B 196 -49.42 -10.04 -3.32
CA GLU B 196 -49.87 -10.33 -1.96
C GLU B 196 -50.51 -9.11 -1.32
N MET B 197 -50.19 -7.91 -1.80
CA MET B 197 -50.97 -6.74 -1.40
C MET B 197 -52.35 -6.77 -2.02
N GLY B 198 -52.54 -7.57 -3.05
CA GLY B 198 -53.79 -7.53 -3.80
C GLY B 198 -53.65 -6.69 -5.05
N PHE B 199 -52.43 -6.23 -5.34
CA PHE B 199 -52.20 -5.38 -6.50
C PHE B 199 -52.51 -6.15 -7.78
N GLU B 200 -53.14 -5.45 -8.72
CA GLU B 200 -53.56 -6.04 -9.98
C GLU B 200 -52.46 -5.73 -11.00
N ILE B 201 -51.54 -6.66 -11.17
CA ILE B 201 -50.36 -6.46 -12.00
C ILE B 201 -50.63 -7.04 -13.38
N GLU B 202 -50.72 -6.17 -14.38
CA GLU B 202 -50.97 -6.61 -15.75
C GLU B 202 -49.74 -7.23 -16.37
N ALA B 203 -48.56 -6.67 -16.09
CA ALA B 203 -47.32 -7.17 -16.67
C ALA B 203 -46.14 -6.56 -15.95
N SER B 204 -44.95 -7.11 -16.22
CA SER B 204 -43.70 -6.62 -15.66
C SER B 204 -42.56 -7.11 -16.53
N HIS B 205 -41.69 -6.20 -16.94
CA HIS B 205 -40.72 -6.53 -17.98
C HIS B 205 -39.53 -5.59 -17.91
N HIS B 206 -38.54 -5.89 -18.73
CA HIS B 206 -37.33 -5.09 -18.84
C HIS B 206 -37.50 -4.01 -19.89
N GLU B 207 -37.04 -2.80 -19.58
CA GLU B 207 -37.31 -1.67 -20.45
C GLU B 207 -36.08 -1.38 -21.31
N VAL B 208 -36.14 -0.28 -22.07
CA VAL B 208 -35.22 -0.06 -23.19
C VAL B 208 -33.78 0.03 -22.69
N ALA B 209 -33.52 0.83 -21.72
CA ALA B 209 -32.15 0.96 -21.29
C ALA B 209 -31.77 -0.22 -20.41
N PRO B 210 -30.49 -0.48 -20.23
CA PRO B 210 -30.07 -1.44 -19.21
C PRO B 210 -30.53 -1.00 -17.83
N GLY B 211 -31.02 -1.95 -17.05
CA GLY B 211 -31.39 -1.67 -15.67
C GLY B 211 -32.70 -0.95 -15.48
N GLN B 212 -33.56 -0.89 -16.49
CA GLN B 212 -34.84 -0.19 -16.38
C GLN B 212 -35.98 -1.20 -16.37
N HIS B 213 -36.81 -1.12 -15.32
CA HIS B 213 -37.82 -2.12 -15.02
C HIS B 213 -39.19 -1.45 -15.00
N GLU B 214 -40.10 -1.90 -15.86
CA GLU B 214 -41.42 -1.31 -15.97
C GLU B 214 -42.44 -2.24 -15.33
N ILE B 215 -43.37 -1.66 -14.56
CA ILE B 215 -44.44 -2.43 -13.94
C ILE B 215 -45.77 -1.89 -14.44
N ASP B 216 -46.55 -2.75 -15.09
CA ASP B 216 -47.84 -2.37 -15.65
C ASP B 216 -48.93 -2.71 -14.65
N PHE B 217 -49.77 -1.73 -14.33
CA PHE B 217 -50.88 -1.97 -13.41
C PHE B 217 -52.16 -2.26 -14.18
N LYS B 218 -53.01 -3.09 -13.58
CA LYS B 218 -54.36 -3.21 -14.08
C LYS B 218 -55.17 -2.02 -13.60
N TYR B 219 -56.29 -1.79 -14.27
CA TYR B 219 -56.95 -0.51 -14.22
C TYR B 219 -57.74 -0.37 -12.92
N ALA B 220 -57.78 0.85 -12.39
CA ALA B 220 -58.41 1.10 -11.11
C ALA B 220 -58.97 2.52 -11.10
N ASP B 221 -59.72 2.83 -10.05
CA ASP B 221 -60.27 4.17 -9.94
C ASP B 221 -59.17 5.16 -9.62
N ALA B 222 -59.47 6.45 -9.85
CA ALA B 222 -58.42 7.47 -9.86
C ALA B 222 -57.70 7.55 -8.52
N VAL B 223 -58.45 7.70 -7.43
CA VAL B 223 -57.82 7.82 -6.11
C VAL B 223 -57.10 6.53 -5.76
N LYS B 224 -57.74 5.38 -6.00
CA LYS B 224 -57.11 4.12 -5.71
C LYS B 224 -55.90 3.89 -6.63
N ALA B 225 -55.97 4.35 -7.88
CA ALA B 225 -54.82 4.22 -8.76
C ALA B 225 -53.63 5.04 -8.27
N ALA B 226 -53.89 6.26 -7.82
CA ALA B 226 -52.80 7.09 -7.30
C ALA B 226 -52.21 6.47 -6.04
N ASP B 227 -53.06 5.97 -5.14
CA ASP B 227 -52.56 5.27 -3.97
C ASP B 227 -51.75 4.04 -4.37
N GLN B 228 -52.18 3.36 -5.44
CA GLN B 228 -51.44 2.23 -5.96
C GLN B 228 -50.06 2.66 -6.42
N ILE B 229 -49.96 3.80 -7.11
CA ILE B 229 -48.66 4.29 -7.57
C ILE B 229 -47.77 4.61 -6.39
N GLN B 230 -48.32 5.28 -5.37
CA GLN B 230 -47.51 5.64 -4.21
C GLN B 230 -46.99 4.41 -3.49
N THR B 231 -47.88 3.48 -3.15
CA THR B 231 -47.45 2.27 -2.46
C THR B 231 -46.55 1.44 -3.36
N PHE B 232 -46.74 1.53 -4.67
CA PHE B 232 -45.85 0.90 -5.63
C PHE B 232 -44.43 1.41 -5.49
N LYS B 233 -44.27 2.74 -5.47
CA LYS B 233 -42.95 3.31 -5.29
C LYS B 233 -42.33 2.87 -3.98
N LEU B 234 -43.11 2.93 -2.90
CA LEU B 234 -42.57 2.55 -1.59
C LEU B 234 -42.14 1.08 -1.59
N VAL B 235 -42.96 0.21 -2.17
CA VAL B 235 -42.67 -1.21 -2.18
C VAL B 235 -41.41 -1.49 -2.99
N VAL B 236 -41.31 -0.88 -4.19
CA VAL B 236 -40.16 -1.14 -5.05
C VAL B 236 -38.89 -0.66 -4.37
N LYS B 237 -38.90 0.55 -3.80
CA LYS B 237 -37.71 1.04 -3.13
C LYS B 237 -37.35 0.17 -1.92
N THR B 238 -38.34 -0.23 -1.12
CA THR B 238 -38.07 -1.07 0.04
C THR B 238 -37.39 -2.37 -0.38
N ILE B 239 -37.95 -3.04 -1.39
CA ILE B 239 -37.39 -4.31 -1.83
C ILE B 239 -36.02 -4.12 -2.44
N ALA B 240 -35.81 -3.04 -3.19
CA ALA B 240 -34.49 -2.78 -3.76
C ALA B 240 -33.45 -2.58 -2.68
N ARG B 241 -33.77 -1.78 -1.65
CA ARG B 241 -32.85 -1.66 -0.51
C ARG B 241 -32.60 -3.02 0.12
N GLN B 242 -33.62 -3.88 0.15
CA GLN B 242 -33.43 -5.20 0.73
C GLN B 242 -32.44 -6.04 -0.06
N HIS B 243 -32.45 -5.94 -1.39
CA HIS B 243 -31.57 -6.75 -2.24
C HIS B 243 -30.22 -6.10 -2.46
N GLY B 244 -29.89 -5.07 -1.68
CA GLY B 244 -28.63 -4.36 -1.85
C GLY B 244 -28.55 -3.59 -3.15
N LEU B 245 -29.67 -3.02 -3.60
CA LEU B 245 -29.72 -2.20 -4.79
C LEU B 245 -30.39 -0.87 -4.46
N HIS B 246 -30.23 0.10 -5.34
CA HIS B 246 -30.85 1.41 -5.18
C HIS B 246 -31.86 1.59 -6.29
N ALA B 247 -33.11 1.88 -5.91
CA ALA B 247 -34.19 2.11 -6.86
C ALA B 247 -34.47 3.59 -6.97
N THR B 248 -34.44 4.11 -8.20
CA THR B 248 -34.63 5.52 -8.45
C THR B 248 -35.64 5.72 -9.57
N PHE B 249 -36.46 6.77 -9.44
CA PHE B 249 -37.37 7.17 -10.50
C PHE B 249 -36.90 8.43 -11.20
N MET B 250 -35.66 8.85 -10.97
CA MET B 250 -35.18 10.10 -11.54
C MET B 250 -35.33 10.04 -13.06
N PRO B 251 -36.02 10.99 -13.68
CA PRO B 251 -36.48 10.81 -15.06
C PRO B 251 -35.38 10.56 -16.08
N LYS B 252 -34.18 11.08 -15.86
CA LYS B 252 -33.06 10.90 -16.79
C LYS B 252 -31.77 10.84 -15.99
N PRO B 253 -31.51 9.71 -15.33
CA PRO B 253 -30.35 9.65 -14.44
C PRO B 253 -29.03 9.75 -15.16
N LEU B 254 -28.92 9.20 -16.37
CA LEU B 254 -27.66 9.11 -17.06
C LEU B 254 -27.82 9.66 -18.47
N PHE B 255 -26.84 10.44 -18.91
CA PHE B 255 -26.86 10.95 -20.27
C PHE B 255 -26.55 9.82 -21.24
N GLY B 256 -27.23 9.85 -22.38
CA GLY B 256 -27.02 8.86 -23.41
C GLY B 256 -27.90 7.63 -23.32
N VAL B 257 -28.70 7.49 -22.27
CA VAL B 257 -29.62 6.38 -22.13
C VAL B 257 -31.03 6.95 -22.01
N ASN B 258 -32.02 6.14 -22.39
CA ASN B 258 -33.39 6.59 -22.34
C ASN B 258 -33.83 6.77 -20.89
N GLY B 259 -34.75 7.71 -20.67
CA GLY B 259 -35.22 8.02 -19.35
C GLY B 259 -36.37 7.14 -18.90
N SER B 260 -37.05 7.59 -17.85
CA SER B 260 -38.15 6.87 -17.25
C SER B 260 -39.45 7.64 -17.46
N GLY B 261 -40.45 6.96 -18.03
CA GLY B 261 -41.74 7.56 -18.29
C GLY B 261 -42.84 6.89 -17.50
N MET B 262 -43.98 7.59 -17.44
CA MET B 262 -45.15 7.06 -16.70
C MET B 262 -46.39 7.16 -17.58
N HIS B 263 -46.32 6.72 -18.84
CA HIS B 263 -47.50 6.66 -19.69
C HIS B 263 -48.71 6.27 -18.85
N CYS B 264 -49.72 7.13 -18.85
CA CYS B 264 -50.95 6.89 -18.10
C CYS B 264 -52.08 6.70 -19.10
N ASN B 265 -52.79 5.58 -18.95
CA ASN B 265 -53.98 5.31 -19.73
C ASN B 265 -55.20 5.78 -18.97
N GLN B 266 -56.05 6.56 -19.61
CA GLN B 266 -57.22 7.10 -18.93
C GLN B 266 -58.46 6.95 -19.81
N SER B 267 -59.60 6.80 -19.13
CA SER B 267 -60.89 6.71 -19.80
C SER B 267 -61.96 7.15 -18.81
N LEU B 268 -63.00 7.83 -19.32
CA LEU B 268 -64.10 8.23 -18.46
C LEU B 268 -65.12 7.11 -18.36
N PHE B 269 -65.72 6.98 -17.17
CA PHE B 269 -66.75 5.98 -16.91
C PHE B 269 -68.00 6.65 -16.38
N LYS B 270 -69.14 6.29 -16.99
CA LYS B 270 -70.46 6.75 -16.55
C LYS B 270 -71.35 5.53 -16.40
N ASP B 271 -71.50 5.06 -15.16
CA ASP B 271 -72.34 3.90 -14.84
C ASP B 271 -71.89 2.68 -15.63
N ASN B 272 -70.67 2.24 -15.28
CA ASN B 272 -69.92 1.12 -15.91
C ASN B 272 -70.14 1.08 -17.42
N GLU B 273 -70.19 2.26 -18.03
CA GLU B 273 -70.28 2.41 -19.48
C GLU B 273 -69.15 3.32 -19.92
N ASN B 274 -68.31 2.83 -20.83
CA ASN B 274 -67.18 3.60 -21.34
C ASN B 274 -67.71 4.61 -22.35
N VAL B 275 -67.76 5.89 -21.95
CA VAL B 275 -68.29 6.93 -22.82
C VAL B 275 -67.44 7.16 -24.05
N PHE B 276 -66.16 6.82 -24.00
CA PHE B 276 -65.26 7.04 -25.13
C PHE B 276 -65.60 6.15 -26.32
N TYR B 277 -66.11 4.95 -26.08
CA TYR B 277 -66.33 3.99 -27.16
C TYR B 277 -67.52 4.40 -28.02
N ASP B 278 -67.37 4.20 -29.32
CA ASP B 278 -68.45 4.48 -30.26
C ASP B 278 -68.16 3.69 -31.54
N GLU B 279 -68.99 2.68 -31.83
CA GLU B 279 -68.78 1.87 -33.01
C GLU B 279 -69.05 2.67 -34.29
N THR B 280 -69.75 3.80 -34.18
CA THR B 280 -70.02 4.62 -35.34
C THR B 280 -68.81 5.44 -35.78
N ASP B 281 -67.84 5.63 -34.91
CA ASP B 281 -66.66 6.43 -35.25
C ASP B 281 -65.74 5.66 -36.19
N GLU B 282 -65.03 6.42 -37.03
CA GLU B 282 -64.09 5.79 -37.95
C GLU B 282 -62.97 5.07 -37.20
N LEU B 283 -62.42 5.71 -36.18
CA LEU B 283 -61.37 5.11 -35.36
C LEU B 283 -61.93 4.54 -34.05
N GLY B 284 -63.24 4.57 -33.88
CA GLY B 284 -63.85 4.07 -32.65
C GLY B 284 -63.62 4.94 -31.43
N LEU B 285 -63.73 6.25 -31.58
CA LEU B 285 -63.68 7.18 -30.46
C LEU B 285 -64.86 8.13 -30.54
N SER B 286 -65.61 8.23 -29.45
CA SER B 286 -66.78 9.08 -29.41
C SER B 286 -66.38 10.55 -29.38
N GLN B 287 -67.37 11.42 -29.63
CA GLN B 287 -67.10 12.85 -29.64
C GLN B 287 -66.58 13.33 -28.29
N THR B 288 -67.05 12.70 -27.21
CA THR B 288 -66.56 13.06 -25.89
C THR B 288 -65.07 12.78 -25.75
N ALA B 289 -64.61 11.64 -26.29
CA ALA B 289 -63.19 11.33 -26.26
C ALA B 289 -62.39 12.36 -27.06
N ARG B 290 -62.91 12.78 -28.22
CA ARG B 290 -62.22 13.78 -29.03
C ARG B 290 -62.13 15.11 -28.30
N HIS B 291 -63.22 15.53 -27.65
CA HIS B 291 -63.17 16.77 -26.89
C HIS B 291 -62.19 16.66 -25.73
N TYR B 292 -62.15 15.49 -25.08
CA TYR B 292 -61.22 15.28 -23.98
C TYR B 292 -59.78 15.39 -24.46
N MET B 293 -59.47 14.76 -25.59
CA MET B 293 -58.12 14.81 -26.13
C MET B 293 -57.75 16.24 -26.54
N ALA B 294 -58.70 16.96 -27.16
CA ALA B 294 -58.42 18.33 -27.55
C ALA B 294 -58.15 19.20 -26.34
N GLY B 295 -58.92 19.02 -25.26
CA GLY B 295 -58.69 19.78 -24.06
C GLY B 295 -57.35 19.49 -23.42
N ILE B 296 -56.93 18.22 -23.46
CA ILE B 296 -55.61 17.87 -22.97
C ILE B 296 -54.53 18.51 -23.84
N LEU B 297 -54.74 18.50 -25.16
CA LEU B 297 -53.75 19.05 -26.08
C LEU B 297 -53.56 20.55 -25.87
N LYS B 298 -54.66 21.29 -25.77
CA LYS B 298 -54.55 22.75 -25.72
C LYS B 298 -53.78 23.22 -24.49
N HIS B 299 -54.03 22.60 -23.33
CA HIS B 299 -53.39 23.00 -22.10
C HIS B 299 -52.15 22.19 -21.77
N ALA B 300 -51.54 21.55 -22.78
CA ALA B 300 -50.40 20.68 -22.54
C ALA B 300 -49.22 21.46 -21.97
N ARG B 301 -48.84 22.56 -22.61
CA ARG B 301 -47.71 23.35 -22.13
C ARG B 301 -47.95 23.85 -20.71
N ALA B 302 -49.18 24.23 -20.39
CA ALA B 302 -49.49 24.69 -19.05
C ALA B 302 -49.35 23.56 -18.03
N MET B 303 -49.87 22.39 -18.34
CA MET B 303 -49.86 21.29 -17.40
C MET B 303 -48.51 20.59 -17.30
N ALA B 304 -47.56 20.91 -18.19
CA ALA B 304 -46.25 20.29 -18.13
C ALA B 304 -45.53 20.61 -16.82
N ALA B 305 -45.72 21.82 -16.29
CA ALA B 305 -45.01 22.23 -15.08
C ALA B 305 -45.36 21.37 -13.88
N ILE B 306 -46.55 20.79 -13.85
CA ILE B 306 -46.98 19.91 -12.77
C ILE B 306 -46.80 18.45 -13.13
N THR B 307 -46.99 18.09 -14.40
CA THR B 307 -46.78 16.71 -14.80
C THR B 307 -45.33 16.40 -15.13
N ASN B 308 -44.48 17.43 -15.24
CA ASN B 308 -43.03 17.25 -15.36
C ASN B 308 -42.39 18.21 -14.37
N PRO B 309 -42.36 17.86 -13.09
CA PRO B 309 -42.04 18.85 -12.06
C PRO B 309 -40.55 19.14 -11.89
N THR B 310 -39.70 18.15 -12.08
CA THR B 310 -38.29 18.30 -11.79
C THR B 310 -37.59 19.10 -12.89
N VAL B 311 -36.43 19.64 -12.55
CA VAL B 311 -35.56 20.23 -13.56
C VAL B 311 -35.00 19.14 -14.47
N ASN B 312 -34.68 17.98 -13.89
CA ASN B 312 -34.14 16.88 -14.66
C ASN B 312 -35.11 16.35 -15.70
N SER B 313 -36.42 16.49 -15.46
CA SER B 313 -37.40 15.89 -16.36
C SER B 313 -37.28 16.46 -17.76
N TYR B 314 -37.04 17.77 -17.88
CA TYR B 314 -36.93 18.38 -19.19
C TYR B 314 -35.60 18.07 -19.86
N LYS B 315 -34.68 17.42 -19.16
CA LYS B 315 -33.54 16.80 -19.83
C LYS B 315 -33.95 15.55 -20.58
N ARG B 316 -35.01 14.87 -20.13
CA ARG B 316 -35.50 13.68 -20.81
C ARG B 316 -36.23 14.02 -22.10
N LEU B 317 -36.92 15.16 -22.13
CA LEU B 317 -37.65 15.59 -23.31
C LEU B 317 -36.69 16.11 -24.38
N VAL B 318 -35.87 15.20 -24.89
CA VAL B 318 -34.93 15.50 -25.97
C VAL B 318 -35.10 14.45 -27.06
N PRO B 319 -34.80 14.77 -28.32
CA PRO B 319 -35.04 13.81 -29.39
C PRO B 319 -34.11 12.62 -29.34
N GLY B 320 -34.59 11.48 -29.83
CA GLY B 320 -33.77 10.31 -30.03
C GLY B 320 -33.88 9.22 -28.99
N TYR B 321 -34.79 9.34 -28.02
CA TYR B 321 -34.92 8.34 -26.97
C TYR B 321 -36.38 8.01 -26.68
N GLU B 322 -37.22 7.98 -27.71
CA GLU B 322 -38.65 7.69 -27.62
C GLU B 322 -39.41 8.80 -26.90
N ALA B 323 -38.72 9.81 -26.37
CA ALA B 323 -39.36 10.85 -25.59
C ALA B 323 -40.27 11.69 -26.47
N PRO B 324 -41.55 11.79 -26.14
CA PRO B 324 -42.45 12.67 -26.89
C PRO B 324 -42.20 14.13 -26.52
N CYS B 325 -41.73 14.89 -27.49
CA CYS B 325 -41.45 16.31 -27.29
C CYS B 325 -42.44 17.23 -27.96
N TYR B 326 -43.58 16.74 -28.43
CA TYR B 326 -44.45 17.54 -29.28
C TYR B 326 -45.92 17.27 -28.97
N VAL B 327 -46.74 18.28 -29.22
CA VAL B 327 -48.16 18.25 -28.92
C VAL B 327 -48.96 17.93 -30.18
N ALA B 328 -49.22 16.65 -30.41
CA ALA B 328 -50.07 16.21 -31.50
C ALA B 328 -50.54 14.80 -31.17
N TRP B 329 -51.73 14.45 -31.66
CA TRP B 329 -52.34 13.17 -31.33
C TRP B 329 -52.23 12.24 -32.52
N SER B 330 -51.97 10.97 -32.22
CA SER B 330 -51.82 9.97 -33.28
C SER B 330 -52.14 8.60 -32.71
N ALA B 331 -52.73 7.76 -33.55
CA ALA B 331 -52.96 6.38 -33.18
C ALA B 331 -51.67 5.58 -33.10
N SER B 332 -50.66 5.95 -33.88
CA SER B 332 -49.38 5.23 -33.87
C SER B 332 -48.32 6.15 -34.45
N ASN B 333 -47.38 6.60 -33.61
CA ASN B 333 -46.27 7.41 -34.08
C ASN B 333 -45.17 7.37 -33.04
N ARG B 334 -43.96 7.73 -33.49
CA ARG B 334 -42.80 7.72 -32.61
C ARG B 334 -42.99 8.67 -31.43
N SER B 335 -43.50 9.87 -31.69
CA SER B 335 -43.61 10.86 -30.64
C SER B 335 -44.81 11.79 -30.82
N PRO B 336 -46.03 11.31 -30.63
CA PRO B 336 -47.17 12.22 -30.49
C PRO B 336 -47.47 12.51 -29.03
N MET B 337 -48.18 13.60 -28.75
CA MET B 337 -48.58 13.88 -27.34
C MET B 337 -49.56 12.79 -26.85
N ILE B 338 -50.57 12.44 -27.65
CA ILE B 338 -51.59 11.51 -27.18
C ILE B 338 -51.59 10.31 -28.12
N ARG B 339 -51.45 9.11 -27.54
CA ARG B 339 -51.50 7.88 -28.29
C ARG B 339 -52.80 7.16 -27.99
N ILE B 340 -53.50 6.73 -29.04
CA ILE B 340 -54.76 6.01 -28.90
C ILE B 340 -54.51 4.55 -29.27
N PRO B 341 -54.56 3.63 -28.32
CA PRO B 341 -54.24 2.23 -28.63
C PRO B 341 -55.27 1.61 -29.56
N ALA B 342 -54.95 0.40 -30.02
CA ALA B 342 -55.85 -0.32 -30.91
C ALA B 342 -57.02 -0.95 -30.17
N SER B 343 -56.86 -1.24 -28.88
CA SER B 343 -57.93 -1.88 -28.12
C SER B 343 -59.15 -0.97 -28.06
N ARG B 344 -60.32 -1.57 -28.24
CA ARG B 344 -61.56 -0.81 -28.34
C ARG B 344 -62.61 -1.33 -27.36
N GLY B 345 -63.86 -0.95 -27.56
CA GLY B 345 -64.92 -1.43 -26.69
C GLY B 345 -64.83 -0.78 -25.33
N LEU B 346 -64.87 -1.60 -24.29
CA LEU B 346 -64.67 -1.09 -22.93
C LEU B 346 -63.21 -0.79 -22.65
N SER B 347 -62.30 -1.16 -23.56
CA SER B 347 -60.87 -0.97 -23.38
C SER B 347 -60.32 0.17 -24.24
N THR B 348 -61.19 0.96 -24.87
CA THR B 348 -60.72 2.15 -25.56
C THR B 348 -60.21 3.17 -24.54
N ARG B 349 -59.11 3.84 -24.86
CA ARG B 349 -58.42 4.65 -23.87
C ARG B 349 -57.62 5.75 -24.55
N VAL B 350 -57.20 6.72 -23.75
CA VAL B 350 -56.28 7.76 -24.19
C VAL B 350 -55.01 7.61 -23.36
N GLU B 351 -53.86 7.49 -24.03
CA GLU B 351 -52.59 7.30 -23.34
C GLU B 351 -51.76 8.57 -23.41
N VAL B 352 -51.61 9.25 -22.29
CA VAL B 352 -50.77 10.43 -22.18
C VAL B 352 -49.40 9.97 -21.72
N ARG B 353 -48.37 10.27 -22.50
CA ARG B 353 -47.07 9.64 -22.34
C ARG B 353 -46.02 10.55 -21.73
N ASN B 354 -46.21 11.87 -21.76
CA ASN B 354 -45.20 12.78 -21.26
C ASN B 354 -44.92 12.66 -19.77
N PRO B 355 -45.91 12.55 -18.87
CA PRO B 355 -45.60 12.57 -17.44
C PRO B 355 -44.63 11.47 -17.04
N ASP B 356 -43.77 11.79 -16.09
CA ASP B 356 -42.68 10.98 -15.59
C ASP B 356 -42.93 10.49 -14.17
N PRO B 357 -42.27 9.42 -13.74
CA PRO B 357 -42.55 8.88 -12.40
C PRO B 357 -42.28 9.84 -11.27
N ALA B 358 -41.48 10.88 -11.48
CA ALA B 358 -41.25 11.86 -10.42
C ALA B 358 -42.47 12.74 -10.17
N ALA B 359 -43.35 12.89 -11.16
CA ALA B 359 -44.52 13.74 -11.02
C ALA B 359 -45.50 13.15 -10.02
N ASN B 360 -46.18 14.03 -9.30
CA ASN B 360 -47.15 13.59 -8.31
C ASN B 360 -48.33 12.95 -9.03
N PRO B 361 -48.69 11.70 -8.72
CA PRO B 361 -49.80 11.08 -9.45
C PRO B 361 -51.13 11.74 -9.19
N TYR B 362 -51.41 12.12 -7.93
CA TYR B 362 -52.63 12.85 -7.64
C TYR B 362 -52.71 14.12 -8.46
N LEU B 363 -51.64 14.92 -8.44
CA LEU B 363 -51.63 16.19 -9.15
C LEU B 363 -51.73 15.98 -10.65
N ALA B 364 -50.96 15.02 -11.18
CA ALA B 364 -50.95 14.81 -12.63
C ALA B 364 -52.32 14.38 -13.12
N LEU B 365 -52.94 13.41 -12.43
CA LEU B 365 -54.27 12.98 -12.83
C LEU B 365 -55.29 14.10 -12.68
N ALA B 366 -55.17 14.89 -11.61
CA ALA B 366 -56.12 15.98 -11.40
C ALA B 366 -56.05 17.00 -12.53
N VAL B 367 -54.84 17.41 -12.91
CA VAL B 367 -54.71 18.42 -13.96
C VAL B 367 -55.10 17.84 -15.32
N MET B 368 -54.73 16.57 -15.58
CA MET B 368 -55.17 15.93 -16.82
C MET B 368 -56.69 15.96 -16.93
N LEU B 369 -57.38 15.49 -15.89
CA LEU B 369 -58.83 15.40 -15.96
C LEU B 369 -59.46 16.78 -16.03
N ARG B 370 -58.93 17.75 -15.29
CA ARG B 370 -59.51 19.09 -15.33
C ARG B 370 -59.37 19.72 -16.70
N ALA B 371 -58.19 19.62 -17.31
CA ALA B 371 -58.01 20.18 -18.65
C ALA B 371 -58.89 19.45 -19.66
N GLY B 372 -59.00 18.13 -19.54
CA GLY B 372 -59.84 17.39 -20.45
C GLY B 372 -61.32 17.74 -20.30
N LEU B 373 -61.76 17.92 -19.06
CA LEU B 373 -63.16 18.31 -18.84
C LEU B 373 -63.42 19.71 -19.35
N ASP B 374 -62.43 20.61 -19.23
CA ASP B 374 -62.59 21.92 -19.85
C ASP B 374 -62.73 21.80 -21.35
N GLY B 375 -61.92 20.94 -21.97
CA GLY B 375 -62.06 20.70 -23.40
C GLY B 375 -63.42 20.12 -23.76
N ILE B 376 -63.94 19.23 -22.91
CA ILE B 376 -65.24 18.64 -23.14
C ILE B 376 -66.33 19.70 -23.08
N LYS B 377 -66.29 20.54 -22.05
CA LYS B 377 -67.30 21.58 -21.90
C LYS B 377 -67.23 22.58 -23.05
N ARG B 378 -66.03 22.99 -23.44
CA ARG B 378 -65.90 23.97 -24.51
C ARG B 378 -66.02 23.36 -25.90
N GLN B 379 -66.11 22.03 -26.00
CA GLN B 379 -66.27 21.33 -27.27
C GLN B 379 -65.19 21.76 -28.26
N MET B 380 -63.94 21.69 -27.81
CA MET B 380 -62.81 22.12 -28.61
C MET B 380 -62.68 21.25 -29.86
N ALA B 381 -62.40 21.91 -30.98
CA ALA B 381 -62.26 21.21 -32.26
C ALA B 381 -60.92 20.49 -32.28
N LEU B 382 -60.98 19.17 -32.39
CA LEU B 382 -59.77 18.36 -32.36
C LEU B 382 -58.97 18.56 -33.64
N PRO B 383 -57.71 18.93 -33.58
CA PRO B 383 -56.90 19.04 -34.79
C PRO B 383 -56.67 17.68 -35.42
N ALA B 384 -56.20 17.71 -36.66
CA ALA B 384 -56.02 16.48 -37.42
C ALA B 384 -54.91 15.63 -36.80
N PRO B 385 -55.01 14.30 -36.89
CA PRO B 385 -53.91 13.46 -36.42
C PRO B 385 -52.74 13.51 -37.39
N ILE B 386 -51.57 13.10 -36.90
CA ILE B 386 -50.38 13.03 -37.74
C ILE B 386 -50.28 11.62 -38.31
N ASP B 387 -49.82 11.52 -39.55
CA ASP B 387 -49.57 10.25 -40.19
C ASP B 387 -48.20 9.73 -39.75
N ARG B 388 -47.66 8.74 -40.45
CA ARG B 388 -46.33 8.23 -40.14
C ARG B 388 -45.27 9.31 -40.24
N ASN B 389 -45.66 10.52 -40.69
CA ASN B 389 -44.76 11.65 -40.78
C ASN B 389 -44.05 11.87 -39.45
N ILE B 390 -42.74 12.10 -39.51
CA ILE B 390 -41.94 12.25 -38.31
C ILE B 390 -41.49 13.70 -38.25
N TYR B 391 -40.79 14.09 -37.19
CA TYR B 391 -40.59 15.49 -36.88
C TYR B 391 -39.14 15.89 -37.11
N VAL B 392 -38.57 15.42 -38.23
CA VAL B 392 -37.32 15.98 -38.74
C VAL B 392 -37.56 17.32 -39.42
N MET B 393 -38.81 17.72 -39.58
CA MET B 393 -39.15 18.95 -40.28
C MET B 393 -38.69 20.17 -39.49
N SER B 394 -38.64 21.31 -40.20
CA SER B 394 -38.12 22.55 -39.63
C SER B 394 -39.14 23.18 -38.69
N GLU B 395 -38.66 24.16 -37.91
CA GLU B 395 -39.54 24.89 -37.02
C GLU B 395 -40.60 25.67 -37.80
N GLU B 396 -40.21 26.24 -38.94
CA GLU B 396 -41.19 26.88 -39.81
C GLU B 396 -42.22 25.88 -40.30
N GLU B 397 -41.77 24.69 -40.71
CA GLU B 397 -42.70 23.63 -41.06
C GLU B 397 -43.47 23.13 -39.85
N ARG B 398 -42.84 23.10 -38.68
CA ARG B 398 -43.50 22.63 -37.46
C ARG B 398 -44.68 23.52 -37.10
N ILE B 399 -44.50 24.84 -37.21
CA ILE B 399 -45.62 25.76 -36.96
C ILE B 399 -46.56 25.86 -38.15
N GLU B 400 -46.09 25.55 -39.36
CA GLU B 400 -46.96 25.56 -40.52
C GLU B 400 -48.06 24.50 -40.39
N GLU B 401 -47.72 23.33 -39.88
CA GLU B 401 -48.69 22.27 -39.64
C GLU B 401 -49.41 22.44 -38.31
N GLY B 402 -49.08 23.48 -37.54
CA GLY B 402 -49.71 23.70 -36.25
C GLY B 402 -49.38 22.68 -35.19
N ILE B 403 -48.11 22.35 -35.02
CA ILE B 403 -47.65 21.36 -34.05
C ILE B 403 -46.83 22.09 -32.99
N PRO B 404 -47.42 22.44 -31.84
CA PRO B 404 -46.63 23.07 -30.78
C PRO B 404 -45.73 22.07 -30.10
N SER B 405 -44.86 22.58 -29.23
CA SER B 405 -43.90 21.75 -28.52
C SER B 405 -43.98 22.03 -27.03
N LEU B 406 -43.53 21.06 -26.24
CA LEU B 406 -43.53 21.18 -24.79
C LEU B 406 -42.49 22.21 -24.36
N PRO B 407 -42.65 22.80 -23.17
CA PRO B 407 -41.68 23.79 -22.70
C PRO B 407 -40.28 23.22 -22.62
N ALA B 408 -39.29 24.06 -22.92
CA ALA B 408 -37.91 23.62 -22.99
C ALA B 408 -37.32 23.26 -21.64
N ASP B 409 -37.75 23.92 -20.57
CA ASP B 409 -37.22 23.66 -19.24
C ASP B 409 -38.25 24.12 -18.22
N LEU B 410 -37.86 24.07 -16.94
CA LEU B 410 -38.81 24.29 -15.87
C LEU B 410 -39.33 25.72 -15.83
N LYS B 411 -38.49 26.71 -16.15
CA LYS B 411 -38.89 28.10 -16.04
C LYS B 411 -40.03 28.44 -17.00
N GLU B 412 -39.91 28.01 -18.26
CA GLU B 412 -40.97 28.25 -19.22
C GLU B 412 -42.26 27.55 -18.80
N ALA B 413 -42.13 26.34 -18.26
CA ALA B 413 -43.29 25.62 -17.77
C ALA B 413 -43.98 26.39 -16.65
N LEU B 414 -43.21 26.96 -15.72
CA LEU B 414 -43.79 27.73 -14.63
C LEU B 414 -44.51 28.97 -15.14
N SER B 415 -43.87 29.68 -16.08
CA SER B 415 -44.52 30.87 -16.62
C SER B 415 -45.83 30.51 -17.32
N GLU B 416 -45.81 29.43 -18.10
CA GLU B 416 -47.04 28.99 -18.77
C GLU B 416 -48.11 28.61 -17.75
N LEU B 417 -47.71 27.92 -16.67
CA LEU B 417 -48.67 27.54 -15.65
C LEU B 417 -49.34 28.76 -15.02
N ILE B 418 -48.54 29.77 -14.71
CA ILE B 418 -49.11 31.00 -14.16
C ILE B 418 -50.05 31.65 -15.16
N ARG B 419 -49.66 31.70 -16.43
CA ARG B 419 -50.49 32.32 -17.45
C ARG B 419 -51.76 31.53 -17.74
N SER B 420 -51.87 30.29 -17.27
CA SER B 420 -53.05 29.47 -17.53
C SER B 420 -54.08 29.68 -16.43
N GLU B 421 -55.33 29.89 -16.83
CA GLU B 421 -56.41 30.14 -15.89
C GLU B 421 -57.19 28.89 -15.50
N VAL B 422 -56.93 27.75 -16.14
CA VAL B 422 -57.68 26.54 -15.83
C VAL B 422 -56.93 25.69 -14.81
N ILE B 423 -55.68 25.35 -15.12
CA ILE B 423 -54.88 24.51 -14.24
C ILE B 423 -54.57 25.19 -12.92
N SER B 424 -54.36 26.51 -12.93
CA SER B 424 -54.20 27.23 -11.67
C SER B 424 -55.43 27.09 -10.78
N ASP B 425 -56.62 27.19 -11.38
CA ASP B 425 -57.84 26.95 -10.63
C ASP B 425 -57.91 25.53 -10.12
N ALA B 426 -57.54 24.55 -10.95
CA ALA B 426 -57.57 23.15 -10.54
C ALA B 426 -56.70 22.92 -9.32
N LEU B 427 -55.47 23.46 -9.34
CA LEU B 427 -54.60 23.31 -8.17
C LEU B 427 -55.14 24.06 -6.97
N GLY B 428 -55.87 25.14 -7.19
CA GLY B 428 -56.36 25.95 -6.11
C GLY B 428 -55.42 27.10 -5.78
N ASP B 429 -56.00 28.17 -5.24
CA ASP B 429 -55.25 29.39 -5.03
C ASP B 429 -54.14 29.21 -4.00
N HIS B 430 -54.42 28.50 -2.91
CA HIS B 430 -53.42 28.34 -1.86
C HIS B 430 -52.28 27.44 -2.32
N ALA B 431 -52.61 26.31 -2.95
CA ALA B 431 -51.57 25.38 -3.36
C ALA B 431 -50.74 25.91 -4.52
N LEU B 432 -51.36 26.71 -5.39
CA LEU B 432 -50.63 27.25 -6.54
C LEU B 432 -49.47 28.11 -6.09
N ALA B 433 -49.71 28.99 -5.10
CA ALA B 433 -48.65 29.88 -4.63
C ALA B 433 -47.49 29.10 -4.05
N TYR B 434 -47.77 28.08 -3.24
CA TYR B 434 -46.70 27.34 -2.60
C TYR B 434 -45.93 26.49 -3.60
N PHE B 435 -46.62 25.86 -4.54
CA PHE B 435 -45.92 25.10 -5.57
C PHE B 435 -45.06 26.00 -6.44
N TYR B 436 -45.58 27.16 -6.82
CA TYR B 436 -44.81 28.10 -7.62
C TYR B 436 -43.58 28.58 -6.87
N GLU B 437 -43.73 28.89 -5.59
CA GLU B 437 -42.58 29.30 -4.79
C GLU B 437 -41.55 28.18 -4.70
N LEU B 438 -42.01 26.95 -4.50
CA LEU B 438 -41.11 25.82 -4.42
C LEU B 438 -40.31 25.65 -5.70
N LYS B 439 -40.99 25.67 -6.84
CA LYS B 439 -40.31 25.47 -8.11
C LYS B 439 -39.42 26.65 -8.47
N GLU B 440 -39.82 27.88 -8.10
CA GLU B 440 -38.93 29.02 -8.29
C GLU B 440 -37.65 28.87 -7.49
N ILE B 441 -37.76 28.42 -6.24
CA ILE B 441 -36.56 28.21 -5.44
C ILE B 441 -35.69 27.13 -6.07
N GLU B 442 -36.30 26.03 -6.52
CA GLU B 442 -35.54 24.96 -7.15
C GLU B 442 -34.80 25.46 -8.39
N TRP B 443 -35.50 26.19 -9.26
CA TRP B 443 -34.88 26.67 -10.49
C TRP B 443 -33.82 27.71 -10.19
N ASP B 444 -34.05 28.57 -9.19
CA ASP B 444 -33.04 29.56 -8.83
C ASP B 444 -31.77 28.88 -8.33
N MET B 445 -31.92 27.82 -7.54
CA MET B 445 -30.75 27.06 -7.11
C MET B 445 -30.06 26.42 -8.31
N TYR B 446 -30.83 25.89 -9.25
CA TYR B 446 -30.23 25.16 -10.37
C TYR B 446 -29.50 26.09 -11.32
N ARG B 447 -30.05 27.26 -11.61
CA ARG B 447 -29.50 28.11 -12.66
C ARG B 447 -28.18 28.73 -12.28
N THR B 448 -27.89 28.87 -10.98
CA THR B 448 -26.66 29.53 -10.56
C THR B 448 -25.52 28.55 -10.29
N GLN B 449 -25.73 27.26 -10.51
CA GLN B 449 -24.66 26.29 -10.33
C GLN B 449 -23.63 26.40 -11.45
N VAL B 450 -22.43 25.91 -11.17
CA VAL B 450 -21.38 25.80 -12.17
C VAL B 450 -21.00 24.32 -12.28
N HIS B 451 -21.47 23.67 -13.33
CA HIS B 451 -21.34 22.24 -13.48
C HIS B 451 -19.98 21.88 -14.07
N GLN B 452 -19.66 20.59 -13.98
CA GLN B 452 -18.37 20.11 -14.47
C GLN B 452 -18.28 20.17 -15.99
N TRP B 453 -19.41 20.08 -16.68
CA TRP B 453 -19.38 20.13 -18.13
C TRP B 453 -18.84 21.46 -18.62
N GLU B 454 -19.17 22.55 -17.92
CA GLU B 454 -18.63 23.85 -18.27
C GLU B 454 -17.11 23.88 -18.10
N ARG B 455 -16.61 23.33 -16.99
CA ARG B 455 -15.16 23.29 -16.79
C ARG B 455 -14.49 22.34 -17.77
N ASP B 456 -15.25 21.43 -18.36
CA ASP B 456 -14.69 20.58 -19.40
C ASP B 456 -14.57 21.34 -20.71
N GLN B 457 -15.67 21.92 -21.19
CA GLN B 457 -15.64 22.69 -22.43
C GLN B 457 -14.72 23.91 -22.28
N TYR B 458 -14.94 24.70 -21.24
CA TYR B 458 -14.13 25.88 -20.97
C TYR B 458 -12.99 25.50 -20.04
N LEU B 459 -12.35 26.50 -19.44
CA LEU B 459 -11.21 26.35 -18.53
C LEU B 459 -9.96 25.99 -19.31
N THR B 460 -10.11 25.73 -20.59
CA THR B 460 -8.99 25.57 -21.52
C THR B 460 -9.18 26.38 -22.79
N LEU B 461 -10.40 26.46 -23.32
CA LEU B 461 -10.63 27.19 -24.55
C LEU B 461 -10.61 28.69 -24.30
N TYR B 462 -11.00 29.13 -23.12
CA TYR B 462 -10.96 30.54 -22.75
C TYR B 462 -10.04 30.74 -21.56
N SER C 22 -49.39 -33.86 -24.36
CA SER C 22 -49.97 -32.54 -24.62
C SER C 22 -50.60 -31.96 -23.37
N TYR C 23 -51.27 -30.81 -23.54
CA TYR C 23 -51.89 -30.11 -22.43
C TYR C 23 -53.10 -29.35 -22.95
N THR C 24 -53.94 -28.89 -22.02
CA THR C 24 -55.08 -28.05 -22.36
C THR C 24 -55.22 -26.95 -21.32
N ARG C 25 -56.18 -26.06 -21.57
CA ARG C 25 -56.38 -24.91 -20.69
C ARG C 25 -56.67 -25.36 -19.25
N GLU C 26 -57.63 -26.28 -19.09
CA GLU C 26 -57.97 -26.75 -17.75
C GLU C 26 -56.81 -27.51 -17.12
N ASP C 27 -56.07 -28.28 -17.92
CA ASP C 27 -54.89 -28.94 -17.41
C ASP C 27 -53.87 -27.91 -16.92
N ILE C 28 -53.68 -26.83 -17.67
CA ILE C 28 -52.73 -25.79 -17.28
C ILE C 28 -53.15 -25.16 -15.97
N ILE C 29 -54.44 -24.83 -15.85
CA ILE C 29 -54.94 -24.20 -14.64
C ILE C 29 -54.79 -25.13 -13.45
N ARG C 30 -55.11 -26.41 -13.63
CA ARG C 30 -54.98 -27.39 -12.55
C ARG C 30 -53.53 -27.53 -12.12
N ILE C 31 -52.61 -27.62 -13.08
CA ILE C 31 -51.20 -27.77 -12.75
C ILE C 31 -50.69 -26.55 -12.01
N ALA C 32 -51.08 -25.35 -12.46
CA ALA C 32 -50.69 -24.13 -11.78
C ALA C 32 -51.22 -24.10 -10.36
N GLU C 33 -52.47 -24.54 -10.17
CA GLU C 33 -53.05 -24.53 -8.83
C GLU C 33 -52.35 -25.53 -7.91
N GLU C 34 -52.05 -26.73 -8.42
CA GLU C 34 -51.49 -27.77 -7.56
C GLU C 34 -50.01 -27.55 -7.30
N GLU C 35 -49.28 -27.04 -8.29
CA GLU C 35 -47.84 -26.92 -8.19
C GLU C 35 -47.44 -25.59 -7.54
N ASN C 36 -48.41 -24.75 -7.19
CA ASN C 36 -48.15 -23.44 -6.59
C ASN C 36 -47.28 -22.57 -7.51
N VAL C 37 -47.55 -22.64 -8.81
CA VAL C 37 -46.89 -21.75 -9.74
C VAL C 37 -47.36 -20.32 -9.50
N ARG C 38 -46.41 -19.41 -9.29
CA ARG C 38 -46.73 -18.02 -9.01
C ARG C 38 -46.23 -17.03 -10.05
N PHE C 39 -45.39 -17.47 -10.99
CA PHE C 39 -44.64 -16.57 -11.85
C PHE C 39 -44.57 -17.18 -13.24
N ILE C 40 -44.99 -16.42 -14.25
CA ILE C 40 -45.15 -16.95 -15.60
C ILE C 40 -44.29 -16.13 -16.55
N ARG C 41 -43.57 -16.81 -17.44
CA ARG C 41 -42.74 -16.17 -18.45
C ARG C 41 -43.37 -16.40 -19.82
N LEU C 42 -44.15 -15.43 -20.28
CA LEU C 42 -44.68 -15.43 -21.65
C LEU C 42 -43.50 -15.13 -22.56
N GLN C 43 -42.91 -16.19 -23.11
CA GLN C 43 -41.59 -16.10 -23.69
C GLN C 43 -41.59 -16.29 -25.20
N PHE C 44 -40.71 -15.56 -25.89
CA PHE C 44 -40.56 -15.66 -27.33
C PHE C 44 -39.16 -15.14 -27.71
N THR C 45 -38.95 -14.93 -29.01
CA THR C 45 -37.64 -14.55 -29.52
C THR C 45 -37.81 -13.48 -30.59
N ASP C 46 -36.76 -12.66 -30.76
CA ASP C 46 -36.69 -11.68 -31.82
C ASP C 46 -35.84 -12.21 -32.96
N LEU C 47 -35.59 -11.35 -33.96
CA LEU C 47 -34.72 -11.74 -35.05
C LEU C 47 -33.26 -11.82 -34.62
N LEU C 48 -32.87 -11.02 -33.64
CA LEU C 48 -31.51 -11.04 -33.13
C LEU C 48 -31.19 -12.32 -32.36
N GLY C 49 -32.21 -13.08 -31.96
CA GLY C 49 -32.02 -14.35 -31.29
C GLY C 49 -32.09 -14.30 -29.79
N THR C 50 -31.88 -13.14 -29.17
CA THR C 50 -31.89 -13.04 -27.72
C THR C 50 -33.28 -13.35 -27.18
N ILE C 51 -33.33 -14.03 -26.05
CA ILE C 51 -34.59 -14.47 -25.45
C ILE C 51 -35.34 -13.26 -24.92
N LYS C 52 -36.60 -13.11 -25.30
CA LYS C 52 -37.45 -12.03 -24.82
C LYS C 52 -38.67 -12.64 -24.13
N ASN C 53 -39.29 -11.88 -23.24
CA ASN C 53 -40.44 -12.42 -22.52
C ASN C 53 -41.21 -11.32 -21.81
N VAL C 54 -42.28 -11.75 -21.14
CA VAL C 54 -43.07 -10.91 -20.25
C VAL C 54 -43.31 -11.68 -18.96
N GLU C 55 -43.10 -11.03 -17.82
CA GLU C 55 -43.34 -11.67 -16.54
C GLU C 55 -44.74 -11.36 -16.04
N ILE C 56 -45.45 -12.41 -15.63
CA ILE C 56 -46.87 -12.27 -15.27
C ILE C 56 -47.14 -12.98 -13.94
N PRO C 57 -47.98 -12.40 -13.07
CA PRO C 57 -48.40 -13.14 -11.89
C PRO C 57 -49.42 -14.21 -12.25
N VAL C 58 -49.63 -15.15 -11.33
CA VAL C 58 -50.50 -16.28 -11.60
C VAL C 58 -51.95 -15.84 -11.80
N SER C 59 -52.38 -14.75 -11.17
CA SER C 59 -53.77 -14.32 -11.25
C SER C 59 -54.20 -13.90 -12.65
N GLN C 60 -53.26 -13.62 -13.55
CA GLN C 60 -53.58 -13.29 -14.93
C GLN C 60 -53.48 -14.49 -15.86
N LEU C 61 -53.18 -15.67 -15.32
CA LEU C 61 -52.90 -16.83 -16.16
C LEU C 61 -54.06 -17.15 -17.08
N GLU C 62 -55.29 -17.09 -16.57
CA GLU C 62 -56.45 -17.33 -17.41
C GLU C 62 -56.47 -16.37 -18.59
N LYS C 63 -56.23 -15.08 -18.34
CA LYS C 63 -56.17 -14.13 -19.43
C LYS C 63 -55.03 -14.45 -20.39
N ALA C 64 -53.92 -14.98 -19.85
CA ALA C 64 -52.84 -15.43 -20.70
C ALA C 64 -53.28 -16.57 -21.60
N LEU C 65 -54.10 -17.48 -21.07
CA LEU C 65 -54.56 -18.60 -21.86
C LEU C 65 -55.60 -18.19 -22.89
N ASP C 66 -56.12 -16.97 -22.79
CA ASP C 66 -57.14 -16.46 -23.69
C ASP C 66 -56.55 -15.87 -24.96
N ASN C 67 -55.22 -15.83 -25.08
CA ASN C 67 -54.53 -15.17 -26.19
C ASN C 67 -54.97 -13.71 -26.32
N LYS C 68 -54.80 -12.96 -25.23
CA LYS C 68 -55.24 -11.57 -25.17
C LYS C 68 -54.15 -10.62 -24.69
N MET C 69 -53.04 -11.14 -24.18
CA MET C 69 -51.96 -10.27 -23.70
C MET C 69 -51.35 -9.51 -24.87
N MET C 70 -51.08 -8.22 -24.65
CA MET C 70 -50.50 -7.36 -25.67
C MET C 70 -49.18 -6.80 -25.19
N PHE C 71 -48.31 -6.44 -26.15
CA PHE C 71 -47.05 -5.79 -25.86
C PHE C 71 -46.65 -4.97 -27.07
N ASP C 72 -45.42 -4.43 -27.04
CA ASP C 72 -44.97 -3.50 -28.06
C ASP C 72 -45.05 -4.10 -29.45
N GLY C 73 -44.55 -5.32 -29.62
CA GLY C 73 -44.50 -5.98 -30.91
C GLY C 73 -43.34 -5.55 -31.79
N SER C 74 -43.03 -4.25 -31.82
CA SER C 74 -41.91 -3.76 -32.60
C SER C 74 -40.56 -4.23 -32.07
N SER C 75 -40.53 -4.82 -30.87
CA SER C 75 -39.29 -5.37 -30.34
C SER C 75 -38.71 -6.43 -31.26
N ILE C 76 -39.55 -7.08 -32.09
CA ILE C 76 -39.05 -8.04 -33.06
C ILE C 76 -38.05 -7.38 -34.00
N GLU C 77 -38.31 -6.14 -34.40
CA GLU C 77 -37.38 -5.45 -35.29
C GLU C 77 -36.08 -5.07 -34.58
N GLY C 78 -36.01 -5.22 -33.26
CA GLY C 78 -34.78 -4.99 -32.54
C GLY C 78 -34.61 -3.57 -32.03
N TYR C 79 -33.37 -3.07 -32.07
CA TYR C 79 -33.06 -1.71 -31.63
C TYR C 79 -33.26 -0.68 -32.73
N VAL C 80 -33.68 -1.10 -33.92
CA VAL C 80 -33.93 -0.19 -35.04
C VAL C 80 -35.42 0.09 -35.22
N ARG C 81 -36.25 -0.25 -34.23
CA ARG C 81 -37.68 0.02 -34.32
C ARG C 81 -37.93 1.51 -34.38
N ILE C 82 -38.75 1.92 -35.34
CA ILE C 82 -39.03 3.32 -35.59
C ILE C 82 -40.49 3.68 -35.31
N GLU C 83 -41.41 2.77 -35.60
CA GLU C 83 -42.83 3.02 -35.38
C GLU C 83 -43.39 1.94 -34.46
N GLU C 84 -44.19 2.38 -33.49
CA GLU C 84 -44.69 1.47 -32.47
C GLU C 84 -45.91 0.71 -32.96
N SER C 85 -46.07 -0.51 -32.47
CA SER C 85 -47.21 -1.36 -32.77
C SER C 85 -47.85 -1.84 -31.48
N ASP C 86 -48.84 -2.71 -31.62
CA ASP C 86 -49.42 -3.45 -30.51
C ASP C 86 -49.62 -4.88 -30.99
N MET C 87 -48.99 -5.82 -30.31
CA MET C 87 -49.01 -7.18 -30.81
C MET C 87 -49.31 -8.14 -29.67
N TYR C 88 -50.10 -9.17 -29.97
CA TYR C 88 -50.61 -10.07 -28.94
C TYR C 88 -49.80 -11.34 -28.88
N LEU C 89 -49.69 -11.89 -27.68
CA LEU C 89 -48.96 -13.12 -27.41
C LEU C 89 -49.93 -14.29 -27.40
N TYR C 90 -49.68 -15.28 -28.26
CA TYR C 90 -50.52 -16.48 -28.31
C TYR C 90 -49.67 -17.65 -27.83
N PRO C 91 -49.87 -18.12 -26.60
CA PRO C 91 -49.03 -19.20 -26.08
C PRO C 91 -49.32 -20.53 -26.77
N ASP C 92 -48.31 -21.40 -26.77
CA ASP C 92 -48.46 -22.78 -27.23
C ASP C 92 -48.45 -23.68 -26.00
N LEU C 93 -49.63 -24.20 -25.64
CA LEU C 93 -49.79 -24.90 -24.38
C LEU C 93 -48.89 -26.13 -24.29
N ASP C 94 -48.58 -26.74 -25.43
CA ASP C 94 -47.74 -27.94 -25.43
C ASP C 94 -46.33 -27.67 -24.92
N THR C 95 -45.92 -26.41 -24.85
CA THR C 95 -44.59 -26.03 -24.39
C THR C 95 -44.57 -25.55 -22.95
N TRP C 96 -45.64 -25.74 -22.19
CA TRP C 96 -45.64 -25.39 -20.78
C TRP C 96 -44.59 -26.20 -20.04
N VAL C 97 -43.93 -25.56 -19.06
CA VAL C 97 -42.94 -26.23 -18.23
C VAL C 97 -42.69 -25.35 -17.02
N VAL C 98 -42.19 -25.97 -15.95
CA VAL C 98 -41.93 -25.28 -14.69
C VAL C 98 -40.46 -25.46 -14.32
N PHE C 99 -39.83 -24.36 -13.93
CA PHE C 99 -38.41 -24.37 -13.61
C PHE C 99 -38.18 -24.96 -12.22
N PRO C 100 -37.26 -25.91 -12.07
CA PRO C 100 -36.95 -26.45 -10.74
C PRO C 100 -35.79 -25.75 -10.03
N TRP C 101 -35.99 -24.54 -9.52
CA TRP C 101 -34.89 -23.85 -8.86
C TRP C 101 -34.89 -24.00 -7.34
N VAL C 102 -35.62 -24.99 -6.82
CA VAL C 102 -35.63 -25.34 -5.40
C VAL C 102 -35.83 -24.07 -4.56
N THR C 103 -37.00 -23.47 -4.68
CA THR C 103 -37.36 -22.31 -3.87
C THR C 103 -38.87 -22.20 -3.84
N SER C 104 -39.40 -21.45 -2.88
CA SER C 104 -40.83 -21.16 -2.86
C SER C 104 -41.16 -20.21 -4.00
N ASP C 105 -42.45 -20.02 -4.26
CA ASP C 105 -42.91 -19.14 -5.33
C ASP C 105 -42.35 -19.59 -6.68
N ARG C 106 -42.75 -20.78 -7.13
CA ARG C 106 -42.19 -21.36 -8.34
C ARG C 106 -42.56 -20.55 -9.57
N VAL C 107 -41.73 -20.67 -10.61
CA VAL C 107 -41.85 -19.91 -11.84
C VAL C 107 -42.16 -20.88 -12.98
N ALA C 108 -42.97 -20.43 -13.94
CA ALA C 108 -43.41 -21.27 -15.05
C ALA C 108 -43.09 -20.60 -16.37
N ARG C 109 -42.95 -21.41 -17.40
CA ARG C 109 -42.54 -20.94 -18.72
C ARG C 109 -43.61 -21.30 -19.74
N LEU C 110 -43.92 -20.35 -20.62
CA LEU C 110 -44.74 -20.61 -21.79
C LEU C 110 -44.07 -20.00 -23.00
N ILE C 111 -44.02 -20.75 -24.09
CA ILE C 111 -43.45 -20.27 -25.34
C ILE C 111 -44.59 -19.81 -26.24
N CYS C 112 -44.48 -18.59 -26.75
CA CYS C 112 -45.58 -17.92 -27.41
C CYS C 112 -45.21 -17.56 -28.83
N ASP C 113 -46.21 -17.47 -29.69
CA ASP C 113 -46.09 -16.84 -30.99
C ASP C 113 -46.64 -15.43 -30.90
N ILE C 114 -46.31 -14.62 -31.91
CA ILE C 114 -46.71 -13.22 -31.95
C ILE C 114 -47.75 -13.05 -33.04
N TYR C 115 -48.83 -12.34 -32.73
CA TYR C 115 -49.91 -12.14 -33.67
C TYR C 115 -50.25 -10.67 -33.77
N LYS C 116 -50.67 -10.25 -34.97
CA LYS C 116 -51.10 -8.88 -35.18
C LYS C 116 -52.43 -8.65 -34.47
N PRO C 117 -52.79 -7.38 -34.22
CA PRO C 117 -54.09 -7.10 -33.60
C PRO C 117 -55.26 -7.57 -34.43
N ASP C 118 -55.13 -7.66 -35.75
CA ASP C 118 -56.24 -8.13 -36.57
C ASP C 118 -56.34 -9.65 -36.65
N GLY C 119 -55.41 -10.37 -36.02
CA GLY C 119 -55.45 -11.81 -35.94
C GLY C 119 -54.47 -12.53 -36.84
N SER C 120 -53.94 -11.85 -37.85
CA SER C 120 -53.01 -12.50 -38.76
C SER C 120 -51.64 -12.66 -38.10
N PRO C 121 -50.87 -13.67 -38.52
CA PRO C 121 -49.53 -13.84 -37.95
C PRO C 121 -48.61 -12.70 -38.34
N PHE C 122 -47.66 -12.40 -37.46
CA PHE C 122 -46.64 -11.41 -37.77
C PHE C 122 -45.59 -12.04 -38.67
N ALA C 123 -45.28 -11.35 -39.78
CA ALA C 123 -44.36 -11.90 -40.76
C ALA C 123 -42.95 -12.07 -40.22
N GLY C 124 -42.51 -11.21 -39.31
CA GLY C 124 -41.12 -11.17 -38.89
C GLY C 124 -40.75 -12.05 -37.72
N ASP C 125 -41.62 -12.94 -37.27
CA ASP C 125 -41.31 -13.77 -36.12
C ASP C 125 -40.54 -15.01 -36.56
N PRO C 126 -39.35 -15.27 -36.01
CA PRO C 126 -38.57 -16.43 -36.46
C PRO C 126 -39.32 -17.75 -36.33
N ARG C 127 -40.05 -17.93 -35.23
CA ARG C 127 -40.87 -19.13 -35.08
C ARG C 127 -41.93 -19.21 -36.17
N GLY C 128 -42.55 -18.08 -36.49
CA GLY C 128 -43.48 -18.05 -37.60
C GLY C 128 -42.82 -18.41 -38.92
N ILE C 129 -41.58 -17.96 -39.11
CA ILE C 129 -40.85 -18.28 -40.33
C ILE C 129 -40.62 -19.79 -40.41
N LEU C 130 -40.17 -20.39 -39.31
CA LEU C 130 -39.90 -21.82 -39.32
C LEU C 130 -41.17 -22.61 -39.54
N LYS C 131 -42.27 -22.20 -38.91
CA LYS C 131 -43.52 -22.92 -39.10
C LYS C 131 -44.05 -22.77 -40.52
N ARG C 132 -43.86 -21.60 -41.13
CA ARG C 132 -44.24 -21.44 -42.53
C ARG C 132 -43.42 -22.35 -43.44
N VAL C 133 -42.12 -22.45 -43.17
CA VAL C 133 -41.28 -23.33 -43.99
C VAL C 133 -41.65 -24.79 -43.76
N LEU C 134 -42.00 -25.15 -42.54
CA LEU C 134 -42.50 -26.51 -42.29
C LEU C 134 -43.83 -26.75 -43.00
N LYS C 135 -44.69 -25.74 -43.07
CA LYS C 135 -45.94 -25.88 -43.81
C LYS C 135 -45.68 -26.11 -45.29
N GLU C 136 -44.76 -25.36 -45.88
CA GLU C 136 -44.45 -25.56 -47.29
C GLU C 136 -43.69 -26.87 -47.51
N ALA C 137 -43.04 -27.41 -46.47
CA ALA C 137 -42.48 -28.75 -46.58
C ALA C 137 -43.57 -29.81 -46.54
N GLU C 138 -44.56 -29.63 -45.66
CA GLU C 138 -45.67 -30.56 -45.59
C GLU C 138 -46.47 -30.59 -46.88
N GLU C 139 -46.66 -29.42 -47.50
CA GLU C 139 -47.33 -29.37 -48.79
C GLU C 139 -46.58 -30.17 -49.85
N LEU C 140 -45.29 -30.41 -49.65
CA LEU C 140 -44.50 -31.24 -50.56
C LEU C 140 -44.59 -32.72 -50.20
N GLY C 141 -45.30 -33.08 -49.15
CA GLY C 141 -45.51 -34.48 -48.80
C GLY C 141 -44.66 -35.01 -47.67
N TYR C 142 -43.70 -34.25 -47.17
CA TYR C 142 -42.85 -34.67 -46.06
C TYR C 142 -43.48 -34.13 -44.77
N THR C 143 -43.73 -35.03 -43.82
CA THR C 143 -44.51 -34.66 -42.65
C THR C 143 -43.73 -33.79 -41.68
N SER C 144 -42.45 -34.09 -41.43
CA SER C 144 -41.73 -33.35 -40.42
C SER C 144 -40.23 -33.38 -40.71
N MET C 145 -39.49 -32.63 -39.88
CA MET C 145 -38.04 -32.53 -40.00
C MET C 145 -37.43 -32.88 -38.64
N ASN C 146 -36.79 -34.03 -38.55
CA ASN C 146 -36.10 -34.44 -37.33
C ASN C 146 -34.78 -33.70 -37.26
N VAL C 147 -34.59 -32.94 -36.18
CA VAL C 147 -33.44 -32.06 -36.01
C VAL C 147 -32.82 -32.31 -34.65
N GLY C 148 -31.52 -32.58 -34.63
CA GLY C 148 -30.79 -32.72 -33.39
C GLY C 148 -29.53 -31.89 -33.41
N PRO C 149 -29.44 -30.91 -32.52
CA PRO C 149 -28.27 -30.04 -32.46
C PRO C 149 -27.18 -30.61 -31.56
N GLU C 150 -25.97 -30.09 -31.75
CA GLU C 150 -24.84 -30.39 -30.87
C GLU C 150 -24.13 -29.10 -30.48
N PRO C 151 -24.76 -28.28 -29.64
CA PRO C 151 -24.16 -26.99 -29.28
C PRO C 151 -23.05 -27.15 -28.25
N GLU C 152 -22.18 -26.15 -28.19
CA GLU C 152 -21.07 -26.06 -27.25
C GLU C 152 -21.06 -24.66 -26.65
N PHE C 153 -20.61 -24.56 -25.40
CA PHE C 153 -20.57 -23.29 -24.70
C PHE C 153 -19.29 -23.20 -23.89
N PHE C 154 -18.93 -21.99 -23.51
CA PHE C 154 -17.70 -21.74 -22.77
C PHE C 154 -18.03 -21.28 -21.35
N LEU C 155 -17.20 -21.72 -20.41
CA LEU C 155 -17.27 -21.29 -19.02
C LEU C 155 -16.03 -20.47 -18.71
N PHE C 156 -16.25 -19.24 -18.25
CA PHE C 156 -15.17 -18.36 -17.84
C PHE C 156 -15.38 -17.97 -16.37
N LYS C 157 -14.28 -17.97 -15.62
CA LYS C 157 -14.35 -17.51 -14.25
C LYS C 157 -14.66 -16.01 -14.21
N THR C 158 -15.53 -15.63 -13.28
CA THR C 158 -15.96 -14.25 -13.14
C THR C 158 -15.06 -13.53 -12.15
N ASP C 159 -15.16 -12.21 -12.15
CA ASP C 159 -14.43 -11.37 -11.21
C ASP C 159 -15.34 -11.00 -10.04
N GLU C 160 -14.88 -10.07 -9.20
CA GLU C 160 -15.67 -9.66 -8.05
C GLU C 160 -16.93 -8.91 -8.46
N LYS C 161 -16.88 -8.16 -9.55
CA LYS C 161 -18.00 -7.36 -9.99
C LYS C 161 -19.01 -8.13 -10.83
N GLY C 162 -18.76 -9.41 -11.10
CA GLY C 162 -19.68 -10.21 -11.88
C GLY C 162 -19.44 -10.19 -13.37
N ASP C 163 -18.25 -9.83 -13.82
CA ASP C 163 -18.00 -9.85 -15.26
C ASP C 163 -17.09 -11.01 -15.63
N PRO C 164 -17.19 -11.52 -16.86
CA PRO C 164 -16.32 -12.64 -17.25
C PRO C 164 -14.88 -12.17 -17.47
N THR C 165 -13.95 -12.96 -16.97
CA THR C 165 -12.53 -12.73 -17.19
C THR C 165 -12.08 -13.55 -18.40
N THR C 166 -10.77 -13.62 -18.61
CA THR C 166 -10.23 -14.29 -19.79
C THR C 166 -9.79 -15.72 -19.50
N GLU C 167 -9.65 -16.10 -18.24
CA GLU C 167 -9.13 -17.42 -17.89
C GLU C 167 -10.28 -18.42 -17.77
N LEU C 168 -10.06 -19.60 -18.33
CA LEU C 168 -11.10 -20.62 -18.39
C LEU C 168 -11.24 -21.31 -17.04
N ASN C 169 -12.29 -22.12 -16.90
CA ASN C 169 -12.51 -22.85 -15.65
C ASN C 169 -11.59 -24.06 -15.52
N ASP C 170 -11.30 -24.76 -16.61
CA ASP C 170 -10.47 -25.96 -16.53
C ASP C 170 -9.50 -25.96 -17.70
N GLN C 171 -8.62 -26.96 -17.72
CA GLN C 171 -7.57 -27.06 -18.72
C GLN C 171 -7.49 -28.47 -19.28
N GLY C 172 -8.61 -29.17 -19.33
CA GLY C 172 -8.62 -30.51 -19.88
C GLY C 172 -8.61 -30.52 -21.40
N GLY C 173 -8.31 -31.69 -21.95
CA GLY C 173 -8.28 -31.87 -23.39
C GLY C 173 -9.61 -32.34 -23.95
N TYR C 174 -9.59 -32.95 -25.14
CA TYR C 174 -10.81 -33.36 -25.81
C TYR C 174 -11.39 -34.60 -25.15
N PHE C 175 -12.70 -34.59 -24.92
CA PHE C 175 -13.40 -35.69 -24.23
C PHE C 175 -12.76 -36.03 -22.90
N ASP C 176 -12.59 -35.05 -22.03
CA ASP C 176 -11.89 -35.27 -20.77
C ASP C 176 -12.86 -35.44 -19.61
N LEU C 177 -12.29 -35.71 -18.45
CA LEU C 177 -12.99 -35.76 -17.17
C LEU C 177 -12.46 -34.70 -16.22
N ALA C 178 -11.94 -33.60 -16.79
CA ALA C 178 -11.35 -32.54 -15.96
C ALA C 178 -12.34 -31.97 -14.94
N PRO C 179 -13.57 -31.63 -15.32
CA PRO C 179 -14.47 -31.14 -14.24
C PRO C 179 -15.07 -32.31 -13.47
N MET C 180 -14.33 -32.80 -12.49
CA MET C 180 -14.74 -33.92 -11.68
C MET C 180 -15.35 -33.43 -10.37
N ASP C 181 -15.74 -34.38 -9.52
CA ASP C 181 -16.19 -34.13 -8.15
C ASP C 181 -17.52 -33.39 -8.11
N LEU C 182 -17.60 -32.36 -7.24
CA LEU C 182 -18.82 -31.59 -7.08
C LEU C 182 -18.52 -30.10 -7.09
N GLY C 183 -17.27 -29.73 -6.78
CA GLY C 183 -16.89 -28.33 -6.73
C GLY C 183 -16.97 -27.65 -8.08
N GLU C 184 -17.99 -26.80 -8.27
CA GLU C 184 -18.21 -26.09 -9.51
C GLU C 184 -18.30 -27.05 -10.70
N ASN C 185 -18.92 -28.20 -10.46
CA ASN C 185 -19.12 -29.21 -11.51
C ASN C 185 -20.44 -28.95 -12.22
N CYS C 186 -20.35 -28.07 -13.22
CA CYS C 186 -21.56 -27.53 -13.85
C CYS C 186 -22.19 -28.53 -14.80
N ARG C 187 -21.36 -29.38 -15.43
CA ARG C 187 -21.88 -30.30 -16.48
C ARG C 187 -22.94 -31.26 -15.91
N ARG C 188 -22.69 -31.87 -14.75
CA ARG C 188 -23.65 -32.78 -14.16
C ARG C 188 -24.93 -32.04 -13.79
N GLU C 189 -24.79 -30.87 -13.18
CA GLU C 189 -25.96 -30.15 -12.69
C GLU C 189 -26.84 -29.70 -13.84
N ILE C 190 -26.23 -29.21 -14.92
CA ILE C 190 -27.02 -28.77 -16.07
C ILE C 190 -27.72 -29.94 -16.72
N VAL C 191 -27.01 -31.08 -16.86
CA VAL C 191 -27.65 -32.25 -17.46
C VAL C 191 -28.83 -32.70 -16.63
N LEU C 192 -28.68 -32.71 -15.31
CA LEU C 192 -29.75 -33.19 -14.44
C LEU C 192 -30.96 -32.26 -14.47
N LYS C 193 -30.72 -30.95 -14.42
CA LYS C 193 -31.85 -30.01 -14.50
C LYS C 193 -32.56 -30.12 -15.85
N LEU C 194 -31.81 -30.25 -16.93
CA LEU C 194 -32.43 -30.40 -18.24
C LEU C 194 -33.23 -31.70 -18.31
N GLU C 195 -32.71 -32.78 -17.72
CA GLU C 195 -33.47 -34.03 -17.68
C GLU C 195 -34.75 -33.87 -16.88
N GLU C 196 -34.69 -33.14 -15.77
CA GLU C 196 -35.91 -32.86 -15.00
C GLU C 196 -36.87 -31.99 -15.80
N MET C 197 -36.37 -31.25 -16.80
CA MET C 197 -37.28 -30.66 -17.76
C MET C 197 -37.90 -31.71 -18.68
N GLY C 198 -37.29 -32.89 -18.74
CA GLY C 198 -37.71 -33.89 -19.70
C GLY C 198 -36.86 -33.84 -20.95
N PHE C 199 -35.78 -33.06 -20.92
CA PHE C 199 -34.91 -32.95 -22.06
C PHE C 199 -34.29 -34.30 -22.38
N GLU C 200 -34.22 -34.62 -23.66
CA GLU C 200 -33.69 -35.90 -24.13
C GLU C 200 -32.21 -35.67 -24.44
N ILE C 201 -31.37 -35.92 -23.43
CA ILE C 201 -29.95 -35.63 -23.52
C ILE C 201 -29.22 -36.89 -23.97
N GLU C 202 -28.68 -36.85 -25.18
CA GLU C 202 -27.97 -37.99 -25.73
C GLU C 202 -26.58 -38.14 -25.11
N ALA C 203 -25.91 -37.02 -24.84
CA ALA C 203 -24.56 -37.05 -24.29
C ALA C 203 -24.18 -35.66 -23.81
N SER C 204 -23.09 -35.61 -23.05
CA SER C 204 -22.53 -34.36 -22.55
C SER C 204 -21.08 -34.59 -22.18
N HIS C 205 -20.19 -33.74 -22.71
CA HIS C 205 -18.78 -34.04 -22.61
C HIS C 205 -17.96 -32.75 -22.75
N HIS C 206 -16.67 -32.89 -22.48
CA HIS C 206 -15.73 -31.78 -22.61
C HIS C 206 -15.23 -31.68 -24.04
N GLU C 207 -15.15 -30.46 -24.55
CA GLU C 207 -14.84 -30.26 -25.95
C GLU C 207 -13.36 -29.90 -26.12
N VAL C 208 -12.97 -29.57 -27.36
CA VAL C 208 -11.57 -29.53 -27.74
C VAL C 208 -10.80 -28.49 -26.92
N ALA C 209 -11.31 -27.30 -26.86
CA ALA C 209 -10.56 -26.29 -26.14
C ALA C 209 -10.78 -26.47 -24.64
N PRO C 210 -9.89 -25.93 -23.82
CA PRO C 210 -10.18 -25.86 -22.38
C PRO C 210 -11.44 -25.04 -22.12
N GLY C 211 -12.27 -25.51 -21.20
CA GLY C 211 -13.44 -24.77 -20.81
C GLY C 211 -14.60 -24.81 -21.79
N GLN C 212 -14.58 -25.71 -22.76
CA GLN C 212 -15.65 -25.80 -23.74
C GLN C 212 -16.45 -27.07 -23.53
N HIS C 213 -17.76 -26.92 -23.35
CA HIS C 213 -18.65 -28.00 -22.95
C HIS C 213 -19.71 -28.19 -24.02
N GLU C 214 -19.85 -29.43 -24.51
CA GLU C 214 -20.82 -29.73 -25.56
C GLU C 214 -21.98 -30.52 -24.97
N ILE C 215 -23.20 -30.17 -25.36
CA ILE C 215 -24.39 -30.90 -24.92
C ILE C 215 -25.09 -31.45 -26.16
N ASP C 216 -25.24 -32.77 -26.22
CA ASP C 216 -25.86 -33.43 -27.34
C ASP C 216 -27.34 -33.68 -27.04
N PHE C 217 -28.21 -33.26 -27.95
CA PHE C 217 -29.63 -33.49 -27.78
C PHE C 217 -30.08 -34.71 -28.57
N LYS C 218 -31.08 -35.40 -28.03
CA LYS C 218 -31.75 -36.42 -28.82
C LYS C 218 -32.69 -35.77 -29.82
N TYR C 219 -33.00 -36.51 -30.87
CA TYR C 219 -33.65 -35.94 -32.03
C TYR C 219 -35.12 -35.66 -31.76
N ALA C 220 -35.61 -34.56 -32.30
CA ALA C 220 -36.97 -34.09 -32.02
C ALA C 220 -37.46 -33.29 -33.21
N ASP C 221 -38.74 -32.91 -33.16
CA ASP C 221 -39.32 -32.15 -34.25
C ASP C 221 -38.74 -30.74 -34.29
N ALA C 222 -38.85 -30.13 -35.47
CA ALA C 222 -38.10 -28.90 -35.74
C ALA C 222 -38.43 -27.79 -34.76
N VAL C 223 -39.71 -27.48 -34.59
CA VAL C 223 -40.10 -26.38 -33.70
C VAL C 223 -39.73 -26.71 -32.27
N LYS C 224 -40.02 -27.94 -31.83
CA LYS C 224 -39.65 -28.35 -30.49
C LYS C 224 -38.14 -28.40 -30.32
N ALA C 225 -37.41 -28.76 -31.38
CA ALA C 225 -35.96 -28.75 -31.30
C ALA C 225 -35.41 -27.34 -31.10
N ALA C 226 -35.94 -26.38 -31.86
CA ALA C 226 -35.49 -25.00 -31.68
C ALA C 226 -35.84 -24.47 -30.30
N ASP C 227 -37.05 -24.78 -29.81
CA ASP C 227 -37.40 -24.39 -28.45
C ASP C 227 -36.47 -25.05 -27.45
N GLN C 228 -36.08 -26.30 -27.70
CA GLN C 228 -35.13 -26.98 -26.85
C GLN C 228 -33.79 -26.24 -26.83
N ILE C 229 -33.32 -25.79 -27.99
CA ILE C 229 -32.06 -25.07 -28.06
C ILE C 229 -32.14 -23.79 -27.25
N GLN C 230 -33.24 -23.04 -27.42
CA GLN C 230 -33.35 -21.76 -26.73
C GLN C 230 -33.41 -21.94 -25.22
N THR C 231 -34.28 -22.84 -24.76
CA THR C 231 -34.39 -23.09 -23.33
C THR C 231 -33.10 -23.69 -22.79
N PHE C 232 -32.39 -24.44 -23.64
CA PHE C 232 -31.09 -24.98 -23.28
C PHE C 232 -30.09 -23.86 -22.99
N LYS C 233 -30.05 -22.86 -23.88
CA LYS C 233 -29.17 -21.72 -23.66
C LYS C 233 -29.52 -21.01 -22.35
N LEU C 234 -30.82 -20.77 -22.14
CA LEU C 234 -31.25 -20.08 -20.92
C LEU C 234 -30.86 -20.89 -19.68
N VAL C 235 -31.08 -22.20 -19.73
CA VAL C 235 -30.79 -23.05 -18.58
C VAL C 235 -29.30 -23.05 -18.27
N VAL C 236 -28.47 -23.21 -19.30
CA VAL C 236 -27.03 -23.27 -19.08
C VAL C 236 -26.51 -21.96 -18.53
N LYS C 237 -26.95 -20.84 -19.12
CA LYS C 237 -26.50 -19.55 -18.61
C LYS C 237 -26.96 -19.33 -17.17
N THR C 238 -28.21 -19.66 -16.85
CA THR C 238 -28.72 -19.50 -15.50
C THR C 238 -27.89 -20.30 -14.50
N ILE C 239 -27.64 -21.57 -14.81
CA ILE C 239 -26.89 -22.43 -13.90
C ILE C 239 -25.46 -21.93 -13.75
N ALA C 240 -24.86 -21.42 -14.84
CA ALA C 240 -23.53 -20.85 -14.73
C ALA C 240 -23.52 -19.65 -13.80
N ARG C 241 -24.55 -18.80 -13.88
CA ARG C 241 -24.64 -17.69 -12.93
C ARG C 241 -24.71 -18.21 -11.50
N GLN C 242 -25.47 -19.28 -11.29
CA GLN C 242 -25.59 -19.84 -9.95
C GLN C 242 -24.26 -20.36 -9.42
N HIS C 243 -23.39 -20.86 -10.28
CA HIS C 243 -22.11 -21.43 -9.88
C HIS C 243 -20.99 -20.40 -9.86
N GLY C 244 -21.32 -19.13 -10.06
CA GLY C 244 -20.30 -18.09 -10.14
C GLY C 244 -19.43 -18.20 -11.37
N LEU C 245 -20.00 -18.60 -12.50
CA LEU C 245 -19.30 -18.70 -13.77
C LEU C 245 -20.07 -17.93 -14.82
N HIS C 246 -19.40 -17.64 -15.93
CA HIS C 246 -20.04 -16.97 -17.05
C HIS C 246 -20.07 -17.93 -18.23
N ALA C 247 -21.27 -18.16 -18.76
CA ALA C 247 -21.46 -19.06 -19.89
C ALA C 247 -21.68 -18.26 -21.16
N THR C 248 -20.87 -18.54 -22.18
CA THR C 248 -20.90 -17.78 -23.42
C THR C 248 -21.03 -18.72 -24.61
N PHE C 249 -21.73 -18.27 -25.65
CA PHE C 249 -21.76 -18.97 -26.93
C PHE C 249 -21.01 -18.20 -28.02
N MET C 250 -20.18 -17.25 -27.63
CA MET C 250 -19.51 -16.43 -28.63
C MET C 250 -18.68 -17.34 -29.54
N PRO C 251 -18.90 -17.27 -30.85
CA PRO C 251 -18.40 -18.35 -31.74
C PRO C 251 -16.89 -18.51 -31.71
N LYS C 252 -16.14 -17.48 -31.33
CA LYS C 252 -14.68 -17.57 -31.20
C LYS C 252 -14.25 -16.61 -30.10
N PRO C 253 -14.35 -17.06 -28.84
CA PRO C 253 -14.07 -16.13 -27.74
C PRO C 253 -12.63 -15.71 -27.65
N LEU C 254 -11.69 -16.60 -27.91
CA LEU C 254 -10.28 -16.29 -27.74
C LEU C 254 -9.51 -16.72 -28.97
N PHE C 255 -8.52 -15.92 -29.36
CA PHE C 255 -7.66 -16.27 -30.47
C PHE C 255 -6.75 -17.43 -30.08
N GLY C 256 -6.51 -18.33 -31.02
CA GLY C 256 -5.64 -19.46 -30.78
C GLY C 256 -6.30 -20.69 -30.22
N VAL C 257 -7.59 -20.62 -29.89
CA VAL C 257 -8.34 -21.78 -29.42
C VAL C 257 -9.52 -22.00 -30.34
N ASN C 258 -9.98 -23.24 -30.42
CA ASN C 258 -11.11 -23.55 -31.27
C ASN C 258 -12.37 -22.89 -30.74
N GLY C 259 -13.26 -22.54 -31.66
CA GLY C 259 -14.49 -21.87 -31.31
C GLY C 259 -15.61 -22.84 -30.99
N SER C 260 -16.83 -22.35 -31.15
CA SER C 260 -18.03 -23.13 -30.84
C SER C 260 -18.67 -23.62 -32.13
N GLY C 261 -18.95 -24.92 -32.19
CA GLY C 261 -19.67 -25.51 -33.28
C GLY C 261 -21.05 -25.95 -32.84
N MET C 262 -22.00 -25.84 -33.77
CA MET C 262 -23.40 -26.15 -33.50
C MET C 262 -23.94 -27.01 -34.64
N HIS C 263 -23.23 -28.11 -34.91
CA HIS C 263 -23.65 -29.04 -35.94
C HIS C 263 -25.10 -29.45 -35.72
N CYS C 264 -25.88 -29.38 -36.79
CA CYS C 264 -27.27 -29.83 -36.76
C CYS C 264 -27.39 -31.09 -37.62
N ASN C 265 -27.91 -32.16 -37.03
CA ASN C 265 -28.24 -33.35 -37.79
C ASN C 265 -29.72 -33.31 -38.14
N GLN C 266 -30.02 -33.31 -39.44
CA GLN C 266 -31.38 -33.16 -39.92
C GLN C 266 -31.73 -34.31 -40.84
N SER C 267 -33.02 -34.67 -40.83
CA SER C 267 -33.52 -35.73 -41.70
C SER C 267 -35.01 -35.53 -41.92
N LEU C 268 -35.48 -35.75 -43.14
CA LEU C 268 -36.88 -35.59 -43.43
C LEU C 268 -37.66 -36.84 -43.03
N PHE C 269 -38.84 -36.63 -42.46
CA PHE C 269 -39.72 -37.71 -42.03
C PHE C 269 -41.05 -37.60 -42.76
N LYS C 270 -41.51 -38.74 -43.28
CA LYS C 270 -42.78 -38.83 -44.00
C LYS C 270 -43.54 -40.04 -43.44
N ASP C 271 -44.41 -39.78 -42.46
CA ASP C 271 -45.28 -40.79 -41.86
C ASP C 271 -44.46 -41.93 -41.27
N ASN C 272 -43.63 -41.56 -40.29
CA ASN C 272 -42.77 -42.50 -39.58
C ASN C 272 -41.85 -43.26 -40.55
N GLU C 273 -41.53 -42.63 -41.68
CA GLU C 273 -40.64 -43.21 -42.67
C GLU C 273 -39.53 -42.21 -42.97
N ASN C 274 -38.29 -42.64 -42.80
CA ASN C 274 -37.13 -41.80 -43.11
C ASN C 274 -36.87 -41.87 -44.61
N VAL C 275 -37.27 -40.82 -45.34
CA VAL C 275 -37.14 -40.81 -46.79
C VAL C 275 -35.70 -40.89 -47.26
N PHE C 276 -34.75 -40.46 -46.43
CA PHE C 276 -33.34 -40.48 -46.80
C PHE C 276 -32.78 -41.89 -46.97
N TYR C 277 -33.27 -42.85 -46.20
CA TYR C 277 -32.70 -44.19 -46.19
C TYR C 277 -33.06 -44.94 -47.46
N ASP C 278 -32.08 -45.69 -47.98
CA ASP C 278 -32.30 -46.53 -49.15
C ASP C 278 -31.21 -47.61 -49.16
N GLU C 279 -31.62 -48.86 -48.93
CA GLU C 279 -30.63 -49.95 -48.91
C GLU C 279 -30.03 -50.19 -50.29
N THR C 280 -30.67 -49.69 -51.35
CA THR C 280 -30.13 -49.87 -52.69
C THR C 280 -28.97 -48.93 -52.99
N ASP C 281 -28.84 -47.84 -52.24
CA ASP C 281 -27.76 -46.89 -52.48
C ASP C 281 -26.43 -47.43 -51.99
N GLU C 282 -25.36 -47.04 -52.67
CA GLU C 282 -24.03 -47.46 -52.26
C GLU C 282 -23.67 -46.93 -50.86
N LEU C 283 -24.00 -45.66 -50.59
CA LEU C 283 -23.78 -45.06 -49.30
C LEU C 283 -25.03 -45.08 -48.43
N GLY C 284 -26.12 -45.67 -48.91
CA GLY C 284 -27.37 -45.67 -48.18
C GLY C 284 -28.03 -44.31 -48.10
N LEU C 285 -28.00 -43.55 -49.18
CA LEU C 285 -28.70 -42.27 -49.28
C LEU C 285 -29.62 -42.30 -50.48
N SER C 286 -30.90 -42.02 -50.24
CA SER C 286 -31.87 -42.01 -51.32
C SER C 286 -31.64 -40.81 -52.23
N GLN C 287 -32.29 -40.85 -53.41
CA GLN C 287 -32.15 -39.75 -54.36
C GLN C 287 -32.66 -38.45 -53.77
N THR C 288 -33.70 -38.51 -52.94
CA THR C 288 -34.18 -37.33 -52.26
C THR C 288 -33.11 -36.77 -51.32
N ALA C 289 -32.38 -37.65 -50.64
CA ALA C 289 -31.28 -37.19 -49.80
C ALA C 289 -30.22 -36.47 -50.62
N ARG C 290 -29.86 -37.03 -51.78
CA ARG C 290 -28.83 -36.41 -52.61
C ARG C 290 -29.30 -35.06 -53.15
N HIS C 291 -30.58 -34.96 -53.51
CA HIS C 291 -31.12 -33.66 -53.92
C HIS C 291 -31.05 -32.66 -52.77
N TYR C 292 -31.35 -33.12 -51.55
CA TYR C 292 -31.18 -32.28 -50.37
C TYR C 292 -29.74 -31.79 -50.25
N MET C 293 -28.79 -32.69 -50.43
CA MET C 293 -27.38 -32.31 -50.33
C MET C 293 -27.03 -31.25 -51.35
N ALA C 294 -27.44 -31.47 -52.61
CA ALA C 294 -27.11 -30.50 -53.65
C ALA C 294 -27.76 -29.15 -53.37
N GLY C 295 -29.00 -29.16 -52.90
CA GLY C 295 -29.69 -27.90 -52.62
C GLY C 295 -29.04 -27.13 -51.48
N ILE C 296 -28.60 -27.82 -50.44
CA ILE C 296 -27.93 -27.14 -49.35
C ILE C 296 -26.56 -26.64 -49.79
N LEU C 297 -25.86 -27.42 -50.61
CA LEU C 297 -24.53 -27.02 -51.08
C LEU C 297 -24.61 -25.77 -51.94
N LYS C 298 -25.56 -25.72 -52.87
CA LYS C 298 -25.60 -24.61 -53.82
C LYS C 298 -25.86 -23.28 -53.13
N HIS C 299 -26.76 -23.26 -52.15
CA HIS C 299 -27.13 -22.02 -51.48
C HIS C 299 -26.38 -21.82 -50.16
N ALA C 300 -25.22 -22.49 -50.00
CA ALA C 300 -24.48 -22.40 -48.74
C ALA C 300 -24.01 -20.98 -48.47
N ARG C 301 -23.33 -20.38 -49.45
CA ARG C 301 -22.82 -19.02 -49.28
C ARG C 301 -23.95 -18.05 -48.98
N ALA C 302 -25.13 -18.27 -49.57
CA ALA C 302 -26.26 -17.39 -49.31
C ALA C 302 -26.75 -17.55 -47.88
N MET C 303 -26.90 -18.80 -47.41
CA MET C 303 -27.45 -19.02 -46.08
C MET C 303 -26.46 -18.72 -44.97
N ALA C 304 -25.18 -18.56 -45.29
CA ALA C 304 -24.19 -18.28 -44.25
C ALA C 304 -24.49 -16.98 -43.51
N ALA C 305 -25.07 -16.00 -44.20
CA ALA C 305 -25.34 -14.71 -43.58
C ALA C 305 -26.33 -14.81 -42.43
N ILE C 306 -27.19 -15.83 -42.44
CA ILE C 306 -28.14 -16.05 -41.35
C ILE C 306 -27.63 -17.10 -40.38
N THR C 307 -27.03 -18.17 -40.92
CA THR C 307 -26.54 -19.24 -40.04
C THR C 307 -25.20 -18.92 -39.43
N ASN C 308 -24.52 -17.87 -39.88
CA ASN C 308 -23.33 -17.33 -39.24
C ASN C 308 -23.52 -15.83 -39.10
N PRO C 309 -24.33 -15.38 -38.15
CA PRO C 309 -24.81 -14.01 -38.18
C PRO C 309 -23.83 -12.97 -37.65
N THR C 310 -23.01 -13.34 -36.68
CA THR C 310 -22.15 -12.38 -36.01
C THR C 310 -20.94 -12.06 -36.90
N VAL C 311 -20.30 -10.92 -36.59
CA VAL C 311 -19.02 -10.61 -37.19
C VAL C 311 -17.96 -11.57 -36.67
N ASN C 312 -18.05 -11.92 -35.39
CA ASN C 312 -17.07 -12.83 -34.79
C ASN C 312 -17.11 -14.22 -35.40
N SER C 313 -18.27 -14.64 -35.93
CA SER C 313 -18.39 -16.01 -36.41
C SER C 313 -17.42 -16.30 -37.53
N TYR C 314 -17.22 -15.34 -38.43
CA TYR C 314 -16.31 -15.53 -39.54
C TYR C 314 -14.85 -15.46 -39.12
N LYS C 315 -14.57 -15.08 -37.87
CA LYS C 315 -13.25 -15.30 -37.31
C LYS C 315 -13.01 -16.76 -36.99
N ARG C 316 -14.07 -17.52 -36.71
CA ARG C 316 -13.94 -18.94 -36.44
C ARG C 316 -13.67 -19.74 -37.70
N LEU C 317 -14.23 -19.29 -38.83
CA LEU C 317 -14.02 -19.98 -40.11
C LEU C 317 -12.63 -19.69 -40.65
N VAL C 318 -11.63 -20.17 -39.93
CA VAL C 318 -10.23 -20.06 -40.33
C VAL C 318 -9.60 -21.45 -40.25
N PRO C 319 -8.58 -21.74 -41.05
CA PRO C 319 -8.01 -23.09 -41.05
C PRO C 319 -7.27 -23.43 -39.76
N GLY C 320 -7.27 -24.71 -39.43
CA GLY C 320 -6.46 -25.23 -38.36
C GLY C 320 -7.17 -25.50 -37.04
N TYR C 321 -8.49 -25.35 -36.99
CA TYR C 321 -9.22 -25.58 -35.74
C TYR C 321 -10.49 -26.38 -35.96
N GLU C 322 -10.45 -27.36 -36.88
CA GLU C 322 -11.57 -28.22 -37.23
C GLU C 322 -12.67 -27.45 -37.96
N ALA C 323 -12.56 -26.13 -38.05
CA ALA C 323 -13.63 -25.33 -38.64
C ALA C 323 -13.75 -25.62 -40.13
N PRO C 324 -14.93 -26.00 -40.59
CA PRO C 324 -15.14 -26.22 -42.02
C PRO C 324 -15.25 -24.90 -42.76
N CYS C 325 -14.28 -24.64 -43.64
CA CYS C 325 -14.27 -23.41 -44.41
C CYS C 325 -14.65 -23.59 -45.87
N TYR C 326 -15.16 -24.76 -46.26
CA TYR C 326 -15.36 -25.06 -47.67
C TYR C 326 -16.64 -25.84 -47.89
N VAL C 327 -17.27 -25.58 -49.04
CA VAL C 327 -18.54 -26.18 -49.38
C VAL C 327 -18.38 -27.39 -50.30
N ALA C 328 -18.22 -28.56 -49.68
CA ALA C 328 -18.20 -29.84 -50.39
C ALA C 328 -18.62 -30.91 -49.41
N TRP C 329 -19.24 -31.97 -49.92
CA TRP C 329 -19.83 -33.01 -49.08
C TRP C 329 -18.89 -34.20 -49.03
N SER C 330 -18.84 -34.83 -47.85
CA SER C 330 -17.98 -35.99 -47.67
C SER C 330 -18.51 -36.81 -46.51
N ALA C 331 -18.37 -38.13 -46.64
CA ALA C 331 -18.73 -39.03 -45.55
C ALA C 331 -17.78 -38.92 -44.37
N SER C 332 -16.52 -38.56 -44.61
CA SER C 332 -15.54 -38.44 -43.53
C SER C 332 -14.39 -37.58 -44.04
N ASN C 333 -14.25 -36.38 -43.47
CA ASN C 333 -13.14 -35.52 -43.81
C ASN C 333 -12.97 -34.46 -42.72
N ARG C 334 -11.77 -33.88 -42.68
CA ARG C 334 -11.46 -32.86 -41.66
C ARG C 334 -12.40 -31.67 -41.78
N SER C 335 -12.62 -31.19 -43.01
CA SER C 335 -13.43 -30.00 -43.19
C SER C 335 -14.22 -30.02 -44.49
N PRO C 336 -15.25 -30.84 -44.60
CA PRO C 336 -16.23 -30.65 -45.67
C PRO C 336 -17.42 -29.83 -45.20
N MET C 337 -18.19 -29.33 -46.18
CA MET C 337 -19.46 -28.69 -45.87
C MET C 337 -20.36 -29.61 -45.06
N ILE C 338 -20.56 -30.82 -45.54
CA ILE C 338 -21.59 -31.72 -45.03
C ILE C 338 -20.94 -33.06 -44.70
N ARG C 339 -21.21 -33.54 -43.50
CA ARG C 339 -20.76 -34.87 -43.07
C ARG C 339 -21.97 -35.79 -43.00
N ILE C 340 -21.84 -36.96 -43.63
CA ILE C 340 -22.89 -37.98 -43.62
C ILE C 340 -22.41 -39.11 -42.71
N PRO C 341 -23.02 -39.29 -41.53
CA PRO C 341 -22.50 -40.28 -40.58
C PRO C 341 -22.66 -41.69 -41.11
N ALA C 342 -22.03 -42.63 -40.38
CA ALA C 342 -22.12 -44.03 -40.76
C ALA C 342 -23.44 -44.67 -40.35
N SER C 343 -24.16 -44.09 -39.38
CA SER C 343 -25.42 -44.65 -38.96
C SER C 343 -26.43 -44.61 -40.10
N ARG C 344 -27.19 -45.71 -40.24
CA ARG C 344 -28.11 -45.86 -41.36
C ARG C 344 -29.50 -46.21 -40.88
N GLY C 345 -30.35 -46.68 -41.80
CA GLY C 345 -31.69 -47.08 -41.42
C GLY C 345 -32.52 -45.87 -41.10
N LEU C 346 -33.22 -45.92 -39.97
CA LEU C 346 -33.98 -44.77 -39.50
C LEU C 346 -33.08 -43.68 -38.94
N SER C 347 -31.80 -43.96 -38.73
CA SER C 347 -30.86 -43.03 -38.12
C SER C 347 -29.91 -42.39 -39.13
N THR C 348 -30.11 -42.64 -40.42
CA THR C 348 -29.32 -41.95 -41.44
C THR C 348 -29.70 -40.47 -41.43
N ARG C 349 -28.70 -39.60 -41.53
CA ARG C 349 -28.93 -38.19 -41.29
C ARG C 349 -27.98 -37.33 -42.09
N VAL C 350 -28.18 -36.02 -41.96
CA VAL C 350 -27.42 -34.98 -42.66
C VAL C 350 -26.87 -34.04 -41.61
N GLU C 351 -25.57 -34.06 -41.39
CA GLU C 351 -24.95 -33.21 -40.37
C GLU C 351 -24.33 -32.00 -41.03
N VAL C 352 -24.98 -30.85 -40.89
CA VAL C 352 -24.46 -29.58 -41.38
C VAL C 352 -23.72 -28.92 -40.22
N ARG C 353 -22.45 -28.57 -40.43
CA ARG C 353 -21.55 -28.26 -39.34
C ARG C 353 -21.21 -26.79 -39.21
N ASN C 354 -21.39 -26.00 -40.27
CA ASN C 354 -21.00 -24.59 -40.21
C ASN C 354 -21.79 -23.76 -39.21
N PRO C 355 -23.12 -23.87 -39.10
CA PRO C 355 -23.84 -22.99 -38.17
C PRO C 355 -23.33 -23.12 -36.75
N ASP C 356 -23.34 -22.00 -36.04
CA ASP C 356 -22.78 -21.83 -34.71
C ASP C 356 -23.84 -21.34 -33.72
N PRO C 357 -23.63 -21.56 -32.42
CA PRO C 357 -24.73 -21.35 -31.46
C PRO C 357 -25.26 -19.92 -31.42
N ALA C 358 -24.48 -18.93 -31.86
CA ALA C 358 -25.00 -17.57 -31.90
C ALA C 358 -26.10 -17.40 -32.93
N ALA C 359 -26.15 -18.27 -33.94
CA ALA C 359 -27.17 -18.17 -34.97
C ALA C 359 -28.53 -18.58 -34.42
N ASN C 360 -29.56 -17.90 -34.90
CA ASN C 360 -30.93 -18.18 -34.48
C ASN C 360 -31.32 -19.57 -34.95
N PRO C 361 -31.73 -20.48 -34.06
CA PRO C 361 -32.06 -21.84 -34.52
C PRO C 361 -33.27 -21.87 -35.44
N TYR C 362 -34.29 -21.07 -35.16
CA TYR C 362 -35.46 -21.03 -36.02
C TYR C 362 -35.06 -20.62 -37.44
N LEU C 363 -34.35 -19.50 -37.57
CA LEU C 363 -33.96 -19.03 -38.90
C LEU C 363 -32.99 -20.00 -39.56
N ALA C 364 -32.04 -20.54 -38.80
CA ALA C 364 -31.05 -21.45 -39.40
C ALA C 364 -31.72 -22.70 -39.96
N LEU C 365 -32.58 -23.33 -39.16
CA LEU C 365 -33.29 -24.50 -39.64
C LEU C 365 -34.20 -24.15 -40.81
N ALA C 366 -34.86 -22.99 -40.74
CA ALA C 366 -35.76 -22.59 -41.81
C ALA C 366 -35.01 -22.44 -43.13
N VAL C 367 -33.87 -21.76 -43.12
CA VAL C 367 -33.14 -21.54 -44.36
C VAL C 367 -32.52 -22.84 -44.85
N MET C 368 -31.99 -23.67 -43.95
CA MET C 368 -31.50 -24.98 -44.36
C MET C 368 -32.58 -25.76 -45.09
N LEU C 369 -33.75 -25.89 -44.47
CA LEU C 369 -34.81 -26.68 -45.07
C LEU C 369 -35.30 -26.07 -46.36
N ARG C 370 -35.42 -24.74 -46.42
CA ARG C 370 -35.92 -24.13 -47.65
C ARG C 370 -34.95 -24.34 -48.81
N ALA C 371 -33.65 -24.15 -48.57
CA ALA C 371 -32.68 -24.39 -49.63
C ALA C 371 -32.67 -25.86 -50.04
N GLY C 372 -32.76 -26.76 -49.06
CA GLY C 372 -32.79 -28.18 -49.39
C GLY C 372 -34.02 -28.57 -50.19
N LEU C 373 -35.17 -28.01 -49.83
CA LEU C 373 -36.39 -28.30 -50.58
C LEU C 373 -36.32 -27.72 -51.98
N ASP C 374 -35.69 -26.56 -52.14
CA ASP C 374 -35.46 -26.04 -53.48
C ASP C 374 -34.59 -26.99 -54.29
N GLY C 375 -33.54 -27.53 -53.66
CA GLY C 375 -32.73 -28.52 -54.35
C GLY C 375 -33.51 -29.77 -54.70
N ILE C 376 -34.39 -30.20 -53.80
CA ILE C 376 -35.22 -31.38 -54.06
C ILE C 376 -36.14 -31.15 -55.24
N LYS C 377 -36.82 -29.99 -55.26
CA LYS C 377 -37.73 -29.69 -56.35
C LYS C 377 -37.00 -29.56 -57.68
N ARG C 378 -35.85 -28.89 -57.67
CA ARG C 378 -35.10 -28.68 -58.91
C ARG C 378 -34.27 -29.90 -59.29
N GLN C 379 -34.18 -30.91 -58.43
CA GLN C 379 -33.43 -32.14 -58.70
C GLN C 379 -31.99 -31.82 -59.11
N MET C 380 -31.34 -31.00 -58.30
CA MET C 380 -29.98 -30.57 -58.59
C MET C 380 -29.03 -31.76 -58.59
N ALA C 381 -28.09 -31.75 -59.51
CA ALA C 381 -27.11 -32.83 -59.64
C ALA C 381 -26.06 -32.70 -58.55
N LEU C 382 -25.95 -33.73 -57.72
CA LEU C 382 -25.01 -33.70 -56.61
C LEU C 382 -23.58 -33.82 -57.12
N PRO C 383 -22.68 -32.90 -56.79
CA PRO C 383 -21.28 -33.06 -57.16
C PRO C 383 -20.64 -34.23 -56.42
N ALA C 384 -19.47 -34.62 -56.90
CA ALA C 384 -18.79 -35.78 -56.34
C ALA C 384 -18.31 -35.48 -54.93
N PRO C 385 -18.24 -36.47 -54.05
CA PRO C 385 -17.67 -36.24 -52.72
C PRO C 385 -16.16 -36.12 -52.80
N ILE C 386 -15.58 -35.54 -51.74
CA ILE C 386 -14.13 -35.45 -51.65
C ILE C 386 -13.60 -36.66 -50.90
N ASP C 387 -12.47 -37.17 -51.33
CA ASP C 387 -11.80 -38.28 -50.67
C ASP C 387 -11.03 -37.74 -49.46
N ARG C 388 -10.11 -38.54 -48.91
CA ARG C 388 -9.28 -38.08 -47.80
C ARG C 388 -8.46 -36.86 -48.17
N ASN C 389 -8.48 -36.47 -49.44
CA ASN C 389 -7.78 -35.27 -49.91
C ASN C 389 -8.16 -34.08 -49.06
N ILE C 390 -7.15 -33.33 -48.62
CA ILE C 390 -7.35 -32.22 -47.70
C ILE C 390 -7.05 -30.95 -48.48
N TYR C 391 -7.18 -29.79 -47.84
CA TYR C 391 -7.35 -28.54 -48.56
C TYR C 391 -6.13 -27.64 -48.37
N VAL C 392 -4.94 -28.24 -48.44
CA VAL C 392 -3.71 -27.48 -48.69
C VAL C 392 -3.57 -27.15 -50.17
N MET C 393 -4.45 -27.70 -51.00
CA MET C 393 -4.41 -27.52 -52.44
C MET C 393 -4.72 -26.07 -52.81
N SER C 394 -4.19 -25.66 -53.97
CA SER C 394 -4.16 -24.26 -54.35
C SER C 394 -5.53 -23.76 -54.76
N GLU C 395 -5.69 -22.44 -54.71
CA GLU C 395 -6.96 -21.82 -55.10
C GLU C 395 -7.28 -22.07 -56.56
N GLU C 396 -6.27 -22.00 -57.42
CA GLU C 396 -6.49 -22.35 -58.83
C GLU C 396 -6.95 -23.79 -58.96
N GLU C 397 -6.30 -24.71 -58.25
CA GLU C 397 -6.80 -26.08 -58.19
C GLU C 397 -8.15 -26.14 -57.48
N ARG C 398 -8.35 -25.32 -56.45
CA ARG C 398 -9.59 -25.37 -55.67
C ARG C 398 -10.80 -25.07 -56.55
N ILE C 399 -10.69 -24.06 -57.42
CA ILE C 399 -11.74 -23.82 -58.40
C ILE C 399 -11.69 -24.81 -59.56
N GLU C 400 -10.50 -25.36 -59.85
CA GLU C 400 -10.41 -26.39 -60.88
C GLU C 400 -11.18 -27.64 -60.47
N GLU C 401 -11.15 -28.00 -59.19
CA GLU C 401 -11.92 -29.12 -58.67
C GLU C 401 -13.35 -28.74 -58.35
N GLY C 402 -13.73 -27.48 -58.55
CA GLY C 402 -15.08 -27.04 -58.26
C GLY C 402 -15.46 -27.04 -56.80
N ILE C 403 -14.59 -26.55 -55.93
CA ILE C 403 -14.83 -26.52 -54.50
C ILE C 403 -14.87 -25.05 -54.06
N PRO C 404 -16.05 -24.43 -53.99
CA PRO C 404 -16.12 -23.05 -53.50
C PRO C 404 -15.91 -22.98 -52.01
N SER C 405 -15.89 -21.74 -51.50
CA SER C 405 -15.64 -21.49 -50.09
C SER C 405 -16.70 -20.57 -49.51
N LEU C 406 -16.84 -20.62 -48.19
CA LEU C 406 -17.78 -19.76 -47.50
C LEU C 406 -17.32 -18.31 -47.54
N PRO C 407 -18.25 -17.35 -47.38
CA PRO C 407 -17.86 -15.94 -47.42
C PRO C 407 -16.82 -15.61 -46.36
N ALA C 408 -15.92 -14.70 -46.70
CA ALA C 408 -14.81 -14.35 -45.82
C ALA C 408 -15.25 -13.64 -44.56
N ASP C 409 -16.30 -12.82 -44.62
CA ASP C 409 -16.77 -12.09 -43.46
C ASP C 409 -18.23 -11.72 -43.69
N LEU C 410 -18.76 -10.86 -42.81
CA LEU C 410 -20.19 -10.62 -42.79
C LEU C 410 -20.66 -9.84 -44.02
N LYS C 411 -19.84 -8.94 -44.55
CA LYS C 411 -20.28 -8.09 -45.65
C LYS C 411 -20.56 -8.89 -46.91
N GLU C 412 -19.64 -9.78 -47.29
CA GLU C 412 -19.87 -10.64 -48.45
C GLU C 412 -21.05 -11.57 -48.21
N ALA C 413 -21.22 -12.02 -46.97
CA ALA C 413 -22.38 -12.83 -46.66
C ALA C 413 -23.67 -12.07 -46.91
N LEU C 414 -23.73 -10.81 -46.49
CA LEU C 414 -24.92 -9.99 -46.71
C LEU C 414 -25.18 -9.77 -48.20
N SER C 415 -24.12 -9.47 -48.96
CA SER C 415 -24.32 -9.26 -50.39
C SER C 415 -24.84 -10.52 -51.06
N GLU C 416 -24.28 -11.67 -50.70
CA GLU C 416 -24.75 -12.93 -51.27
C GLU C 416 -26.20 -13.20 -50.87
N LEU C 417 -26.56 -12.90 -49.62
CA LEU C 417 -27.94 -13.08 -49.19
C LEU C 417 -28.90 -12.23 -50.00
N ILE C 418 -28.55 -10.97 -50.23
CA ILE C 418 -29.40 -10.11 -51.04
C ILE C 418 -29.51 -10.64 -52.45
N ARG C 419 -28.39 -11.08 -53.04
CA ARG C 419 -28.43 -11.58 -54.41
C ARG C 419 -29.13 -12.93 -54.53
N SER C 420 -29.42 -13.60 -53.43
CA SER C 420 -30.09 -14.91 -53.49
C SER C 420 -31.60 -14.73 -53.46
N GLU C 421 -32.29 -15.40 -54.37
CA GLU C 421 -33.74 -15.26 -54.50
C GLU C 421 -34.52 -16.31 -53.73
N VAL C 422 -33.86 -17.30 -53.14
CA VAL C 422 -34.57 -18.34 -52.41
C VAL C 422 -34.64 -18.01 -50.92
N ILE C 423 -33.48 -17.79 -50.31
CA ILE C 423 -33.40 -17.51 -48.88
C ILE C 423 -34.07 -16.20 -48.51
N SER C 424 -33.97 -15.18 -49.38
CA SER C 424 -34.70 -13.94 -49.13
C SER C 424 -36.19 -14.19 -49.08
N ASP C 425 -36.71 -15.02 -50.00
CA ASP C 425 -38.11 -15.39 -49.94
C ASP C 425 -38.44 -16.16 -48.67
N ALA C 426 -37.56 -17.08 -48.26
CA ALA C 426 -37.80 -17.86 -47.05
C ALA C 426 -37.93 -16.96 -45.84
N LEU C 427 -37.02 -15.99 -45.69
CA LEU C 427 -37.11 -15.07 -44.57
C LEU C 427 -38.34 -14.17 -44.69
N GLY C 428 -38.79 -13.91 -45.91
CA GLY C 428 -39.90 -13.01 -46.12
C GLY C 428 -39.45 -11.59 -46.35
N ASP C 429 -40.29 -10.84 -47.08
CA ASP C 429 -39.92 -9.51 -47.53
C ASP C 429 -39.73 -8.55 -46.35
N HIS C 430 -40.63 -8.61 -45.37
CA HIS C 430 -40.53 -7.68 -44.25
C HIS C 430 -39.33 -7.99 -43.36
N ALA C 431 -39.13 -9.27 -43.03
CA ALA C 431 -38.04 -9.64 -42.14
C ALA C 431 -36.68 -9.45 -42.80
N LEU C 432 -36.61 -9.66 -44.11
CA LEU C 432 -35.34 -9.51 -44.81
C LEU C 432 -34.80 -8.09 -44.67
N ALA C 433 -35.67 -7.10 -44.85
CA ALA C 433 -35.22 -5.71 -44.76
C ALA C 433 -34.66 -5.40 -43.39
N TYR C 434 -35.34 -5.84 -42.34
CA TYR C 434 -34.90 -5.49 -40.98
C TYR C 434 -33.63 -6.25 -40.60
N PHE C 435 -33.53 -7.52 -40.97
CA PHE C 435 -32.30 -8.25 -40.72
C PHE C 435 -31.13 -7.63 -41.46
N TYR C 436 -31.33 -7.25 -42.73
CA TYR C 436 -30.29 -6.60 -43.49
C TYR C 436 -29.88 -5.29 -42.86
N GLU C 437 -30.85 -4.51 -42.38
CA GLU C 437 -30.53 -3.23 -41.76
C GLU C 437 -29.72 -3.44 -40.48
N LEU C 438 -30.13 -4.41 -39.65
CA LEU C 438 -29.38 -4.69 -38.44
C LEU C 438 -27.94 -5.08 -38.75
N LYS C 439 -27.77 -5.97 -39.73
CA LYS C 439 -26.42 -6.43 -40.04
C LYS C 439 -25.58 -5.33 -40.70
N GLU C 440 -26.19 -4.48 -41.52
CA GLU C 440 -25.46 -3.33 -42.05
C GLU C 440 -24.99 -2.41 -40.93
N ILE C 441 -25.86 -2.13 -39.97
CA ILE C 441 -25.45 -1.27 -38.85
C ILE C 441 -24.33 -1.92 -38.06
N GLU C 442 -24.44 -3.22 -37.80
CA GLU C 442 -23.41 -3.92 -37.04
C GLU C 442 -22.07 -3.88 -37.77
N TRP C 443 -22.08 -4.18 -39.07
CA TRP C 443 -20.83 -4.19 -39.84
C TRP C 443 -20.26 -2.80 -39.96
N ASP C 444 -21.10 -1.78 -40.13
CA ASP C 444 -20.63 -0.41 -40.20
C ASP C 444 -19.95 0.00 -38.90
N MET C 445 -20.54 -0.40 -37.77
CA MET C 445 -19.89 -0.14 -36.49
C MET C 445 -18.56 -0.86 -36.39
N TYR C 446 -18.51 -2.11 -36.85
CA TYR C 446 -17.29 -2.91 -36.68
C TYR C 446 -16.15 -2.40 -37.56
N ARG C 447 -16.44 -2.03 -38.80
CA ARG C 447 -15.37 -1.72 -39.74
C ARG C 447 -14.65 -0.43 -39.40
N THR C 448 -15.28 0.48 -38.68
CA THR C 448 -14.67 1.78 -38.39
C THR C 448 -13.95 1.83 -37.06
N GLN C 449 -13.88 0.72 -36.33
CA GLN C 449 -13.14 0.69 -35.08
C GLN C 449 -11.64 0.70 -35.33
N VAL C 450 -10.89 1.07 -34.30
CA VAL C 450 -9.44 1.00 -34.32
C VAL C 450 -9.02 0.08 -33.18
N HIS C 451 -8.67 -1.15 -33.52
CA HIS C 451 -8.40 -2.18 -32.53
C HIS C 451 -6.98 -2.08 -32.00
N GLN C 452 -6.74 -2.75 -30.88
CA GLN C 452 -5.42 -2.70 -30.25
C GLN C 452 -4.37 -3.41 -31.07
N TRP C 453 -4.76 -4.41 -31.87
CA TRP C 453 -3.79 -5.11 -32.70
C TRP C 453 -3.13 -4.17 -33.69
N GLU C 454 -3.89 -3.22 -34.22
CA GLU C 454 -3.31 -2.23 -35.12
C GLU C 454 -2.26 -1.39 -34.40
N ARG C 455 -2.59 -0.92 -33.20
CA ARG C 455 -1.62 -0.13 -32.44
C ARG C 455 -0.42 -0.97 -32.02
N ASP C 456 -0.58 -2.30 -31.98
CA ASP C 456 0.56 -3.15 -31.71
C ASP C 456 1.48 -3.23 -32.93
N GLN C 457 0.92 -3.60 -34.08
CA GLN C 457 1.73 -3.68 -35.30
C GLN C 457 2.27 -2.32 -35.69
N TYR C 458 1.39 -1.33 -35.77
CA TYR C 458 1.75 0.03 -36.14
C TYR C 458 2.03 0.82 -34.86
N LEU C 459 2.07 2.15 -34.98
CA LEU C 459 2.34 3.08 -33.88
C LEU C 459 3.81 3.05 -33.51
N THR C 460 4.55 2.11 -34.10
CA THR C 460 6.00 2.06 -34.01
C THR C 460 6.66 1.87 -35.37
N LEU C 461 6.06 1.04 -36.24
CA LEU C 461 6.66 0.77 -37.54
C LEU C 461 6.46 1.95 -38.49
N TYR C 462 5.38 2.69 -38.32
CA TYR C 462 5.12 3.88 -39.12
C TYR C 462 5.02 5.11 -38.24
N SER D 22 15.41 62.81 3.98
CA SER D 22 14.20 62.97 3.18
C SER D 22 14.47 62.66 1.71
N TYR D 23 13.48 62.93 0.86
CA TYR D 23 13.58 62.66 -0.57
C TYR D 23 12.72 63.68 -1.31
N THR D 24 12.93 63.74 -2.63
CA THR D 24 12.11 64.58 -3.49
C THR D 24 11.82 63.83 -4.79
N ARG D 25 10.96 64.43 -5.61
CA ARG D 25 10.55 63.80 -6.86
C ARG D 25 11.75 63.48 -7.73
N GLU D 26 12.62 64.45 -7.96
CA GLU D 26 13.79 64.22 -8.80
C GLU D 26 14.73 63.22 -8.16
N ASP D 27 14.87 63.25 -6.84
CA ASP D 27 15.66 62.23 -6.16
C ASP D 27 15.08 60.84 -6.39
N ILE D 28 13.75 60.72 -6.31
CA ILE D 28 13.12 59.43 -6.51
C ILE D 28 13.36 58.93 -7.92
N ILE D 29 13.20 59.83 -8.90
CA ILE D 29 13.40 59.45 -10.29
C ILE D 29 14.85 59.03 -10.54
N ARG D 30 15.80 59.77 -9.98
CA ARG D 30 17.21 59.43 -10.15
C ARG D 30 17.53 58.08 -9.51
N ILE D 31 17.01 57.85 -8.31
CA ILE D 31 17.27 56.57 -7.63
C ILE D 31 16.69 55.42 -8.42
N ALA D 32 15.47 55.59 -8.93
CA ALA D 32 14.86 54.56 -9.76
C ALA D 32 15.69 54.30 -11.01
N GLU D 33 16.19 55.36 -11.64
CA GLU D 33 16.99 55.20 -12.85
C GLU D 33 18.30 54.48 -12.56
N GLU D 34 18.95 54.80 -11.43
CA GLU D 34 20.27 54.25 -11.18
C GLU D 34 20.19 52.85 -10.58
N GLU D 35 19.19 52.59 -9.76
CA GLU D 35 19.07 51.31 -9.08
C GLU D 35 18.39 50.26 -9.95
N ASN D 36 17.87 50.66 -11.12
CA ASN D 36 17.14 49.76 -12.02
C ASN D 36 15.90 49.19 -11.34
N VAL D 37 15.21 50.04 -10.58
CA VAL D 37 13.91 49.67 -10.03
C VAL D 37 12.91 49.51 -11.17
N ARG D 38 12.25 48.35 -11.23
CA ARG D 38 11.30 48.07 -12.29
C ARG D 38 9.88 47.87 -11.80
N PHE D 39 9.65 47.83 -10.49
CA PHE D 39 8.39 47.38 -9.93
C PHE D 39 8.09 48.18 -8.67
N ILE D 40 6.91 48.78 -8.62
CA ILE D 40 6.56 49.72 -7.57
C ILE D 40 5.33 49.22 -6.84
N ARG D 41 5.34 49.28 -5.51
CA ARG D 41 4.20 48.90 -4.69
C ARG D 41 3.63 50.15 -4.03
N LEU D 42 2.56 50.69 -4.62
CA LEU D 42 1.82 51.80 -4.03
C LEU D 42 1.00 51.21 -2.88
N GLN D 43 1.49 51.38 -1.67
CA GLN D 43 0.97 50.60 -0.54
C GLN D 43 0.10 51.44 0.38
N PHE D 44 -0.80 50.76 1.09
CA PHE D 44 -1.63 51.36 2.13
C PHE D 44 -2.28 50.23 2.94
N THR D 45 -3.21 50.60 3.81
CA THR D 45 -3.85 49.65 4.70
C THR D 45 -5.33 49.97 4.83
N ASP D 46 -6.13 48.94 5.10
CA ASP D 46 -7.55 49.10 5.37
C ASP D 46 -7.78 49.13 6.88
N LEU D 47 -9.05 49.15 7.28
CA LEU D 47 -9.37 49.10 8.70
C LEU D 47 -9.13 47.71 9.29
N LEU D 48 -9.24 46.67 8.46
CA LEU D 48 -8.96 45.32 8.90
C LEU D 48 -7.48 45.08 9.19
N GLY D 49 -6.61 45.94 8.68
CA GLY D 49 -5.18 45.85 8.96
C GLY D 49 -4.35 45.14 7.92
N THR D 50 -4.96 44.29 7.09
CA THR D 50 -4.19 43.54 6.12
C THR D 50 -3.62 44.45 5.05
N ILE D 51 -2.34 44.23 4.72
CA ILE D 51 -1.59 45.14 3.86
C ILE D 51 -2.18 45.11 2.46
N LYS D 52 -2.48 46.30 1.94
CA LYS D 52 -3.03 46.43 0.57
C LYS D 52 -2.02 47.19 -0.29
N ASN D 53 -2.09 47.04 -1.61
CA ASN D 53 -1.16 47.75 -2.49
C ASN D 53 -1.66 47.73 -3.94
N VAL D 54 -0.91 48.43 -4.78
CA VAL D 54 -1.09 48.40 -6.24
C VAL D 54 0.29 48.22 -6.86
N GLU D 55 0.39 47.31 -7.82
CA GLU D 55 1.66 47.06 -8.49
C GLU D 55 1.74 47.88 -9.77
N ILE D 56 2.87 48.57 -9.95
CA ILE D 56 3.02 49.51 -11.05
C ILE D 56 4.36 49.29 -11.75
N PRO D 57 4.41 49.35 -13.08
CA PRO D 57 5.72 49.34 -13.76
C PRO D 57 6.42 50.68 -13.60
N VAL D 58 7.73 50.68 -13.84
CA VAL D 58 8.53 51.88 -13.61
C VAL D 58 8.11 53.02 -14.52
N SER D 59 7.59 52.73 -15.71
CA SER D 59 7.27 53.78 -16.67
C SER D 59 6.13 54.69 -16.22
N GLN D 60 5.34 54.26 -15.23
CA GLN D 60 4.28 55.10 -14.67
C GLN D 60 4.73 55.85 -13.43
N LEU D 61 6.00 55.70 -13.03
CA LEU D 61 6.44 56.23 -11.75
C LEU D 61 6.21 57.73 -11.65
N GLU D 62 6.51 58.47 -12.72
CA GLU D 62 6.26 59.90 -12.71
C GLU D 62 4.80 60.21 -12.40
N LYS D 63 3.88 59.49 -13.07
CA LYS D 63 2.46 59.69 -12.78
C LYS D 63 2.15 59.33 -11.34
N ALA D 64 2.84 58.32 -10.80
CA ALA D 64 2.67 57.99 -9.39
C ALA D 64 3.08 59.15 -8.50
N LEU D 65 4.16 59.86 -8.87
CA LEU D 65 4.62 60.97 -8.06
C LEU D 65 3.72 62.19 -8.21
N ASP D 66 2.81 62.17 -9.17
CA ASP D 66 1.92 63.28 -9.45
C ASP D 66 0.66 63.25 -8.60
N ASN D 67 0.49 62.21 -7.78
CA ASN D 67 -0.73 62.02 -6.98
C ASN D 67 -1.96 61.99 -7.88
N LYS D 68 -1.93 61.16 -8.92
CA LYS D 68 -3.01 61.06 -9.89
C LYS D 68 -3.53 59.64 -10.06
N MET D 69 -2.94 58.66 -9.39
CA MET D 69 -3.39 57.29 -9.50
C MET D 69 -4.70 57.10 -8.75
N MET D 70 -5.66 56.42 -9.39
CA MET D 70 -6.96 56.15 -8.79
C MET D 70 -7.15 54.64 -8.64
N PHE D 71 -8.01 54.27 -7.69
CA PHE D 71 -8.40 52.88 -7.49
C PHE D 71 -9.80 52.87 -6.86
N ASP D 72 -10.22 51.67 -6.44
CA ASP D 72 -11.59 51.49 -5.95
C ASP D 72 -11.89 52.42 -4.78
N GLY D 73 -10.99 52.46 -3.79
CA GLY D 73 -11.18 53.27 -2.61
C GLY D 73 -12.10 52.65 -1.57
N SER D 74 -13.21 52.05 -1.99
CA SER D 74 -14.13 51.40 -1.06
C SER D 74 -13.50 50.18 -0.40
N SER D 75 -12.35 49.71 -0.88
CA SER D 75 -11.67 48.61 -0.22
C SER D 75 -11.34 48.91 1.23
N ILE D 76 -11.25 50.19 1.59
CA ILE D 76 -11.03 50.55 2.98
C ILE D 76 -12.15 50.03 3.87
N GLU D 77 -13.39 50.06 3.38
CA GLU D 77 -14.50 49.53 4.16
C GLU D 77 -14.46 48.02 4.28
N GLY D 78 -13.58 47.35 3.54
CA GLY D 78 -13.41 45.91 3.66
C GLY D 78 -14.27 45.10 2.72
N TYR D 79 -14.72 43.93 3.19
CA TYR D 79 -15.57 43.05 2.40
C TYR D 79 -17.04 43.42 2.51
N VAL D 80 -17.39 44.45 3.27
CA VAL D 80 -18.76 44.91 3.41
C VAL D 80 -19.04 46.13 2.54
N ARG D 81 -18.14 46.44 1.59
CA ARG D 81 -18.37 47.55 0.69
C ARG D 81 -19.61 47.30 -0.18
N ILE D 82 -20.49 48.29 -0.23
CA ILE D 82 -21.78 48.14 -0.89
C ILE D 82 -21.87 49.01 -2.14
N GLU D 83 -21.06 50.06 -2.23
CA GLU D 83 -21.06 50.93 -3.40
C GLU D 83 -19.62 51.22 -3.80
N GLU D 84 -19.38 51.22 -5.10
CA GLU D 84 -18.03 51.46 -5.61
C GLU D 84 -17.76 52.95 -5.72
N SER D 85 -16.56 53.35 -5.33
CA SER D 85 -16.10 54.73 -5.41
C SER D 85 -14.84 54.81 -6.26
N ASP D 86 -14.24 56.00 -6.29
CA ASP D 86 -12.95 56.22 -6.92
C ASP D 86 -12.11 57.04 -5.95
N MET D 87 -10.90 56.59 -5.66
CA MET D 87 -10.09 57.28 -4.67
C MET D 87 -8.63 57.28 -5.11
N TYR D 88 -7.95 58.39 -4.84
CA TYR D 88 -6.60 58.59 -5.36
C TYR D 88 -5.56 58.28 -4.30
N LEU D 89 -4.43 57.76 -4.76
CA LEU D 89 -3.30 57.41 -3.92
C LEU D 89 -2.30 58.56 -3.90
N TYR D 90 -1.98 59.08 -2.72
CA TYR D 90 -1.00 60.14 -2.57
C TYR D 90 0.22 59.58 -1.85
N PRO D 91 1.31 59.30 -2.54
CA PRO D 91 2.47 58.69 -1.86
C PRO D 91 3.16 59.67 -0.94
N ASP D 92 3.85 59.13 0.06
CA ASP D 92 4.71 59.90 0.95
C ASP D 92 6.15 59.57 0.60
N LEU D 93 6.82 60.51 -0.06
CA LEU D 93 8.14 60.24 -0.62
C LEU D 93 9.14 59.86 0.45
N ASP D 94 8.97 60.39 1.67
CA ASP D 94 9.91 60.10 2.75
C ASP D 94 9.91 58.63 3.14
N THR D 95 8.90 57.87 2.73
CA THR D 95 8.80 56.46 3.05
C THR D 95 9.26 55.55 1.91
N TRP D 96 9.88 56.11 0.88
CA TRP D 96 10.41 55.30 -0.21
C TRP D 96 11.46 54.34 0.35
N VAL D 97 11.46 53.10 -0.17
CA VAL D 97 12.43 52.09 0.23
C VAL D 97 12.45 51.02 -0.84
N VAL D 98 13.54 50.26 -0.89
CA VAL D 98 13.78 49.29 -1.95
C VAL D 98 14.08 47.93 -1.34
N PHE D 99 13.49 46.89 -1.91
CA PHE D 99 13.60 45.55 -1.35
C PHE D 99 14.88 44.88 -1.86
N PRO D 100 15.68 44.29 -0.97
CA PRO D 100 16.88 43.55 -1.40
C PRO D 100 16.65 42.06 -1.63
N TRP D 101 15.83 41.66 -2.60
CA TRP D 101 15.56 40.24 -2.78
C TRP D 101 16.49 39.55 -3.77
N VAL D 102 17.76 39.98 -3.85
CA VAL D 102 18.84 39.31 -4.58
C VAL D 102 18.35 38.74 -5.91
N THR D 103 17.74 39.58 -6.73
CA THR D 103 17.30 39.15 -8.06
C THR D 103 17.26 40.38 -8.97
N SER D 104 17.30 40.14 -10.28
CA SER D 104 17.15 41.21 -11.25
C SER D 104 15.72 41.76 -11.18
N ASP D 105 15.45 42.83 -11.91
CA ASP D 105 14.14 43.46 -11.90
C ASP D 105 13.76 43.90 -10.49
N ARG D 106 14.53 44.83 -9.93
CA ARG D 106 14.38 45.22 -8.54
C ARG D 106 13.03 45.89 -8.29
N VAL D 107 12.54 45.77 -7.05
CA VAL D 107 11.21 46.21 -6.67
C VAL D 107 11.34 47.30 -5.60
N ALA D 108 10.45 48.29 -5.65
CA ALA D 108 10.47 49.42 -4.74
C ALA D 108 9.13 49.55 -4.04
N ARG D 109 9.16 50.21 -2.88
CA ARG D 109 7.97 50.37 -2.05
C ARG D 109 7.70 51.84 -1.83
N LEU D 110 6.43 52.22 -1.91
CA LEU D 110 5.99 53.54 -1.48
C LEU D 110 4.76 53.38 -0.60
N ILE D 111 4.74 54.09 0.52
CA ILE D 111 3.58 54.10 1.42
C ILE D 111 2.74 55.32 1.11
N CYS D 112 1.44 55.12 0.93
CA CYS D 112 0.55 56.13 0.41
C CYS D 112 -0.58 56.41 1.37
N ASP D 113 -1.10 57.63 1.30
CA ASP D 113 -2.37 57.96 1.92
C ASP D 113 -3.46 57.93 0.86
N ILE D 114 -4.71 57.93 1.31
CA ILE D 114 -5.86 57.83 0.41
C ILE D 114 -6.60 59.16 0.45
N TYR D 115 -6.95 59.68 -0.72
CA TYR D 115 -7.64 60.95 -0.82
C TYR D 115 -8.89 60.82 -1.67
N LYS D 116 -9.90 61.63 -1.37
CA LYS D 116 -11.11 61.66 -2.15
C LYS D 116 -10.84 62.31 -3.51
N PRO D 117 -11.72 62.07 -4.48
CA PRO D 117 -11.55 62.74 -5.79
C PRO D 117 -11.59 64.25 -5.71
N ASP D 118 -12.27 64.82 -4.72
CA ASP D 118 -12.32 66.28 -4.60
C ASP D 118 -11.12 66.85 -3.86
N GLY D 119 -10.19 66.01 -3.40
CA GLY D 119 -8.96 66.45 -2.78
C GLY D 119 -8.94 66.33 -1.27
N SER D 120 -10.10 66.20 -0.62
CA SER D 120 -10.12 66.11 0.83
C SER D 120 -9.67 64.72 1.29
N PRO D 121 -9.12 64.63 2.49
CA PRO D 121 -8.70 63.32 3.01
C PRO D 121 -9.88 62.40 3.24
N PHE D 122 -9.64 61.10 3.07
CA PHE D 122 -10.66 60.11 3.37
C PHE D 122 -10.71 59.87 4.87
N ALA D 123 -11.92 59.93 5.43
CA ALA D 123 -12.08 59.82 6.88
C ALA D 123 -11.66 58.46 7.42
N GLY D 124 -11.91 57.39 6.69
CA GLY D 124 -11.74 56.05 7.20
C GLY D 124 -10.37 55.43 7.05
N ASP D 125 -9.35 56.20 6.71
CA ASP D 125 -8.02 55.64 6.53
C ASP D 125 -7.29 55.61 7.87
N PRO D 126 -6.79 54.45 8.31
CA PRO D 126 -6.13 54.39 9.62
C PRO D 126 -4.95 55.33 9.75
N ARG D 127 -4.15 55.47 8.70
CA ARG D 127 -3.06 56.44 8.72
C ARG D 127 -3.61 57.86 8.86
N GLY D 128 -4.69 58.16 8.15
CA GLY D 128 -5.33 59.45 8.33
C GLY D 128 -5.82 59.66 9.75
N ILE D 129 -6.35 58.61 10.37
CA ILE D 129 -6.80 58.70 11.75
C ILE D 129 -5.63 59.03 12.67
N LEU D 130 -4.52 58.30 12.51
CA LEU D 130 -3.36 58.53 13.36
C LEU D 130 -2.80 59.93 13.16
N LYS D 131 -2.75 60.40 11.91
CA LYS D 131 -2.22 61.73 11.67
C LYS D 131 -3.15 62.81 12.21
N ARG D 132 -4.46 62.59 12.16
CA ARG D 132 -5.38 63.54 12.77
C ARG D 132 -5.20 63.59 14.28
N VAL D 133 -5.00 62.43 14.91
CA VAL D 133 -4.80 62.43 16.36
C VAL D 133 -3.45 63.07 16.72
N LEU D 134 -2.44 62.87 15.88
CA LEU D 134 -1.18 63.57 16.09
C LEU D 134 -1.34 65.07 15.91
N LYS D 135 -2.17 65.49 14.96
CA LYS D 135 -2.43 66.92 14.78
C LYS D 135 -3.10 67.51 16.02
N GLU D 136 -4.09 66.81 16.57
CA GLU D 136 -4.73 67.31 17.77
C GLU D 136 -3.83 67.20 18.99
N ALA D 137 -2.81 66.33 18.94
CA ALA D 137 -1.79 66.34 19.98
C ALA D 137 -0.88 67.54 19.84
N GLU D 138 -0.48 67.86 18.61
CA GLU D 138 0.37 69.02 18.37
C GLU D 138 -0.33 70.31 18.78
N GLU D 139 -1.63 70.41 18.49
CA GLU D 139 -2.41 71.57 18.93
C GLU D 139 -2.39 71.71 20.45
N LEU D 140 -2.12 70.63 21.17
CA LEU D 140 -1.99 70.68 22.63
C LEU D 140 -0.58 71.04 23.09
N GLY D 141 0.35 71.23 22.15
CA GLY D 141 1.69 71.65 22.48
C GLY D 141 2.75 70.58 22.46
N TYR D 142 2.37 69.31 22.34
CA TYR D 142 3.32 68.21 22.30
C TYR D 142 3.68 67.94 20.84
N THR D 143 4.97 67.95 20.53
CA THR D 143 5.38 67.88 19.13
C THR D 143 5.20 66.49 18.55
N SER D 144 5.52 65.44 19.31
CA SER D 144 5.49 64.09 18.72
C SER D 144 5.28 63.05 19.81
N MET D 145 5.08 61.81 19.36
CA MET D 145 4.89 60.66 20.23
C MET D 145 5.92 59.60 19.86
N ASN D 146 6.92 59.41 20.70
CA ASN D 146 7.93 58.40 20.47
C ASN D 146 7.35 57.04 20.84
N VAL D 147 7.40 56.11 19.90
CA VAL D 147 6.75 54.81 20.02
C VAL D 147 7.73 53.72 19.61
N GLY D 148 7.89 52.72 20.48
CA GLY D 148 8.67 51.55 20.16
C GLY D 148 7.92 50.27 20.47
N PRO D 149 7.63 49.48 19.44
CA PRO D 149 6.88 48.25 19.64
C PRO D 149 7.80 47.07 19.91
N GLU D 150 7.22 46.01 20.47
CA GLU D 150 7.91 44.75 20.69
C GLU D 150 7.03 43.60 20.19
N PRO D 151 6.90 43.43 18.88
CA PRO D 151 6.03 42.37 18.35
C PRO D 151 6.72 41.01 18.32
N GLU D 152 5.93 39.97 18.55
CA GLU D 152 6.38 38.59 18.52
C GLU D 152 5.60 37.84 17.45
N PHE D 153 6.22 36.83 16.85
CA PHE D 153 5.57 36.07 15.79
C PHE D 153 5.92 34.60 15.94
N PHE D 154 5.08 33.75 15.35
CA PHE D 154 5.23 32.31 15.39
C PHE D 154 5.66 31.78 14.03
N LEU D 155 6.52 30.78 14.05
CA LEU D 155 6.92 30.06 12.85
C LEU D 155 6.47 28.61 12.98
N PHE D 156 5.75 28.14 11.97
CA PHE D 156 5.27 26.77 11.91
C PHE D 156 5.80 26.08 10.66
N LYS D 157 6.18 24.82 10.81
CA LYS D 157 6.60 24.06 9.64
C LYS D 157 5.42 23.85 8.70
N THR D 158 5.70 23.96 7.40
CA THR D 158 4.68 23.83 6.38
C THR D 158 4.63 22.39 5.88
N ASP D 159 3.55 22.07 5.18
CA ASP D 159 3.38 20.76 4.57
C ASP D 159 3.80 20.82 3.09
N GLU D 160 3.50 19.75 2.36
CA GLU D 160 3.85 19.70 0.95
C GLU D 160 3.06 20.71 0.12
N LYS D 161 1.82 20.98 0.49
CA LYS D 161 0.97 21.88 -0.26
C LYS D 161 1.16 23.35 0.11
N GLY D 162 2.03 23.65 1.07
CA GLY D 162 2.28 25.03 1.46
C GLY D 162 1.39 25.54 2.58
N ASP D 163 0.80 24.67 3.37
CA ASP D 163 -0.03 25.17 4.46
C ASP D 163 0.65 24.96 5.80
N PRO D 164 0.38 25.82 6.78
CA PRO D 164 1.03 25.65 8.09
C PRO D 164 0.46 24.46 8.85
N THR D 165 1.36 23.70 9.45
CA THR D 165 0.99 22.58 10.31
C THR D 165 1.00 23.05 11.77
N THR D 166 0.88 22.11 12.69
CA THR D 166 0.76 22.45 14.11
C THR D 166 2.10 22.35 14.85
N GLU D 167 3.14 21.82 14.20
CA GLU D 167 4.42 21.63 14.87
C GLU D 167 5.32 22.84 14.65
N LEU D 168 5.94 23.32 15.73
CA LEU D 168 6.74 24.52 15.68
C LEU D 168 8.09 24.25 15.04
N ASN D 169 8.83 25.33 14.80
CA ASN D 169 10.15 25.20 14.17
C ASN D 169 11.22 24.73 15.15
N ASP D 170 11.10 25.08 16.43
CA ASP D 170 12.09 24.66 17.42
C ASP D 170 11.38 24.39 18.74
N GLN D 171 12.15 23.99 19.74
CA GLN D 171 11.63 23.64 21.06
C GLN D 171 12.46 24.29 22.16
N GLY D 172 12.99 25.48 21.92
CA GLY D 172 13.75 26.17 22.93
C GLY D 172 12.86 26.90 23.94
N GLY D 173 13.47 27.29 25.04
CA GLY D 173 12.77 28.01 26.09
C GLY D 173 12.89 29.51 25.95
N TYR D 174 12.65 30.24 27.04
CA TYR D 174 12.66 31.69 27.00
C TYR D 174 14.08 32.21 26.89
N PHE D 175 14.30 33.18 25.99
CA PHE D 175 15.63 33.71 25.68
C PHE D 175 16.63 32.59 25.41
N ASP D 176 16.38 31.80 24.38
CA ASP D 176 17.27 30.70 24.04
C ASP D 176 18.07 31.03 22.79
N LEU D 177 18.91 30.08 22.39
CA LEU D 177 19.67 30.15 21.15
C LEU D 177 19.32 28.97 20.24
N ALA D 178 18.13 28.40 20.46
CA ALA D 178 17.76 27.16 19.77
C ALA D 178 17.89 27.27 18.26
N PRO D 179 17.46 28.35 17.60
CA PRO D 179 17.79 28.40 16.16
C PRO D 179 19.25 28.82 15.96
N MET D 180 20.13 27.83 16.00
CA MET D 180 21.55 28.05 15.83
C MET D 180 21.97 27.72 14.39
N ASP D 181 23.28 27.72 14.15
CA ASP D 181 23.91 27.27 12.91
C ASP D 181 23.60 28.19 11.74
N LEU D 182 23.25 27.60 10.60
CA LEU D 182 22.94 28.36 9.40
C LEU D 182 21.66 27.84 8.76
N GLY D 183 21.29 26.60 9.08
CA GLY D 183 20.10 26.01 8.52
C GLY D 183 18.83 26.67 9.00
N GLU D 184 18.23 27.48 8.14
CA GLU D 184 16.95 28.14 8.40
C GLU D 184 16.98 28.98 9.67
N ASN D 185 18.01 29.82 9.79
CA ASN D 185 18.03 30.86 10.82
C ASN D 185 17.23 32.06 10.33
N CYS D 186 15.91 31.94 10.50
CA CYS D 186 15.02 33.00 10.05
C CYS D 186 15.26 34.29 10.82
N ARG D 187 15.54 34.19 12.12
CA ARG D 187 15.71 35.38 12.94
C ARG D 187 16.86 36.25 12.43
N ARG D 188 18.03 35.64 12.21
CA ARG D 188 19.19 36.41 11.77
C ARG D 188 18.95 37.04 10.42
N GLU D 189 18.38 36.27 9.48
CA GLU D 189 18.19 36.78 8.14
C GLU D 189 17.19 37.94 8.14
N ILE D 190 16.13 37.82 8.96
CA ILE D 190 15.17 38.91 9.10
C ILE D 190 15.84 40.15 9.67
N VAL D 191 16.66 39.98 10.71
CA VAL D 191 17.32 41.13 11.30
C VAL D 191 18.21 41.82 10.27
N LEU D 192 18.94 41.03 9.49
CA LEU D 192 19.85 41.60 8.49
C LEU D 192 19.08 42.35 7.41
N LYS D 193 17.99 41.78 6.92
CA LYS D 193 17.22 42.47 5.88
C LYS D 193 16.58 43.74 6.42
N LEU D 194 16.04 43.69 7.64
CA LEU D 194 15.44 44.87 8.24
C LEU D 194 16.47 45.96 8.44
N GLU D 195 17.69 45.60 8.84
CA GLU D 195 18.77 46.58 8.94
C GLU D 195 19.13 47.14 7.58
N GLU D 196 19.19 46.29 6.56
CA GLU D 196 19.53 46.75 5.21
C GLU D 196 18.47 47.70 4.67
N MET D 197 17.23 47.56 5.13
CA MET D 197 16.25 48.59 4.85
C MET D 197 16.59 49.90 5.55
N GLY D 198 17.26 49.81 6.69
CA GLY D 198 17.51 50.98 7.51
C GLY D 198 16.63 51.02 8.75
N PHE D 199 15.89 49.95 9.02
CA PHE D 199 15.11 49.89 10.25
C PHE D 199 16.03 49.77 11.45
N GLU D 200 15.70 50.51 12.49
CA GLU D 200 16.54 50.64 13.68
C GLU D 200 16.12 49.53 14.64
N ILE D 201 16.90 48.46 14.66
CA ILE D 201 16.56 47.25 15.39
C ILE D 201 17.33 47.23 16.71
N GLU D 202 16.59 47.15 17.82
CA GLU D 202 17.22 47.15 19.14
C GLU D 202 17.70 45.76 19.53
N ALA D 203 16.87 44.74 19.35
CA ALA D 203 17.23 43.39 19.73
C ALA D 203 16.29 42.40 19.06
N SER D 204 16.68 41.13 19.09
CA SER D 204 15.89 40.04 18.55
C SER D 204 16.24 38.76 19.30
N HIS D 205 15.23 38.01 19.70
CA HIS D 205 15.46 36.91 20.63
C HIS D 205 14.32 35.91 20.55
N HIS D 206 14.48 34.83 21.31
CA HIS D 206 13.50 33.76 21.35
C HIS D 206 12.56 33.97 22.54
N GLU D 207 11.27 33.79 22.29
CA GLU D 207 10.27 34.15 23.29
C GLU D 207 9.83 32.91 24.07
N VAL D 208 8.83 33.09 24.93
CA VAL D 208 8.52 32.10 25.95
C VAL D 208 8.11 30.77 25.32
N ALA D 209 7.18 30.79 24.42
CA ALA D 209 6.77 29.53 23.86
C ALA D 209 7.81 29.02 22.87
N PRO D 210 7.81 27.73 22.56
CA PRO D 210 8.60 27.25 21.44
C PRO D 210 8.14 27.91 20.14
N GLY D 211 9.11 28.26 19.30
CA GLY D 211 8.78 28.81 17.99
C GLY D 211 8.32 30.25 17.97
N GLN D 212 8.56 31.01 19.04
CA GLN D 212 8.10 32.39 19.11
C GLN D 212 9.31 33.33 19.12
N HIS D 213 9.35 34.24 18.15
CA HIS D 213 10.46 35.18 18.00
C HIS D 213 9.96 36.60 18.16
N GLU D 214 10.63 37.36 19.02
CA GLU D 214 10.28 38.76 19.27
C GLU D 214 11.33 39.65 18.60
N ILE D 215 10.87 40.71 17.95
CA ILE D 215 11.77 41.68 17.32
C ILE D 215 11.54 43.03 17.96
N ASP D 216 12.58 43.60 18.55
CA ASP D 216 12.50 44.87 19.25
C ASP D 216 12.93 45.99 18.31
N PHE D 217 12.12 47.03 18.23
CA PHE D 217 12.46 48.16 17.39
C PHE D 217 13.06 49.29 18.23
N LYS D 218 14.01 50.00 17.63
CA LYS D 218 14.40 51.27 18.20
C LYS D 218 13.32 52.31 17.92
N TYR D 219 13.31 53.35 18.75
CA TYR D 219 12.14 54.21 18.84
C TYR D 219 12.14 55.24 17.71
N ALA D 220 10.93 55.55 17.23
CA ALA D 220 10.77 56.46 16.11
C ALA D 220 9.43 57.18 16.28
N ASP D 221 9.15 58.08 15.33
CA ASP D 221 7.90 58.83 15.40
C ASP D 221 6.71 57.91 15.11
N ALA D 222 5.53 58.37 15.50
CA ALA D 222 4.35 57.50 15.53
C ALA D 222 4.03 56.94 14.16
N VAL D 223 3.91 57.82 13.15
CA VAL D 223 3.55 57.36 11.81
C VAL D 223 4.64 56.45 11.25
N LYS D 224 5.90 56.85 11.42
CA LYS D 224 7.00 56.02 10.94
C LYS D 224 7.08 54.72 11.72
N ALA D 225 6.75 54.75 13.01
CA ALA D 225 6.74 53.51 13.79
C ALA D 225 5.67 52.55 13.29
N ALA D 226 4.49 53.06 12.99
CA ALA D 226 3.43 52.20 12.45
C ALA D 226 3.83 51.63 11.10
N ASP D 227 4.42 52.46 10.23
CA ASP D 227 4.92 51.96 8.96
C ASP D 227 6.00 50.91 9.18
N GLN D 228 6.83 51.10 10.21
CA GLN D 228 7.83 50.12 10.56
C GLN D 228 7.19 48.80 10.92
N ILE D 229 6.12 48.82 11.72
CA ILE D 229 5.44 47.59 12.11
C ILE D 229 4.85 46.90 10.89
N GLN D 230 4.21 47.67 10.00
CA GLN D 230 3.59 47.08 8.82
C GLN D 230 4.63 46.41 7.93
N THR D 231 5.68 47.16 7.57
CA THR D 231 6.70 46.58 6.70
C THR D 231 7.44 45.46 7.42
N PHE D 232 7.54 45.54 8.74
CA PHE D 232 8.10 44.47 9.54
C PHE D 232 7.31 43.18 9.35
N LYS D 233 5.99 43.25 9.48
CA LYS D 233 5.15 42.07 9.27
C LYS D 233 5.34 41.52 7.87
N LEU D 234 5.29 42.40 6.87
CA LEU D 234 5.42 41.94 5.48
C LEU D 234 6.76 41.25 5.26
N VAL D 235 7.84 41.84 5.77
CA VAL D 235 9.16 41.28 5.52
C VAL D 235 9.33 39.96 6.25
N VAL D 236 8.85 39.88 7.49
CA VAL D 236 8.98 38.64 8.25
C VAL D 236 8.22 37.52 7.55
N LYS D 237 6.99 37.79 7.10
CA LYS D 237 6.25 36.76 6.40
C LYS D 237 6.93 36.37 5.08
N THR D 238 7.42 37.34 4.33
CA THR D 238 8.09 37.02 3.06
C THR D 238 9.29 36.12 3.29
N ILE D 239 10.11 36.46 4.29
CA ILE D 239 11.29 35.65 4.59
C ILE D 239 10.89 34.27 5.06
N ALA D 240 9.83 34.17 5.88
CA ALA D 240 9.39 32.86 6.34
C ALA D 240 8.95 31.98 5.18
N ARG D 241 8.17 32.52 4.25
CA ARG D 241 7.82 31.75 3.06
C ARG D 241 9.08 31.35 2.29
N GLN D 242 10.09 32.22 2.27
CA GLN D 242 11.33 31.86 1.59
C GLN D 242 12.02 30.67 2.24
N HIS D 243 12.02 30.57 3.57
CA HIS D 243 12.70 29.51 4.28
C HIS D 243 11.84 28.26 4.44
N GLY D 244 10.71 28.20 3.74
CA GLY D 244 9.81 27.06 3.88
C GLY D 244 9.14 26.97 5.24
N LEU D 245 8.80 28.12 5.82
CA LEU D 245 8.08 28.18 7.08
C LEU D 245 6.89 29.12 6.92
N HIS D 246 5.97 29.05 7.88
CA HIS D 246 4.81 29.92 7.88
C HIS D 246 4.90 30.83 9.08
N ALA D 247 4.83 32.14 8.85
CA ALA D 247 4.89 33.15 9.91
C ALA D 247 3.49 33.66 10.19
N THR D 248 3.09 33.58 11.46
CA THR D 248 1.76 33.99 11.87
C THR D 248 1.85 34.88 13.11
N PHE D 249 1.00 35.91 13.15
CA PHE D 249 0.87 36.77 14.32
C PHE D 249 -0.39 36.48 15.11
N MET D 250 -1.05 35.37 14.85
CA MET D 250 -2.33 35.10 15.48
C MET D 250 -2.15 35.12 16.99
N PRO D 251 -2.95 35.91 17.73
CA PRO D 251 -2.61 36.20 19.13
C PRO D 251 -2.49 34.98 20.03
N LYS D 252 -3.19 33.90 19.72
CA LYS D 252 -3.13 32.67 20.53
C LYS D 252 -3.37 31.48 19.61
N PRO D 253 -2.33 31.02 18.91
CA PRO D 253 -2.55 29.96 17.91
C PRO D 253 -2.82 28.61 18.53
N LEU D 254 -2.17 28.27 19.63
CA LEU D 254 -2.28 26.93 20.19
C LEU D 254 -2.66 27.04 21.65
N PHE D 255 -3.57 26.17 22.09
CA PHE D 255 -3.95 26.14 23.49
C PHE D 255 -2.82 25.55 24.33
N GLY D 256 -2.64 26.10 25.52
CA GLY D 256 -1.61 25.63 26.42
C GLY D 256 -0.27 26.30 26.29
N VAL D 257 -0.09 27.15 25.29
CA VAL D 257 1.16 27.90 25.12
C VAL D 257 0.83 29.38 25.13
N ASN D 258 1.81 30.18 25.53
CA ASN D 258 1.61 31.62 25.58
C ASN D 258 1.43 32.18 24.18
N GLY D 259 0.63 33.23 24.08
CA GLY D 259 0.33 33.85 22.81
C GLY D 259 1.36 34.90 22.43
N SER D 260 0.94 35.79 21.54
CA SER D 260 1.79 36.84 21.00
C SER D 260 1.36 38.19 21.53
N GLY D 261 2.28 38.90 22.16
CA GLY D 261 2.03 40.23 22.67
C GLY D 261 2.82 41.28 21.90
N MET D 262 2.27 42.50 21.89
CA MET D 262 2.83 43.60 21.12
C MET D 262 2.94 44.83 22.00
N HIS D 263 3.58 44.66 23.16
CA HIS D 263 3.85 45.77 24.07
C HIS D 263 4.36 46.98 23.31
N CYS D 264 3.75 48.12 23.56
CA CYS D 264 4.18 49.39 22.96
C CYS D 264 4.73 50.29 24.05
N ASN D 265 5.95 50.77 23.85
CA ASN D 265 6.53 51.79 24.72
C ASN D 265 6.25 53.15 24.11
N GLN D 266 5.70 54.06 24.89
CA GLN D 266 5.34 55.38 24.38
C GLN D 266 5.82 56.47 25.33
N SER D 267 6.08 57.64 24.74
CA SER D 267 6.46 58.82 25.50
C SER D 267 6.20 60.06 24.66
N LEU D 268 5.71 61.12 25.29
CA LEU D 268 5.42 62.35 24.57
C LEU D 268 6.67 63.22 24.47
N PHE D 269 6.74 64.01 23.40
CA PHE D 269 7.87 64.88 23.13
C PHE D 269 7.39 66.27 22.72
N LYS D 270 8.01 67.29 23.32
CA LYS D 270 7.86 68.68 22.85
C LYS D 270 9.27 69.25 22.64
N ASP D 271 9.67 69.35 21.38
CA ASP D 271 10.91 70.01 20.97
C ASP D 271 12.12 69.39 21.69
N ASN D 272 12.32 68.10 21.40
CA ASN D 272 13.45 67.33 21.93
C ASN D 272 13.45 67.32 23.46
N GLU D 273 12.26 67.41 24.06
CA GLU D 273 12.11 67.36 25.52
C GLU D 273 11.13 66.25 25.86
N ASN D 274 11.56 65.33 26.71
CA ASN D 274 10.70 64.25 27.19
C ASN D 274 9.88 64.77 28.36
N VAL D 275 8.60 65.07 28.11
CA VAL D 275 7.75 65.67 29.14
C VAL D 275 7.51 64.75 30.32
N PHE D 276 7.61 63.44 30.13
CA PHE D 276 7.34 62.49 31.20
C PHE D 276 8.36 62.56 32.32
N TYR D 277 9.60 62.91 32.02
CA TYR D 277 10.67 62.89 33.01
C TYR D 277 10.53 64.05 33.99
N ASP D 278 10.79 63.75 35.26
CA ASP D 278 10.79 64.77 36.31
C ASP D 278 11.61 64.23 37.47
N GLU D 279 12.80 64.81 37.68
CA GLU D 279 13.66 64.35 38.76
C GLU D 279 13.07 64.66 40.12
N THR D 280 12.07 65.55 40.18
CA THR D 280 11.43 65.86 41.45
C THR D 280 10.45 64.78 41.88
N ASP D 281 9.98 63.95 40.95
CA ASP D 281 9.02 62.91 41.30
C ASP D 281 9.70 61.75 42.00
N GLU D 282 8.96 61.09 42.88
CA GLU D 282 9.50 59.93 43.58
C GLU D 282 9.83 58.80 42.62
N LEU D 283 8.94 58.55 41.66
CA LEU D 283 9.17 57.54 40.63
C LEU D 283 9.76 58.13 39.35
N GLY D 284 10.03 59.43 39.34
CA GLY D 284 10.52 60.07 38.13
C GLY D 284 9.50 60.15 37.02
N LEU D 285 8.24 60.42 37.36
CA LEU D 285 7.18 60.61 36.39
C LEU D 285 6.53 61.97 36.63
N SER D 286 6.48 62.79 35.59
CA SER D 286 5.86 64.10 35.70
C SER D 286 4.35 63.96 35.84
N GLN D 287 3.72 65.06 36.29
CA GLN D 287 2.27 65.06 36.44
C GLN D 287 1.57 64.79 35.12
N THR D 288 2.16 65.24 34.01
CA THR D 288 1.60 64.94 32.70
C THR D 288 1.61 63.44 32.45
N ALA D 289 2.69 62.76 32.83
CA ALA D 289 2.74 61.30 32.67
C ALA D 289 1.65 60.62 33.48
N ARG D 290 1.44 61.09 34.72
CA ARG D 290 0.41 60.48 35.56
C ARG D 290 -0.99 60.71 34.99
N HIS D 291 -1.24 61.92 34.48
CA HIS D 291 -2.53 62.18 33.83
C HIS D 291 -2.71 61.29 32.61
N TYR D 292 -1.64 61.09 31.84
CA TYR D 292 -1.68 60.20 30.69
C TYR D 292 -2.01 58.78 31.12
N MET D 293 -1.40 58.33 32.21
CA MET D 293 -1.67 57.00 32.74
C MET D 293 -3.12 56.86 33.16
N ALA D 294 -3.65 57.85 33.87
CA ALA D 294 -5.04 57.79 34.30
C ALA D 294 -5.97 57.74 33.09
N GLY D 295 -5.67 58.55 32.06
CA GLY D 295 -6.51 58.57 30.88
C GLY D 295 -6.50 57.24 30.14
N ILE D 296 -5.34 56.61 30.04
CA ILE D 296 -5.27 55.30 29.39
C ILE D 296 -6.00 54.25 30.23
N LEU D 297 -5.84 54.31 31.56
CA LEU D 297 -6.47 53.31 32.41
C LEU D 297 -7.99 53.39 32.35
N LYS D 298 -8.54 54.61 32.41
CA LYS D 298 -9.99 54.74 32.48
C LYS D 298 -10.67 54.19 31.23
N HIS D 299 -10.11 54.47 30.05
CA HIS D 299 -10.71 54.05 28.80
C HIS D 299 -10.16 52.72 28.28
N ALA D 300 -9.54 51.92 29.16
CA ALA D 300 -8.92 50.67 28.72
C ALA D 300 -9.95 49.71 28.14
N ARG D 301 -11.02 49.46 28.89
CA ARG D 301 -12.05 48.55 28.41
C ARG D 301 -12.64 49.02 27.08
N ALA D 302 -12.73 50.33 26.89
CA ALA D 302 -13.23 50.85 25.63
C ALA D 302 -12.27 50.58 24.49
N MET D 303 -10.98 50.89 24.69
CA MET D 303 -10.04 50.77 23.59
C MET D 303 -9.65 49.33 23.29
N ALA D 304 -9.99 48.39 24.18
CA ALA D 304 -9.66 46.99 23.92
C ALA D 304 -10.30 46.48 22.63
N ALA D 305 -11.47 47.00 22.27
CA ALA D 305 -12.18 46.52 21.08
C ALA D 305 -11.41 46.80 19.80
N ILE D 306 -10.54 47.80 19.79
CA ILE D 306 -9.71 48.11 18.63
C ILE D 306 -8.31 47.55 18.81
N THR D 307 -7.76 47.64 20.02
CA THR D 307 -6.42 47.14 20.26
C THR D 307 -6.40 45.63 20.46
N ASN D 308 -7.54 44.99 20.62
CA ASN D 308 -7.65 43.53 20.62
C ASN D 308 -8.80 43.16 19.68
N PRO D 309 -8.56 43.19 18.38
CA PRO D 309 -9.67 43.16 17.43
C PRO D 309 -10.23 41.78 17.13
N THR D 310 -9.42 40.73 17.20
CA THR D 310 -9.83 39.41 16.78
C THR D 310 -10.70 38.74 17.84
N VAL D 311 -11.40 37.69 17.42
CA VAL D 311 -12.04 36.80 18.37
C VAL D 311 -10.98 36.08 19.19
N ASN D 312 -9.90 35.66 18.54
CA ASN D 312 -8.86 34.89 19.19
C ASN D 312 -8.11 35.68 20.25
N SER D 313 -8.07 37.00 20.14
CA SER D 313 -7.25 37.79 21.04
C SER D 313 -7.68 37.62 22.48
N TYR D 314 -8.99 37.59 22.73
CA TYR D 314 -9.47 37.43 24.09
C TYR D 314 -9.36 36.01 24.59
N LYS D 315 -8.95 35.07 23.74
CA LYS D 315 -8.49 33.78 24.25
C LYS D 315 -7.12 33.90 24.89
N ARG D 316 -6.32 34.87 24.48
CA ARG D 316 -5.00 35.08 25.07
C ARG D 316 -5.10 35.75 26.43
N LEU D 317 -6.11 36.60 26.62
CA LEU D 317 -6.30 37.29 27.91
C LEU D 317 -6.92 36.33 28.93
N VAL D 318 -6.16 35.31 29.28
CA VAL D 318 -6.55 34.34 30.29
C VAL D 318 -5.40 34.20 31.29
N PRO D 319 -5.68 33.85 32.55
CA PRO D 319 -4.60 33.79 33.53
C PRO D 319 -3.63 32.64 33.29
N GLY D 320 -2.39 32.85 33.71
CA GLY D 320 -1.40 31.81 33.68
C GLY D 320 -0.32 31.93 32.62
N TYR D 321 -0.30 33.01 31.85
CA TYR D 321 0.70 33.18 30.81
C TYR D 321 1.24 34.60 30.77
N GLU D 322 1.22 35.30 31.90
CA GLU D 322 1.70 36.67 32.09
C GLU D 322 0.76 37.68 31.43
N ALA D 323 -0.26 37.22 30.69
CA ALA D 323 -1.13 38.10 29.93
C ALA D 323 -1.83 39.09 30.85
N PRO D 324 -1.73 40.39 30.55
CA PRO D 324 -2.40 41.38 31.39
C PRO D 324 -3.91 41.34 31.22
N CYS D 325 -4.61 41.11 32.32
CA CYS D 325 -6.06 40.99 32.30
C CYS D 325 -6.78 41.99 33.17
N TYR D 326 -6.10 42.98 33.75
CA TYR D 326 -6.74 43.91 34.66
C TYR D 326 -6.15 45.30 34.54
N VAL D 327 -6.94 46.28 34.99
CA VAL D 327 -6.61 47.70 34.92
C VAL D 327 -5.85 48.11 36.17
N ALA D 328 -4.52 48.09 36.10
CA ALA D 328 -3.70 48.57 37.21
C ALA D 328 -2.32 48.90 36.66
N TRP D 329 -1.62 49.79 37.35
CA TRP D 329 -0.31 50.23 36.93
C TRP D 329 0.71 49.92 38.02
N SER D 330 1.89 49.48 37.59
CA SER D 330 2.95 49.17 38.54
C SER D 330 4.27 49.22 37.81
N ALA D 331 5.32 49.55 38.55
CA ALA D 331 6.67 49.48 38.03
C ALA D 331 7.15 48.05 37.87
N SER D 332 6.64 47.12 38.67
CA SER D 332 7.09 45.73 38.61
C SER D 332 6.00 44.84 39.17
N ASN D 333 5.32 44.10 38.28
CA ASN D 333 4.36 43.09 38.68
C ASN D 333 4.07 42.21 37.48
N ARG D 334 3.59 40.99 37.75
CA ARG D 334 3.44 39.99 36.69
C ARG D 334 2.59 40.52 35.54
N SER D 335 1.49 41.18 35.86
CA SER D 335 0.63 41.68 34.79
C SER D 335 -0.27 42.82 35.25
N PRO D 336 0.25 44.02 35.44
CA PRO D 336 -0.62 45.20 35.51
C PRO D 336 -1.00 45.64 34.11
N MET D 337 -1.97 46.54 33.99
CA MET D 337 -2.29 47.08 32.63
C MET D 337 -1.10 47.88 32.12
N ILE D 338 -0.45 48.69 32.97
CA ILE D 338 0.61 49.57 32.49
C ILE D 338 1.87 49.28 33.29
N ARG D 339 2.98 49.08 32.60
CA ARG D 339 4.27 48.88 33.24
C ARG D 339 5.15 50.09 32.98
N ILE D 340 5.79 50.58 34.04
CA ILE D 340 6.69 51.73 33.97
C ILE D 340 8.11 51.21 34.20
N PRO D 341 8.96 51.18 33.18
CA PRO D 341 10.30 50.62 33.36
C PRO D 341 11.16 51.50 34.27
N ALA D 342 12.36 51.00 34.56
CA ALA D 342 13.29 51.71 35.42
C ALA D 342 14.06 52.79 34.68
N SER D 343 14.18 52.68 33.37
CA SER D 343 14.94 53.67 32.60
C SER D 343 14.28 55.04 32.73
N ARG D 344 15.11 56.07 32.92
CA ARG D 344 14.62 57.41 33.21
C ARG D 344 15.25 58.44 32.27
N GLY D 345 15.13 59.71 32.62
CA GLY D 345 15.75 60.75 31.82
C GLY D 345 15.00 60.93 30.52
N LEU D 346 15.75 61.00 29.42
CA LEU D 346 15.12 61.00 28.11
C LEU D 346 14.58 59.64 27.72
N SER D 347 14.94 58.59 28.46
CA SER D 347 14.51 57.24 28.17
C SER D 347 13.35 56.77 29.04
N THR D 348 12.81 57.66 29.87
CA THR D 348 11.62 57.31 30.65
C THR D 348 10.45 57.10 29.70
N ARG D 349 9.66 56.05 29.95
CA ARG D 349 8.64 55.66 29.00
C ARG D 349 7.57 54.84 29.70
N VAL D 350 6.45 54.66 29.01
CA VAL D 350 5.31 53.91 29.56
C VAL D 350 5.01 52.75 28.63
N GLU D 351 4.90 51.55 29.18
CA GLU D 351 4.72 50.35 28.38
C GLU D 351 3.28 49.85 28.55
N VAL D 352 2.50 49.92 27.48
CA VAL D 352 1.16 49.37 27.45
C VAL D 352 1.24 48.00 26.80
N ARG D 353 0.76 46.98 27.49
CA ARG D 353 1.02 45.60 27.14
C ARG D 353 -0.19 44.88 26.57
N ASN D 354 -1.34 45.52 26.56
CA ASN D 354 -2.58 44.84 26.10
C ASN D 354 -2.58 44.53 24.60
N PRO D 355 -2.11 45.39 23.67
CA PRO D 355 -2.27 45.09 22.24
C PRO D 355 -1.43 43.91 21.80
N ASP D 356 -1.91 43.23 20.78
CA ASP D 356 -1.28 42.09 20.15
C ASP D 356 -1.06 42.34 18.67
N PRO D 357 -0.12 41.63 18.03
CA PRO D 357 0.30 42.01 16.68
C PRO D 357 -0.82 41.99 15.65
N ALA D 358 -1.91 41.27 15.90
CA ALA D 358 -3.04 41.30 14.97
C ALA D 358 -3.71 42.67 14.94
N ALA D 359 -3.59 43.46 16.01
CA ALA D 359 -4.24 44.77 16.05
C ALA D 359 -3.55 45.75 15.11
N ASN D 360 -4.35 46.64 14.55
CA ASN D 360 -3.83 47.64 13.63
C ASN D 360 -2.95 48.62 14.40
N PRO D 361 -1.69 48.82 14.00
CA PRO D 361 -0.83 49.75 14.78
C PRO D 361 -1.30 51.18 14.70
N TYR D 362 -1.75 51.63 13.52
CA TYR D 362 -2.24 53.00 13.39
C TYR D 362 -3.39 53.24 14.36
N LEU D 363 -4.41 52.39 14.32
CA LEU D 363 -5.56 52.59 15.18
C LEU D 363 -5.19 52.43 16.66
N ALA D 364 -4.35 51.44 16.98
CA ALA D 364 -3.99 51.22 18.38
C ALA D 364 -3.28 52.43 18.96
N LEU D 365 -2.26 52.92 18.25
CA LEU D 365 -1.56 54.12 18.72
C LEU D 365 -2.48 55.32 18.77
N ALA D 366 -3.37 55.46 17.77
CA ALA D 366 -4.28 56.60 17.75
C ALA D 366 -5.19 56.60 18.97
N VAL D 367 -5.79 55.44 19.29
CA VAL D 367 -6.70 55.40 20.43
C VAL D 367 -5.95 55.55 21.75
N MET D 368 -4.76 54.94 21.86
CA MET D 368 -3.96 55.16 23.07
C MET D 368 -3.70 56.63 23.29
N LEU D 369 -3.19 57.32 22.27
CA LEU D 369 -2.86 58.72 22.44
C LEU D 369 -4.09 59.56 22.69
N ARG D 370 -5.20 59.29 22.00
CA ARG D 370 -6.40 60.08 22.22
C ARG D 370 -6.92 59.93 23.64
N ALA D 371 -6.95 58.71 24.16
CA ALA D 371 -7.37 58.51 25.54
C ALA D 371 -6.40 59.20 26.50
N GLY D 372 -5.11 59.13 26.20
CA GLY D 372 -4.13 59.77 27.07
C GLY D 372 -4.28 61.28 27.11
N LEU D 373 -4.49 61.91 25.96
CA LEU D 373 -4.70 63.35 25.95
C LEU D 373 -6.03 63.71 26.60
N ASP D 374 -7.04 62.85 26.49
CA ASP D 374 -8.26 63.10 27.24
C ASP D 374 -7.98 63.11 28.73
N GLY D 375 -7.20 62.14 29.21
CA GLY D 375 -6.82 62.13 30.61
C GLY D 375 -5.99 63.35 31.01
N ILE D 376 -5.10 63.78 30.12
CA ILE D 376 -4.26 64.93 30.40
C ILE D 376 -5.11 66.19 30.52
N LYS D 377 -6.02 66.40 29.58
CA LYS D 377 -6.88 67.57 29.61
C LYS D 377 -7.79 67.54 30.84
N ARG D 378 -8.37 66.39 31.16
CA ARG D 378 -9.25 66.30 32.31
C ARG D 378 -8.49 66.20 33.63
N GLN D 379 -7.16 66.05 33.58
CA GLN D 379 -6.33 65.98 34.78
C GLN D 379 -6.85 64.90 35.73
N MET D 380 -7.09 63.72 35.17
CA MET D 380 -7.66 62.62 35.92
C MET D 380 -6.72 62.19 37.05
N ALA D 381 -7.30 61.89 38.21
CA ALA D 381 -6.52 61.49 39.37
C ALA D 381 -6.07 60.04 39.20
N LEU D 382 -4.76 59.84 39.21
CA LEU D 382 -4.20 58.51 39.01
C LEU D 382 -4.46 57.64 40.24
N PRO D 383 -5.03 56.46 40.09
CA PRO D 383 -5.20 55.56 41.24
C PRO D 383 -3.85 55.05 41.74
N ALA D 384 -3.90 54.42 42.91
CA ALA D 384 -2.68 53.93 43.53
C ALA D 384 -2.09 52.79 42.71
N PRO D 385 -0.77 52.63 42.69
CA PRO D 385 -0.17 51.50 41.99
C PRO D 385 -0.49 50.18 42.68
N ILE D 386 -0.50 49.11 41.89
CA ILE D 386 -0.69 47.78 42.44
C ILE D 386 0.64 47.26 42.95
N ASP D 387 0.63 46.73 44.17
CA ASP D 387 1.83 46.22 44.81
C ASP D 387 2.09 44.81 44.31
N ARG D 388 2.97 44.06 45.01
CA ARG D 388 3.25 42.69 44.62
C ARG D 388 1.99 41.81 44.69
N ASN D 389 0.97 42.31 45.40
CA ASN D 389 -0.30 41.57 45.53
C ASN D 389 -0.77 41.13 44.14
N ILE D 390 -0.81 39.83 43.89
CA ILE D 390 -1.25 39.29 42.56
C ILE D 390 -2.79 39.18 42.56
N TYR D 391 -3.38 38.65 41.49
CA TYR D 391 -4.86 38.64 41.36
C TYR D 391 -5.50 37.40 41.98
N VAL D 392 -4.83 36.72 42.92
CA VAL D 392 -5.48 35.62 43.61
C VAL D 392 -6.68 36.06 44.42
N MET D 393 -6.89 37.36 44.57
CA MET D 393 -7.98 37.88 45.37
C MET D 393 -9.31 37.65 44.67
N SER D 394 -10.39 37.75 45.45
CA SER D 394 -11.73 37.47 44.95
C SER D 394 -12.24 38.63 44.10
N GLU D 395 -13.33 38.37 43.38
CA GLU D 395 -13.98 39.43 42.60
C GLU D 395 -14.46 40.55 43.52
N GLU D 396 -14.98 40.20 44.69
CA GLU D 396 -15.32 41.21 45.68
C GLU D 396 -14.07 41.98 46.11
N GLU D 397 -12.95 41.27 46.27
CA GLU D 397 -11.71 41.96 46.59
C GLU D 397 -11.19 42.80 45.43
N ARG D 398 -11.33 42.32 44.19
CA ARG D 398 -10.89 43.08 43.04
C ARG D 398 -11.68 44.38 42.89
N ILE D 399 -13.00 44.32 43.09
CA ILE D 399 -13.79 45.55 43.06
C ILE D 399 -13.58 46.40 44.29
N GLU D 400 -13.24 45.80 45.43
CA GLU D 400 -12.98 46.57 46.64
C GLU D 400 -11.73 47.43 46.48
N GLU D 401 -10.69 46.88 45.85
CA GLU D 401 -9.46 47.63 45.59
C GLU D 401 -9.55 48.49 44.35
N GLY D 402 -10.68 48.47 43.64
CA GLY D 402 -10.84 49.25 42.43
C GLY D 402 -9.99 48.80 41.27
N ILE D 403 -9.96 47.50 41.00
CA ILE D 403 -9.18 46.92 39.91
C ILE D 403 -10.15 46.35 38.88
N PRO D 404 -10.50 47.08 37.83
CA PRO D 404 -11.39 46.52 36.80
C PRO D 404 -10.67 45.51 35.94
N SER D 405 -11.43 44.93 35.01
CA SER D 405 -10.91 43.88 34.14
C SER D 405 -11.20 44.20 32.68
N LEU D 406 -10.37 43.65 31.80
CA LEU D 406 -10.59 43.79 30.38
C LEU D 406 -11.81 42.97 29.94
N PRO D 407 -12.45 43.37 28.84
CA PRO D 407 -13.62 42.61 28.37
C PRO D 407 -13.27 41.17 28.05
N ALA D 408 -14.25 40.29 28.27
CA ALA D 408 -14.04 38.86 28.07
C ALA D 408 -13.95 38.45 26.61
N ASP D 409 -14.62 39.16 25.72
CA ASP D 409 -14.65 38.80 24.30
C ASP D 409 -15.08 40.03 23.50
N LEU D 410 -15.22 39.84 22.18
CA LEU D 410 -15.49 40.99 21.32
C LEU D 410 -16.85 41.62 21.59
N LYS D 411 -17.83 40.85 22.05
CA LYS D 411 -19.16 41.43 22.22
C LYS D 411 -19.16 42.51 23.30
N GLU D 412 -18.58 42.21 24.47
CA GLU D 412 -18.50 43.20 25.52
C GLU D 412 -17.62 44.37 25.10
N ALA D 413 -16.52 44.08 24.39
CA ALA D 413 -15.63 45.14 23.93
C ALA D 413 -16.36 46.09 22.97
N LEU D 414 -17.15 45.53 22.06
CA LEU D 414 -17.88 46.35 21.10
C LEU D 414 -18.95 47.19 21.79
N SER D 415 -19.66 46.60 22.77
CA SER D 415 -20.64 47.38 23.51
C SER D 415 -19.97 48.54 24.23
N GLU D 416 -18.82 48.28 24.85
CA GLU D 416 -18.09 49.36 25.53
C GLU D 416 -17.61 50.41 24.54
N LEU D 417 -17.15 49.99 23.36
CA LEU D 417 -16.71 50.94 22.36
C LEU D 417 -17.84 51.86 21.92
N ILE D 418 -19.01 51.29 21.66
CA ILE D 418 -20.16 52.11 21.29
C ILE D 418 -20.53 53.06 22.43
N ARG D 419 -20.52 52.55 23.67
CA ARG D 419 -20.89 53.38 24.80
C ARG D 419 -19.81 54.40 25.17
N SER D 420 -18.62 54.30 24.59
CA SER D 420 -17.54 55.24 24.89
C SER D 420 -17.58 56.40 23.90
N GLU D 421 -17.56 57.62 24.43
CA GLU D 421 -17.67 58.81 23.60
C GLU D 421 -16.33 59.41 23.19
N VAL D 422 -15.21 58.83 23.64
CA VAL D 422 -13.91 59.39 23.32
C VAL D 422 -13.31 58.72 22.08
N ILE D 423 -13.06 57.42 22.16
CA ILE D 423 -12.44 56.73 21.03
C ILE D 423 -13.38 56.59 19.85
N SER D 424 -14.70 56.62 20.08
CA SER D 424 -15.62 56.69 18.96
C SER D 424 -15.39 57.97 18.16
N ASP D 425 -15.21 59.10 18.87
CA ASP D 425 -14.83 60.33 18.19
C ASP D 425 -13.47 60.22 17.52
N ALA D 426 -12.50 59.60 18.21
CA ALA D 426 -11.15 59.47 17.64
C ALA D 426 -11.18 58.71 16.32
N LEU D 427 -11.89 57.59 16.27
CA LEU D 427 -11.98 56.83 15.02
C LEU D 427 -12.75 57.59 13.96
N GLY D 428 -13.68 58.45 14.37
CA GLY D 428 -14.50 59.16 13.42
C GLY D 428 -15.82 58.46 13.15
N ASP D 429 -16.82 59.25 12.79
CA ASP D 429 -18.17 58.73 12.66
C ASP D 429 -18.27 57.71 11.53
N HIS D 430 -17.64 57.99 10.39
CA HIS D 430 -17.75 57.07 9.26
C HIS D 430 -17.00 55.76 9.53
N ALA D 431 -15.78 55.86 10.05
CA ALA D 431 -15.00 54.64 10.28
C ALA D 431 -15.57 53.81 11.41
N LEU D 432 -16.17 54.45 12.42
CA LEU D 432 -16.71 53.71 13.55
C LEU D 432 -17.81 52.77 13.10
N ALA D 433 -18.70 53.25 12.24
CA ALA D 433 -19.81 52.41 11.78
C ALA D 433 -19.30 51.19 11.03
N TYR D 434 -18.33 51.38 10.14
CA TYR D 434 -17.86 50.27 9.33
C TYR D 434 -17.06 49.27 10.16
N PHE D 435 -16.23 49.75 11.08
CA PHE D 435 -15.50 48.83 11.95
C PHE D 435 -16.47 48.04 12.83
N TYR D 436 -17.48 48.72 13.38
CA TYR D 436 -18.48 48.04 14.19
C TYR D 436 -19.21 47.00 13.38
N GLU D 437 -19.55 47.31 12.14
CA GLU D 437 -20.24 46.35 11.28
C GLU D 437 -19.38 45.14 11.01
N LEU D 438 -18.09 45.37 10.71
CA LEU D 438 -17.18 44.25 10.46
C LEU D 438 -17.08 43.35 11.69
N LYS D 439 -16.88 43.95 12.86
CA LYS D 439 -16.74 43.14 14.06
C LYS D 439 -18.03 42.44 14.44
N GLU D 440 -19.18 43.09 14.21
CA GLU D 440 -20.46 42.45 14.45
C GLU D 440 -20.63 41.22 13.57
N ILE D 441 -20.30 41.35 12.29
CA ILE D 441 -20.42 40.20 11.38
C ILE D 441 -19.47 39.10 11.81
N GLU D 442 -18.23 39.46 12.17
CA GLU D 442 -17.26 38.46 12.58
C GLU D 442 -17.74 37.70 13.82
N TRP D 443 -18.22 38.44 14.82
CA TRP D 443 -18.70 37.80 16.05
C TRP D 443 -19.93 36.96 15.80
N ASP D 444 -20.84 37.45 14.95
CA ASP D 444 -22.03 36.67 14.63
C ASP D 444 -21.66 35.36 13.94
N MET D 445 -20.68 35.40 13.05
CA MET D 445 -20.19 34.17 12.44
C MET D 445 -19.58 33.25 13.48
N TYR D 446 -18.82 33.81 14.42
CA TYR D 446 -18.12 32.97 15.38
C TYR D 446 -19.07 32.31 16.37
N ARG D 447 -20.07 33.05 16.85
CA ARG D 447 -20.90 32.54 17.93
C ARG D 447 -21.78 31.38 17.51
N THR D 448 -22.12 31.28 16.23
CA THR D 448 -23.04 30.25 15.78
C THR D 448 -22.34 28.98 15.28
N GLN D 449 -21.01 28.93 15.35
CA GLN D 449 -20.30 27.73 14.96
C GLN D 449 -20.47 26.64 16.00
N VAL D 450 -20.28 25.40 15.58
CA VAL D 450 -20.28 24.25 16.47
C VAL D 450 -18.89 23.63 16.40
N HIS D 451 -18.10 23.83 17.45
CA HIS D 451 -16.70 23.45 17.44
C HIS D 451 -16.52 21.99 17.84
N GLN D 452 -15.32 21.47 17.60
CA GLN D 452 -15.03 20.08 17.91
C GLN D 452 -14.99 19.83 19.41
N TRP D 453 -14.62 20.84 20.20
CA TRP D 453 -14.57 20.67 21.65
C TRP D 453 -15.93 20.31 22.21
N GLU D 454 -16.99 20.90 21.66
CA GLU D 454 -18.34 20.56 22.09
C GLU D 454 -18.65 19.10 21.80
N ARG D 455 -18.31 18.63 20.61
CA ARG D 455 -18.55 17.23 20.29
C ARG D 455 -17.67 16.30 21.11
N ASP D 456 -16.56 16.81 21.63
CA ASP D 456 -15.74 16.01 22.54
C ASP D 456 -16.41 15.89 23.91
N GLN D 457 -16.75 17.02 24.51
CA GLN D 457 -17.41 16.98 25.82
C GLN D 457 -18.77 16.33 25.73
N TYR D 458 -19.60 16.77 24.81
CA TYR D 458 -20.93 16.23 24.61
C TYR D 458 -20.86 15.13 23.54
N LEU D 459 -22.02 14.75 23.00
CA LEU D 459 -22.17 13.70 21.99
C LEU D 459 -21.98 12.34 22.62
N THR D 460 -21.58 12.31 23.89
CA THR D 460 -21.54 11.11 24.71
C THR D 460 -22.19 11.30 26.06
N LEU D 461 -22.00 12.48 26.68
CA LEU D 461 -22.55 12.70 28.01
C LEU D 461 -24.05 12.99 27.94
N TYR D 462 -24.51 13.57 26.85
CA TYR D 462 -25.93 13.82 26.64
C TYR D 462 -26.43 13.09 25.41
N SER E 22 44.40 39.95 24.98
CA SER E 22 43.23 40.70 25.42
C SER E 22 42.66 41.54 24.29
N TYR E 23 41.69 42.39 24.62
CA TYR E 23 41.02 43.24 23.65
C TYR E 23 40.56 44.51 24.33
N THR E 24 40.15 45.49 23.53
CA THR E 24 39.57 46.72 24.03
C THR E 24 38.41 47.12 23.14
N ARG E 25 37.73 48.20 23.54
CA ARG E 25 36.57 48.68 22.79
C ARG E 25 36.94 49.01 21.35
N GLU E 26 38.00 49.79 21.16
CA GLU E 26 38.41 50.17 19.81
C GLU E 26 38.88 48.97 19.02
N ASP E 27 39.54 48.00 19.68
CA ASP E 27 39.92 46.77 19.00
C ASP E 27 38.69 46.03 18.50
N ILE E 28 37.66 45.94 19.33
CA ILE E 28 36.43 45.25 18.93
C ILE E 28 35.79 45.96 17.75
N ILE E 29 35.73 47.30 17.82
CA ILE E 29 35.11 48.07 16.74
C ILE E 29 35.87 47.88 15.44
N ARG E 30 37.21 47.93 15.50
CA ARG E 30 38.03 47.76 14.32
C ARG E 30 37.86 46.36 13.73
N ILE E 31 37.85 45.34 14.59
CA ILE E 31 37.71 43.97 14.12
C ILE E 31 36.35 43.78 13.45
N ALA E 32 35.29 44.32 14.07
CA ALA E 32 33.97 44.23 13.47
C ALA E 32 33.93 44.95 12.12
N GLU E 33 34.62 46.09 12.02
CA GLU E 33 34.66 46.81 10.75
C GLU E 33 35.40 46.02 9.68
N GLU E 34 36.50 45.36 10.04
CA GLU E 34 37.33 44.71 9.03
C GLU E 34 36.83 43.31 8.71
N GLU E 35 36.30 42.60 9.70
CA GLU E 35 35.87 41.22 9.52
C GLU E 35 34.47 41.14 8.92
N ASN E 36 33.79 42.27 8.75
CA ASN E 36 32.42 42.32 8.26
C ASN E 36 31.48 41.53 9.18
N VAL E 37 31.69 41.65 10.48
CA VAL E 37 30.77 41.08 11.45
C VAL E 37 29.45 41.82 11.38
N ARG E 38 28.37 41.08 11.19
CA ARG E 38 27.04 41.68 11.08
C ARG E 38 26.06 41.25 12.16
N PHE E 39 26.41 40.26 12.97
CA PHE E 39 25.47 39.61 13.86
C PHE E 39 26.18 39.26 15.16
N ILE E 40 25.61 39.69 16.27
CA ILE E 40 26.27 39.63 17.57
C ILE E 40 25.41 38.83 18.53
N ARG E 41 26.02 37.91 19.27
CA ARG E 41 25.33 37.11 20.27
C ARG E 41 25.81 37.54 21.66
N LEU E 42 25.03 38.40 22.32
CA LEU E 42 25.28 38.76 23.71
C LEU E 42 24.85 37.57 24.56
N GLN E 43 25.82 36.77 24.98
CA GLN E 43 25.51 35.47 25.54
C GLN E 43 25.67 35.42 27.04
N PHE E 44 24.96 34.49 27.67
CA PHE E 44 25.09 34.20 29.10
C PHE E 44 24.39 32.87 29.37
N THR E 45 24.24 32.55 30.65
CA THR E 45 23.66 31.28 31.05
C THR E 45 22.74 31.48 32.25
N ASP E 46 21.72 30.63 32.35
CA ASP E 46 20.83 30.61 33.49
C ASP E 46 21.31 29.56 34.49
N LEU E 47 20.50 29.34 35.52
CA LEU E 47 20.85 28.31 36.50
C LEU E 47 20.62 26.91 35.93
N LEU E 48 19.76 26.79 34.91
CA LEU E 48 19.51 25.50 34.29
C LEU E 48 20.67 25.03 33.43
N GLY E 49 21.58 25.93 33.06
CA GLY E 49 22.69 25.59 32.21
C GLY E 49 22.48 25.86 30.75
N THR E 50 21.24 26.01 30.30
CA THR E 50 20.96 26.22 28.88
C THR E 50 21.57 27.53 28.41
N ILE E 51 22.12 27.51 27.21
CA ILE E 51 22.89 28.65 26.68
C ILE E 51 21.92 29.70 26.19
N LYS E 52 21.90 30.86 26.84
CA LYS E 52 20.97 31.92 26.52
C LYS E 52 21.72 33.07 25.86
N ASN E 53 21.01 33.87 25.05
CA ASN E 53 21.68 34.93 24.32
C ASN E 53 20.68 35.98 23.84
N VAL E 54 21.22 37.06 23.29
CA VAL E 54 20.45 38.09 22.61
C VAL E 54 21.13 38.37 21.28
N GLU E 55 20.32 38.42 20.21
CA GLU E 55 20.85 38.69 18.88
C GLU E 55 20.79 40.18 18.58
N ILE E 56 21.90 40.73 18.10
CA ILE E 56 22.01 42.17 17.90
C ILE E 56 22.62 42.45 16.53
N PRO E 57 22.14 43.46 15.81
CA PRO E 57 22.83 43.88 14.58
C PRO E 57 24.10 44.65 14.92
N VAL E 58 24.98 44.75 13.92
CA VAL E 58 26.28 45.39 14.14
C VAL E 58 26.14 46.85 14.50
N SER E 59 25.10 47.54 14.02
CA SER E 59 24.95 48.97 14.25
C SER E 59 24.73 49.32 15.72
N GLN E 60 24.36 48.36 16.56
CA GLN E 60 24.20 48.58 17.99
C GLN E 60 25.45 48.19 18.78
N LEU E 61 26.50 47.74 18.10
CA LEU E 61 27.66 47.18 18.79
C LEU E 61 28.26 48.16 19.79
N GLU E 62 28.39 49.43 19.39
CA GLU E 62 28.91 50.42 20.30
C GLU E 62 28.08 50.49 21.57
N LYS E 63 26.75 50.51 21.43
CA LYS E 63 25.90 50.51 22.61
C LYS E 63 26.08 49.23 23.41
N ALA E 64 26.35 48.11 22.74
CA ALA E 64 26.65 46.88 23.44
C ALA E 64 27.92 47.02 24.26
N LEU E 65 28.93 47.72 23.72
CA LEU E 65 30.18 47.89 24.45
C LEU E 65 30.04 48.88 25.59
N ASP E 66 28.93 49.62 25.64
CA ASP E 66 28.69 50.62 26.67
C ASP E 66 28.11 50.03 27.95
N ASN E 67 27.83 48.72 27.97
CA ASN E 67 27.17 48.07 29.09
C ASN E 67 25.85 48.75 29.42
N LYS E 68 24.99 48.90 28.40
CA LYS E 68 23.72 49.58 28.54
C LYS E 68 22.54 48.74 28.06
N MET E 69 22.80 47.58 27.44
CA MET E 69 21.73 46.74 26.93
C MET E 69 20.96 46.11 28.08
N MET E 70 19.63 46.09 27.97
CA MET E 70 18.76 45.57 29.01
C MET E 70 17.93 44.40 28.46
N PHE E 71 17.50 43.53 29.37
CA PHE E 71 16.60 42.44 29.04
C PHE E 71 15.83 42.05 30.30
N ASP E 72 15.08 40.95 30.20
CA ASP E 72 14.17 40.54 31.26
C ASP E 72 14.90 40.35 32.58
N GLY E 73 16.03 39.64 32.57
CA GLY E 73 16.77 39.33 33.76
C GLY E 73 16.20 38.18 34.57
N SER E 74 14.88 38.13 34.73
CA SER E 74 14.25 37.05 35.47
C SER E 74 14.41 35.70 34.78
N SER E 75 14.84 35.69 33.52
CA SER E 75 15.10 34.44 32.82
C SER E 75 16.13 33.58 33.55
N ILE E 76 16.98 34.21 34.38
CA ILE E 76 17.94 33.45 35.18
C ILE E 76 17.22 32.46 36.09
N GLU E 77 16.08 32.87 36.65
CA GLU E 77 15.34 31.95 37.50
C GLU E 77 14.67 30.82 36.72
N GLY E 78 14.66 30.89 35.40
CA GLY E 78 14.08 29.83 34.58
C GLY E 78 12.62 30.05 34.26
N TYR E 79 11.85 28.96 34.20
CA TYR E 79 10.42 29.03 33.94
C TYR E 79 9.60 29.22 35.21
N VAL E 80 10.24 29.36 36.36
CA VAL E 80 9.56 29.62 37.62
C VAL E 80 9.53 31.11 37.95
N ARG E 81 9.88 31.96 37.00
CA ARG E 81 9.85 33.40 37.23
C ARG E 81 8.43 33.88 37.48
N ILE E 82 8.27 34.67 38.54
CA ILE E 82 6.97 35.15 38.97
C ILE E 82 6.81 36.66 38.77
N GLU E 83 7.89 37.41 38.91
CA GLU E 83 7.86 38.85 38.69
C GLU E 83 9.04 39.25 37.82
N GLU E 84 8.78 40.08 36.81
CA GLU E 84 9.80 40.41 35.84
C GLU E 84 10.75 41.45 36.43
N SER E 85 11.98 41.47 35.92
CA SER E 85 12.97 42.47 36.28
C SER E 85 13.41 43.22 35.03
N ASP E 86 14.40 44.07 35.20
CA ASP E 86 15.14 44.68 34.09
C ASP E 86 16.61 44.58 34.44
N MET E 87 17.37 43.86 33.61
CA MET E 87 18.75 43.59 33.97
C MET E 87 19.64 43.83 32.77
N TYR E 88 20.83 44.38 33.03
CA TYR E 88 21.71 44.82 31.97
C TYR E 88 22.81 43.81 31.71
N LEU E 89 23.19 43.70 30.45
CA LEU E 89 24.24 42.80 30.00
C LEU E 89 25.56 43.55 29.96
N TYR E 90 26.55 43.05 30.67
CA TYR E 90 27.89 43.64 30.68
C TYR E 90 28.84 42.67 29.98
N PRO E 91 29.22 42.91 28.74
CA PRO E 91 30.09 41.95 28.05
C PRO E 91 31.50 41.93 28.61
N ASP E 92 32.16 40.79 28.44
CA ASP E 92 33.57 40.65 28.77
C ASP E 92 34.35 40.63 27.47
N LEU E 93 35.04 41.72 27.18
CA LEU E 93 35.66 41.88 25.86
C LEU E 93 36.68 40.81 25.57
N ASP E 94 37.33 40.28 26.62
CA ASP E 94 38.35 39.25 26.43
C ASP E 94 37.80 37.97 25.82
N THR E 95 36.48 37.78 25.82
CA THR E 95 35.85 36.60 25.26
C THR E 95 35.24 36.82 23.89
N TRP E 96 35.57 37.92 23.22
CA TRP E 96 35.08 38.15 21.87
C TRP E 96 35.60 37.05 20.94
N VAL E 97 34.76 36.62 20.00
CA VAL E 97 35.15 35.63 19.01
C VAL E 97 34.13 35.66 17.88
N VAL E 98 34.54 35.17 16.72
CA VAL E 98 33.71 35.15 15.52
C VAL E 98 33.60 33.72 15.02
N PHE E 99 32.37 33.31 14.69
CA PHE E 99 32.11 31.94 14.29
C PHE E 99 32.50 31.72 12.83
N PRO E 100 33.16 30.62 12.51
CA PRO E 100 33.51 30.33 11.11
C PRO E 100 32.51 29.47 10.36
N TRP E 101 31.34 30.01 10.01
CA TRP E 101 30.36 29.17 9.32
C TRP E 101 30.31 29.38 7.82
N VAL E 102 31.47 29.63 7.19
CA VAL E 102 31.67 29.65 5.74
C VAL E 102 30.47 30.26 5.01
N THR E 103 30.09 31.47 5.42
CA THR E 103 29.00 32.18 4.78
C THR E 103 29.22 33.67 4.94
N SER E 104 28.57 34.47 4.09
CA SER E 104 28.62 35.92 4.22
C SER E 104 27.88 36.34 5.49
N ASP E 105 28.02 37.61 5.87
CA ASP E 105 27.37 38.14 7.06
C ASP E 105 27.80 37.37 8.30
N ARG E 106 29.09 37.44 8.64
CA ARG E 106 29.62 36.66 9.76
C ARG E 106 28.95 37.03 11.07
N VAL E 107 29.02 36.12 12.03
CA VAL E 107 28.36 36.26 13.33
C VAL E 107 29.43 36.25 14.41
N ALA E 108 29.24 37.09 15.43
CA ALA E 108 30.21 37.26 16.50
C ALA E 108 29.59 36.91 17.83
N ARG E 109 30.44 36.52 18.78
CA ARG E 109 30.00 36.08 20.08
C ARG E 109 30.64 36.95 21.15
N LEU E 110 29.84 37.33 22.15
CA LEU E 110 30.34 37.96 23.35
C LEU E 110 29.70 37.29 24.56
N ILE E 111 30.52 36.95 25.54
CA ILE E 111 30.03 36.36 26.78
C ILE E 111 29.87 37.47 27.81
N CYS E 112 28.70 37.53 28.42
CA CYS E 112 28.31 38.66 29.24
C CYS E 112 28.00 38.22 30.66
N ASP E 113 28.19 39.14 31.59
CA ASP E 113 27.66 38.99 32.93
C ASP E 113 26.37 39.78 33.05
N ILE E 114 25.61 39.51 34.10
CA ILE E 114 24.31 40.13 34.31
C ILE E 114 24.43 41.08 35.50
N TYR E 115 23.92 42.29 35.35
CA TYR E 115 24.00 43.29 36.41
C TYR E 115 22.63 43.88 36.68
N LYS E 116 22.39 44.25 37.93
CA LYS E 116 21.16 44.89 38.32
C LYS E 116 21.10 46.31 37.75
N PRO E 117 19.91 46.89 37.67
CA PRO E 117 19.82 48.28 37.19
C PRO E 117 20.56 49.27 38.06
N ASP E 118 20.74 48.98 39.34
CA ASP E 118 21.48 49.90 40.20
C ASP E 118 22.99 49.72 40.13
N GLY E 119 23.47 48.75 39.35
CA GLY E 119 24.88 48.55 39.13
C GLY E 119 25.48 47.36 39.86
N SER E 120 24.81 46.86 40.89
CA SER E 120 25.36 45.75 41.64
C SER E 120 25.20 44.44 40.86
N PRO E 121 26.09 43.46 41.10
CA PRO E 121 25.96 42.18 40.41
C PRO E 121 24.70 41.44 40.83
N PHE E 122 24.17 40.65 39.89
CA PHE E 122 23.03 39.79 40.21
C PHE E 122 23.52 38.57 40.97
N ALA E 123 22.87 38.28 42.09
CA ALA E 123 23.30 37.19 42.96
C ALA E 123 23.19 35.83 42.29
N GLY E 124 22.16 35.62 41.47
CA GLY E 124 21.85 34.31 40.94
C GLY E 124 22.51 33.92 39.64
N ASP E 125 23.53 34.65 39.20
CA ASP E 125 24.18 34.32 37.93
C ASP E 125 25.30 33.32 38.18
N PRO E 126 25.29 32.16 37.50
CA PRO E 126 26.33 31.15 37.77
C PRO E 126 27.74 31.67 37.56
N ARG E 127 27.97 32.47 36.52
CA ARG E 127 29.28 33.06 36.32
C ARG E 127 29.65 33.97 37.48
N GLY E 128 28.68 34.76 37.98
CA GLY E 128 28.92 35.55 39.17
C GLY E 128 29.27 34.70 40.36
N ILE E 129 28.61 33.54 40.50
CA ILE E 129 28.91 32.63 41.60
C ILE E 129 30.35 32.14 41.51
N LEU E 130 30.75 31.70 40.32
CA LEU E 130 32.11 31.19 40.14
C LEU E 130 33.13 32.28 40.40
N LYS E 131 32.87 33.49 39.92
CA LYS E 131 33.82 34.58 40.14
C LYS E 131 33.90 34.97 41.61
N ARG E 132 32.77 34.90 42.32
CA ARG E 132 32.81 35.16 43.76
C ARG E 132 33.62 34.10 44.49
N VAL E 133 33.48 32.84 44.08
CA VAL E 133 34.27 31.79 44.72
C VAL E 133 35.75 31.95 44.38
N LEU E 134 36.06 32.38 43.16
CA LEU E 134 37.45 32.66 42.82
C LEU E 134 37.99 33.84 43.62
N LYS E 135 37.15 34.85 43.87
CA LYS E 135 37.57 35.98 44.69
C LYS E 135 37.87 35.53 46.11
N GLU E 136 37.01 34.69 46.69
CA GLU E 136 37.28 34.21 48.04
C GLU E 136 38.43 33.21 48.07
N ALA E 137 38.76 32.60 46.94
CA ALA E 137 39.98 31.80 46.87
C ALA E 137 41.21 32.69 46.83
N GLU E 138 41.15 33.78 46.04
CA GLU E 138 42.26 34.71 45.97
C GLU E 138 42.53 35.36 47.31
N GLU E 139 41.47 35.70 48.05
CA GLU E 139 41.65 36.24 49.39
C GLU E 139 42.37 35.25 50.31
N LEU E 140 42.36 33.96 49.97
CA LEU E 140 43.09 32.96 50.71
C LEU E 140 44.52 32.78 50.22
N GLY E 141 44.93 33.53 49.19
CA GLY E 141 46.30 33.52 48.73
C GLY E 141 46.57 32.73 47.48
N TYR E 142 45.61 31.93 47.00
CA TYR E 142 45.77 31.14 45.79
C TYR E 142 45.27 31.97 44.62
N THR E 143 46.14 32.15 43.61
CA THR E 143 45.85 33.10 42.55
C THR E 143 44.78 32.59 41.59
N SER E 144 44.82 31.31 41.22
CA SER E 144 43.89 30.83 40.20
C SER E 144 43.63 29.34 40.38
N MET E 145 42.67 28.85 39.62
CA MET E 145 42.26 27.45 39.64
C MET E 145 42.37 26.91 38.23
N ASN E 146 43.38 26.08 37.98
CA ASN E 146 43.57 25.47 36.67
C ASN E 146 42.61 24.30 36.55
N VAL E 147 41.74 24.35 35.53
CA VAL E 147 40.66 23.39 35.34
C VAL E 147 40.68 22.91 33.89
N GLY E 148 40.70 21.60 33.71
CA GLY E 148 40.58 21.00 32.39
C GLY E 148 39.55 19.89 32.38
N PRO E 149 38.49 20.07 31.61
CA PRO E 149 37.43 19.06 31.56
C PRO E 149 37.70 18.00 30.51
N GLU E 150 36.97 16.89 30.63
CA GLU E 150 36.96 15.83 29.62
C GLU E 150 35.52 15.43 29.32
N PRO E 151 34.78 16.27 28.60
CA PRO E 151 33.38 15.96 28.32
C PRO E 151 33.22 15.01 27.13
N GLU E 152 32.19 14.17 27.21
CA GLU E 152 31.83 13.22 26.17
C GLU E 152 30.41 13.52 25.71
N PHE E 153 30.14 13.27 24.43
CA PHE E 153 28.80 13.51 23.91
C PHE E 153 28.39 12.33 23.03
N PHE E 154 27.08 12.17 22.88
CA PHE E 154 26.48 11.13 22.07
C PHE E 154 25.97 11.71 20.77
N LEU E 155 26.14 10.95 19.68
CA LEU E 155 25.60 11.32 18.39
C LEU E 155 24.60 10.26 17.95
N PHE E 156 23.42 10.70 17.56
CA PHE E 156 22.35 9.81 17.14
C PHE E 156 21.86 10.20 15.74
N LYS E 157 21.54 9.19 14.94
CA LYS E 157 20.99 9.46 13.63
C LYS E 157 19.60 10.09 13.77
N THR E 158 19.33 11.06 12.90
CA THR E 158 18.07 11.79 12.91
C THR E 158 17.12 11.18 11.89
N ASP E 159 15.84 11.50 12.04
CA ASP E 159 14.81 11.05 11.12
C ASP E 159 14.53 12.13 10.08
N GLU E 160 13.46 11.95 9.31
CA GLU E 160 13.10 12.93 8.29
C GLU E 160 12.65 14.24 8.91
N LYS E 161 12.10 14.19 10.13
CA LYS E 161 11.59 15.41 10.82
C LYS E 161 12.73 16.10 11.59
N GLY E 162 13.88 15.44 11.73
CA GLY E 162 15.01 16.02 12.49
C GLY E 162 15.07 15.49 13.92
N ASP E 163 14.00 14.82 14.38
CA ASP E 163 13.96 14.26 15.76
C ASP E 163 15.03 13.16 15.90
N PRO E 164 15.79 13.11 17.01
CA PRO E 164 16.79 12.06 17.22
C PRO E 164 16.19 10.65 17.40
N THR E 165 16.72 9.67 16.65
CA THR E 165 16.29 8.30 16.82
C THR E 165 17.21 7.59 17.80
N THR E 166 17.04 6.28 17.93
CA THR E 166 17.83 5.49 18.87
C THR E 166 19.04 4.84 18.19
N GLU E 167 19.24 5.08 16.90
CA GLU E 167 20.33 4.48 16.16
C GLU E 167 21.59 5.34 16.27
N LEU E 168 22.67 4.76 16.78
CA LEU E 168 23.92 5.48 16.93
C LEU E 168 24.60 5.69 15.58
N ASN E 169 25.59 6.59 15.57
CA ASN E 169 26.29 6.89 14.34
C ASN E 169 27.30 5.82 13.95
N ASP E 170 27.89 5.12 14.91
CA ASP E 170 28.84 4.06 14.59
C ASP E 170 28.71 2.95 15.64
N GLN E 171 29.52 1.91 15.48
CA GLN E 171 29.51 0.77 16.36
C GLN E 171 30.93 0.36 16.77
N GLY E 172 31.81 1.35 16.95
CA GLY E 172 33.16 1.06 17.36
C GLY E 172 33.28 0.86 18.86
N GLY E 173 34.45 0.40 19.28
CA GLY E 173 34.74 0.18 20.68
C GLY E 173 35.51 1.32 21.32
N TYR E 174 36.16 1.05 22.44
CA TYR E 174 36.87 2.10 23.17
C TYR E 174 38.14 2.49 22.43
N PHE E 175 38.37 3.80 22.31
CA PHE E 175 39.50 4.34 21.55
C PHE E 175 39.60 3.74 20.15
N ASP E 176 38.59 3.96 19.32
CA ASP E 176 38.56 3.34 18.01
C ASP E 176 38.78 4.36 16.90
N LEU E 177 38.79 3.86 15.67
CA LEU E 177 38.86 4.66 14.46
C LEU E 177 37.62 4.44 13.60
N ALA E 178 36.52 4.02 14.24
CA ALA E 178 35.29 3.75 13.49
C ALA E 178 34.82 4.95 12.67
N PRO E 179 34.79 6.18 13.20
CA PRO E 179 34.46 7.28 12.28
C PRO E 179 35.66 7.65 11.40
N MET E 180 35.82 6.92 10.31
CA MET E 180 36.93 7.10 9.41
C MET E 180 36.47 7.87 8.16
N ASP E 181 37.36 7.96 7.17
CA ASP E 181 37.07 8.50 5.85
C ASP E 181 36.80 9.99 5.87
N LEU E 182 35.76 10.42 5.16
CA LEU E 182 35.39 11.83 5.08
C LEU E 182 33.90 12.00 5.30
N GLY E 183 33.14 10.92 5.09
CA GLY E 183 31.71 10.97 5.26
C GLY E 183 31.27 11.16 6.69
N GLU E 184 30.86 12.38 7.02
CA GLU E 184 30.33 12.71 8.35
C GLU E 184 31.31 12.39 9.46
N ASN E 185 32.56 12.83 9.29
CA ASN E 185 33.53 12.81 10.39
C ASN E 185 33.31 14.06 11.26
N CYS E 186 32.30 13.94 12.13
CA CYS E 186 31.96 15.04 13.02
C CYS E 186 33.10 15.35 13.97
N ARG E 187 33.84 14.32 14.39
CA ARG E 187 34.93 14.52 15.33
C ARG E 187 36.01 15.44 14.75
N ARG E 188 36.45 15.15 13.52
CA ARG E 188 37.47 15.97 12.90
C ARG E 188 36.99 17.40 12.71
N GLU E 189 35.74 17.55 12.25
CA GLU E 189 35.21 18.88 11.99
C GLU E 189 35.15 19.70 13.27
N ILE E 190 34.65 19.10 14.36
CA ILE E 190 34.55 19.84 15.61
C ILE E 190 35.93 20.17 16.15
N VAL E 191 36.88 19.24 16.04
CA VAL E 191 38.22 19.54 16.53
C VAL E 191 38.83 20.70 15.76
N LEU E 192 38.68 20.70 14.43
CA LEU E 192 39.27 21.76 13.62
C LEU E 192 38.62 23.10 13.90
N LYS E 193 37.29 23.15 14.02
CA LYS E 193 36.65 24.43 14.29
C LYS E 193 36.96 24.95 15.69
N LEU E 194 37.01 24.06 16.68
CA LEU E 194 37.37 24.50 18.03
C LEU E 194 38.82 24.98 18.07
N GLU E 195 39.71 24.31 17.33
CA GLU E 195 41.10 24.74 17.28
C GLU E 195 41.22 26.09 16.57
N GLU E 196 40.40 26.32 15.56
CA GLU E 196 40.40 27.60 14.86
C GLU E 196 39.80 28.70 15.73
N MET E 197 38.95 28.33 16.70
CA MET E 197 38.63 29.28 17.76
C MET E 197 39.86 29.65 18.57
N GLY E 198 40.91 28.85 18.49
CA GLY E 198 42.08 29.08 19.30
C GLY E 198 42.00 28.31 20.60
N PHE E 199 40.93 27.55 20.78
CA PHE E 199 40.79 26.71 21.96
C PHE E 199 41.77 25.56 21.88
N GLU E 200 42.38 25.26 23.02
CA GLU E 200 43.49 24.31 23.08
C GLU E 200 42.90 22.91 23.28
N ILE E 201 42.95 22.12 22.22
CA ILE E 201 42.40 20.77 22.23
C ILE E 201 43.52 19.78 22.48
N GLU E 202 43.50 19.13 23.63
CA GLU E 202 44.54 18.17 23.98
C GLU E 202 44.39 16.87 23.21
N ALA E 203 43.16 16.38 23.05
CA ALA E 203 42.92 15.13 22.37
C ALA E 203 41.44 15.00 22.04
N SER E 204 41.13 14.02 21.19
CA SER E 204 39.76 13.71 20.80
C SER E 204 39.71 12.28 20.29
N HIS E 205 38.74 11.52 20.79
CA HIS E 205 38.78 10.08 20.57
C HIS E 205 37.39 9.49 20.76
N HIS E 206 37.29 8.20 20.46
CA HIS E 206 36.03 7.48 20.59
C HIS E 206 35.95 6.84 21.97
N GLU E 207 34.77 6.94 22.58
CA GLU E 207 34.63 6.51 23.97
C GLU E 207 34.01 5.12 24.02
N VAL E 208 33.69 4.68 25.25
CA VAL E 208 33.42 3.27 25.49
C VAL E 208 32.22 2.77 24.68
N ALA E 209 31.09 3.38 24.84
CA ALA E 209 29.93 2.89 24.14
C ALA E 209 30.01 3.29 22.67
N PRO E 210 29.27 2.62 21.80
CA PRO E 210 29.17 3.10 20.41
C PRO E 210 28.58 4.49 20.35
N GLY E 211 29.15 5.32 19.49
CA GLY E 211 28.62 6.66 19.28
C GLY E 211 28.96 7.68 20.33
N GLN E 212 29.95 7.43 21.18
CA GLN E 212 30.32 8.37 22.23
C GLN E 212 31.69 8.98 21.94
N HIS E 213 31.73 10.31 21.83
CA HIS E 213 32.91 11.04 21.44
C HIS E 213 33.36 11.94 22.57
N GLU E 214 34.60 11.78 23.02
CA GLU E 214 35.16 12.58 24.11
C GLU E 214 36.11 13.61 23.53
N ILE E 215 36.04 14.83 24.05
CA ILE E 215 36.95 15.90 23.64
C ILE E 215 37.70 16.37 24.87
N ASP E 216 39.03 16.28 24.82
CA ASP E 216 39.89 16.67 25.93
C ASP E 216 40.37 18.10 25.71
N PHE E 217 40.19 18.94 26.73
CA PHE E 217 40.68 20.31 26.64
C PHE E 217 42.03 20.43 27.31
N LYS E 218 42.84 21.35 26.79
CA LYS E 218 44.02 21.76 27.54
C LYS E 218 43.62 22.74 28.63
N TYR E 219 44.51 22.90 29.60
CA TYR E 219 44.14 23.52 30.86
C TYR E 219 44.04 25.02 30.70
N ALA E 220 43.16 25.63 31.49
CA ALA E 220 42.89 27.06 31.40
C ALA E 220 42.35 27.54 32.74
N ASP E 221 42.20 28.85 32.86
CA ASP E 221 41.66 29.41 34.09
C ASP E 221 40.18 29.05 34.21
N ALA E 222 39.67 29.13 35.44
CA ALA E 222 38.36 28.57 35.75
C ALA E 222 37.25 29.19 34.89
N VAL E 223 37.18 30.52 34.88
CA VAL E 223 36.09 31.18 34.15
C VAL E 223 36.20 30.91 32.67
N LYS E 224 37.41 31.02 32.11
CA LYS E 224 37.58 30.77 30.69
C LYS E 224 37.40 29.29 30.37
N ALA E 225 37.74 28.41 31.30
CA ALA E 225 37.49 26.99 31.09
C ALA E 225 35.99 26.70 31.01
N ALA E 226 35.20 27.29 31.90
CA ALA E 226 33.76 27.11 31.85
C ALA E 226 33.18 27.70 30.57
N ASP E 227 33.67 28.86 30.15
CA ASP E 227 33.24 29.42 28.87
C ASP E 227 33.61 28.50 27.73
N GLN E 228 34.78 27.87 27.80
CA GLN E 228 35.19 26.89 26.81
C GLN E 228 34.21 25.72 26.78
N ILE E 229 33.78 25.24 27.94
CA ILE E 229 32.83 24.13 27.98
C ILE E 229 31.51 24.54 27.34
N GLN E 230 31.02 25.74 27.66
CA GLN E 230 29.76 26.19 27.11
C GLN E 230 29.82 26.31 25.59
N THR E 231 30.83 27.03 25.09
CA THR E 231 30.95 27.19 23.64
C THR E 231 31.26 25.86 22.98
N PHE E 232 31.94 24.97 23.70
CA PHE E 232 32.18 23.61 23.23
C PHE E 232 30.85 22.90 22.96
N LYS E 233 29.96 22.92 23.94
CA LYS E 233 28.65 22.29 23.76
C LYS E 233 27.93 22.91 22.56
N LEU E 234 27.93 24.24 22.50
CA LEU E 234 27.20 24.92 21.43
C LEU E 234 27.76 24.52 20.05
N VAL E 235 29.09 24.51 19.91
CA VAL E 235 29.67 24.25 18.61
C VAL E 235 29.47 22.79 18.22
N VAL E 236 29.63 21.88 19.19
CA VAL E 236 29.43 20.46 18.88
C VAL E 236 28.00 20.22 18.41
N LYS E 237 27.02 20.78 19.13
CA LYS E 237 25.64 20.63 18.68
C LYS E 237 25.41 21.26 17.32
N THR E 238 25.96 22.45 17.09
CA THR E 238 25.78 23.11 15.81
C THR E 238 26.31 22.25 14.66
N ILE E 239 27.52 21.75 14.80
CA ILE E 239 28.11 20.93 13.75
C ILE E 239 27.34 19.62 13.57
N ALA E 240 26.89 19.02 14.68
CA ALA E 240 26.11 17.79 14.56
C ALA E 240 24.83 18.02 13.79
N ARG E 241 24.12 19.13 14.06
CA ARG E 241 22.96 19.47 13.25
C ARG E 241 23.36 19.65 11.79
N GLN E 242 24.53 20.25 11.56
CA GLN E 242 24.97 20.44 10.17
C GLN E 242 25.19 19.13 9.44
N HIS E 243 25.66 18.09 10.13
CA HIS E 243 25.96 16.80 9.50
C HIS E 243 24.77 15.86 9.51
N GLY E 244 23.58 16.38 9.81
CA GLY E 244 22.40 15.52 9.90
C GLY E 244 22.44 14.53 11.04
N LEU E 245 23.02 14.93 12.18
CA LEU E 245 23.06 14.11 13.37
C LEU E 245 22.53 14.93 14.55
N HIS E 246 22.25 14.24 15.65
CA HIS E 246 21.81 14.90 16.86
C HIS E 246 22.86 14.68 17.94
N ALA E 247 23.31 15.77 18.56
CA ALA E 247 24.29 15.72 19.63
C ALA E 247 23.60 15.90 20.96
N THR E 248 23.81 14.95 21.87
CA THR E 248 23.18 14.98 23.18
C THR E 248 24.22 14.74 24.25
N PHE E 249 24.10 15.47 25.36
CA PHE E 249 24.93 15.24 26.53
C PHE E 249 24.17 14.51 27.63
N MET E 250 22.99 13.99 27.32
CA MET E 250 22.16 13.38 28.34
C MET E 250 22.92 12.27 29.03
N PRO E 251 23.04 12.30 30.36
CA PRO E 251 24.07 11.49 31.03
C PRO E 251 23.96 9.99 30.79
N LYS E 252 22.74 9.47 30.64
CA LYS E 252 22.54 8.03 30.40
C LYS E 252 21.37 7.86 29.45
N PRO E 253 21.60 8.10 28.16
CA PRO E 253 20.48 8.07 27.20
C PRO E 253 19.86 6.71 27.01
N LEU E 254 20.66 5.65 27.04
CA LEU E 254 20.18 4.32 26.72
C LEU E 254 20.57 3.36 27.82
N PHE E 255 19.65 2.48 28.18
CA PHE E 255 19.94 1.47 29.18
C PHE E 255 20.87 0.42 28.60
N GLY E 256 21.80 -0.05 29.42
CA GLY E 256 22.73 -1.08 29.01
C GLY E 256 24.02 -0.58 28.39
N VAL E 257 24.15 0.72 28.15
CA VAL E 257 25.37 1.29 27.63
C VAL E 257 25.90 2.31 28.65
N ASN E 258 27.21 2.52 28.62
CA ASN E 258 27.81 3.45 29.56
C ASN E 258 27.37 4.88 29.26
N GLY E 259 27.29 5.69 30.31
CA GLY E 259 26.84 7.05 30.19
C GLY E 259 27.96 8.02 29.81
N SER E 260 27.67 9.30 30.00
CA SER E 260 28.58 10.37 29.64
C SER E 260 29.07 11.09 30.89
N GLY E 261 30.38 11.16 31.07
CA GLY E 261 30.98 11.81 32.21
C GLY E 261 31.77 13.05 31.84
N MET E 262 32.06 13.85 32.84
CA MET E 262 32.83 15.08 32.72
C MET E 262 33.91 15.11 33.79
N HIS E 263 34.76 14.08 33.81
CA HIS E 263 35.95 14.12 34.63
C HIS E 263 36.62 15.47 34.48
N CYS E 264 36.78 16.18 35.60
CA CYS E 264 37.41 17.49 35.62
C CYS E 264 38.72 17.38 36.38
N ASN E 265 39.80 17.82 35.75
CA ASN E 265 41.10 17.90 36.39
C ASN E 265 41.29 19.30 36.95
N GLN E 266 41.65 19.40 38.22
CA GLN E 266 41.78 20.69 38.87
C GLN E 266 43.08 20.75 39.66
N SER E 267 43.59 21.97 39.79
CA SER E 267 44.80 22.23 40.56
C SER E 267 44.80 23.70 40.96
N LEU E 268 45.37 24.00 42.13
CA LEU E 268 45.48 25.38 42.56
C LEU E 268 46.79 25.99 42.09
N PHE E 269 46.75 27.28 41.75
CA PHE E 269 47.92 28.01 41.28
C PHE E 269 48.13 29.25 42.13
N LYS E 270 49.38 29.42 42.58
CA LYS E 270 49.78 30.59 43.37
C LYS E 270 51.01 31.20 42.71
N ASP E 271 50.78 32.15 41.81
CA ASP E 271 51.85 32.90 41.13
C ASP E 271 52.79 31.95 40.37
N ASN E 272 52.20 31.27 39.39
CA ASN E 272 52.91 30.33 38.53
C ASN E 272 53.55 29.21 39.34
N GLU E 273 52.99 28.92 40.52
CA GLU E 273 53.46 27.85 41.38
C GLU E 273 52.30 26.91 41.68
N ASN E 274 52.48 25.64 41.37
CA ASN E 274 51.47 24.62 41.67
C ASN E 274 51.62 24.20 43.11
N VAL E 275 50.74 24.68 43.99
CA VAL E 275 50.85 24.40 45.40
C VAL E 275 50.67 22.93 45.73
N PHE E 276 50.01 22.17 44.87
CA PHE E 276 49.80 20.75 45.10
C PHE E 276 51.08 19.94 45.08
N TYR E 277 52.03 20.30 44.22
CA TYR E 277 53.23 19.50 44.05
C TYR E 277 54.14 19.60 45.26
N ASP E 278 54.72 18.46 45.64
CA ASP E 278 55.68 18.41 46.74
C ASP E 278 56.54 17.17 46.55
N GLU E 279 57.81 17.37 46.19
CA GLU E 279 58.69 16.24 45.98
C GLU E 279 58.97 15.49 47.27
N THR E 280 58.71 16.11 48.42
CA THR E 280 58.91 15.44 49.70
C THR E 280 57.80 14.43 50.00
N ASP E 281 56.65 14.56 49.37
CA ASP E 281 55.54 13.65 49.63
C ASP E 281 55.81 12.29 49.00
N GLU E 282 55.29 11.24 49.64
CA GLU E 282 55.45 9.89 49.10
C GLU E 282 54.77 9.75 47.75
N LEU E 283 53.55 10.28 47.63
CA LEU E 283 52.82 10.25 46.37
C LEU E 283 52.93 11.57 45.61
N GLY E 284 53.74 12.51 46.09
CA GLY E 284 53.88 13.80 45.44
C GLY E 284 52.66 14.68 45.53
N LEU E 285 52.01 14.73 46.68
CA LEU E 285 50.92 15.66 46.95
C LEU E 285 51.20 16.42 48.23
N SER E 286 51.16 17.74 48.17
CA SER E 286 51.41 18.56 49.33
C SER E 286 50.25 18.45 50.31
N GLN E 287 50.49 18.92 51.54
CA GLN E 287 49.45 18.87 52.57
C GLN E 287 48.23 19.68 52.15
N THR E 288 48.44 20.75 51.40
CA THR E 288 47.32 21.53 50.88
C THR E 288 46.48 20.68 49.94
N ALA E 289 47.13 19.89 49.08
CA ALA E 289 46.38 19.00 48.20
C ALA E 289 45.56 17.99 49.01
N ARG E 290 46.15 17.41 50.05
CA ARG E 290 45.43 16.43 50.85
C ARG E 290 44.24 17.06 51.56
N HIS E 291 44.41 18.28 52.08
CA HIS E 291 43.28 18.99 52.66
C HIS E 291 42.20 19.23 51.62
N TYR E 292 42.62 19.56 50.38
CA TYR E 292 41.66 19.75 49.30
C TYR E 292 40.83 18.50 49.07
N MET E 293 41.50 17.35 49.00
CA MET E 293 40.77 16.10 48.77
C MET E 293 39.86 15.77 49.93
N ALA E 294 40.32 15.99 51.16
CA ALA E 294 39.47 15.73 52.31
C ALA E 294 38.22 16.59 52.26
N GLY E 295 38.38 17.87 51.92
CA GLY E 295 37.23 18.76 51.84
C GLY E 295 36.26 18.38 50.75
N ILE E 296 36.78 17.97 49.59
CA ILE E 296 35.89 17.54 48.51
C ILE E 296 35.16 16.25 48.90
N LEU E 297 35.88 15.32 49.52
CA LEU E 297 35.26 14.05 49.91
C LEU E 297 34.16 14.24 50.94
N LYS E 298 34.40 15.08 51.94
CA LYS E 298 33.42 15.24 53.02
C LYS E 298 32.09 15.79 52.50
N HIS E 299 32.14 16.76 51.60
CA HIS E 299 30.94 17.41 51.09
C HIS E 299 30.48 16.82 49.76
N ALA E 300 30.91 15.60 49.43
CA ALA E 300 30.58 15.02 48.13
C ALA E 300 29.08 14.83 47.96
N ARG E 301 28.44 14.17 48.93
CA ARG E 301 27.00 13.94 48.86
C ARG E 301 26.24 15.24 48.74
N ALA E 302 26.71 16.28 49.41
CA ALA E 302 26.03 17.57 49.33
C ALA E 302 26.15 18.18 47.94
N MET E 303 27.35 18.16 47.37
CA MET E 303 27.56 18.82 46.08
C MET E 303 27.04 18.01 44.90
N ALA E 304 26.68 16.74 45.12
CA ALA E 304 26.15 15.94 44.02
C ALA E 304 24.87 16.54 43.45
N ALA E 305 24.09 17.24 44.28
CA ALA E 305 22.83 17.80 43.82
C ALA E 305 23.00 18.83 42.72
N ILE E 306 24.14 19.52 42.68
CA ILE E 306 24.44 20.47 41.61
C ILE E 306 25.32 19.85 40.55
N THR E 307 26.32 19.06 40.97
CA THR E 307 27.20 18.45 39.98
C THR E 307 26.57 17.26 39.29
N ASN E 308 25.45 16.76 39.78
CA ASN E 308 24.63 15.77 39.09
C ASN E 308 23.19 16.25 39.15
N PRO E 309 22.83 17.21 38.31
CA PRO E 309 21.55 17.92 38.52
C PRO E 309 20.32 17.19 38.02
N THR E 310 20.44 16.43 36.95
CA THR E 310 19.27 15.83 36.32
C THR E 310 18.81 14.60 37.12
N VAL E 311 17.55 14.21 36.87
CA VAL E 311 17.07 12.94 37.41
C VAL E 311 17.76 11.80 36.70
N ASN E 312 17.98 11.93 35.39
CA ASN E 312 18.65 10.89 34.63
C ASN E 312 20.08 10.64 35.09
N SER E 313 20.74 11.64 35.66
CA SER E 313 22.14 11.49 36.02
C SER E 313 22.34 10.36 37.02
N TYR E 314 21.45 10.22 37.98
CA TYR E 314 21.58 9.17 38.98
C TYR E 314 21.20 7.81 38.45
N LYS E 315 20.70 7.73 37.22
CA LYS E 315 20.63 6.45 36.53
C LYS E 315 22.00 6.00 36.05
N ARG E 316 22.91 6.94 35.81
CA ARG E 316 24.26 6.60 35.38
C ARG E 316 25.09 6.09 36.54
N LEU E 317 24.84 6.58 37.75
CA LEU E 317 25.59 6.15 38.93
C LEU E 317 25.11 4.77 39.40
N VAL E 318 25.31 3.79 38.53
CA VAL E 318 24.98 2.39 38.84
C VAL E 318 26.22 1.55 38.56
N PRO E 319 26.40 0.42 39.25
CA PRO E 319 27.63 -0.36 39.07
C PRO E 319 27.70 -1.03 37.71
N GLY E 320 28.93 -1.22 37.23
CA GLY E 320 29.19 -1.99 36.03
C GLY E 320 29.50 -1.19 34.78
N TYR E 321 29.61 0.13 34.87
CA TYR E 321 29.90 0.94 33.69
C TYR E 321 30.95 2.01 33.98
N GLU E 322 31.92 1.71 34.85
CA GLU E 322 33.01 2.60 35.23
C GLU E 322 32.53 3.75 36.12
N ALA E 323 31.22 3.89 36.31
CA ALA E 323 30.67 5.03 37.02
C ALA E 323 31.14 5.05 38.48
N PRO E 324 31.76 6.14 38.92
CA PRO E 324 32.17 6.23 40.32
C PRO E 324 30.96 6.52 41.21
N CYS E 325 30.70 5.60 42.13
CA CYS E 325 29.54 5.70 43.01
C CYS E 325 29.89 5.80 44.48
N TYR E 326 31.14 6.04 44.85
CA TYR E 326 31.54 5.95 46.26
C TYR E 326 32.62 6.97 46.58
N VAL E 327 32.69 7.31 47.87
CA VAL E 327 33.59 8.33 48.40
C VAL E 327 34.90 7.67 48.81
N ALA E 328 35.87 7.64 47.90
CA ALA E 328 37.19 7.12 48.22
C ALA E 328 38.17 7.64 47.17
N TRP E 329 39.41 7.83 47.58
CA TRP E 329 40.44 8.39 46.72
C TRP E 329 41.52 7.35 46.48
N SER E 330 41.99 7.29 45.24
CA SER E 330 43.04 6.36 44.86
C SER E 330 43.78 6.90 43.67
N ALA E 331 45.05 6.51 43.56
CA ALA E 331 45.81 6.81 42.36
C ALA E 331 45.36 5.98 41.18
N SER E 332 44.81 4.79 41.42
CA SER E 332 44.35 3.92 40.34
C SER E 332 43.34 2.93 40.90
N ASN E 333 42.08 3.04 40.48
CA ASN E 333 41.07 2.08 40.87
C ASN E 333 39.90 2.20 39.90
N ARG E 334 39.08 1.14 39.86
CA ARG E 334 37.95 1.10 38.96
C ARG E 334 36.97 2.24 39.24
N SER E 335 36.65 2.45 40.51
CA SER E 335 35.66 3.47 40.85
C SER E 335 35.92 4.11 42.21
N PRO E 336 37.00 4.88 42.37
CA PRO E 336 37.08 5.75 43.54
C PRO E 336 36.50 7.12 43.24
N MET E 337 36.11 7.87 44.25
CA MET E 337 35.59 9.25 44.00
C MET E 337 36.67 10.13 43.35
N ILE E 338 37.94 10.03 43.79
CA ILE E 338 38.95 10.95 43.31
C ILE E 338 40.11 10.14 42.77
N ARG E 339 40.53 10.45 41.55
CA ARG E 339 41.68 9.82 40.93
C ARG E 339 42.83 10.82 40.88
N ILE E 340 44.01 10.40 41.32
CA ILE E 340 45.20 11.23 41.31
C ILE E 340 46.15 10.64 40.25
N PRO E 341 46.31 11.27 39.10
CA PRO E 341 47.13 10.68 38.04
C PRO E 341 48.60 10.62 38.43
N ALA E 342 49.38 9.96 37.56
CA ALA E 342 50.81 9.81 37.81
C ALA E 342 51.60 11.05 37.44
N SER E 343 51.02 11.94 36.62
CA SER E 343 51.75 13.14 36.23
C SER E 343 52.00 14.03 37.45
N ARG E 344 53.22 14.56 37.54
CA ARG E 344 53.64 15.30 38.71
C ARG E 344 54.22 16.66 38.33
N GLY E 345 54.91 17.30 39.27
CA GLY E 345 55.52 18.58 38.98
C GLY E 345 54.48 19.65 38.85
N LEU E 346 54.61 20.50 37.83
CA LEU E 346 53.58 21.48 37.52
C LEU E 346 52.34 20.83 36.93
N SER E 347 52.41 19.55 36.56
CA SER E 347 51.30 18.83 35.98
C SER E 347 50.64 17.87 36.97
N THR E 348 50.87 18.06 38.26
CA THR E 348 50.12 17.30 39.26
C THR E 348 48.69 17.85 39.32
N ARG E 349 47.72 16.94 39.44
CA ARG E 349 46.33 17.32 39.33
C ARG E 349 45.47 16.42 40.18
N VAL E 350 44.23 16.83 40.41
CA VAL E 350 43.24 16.02 41.08
C VAL E 350 42.04 15.90 40.14
N GLU E 351 41.62 14.66 39.89
CA GLU E 351 40.56 14.40 38.92
C GLU E 351 39.29 14.00 39.65
N VAL E 352 38.28 14.85 39.59
CA VAL E 352 36.96 14.55 40.14
C VAL E 352 36.10 14.04 39.00
N ARG E 353 35.53 12.85 39.16
CA ARG E 353 34.91 12.13 38.07
C ARG E 353 33.40 12.09 38.16
N ASN E 354 32.83 12.55 39.26
CA ASN E 354 31.37 12.48 39.48
C ASN E 354 30.57 13.32 38.47
N PRO E 355 30.93 14.57 38.13
CA PRO E 355 30.05 15.41 37.30
C PRO E 355 29.93 14.89 35.89
N ASP E 356 28.78 15.16 35.30
CA ASP E 356 28.41 14.77 33.96
C ASP E 356 28.08 16.00 33.11
N PRO E 357 28.13 15.89 31.78
CA PRO E 357 28.04 17.10 30.95
C PRO E 357 26.77 17.90 31.12
N ALA E 358 25.70 17.29 31.67
CA ALA E 358 24.49 18.06 31.93
C ALA E 358 24.67 19.08 33.05
N ALA E 359 25.63 18.84 33.95
CA ALA E 359 25.84 19.75 35.07
C ALA E 359 26.42 21.07 34.61
N ASN E 360 26.00 22.14 35.28
CA ASN E 360 26.48 23.48 34.95
C ASN E 360 27.97 23.57 35.27
N PRO E 361 28.83 23.93 34.32
CA PRO E 361 30.27 23.97 34.62
C PRO E 361 30.62 25.05 35.64
N TYR E 362 30.04 26.24 35.50
CA TYR E 362 30.28 27.29 36.49
C TYR E 362 29.90 26.81 37.88
N LEU E 363 28.70 26.25 38.01
CA LEU E 363 28.23 25.82 39.32
C LEU E 363 29.07 24.67 39.87
N ALA E 364 29.40 23.69 39.02
CA ALA E 364 30.15 22.53 39.49
C ALA E 364 31.53 22.94 39.95
N LEU E 365 32.22 23.76 39.16
CA LEU E 365 33.54 24.23 39.57
C LEU E 365 33.46 25.08 40.82
N ALA E 366 32.42 25.91 40.94
CA ALA E 366 32.27 26.76 42.11
C ALA E 366 32.10 25.92 43.37
N VAL E 367 31.23 24.91 43.32
CA VAL E 367 30.98 24.11 44.52
C VAL E 367 32.20 23.25 44.85
N MET E 368 32.86 22.68 43.82
CA MET E 368 34.09 21.95 44.08
C MET E 368 35.11 22.84 44.79
N LEU E 369 35.36 24.03 44.25
CA LEU E 369 36.35 24.90 44.84
C LEU E 369 35.97 25.32 46.25
N ARG E 370 34.69 25.65 46.47
CA ARG E 370 34.30 26.11 47.80
C ARG E 370 34.45 25.01 48.83
N ALA E 371 34.01 23.79 48.49
CA ALA E 371 34.19 22.68 49.41
C ALA E 371 35.67 22.40 49.66
N GLY E 372 36.49 22.50 48.62
CA GLY E 372 37.90 22.24 48.79
C GLY E 372 38.59 23.26 49.68
N LEU E 373 38.27 24.55 49.50
CA LEU E 373 38.85 25.56 50.38
C LEU E 373 38.31 25.43 51.79
N ASP E 374 37.07 24.98 51.96
CA ASP E 374 36.59 24.70 53.30
C ASP E 374 37.43 23.60 53.95
N GLY E 375 37.72 22.54 53.19
CA GLY E 375 38.58 21.49 53.71
C GLY E 375 39.98 21.99 54.01
N ILE E 376 40.50 22.87 53.17
CA ILE E 376 41.84 23.41 53.38
C ILE E 376 41.89 24.25 54.65
N LYS E 377 40.91 25.14 54.83
CA LYS E 377 40.86 25.97 56.03
C LYS E 377 40.69 25.12 57.28
N ARG E 378 39.81 24.12 57.23
CA ARG E 378 39.59 23.28 58.40
C ARG E 378 40.67 22.24 58.59
N GLN E 379 41.58 22.09 57.64
CA GLN E 379 42.68 21.14 57.71
C GLN E 379 42.16 19.72 58.01
N MET E 380 41.16 19.32 57.24
CA MET E 380 40.51 18.04 57.45
C MET E 380 41.49 16.90 57.23
N ALA E 381 41.40 15.89 58.09
CA ALA E 381 42.29 14.74 58.02
C ALA E 381 41.85 13.84 56.87
N LEU E 382 42.72 13.67 55.89
CA LEU E 382 42.39 12.88 54.72
C LEU E 382 42.34 11.40 55.08
N PRO E 383 41.25 10.70 54.81
CA PRO E 383 41.20 9.26 55.11
C PRO E 383 42.17 8.47 54.23
N ALA E 384 42.30 7.19 54.57
CA ALA E 384 43.26 6.34 53.89
C ALA E 384 42.83 6.12 52.44
N PRO E 385 43.78 5.98 51.51
CA PRO E 385 43.42 5.66 50.14
C PRO E 385 42.90 4.24 50.01
N ILE E 386 42.08 4.03 49.00
CA ILE E 386 41.58 2.70 48.69
C ILE E 386 42.57 1.99 47.78
N ASP E 387 42.88 0.75 48.13
CA ASP E 387 43.79 -0.08 47.36
C ASP E 387 43.01 -0.74 46.22
N ARG E 388 43.58 -1.77 45.59
CA ARG E 388 42.91 -2.45 44.50
C ARG E 388 41.60 -3.09 44.95
N ASN E 389 41.35 -3.11 46.26
CA ASN E 389 40.10 -3.63 46.80
C ASN E 389 38.92 -2.93 46.15
N ILE E 390 37.93 -3.74 45.72
CA ILE E 390 36.84 -3.23 44.90
C ILE E 390 35.56 -3.33 45.72
N TYR E 391 34.43 -2.96 45.13
CA TYR E 391 33.19 -2.71 45.86
C TYR E 391 32.24 -3.89 45.71
N VAL E 392 32.79 -5.10 45.71
CA VAL E 392 31.99 -6.31 45.87
C VAL E 392 31.67 -6.58 47.32
N MET E 393 32.28 -5.83 48.24
CA MET E 393 32.06 -6.03 49.67
C MET E 393 30.65 -5.61 50.07
N SER E 394 30.26 -6.07 51.26
CA SER E 394 28.92 -5.81 51.78
C SER E 394 28.80 -4.39 52.31
N GLU E 395 27.55 -3.96 52.51
CA GLU E 395 27.30 -2.64 53.07
C GLU E 395 27.87 -2.52 54.49
N GLU E 396 27.78 -3.60 55.27
CA GLU E 396 28.37 -3.59 56.60
C GLU E 396 29.88 -3.37 56.52
N GLU E 397 30.55 -4.07 55.61
CA GLU E 397 31.98 -3.83 55.40
C GLU E 397 32.21 -2.47 54.74
N ARG E 398 31.25 -2.01 53.92
CA ARG E 398 31.41 -0.74 53.23
C ARG E 398 31.44 0.42 54.22
N ILE E 399 30.59 0.37 55.25
CA ILE E 399 30.64 1.37 56.31
C ILE E 399 31.70 1.05 57.35
N GLU E 400 32.11 -0.22 57.47
CA GLU E 400 33.18 -0.57 58.39
C GLU E 400 34.50 0.06 57.96
N GLU E 401 34.76 0.09 56.65
CA GLU E 401 35.95 0.74 56.12
C GLU E 401 35.77 2.25 55.96
N GLY E 402 34.59 2.78 56.32
CA GLY E 402 34.34 4.19 56.18
C GLY E 402 34.24 4.69 54.75
N ILE E 403 33.54 3.98 53.89
CA ILE E 403 33.38 4.35 52.49
C ILE E 403 31.91 4.73 52.26
N PRO E 404 31.57 6.01 52.30
CA PRO E 404 30.18 6.39 52.00
C PRO E 404 29.88 6.28 50.52
N SER E 405 28.64 6.55 50.17
CA SER E 405 28.17 6.44 48.80
C SER E 405 27.46 7.72 48.37
N LEU E 406 27.44 7.96 47.06
CA LEU E 406 26.72 9.08 46.51
C LEU E 406 25.22 8.87 46.66
N PRO E 407 24.44 9.96 46.68
CA PRO E 407 22.99 9.82 46.86
C PRO E 407 22.38 8.98 45.76
N ALA E 408 21.35 8.21 46.12
CA ALA E 408 20.73 7.27 45.19
C ALA E 408 20.00 7.95 44.05
N ASP E 409 19.37 9.09 44.30
CA ASP E 409 18.64 9.81 43.26
C ASP E 409 18.54 11.27 43.68
N LEU E 410 17.75 12.03 42.93
CA LEU E 410 17.77 13.48 43.06
C LEU E 410 17.22 13.96 44.41
N LYS E 411 16.21 13.27 44.94
CA LYS E 411 15.58 13.75 46.17
C LYS E 411 16.54 13.74 47.35
N GLU E 412 17.30 12.65 47.52
CA GLU E 412 18.29 12.60 48.59
C GLU E 412 19.37 13.65 48.38
N ALA E 413 19.75 13.89 47.13
CA ALA E 413 20.73 14.93 46.84
C ALA E 413 20.20 16.30 47.28
N LEU E 414 18.93 16.59 47.00
CA LEU E 414 18.37 17.87 47.39
C LEU E 414 18.31 18.00 48.92
N SER E 415 17.90 16.94 49.60
CA SER E 415 17.84 16.99 51.06
C SER E 415 19.22 17.24 51.65
N GLU E 416 20.23 16.54 51.12
CA GLU E 416 21.60 16.75 51.61
C GLU E 416 22.08 18.15 51.32
N LEU E 417 21.72 18.71 50.16
CA LEU E 417 22.08 20.09 49.84
C LEU E 417 21.48 21.05 50.85
N ILE E 418 20.20 20.87 51.19
CA ILE E 418 19.58 21.75 52.17
C ILE E 418 20.27 21.61 53.52
N ARG E 419 20.57 20.38 53.93
CA ARG E 419 21.19 20.17 55.24
C ARG E 419 22.65 20.60 55.27
N SER E 420 23.26 20.91 54.12
CA SER E 420 24.65 21.33 54.09
C SER E 420 24.75 22.85 54.20
N GLU E 421 25.69 23.32 55.02
CA GLU E 421 25.82 24.74 55.29
C GLU E 421 26.93 25.41 54.50
N VAL E 422 27.75 24.65 53.78
CA VAL E 422 28.85 25.26 53.03
C VAL E 422 28.43 25.54 51.59
N ILE E 423 27.96 24.49 50.90
CA ILE E 423 27.56 24.63 49.51
C ILE E 423 26.34 25.53 49.36
N SER E 424 25.41 25.51 50.32
CA SER E 424 24.30 26.46 50.29
C SER E 424 24.81 27.89 50.33
N ASP E 425 25.81 28.16 51.18
CA ASP E 425 26.43 29.48 51.18
C ASP E 425 27.11 29.79 49.86
N ALA E 426 27.80 28.81 49.29
CA ALA E 426 28.49 29.03 48.01
C ALA E 426 27.52 29.44 46.92
N LEU E 427 26.39 28.74 46.82
CA LEU E 427 25.40 29.10 45.80
C LEU E 427 24.77 30.46 46.12
N GLY E 428 24.70 30.82 47.39
CA GLY E 428 24.04 32.05 47.78
C GLY E 428 22.58 31.85 48.12
N ASP E 429 22.09 32.73 48.99
CA ASP E 429 20.74 32.54 49.54
C ASP E 429 19.67 32.65 48.46
N HIS E 430 19.80 33.65 47.57
CA HIS E 430 18.78 33.84 46.54
C HIS E 430 18.79 32.71 45.52
N ALA E 431 19.97 32.31 45.06
CA ALA E 431 20.05 31.27 44.04
C ALA E 431 19.69 29.90 44.61
N LEU E 432 19.99 29.65 45.88
CA LEU E 432 19.68 28.36 46.49
C LEU E 432 18.18 28.10 46.46
N ALA E 433 17.39 29.10 46.82
CA ALA E 433 15.94 28.92 46.85
C ALA E 433 15.40 28.57 45.47
N TYR E 434 15.86 29.28 44.44
CA TYR E 434 15.32 29.04 43.11
C TYR E 434 15.77 27.71 42.55
N PHE E 435 17.03 27.34 42.79
CA PHE E 435 17.49 26.03 42.34
C PHE E 435 16.74 24.92 43.06
N TYR E 436 16.52 25.05 44.36
CA TYR E 436 15.78 24.05 45.10
C TYR E 436 14.35 23.94 44.59
N GLU E 437 13.69 25.08 44.34
CA GLU E 437 12.34 25.05 43.83
C GLU E 437 12.28 24.38 42.46
N LEU E 438 13.25 24.70 41.61
CA LEU E 438 13.32 24.10 40.27
C LEU E 438 13.43 22.59 40.38
N LYS E 439 14.35 22.11 41.21
CA LYS E 439 14.57 20.67 41.29
C LYS E 439 13.41 19.97 42.00
N GLU E 440 12.76 20.62 42.96
CA GLU E 440 11.55 20.06 43.55
C GLU E 440 10.46 19.90 42.50
N ILE E 441 10.26 20.91 41.65
CA ILE E 441 9.25 20.78 40.61
C ILE E 441 9.61 19.65 39.66
N GLU E 442 10.88 19.58 39.26
CA GLU E 442 11.30 18.53 38.34
C GLU E 442 11.09 17.14 38.93
N TRP E 443 11.51 16.94 40.17
CA TRP E 443 11.37 15.63 40.79
C TRP E 443 9.91 15.29 41.04
N ASP E 444 9.10 16.28 41.43
CA ASP E 444 7.68 16.02 41.64
C ASP E 444 7.01 15.61 40.33
N MET E 445 7.40 16.25 39.22
CA MET E 445 6.88 15.82 37.93
C MET E 445 7.33 14.41 37.60
N TYR E 446 8.59 14.08 37.92
CA TYR E 446 9.11 12.77 37.53
C TYR E 446 8.49 11.64 38.34
N ARG E 447 8.31 11.83 39.64
CA ARG E 447 7.91 10.74 40.51
C ARG E 447 6.48 10.27 40.26
N THR E 448 5.63 11.12 39.70
CA THR E 448 4.24 10.77 39.51
C THR E 448 3.95 10.20 38.12
N GLN E 449 4.97 10.02 37.30
CA GLN E 449 4.77 9.43 35.98
C GLN E 449 4.54 7.93 36.10
N VAL E 450 3.89 7.36 35.08
CA VAL E 450 3.70 5.94 34.97
C VAL E 450 4.41 5.49 33.69
N HIS E 451 5.56 4.85 33.86
CA HIS E 451 6.43 4.53 32.74
C HIS E 451 6.02 3.21 32.10
N GLN E 452 6.56 2.98 30.89
CA GLN E 452 6.22 1.78 30.14
C GLN E 452 6.78 0.52 30.81
N TRP E 453 7.89 0.65 31.53
CA TRP E 453 8.47 -0.52 32.19
C TRP E 453 7.50 -1.11 33.22
N GLU E 454 6.76 -0.25 33.91
CA GLU E 454 5.75 -0.73 34.85
C GLU E 454 4.67 -1.52 34.13
N ARG E 455 4.18 -1.01 33.00
CA ARG E 455 3.17 -1.73 32.25
C ARG E 455 3.73 -3.00 31.65
N ASP E 456 5.04 -3.09 31.49
CA ASP E 456 5.66 -4.33 31.04
C ASP E 456 5.67 -5.37 32.16
N GLN E 457 6.25 -5.01 33.31
CA GLN E 457 6.29 -5.93 34.43
C GLN E 457 4.88 -6.27 34.92
N TYR E 458 4.08 -5.25 35.20
CA TYR E 458 2.72 -5.40 35.66
C TYR E 458 1.78 -5.41 34.45
N LEU E 459 0.48 -5.23 34.70
CA LEU E 459 -0.57 -5.22 33.69
C LEU E 459 -0.83 -6.64 33.20
N THR E 460 -0.01 -7.58 33.61
CA THR E 460 -0.22 -9.00 33.40
C THR E 460 -0.04 -9.81 34.67
N LEU E 461 0.96 -9.47 35.49
CA LEU E 461 1.22 -10.23 36.72
C LEU E 461 0.18 -9.92 37.79
N TYR E 462 -0.35 -8.71 37.79
CA TYR E 462 -1.41 -8.33 38.73
C TYR E 462 -2.66 -7.92 37.98
N SER F 22 63.99 7.77 5.65
CA SER F 22 63.66 8.03 7.04
C SER F 22 63.16 9.46 7.24
N TYR F 23 62.98 9.85 8.50
CA TYR F 23 62.46 11.17 8.83
C TYR F 23 63.02 11.58 10.19
N THR F 24 62.88 12.86 10.51
CA THR F 24 63.27 13.39 11.81
C THR F 24 62.23 14.39 12.28
N ARG F 25 62.44 14.88 13.51
CA ARG F 25 61.48 15.81 14.11
C ARG F 25 61.33 17.06 13.26
N GLU F 26 62.44 17.68 12.88
CA GLU F 26 62.38 18.90 12.08
C GLU F 26 61.81 18.63 10.70
N ASP F 27 62.15 17.48 10.11
CA ASP F 27 61.54 17.10 8.85
C ASP F 27 60.04 16.95 9.00
N ILE F 28 59.59 16.34 10.10
CA ILE F 28 58.17 16.14 10.33
C ILE F 28 57.46 17.48 10.43
N ILE F 29 58.05 18.41 11.19
CA ILE F 29 57.46 19.73 11.38
C ILE F 29 57.40 20.48 10.05
N ARG F 30 58.47 20.40 9.26
CA ARG F 30 58.50 21.07 7.97
C ARG F 30 57.43 20.50 7.03
N ILE F 31 57.31 19.17 7.00
CA ILE F 31 56.32 18.55 6.12
C ILE F 31 54.92 18.94 6.55
N ALA F 32 54.66 18.95 7.86
CA ALA F 32 53.35 19.37 8.36
C ALA F 32 53.07 20.82 7.97
N GLU F 33 54.08 21.68 8.05
CA GLU F 33 53.88 23.08 7.70
C GLU F 33 53.60 23.25 6.22
N GLU F 34 54.33 22.53 5.36
CA GLU F 34 54.21 22.76 3.93
C GLU F 34 52.98 22.05 3.36
N GLU F 35 52.64 20.89 3.89
CA GLU F 35 51.51 20.11 3.39
C GLU F 35 50.17 20.61 3.95
N ASN F 36 50.20 21.53 4.90
CA ASN F 36 48.99 21.99 5.59
C ASN F 36 48.27 20.82 6.26
N VAL F 37 49.05 19.93 6.87
CA VAL F 37 48.47 18.86 7.68
C VAL F 37 47.81 19.46 8.90
N ARG F 38 46.55 19.12 9.13
CA ARG F 38 45.79 19.69 10.24
C ARG F 38 45.35 18.66 11.27
N PHE F 39 45.49 17.37 10.99
CA PHE F 39 44.78 16.36 11.74
C PHE F 39 45.64 15.10 11.78
N ILE F 40 45.98 14.65 12.98
CA ILE F 40 46.98 13.60 13.17
C ILE F 40 46.33 12.41 13.85
N ARG F 41 46.62 11.21 13.35
CA ARG F 41 46.13 9.97 13.92
C ARG F 41 47.29 9.27 14.62
N LEU F 42 47.41 9.46 15.93
CA LEU F 42 48.40 8.74 16.73
C LEU F 42 47.87 7.33 16.91
N GLN F 43 48.38 6.40 16.10
CA GLN F 43 47.70 5.13 15.94
C GLN F 43 48.47 3.99 16.62
N PHE F 44 47.75 2.92 16.94
CA PHE F 44 48.32 1.70 17.48
C PHE F 44 47.25 0.60 17.41
N THR F 45 47.55 -0.53 18.02
CA THR F 45 46.66 -1.69 17.96
C THR F 45 46.57 -2.35 19.33
N ASP F 46 45.43 -2.99 19.58
CA ASP F 46 45.22 -3.77 20.78
C ASP F 46 45.48 -5.25 20.48
N LEU F 47 45.23 -6.10 21.47
CA LEU F 47 45.38 -7.54 21.25
C LEU F 47 44.27 -8.09 20.36
N LEU F 48 43.14 -7.41 20.30
CA LEU F 48 42.04 -7.84 19.45
C LEU F 48 42.33 -7.63 17.98
N GLY F 49 43.30 -6.78 17.64
CA GLY F 49 43.64 -6.47 16.28
C GLY F 49 42.97 -5.24 15.71
N THR F 50 41.87 -4.80 16.30
CA THR F 50 41.17 -3.64 15.78
C THR F 50 42.02 -2.39 15.92
N ILE F 51 41.96 -1.52 14.92
CA ILE F 51 42.83 -0.36 14.85
C ILE F 51 42.36 0.68 15.86
N LYS F 52 43.27 1.12 16.74
CA LYS F 52 42.95 2.12 17.74
C LYS F 52 43.84 3.34 17.52
N ASN F 53 43.40 4.50 18.02
CA ASN F 53 44.17 5.71 17.77
C ASN F 53 43.69 6.86 18.63
N VAL F 54 44.37 8.00 18.48
CA VAL F 54 44.00 9.26 19.10
C VAL F 54 44.05 10.35 18.05
N GLU F 55 43.03 11.20 18.02
CA GLU F 55 42.95 12.28 17.05
C GLU F 55 43.49 13.58 17.64
N ILE F 56 44.39 14.22 16.91
CA ILE F 56 45.09 15.39 17.47
C ILE F 56 45.10 16.54 16.46
N PRO F 57 44.91 17.78 16.90
CA PRO F 57 45.13 18.92 16.00
C PRO F 57 46.62 19.16 15.79
N VAL F 58 46.94 19.88 14.71
CA VAL F 58 48.33 20.07 14.34
C VAL F 58 49.11 20.84 15.40
N SER F 59 48.46 21.72 16.16
CA SER F 59 49.15 22.56 17.13
C SER F 59 49.79 21.77 18.26
N GLN F 60 49.39 20.52 18.47
CA GLN F 60 50.00 19.66 19.48
C GLN F 60 51.08 18.77 18.91
N LEU F 61 51.39 18.89 17.62
CA LEU F 61 52.29 17.95 16.97
C LEU F 61 53.64 17.91 17.64
N GLU F 62 54.18 19.07 17.99
CA GLU F 62 55.46 19.10 18.69
C GLU F 62 55.41 18.28 19.98
N LYS F 63 54.34 18.45 20.75
CA LYS F 63 54.20 17.65 21.97
C LYS F 63 54.08 16.16 21.63
N ALA F 64 53.45 15.85 20.50
CA ALA F 64 53.38 14.47 20.05
C ALA F 64 54.78 13.93 19.76
N LEU F 65 55.64 14.77 19.18
CA LEU F 65 56.99 14.31 18.84
C LEU F 65 57.85 14.17 20.08
N ASP F 66 57.39 14.68 21.23
CA ASP F 66 58.14 14.65 22.47
C ASP F 66 57.92 13.35 23.25
N ASN F 67 57.04 12.47 22.78
CA ASN F 67 56.68 11.25 23.48
C ASN F 67 56.15 11.57 24.89
N LYS F 68 55.15 12.44 24.95
CA LYS F 68 54.57 12.87 26.21
C LYS F 68 53.06 12.69 26.25
N MET F 69 52.45 12.20 25.17
CA MET F 69 51.01 11.99 25.15
C MET F 69 50.66 10.75 25.98
N MET F 70 49.61 10.86 26.79
CA MET F 70 49.15 9.77 27.63
C MET F 70 47.68 9.46 27.34
N PHE F 71 47.29 8.22 27.60
CA PHE F 71 45.90 7.79 27.45
C PHE F 71 45.65 6.66 28.45
N ASP F 72 44.50 5.99 28.28
CA ASP F 72 44.04 5.00 29.25
C ASP F 72 45.08 3.90 29.46
N GLY F 73 45.56 3.32 28.35
CA GLY F 73 46.49 2.21 28.41
C GLY F 73 45.84 0.86 28.63
N SER F 74 44.93 0.76 29.61
CA SER F 74 44.22 -0.49 29.86
C SER F 74 43.37 -0.93 28.68
N SER F 75 43.07 -0.03 27.74
CA SER F 75 42.31 -0.41 26.56
C SER F 75 43.03 -1.47 25.73
N ILE F 76 44.35 -1.62 25.93
CA ILE F 76 45.07 -2.71 25.26
C ILE F 76 44.47 -4.05 25.64
N GLU F 77 44.08 -4.22 26.91
CA GLU F 77 43.47 -5.47 27.33
C GLU F 77 42.08 -5.68 26.75
N GLY F 78 41.50 -4.65 26.11
CA GLY F 78 40.20 -4.79 25.49
C GLY F 78 39.04 -4.34 26.35
N TYR F 79 37.91 -5.01 26.24
CA TYR F 79 36.75 -4.71 27.07
C TYR F 79 36.77 -5.47 28.40
N VAL F 80 37.82 -6.25 28.65
CA VAL F 80 37.98 -6.96 29.92
C VAL F 80 38.85 -6.17 30.89
N ARG F 81 39.15 -4.92 30.57
CA ARG F 81 39.96 -4.08 31.44
C ARG F 81 39.24 -3.82 32.76
N ILE F 82 39.96 -4.02 33.86
CA ILE F 82 39.39 -3.92 35.20
C ILE F 82 39.98 -2.74 35.97
N GLU F 83 41.25 -2.43 35.75
CA GLU F 83 41.90 -1.34 36.46
C GLU F 83 42.54 -0.38 35.46
N GLU F 84 42.38 0.91 35.74
CA GLU F 84 42.84 1.94 34.81
C GLU F 84 44.30 2.26 35.03
N SER F 85 44.99 2.57 33.93
CA SER F 85 46.38 2.97 33.94
C SER F 85 46.53 4.33 33.26
N ASP F 86 47.77 4.74 33.07
CA ASP F 86 48.12 5.87 32.23
C ASP F 86 49.31 5.45 31.39
N MET F 87 49.17 5.51 30.06
CA MET F 87 50.21 4.96 29.22
C MET F 87 50.51 5.91 28.08
N TYR F 88 51.79 6.07 27.78
CA TYR F 88 52.25 7.09 26.85
C TYR F 88 52.45 6.52 25.46
N LEU F 89 52.18 7.36 24.47
CA LEU F 89 52.35 7.03 23.07
C LEU F 89 53.70 7.52 22.58
N TYR F 90 54.51 6.61 22.05
CA TYR F 90 55.81 6.97 21.49
C TYR F 90 55.76 6.75 19.98
N PRO F 91 55.64 7.79 19.17
CA PRO F 91 55.51 7.59 17.72
C PRO F 91 56.82 7.10 17.11
N ASP F 92 56.69 6.40 15.99
CA ASP F 92 57.82 5.99 15.17
C ASP F 92 57.84 6.87 13.93
N LEU F 93 58.77 7.82 13.90
CA LEU F 93 58.77 8.84 12.85
C LEU F 93 58.91 8.22 11.47
N ASP F 94 59.62 7.10 11.36
CA ASP F 94 59.83 6.45 10.07
C ASP F 94 58.53 5.96 9.45
N THR F 95 57.46 5.85 10.22
CA THR F 95 56.17 5.39 9.74
C THR F 95 55.21 6.54 9.43
N TRP F 96 55.67 7.78 9.44
CA TRP F 96 54.81 8.91 9.10
C TRP F 96 54.29 8.77 7.68
N VAL F 97 53.05 9.19 7.47
CA VAL F 97 52.43 9.16 6.16
C VAL F 97 51.22 10.06 6.20
N VAL F 98 50.81 10.55 5.02
CA VAL F 98 49.71 11.50 4.90
C VAL F 98 48.65 10.89 4.01
N PHE F 99 47.39 10.95 4.45
CA PHE F 99 46.30 10.34 3.73
C PHE F 99 45.94 11.16 2.50
N PRO F 100 45.90 10.56 1.32
CA PRO F 100 45.49 11.29 0.12
C PRO F 100 44.00 11.22 -0.17
N TRP F 101 43.17 11.85 0.65
CA TRP F 101 41.73 11.77 0.42
C TRP F 101 41.16 12.99 -0.30
N VAL F 102 41.95 13.63 -1.16
CA VAL F 102 41.54 14.72 -2.06
C VAL F 102 40.53 15.64 -1.38
N THR F 103 40.93 16.25 -0.27
CA THR F 103 40.08 17.21 0.43
C THR F 103 40.97 18.16 1.19
N SER F 104 40.42 19.32 1.56
CA SER F 104 41.14 20.28 2.39
C SER F 104 41.25 19.72 3.81
N ASP F 105 41.91 20.47 4.70
CA ASP F 105 42.14 20.01 6.07
C ASP F 105 42.86 18.67 6.07
N ARG F 106 44.10 18.67 5.58
CA ARG F 106 44.82 17.42 5.36
C ARG F 106 45.03 16.67 6.67
N VAL F 107 45.03 15.34 6.56
CA VAL F 107 45.09 14.45 7.72
C VAL F 107 46.34 13.59 7.59
N ALA F 108 47.01 13.34 8.72
CA ALA F 108 48.27 12.62 8.75
C ALA F 108 48.17 11.44 9.70
N ARG F 109 49.05 10.46 9.47
CA ARG F 109 49.05 9.23 10.24
C ARG F 109 50.40 9.07 10.91
N LEU F 110 50.37 8.62 12.16
CA LEU F 110 51.57 8.24 12.88
C LEU F 110 51.32 6.94 13.62
N ILE F 111 52.22 5.98 13.45
CA ILE F 111 52.13 4.69 14.13
C ILE F 111 52.99 4.75 15.38
N CYS F 112 52.41 4.38 16.51
CA CYS F 112 53.03 4.58 17.80
C CYS F 112 53.18 3.25 18.53
N ASP F 113 54.18 3.20 19.41
CA ASP F 113 54.28 2.15 20.40
C ASP F 113 53.74 2.66 21.73
N ILE F 114 53.48 1.75 22.66
CA ILE F 114 52.91 2.08 23.95
C ILE F 114 53.97 1.87 25.01
N TYR F 115 54.11 2.83 25.93
CA TYR F 115 55.11 2.76 26.97
C TYR F 115 54.48 3.05 28.32
N LYS F 116 55.04 2.42 29.36
CA LYS F 116 54.59 2.64 30.72
C LYS F 116 54.99 4.05 31.18
N PRO F 117 54.34 4.58 32.22
CA PRO F 117 54.76 5.88 32.74
C PRO F 117 56.19 5.91 33.24
N ASP F 118 56.74 4.79 33.69
CA ASP F 118 58.12 4.78 34.16
C ASP F 118 59.13 4.63 33.04
N GLY F 119 58.69 4.49 31.80
CA GLY F 119 59.56 4.44 30.64
C GLY F 119 59.73 3.06 30.04
N SER F 120 59.43 2.00 30.78
CA SER F 120 59.62 0.67 30.26
C SER F 120 58.53 0.32 29.24
N PRO F 121 58.83 -0.57 28.30
CA PRO F 121 57.81 -0.98 27.32
C PRO F 121 56.67 -1.73 27.98
N PHE F 122 55.48 -1.60 27.40
CA PHE F 122 54.33 -2.36 27.86
C PHE F 122 54.41 -3.78 27.31
N ALA F 123 54.27 -4.76 28.19
CA ALA F 123 54.40 -6.16 27.79
C ALA F 123 53.32 -6.60 26.81
N GLY F 124 52.10 -6.06 26.92
CA GLY F 124 50.98 -6.55 26.17
C GLY F 124 50.75 -5.93 24.81
N ASP F 125 51.69 -5.16 24.28
CA ASP F 125 51.50 -4.53 22.99
C ASP F 125 51.94 -5.46 21.87
N PRO F 126 51.08 -5.77 20.90
CA PRO F 126 51.48 -6.72 19.84
C PRO F 126 52.73 -6.29 19.08
N ARG F 127 52.86 -5.00 18.80
CA ARG F 127 54.07 -4.51 18.14
C ARG F 127 55.29 -4.74 19.01
N GLY F 128 55.16 -4.50 20.32
CA GLY F 128 56.24 -4.82 21.22
C GLY F 128 56.59 -6.29 21.22
N ILE F 129 55.58 -7.15 21.12
CA ILE F 129 55.83 -8.59 21.06
C ILE F 129 56.62 -8.94 19.80
N LEU F 130 56.20 -8.39 18.67
CA LEU F 130 56.89 -8.68 17.42
C LEU F 130 58.32 -8.18 17.45
N LYS F 131 58.53 -6.98 17.99
CA LYS F 131 59.88 -6.45 18.05
C LYS F 131 60.76 -7.24 19.01
N ARG F 132 60.19 -7.74 20.11
CA ARG F 132 60.95 -8.61 21.00
C ARG F 132 61.35 -9.90 20.31
N VAL F 133 60.43 -10.48 19.53
CA VAL F 133 60.78 -11.70 18.80
C VAL F 133 61.82 -11.41 17.73
N LEU F 134 61.73 -10.23 17.09
CA LEU F 134 62.74 -9.85 16.11
C LEU F 134 64.11 -9.66 16.76
N LYS F 135 64.17 -9.06 17.95
CA LYS F 135 65.47 -8.85 18.56
C LYS F 135 66.06 -10.17 19.07
N GLU F 136 65.21 -11.08 19.53
CA GLU F 136 65.72 -12.39 19.91
C GLU F 136 66.09 -13.22 18.68
N ALA F 137 65.54 -12.88 17.51
CA ALA F 137 66.03 -13.47 16.27
C ALA F 137 67.39 -12.89 15.89
N GLU F 138 67.55 -11.57 16.06
CA GLU F 138 68.82 -10.93 15.76
C GLU F 138 69.93 -11.46 16.64
N GLU F 139 69.65 -11.69 17.93
CA GLU F 139 70.64 -12.29 18.81
C GLU F 139 71.05 -13.67 18.35
N LEU F 140 70.25 -14.32 17.51
CA LEU F 140 70.61 -15.60 16.91
C LEU F 140 71.40 -15.43 15.62
N GLY F 141 71.64 -14.20 15.18
CA GLY F 141 72.47 -13.93 14.03
C GLY F 141 71.74 -13.59 12.75
N TYR F 142 70.42 -13.72 12.71
CA TYR F 142 69.63 -13.40 11.53
C TYR F 142 69.17 -11.96 11.65
N THR F 143 69.51 -11.13 10.65
CA THR F 143 69.30 -9.69 10.78
C THR F 143 67.83 -9.31 10.67
N SER F 144 67.08 -9.90 9.74
CA SER F 144 65.72 -9.46 9.52
C SER F 144 64.86 -10.61 9.03
N MET F 145 63.55 -10.34 8.96
CA MET F 145 62.54 -11.33 8.57
C MET F 145 61.71 -10.73 7.45
N ASN F 146 61.95 -11.17 6.22
CA ASN F 146 61.20 -10.70 5.07
C ASN F 146 59.85 -11.39 5.05
N VAL F 147 58.78 -10.61 5.08
CA VAL F 147 57.42 -11.10 5.19
C VAL F 147 56.57 -10.45 4.10
N GLY F 148 55.90 -11.28 3.31
CA GLY F 148 54.99 -10.79 2.29
C GLY F 148 53.62 -11.44 2.41
N PRO F 149 52.60 -10.64 2.72
CA PRO F 149 51.26 -11.18 2.89
C PRO F 149 50.46 -11.17 1.59
N GLU F 150 49.41 -12.00 1.56
CA GLU F 150 48.46 -12.01 0.46
C GLU F 150 47.05 -12.01 1.03
N PRO F 151 46.57 -10.88 1.54
CA PRO F 151 45.24 -10.83 2.16
C PRO F 151 44.14 -10.61 1.13
N GLU F 152 42.98 -11.21 1.41
CA GLU F 152 41.80 -11.12 0.57
C GLU F 152 40.65 -10.55 1.41
N PHE F 153 39.74 -9.85 0.75
CA PHE F 153 38.61 -9.25 1.46
C PHE F 153 37.36 -9.39 0.59
N PHE F 154 36.20 -9.28 1.23
CA PHE F 154 34.92 -9.29 0.55
C PHE F 154 34.35 -7.88 0.45
N LEU F 155 33.63 -7.65 -0.64
CA LEU F 155 32.84 -6.44 -0.84
C LEU F 155 31.39 -6.85 -0.94
N PHE F 156 30.55 -6.24 -0.10
CA PHE F 156 29.13 -6.49 -0.08
C PHE F 156 28.35 -5.21 -0.35
N LYS F 157 27.26 -5.32 -1.09
CA LYS F 157 26.38 -4.20 -1.29
C LYS F 157 25.73 -3.81 0.03
N THR F 158 25.63 -2.50 0.27
CA THR F 158 25.03 -1.98 1.48
C THR F 158 23.57 -1.61 1.23
N ASP F 159 22.83 -1.42 2.31
CA ASP F 159 21.43 -1.03 2.24
C ASP F 159 21.32 0.48 2.40
N GLU F 160 20.08 0.97 2.57
CA GLU F 160 19.86 2.40 2.74
C GLU F 160 20.41 2.90 4.07
N LYS F 161 20.48 2.02 5.07
CA LYS F 161 21.01 2.40 6.41
C LYS F 161 22.54 2.33 6.42
N GLY F 162 23.15 1.74 5.38
CA GLY F 162 24.62 1.59 5.32
C GLY F 162 25.08 0.24 5.84
N ASP F 163 24.17 -0.55 6.44
CA ASP F 163 24.51 -1.89 6.98
C ASP F 163 24.81 -2.85 5.81
N PRO F 164 25.83 -3.73 5.90
CA PRO F 164 26.12 -4.70 4.85
C PRO F 164 24.99 -5.72 4.65
N THR F 165 24.71 -6.07 3.39
CA THR F 165 23.68 -7.12 3.10
C THR F 165 24.37 -8.42 2.73
N THR F 166 23.67 -9.33 2.07
CA THR F 166 24.28 -10.59 1.64
C THR F 166 24.58 -10.59 0.14
N GLU F 167 24.31 -9.50 -0.56
CA GLU F 167 24.49 -9.42 -2.00
C GLU F 167 25.91 -8.96 -2.34
N LEU F 168 26.66 -9.81 -3.04
CA LEU F 168 28.02 -9.47 -3.41
C LEU F 168 28.03 -8.41 -4.51
N ASN F 169 29.20 -7.81 -4.72
CA ASN F 169 29.31 -6.76 -5.72
C ASN F 169 29.36 -7.29 -7.15
N ASP F 170 29.93 -8.48 -7.36
CA ASP F 170 30.00 -9.05 -8.69
C ASP F 170 29.82 -10.56 -8.60
N GLN F 171 29.85 -11.22 -9.75
CA GLN F 171 29.67 -12.66 -9.84
C GLN F 171 30.72 -13.29 -10.74
N GLY F 172 31.92 -12.72 -10.75
CA GLY F 172 32.99 -13.28 -11.55
C GLY F 172 33.65 -14.49 -10.92
N GLY F 173 34.43 -15.19 -11.73
CA GLY F 173 35.14 -16.36 -11.27
C GLY F 173 36.56 -16.06 -10.81
N TYR F 174 37.43 -17.06 -10.80
CA TYR F 174 38.78 -16.88 -10.29
C TYR F 174 39.64 -16.14 -11.31
N PHE F 175 40.41 -15.15 -10.83
CA PHE F 175 41.24 -14.30 -11.67
C PHE F 175 40.44 -13.69 -12.82
N ASP F 176 39.34 -13.02 -12.51
CA ASP F 176 38.47 -12.47 -13.54
C ASP F 176 38.73 -10.99 -13.75
N LEU F 177 37.98 -10.42 -14.68
CA LEU F 177 37.96 -9.00 -14.97
C LEU F 177 36.57 -8.42 -14.77
N ALA F 178 35.78 -9.06 -13.89
CA ALA F 178 34.39 -8.66 -13.72
C ALA F 178 34.24 -7.20 -13.28
N PRO F 179 34.96 -6.71 -12.29
CA PRO F 179 34.76 -5.29 -11.98
C PRO F 179 35.53 -4.39 -12.94
N MET F 180 34.94 -4.16 -14.09
CA MET F 180 35.55 -3.39 -15.15
C MET F 180 35.07 -1.94 -15.09
N ASP F 181 35.58 -1.11 -16.00
CA ASP F 181 35.16 0.27 -16.19
C ASP F 181 35.56 1.16 -15.00
N LEU F 182 34.63 2.00 -14.54
CA LEU F 182 34.89 2.91 -13.45
C LEU F 182 33.77 2.89 -12.41
N GLY F 183 32.59 2.44 -12.83
CA GLY F 183 31.45 2.39 -11.92
C GLY F 183 31.65 1.43 -10.77
N GLU F 184 31.90 1.98 -9.57
CA GLU F 184 32.16 1.19 -8.37
C GLU F 184 33.30 0.20 -8.59
N ASN F 185 34.31 0.65 -9.34
CA ASN F 185 35.50 -0.17 -9.60
C ASN F 185 36.53 0.07 -8.49
N CYS F 186 36.34 -0.68 -7.41
CA CYS F 186 37.07 -0.41 -6.17
C CYS F 186 38.52 -0.88 -6.26
N ARG F 187 38.79 -1.94 -7.02
CA ARG F 187 40.12 -2.52 -7.01
C ARG F 187 41.18 -1.54 -7.54
N ARG F 188 40.91 -0.93 -8.69
CA ARG F 188 41.85 0.03 -9.25
C ARG F 188 42.05 1.20 -8.29
N GLU F 189 40.95 1.70 -7.73
CA GLU F 189 41.03 2.87 -6.88
C GLU F 189 41.84 2.60 -5.63
N ILE F 190 41.63 1.43 -5.01
CA ILE F 190 42.38 1.10 -3.80
C ILE F 190 43.85 0.90 -4.12
N VAL F 191 44.15 0.25 -5.26
CA VAL F 191 45.55 0.06 -5.62
C VAL F 191 46.24 1.39 -5.82
N LEU F 192 45.57 2.32 -6.51
CA LEU F 192 46.19 3.61 -6.81
C LEU F 192 46.36 4.45 -5.54
N LYS F 193 45.36 4.44 -4.66
CA LYS F 193 45.50 5.20 -3.41
C LYS F 193 46.60 4.61 -2.54
N LEU F 194 46.73 3.29 -2.51
CA LEU F 194 47.83 2.69 -1.75
C LEU F 194 49.17 3.05 -2.37
N GLU F 195 49.26 3.06 -3.70
CA GLU F 195 50.51 3.43 -4.35
C GLU F 195 50.89 4.87 -4.05
N GLU F 196 49.91 5.78 -4.08
CA GLU F 196 50.16 7.15 -3.69
C GLU F 196 50.54 7.24 -2.22
N MET F 197 49.99 6.36 -1.40
CA MET F 197 50.41 6.26 0.00
C MET F 197 51.87 5.88 0.12
N GLY F 198 52.41 5.19 -0.87
CA GLY F 198 53.78 4.73 -0.82
C GLY F 198 53.87 3.24 -0.65
N PHE F 199 52.82 2.53 -1.06
CA PHE F 199 52.78 1.09 -0.90
C PHE F 199 53.42 0.39 -2.08
N GLU F 200 53.95 -0.81 -1.83
CA GLU F 200 54.60 -1.61 -2.85
C GLU F 200 53.65 -2.76 -3.19
N ILE F 201 52.87 -2.58 -4.24
CA ILE F 201 51.82 -3.52 -4.61
C ILE F 201 52.33 -4.42 -5.72
N GLU F 202 52.42 -5.72 -5.43
CA GLU F 202 52.90 -6.69 -6.42
C GLU F 202 51.81 -7.05 -7.42
N ALA F 203 50.57 -7.18 -6.95
CA ALA F 203 49.48 -7.58 -7.82
C ALA F 203 48.15 -7.32 -7.11
N SER F 204 47.07 -7.39 -7.90
CA SER F 204 45.72 -7.21 -7.38
C SER F 204 44.74 -7.85 -8.36
N HIS F 205 43.86 -8.70 -7.85
CA HIS F 205 43.08 -9.54 -8.74
C HIS F 205 41.83 -10.05 -8.03
N HIS F 206 40.96 -10.66 -8.81
CA HIS F 206 39.72 -11.23 -8.30
C HIS F 206 39.95 -12.66 -7.83
N GLU F 207 39.38 -12.99 -6.67
CA GLU F 207 39.68 -14.27 -6.05
C GLU F 207 38.55 -15.26 -6.34
N VAL F 208 38.63 -16.44 -5.70
CA VAL F 208 37.83 -17.59 -6.11
C VAL F 208 36.34 -17.30 -5.98
N ALA F 209 35.92 -16.81 -4.85
CA ALA F 209 34.50 -16.59 -4.69
C ALA F 209 34.09 -15.31 -5.40
N PRO F 210 32.80 -15.16 -5.71
CA PRO F 210 32.32 -13.85 -6.16
C PRO F 210 32.54 -12.79 -5.09
N GLY F 211 32.96 -11.61 -5.51
CA GLY F 211 33.12 -10.50 -4.59
C GLY F 211 34.36 -10.54 -3.72
N GLN F 212 35.36 -11.34 -4.06
CA GLN F 212 36.56 -11.47 -3.27
C GLN F 212 37.75 -10.86 -4.00
N HIS F 213 38.41 -9.90 -3.36
CA HIS F 213 39.56 -9.21 -3.94
C HIS F 213 40.79 -9.47 -3.09
N GLU F 214 41.87 -9.91 -3.74
CA GLU F 214 43.13 -10.18 -3.08
C GLU F 214 44.13 -9.09 -3.46
N ILE F 215 44.89 -8.61 -2.47
CA ILE F 215 45.92 -7.61 -2.72
C ILE F 215 47.26 -8.22 -2.32
N ASP F 216 48.19 -8.28 -3.27
CA ASP F 216 49.50 -8.86 -3.03
C ASP F 216 50.49 -7.75 -2.71
N PHE F 217 51.22 -7.91 -1.62
CA PHE F 217 52.21 -6.92 -1.23
C PHE F 217 53.59 -7.35 -1.69
N LYS F 218 54.43 -6.36 -1.99
CA LYS F 218 55.83 -6.63 -2.19
C LYS F 218 56.52 -6.83 -0.84
N TYR F 219 57.60 -7.58 -0.87
CA TYR F 219 58.20 -8.08 0.36
C TYR F 219 58.89 -6.95 1.12
N ALA F 220 58.69 -6.94 2.43
CA ALA F 220 59.19 -5.86 3.27
C ALA F 220 59.58 -6.43 4.62
N ASP F 221 60.17 -5.58 5.46
CA ASP F 221 60.57 -6.03 6.78
C ASP F 221 59.35 -6.29 7.66
N ALA F 222 59.57 -7.08 8.71
CA ALA F 222 58.44 -7.64 9.46
C ALA F 222 57.55 -6.56 10.06
N VAL F 223 58.15 -5.61 10.79
CA VAL F 223 57.35 -4.58 11.44
C VAL F 223 56.67 -3.70 10.41
N LYS F 224 57.42 -3.30 9.38
CA LYS F 224 56.83 -2.50 8.31
C LYS F 224 55.78 -3.30 7.54
N ALA F 225 55.99 -4.61 7.40
CA ALA F 225 54.98 -5.43 6.73
C ALA F 225 53.67 -5.47 7.52
N ALA F 226 53.76 -5.64 8.84
CA ALA F 226 52.57 -5.64 9.67
C ALA F 226 51.87 -4.29 9.62
N ASP F 227 52.64 -3.20 9.69
CA ASP F 227 52.05 -1.87 9.58
C ASP F 227 51.38 -1.70 8.22
N GLN F 228 52.00 -2.24 7.17
CA GLN F 228 51.39 -2.19 5.85
C GLN F 228 50.07 -2.95 5.84
N ILE F 229 50.01 -4.11 6.49
CA ILE F 229 48.77 -4.88 6.53
C ILE F 229 47.68 -4.09 7.23
N GLN F 230 48.02 -3.47 8.37
CA GLN F 230 47.01 -2.74 9.12
C GLN F 230 46.50 -1.53 8.35
N THR F 231 47.42 -0.71 7.82
CA THR F 231 47.00 0.44 7.05
C THR F 231 46.29 0.00 5.77
N PHE F 232 46.65 -1.17 5.24
CA PHE F 232 45.96 -1.75 4.11
C PHE F 232 44.50 -2.01 4.44
N LYS F 233 44.24 -2.64 5.58
CA LYS F 233 42.86 -2.87 6.00
C LYS F 233 42.11 -1.57 6.14
N LEU F 234 42.73 -0.58 6.80
CA LEU F 234 42.06 0.70 7.00
C LEU F 234 41.76 1.37 5.67
N VAL F 235 42.71 1.34 4.74
CA VAL F 235 42.52 2.00 3.45
C VAL F 235 41.41 1.33 2.67
N VAL F 236 41.42 -0.01 2.62
CA VAL F 236 40.40 -0.72 1.86
C VAL F 236 39.01 -0.46 2.43
N LYS F 237 38.88 -0.52 3.75
CA LYS F 237 37.57 -0.24 4.35
C LYS F 237 37.13 1.20 4.09
N THR F 238 38.04 2.15 4.24
CA THR F 238 37.70 3.55 4.00
C THR F 238 37.18 3.75 2.57
N ILE F 239 37.90 3.19 1.60
CA ILE F 239 37.51 3.36 0.21
C ILE F 239 36.19 2.65 -0.08
N ALA F 240 35.98 1.46 0.50
CA ALA F 240 34.72 0.76 0.30
C ALA F 240 33.56 1.56 0.86
N ARG F 241 33.71 2.14 2.05
CA ARG F 241 32.66 3.02 2.55
C ARG F 241 32.43 4.19 1.61
N GLN F 242 33.51 4.70 1.01
CA GLN F 242 33.35 5.80 0.06
C GLN F 242 32.58 5.40 -1.18
N HIS F 243 32.69 4.13 -1.61
CA HIS F 243 32.03 3.66 -2.83
C HIS F 243 30.64 3.09 -2.54
N GLY F 244 30.13 3.26 -1.32
CA GLY F 244 28.87 2.67 -0.96
C GLY F 244 28.90 1.16 -0.90
N LEU F 245 30.01 0.57 -0.47
CA LEU F 245 30.15 -0.86 -0.29
C LEU F 245 30.69 -1.13 1.10
N HIS F 246 30.60 -2.39 1.53
CA HIS F 246 31.11 -2.80 2.82
C HIS F 246 32.25 -3.77 2.59
N ALA F 247 33.41 -3.46 3.16
CA ALA F 247 34.60 -4.31 3.06
C ALA F 247 34.76 -5.11 4.34
N THR F 248 34.79 -6.42 4.21
CA THR F 248 34.87 -7.31 5.36
C THR F 248 36.01 -8.30 5.18
N PHE F 249 36.68 -8.62 6.29
CA PHE F 249 37.70 -9.67 6.29
C PHE F 249 37.23 -10.91 7.04
N MET F 250 35.93 -11.05 7.25
CA MET F 250 35.43 -12.18 8.01
C MET F 250 35.88 -13.48 7.33
N PRO F 251 36.52 -14.40 8.07
CA PRO F 251 37.18 -15.54 7.42
C PRO F 251 36.25 -16.43 6.61
N LYS F 252 34.98 -16.55 7.00
CA LYS F 252 34.02 -17.39 6.28
C LYS F 252 32.62 -16.87 6.55
N PRO F 253 32.26 -15.72 5.94
CA PRO F 253 30.96 -15.11 6.26
C PRO F 253 29.78 -15.84 5.67
N LEU F 254 29.95 -16.50 4.53
CA LEU F 254 28.82 -17.12 3.84
C LEU F 254 29.12 -18.59 3.63
N PHE F 255 28.13 -19.43 3.93
CA PHE F 255 28.31 -20.86 3.76
C PHE F 255 28.24 -21.22 2.29
N GLY F 256 29.06 -22.18 1.87
CA GLY F 256 29.09 -22.62 0.50
C GLY F 256 30.05 -21.89 -0.40
N VAL F 257 30.70 -20.84 0.08
CA VAL F 257 31.69 -20.11 -0.70
C VAL F 257 33.02 -20.15 0.05
N ASN F 258 34.11 -20.05 -0.71
CA ASN F 258 35.42 -20.08 -0.09
C ASN F 258 35.63 -18.82 0.73
N GLY F 259 36.40 -18.97 1.81
CA GLY F 259 36.64 -17.89 2.73
C GLY F 259 37.83 -17.03 2.33
N SER F 260 38.39 -16.35 3.33
CA SER F 260 39.51 -15.45 3.13
C SER F 260 40.79 -16.11 3.59
N GLY F 261 41.80 -16.16 2.70
CA GLY F 261 43.11 -16.64 3.04
C GLY F 261 44.10 -15.49 3.13
N MET F 262 45.05 -15.64 4.04
CA MET F 262 46.07 -14.62 4.30
C MET F 262 47.44 -15.27 4.30
N HIS F 263 47.75 -15.99 3.22
CA HIS F 263 49.05 -16.63 3.09
C HIS F 263 50.16 -15.65 3.37
N CYS F 264 51.10 -16.05 4.22
CA CYS F 264 52.24 -15.23 4.60
C CYS F 264 53.50 -15.90 4.09
N ASN F 265 54.31 -15.15 3.34
CA ASN F 265 55.59 -15.63 2.87
C ASN F 265 56.70 -15.14 3.80
N GLN F 266 57.48 -16.07 4.32
CA GLN F 266 58.54 -15.75 5.28
C GLN F 266 59.88 -16.19 4.72
N SER F 267 60.90 -15.39 5.01
CA SER F 267 62.28 -15.74 4.67
C SER F 267 63.21 -15.00 5.62
N LEU F 268 64.22 -15.69 6.12
CA LEU F 268 65.17 -15.06 7.02
C LEU F 268 66.29 -14.40 6.23
N PHE F 269 66.70 -13.22 6.68
CA PHE F 269 67.76 -12.45 6.04
C PHE F 269 68.89 -12.20 7.03
N LYS F 270 70.12 -12.44 6.57
CA LYS F 270 71.32 -12.20 7.36
C LYS F 270 72.29 -11.39 6.49
N ASP F 271 72.25 -10.07 6.65
CA ASP F 271 73.15 -9.14 5.96
C ASP F 271 73.05 -9.30 4.44
N ASN F 272 71.83 -9.01 3.95
CA ASN F 272 71.51 -9.09 2.53
C ASN F 272 71.80 -10.48 1.97
N GLU F 273 71.71 -11.50 2.81
CA GLU F 273 71.90 -12.88 2.40
C GLU F 273 70.69 -13.69 2.82
N ASN F 274 70.05 -14.35 1.86
CA ASN F 274 68.92 -15.22 2.13
C ASN F 274 69.44 -16.56 2.62
N VAL F 275 69.36 -16.80 3.93
CA VAL F 275 69.92 -18.02 4.51
C VAL F 275 69.22 -19.27 4.02
N PHE F 276 67.97 -19.16 3.57
CA PHE F 276 67.21 -20.32 3.11
C PHE F 276 67.77 -20.93 1.83
N TYR F 277 68.35 -20.11 0.95
CA TYR F 277 68.78 -20.58 -0.34
C TYR F 277 70.05 -21.44 -0.23
N ASP F 278 70.08 -22.51 -1.00
CA ASP F 278 71.24 -23.40 -1.05
C ASP F 278 71.19 -24.17 -2.36
N GLU F 279 72.09 -23.84 -3.29
CA GLU F 279 72.10 -24.52 -4.58
C GLU F 279 72.50 -25.99 -4.44
N THR F 280 73.08 -26.36 -3.30
CA THR F 280 73.45 -27.76 -3.08
C THR F 280 72.27 -28.64 -2.72
N ASP F 281 71.17 -28.04 -2.26
CA ASP F 281 70.00 -28.82 -1.88
C ASP F 281 69.26 -29.34 -3.11
N GLU F 282 68.62 -30.49 -2.95
CA GLU F 282 67.85 -31.07 -4.04
C GLU F 282 66.70 -30.16 -4.45
N LEU F 283 65.98 -29.61 -3.48
CA LEU F 283 64.90 -28.67 -3.73
C LEU F 283 65.34 -27.23 -3.57
N GLY F 284 66.62 -26.99 -3.32
CA GLY F 284 67.12 -25.63 -3.13
C GLY F 284 66.66 -24.99 -1.84
N LEU F 285 66.65 -25.73 -0.74
CA LEU F 285 66.38 -25.18 0.58
C LEU F 285 67.48 -25.60 1.54
N SER F 286 68.06 -24.62 2.23
CA SER F 286 69.14 -24.91 3.15
C SER F 286 68.62 -25.62 4.40
N GLN F 287 69.54 -26.18 5.17
CA GLN F 287 69.17 -26.89 6.39
C GLN F 287 68.45 -25.96 7.37
N THR F 288 68.82 -24.68 7.38
CA THR F 288 68.14 -23.71 8.24
C THR F 288 66.68 -23.57 7.85
N ALA F 289 66.39 -23.54 6.54
CA ALA F 289 65.00 -23.48 6.10
C ALA F 289 64.23 -24.72 6.53
N ARG F 290 64.85 -25.90 6.41
CA ARG F 290 64.18 -27.14 6.80
C ARG F 290 63.89 -27.15 8.30
N HIS F 291 64.84 -26.70 9.11
CA HIS F 291 64.58 -26.57 10.55
C HIS F 291 63.46 -25.57 10.80
N TYR F 292 63.43 -24.47 10.06
CA TYR F 292 62.38 -23.47 10.23
C TYR F 292 61.01 -24.08 9.96
N MET F 293 60.84 -24.76 8.83
CA MET F 293 59.54 -25.33 8.52
C MET F 293 59.17 -26.44 9.49
N ALA F 294 60.15 -27.22 9.93
CA ALA F 294 59.85 -28.26 10.92
C ALA F 294 59.36 -27.66 12.23
N GLY F 295 60.01 -26.59 12.68
CA GLY F 295 59.57 -25.92 13.90
C GLY F 295 58.20 -25.31 13.77
N ILE F 296 57.89 -24.77 12.59
CA ILE F 296 56.54 -24.26 12.35
C ILE F 296 55.53 -25.41 12.37
N LEU F 297 55.88 -26.54 11.77
CA LEU F 297 54.97 -27.68 11.71
C LEU F 297 54.66 -28.22 13.09
N LYS F 298 55.68 -28.40 13.93
CA LYS F 298 55.46 -29.04 15.22
C LYS F 298 54.53 -28.22 16.11
N HIS F 299 54.69 -26.90 16.12
CA HIS F 299 53.88 -26.03 16.96
C HIS F 299 52.68 -25.45 16.21
N ALA F 300 52.26 -26.08 15.11
CA ALA F 300 51.17 -25.53 14.31
C ALA F 300 49.87 -25.48 15.10
N ARG F 301 49.48 -26.61 15.70
CA ARG F 301 48.25 -26.65 16.47
C ARG F 301 48.28 -25.64 17.60
N ALA F 302 49.45 -25.42 18.20
CA ALA F 302 49.55 -24.44 19.27
C ALA F 302 49.35 -23.03 18.74
N MET F 303 49.98 -22.69 17.62
CA MET F 303 49.91 -21.33 17.11
C MET F 303 48.59 -21.02 16.41
N ALA F 304 47.78 -22.03 16.12
CA ALA F 304 46.50 -21.78 15.45
C ALA F 304 45.59 -20.90 16.30
N ALA F 305 45.67 -21.00 17.62
CA ALA F 305 44.80 -20.22 18.49
C ALA F 305 45.02 -18.72 18.34
N ILE F 306 46.20 -18.30 17.92
CA ILE F 306 46.49 -16.89 17.69
C ILE F 306 46.37 -16.54 16.22
N THR F 307 46.86 -17.42 15.35
CA THR F 307 46.81 -17.13 13.91
C THR F 307 45.44 -17.44 13.30
N ASN F 308 44.55 -18.10 14.04
CA ASN F 308 43.15 -18.28 13.65
C ASN F 308 42.32 -17.91 14.87
N PRO F 309 42.16 -16.63 15.16
CA PRO F 309 41.65 -16.22 16.47
C PRO F 309 40.14 -16.31 16.62
N THR F 310 39.39 -16.08 15.54
CA THR F 310 37.95 -16.00 15.63
C THR F 310 37.33 -17.39 15.72
N VAL F 311 36.10 -17.44 16.21
CA VAL F 311 35.32 -18.68 16.14
C VAL F 311 34.97 -18.98 14.70
N ASN F 312 34.67 -17.95 13.92
CA ASN F 312 34.32 -18.15 12.52
C ASN F 312 35.46 -18.73 11.71
N SER F 313 36.71 -18.49 12.11
CA SER F 313 37.84 -18.93 11.31
C SER F 313 37.87 -20.43 11.14
N TYR F 314 37.55 -21.18 12.20
CA TYR F 314 37.56 -22.63 12.11
C TYR F 314 36.36 -23.17 11.35
N LYS F 315 35.41 -22.32 10.97
CA LYS F 315 34.42 -22.72 9.98
C LYS F 315 35.02 -22.75 8.58
N ARG F 316 36.07 -21.97 8.34
CA ARG F 316 36.74 -21.97 7.04
C ARG F 316 37.61 -23.20 6.86
N LEU F 317 38.20 -23.70 7.94
CA LEU F 317 39.04 -24.89 7.87
C LEU F 317 38.18 -26.15 7.74
N VAL F 318 37.50 -26.25 6.61
CA VAL F 318 36.68 -27.41 6.28
C VAL F 318 37.06 -27.88 4.87
N PRO F 319 36.90 -29.16 4.55
CA PRO F 319 37.36 -29.64 3.25
C PRO F 319 36.51 -29.11 2.10
N GLY F 320 37.14 -28.98 0.94
CA GLY F 320 36.46 -28.65 -0.29
C GLY F 320 36.55 -27.22 -0.75
N TYR F 321 37.32 -26.37 -0.07
CA TYR F 321 37.42 -24.96 -0.45
C TYR F 321 38.87 -24.48 -0.41
N GLU F 322 39.82 -25.33 -0.78
CA GLU F 322 41.25 -25.02 -0.82
C GLU F 322 41.84 -24.83 0.57
N ALA F 323 41.02 -24.82 1.62
CA ALA F 323 41.49 -24.50 2.95
C ALA F 323 42.48 -25.56 3.44
N PRO F 324 43.67 -25.14 3.86
CA PRO F 324 44.63 -26.11 4.40
C PRO F 324 44.27 -26.51 5.81
N CYS F 325 43.94 -27.79 5.97
CA CYS F 325 43.51 -28.32 7.25
C CYS F 325 44.46 -29.34 7.86
N TYR F 326 45.70 -29.44 7.38
CA TYR F 326 46.57 -30.53 7.79
C TYR F 326 48.01 -30.09 7.91
N VAL F 327 48.73 -30.76 8.79
CA VAL F 327 50.13 -30.46 9.10
C VAL F 327 51.03 -31.30 8.20
N ALA F 328 51.38 -30.77 7.04
CA ALA F 328 52.31 -31.44 6.14
C ALA F 328 52.85 -30.42 5.16
N TRP F 329 54.13 -30.57 4.81
CA TRP F 329 54.80 -29.64 3.93
C TRP F 329 54.93 -30.27 2.54
N SER F 330 54.70 -29.45 1.52
CA SER F 330 54.78 -29.93 0.15
C SER F 330 55.06 -28.76 -0.77
N ALA F 331 55.84 -29.03 -1.80
CA ALA F 331 56.12 -28.02 -2.81
C ALA F 331 54.88 -27.69 -3.65
N SER F 332 53.97 -28.64 -3.81
CA SER F 332 52.76 -28.42 -4.60
C SER F 332 51.71 -29.45 -4.18
N ASN F 333 50.64 -28.99 -3.55
CA ASN F 333 49.54 -29.87 -3.19
C ASN F 333 48.31 -29.01 -2.90
N ARG F 334 47.14 -29.65 -2.96
CA ARG F 334 45.88 -28.96 -2.69
C ARG F 334 45.86 -28.41 -1.28
N SER F 335 46.29 -29.21 -0.31
CA SER F 335 46.21 -28.78 1.08
C SER F 335 47.37 -29.30 1.93
N PRO F 336 48.59 -28.81 1.72
CA PRO F 336 49.64 -29.01 2.71
C PRO F 336 49.73 -27.82 3.65
N MET F 337 50.29 -27.99 4.84
CA MET F 337 50.47 -26.84 5.77
C MET F 337 51.46 -25.82 5.19
N ILE F 338 52.62 -26.26 4.70
CA ILE F 338 53.65 -25.32 4.28
C ILE F 338 53.92 -25.54 2.80
N ARG F 339 53.78 -24.49 2.01
CA ARG F 339 54.04 -24.53 0.58
C ARG F 339 55.36 -23.85 0.29
N ILE F 340 56.19 -24.53 -0.50
CA ILE F 340 57.49 -23.99 -0.91
C ILE F 340 57.39 -23.66 -2.40
N PRO F 341 57.38 -22.38 -2.77
CA PRO F 341 57.21 -22.02 -4.18
C PRO F 341 58.41 -22.45 -5.01
N ALA F 342 58.22 -22.35 -6.33
CA ALA F 342 59.28 -22.72 -7.26
C ALA F 342 60.38 -21.66 -7.33
N SER F 343 60.08 -20.42 -6.98
CA SER F 343 61.08 -19.36 -7.06
C SER F 343 62.22 -19.63 -6.08
N ARG F 344 63.44 -19.37 -6.53
CA ARG F 344 64.62 -19.71 -5.74
C ARG F 344 65.55 -18.51 -5.60
N GLY F 345 66.78 -18.75 -5.18
CA GLY F 345 67.75 -17.67 -5.09
C GLY F 345 67.43 -16.78 -3.92
N LEU F 346 67.32 -15.48 -4.18
CA LEU F 346 66.92 -14.54 -3.14
C LEU F 346 65.42 -14.52 -2.93
N SER F 347 64.65 -15.20 -3.78
CA SER F 347 63.19 -15.22 -3.70
C SER F 347 62.65 -16.52 -3.12
N THR F 348 63.53 -17.43 -2.70
CA THR F 348 63.06 -18.65 -2.04
C THR F 348 62.45 -18.29 -0.70
N ARG F 349 61.34 -18.96 -0.36
CA ARG F 349 60.56 -18.57 0.80
C ARG F 349 59.69 -19.72 1.26
N VAL F 350 59.11 -19.56 2.45
CA VAL F 350 58.16 -20.52 3.01
C VAL F 350 56.81 -19.83 3.08
N GLU F 351 55.79 -20.45 2.48
CA GLU F 351 54.45 -19.87 2.45
C GLU F 351 53.57 -20.61 3.43
N VAL F 352 53.25 -19.97 4.55
CA VAL F 352 52.34 -20.53 5.55
C VAL F 352 50.95 -20.00 5.24
N ARG F 353 50.00 -20.91 5.05
CA ARG F 353 48.69 -20.57 4.50
C ARG F 353 47.58 -20.58 5.55
N ASN F 354 47.91 -21.00 6.77
CA ASN F 354 46.88 -21.10 7.84
C ASN F 354 46.28 -19.74 8.22
N PRO F 355 47.06 -18.65 8.42
CA PRO F 355 46.47 -17.41 8.96
C PRO F 355 45.47 -16.77 8.01
N ASP F 356 44.50 -16.10 8.60
CA ASP F 356 43.44 -15.40 7.92
C ASP F 356 43.42 -13.92 8.34
N PRO F 357 42.88 -13.04 7.50
CA PRO F 357 43.06 -11.60 7.74
C PRO F 357 42.53 -11.10 9.07
N ALA F 358 41.61 -11.83 9.70
CA ALA F 358 41.15 -11.44 11.03
C ALA F 358 42.24 -11.58 12.09
N ALA F 359 43.23 -12.44 11.85
CA ALA F 359 44.30 -12.63 12.81
C ALA F 359 45.22 -11.42 12.85
N ASN F 360 45.72 -11.12 14.04
CA ASN F 360 46.62 -9.98 14.22
C ASN F 360 47.93 -10.25 13.49
N PRO F 361 48.37 -9.38 12.59
CA PRO F 361 49.62 -9.65 11.86
C PRO F 361 50.83 -9.66 12.77
N TYR F 362 50.90 -8.74 13.74
CA TYR F 362 52.03 -8.71 14.66
C TYR F 362 52.14 -10.03 15.42
N LEU F 363 51.04 -10.47 16.04
CA LEU F 363 51.09 -11.71 16.80
C LEU F 363 51.33 -12.91 15.91
N ALA F 364 50.70 -12.95 14.74
CA ALA F 364 50.86 -14.11 13.86
C ALA F 364 52.30 -14.25 13.40
N LEU F 365 52.90 -13.14 12.95
CA LEU F 365 54.31 -13.19 12.55
C LEU F 365 55.20 -13.52 13.73
N ALA F 366 54.88 -12.97 14.91
CA ALA F 366 55.71 -13.24 16.09
C ALA F 366 55.71 -14.72 16.44
N VAL F 367 54.53 -15.35 16.44
CA VAL F 367 54.46 -16.77 16.82
C VAL F 367 55.08 -17.64 15.73
N MET F 368 54.85 -17.31 14.45
CA MET F 368 55.56 -18.03 13.39
C MET F 368 57.06 -17.98 13.60
N LEU F 369 57.60 -16.78 13.79
CA LEU F 369 59.05 -16.65 13.94
C LEU F 369 59.55 -17.37 15.17
N ARG F 370 58.84 -17.26 16.30
CA ARG F 370 59.32 -17.89 17.52
C ARG F 370 59.32 -19.41 17.40
N ALA F 371 58.24 -19.98 16.86
CA ALA F 371 58.21 -21.42 16.69
C ALA F 371 59.28 -21.89 15.71
N GLY F 372 59.47 -21.14 14.62
CA GLY F 372 60.50 -21.51 13.67
C GLY F 372 61.90 -21.42 14.24
N LEU F 373 62.16 -20.39 15.04
CA LEU F 373 63.46 -20.27 15.67
C LEU F 373 63.68 -21.37 16.70
N ASP F 374 62.62 -21.79 17.39
CA ASP F 374 62.74 -22.94 18.27
C ASP F 374 63.10 -24.19 17.48
N GLY F 375 62.44 -24.37 16.32
CA GLY F 375 62.80 -25.49 15.47
C GLY F 375 64.23 -25.42 14.99
N ILE F 376 64.71 -24.21 14.68
CA ILE F 376 66.08 -24.03 14.22
C ILE F 376 67.06 -24.39 15.34
N LYS F 377 66.81 -23.90 16.55
CA LYS F 377 67.70 -24.18 17.67
C LYS F 377 67.70 -25.67 18.01
N ARG F 378 66.54 -26.31 18.02
CA ARG F 378 66.47 -27.73 18.34
C ARG F 378 66.87 -28.62 17.18
N GLN F 379 67.07 -28.07 15.99
CA GLN F 379 67.46 -28.83 14.81
C GLN F 379 66.51 -30.00 14.57
N MET F 380 65.21 -29.69 14.58
CA MET F 380 64.18 -30.71 14.47
C MET F 380 64.25 -31.40 13.11
N ALA F 381 64.06 -32.71 13.12
CA ALA F 381 64.11 -33.50 11.90
C ALA F 381 62.85 -33.28 11.09
N LEU F 382 63.01 -32.77 9.88
CA LEU F 382 61.85 -32.46 9.03
C LEU F 382 61.22 -33.74 8.53
N PRO F 383 59.91 -33.94 8.73
CA PRO F 383 59.25 -35.12 8.16
C PRO F 383 59.22 -35.04 6.64
N ALA F 384 58.92 -36.18 6.04
CA ALA F 384 58.94 -36.27 4.59
C ALA F 384 57.82 -35.43 3.98
N PRO F 385 58.02 -34.89 2.78
CA PRO F 385 56.93 -34.17 2.11
C PRO F 385 55.89 -35.12 1.57
N ILE F 386 54.72 -34.60 1.29
CA ILE F 386 53.65 -35.39 0.69
C ILE F 386 53.69 -35.19 -0.83
N ASP F 387 53.42 -36.25 -1.56
CA ASP F 387 53.36 -36.21 -3.01
C ASP F 387 51.98 -35.69 -3.43
N ARG F 388 51.62 -35.87 -4.70
CA ARG F 388 50.30 -35.44 -5.18
C ARG F 388 49.17 -36.16 -4.43
N ASN F 389 49.51 -37.09 -3.54
CA ASN F 389 48.54 -37.78 -2.71
C ASN F 389 47.64 -36.79 -2.01
N ILE F 390 46.34 -37.05 -2.04
CA ILE F 390 45.36 -36.14 -1.46
C ILE F 390 44.78 -36.83 -0.24
N TYR F 391 43.94 -36.14 0.52
CA TYR F 391 43.64 -36.55 1.88
C TYR F 391 42.21 -37.06 1.99
N VAL F 392 41.79 -37.85 0.99
CA VAL F 392 40.61 -38.71 1.16
C VAL F 392 40.93 -39.92 2.01
N MET F 393 42.20 -40.08 2.39
CA MET F 393 42.68 -41.21 3.15
C MET F 393 42.11 -41.19 4.57
N SER F 394 42.03 -42.38 5.16
CA SER F 394 41.32 -42.56 6.43
C SER F 394 42.11 -41.97 7.59
N GLU F 395 41.38 -41.73 8.69
CA GLU F 395 42.01 -41.17 9.89
C GLU F 395 43.05 -42.13 10.45
N GLU F 396 42.74 -43.44 10.46
CA GLU F 396 43.73 -44.42 10.89
C GLU F 396 44.95 -44.38 9.98
N GLU F 397 44.73 -44.30 8.66
CA GLU F 397 45.85 -44.09 7.74
C GLU F 397 46.48 -42.72 7.96
N ARG F 398 45.66 -41.70 8.26
CA ARG F 398 46.18 -40.35 8.41
C ARG F 398 47.19 -40.27 9.55
N ILE F 399 46.90 -40.93 10.67
CA ILE F 399 47.88 -41.02 11.75
C ILE F 399 48.96 -42.06 11.45
N GLU F 400 48.66 -43.05 10.61
CA GLU F 400 49.68 -44.01 10.20
C GLU F 400 50.79 -43.32 9.41
N GLU F 401 50.43 -42.37 8.56
CA GLU F 401 51.41 -41.59 7.82
C GLU F 401 51.97 -40.43 8.62
N GLY F 402 51.52 -40.24 9.87
CA GLY F 402 52.00 -39.16 10.69
C GLY F 402 51.62 -37.77 10.23
N ILE F 403 50.36 -37.57 9.84
CA ILE F 403 49.87 -36.28 9.35
C ILE F 403 48.86 -35.76 10.35
N PRO F 404 49.24 -34.86 11.26
CA PRO F 404 48.26 -34.29 12.19
C PRO F 404 47.36 -33.29 11.49
N SER F 405 46.38 -32.80 12.23
CA SER F 405 45.41 -31.85 11.70
C SER F 405 45.27 -30.66 12.64
N LEU F 406 44.80 -29.54 12.08
CA LEU F 406 44.60 -28.34 12.86
C LEU F 406 43.43 -28.52 13.81
N PRO F 407 43.39 -27.75 14.90
CA PRO F 407 42.29 -27.90 15.86
C PRO F 407 40.93 -27.66 15.22
N ALA F 408 39.93 -28.41 15.70
CA ALA F 408 38.60 -28.36 15.10
C ALA F 408 37.90 -27.02 15.32
N ASP F 409 38.12 -26.36 16.45
CA ASP F 409 37.47 -25.10 16.75
C ASP F 409 38.31 -24.36 17.78
N LEU F 410 37.76 -23.28 18.31
CA LEU F 410 38.55 -22.36 19.13
C LEU F 410 38.93 -22.97 20.47
N LYS F 411 38.08 -23.82 21.04
CA LYS F 411 38.34 -24.34 22.38
C LYS F 411 39.58 -25.23 22.40
N GLU F 412 39.68 -26.17 21.47
CA GLU F 412 40.87 -27.01 21.40
C GLU F 412 42.10 -26.18 21.07
N ALA F 413 41.95 -25.14 20.26
CA ALA F 413 43.07 -24.25 20.00
C ALA F 413 43.56 -23.60 21.28
N LEU F 414 42.64 -23.12 22.12
CA LEU F 414 43.03 -22.48 23.37
C LEU F 414 43.71 -23.48 24.30
N SER F 415 43.18 -24.69 24.41
CA SER F 415 43.80 -25.69 25.28
C SER F 415 45.21 -26.02 24.81
N GLU F 416 45.39 -26.18 23.49
CA GLU F 416 46.72 -26.45 22.96
C GLU F 416 47.66 -25.28 23.20
N LEU F 417 47.16 -24.05 23.07
CA LEU F 417 47.99 -22.88 23.34
C LEU F 417 48.47 -22.87 24.78
N ILE F 418 47.57 -23.14 25.72
CA ILE F 418 47.96 -23.18 27.13
C ILE F 418 48.98 -24.28 27.37
N ARG F 419 48.77 -25.45 26.78
CA ARG F 419 49.70 -26.56 26.99
C ARG F 419 51.03 -26.37 26.29
N SER F 420 51.16 -25.37 25.42
CA SER F 420 52.41 -25.14 24.71
C SER F 420 53.29 -24.17 25.50
N GLU F 421 54.55 -24.55 25.68
CA GLU F 421 55.48 -23.76 26.47
C GLU F 421 56.29 -22.76 25.66
N VAL F 422 56.20 -22.79 24.33
CA VAL F 422 56.99 -21.88 23.51
C VAL F 422 56.18 -20.65 23.15
N ILE F 423 55.00 -20.84 22.55
CA ILE F 423 54.16 -19.74 22.12
C ILE F 423 53.64 -18.92 23.30
N SER F 424 53.33 -19.58 24.42
CA SER F 424 52.94 -18.82 25.61
C SER F 424 54.07 -17.89 26.05
N ASP F 425 55.31 -18.38 26.02
CA ASP F 425 56.45 -17.51 26.31
C ASP F 425 56.56 -16.38 25.30
N ALA F 426 56.37 -16.68 24.02
CA ALA F 426 56.48 -15.66 22.98
C ALA F 426 55.47 -14.53 23.21
N LEU F 427 54.23 -14.89 23.52
CA LEU F 427 53.23 -13.86 23.79
C LEU F 427 53.54 -13.12 25.09
N GLY F 428 54.21 -13.77 26.02
CA GLY F 428 54.50 -13.17 27.30
C GLY F 428 53.43 -13.50 28.34
N ASP F 429 53.87 -13.49 29.61
CA ASP F 429 52.99 -13.94 30.69
C ASP F 429 51.78 -13.05 30.85
N HIS F 430 51.97 -11.73 30.79
CA HIS F 430 50.85 -10.81 30.99
C HIS F 430 49.86 -10.88 29.83
N ALA F 431 50.37 -10.87 28.59
CA ALA F 431 49.48 -10.87 27.45
C ALA F 431 48.76 -12.20 27.28
N LEU F 432 49.42 -13.30 27.66
CA LEU F 432 48.80 -14.62 27.52
C LEU F 432 47.53 -14.71 28.34
N ALA F 433 47.57 -14.23 29.58
CA ALA F 433 46.41 -14.33 30.44
C ALA F 433 45.23 -13.54 29.87
N TYR F 434 45.49 -12.33 29.38
CA TYR F 434 44.40 -11.51 28.87
C TYR F 434 43.84 -12.05 27.57
N PHE F 435 44.71 -12.53 26.68
CA PHE F 435 44.22 -13.15 25.45
C PHE F 435 43.39 -14.39 25.74
N TYR F 436 43.87 -15.22 26.67
CA TYR F 436 43.12 -16.42 27.04
C TYR F 436 41.76 -16.06 27.63
N GLU F 437 41.72 -15.06 28.51
CA GLU F 437 40.46 -14.64 29.11
C GLU F 437 39.50 -14.13 28.03
N LEU F 438 40.03 -13.33 27.10
CA LEU F 438 39.22 -12.81 26.02
C LEU F 438 38.61 -13.93 25.20
N LYS F 439 39.43 -14.91 24.80
CA LYS F 439 38.92 -15.98 23.97
C LYS F 439 37.99 -16.91 24.74
N GLU F 440 38.23 -17.12 26.03
CA GLU F 440 37.28 -17.87 26.85
C GLU F 440 35.92 -17.18 26.89
N ILE F 441 35.91 -15.86 27.08
CA ILE F 441 34.63 -15.15 27.09
C ILE F 441 33.95 -15.26 25.74
N GLU F 442 34.71 -15.11 24.64
CA GLU F 442 34.13 -15.21 23.31
C GLU F 442 33.53 -16.58 23.07
N TRP F 443 34.28 -17.64 23.39
CA TRP F 443 33.79 -18.99 23.17
C TRP F 443 32.61 -19.31 24.05
N ASP F 444 32.63 -18.84 25.30
CA ASP F 444 31.50 -19.07 26.20
C ASP F 444 30.25 -18.40 25.66
N MET F 445 30.39 -17.19 25.11
CA MET F 445 29.24 -16.54 24.49
C MET F 445 28.76 -17.33 23.28
N TYR F 446 29.70 -17.86 22.48
CA TYR F 446 29.29 -18.53 21.24
C TYR F 446 28.61 -19.86 21.52
N ARG F 447 29.10 -20.64 22.48
CA ARG F 447 28.63 -22.00 22.66
C ARG F 447 27.21 -22.07 23.20
N THR F 448 26.75 -21.04 23.90
CA THR F 448 25.43 -21.09 24.52
C THR F 448 24.34 -20.48 23.67
N GLN F 449 24.66 -20.04 22.45
CA GLN F 449 23.64 -19.50 21.56
C GLN F 449 22.76 -20.62 21.02
N VAL F 450 21.57 -20.24 20.57
CA VAL F 450 20.67 -21.15 19.88
C VAL F 450 20.45 -20.61 18.48
N HIS F 451 21.13 -21.21 17.51
CA HIS F 451 21.17 -20.67 16.15
C HIS F 451 19.92 -21.10 15.37
N GLN F 452 19.71 -20.41 14.24
CA GLN F 452 18.53 -20.68 13.42
C GLN F 452 18.61 -22.05 12.76
N TRP F 453 19.82 -22.55 12.49
CA TRP F 453 19.95 -23.85 11.86
C TRP F 453 19.34 -24.94 12.72
N GLU F 454 19.54 -24.85 14.04
CA GLU F 454 18.94 -25.82 14.94
C GLU F 454 17.41 -25.81 14.84
N ARG F 455 16.82 -24.61 14.82
CA ARG F 455 15.36 -24.53 14.69
C ARG F 455 14.89 -25.01 13.33
N ASP F 456 15.75 -24.90 12.31
CA ASP F 456 15.40 -25.47 11.01
C ASP F 456 15.37 -27.00 11.08
N GLN F 457 16.44 -27.60 11.60
CA GLN F 457 16.51 -29.06 11.65
C GLN F 457 15.55 -29.62 12.68
N TYR F 458 15.55 -29.07 13.88
CA TYR F 458 14.66 -29.48 14.95
C TYR F 458 13.41 -28.60 14.90
N LEU F 459 12.63 -28.60 15.98
CA LEU F 459 11.41 -27.82 16.13
C LEU F 459 10.29 -28.43 15.30
N THR F 460 10.63 -29.42 14.50
CA THR F 460 9.66 -30.25 13.78
C THR F 460 9.94 -31.74 13.94
N LEU F 461 11.22 -32.14 13.92
CA LEU F 461 11.56 -33.54 14.03
C LEU F 461 11.41 -34.03 15.47
N TYR F 462 11.57 -33.14 16.44
CA TYR F 462 11.38 -33.50 17.84
C TYR F 462 10.31 -32.61 18.46
N SER G 22 -5.51 -57.41 29.45
CA SER G 22 -4.90 -57.90 28.22
C SER G 22 -5.94 -58.03 27.10
N TYR G 23 -5.52 -58.62 25.98
CA TYR G 23 -6.38 -58.78 24.81
C TYR G 23 -5.96 -60.03 24.06
N THR G 24 -6.80 -60.45 23.12
CA THR G 24 -6.48 -61.55 22.22
C THR G 24 -6.97 -61.21 20.82
N ARG G 25 -6.68 -62.13 19.89
CA ARG G 25 -7.06 -61.91 18.51
C ARG G 25 -8.57 -61.71 18.36
N GLU G 26 -9.35 -62.62 18.95
CA GLU G 26 -10.79 -62.53 18.83
C GLU G 26 -11.33 -61.30 19.54
N ASP G 27 -10.70 -60.92 20.66
CA ASP G 27 -11.09 -59.68 21.33
C ASP G 27 -10.87 -58.48 20.42
N ILE G 28 -9.72 -58.43 19.74
CA ILE G 28 -9.43 -57.32 18.84
C ILE G 28 -10.45 -57.29 17.71
N ILE G 29 -10.75 -58.46 17.13
CA ILE G 29 -11.70 -58.53 16.02
C ILE G 29 -13.08 -58.06 16.47
N ARG G 30 -13.53 -58.52 17.65
CA ARG G 30 -14.83 -58.12 18.15
C ARG G 30 -14.88 -56.62 18.43
N ILE G 31 -13.83 -56.08 19.04
CA ILE G 31 -13.80 -54.65 19.35
C ILE G 31 -13.84 -53.84 18.06
N ALA G 32 -13.06 -54.25 17.06
CA ALA G 32 -13.09 -53.56 15.77
C ALA G 32 -14.47 -53.64 15.14
N GLU G 33 -15.14 -54.77 15.28
CA GLU G 33 -16.49 -54.91 14.72
C GLU G 33 -17.48 -54.00 15.44
N GLU G 34 -17.38 -53.89 16.76
CA GLU G 34 -18.39 -53.15 17.52
C GLU G 34 -18.08 -51.65 17.54
N GLU G 35 -16.81 -51.29 17.59
CA GLU G 35 -16.42 -49.89 17.65
C GLU G 35 -16.44 -49.21 16.28
N ASN G 36 -16.63 -49.98 15.21
CA ASN G 36 -16.57 -49.48 13.84
C ASN G 36 -15.21 -48.86 13.55
N VAL G 37 -14.16 -49.50 14.04
CA VAL G 37 -12.80 -49.10 13.70
C VAL G 37 -12.57 -49.34 12.22
N ARG G 38 -12.11 -48.31 11.51
CA ARG G 38 -11.89 -48.40 10.07
C ARG G 38 -10.44 -48.24 9.65
N PHE G 39 -9.56 -47.84 10.56
CA PHE G 39 -8.25 -47.33 10.19
C PHE G 39 -7.25 -47.71 11.27
N ILE G 40 -6.22 -48.47 10.91
CA ILE G 40 -5.28 -49.02 11.87
C ILE G 40 -3.91 -48.43 11.61
N ARG G 41 -3.22 -48.02 12.68
CA ARG G 41 -1.86 -47.52 12.59
C ARG G 41 -0.92 -48.56 13.17
N LEU G 42 -0.35 -49.40 12.30
CA LEU G 42 0.66 -50.38 12.71
C LEU G 42 1.94 -49.58 12.99
N GLN G 43 2.19 -49.32 14.26
CA GLN G 43 3.17 -48.31 14.62
C GLN G 43 4.46 -48.93 15.15
N PHE G 44 5.55 -48.18 15.03
CA PHE G 44 6.85 -48.53 15.61
C PHE G 44 7.73 -47.29 15.58
N THR G 45 9.01 -47.47 15.90
CA THR G 45 9.94 -46.36 15.99
C THR G 45 11.28 -46.76 15.37
N ASP G 46 11.98 -45.76 14.84
CA ASP G 46 13.33 -45.95 14.32
C ASP G 46 14.34 -45.57 15.39
N LEU G 47 15.62 -45.56 15.00
CA LEU G 47 16.65 -45.14 15.94
C LEU G 47 16.63 -43.64 16.17
N LEU G 48 16.06 -42.88 15.23
CA LEU G 48 15.96 -41.44 15.38
C LEU G 48 14.91 -41.01 16.38
N GLY G 49 13.97 -41.90 16.72
CA GLY G 49 12.91 -41.59 17.64
C GLY G 49 11.60 -41.19 17.02
N THR G 50 11.61 -40.76 15.75
CA THR G 50 10.39 -40.30 15.11
C THR G 50 9.39 -41.46 14.99
N ILE G 51 8.11 -41.14 15.23
CA ILE G 51 7.06 -42.15 15.26
C ILE G 51 6.73 -42.58 13.84
N LYS G 52 7.01 -43.84 13.52
CA LYS G 52 6.77 -44.37 12.19
C LYS G 52 5.61 -45.36 12.24
N ASN G 53 4.97 -45.59 11.10
CA ASN G 53 3.81 -46.49 11.09
C ASN G 53 3.44 -46.89 9.68
N VAL G 54 2.42 -47.73 9.59
CA VAL G 54 1.75 -48.09 8.34
C VAL G 54 0.25 -47.95 8.56
N GLU G 55 -0.43 -47.32 7.61
CA GLU G 55 -1.88 -47.16 7.69
C GLU G 55 -2.57 -48.29 6.95
N ILE G 56 -3.53 -48.93 7.62
CA ILE G 56 -4.17 -50.13 7.08
C ILE G 56 -5.68 -50.01 7.18
N PRO G 57 -6.43 -50.44 6.17
CA PRO G 57 -7.89 -50.53 6.33
C PRO G 57 -8.28 -51.69 7.21
N VAL G 58 -9.49 -51.63 7.76
CA VAL G 58 -9.93 -52.64 8.71
C VAL G 58 -10.00 -54.03 8.09
N SER G 59 -10.25 -54.12 6.78
CA SER G 59 -10.42 -55.42 6.13
C SER G 59 -9.15 -56.26 6.14
N GLN G 60 -7.99 -55.65 6.36
CA GLN G 60 -6.73 -56.39 6.47
C GLN G 60 -6.37 -56.73 7.91
N LEU G 61 -7.23 -56.37 8.87
CA LEU G 61 -6.88 -56.49 10.28
C LEU G 61 -6.50 -57.91 10.65
N GLU G 62 -7.26 -58.90 10.15
CA GLU G 62 -6.93 -60.29 10.43
C GLU G 62 -5.51 -60.61 9.97
N LYS G 63 -5.15 -60.19 8.75
CA LYS G 63 -3.79 -60.42 8.28
C LYS G 63 -2.79 -59.67 9.15
N ALA G 64 -3.17 -58.51 9.66
CA ALA G 64 -2.31 -57.80 10.60
C ALA G 64 -2.08 -58.62 11.85
N LEU G 65 -3.12 -59.30 12.34
CA LEU G 65 -2.99 -60.10 13.55
C LEU G 65 -2.21 -61.37 13.30
N ASP G 66 -1.95 -61.71 12.05
CA ASP G 66 -1.24 -62.93 11.67
C ASP G 66 0.27 -62.75 11.68
N ASN G 67 0.75 -61.54 11.92
CA ASN G 67 2.18 -61.23 11.85
C ASN G 67 2.74 -61.58 10.48
N LYS G 68 2.12 -61.05 9.43
CA LYS G 68 2.51 -61.33 8.05
C LYS G 68 2.73 -60.06 7.25
N MET G 69 2.47 -58.89 7.82
CA MET G 69 2.66 -57.64 7.11
C MET G 69 4.14 -57.34 6.98
N MET G 70 4.57 -56.94 5.79
CA MET G 70 5.97 -56.65 5.50
C MET G 70 6.12 -55.22 4.99
N PHE G 71 7.32 -54.67 5.19
CA PHE G 71 7.64 -53.33 4.73
C PHE G 71 9.15 -53.25 4.50
N ASP G 72 9.64 -52.03 4.26
CA ASP G 72 11.03 -51.82 3.88
C ASP G 72 11.98 -52.39 4.92
N GLY G 73 11.77 -52.04 6.19
CA GLY G 73 12.65 -52.46 7.25
C GLY G 73 13.92 -51.64 7.38
N SER G 74 14.61 -51.39 6.26
CA SER G 74 15.83 -50.58 6.27
C SER G 74 15.57 -49.15 6.74
N SER G 75 14.31 -48.69 6.73
CA SER G 75 13.99 -47.38 7.24
C SER G 75 14.35 -47.22 8.71
N ILE G 76 14.53 -48.34 9.43
CA ILE G 76 15.02 -48.28 10.80
C ILE G 76 16.36 -47.56 10.87
N GLU G 77 17.23 -47.81 9.89
CA GLU G 77 18.52 -47.14 9.88
C GLU G 77 18.41 -45.65 9.55
N GLY G 78 17.23 -45.18 9.13
CA GLY G 78 17.02 -43.78 8.86
C GLY G 78 17.23 -43.40 7.41
N TYR G 79 17.73 -42.18 7.16
CA TYR G 79 18.00 -41.73 5.82
C TYR G 79 19.37 -42.16 5.32
N VAL G 80 20.14 -42.88 6.14
CA VAL G 80 21.44 -43.40 5.75
C VAL G 80 21.32 -44.81 5.20
N ARG G 81 20.11 -45.28 4.91
CA ARG G 81 19.92 -46.63 4.38
C ARG G 81 20.56 -46.74 2.99
N ILE G 82 21.31 -47.81 2.80
CA ILE G 82 22.03 -48.04 1.55
C ILE G 82 21.44 -49.22 0.78
N GLU G 83 20.91 -50.22 1.47
CA GLU G 83 20.32 -51.38 0.83
C GLU G 83 18.95 -51.64 1.42
N GLU G 84 18.06 -52.21 0.61
CA GLU G 84 16.70 -52.43 1.05
C GLU G 84 16.58 -53.79 1.72
N SER G 85 15.63 -53.90 2.64
CA SER G 85 15.30 -55.16 3.28
C SER G 85 13.81 -55.47 3.07
N ASP G 86 13.36 -56.55 3.70
CA ASP G 86 11.95 -56.86 3.82
C ASP G 86 11.73 -57.33 5.25
N MET G 87 10.93 -56.59 6.01
CA MET G 87 10.85 -56.85 7.43
C MET G 87 9.39 -56.86 7.86
N TYR G 88 9.06 -57.77 8.76
CA TYR G 88 7.67 -58.01 9.13
C TYR G 88 7.33 -57.31 10.43
N LEU G 89 6.09 -56.84 10.50
CA LEU G 89 5.56 -56.16 11.67
C LEU G 89 4.81 -57.17 12.53
N TYR G 90 5.23 -57.30 13.79
CA TYR G 90 4.56 -58.20 14.73
C TYR G 90 3.87 -57.35 15.78
N PRO G 91 2.56 -57.18 15.73
CA PRO G 91 1.89 -56.31 16.70
C PRO G 91 1.88 -56.92 18.09
N ASP G 92 1.82 -56.04 19.10
CA ASP G 92 1.65 -56.45 20.48
C ASP G 92 0.21 -56.14 20.89
N LEU G 93 -0.61 -57.18 20.96
CA LEU G 93 -2.04 -56.99 21.15
C LEU G 93 -2.35 -56.23 22.43
N ASP G 94 -1.52 -56.42 23.47
CA ASP G 94 -1.74 -55.76 24.74
C ASP G 94 -1.66 -54.24 24.64
N THR G 95 -1.07 -53.72 23.57
CA THR G 95 -0.93 -52.29 23.34
C THR G 95 -1.99 -51.72 22.43
N TRP G 96 -3.01 -52.51 22.06
CA TRP G 96 -4.10 -52.01 21.24
C TRP G 96 -4.81 -50.85 21.94
N VAL G 97 -5.19 -49.84 21.16
CA VAL G 97 -5.94 -48.71 21.69
C VAL G 97 -6.60 -48.00 20.52
N VAL G 98 -7.64 -47.23 20.83
CA VAL G 98 -8.45 -46.55 19.82
C VAL G 98 -8.43 -45.06 20.10
N PHE G 99 -8.22 -44.28 19.04
CA PHE G 99 -8.10 -42.83 19.17
C PHE G 99 -9.47 -42.19 19.37
N PRO G 100 -9.65 -41.39 20.43
CA PRO G 100 -10.92 -40.71 20.63
C PRO G 100 -10.96 -39.32 20.00
N TRP G 101 -10.95 -39.21 18.67
CA TRP G 101 -10.95 -37.89 18.06
C TRP G 101 -12.33 -37.44 17.62
N VAL G 102 -13.38 -37.86 18.33
CA VAL G 102 -14.76 -37.41 18.16
C VAL G 102 -15.10 -37.20 16.68
N THR G 103 -14.98 -38.25 15.89
CA THR G 103 -15.32 -38.19 14.47
C THR G 103 -15.70 -39.58 14.01
N SER G 104 -16.43 -39.67 12.90
CA SER G 104 -16.76 -40.96 12.29
C SER G 104 -15.50 -41.56 11.69
N ASP G 105 -15.61 -42.77 11.14
CA ASP G 105 -14.47 -43.47 10.58
C ASP G 105 -13.39 -43.66 11.63
N ARG G 106 -13.69 -44.43 12.66
CA ARG G 106 -12.82 -44.53 13.83
C ARG G 106 -11.46 -45.10 13.44
N VAL G 107 -10.43 -44.64 14.15
CA VAL G 107 -9.04 -45.02 13.87
C VAL G 107 -8.47 -45.70 15.12
N ALA G 108 -7.67 -46.74 14.91
CA ALA G 108 -7.12 -47.54 15.99
C ALA G 108 -5.61 -47.60 15.87
N ARG G 109 -4.95 -47.86 17.00
CA ARG G 109 -3.50 -47.86 17.08
C ARG G 109 -3.03 -49.25 17.51
N LEU G 110 -1.96 -49.70 16.87
CA LEU G 110 -1.28 -50.92 17.28
C LEU G 110 0.22 -50.68 17.28
N ILE G 111 0.87 -51.04 18.39
CA ILE G 111 2.32 -50.90 18.52
C ILE G 111 2.97 -52.23 18.17
N CYS G 112 3.95 -52.20 17.28
CA CYS G 112 4.51 -53.39 16.69
C CYS G 112 6.00 -53.47 16.96
N ASP G 113 6.51 -54.70 16.97
CA ASP G 113 7.94 -54.95 16.90
C ASP G 113 8.30 -55.31 15.47
N ILE G 114 9.58 -55.29 15.17
CA ILE G 114 10.08 -55.56 13.83
C ILE G 114 10.83 -56.89 13.85
N TYR G 115 10.56 -57.74 12.87
CA TYR G 115 11.20 -59.05 12.80
C TYR G 115 11.77 -59.28 11.42
N LYS G 116 12.86 -60.04 11.37
CA LYS G 116 13.47 -60.40 10.11
C LYS G 116 12.58 -61.39 9.36
N PRO G 117 12.78 -61.53 8.04
CA PRO G 117 12.01 -62.52 7.29
C PRO G 117 12.20 -63.94 7.77
N ASP G 118 13.35 -64.27 8.36
CA ASP G 118 13.57 -65.62 8.85
C ASP G 118 13.00 -65.86 10.24
N GLY G 119 12.41 -64.83 10.87
CA GLY G 119 11.76 -64.97 12.14
C GLY G 119 12.52 -64.40 13.32
N SER G 120 13.83 -64.16 13.17
CA SER G 120 14.60 -63.65 14.28
C SER G 120 14.34 -62.16 14.49
N PRO G 121 14.52 -61.67 15.71
CA PRO G 121 14.33 -60.24 15.96
C PRO G 121 15.36 -59.40 15.24
N PHE G 122 14.96 -58.19 14.87
CA PHE G 122 15.89 -57.23 14.27
C PHE G 122 16.73 -56.61 15.37
N ALA G 123 18.06 -56.61 15.17
CA ALA G 123 18.96 -56.09 16.19
C ALA G 123 18.79 -54.60 16.43
N GLY G 124 18.50 -53.82 15.40
CA GLY G 124 18.51 -52.38 15.49
C GLY G 124 17.21 -51.73 15.90
N ASP G 125 16.27 -52.47 16.47
CA ASP G 125 15.00 -51.89 16.88
C ASP G 125 15.09 -51.41 18.32
N PRO G 126 14.82 -50.13 18.62
CA PRO G 126 14.96 -49.66 20.01
C PRO G 126 14.11 -50.43 21.00
N ARG G 127 12.88 -50.78 20.62
CA ARG G 127 12.05 -51.60 21.50
C ARG G 127 12.70 -52.97 21.73
N GLY G 128 13.27 -53.56 20.68
CA GLY G 128 14.01 -54.80 20.86
C GLY G 128 15.18 -54.62 21.79
N ILE G 129 15.87 -53.49 21.70
CA ILE G 129 17.00 -53.22 22.58
C ILE G 129 16.53 -53.17 24.04
N LEU G 130 15.45 -52.43 24.28
CA LEU G 130 14.95 -52.29 25.65
C LEU G 130 14.48 -53.63 26.19
N LYS G 131 13.82 -54.44 25.36
CA LYS G 131 13.35 -55.74 25.83
C LYS G 131 14.52 -56.68 26.08
N ARG G 132 15.57 -56.60 25.27
CA ARG G 132 16.76 -57.41 25.53
C ARG G 132 17.41 -57.01 26.86
N VAL G 133 17.48 -55.71 27.14
CA VAL G 133 18.07 -55.26 28.40
C VAL G 133 17.19 -55.66 29.57
N LEU G 134 15.87 -55.63 29.40
CA LEU G 134 14.98 -56.13 30.44
C LEU G 134 15.15 -57.62 30.64
N LYS G 135 15.38 -58.37 29.56
CA LYS G 135 15.63 -59.81 29.69
C LYS G 135 16.90 -60.07 30.47
N GLU G 136 17.97 -59.33 30.19
CA GLU G 136 19.20 -59.51 30.94
C GLU G 136 19.09 -58.99 32.37
N ALA G 137 18.14 -58.08 32.62
CA ALA G 137 17.85 -57.70 34.00
C ALA G 137 17.09 -58.80 34.73
N GLU G 138 16.13 -59.43 34.05
CA GLU G 138 15.39 -60.53 34.63
C GLU G 138 16.30 -61.71 34.95
N GLU G 139 17.26 -62.00 34.06
CA GLU G 139 18.23 -63.04 34.34
C GLU G 139 19.04 -62.74 35.59
N LEU G 140 19.13 -61.48 36.00
CA LEU G 140 19.78 -61.09 37.25
C LEU G 140 18.85 -61.18 38.44
N GLY G 141 17.59 -61.56 38.23
CA GLY G 141 16.66 -61.77 39.33
C GLY G 141 15.64 -60.68 39.56
N TYR G 142 15.82 -59.50 38.96
CA TYR G 142 14.89 -58.39 39.12
C TYR G 142 13.80 -58.52 38.06
N THR G 143 12.55 -58.54 38.51
CA THR G 143 11.46 -58.86 37.60
C THR G 143 11.13 -57.71 36.65
N SER G 144 11.13 -56.48 37.12
CA SER G 144 10.69 -55.38 36.26
C SER G 144 11.39 -54.08 36.66
N MET G 145 11.16 -53.06 35.85
CA MET G 145 11.79 -51.75 36.00
C MET G 145 10.69 -50.69 35.97
N ASN G 146 10.30 -50.20 37.15
CA ASN G 146 9.27 -49.18 37.24
C ASN G 146 9.87 -47.85 36.83
N VAL G 147 9.29 -47.23 35.80
CA VAL G 147 9.81 -46.02 35.19
C VAL G 147 8.69 -45.00 35.09
N GLY G 148 8.92 -43.80 35.60
CA GLY G 148 7.98 -42.71 35.48
C GLY G 148 8.64 -41.45 34.95
N PRO G 149 8.23 -41.01 33.77
CA PRO G 149 8.82 -39.82 33.17
C PRO G 149 8.09 -38.53 33.56
N GLU G 150 8.77 -37.41 33.38
CA GLU G 150 8.18 -36.10 33.55
C GLU G 150 8.56 -35.21 32.37
N PRO G 151 7.95 -35.43 31.21
CA PRO G 151 8.31 -34.65 30.01
C PRO G 151 7.59 -33.30 29.99
N GLU G 152 8.29 -32.30 29.44
CA GLU G 152 7.78 -30.95 29.26
C GLU G 152 7.81 -30.60 27.78
N PHE G 153 6.82 -29.82 27.34
CA PHE G 153 6.72 -29.48 25.93
C PHE G 153 6.39 -28.01 25.78
N PHE G 154 6.76 -27.45 24.63
CA PHE G 154 6.60 -26.05 24.31
C PHE G 154 5.46 -25.86 23.32
N LEU G 155 4.68 -24.81 23.53
CA LEU G 155 3.63 -24.40 22.60
C LEU G 155 3.99 -23.03 22.04
N PHE G 156 4.01 -22.95 20.71
CA PHE G 156 4.30 -21.71 20.00
C PHE G 156 3.11 -21.36 19.11
N LYS G 157 2.81 -20.07 19.03
CA LYS G 157 1.77 -19.63 18.12
C LYS G 157 2.20 -19.85 16.67
N THR G 158 1.24 -20.25 15.85
CA THR G 158 1.49 -20.53 14.43
C THR G 158 1.18 -19.30 13.60
N ASP G 159 1.68 -19.29 12.38
CA ASP G 159 1.42 -18.23 11.42
C ASP G 159 0.29 -18.67 10.49
N GLU G 160 0.07 -17.87 9.43
CA GLU G 160 -1.00 -18.16 8.49
C GLU G 160 -0.75 -19.46 7.73
N LYS G 161 0.50 -19.74 7.37
CA LYS G 161 0.82 -20.92 6.57
C LYS G 161 0.99 -22.18 7.42
N GLY G 162 0.86 -22.09 8.74
CA GLY G 162 0.99 -23.26 9.58
C GLY G 162 2.37 -23.52 10.15
N ASP G 163 3.25 -22.52 10.13
CA ASP G 163 4.56 -22.81 10.70
C ASP G 163 4.71 -22.16 12.06
N PRO G 164 5.52 -22.71 12.95
CA PRO G 164 5.65 -22.12 14.29
C PRO G 164 6.46 -20.84 14.25
N THR G 165 5.93 -19.82 14.92
CA THR G 165 6.63 -18.56 15.09
C THR G 165 7.37 -18.58 16.42
N THR G 166 7.88 -17.43 16.83
CA THR G 166 8.62 -17.32 18.09
C THR G 166 7.72 -16.87 19.24
N GLU G 167 6.46 -16.56 18.96
CA GLU G 167 5.54 -16.04 19.97
C GLU G 167 4.92 -17.19 20.74
N LEU G 168 5.13 -17.21 22.05
CA LEU G 168 4.62 -18.27 22.89
C LEU G 168 3.14 -18.04 23.21
N ASN G 169 2.49 -19.09 23.72
CA ASN G 169 1.06 -19.03 23.95
C ASN G 169 0.68 -18.23 25.19
N ASP G 170 1.53 -18.21 26.23
CA ASP G 170 1.22 -17.47 27.44
C ASP G 170 2.51 -16.91 28.01
N GLN G 171 2.38 -16.15 29.10
CA GLN G 171 3.50 -15.51 29.76
C GLN G 171 3.45 -15.73 31.26
N GLY G 172 2.96 -16.89 31.70
CA GLY G 172 2.92 -17.18 33.11
C GLY G 172 4.24 -17.68 33.65
N GLY G 173 4.34 -17.69 34.98
CA GLY G 173 5.54 -18.15 35.65
C GLY G 173 5.48 -19.62 36.02
N TYR G 174 6.33 -20.04 36.96
CA TYR G 174 6.41 -21.44 37.33
C TYR G 174 5.19 -21.84 38.15
N PHE G 175 4.61 -23.01 37.82
CA PHE G 175 3.39 -23.50 38.45
C PHE G 175 2.28 -22.45 38.47
N ASP G 176 1.95 -21.90 37.31
CA ASP G 176 0.94 -20.87 37.22
C ASP G 176 -0.39 -21.45 36.73
N LEU G 177 -1.38 -20.56 36.62
CA LEU G 177 -2.65 -20.88 35.98
C LEU G 177 -2.88 -19.96 34.80
N ALA G 178 -1.81 -19.70 34.03
CA ALA G 178 -1.92 -18.77 32.90
C ALA G 178 -2.94 -19.24 31.87
N PRO G 179 -2.95 -20.50 31.44
CA PRO G 179 -4.03 -20.88 30.50
C PRO G 179 -5.32 -21.19 31.24
N MET G 180 -6.10 -20.17 31.50
CA MET G 180 -7.38 -20.31 32.16
C MET G 180 -8.51 -20.36 31.14
N ASP G 181 -9.75 -20.31 31.62
CA ASP G 181 -10.95 -20.19 30.82
C ASP G 181 -11.22 -21.44 29.99
N LEU G 182 -11.56 -21.25 28.71
CA LEU G 182 -11.87 -22.35 27.81
C LEU G 182 -11.14 -22.18 26.49
N GLY G 183 -10.74 -20.95 26.18
CA GLY G 183 -10.07 -20.66 24.94
C GLY G 183 -8.69 -21.29 24.83
N GLU G 184 -8.60 -22.38 24.07
CA GLU G 184 -7.33 -23.06 23.80
C GLU G 184 -6.62 -23.48 25.08
N ASN G 185 -7.35 -24.16 25.97
CA ASN G 185 -6.74 -24.83 27.11
C ASN G 185 -6.22 -26.19 26.68
N CYS G 186 -5.04 -26.17 26.08
CA CYS G 186 -4.43 -27.40 25.57
C CYS G 186 -4.09 -28.36 26.70
N ARG G 187 -3.81 -27.83 27.90
CA ARG G 187 -3.45 -28.69 29.01
C ARG G 187 -4.64 -29.55 29.45
N ARG G 188 -5.79 -28.92 29.66
CA ARG G 188 -6.98 -29.67 30.08
C ARG G 188 -7.37 -30.69 29.03
N GLU G 189 -7.41 -30.27 27.77
CA GLU G 189 -7.81 -31.18 26.70
C GLU G 189 -6.86 -32.34 26.59
N ILE G 190 -5.55 -32.08 26.71
CA ILE G 190 -4.58 -33.16 26.55
C ILE G 190 -4.70 -34.14 27.71
N VAL G 191 -4.88 -33.63 28.93
CA VAL G 191 -5.04 -34.53 30.06
C VAL G 191 -6.27 -35.40 29.89
N LEU G 192 -7.38 -34.80 29.45
CA LEU G 192 -8.61 -35.57 29.31
C LEU G 192 -8.52 -36.60 28.21
N LYS G 193 -7.90 -36.24 27.08
CA LYS G 193 -7.77 -37.21 25.99
C LYS G 193 -6.82 -38.34 26.36
N LEU G 194 -5.74 -38.03 27.07
CA LEU G 194 -4.84 -39.08 27.52
C LEU G 194 -5.56 -40.00 28.51
N GLU G 195 -6.39 -39.45 29.38
CA GLU G 195 -7.15 -40.27 30.32
C GLU G 195 -8.15 -41.16 29.59
N GLU G 196 -8.87 -40.61 28.62
CA GLU G 196 -9.84 -41.40 27.86
C GLU G 196 -9.15 -42.46 27.02
N MET G 197 -7.90 -42.21 26.62
CA MET G 197 -7.12 -43.25 25.97
C MET G 197 -6.79 -44.38 26.94
N GLY G 198 -6.65 -44.08 28.22
CA GLY G 198 -6.33 -45.09 29.20
C GLY G 198 -4.98 -44.88 29.85
N PHE G 199 -4.47 -43.65 29.78
CA PHE G 199 -3.21 -43.32 30.43
C PHE G 199 -3.44 -42.79 31.85
N GLU G 200 -2.46 -43.02 32.71
CA GLU G 200 -2.53 -42.65 34.12
C GLU G 200 -1.73 -41.37 34.30
N ILE G 201 -2.43 -40.26 34.47
CA ILE G 201 -1.81 -38.94 34.57
C ILE G 201 -1.72 -38.54 36.04
N GLU G 202 -0.50 -38.41 36.54
CA GLU G 202 -0.30 -38.03 37.93
C GLU G 202 -0.57 -36.55 38.15
N ALA G 203 -0.11 -35.70 37.23
CA ALA G 203 -0.28 -34.27 37.35
C ALA G 203 0.05 -33.59 36.03
N SER G 204 -0.37 -32.34 35.91
CA SER G 204 -0.09 -31.52 34.74
C SER G 204 -0.10 -30.05 35.16
N HIS G 205 0.91 -29.31 34.71
CA HIS G 205 1.10 -27.97 35.27
C HIS G 205 1.94 -27.14 34.30
N HIS G 206 2.08 -25.86 34.65
CA HIS G 206 2.86 -24.92 33.86
C HIS G 206 4.30 -24.89 34.36
N GLU G 207 5.25 -24.88 33.44
CA GLU G 207 6.63 -25.02 33.81
C GLU G 207 7.32 -23.65 33.86
N VAL G 208 8.64 -23.67 34.07
CA VAL G 208 9.37 -22.46 34.46
C VAL G 208 9.26 -21.38 33.40
N ALA G 209 9.55 -21.71 32.18
CA ALA G 209 9.51 -20.68 31.17
C ALA G 209 8.06 -20.43 30.74
N PRO G 210 7.79 -19.30 30.11
CA PRO G 210 6.49 -19.12 29.47
C PRO G 210 6.26 -20.17 28.41
N GLY G 211 5.01 -20.65 28.32
CA GLY G 211 4.65 -21.56 27.25
C GLY G 211 5.11 -22.99 27.42
N GLN G 212 5.55 -23.40 28.60
CA GLN G 212 6.06 -24.74 28.82
C GLN G 212 5.13 -25.53 29.74
N HIS G 213 4.66 -26.67 29.25
CA HIS G 213 3.74 -27.50 30.02
C HIS G 213 4.35 -28.86 30.28
N GLU G 214 4.37 -29.27 31.55
CA GLU G 214 4.90 -30.56 31.96
C GLU G 214 3.76 -31.51 32.26
N ILE G 215 3.87 -32.75 31.80
CA ILE G 215 2.87 -33.77 32.06
C ILE G 215 3.52 -34.90 32.84
N ASP G 216 3.02 -35.15 34.04
CA ASP G 216 3.56 -36.17 34.91
C ASP G 216 2.79 -37.47 34.71
N PHE G 217 3.51 -38.55 34.52
CA PHE G 217 2.87 -39.85 34.34
C PHE G 217 2.88 -40.64 35.64
N LYS G 218 1.85 -41.46 35.83
CA LYS G 218 1.91 -42.47 36.87
C LYS G 218 2.80 -43.61 36.40
N TYR G 219 3.31 -44.36 37.37
CA TYR G 219 4.44 -45.23 37.10
C TYR G 219 3.98 -46.55 36.51
N ALA G 220 4.80 -47.07 35.60
CA ALA G 220 4.42 -48.25 34.84
C ALA G 220 5.68 -49.02 34.45
N ASP G 221 5.47 -50.19 33.84
CA ASP G 221 6.61 -51.01 33.43
C ASP G 221 7.34 -50.34 32.28
N ALA G 222 8.59 -50.77 32.08
CA ALA G 222 9.51 -50.02 31.21
C ALA G 222 8.98 -49.92 29.79
N VAL G 223 8.62 -51.05 29.18
CA VAL G 223 8.21 -51.03 27.78
C VAL G 223 6.93 -50.23 27.61
N LYS G 224 5.96 -50.46 28.50
CA LYS G 224 4.70 -49.73 28.37
C LYS G 224 4.88 -48.26 28.75
N ALA G 225 5.85 -47.96 29.62
CA ALA G 225 6.14 -46.56 29.92
C ALA G 225 6.72 -45.85 28.70
N ALA G 226 7.63 -46.51 27.98
CA ALA G 226 8.16 -45.92 26.76
C ALA G 226 7.06 -45.73 25.71
N ASP G 227 6.19 -46.73 25.57
CA ASP G 227 5.04 -46.58 24.68
C ASP G 227 4.16 -45.42 25.13
N GLN G 228 4.02 -45.24 26.44
CA GLN G 228 3.28 -44.11 26.97
C GLN G 228 3.90 -42.80 26.53
N ILE G 229 5.23 -42.70 26.61
CA ILE G 229 5.92 -41.47 26.21
C ILE G 229 5.69 -41.21 24.72
N GLN G 230 5.84 -42.25 23.90
CA GLN G 230 5.68 -42.08 22.46
C GLN G 230 4.27 -41.60 22.11
N THR G 231 3.26 -42.32 22.60
CA THR G 231 1.89 -41.95 22.29
C THR G 231 1.54 -40.60 22.90
N PHE G 232 2.15 -40.28 24.04
CA PHE G 232 1.98 -38.98 24.67
C PHE G 232 2.47 -37.87 23.75
N LYS G 233 3.67 -38.04 23.19
CA LYS G 233 4.18 -37.05 22.24
C LYS G 233 3.24 -36.91 21.06
N LEU G 234 2.80 -38.04 20.50
CA LEU G 234 1.93 -37.99 19.33
C LEU G 234 0.63 -37.25 19.64
N VAL G 235 0.02 -37.56 20.78
CA VAL G 235 -1.27 -36.96 21.10
C VAL G 235 -1.10 -35.47 21.41
N VAL G 236 -0.02 -35.11 22.11
CA VAL G 236 0.21 -33.70 22.41
C VAL G 236 0.36 -32.90 21.13
N LYS G 237 1.18 -33.41 20.20
CA LYS G 237 1.33 -32.69 18.93
C LYS G 237 0.02 -32.65 18.16
N THR G 238 -0.74 -33.76 18.15
CA THR G 238 -2.00 -33.77 17.43
C THR G 238 -2.95 -32.70 17.94
N ILE G 239 -3.14 -32.64 19.25
CA ILE G 239 -4.06 -31.64 19.81
C ILE G 239 -3.52 -30.24 19.62
N ALA G 240 -2.20 -30.05 19.69
CA ALA G 240 -1.64 -28.73 19.46
C ALA G 240 -1.93 -28.25 18.04
N ARG G 241 -1.76 -29.13 17.05
CA ARG G 241 -2.16 -28.77 15.69
C ARG G 241 -3.66 -28.47 15.64
N GLN G 242 -4.46 -29.22 16.39
CA GLN G 242 -5.90 -28.97 16.39
C GLN G 242 -6.25 -27.59 16.94
N HIS G 243 -5.54 -27.12 17.97
CA HIS G 243 -5.84 -25.84 18.60
C HIS G 243 -5.13 -24.68 17.91
N GLY G 244 -4.58 -24.90 16.73
CA GLY G 244 -3.85 -23.85 16.04
C GLY G 244 -2.57 -23.45 16.73
N LEU G 245 -1.87 -24.40 17.35
CA LEU G 245 -0.60 -24.16 18.00
C LEU G 245 0.41 -25.18 17.49
N HIS G 246 1.68 -24.97 17.83
CA HIS G 246 2.74 -25.89 17.48
C HIS G 246 3.37 -26.42 18.75
N ALA G 247 3.43 -27.75 18.88
CA ALA G 247 4.04 -28.39 20.03
C ALA G 247 5.42 -28.91 19.66
N THR G 248 6.42 -28.51 20.42
CA THR G 248 7.80 -28.88 20.17
C THR G 248 8.45 -29.38 21.45
N PHE G 249 9.27 -30.43 21.33
CA PHE G 249 10.07 -30.92 22.42
C PHE G 249 11.53 -30.50 22.29
N MET G 250 11.84 -29.59 21.37
CA MET G 250 13.22 -29.25 21.12
C MET G 250 13.87 -28.75 22.41
N PRO G 251 14.98 -29.34 22.84
CA PRO G 251 15.42 -29.17 24.23
C PRO G 251 15.69 -27.72 24.64
N LYS G 252 16.12 -26.86 23.72
CA LYS G 252 16.41 -25.47 24.04
C LYS G 252 16.07 -24.61 22.82
N PRO G 253 14.78 -24.35 22.60
CA PRO G 253 14.40 -23.63 21.38
C PRO G 253 14.83 -22.18 21.36
N LEU G 254 14.82 -21.51 22.50
CA LEU G 254 15.07 -20.09 22.54
C LEU G 254 16.17 -19.79 23.55
N PHE G 255 17.09 -18.91 23.18
CA PHE G 255 18.15 -18.52 24.08
C PHE G 255 17.59 -17.65 25.19
N GLY G 256 18.10 -17.84 26.40
CA GLY G 256 17.69 -17.05 27.54
C GLY G 256 16.52 -17.60 28.32
N VAL G 257 15.88 -18.66 27.86
CA VAL G 257 14.79 -19.30 28.58
C VAL G 257 15.20 -20.73 28.88
N ASN G 258 14.64 -21.28 29.96
CA ASN G 258 14.98 -22.64 30.35
C ASN G 258 14.47 -23.63 29.31
N GLY G 259 15.21 -24.74 29.17
CA GLY G 259 14.88 -25.74 28.19
C GLY G 259 13.86 -26.74 28.70
N SER G 260 13.76 -27.85 27.98
CA SER G 260 12.80 -28.91 28.27
C SER G 260 13.54 -30.16 28.73
N GLY G 261 13.19 -30.66 29.91
CA GLY G 261 13.80 -31.84 30.46
C GLY G 261 12.82 -32.99 30.61
N MET G 262 13.38 -34.19 30.74
CA MET G 262 12.64 -35.43 30.91
C MET G 262 13.20 -36.19 32.11
N HIS G 263 13.20 -35.54 33.27
CA HIS G 263 13.48 -36.26 34.51
C HIS G 263 12.72 -37.58 34.52
N CYS G 264 13.46 -38.68 34.60
CA CYS G 264 12.88 -40.01 34.61
C CYS G 264 13.20 -40.65 35.96
N ASN G 265 12.18 -41.18 36.62
CA ASN G 265 12.37 -41.88 37.88
C ASN G 265 12.38 -43.38 37.63
N GLN G 266 13.39 -44.06 38.16
CA GLN G 266 13.55 -45.49 37.99
C GLN G 266 13.58 -46.17 39.35
N SER G 267 13.09 -47.40 39.37
CA SER G 267 13.17 -48.25 40.55
C SER G 267 13.05 -49.71 40.12
N LEU G 268 13.92 -50.56 40.66
CA LEU G 268 13.89 -51.97 40.32
C LEU G 268 12.83 -52.68 41.14
N PHE G 269 12.19 -53.68 40.52
CA PHE G 269 11.16 -54.48 41.18
C PHE G 269 11.51 -55.96 41.05
N LYS G 270 11.45 -56.65 42.20
CA LYS G 270 11.65 -58.10 42.26
C LYS G 270 10.45 -58.69 42.99
N ASP G 271 9.50 -59.23 42.22
CA ASP G 271 8.30 -59.85 42.76
C ASP G 271 7.54 -58.88 43.66
N ASN G 272 7.02 -57.83 43.00
CA ASN G 272 6.30 -56.70 43.59
C ASN G 272 6.90 -56.27 44.93
N GLU G 273 8.23 -56.33 45.02
CA GLU G 273 9.00 -55.86 46.16
C GLU G 273 10.04 -54.87 45.67
N ASN G 274 10.04 -53.67 46.23
CA ASN G 274 10.98 -52.64 45.85
C ASN G 274 12.33 -52.93 46.49
N VAL G 275 13.28 -53.43 45.70
CA VAL G 275 14.59 -53.79 46.23
C VAL G 275 15.37 -52.59 46.74
N PHE G 276 15.08 -51.39 46.25
CA PHE G 276 15.78 -50.19 46.67
C PHE G 276 15.53 -49.84 48.13
N TYR G 277 14.32 -50.08 48.64
CA TYR G 277 13.96 -49.67 49.98
C TYR G 277 14.69 -50.49 51.03
N ASP G 278 15.13 -49.80 52.09
CA ASP G 278 15.78 -50.46 53.21
C ASP G 278 15.66 -49.55 54.42
N GLU G 279 14.81 -49.92 55.39
CA GLU G 279 14.63 -49.10 56.57
C GLU G 279 15.89 -49.05 57.43
N THR G 280 16.83 -49.96 57.21
CA THR G 280 18.08 -49.94 57.95
C THR G 280 19.04 -48.87 57.46
N ASP G 281 18.86 -48.40 56.22
CA ASP G 281 19.75 -47.38 55.67
C ASP G 281 19.47 -46.02 56.29
N GLU G 282 20.53 -45.22 56.41
CA GLU G 282 20.38 -43.87 56.96
C GLU G 282 19.46 -43.02 56.08
N LEU G 283 19.64 -43.10 54.76
CA LEU G 283 18.80 -42.37 53.83
C LEU G 283 17.70 -43.26 53.24
N GLY G 284 17.59 -44.50 53.69
CA GLY G 284 16.60 -45.42 53.15
C GLY G 284 16.86 -45.88 51.73
N LEU G 285 18.11 -46.16 51.39
CA LEU G 285 18.47 -46.78 50.11
C LEU G 285 19.29 -48.03 50.38
N SER G 286 18.86 -49.15 49.81
CA SER G 286 19.57 -50.39 49.98
C SER G 286 20.90 -50.37 49.23
N GLN G 287 21.77 -51.33 49.56
CA GLN G 287 23.08 -51.40 48.91
C GLN G 287 22.93 -51.59 47.40
N THR G 288 21.88 -52.30 46.98
CA THR G 288 21.62 -52.44 45.56
C THR G 288 21.33 -51.09 44.92
N ALA G 289 20.56 -50.24 45.60
CA ALA G 289 20.32 -48.90 45.08
C ALA G 289 21.61 -48.11 44.95
N ARG G 290 22.49 -48.19 45.96
CA ARG G 290 23.74 -47.45 45.90
C ARG G 290 24.63 -47.94 44.77
N HIS G 291 24.68 -49.26 44.56
CA HIS G 291 25.41 -49.78 43.42
C HIS G 291 24.80 -49.28 42.10
N TYR G 292 23.48 -49.19 42.05
CA TYR G 292 22.80 -48.65 40.87
C TYR G 292 23.26 -47.23 40.58
N MET G 293 23.28 -46.38 41.61
CA MET G 293 23.70 -45.00 41.40
C MET G 293 25.17 -44.92 41.00
N ALA G 294 26.01 -45.73 41.62
CA ALA G 294 27.42 -45.72 41.26
C ALA G 294 27.60 -46.10 39.79
N GLY G 295 26.87 -47.12 39.33
CA GLY G 295 26.97 -47.55 37.95
C GLY G 295 26.47 -46.49 36.98
N ILE G 296 25.38 -45.82 37.33
CA ILE G 296 24.86 -44.77 36.46
C ILE G 296 25.83 -43.59 36.42
N LEU G 297 26.40 -43.23 37.58
CA LEU G 297 27.33 -42.11 37.63
C LEU G 297 28.59 -42.37 36.83
N LYS G 298 29.15 -43.58 36.94
CA LYS G 298 30.42 -43.86 36.26
C LYS G 298 30.28 -43.75 34.74
N HIS G 299 29.18 -44.25 34.20
CA HIS G 299 28.98 -44.26 32.75
C HIS G 299 28.12 -43.09 32.28
N ALA G 300 28.02 -42.03 33.07
CA ALA G 300 27.16 -40.90 32.70
C ALA G 300 27.62 -40.23 31.42
N ARG G 301 28.90 -39.86 31.36
CA ARG G 301 29.43 -39.22 30.15
C ARG G 301 29.26 -40.11 28.94
N ALA G 302 29.41 -41.42 29.11
CA ALA G 302 29.24 -42.33 27.99
C ALA G 302 27.79 -42.34 27.51
N MET G 303 26.84 -42.41 28.42
CA MET G 303 25.44 -42.51 28.01
C MET G 303 24.83 -41.19 27.61
N ALA G 304 25.54 -40.07 27.82
CA ALA G 304 25.00 -38.78 27.40
C ALA G 304 24.74 -38.73 25.90
N ALA G 305 25.58 -39.39 25.10
CA ALA G 305 25.46 -39.32 23.65
C ALA G 305 24.14 -39.88 23.14
N ILE G 306 23.54 -40.81 23.87
CA ILE G 306 22.26 -41.40 23.48
C ILE G 306 21.11 -40.81 24.27
N THR G 307 21.35 -40.41 25.52
CA THR G 307 20.29 -39.78 26.29
C THR G 307 20.22 -38.28 26.05
N ASN G 308 21.20 -37.70 25.36
CA ASN G 308 21.13 -36.32 24.89
C ASN G 308 21.57 -36.34 23.42
N PRO G 309 20.68 -36.73 22.52
CA PRO G 309 21.12 -37.07 21.16
C PRO G 309 21.35 -35.88 20.25
N THR G 310 20.56 -34.82 20.40
CA THR G 310 20.61 -33.70 19.47
C THR G 310 21.83 -32.83 19.74
N VAL G 311 22.18 -32.03 18.74
CA VAL G 311 23.19 -31.00 18.94
C VAL G 311 22.64 -29.91 19.85
N ASN G 312 21.36 -29.58 19.68
CA ASN G 312 20.74 -28.55 20.50
C ASN G 312 20.69 -28.92 21.98
N SER G 313 20.66 -30.21 22.30
CA SER G 313 20.51 -30.61 23.69
C SER G 313 21.65 -30.09 24.55
N TYR G 314 22.87 -30.11 24.04
CA TYR G 314 24.00 -29.64 24.81
C TYR G 314 24.07 -28.13 24.89
N LYS G 315 23.19 -27.42 24.18
CA LYS G 315 22.97 -26.01 24.47
C LYS G 315 22.18 -25.81 25.75
N ARG G 316 21.34 -26.79 26.11
CA ARG G 316 20.56 -26.71 27.34
C ARG G 316 21.44 -26.95 28.57
N LEU G 317 22.46 -27.79 28.43
CA LEU G 317 23.36 -28.09 29.55
C LEU G 317 24.33 -26.93 29.78
N VAL G 318 23.77 -25.80 30.17
CA VAL G 318 24.55 -24.61 30.52
C VAL G 318 24.07 -24.11 31.88
N PRO G 319 24.91 -23.46 32.66
CA PRO G 319 24.51 -23.07 34.02
C PRO G 319 23.47 -21.95 34.02
N GLY G 320 22.64 -21.97 35.05
CA GLY G 320 21.71 -20.89 35.31
C GLY G 320 20.25 -21.14 34.96
N TYR G 321 19.89 -22.36 34.59
CA TYR G 321 18.51 -22.66 34.19
C TYR G 321 18.02 -23.99 34.75
N GLU G 322 18.46 -24.35 35.96
CA GLU G 322 18.13 -25.61 36.63
C GLU G 322 18.79 -26.80 35.92
N ALA G 323 19.47 -26.59 34.81
CA ALA G 323 20.04 -27.68 34.05
C ALA G 323 21.16 -28.35 34.83
N PRO G 324 21.06 -29.65 35.09
CA PRO G 324 22.16 -30.36 35.75
C PRO G 324 23.29 -30.61 34.76
N CYS G 325 24.44 -30.01 35.03
CA CYS G 325 25.60 -30.13 34.17
C CYS G 325 26.71 -30.96 34.78
N TYR G 326 26.48 -31.67 35.87
CA TYR G 326 27.57 -32.30 36.61
C TYR G 326 27.16 -33.66 37.14
N VAL G 327 28.15 -34.54 37.26
CA VAL G 327 27.95 -35.93 37.66
C VAL G 327 28.21 -36.07 39.16
N ALA G 328 27.16 -35.90 39.96
CA ALA G 328 27.21 -36.13 41.39
C ALA G 328 25.80 -36.36 41.90
N TRP G 329 25.69 -37.11 42.98
CA TRP G 329 24.38 -37.49 43.51
C TRP G 329 24.10 -36.72 44.79
N SER G 330 22.85 -36.29 44.92
CA SER G 330 22.45 -35.54 46.10
C SER G 330 20.96 -35.75 46.32
N ALA G 331 20.57 -35.83 47.59
CA ALA G 331 19.17 -35.91 47.95
C ALA G 331 18.43 -34.61 47.67
N SER G 332 19.13 -33.48 47.71
CA SER G 332 18.51 -32.19 47.44
C SER G 332 19.60 -31.20 47.06
N ASN G 333 19.62 -30.78 45.80
CA ASN G 333 20.58 -29.77 45.35
C ASN G 333 20.07 -29.18 44.05
N ARG G 334 20.59 -27.99 43.73
CA ARG G 334 20.17 -27.29 42.52
C ARG G 334 20.52 -28.08 41.27
N SER G 335 21.72 -28.65 41.23
CA SER G 335 22.16 -29.33 40.02
C SER G 335 23.11 -30.49 40.30
N PRO G 336 22.64 -31.58 40.87
CA PRO G 336 23.42 -32.82 40.82
C PRO G 336 22.95 -33.71 39.67
N MET G 337 23.73 -34.73 39.33
CA MET G 337 23.28 -35.69 38.28
C MET G 337 22.08 -36.50 38.77
N ILE G 338 22.05 -36.89 40.05
CA ILE G 338 21.01 -37.78 40.51
C ILE G 338 20.34 -37.18 41.73
N ARG G 339 19.01 -37.13 41.70
CA ARG G 339 18.23 -36.70 42.84
C ARG G 339 17.51 -37.90 43.44
N ILE G 340 17.56 -38.03 44.76
CA ILE G 340 16.87 -39.08 45.49
C ILE G 340 15.75 -38.41 46.30
N PRO G 341 14.49 -38.57 45.90
CA PRO G 341 13.41 -37.87 46.60
C PRO G 341 13.23 -38.35 48.02
N ALA G 342 12.37 -37.64 48.75
CA ALA G 342 12.09 -37.99 50.14
C ALA G 342 11.13 -39.17 50.27
N SER G 343 10.33 -39.44 49.25
CA SER G 343 9.38 -40.54 49.32
C SER G 343 10.11 -41.87 49.48
N ARG G 344 9.60 -42.72 50.36
CA ARG G 344 10.28 -43.96 50.72
C ARG G 344 9.34 -45.15 50.60
N GLY G 345 9.72 -46.27 51.19
CA GLY G 345 8.87 -47.45 51.17
C GLY G 345 8.83 -48.05 49.79
N LEU G 346 7.63 -48.32 49.30
CA LEU G 346 7.49 -48.76 47.91
C LEU G 346 7.64 -47.62 46.93
N SER G 347 7.68 -46.37 47.41
CA SER G 347 7.78 -45.20 46.56
C SER G 347 9.18 -44.62 46.52
N THR G 348 10.15 -45.27 47.17
CA THR G 348 11.53 -44.84 47.04
C THR G 348 12.00 -45.05 45.60
N ARG G 349 12.71 -44.07 45.06
CA ARG G 349 13.01 -44.07 43.64
C ARG G 349 14.23 -43.21 43.37
N VAL G 350 14.80 -43.36 42.18
CA VAL G 350 16.00 -42.62 41.79
C VAL G 350 15.66 -41.81 40.54
N GLU G 351 15.87 -40.50 40.60
CA GLU G 351 15.46 -39.61 39.53
C GLU G 351 16.69 -39.12 38.77
N VAL G 352 16.82 -39.54 37.52
CA VAL G 352 17.88 -39.07 36.64
C VAL G 352 17.31 -37.96 35.78
N ARG G 353 17.98 -36.81 35.77
CA ARG G 353 17.41 -35.58 35.27
C ARG G 353 18.00 -35.11 33.95
N ASN G 354 19.18 -35.61 33.57
CA ASN G 354 19.82 -35.15 32.34
C ASN G 354 19.03 -35.45 31.07
N PRO G 355 18.46 -36.63 30.87
CA PRO G 355 17.78 -36.91 29.59
C PRO G 355 16.64 -35.92 29.34
N ASP G 356 16.48 -35.60 28.06
CA ASP G 356 15.52 -34.60 27.59
C ASP G 356 14.56 -35.20 26.57
N PRO G 357 13.42 -34.56 26.33
CA PRO G 357 12.36 -35.21 25.54
C PRO G 357 12.76 -35.59 24.13
N ALA G 358 13.80 -34.99 23.58
CA ALA G 358 14.24 -35.39 22.24
C ALA G 358 14.88 -36.78 22.24
N ALA G 359 15.38 -37.23 23.38
CA ALA G 359 16.03 -38.54 23.45
C ALA G 359 15.03 -39.67 23.30
N ASN G 360 15.47 -40.75 22.70
CA ASN G 360 14.61 -41.92 22.51
C ASN G 360 14.32 -42.55 23.86
N PRO G 361 13.06 -42.71 24.25
CA PRO G 361 12.79 -43.28 25.58
C PRO G 361 13.24 -44.71 25.71
N TYR G 362 12.99 -45.54 24.71
CA TYR G 362 13.46 -46.92 24.74
C TYR G 362 14.97 -46.96 24.93
N LEU G 363 15.69 -46.19 24.11
CA LEU G 363 17.15 -46.21 24.18
C LEU G 363 17.66 -45.65 25.50
N ALA G 364 17.08 -44.54 25.96
CA ALA G 364 17.55 -43.92 27.20
C ALA G 364 17.34 -44.85 28.39
N LEU G 365 16.15 -45.45 28.48
CA LEU G 365 15.89 -46.40 29.57
C LEU G 365 16.81 -47.61 29.46
N ALA G 366 17.04 -48.10 28.24
CA ALA G 366 17.89 -49.27 28.06
C ALA G 366 19.30 -48.99 28.54
N VAL G 367 19.87 -47.85 28.15
CA VAL G 367 21.25 -47.55 28.53
C VAL G 367 21.33 -47.25 30.03
N MET G 368 20.35 -46.54 30.59
CA MET G 368 20.32 -46.34 32.03
C MET G 368 20.35 -47.67 32.77
N LEU G 369 19.44 -48.57 32.41
CA LEU G 369 19.35 -49.84 33.12
C LEU G 369 20.60 -50.67 32.94
N ARG G 370 21.16 -50.70 31.72
CA ARG G 370 22.35 -51.50 31.48
C ARG G 370 23.53 -50.99 32.30
N ALA G 371 23.73 -49.68 32.33
CA ALA G 371 24.81 -49.12 33.14
C ALA G 371 24.56 -49.40 34.62
N GLY G 372 23.31 -49.32 35.05
CA GLY G 372 23.01 -49.58 36.45
C GLY G 372 23.28 -51.02 36.86
N LEU G 373 22.87 -51.97 36.02
CA LEU G 373 23.17 -53.37 36.32
C LEU G 373 24.66 -53.65 36.25
N ASP G 374 25.37 -52.96 35.36
CA ASP G 374 26.82 -53.10 35.37
C ASP G 374 27.40 -52.64 36.71
N GLY G 375 26.91 -51.51 37.21
CA GLY G 375 27.35 -51.05 38.53
C GLY G 375 26.97 -52.01 39.64
N ILE G 376 25.78 -52.61 39.54
CA ILE G 376 25.33 -53.55 40.55
C ILE G 376 26.21 -54.79 40.57
N LYS G 377 26.47 -55.35 39.39
CA LYS G 377 27.33 -56.53 39.31
C LYS G 377 28.74 -56.23 39.78
N ARG G 378 29.29 -55.09 39.39
CA ARG G 378 30.64 -54.74 39.80
C ARG G 378 30.70 -54.21 41.22
N GLN G 379 29.56 -53.97 41.86
CA GLN G 379 29.49 -53.48 43.24
C GLN G 379 30.35 -52.22 43.41
N MET G 380 30.14 -51.28 42.50
CA MET G 380 30.93 -50.06 42.48
C MET G 380 30.69 -49.24 43.75
N ALA G 381 31.78 -48.71 44.30
CA ALA G 381 31.71 -47.92 45.53
C ALA G 381 31.12 -46.55 45.20
N LEU G 382 29.98 -46.25 45.81
CA LEU G 382 29.30 -45.00 45.53
C LEU G 382 30.05 -43.83 46.16
N PRO G 383 30.39 -42.79 45.41
CA PRO G 383 31.06 -41.64 46.00
C PRO G 383 30.12 -40.88 46.94
N ALA G 384 30.72 -40.01 47.74
CA ALA G 384 29.97 -39.29 48.74
C ALA G 384 28.99 -38.33 48.08
N PRO G 385 27.85 -38.04 48.71
CA PRO G 385 26.94 -37.04 48.17
C PRO G 385 27.47 -35.64 48.39
N ILE G 386 26.94 -34.69 47.63
CA ILE G 386 27.28 -33.29 47.80
C ILE G 386 26.30 -32.65 48.77
N ASP G 387 26.80 -31.73 49.59
CA ASP G 387 25.96 -30.99 50.51
C ASP G 387 25.32 -29.83 49.76
N ARG G 388 24.76 -28.85 50.49
CA ARG G 388 24.17 -27.68 49.84
C ARG G 388 25.19 -26.90 49.03
N ASN G 389 26.45 -27.32 49.07
CA ASN G 389 27.51 -26.70 48.28
C ASN G 389 27.12 -26.63 46.82
N ILE G 390 27.35 -25.47 46.20
CA ILE G 390 26.94 -25.24 44.82
C ILE G 390 28.21 -25.17 43.99
N TYR G 391 28.07 -25.04 42.68
CA TYR G 391 29.18 -25.32 41.78
C TYR G 391 29.71 -24.05 41.14
N VAL G 392 29.84 -23.00 41.95
CA VAL G 392 30.67 -21.85 41.59
C VAL G 392 32.14 -22.16 41.80
N MET G 393 32.46 -23.29 42.40
CA MET G 393 33.82 -23.67 42.74
C MET G 393 34.63 -23.97 41.49
N SER G 394 35.95 -23.84 41.62
CA SER G 394 36.85 -23.86 40.49
C SER G 394 36.96 -25.26 39.88
N GLU G 395 37.39 -25.30 38.62
CA GLU G 395 37.61 -26.57 37.94
C GLU G 395 38.70 -27.38 38.63
N GLU G 396 39.75 -26.71 39.09
CA GLU G 396 40.78 -27.39 39.87
C GLU G 396 40.19 -28.01 41.13
N GLU G 397 39.35 -27.26 41.84
CA GLU G 397 38.62 -27.82 42.97
C GLU G 397 37.63 -28.88 42.50
N ARG G 398 37.00 -28.67 41.33
CA ARG G 398 35.98 -29.60 40.85
C ARG G 398 36.57 -30.99 40.62
N ILE G 399 37.76 -31.05 40.02
CA ILE G 399 38.46 -32.33 39.92
C ILE G 399 39.08 -32.74 41.25
N GLU G 400 39.43 -31.78 42.11
CA GLU G 400 39.94 -32.13 43.43
C GLU G 400 38.88 -32.83 44.27
N GLU G 401 37.63 -32.38 44.18
CA GLU G 401 36.52 -33.02 44.87
C GLU G 401 35.98 -34.22 44.11
N GLY G 402 36.53 -34.54 42.95
CA GLY G 402 36.07 -35.68 42.16
C GLY G 402 34.68 -35.52 41.58
N ILE G 403 34.36 -34.37 41.01
CA ILE G 403 33.06 -34.10 40.42
C ILE G 403 33.26 -33.95 38.91
N PRO G 404 33.04 -34.99 38.12
CA PRO G 404 33.15 -34.85 36.67
C PRO G 404 31.98 -34.06 36.10
N SER G 405 32.07 -33.76 34.81
CA SER G 405 31.05 -32.98 34.12
C SER G 405 30.61 -33.70 32.86
N LEU G 406 29.40 -33.36 32.41
CA LEU G 406 28.85 -33.95 31.20
C LEU G 406 29.60 -33.43 29.98
N PRO G 407 29.58 -34.18 28.87
CA PRO G 407 30.30 -33.74 27.67
C PRO G 407 29.79 -32.38 27.20
N ALA G 408 30.72 -31.59 26.66
CA ALA G 408 30.41 -30.22 26.28
C ALA G 408 29.52 -30.12 25.06
N ASP G 409 29.64 -31.05 24.11
CA ASP G 409 28.83 -31.01 22.90
C ASP G 409 28.72 -32.43 22.37
N LEU G 410 28.11 -32.56 21.19
CA LEU G 410 27.79 -33.89 20.66
C LEU G 410 29.03 -34.68 20.31
N LYS G 411 30.08 -34.03 19.78
CA LYS G 411 31.25 -34.77 19.33
C LYS G 411 31.96 -35.46 20.50
N GLU G 412 32.14 -34.74 21.60
CA GLU G 412 32.75 -35.35 22.78
C GLU G 412 31.91 -36.52 23.28
N ALA G 413 30.60 -36.37 23.26
CA ALA G 413 29.72 -37.46 23.68
C ALA G 413 29.88 -38.68 22.80
N LEU G 414 29.98 -38.47 21.48
CA LEU G 414 30.16 -39.59 20.56
C LEU G 414 31.48 -40.30 20.80
N SER G 415 32.56 -39.54 21.00
CA SER G 415 33.84 -40.17 21.26
C SER G 415 33.79 -40.97 22.55
N GLU G 416 33.17 -40.41 23.59
CA GLU G 416 33.04 -41.14 24.85
C GLU G 416 32.22 -42.41 24.68
N LEU G 417 31.14 -42.34 23.89
CA LEU G 417 30.32 -43.52 23.66
C LEU G 417 31.12 -44.61 22.96
N ILE G 418 31.92 -44.25 21.95
CA ILE G 418 32.75 -45.24 21.30
C ILE G 418 33.75 -45.84 22.27
N ARG G 419 34.37 -45.02 23.10
CA ARG G 419 35.35 -45.53 24.04
C ARG G 419 34.73 -46.35 25.16
N SER G 420 33.40 -46.34 25.31
CA SER G 420 32.75 -47.10 26.37
C SER G 420 32.40 -48.50 25.87
N GLU G 421 32.76 -49.51 26.66
CA GLU G 421 32.53 -50.90 26.29
C GLU G 421 31.23 -51.47 26.83
N VAL G 422 30.48 -50.71 27.63
CA VAL G 422 29.24 -51.23 28.19
C VAL G 422 28.04 -50.80 27.34
N ILE G 423 27.90 -49.49 27.13
CA ILE G 423 26.78 -48.95 26.36
C ILE G 423 26.84 -49.36 24.89
N SER G 424 28.05 -49.47 24.33
CA SER G 424 28.16 -49.98 22.96
C SER G 424 27.60 -51.39 22.86
N ASP G 425 27.90 -52.24 23.85
CA ASP G 425 27.30 -53.56 23.89
C ASP G 425 25.79 -53.48 24.08
N ALA G 426 25.33 -52.56 24.94
CA ALA G 426 23.89 -52.45 25.19
C ALA G 426 23.13 -52.13 23.92
N LEU G 427 23.61 -51.17 23.13
CA LEU G 427 22.94 -50.87 21.87
C LEU G 427 23.11 -52.01 20.87
N GLY G 428 24.20 -52.75 20.98
CA GLY G 428 24.49 -53.81 20.05
C GLY G 428 25.35 -53.35 18.88
N ASP G 429 26.06 -54.30 18.29
CA ASP G 429 27.08 -53.96 17.30
C ASP G 429 26.45 -53.32 16.05
N HIS G 430 25.34 -53.87 15.57
CA HIS G 430 24.74 -53.35 14.35
C HIS G 430 24.17 -51.95 14.56
N ALA G 431 23.42 -51.77 15.66
CA ALA G 431 22.79 -50.47 15.90
C ALA G 431 23.80 -49.40 16.26
N LEU G 432 24.88 -49.78 16.94
CA LEU G 432 25.90 -48.80 17.33
C LEU G 432 26.50 -48.13 16.11
N ALA G 433 26.84 -48.93 15.09
CA ALA G 433 27.48 -48.36 13.90
C ALA G 433 26.55 -47.37 13.20
N TYR G 434 25.28 -47.73 13.06
CA TYR G 434 24.36 -46.86 12.34
C TYR G 434 24.06 -45.59 13.13
N PHE G 435 23.89 -45.71 14.45
CA PHE G 435 23.66 -44.51 15.24
C PHE G 435 24.88 -43.59 15.23
N TYR G 436 26.08 -44.16 15.32
CA TYR G 436 27.30 -43.36 15.26
C TYR G 436 27.44 -42.67 13.92
N GLU G 437 27.15 -43.38 12.84
CA GLU G 437 27.20 -42.77 11.50
C GLU G 437 26.20 -41.63 11.40
N LEU G 438 24.99 -41.86 11.90
CA LEU G 438 23.96 -40.83 11.87
C LEU G 438 24.40 -39.57 12.61
N LYS G 439 24.90 -39.74 13.84
CA LYS G 439 25.30 -38.58 14.63
C LYS G 439 26.54 -37.91 14.07
N GLU G 440 27.46 -38.68 13.48
CA GLU G 440 28.61 -38.06 12.81
C GLU G 440 28.16 -37.21 11.64
N ILE G 441 27.23 -37.71 10.84
CA ILE G 441 26.73 -36.90 9.72
C ILE G 441 26.05 -35.65 10.24
N GLU G 442 25.24 -35.78 11.29
CA GLU G 442 24.55 -34.61 11.85
C GLU G 442 25.55 -33.58 12.34
N TRP G 443 26.55 -34.02 13.11
CA TRP G 443 27.53 -33.07 13.64
C TRP G 443 28.38 -32.45 12.55
N ASP G 444 28.74 -33.24 11.53
CA ASP G 444 29.51 -32.70 10.41
C ASP G 444 28.71 -31.64 9.69
N MET G 445 27.42 -31.87 9.50
CA MET G 445 26.58 -30.84 8.90
C MET G 445 26.51 -29.60 9.78
N TYR G 446 26.43 -29.78 11.10
CA TYR G 446 26.27 -28.64 11.98
C TYR G 446 27.53 -27.80 12.07
N ARG G 447 28.70 -28.44 12.16
CA ARG G 447 29.93 -27.71 12.44
C ARG G 447 30.37 -26.81 11.31
N THR G 448 29.95 -27.08 10.08
CA THR G 448 30.39 -26.30 8.94
C THR G 448 29.43 -25.17 8.58
N GLN G 449 28.36 -24.98 9.35
CA GLN G 449 27.44 -23.89 9.11
C GLN G 449 28.06 -22.56 9.53
N VAL G 450 27.56 -21.48 8.94
CA VAL G 450 27.94 -20.13 9.33
C VAL G 450 26.69 -19.43 9.82
N HIS G 451 26.58 -19.27 11.14
CA HIS G 451 25.36 -18.79 11.76
C HIS G 451 25.31 -17.27 11.76
N GLN G 452 24.11 -16.74 12.03
CA GLN G 452 23.92 -15.30 12.03
C GLN G 452 24.66 -14.63 13.18
N TRP G 453 24.86 -15.33 14.29
CA TRP G 453 25.56 -14.74 15.42
C TRP G 453 26.99 -14.36 15.04
N GLU G 454 27.63 -15.18 14.22
CA GLU G 454 28.97 -14.86 13.75
C GLU G 454 28.96 -13.57 12.93
N ARG G 455 28.00 -13.44 12.02
CA ARG G 455 27.91 -12.21 11.22
C ARG G 455 27.53 -11.02 12.08
N ASP G 456 26.93 -11.26 13.24
CA ASP G 456 26.65 -10.16 14.16
C ASP G 456 27.93 -9.71 14.86
N GLN G 457 28.64 -10.63 15.50
CA GLN G 457 29.89 -10.29 16.17
C GLN G 457 30.92 -9.79 15.18
N TYR G 458 31.17 -10.56 14.12
CA TYR G 458 32.13 -10.22 13.10
C TYR G 458 31.42 -9.46 11.98
N LEU G 459 32.08 -9.35 10.83
CA LEU G 459 31.57 -8.66 9.64
C LEU G 459 31.62 -7.15 9.85
N THR G 460 31.96 -6.74 11.07
CA THR G 460 32.25 -5.35 11.39
C THR G 460 33.53 -5.19 12.19
N LEU G 461 33.79 -6.12 13.13
CA LEU G 461 34.99 -6.00 13.96
C LEU G 461 36.24 -6.41 13.18
N TYR G 462 36.09 -7.31 12.21
CA TYR G 462 37.21 -7.71 11.36
C TYR G 462 36.90 -7.40 9.90
N SER H 22 -20.66 -27.22 55.01
CA SER H 22 -19.36 -27.91 54.93
C SER H 22 -19.42 -29.08 53.97
N TYR H 23 -18.35 -29.87 53.96
CA TYR H 23 -18.24 -31.01 53.06
C TYR H 23 -17.35 -32.06 53.72
N THR H 24 -17.38 -33.26 53.15
CA THR H 24 -16.52 -34.35 53.59
C THR H 24 -16.00 -35.10 52.38
N ARG H 25 -15.12 -36.08 52.65
CA ARG H 25 -14.50 -36.86 51.58
C ARG H 25 -15.56 -37.55 50.73
N GLU H 26 -16.47 -38.27 51.38
CA GLU H 26 -17.51 -38.99 50.64
C GLU H 26 -18.44 -38.03 49.91
N ASP H 27 -18.75 -36.88 50.53
CA ASP H 27 -19.53 -35.86 49.84
C ASP H 27 -18.81 -35.38 48.59
N ILE H 28 -17.50 -35.15 48.69
CA ILE H 28 -16.73 -34.68 47.54
C ILE H 28 -16.76 -35.71 46.43
N ILE H 29 -16.56 -36.98 46.80
CA ILE H 29 -16.55 -38.06 45.80
C ILE H 29 -17.92 -38.17 45.13
N ARG H 30 -18.99 -38.10 45.92
CA ARG H 30 -20.34 -38.17 45.35
C ARG H 30 -20.61 -37.02 44.41
N ILE H 31 -20.22 -35.80 44.81
CA ILE H 31 -20.46 -34.64 43.97
C ILE H 31 -19.68 -34.76 42.67
N ALA H 32 -18.42 -35.20 42.75
CA ALA H 32 -17.62 -35.40 41.55
C ALA H 32 -18.26 -36.44 40.64
N GLU H 33 -18.78 -37.52 41.21
CA GLU H 33 -19.43 -38.54 40.41
C GLU H 33 -20.70 -38.03 39.74
N GLU H 34 -21.48 -37.22 40.47
CA GLU H 34 -22.79 -36.82 39.95
C GLU H 34 -22.68 -35.61 39.03
N GLU H 35 -21.72 -34.71 39.30
CA GLU H 35 -21.54 -33.52 38.48
C GLU H 35 -20.70 -33.79 37.24
N ASN H 36 -20.13 -34.99 37.11
CA ASN H 36 -19.22 -35.32 36.01
C ASN H 36 -18.03 -34.37 35.98
N VAL H 37 -17.51 -34.06 37.17
CA VAL H 37 -16.27 -33.29 37.27
C VAL H 37 -15.13 -34.12 36.72
N ARG H 38 -14.36 -33.54 35.79
CA ARG H 38 -13.26 -34.24 35.15
C ARG H 38 -11.90 -33.63 35.41
N PHE H 39 -11.85 -32.44 36.02
CA PHE H 39 -10.65 -31.62 36.02
C PHE H 39 -10.58 -30.85 37.32
N ILE H 40 -9.53 -31.06 38.10
CA ILE H 40 -9.41 -30.50 39.44
C ILE H 40 -8.23 -29.55 39.48
N ARG H 41 -8.43 -28.38 40.08
CA ARG H 41 -7.37 -27.40 40.26
C ARG H 41 -6.99 -27.36 41.73
N LEU H 42 -5.94 -28.09 42.09
CA LEU H 42 -5.38 -28.05 43.44
C LEU H 42 -4.64 -26.73 43.57
N GLN H 43 -5.28 -25.76 44.22
CA GLN H 43 -4.85 -24.37 44.10
C GLN H 43 -4.17 -23.87 45.37
N PHE H 44 -3.33 -22.84 45.21
CA PHE H 44 -2.71 -22.14 46.32
C PHE H 44 -2.09 -20.85 45.79
N THR H 45 -1.32 -20.18 46.64
CA THR H 45 -0.73 -18.90 46.29
C THR H 45 0.70 -18.84 46.80
N ASP H 46 1.53 -18.05 46.12
CA ASP H 46 2.89 -17.79 46.52
C ASP H 46 2.95 -16.46 47.28
N LEU H 47 4.17 -16.05 47.63
CA LEU H 47 4.32 -14.75 48.29
C LEU H 47 4.11 -13.60 47.33
N LEU H 48 4.28 -13.84 46.02
CA LEU H 48 4.05 -12.80 45.04
C LEU H 48 2.56 -12.49 44.85
N GLY H 49 1.69 -13.36 45.31
CA GLY H 49 0.26 -13.19 45.14
C GLY H 49 -0.32 -13.86 43.91
N THR H 50 0.52 -14.19 42.93
CA THR H 50 0.02 -14.81 41.71
C THR H 50 -0.55 -16.18 42.01
N ILE H 51 -1.68 -16.49 41.36
CA ILE H 51 -2.42 -17.71 41.64
C ILE H 51 -1.67 -18.90 41.07
N LYS H 52 -1.42 -19.92 41.90
CA LYS H 52 -0.72 -21.12 41.47
C LYS H 52 -1.63 -22.32 41.66
N ASN H 53 -1.40 -23.37 40.86
CA ASN H 53 -2.26 -24.54 40.96
C ASN H 53 -1.58 -25.76 40.37
N VAL H 54 -2.26 -26.90 40.50
CA VAL H 54 -1.90 -28.15 39.85
C VAL H 54 -3.16 -28.72 39.22
N GLU H 55 -3.05 -29.16 37.96
CA GLU H 55 -4.20 -29.73 37.27
C GLU H 55 -4.20 -31.25 37.41
N ILE H 56 -5.33 -31.80 37.79
CA ILE H 56 -5.41 -33.23 38.09
C ILE H 56 -6.63 -33.84 37.40
N PRO H 57 -6.51 -35.04 36.82
CA PRO H 57 -7.70 -35.74 36.35
C PRO H 57 -8.51 -36.28 37.50
N VAL H 58 -9.79 -36.56 37.24
CA VAL H 58 -10.70 -36.98 38.30
C VAL H 58 -10.28 -38.30 38.94
N SER H 59 -9.60 -39.17 38.19
CA SER H 59 -9.24 -40.49 38.70
C SER H 59 -8.24 -40.43 39.85
N GLN H 60 -7.54 -39.31 40.04
CA GLN H 60 -6.63 -39.13 41.16
C GLN H 60 -7.28 -38.43 42.34
N LEU H 61 -8.57 -38.10 42.24
CA LEU H 61 -9.21 -37.26 43.25
C LEU H 61 -9.11 -37.87 44.63
N GLU H 62 -9.32 -39.19 44.74
CA GLU H 62 -9.19 -39.84 46.03
C GLU H 62 -7.80 -39.61 46.61
N LYS H 63 -6.75 -39.77 45.80
CA LYS H 63 -5.41 -39.50 46.29
C LYS H 63 -5.25 -38.04 46.67
N ALA H 64 -5.94 -37.15 45.96
CA ALA H 64 -5.92 -35.74 46.34
C ALA H 64 -6.54 -35.55 47.71
N LEU H 65 -7.61 -36.29 48.00
CA LEU H 65 -8.27 -36.13 49.29
C LEU H 65 -7.47 -36.75 50.42
N ASP H 66 -6.44 -37.54 50.09
CA ASP H 66 -5.60 -38.21 51.07
C ASP H 66 -4.49 -37.32 51.60
N ASN H 67 -4.36 -36.09 51.09
CA ASN H 67 -3.26 -35.20 51.43
C ASN H 67 -1.91 -35.86 51.18
N LYS H 68 -1.72 -36.36 49.95
CA LYS H 68 -0.51 -37.07 49.58
C LYS H 68 0.16 -36.51 48.34
N MET H 69 -0.48 -35.58 47.63
CA MET H 69 0.08 -35.02 46.42
C MET H 69 1.30 -34.15 46.74
N MET H 70 2.34 -34.27 45.93
CA MET H 70 3.58 -33.53 46.15
C MET H 70 3.89 -32.67 44.94
N PHE H 71 4.66 -31.60 45.17
CA PHE H 71 5.14 -30.73 44.11
C PHE H 71 6.44 -30.08 44.58
N ASP H 72 6.91 -29.09 43.82
CA ASP H 72 8.22 -28.48 44.07
C ASP H 72 8.27 -27.87 45.46
N GLY H 73 7.26 -27.08 45.82
CA GLY H 73 7.23 -26.39 47.09
C GLY H 73 8.04 -25.11 47.13
N SER H 74 9.24 -25.13 46.54
CA SER H 74 10.08 -23.94 46.49
C SER H 74 9.46 -22.83 45.65
N SER H 75 8.42 -23.13 44.88
CA SER H 75 7.74 -22.10 44.10
C SER H 75 7.18 -20.99 45.00
N ILE H 76 6.95 -21.29 46.28
CA ILE H 76 6.52 -20.26 47.22
C ILE H 76 7.54 -19.13 47.28
N GLU H 77 8.82 -19.46 47.24
CA GLU H 77 9.85 -18.42 47.27
C GLU H 77 9.90 -17.61 45.98
N GLY H 78 9.20 -18.05 44.93
CA GLY H 78 9.16 -17.31 43.68
C GLY H 78 10.20 -17.74 42.67
N TYR H 79 10.71 -16.79 41.89
CA TYR H 79 11.76 -17.07 40.92
C TYR H 79 13.16 -16.96 41.52
N VAL H 80 13.26 -16.67 42.81
CA VAL H 80 14.54 -16.60 43.51
C VAL H 80 14.88 -17.92 44.19
N ARG H 81 14.13 -18.99 43.90
CA ARG H 81 14.40 -20.29 44.50
C ARG H 81 15.77 -20.79 44.06
N ILE H 82 16.55 -21.27 45.01
CA ILE H 82 17.93 -21.68 44.78
C ILE H 82 18.12 -23.18 44.97
N GLU H 83 17.22 -23.83 45.70
CA GLU H 83 17.29 -25.27 45.92
C GLU H 83 15.90 -25.86 45.79
N GLU H 84 15.82 -27.03 45.17
CA GLU H 84 14.54 -27.68 44.96
C GLU H 84 14.16 -28.51 46.19
N SER H 85 12.89 -28.46 46.56
CA SER H 85 12.35 -29.21 47.67
C SER H 85 11.21 -30.11 47.20
N ASP H 86 10.54 -30.73 48.16
CA ASP H 86 9.32 -31.49 47.91
C ASP H 86 8.31 -31.10 48.97
N MET H 87 7.10 -30.73 48.55
CA MET H 87 6.12 -30.25 49.51
C MET H 87 4.75 -30.75 49.11
N TYR H 88 3.94 -31.09 50.12
CA TYR H 88 2.66 -31.74 49.88
C TYR H 88 1.51 -30.75 49.96
N LEU H 89 0.50 -31.00 49.15
CA LEU H 89 -0.71 -30.19 49.10
C LEU H 89 -1.78 -30.80 49.99
N TYR H 90 -2.30 -30.02 50.93
CA TYR H 90 -3.37 -30.48 51.81
C TYR H 90 -4.62 -29.67 51.49
N PRO H 91 -5.59 -30.22 50.78
CA PRO H 91 -6.77 -29.44 50.41
C PRO H 91 -7.66 -29.14 51.60
N ASP H 92 -8.43 -28.06 51.49
CA ASP H 92 -9.45 -27.70 52.46
C ASP H 92 -10.80 -27.98 51.83
N LEU H 93 -11.45 -29.04 52.27
CA LEU H 93 -12.67 -29.51 51.60
C LEU H 93 -13.77 -28.47 51.62
N ASP H 94 -13.80 -27.63 52.66
CA ASP H 94 -14.84 -26.61 52.78
C ASP H 94 -14.79 -25.58 51.66
N THR H 95 -13.67 -25.50 50.94
CA THR H 95 -13.52 -24.54 49.85
C THR H 95 -13.74 -25.15 48.48
N TRP H 96 -14.24 -26.38 48.41
CA TRP H 96 -14.55 -26.99 47.12
C TRP H 96 -15.60 -26.18 46.38
N VAL H 97 -15.45 -26.08 45.08
CA VAL H 97 -16.42 -25.37 44.24
C VAL H 97 -16.19 -25.81 42.80
N VAL H 98 -17.21 -25.63 41.97
CA VAL H 98 -17.19 -26.10 40.59
C VAL H 98 -17.45 -24.92 39.66
N PHE H 99 -16.65 -24.82 38.61
CA PHE H 99 -16.74 -23.69 37.69
C PHE H 99 -17.89 -23.88 36.72
N PRO H 100 -18.74 -22.88 36.55
CA PRO H 100 -19.83 -22.97 35.57
C PRO H 100 -19.50 -22.45 34.18
N TRP H 101 -18.59 -23.10 33.44
CA TRP H 101 -18.20 -22.57 32.14
C TRP H 101 -18.96 -23.20 30.97
N VAL H 102 -20.24 -23.54 31.16
CA VAL H 102 -21.17 -23.95 30.10
C VAL H 102 -20.50 -24.81 29.03
N THR H 103 -19.89 -25.91 29.45
CA THR H 103 -19.28 -26.84 28.52
C THR H 103 -19.19 -28.20 29.19
N SER H 104 -18.99 -29.24 28.38
CA SER H 104 -18.73 -30.57 28.91
C SER H 104 -17.35 -30.60 29.56
N ASP H 105 -16.97 -31.75 30.12
CA ASP H 105 -15.69 -31.89 30.80
C ASP H 105 -15.59 -30.88 31.94
N ARG H 106 -16.45 -31.04 32.95
CA ARG H 106 -16.57 -30.07 34.02
C ARG H 106 -15.27 -29.97 34.82
N VAL H 107 -15.00 -28.78 35.35
CA VAL H 107 -13.76 -28.49 36.07
C VAL H 107 -14.12 -28.06 37.49
N ALA H 108 -13.31 -28.49 38.45
CA ALA H 108 -13.57 -28.23 39.87
C ALA H 108 -12.36 -27.54 40.49
N ARG H 109 -12.61 -26.85 41.59
CA ARG H 109 -11.58 -26.07 42.27
C ARG H 109 -11.41 -26.58 43.68
N LEU H 110 -10.16 -26.66 44.12
CA LEU H 110 -9.85 -26.96 45.52
C LEU H 110 -8.74 -26.03 45.97
N ILE H 111 -8.93 -25.40 47.12
CA ILE H 111 -7.94 -24.51 47.71
C ILE H 111 -7.15 -25.29 48.76
N CYS H 112 -5.83 -25.23 48.67
CA CYS H 112 -4.97 -26.11 49.44
C CYS H 112 -4.01 -25.28 50.29
N ASP H 113 -3.55 -25.89 51.37
CA ASP H 113 -2.40 -25.39 52.12
C ASP H 113 -1.19 -26.23 51.74
N ILE H 114 -0.01 -25.74 52.11
CA ILE H 114 1.26 -26.37 51.78
C ILE H 114 1.87 -26.91 53.06
N TYR H 115 2.33 -28.16 53.01
CA TYR H 115 2.92 -28.79 54.18
C TYR H 115 4.27 -29.39 53.82
N LYS H 116 5.16 -29.42 54.82
CA LYS H 116 6.46 -30.03 54.65
C LYS H 116 6.32 -31.55 54.56
N PRO H 117 7.33 -32.24 54.02
CA PRO H 117 7.26 -33.71 53.99
C PRO H 117 7.18 -34.34 55.37
N ASP H 118 7.69 -33.68 56.41
CA ASP H 118 7.62 -34.26 57.74
C ASP H 118 6.29 -33.97 58.43
N GLY H 119 5.39 -33.23 57.80
CA GLY H 119 4.06 -32.98 58.32
C GLY H 119 3.85 -31.60 58.89
N SER H 120 4.91 -30.88 59.23
CA SER H 120 4.76 -29.56 59.80
C SER H 120 4.35 -28.54 58.73
N PRO H 121 3.66 -27.48 59.12
CA PRO H 121 3.29 -26.44 58.14
C PRO H 121 4.50 -25.73 57.59
N PHE H 122 4.39 -25.27 56.35
CA PHE H 122 5.43 -24.46 55.75
C PHE H 122 5.30 -23.03 56.24
N ALA H 123 6.42 -22.48 56.73
CA ALA H 123 6.40 -21.15 57.32
C ALA H 123 6.05 -20.06 56.32
N GLY H 124 6.44 -20.21 55.05
CA GLY H 124 6.33 -19.15 54.09
C GLY H 124 5.03 -19.06 53.32
N ASP H 125 4.01 -19.83 53.68
CA ASP H 125 2.76 -19.81 52.93
C ASP H 125 1.88 -18.68 53.42
N PRO H 126 1.42 -17.78 52.53
CA PRO H 126 0.60 -16.64 53.00
C PRO H 126 -0.66 -17.08 53.75
N ARG H 127 -1.33 -18.13 53.28
CA ARG H 127 -2.48 -18.64 53.99
C ARG H 127 -2.09 -19.14 55.37
N GLY H 128 -0.95 -19.83 55.46
CA GLY H 128 -0.45 -20.23 56.77
C GLY H 128 -0.17 -19.04 57.66
N ILE H 129 0.35 -17.96 57.09
CA ILE H 129 0.62 -16.76 57.86
C ILE H 129 -0.67 -16.18 58.41
N LEU H 130 -1.69 -16.07 57.57
CA LEU H 130 -2.96 -15.51 58.00
C LEU H 130 -3.60 -16.38 59.07
N LYS H 131 -3.53 -17.70 58.90
CA LYS H 131 -4.13 -18.59 59.90
C LYS H 131 -3.37 -18.54 61.21
N ARG H 132 -2.05 -18.39 61.15
CA ARG H 132 -1.28 -18.23 62.40
C ARG H 132 -1.66 -16.93 63.11
N VAL H 133 -1.85 -15.85 62.36
CA VAL H 133 -2.24 -14.59 62.99
C VAL H 133 -3.66 -14.69 63.54
N LEU H 134 -4.55 -15.41 62.85
CA LEU H 134 -5.87 -15.64 63.40
C LEU H 134 -5.81 -16.49 64.67
N LYS H 135 -4.89 -17.46 64.71
CA LYS H 135 -4.72 -18.27 65.91
C LYS H 135 -4.26 -17.42 67.07
N GLU H 136 -3.30 -16.53 66.85
CA GLU H 136 -2.84 -15.66 67.92
C GLU H 136 -3.88 -14.59 68.27
N ALA H 137 -4.81 -14.30 67.36
CA ALA H 137 -5.96 -13.47 67.71
C ALA H 137 -6.94 -14.22 68.59
N GLU H 138 -7.20 -15.49 68.25
CA GLU H 138 -8.10 -16.32 69.05
C GLU H 138 -7.56 -16.52 70.46
N GLU H 139 -6.24 -16.71 70.60
CA GLU H 139 -5.64 -16.82 71.91
C GLU H 139 -5.85 -15.56 72.74
N LEU H 140 -6.13 -14.43 72.10
CA LEU H 140 -6.44 -13.20 72.79
C LEU H 140 -7.93 -13.08 73.13
N GLY H 141 -8.74 -14.06 72.73
CA GLY H 141 -10.14 -14.08 73.08
C GLY H 141 -11.10 -13.68 71.99
N TYR H 142 -10.63 -13.11 70.89
CA TYR H 142 -11.48 -12.71 69.78
C TYR H 142 -11.63 -13.91 68.84
N THR H 143 -12.87 -14.30 68.57
CA THR H 143 -13.10 -15.55 67.85
C THR H 143 -12.78 -15.42 66.37
N SER H 144 -13.16 -14.32 65.72
CA SER H 144 -13.01 -14.23 64.28
C SER H 144 -12.79 -12.79 63.86
N MET H 145 -12.50 -12.63 62.57
CA MET H 145 -12.17 -11.35 61.96
C MET H 145 -13.05 -11.16 60.72
N ASN H 146 -14.07 -10.34 60.85
CA ASN H 146 -14.97 -10.07 59.73
C ASN H 146 -14.30 -9.06 58.80
N VAL H 147 -14.11 -9.46 57.55
CA VAL H 147 -13.39 -8.69 56.55
C VAL H 147 -14.23 -8.57 55.30
N GLY H 148 -14.43 -7.35 54.83
CA GLY H 148 -15.12 -7.11 53.58
C GLY H 148 -14.33 -6.21 52.66
N PRO H 149 -13.92 -6.72 51.51
CA PRO H 149 -13.12 -5.95 50.58
C PRO H 149 -13.98 -5.21 49.55
N GLU H 150 -13.40 -4.18 48.96
CA GLU H 150 -14.02 -3.45 47.86
C GLU H 150 -13.01 -3.25 46.74
N PRO H 151 -12.67 -4.32 46.02
CA PRO H 151 -11.63 -4.21 44.98
C PRO H 151 -12.20 -3.70 43.66
N GLU H 152 -11.36 -2.97 42.93
CA GLU H 152 -11.69 -2.40 41.62
C GLU H 152 -10.71 -2.95 40.59
N PHE H 153 -11.17 -3.04 39.34
CA PHE H 153 -10.32 -3.56 38.27
C PHE H 153 -10.57 -2.74 37.01
N PHE H 154 -9.61 -2.78 36.11
CA PHE H 154 -9.65 -2.04 34.86
C PHE H 154 -9.83 -3.00 33.69
N LEU H 155 -10.61 -2.58 32.71
CA LEU H 155 -10.76 -3.30 31.46
C LEU H 155 -10.20 -2.47 30.31
N PHE H 156 -9.34 -3.10 29.51
CA PHE H 156 -8.72 -2.48 28.37
C PHE H 156 -9.06 -3.28 27.11
N LYS H 157 -9.31 -2.58 26.01
CA LYS H 157 -9.53 -3.26 24.76
C LYS H 157 -8.25 -3.95 24.31
N THR H 158 -8.41 -5.14 23.72
CA THR H 158 -7.29 -5.94 23.26
C THR H 158 -7.05 -5.69 21.79
N ASP H 159 -5.87 -6.08 21.32
CA ASP H 159 -5.52 -6.00 19.91
C ASP H 159 -5.75 -7.36 19.24
N GLU H 160 -5.28 -7.49 18.00
CA GLU H 160 -5.46 -8.74 17.27
C GLU H 160 -4.65 -9.88 17.88
N LYS H 161 -3.49 -9.57 18.44
CA LYS H 161 -2.61 -10.60 18.98
C LYS H 161 -2.96 -11.01 20.41
N GLY H 162 -3.97 -10.38 21.02
CA GLY H 162 -4.36 -10.73 22.36
C GLY H 162 -3.66 -9.95 23.46
N ASP H 163 -3.10 -8.79 23.16
CA ASP H 163 -2.45 -8.02 24.21
C ASP H 163 -3.29 -6.80 24.58
N PRO H 164 -3.18 -6.30 25.80
CA PRO H 164 -3.96 -5.12 26.18
C PRO H 164 -3.40 -3.85 25.54
N THR H 165 -4.30 -3.07 24.94
CA THR H 165 -3.96 -1.77 24.40
C THR H 165 -4.26 -0.70 25.45
N THR H 166 -4.18 0.56 25.06
CA THR H 166 -4.46 1.66 25.97
C THR H 166 -5.90 2.16 25.86
N GLU H 167 -6.70 1.55 25.00
CA GLU H 167 -8.07 1.98 24.78
C GLU H 167 -9.01 1.31 25.77
N LEU H 168 -9.74 2.11 26.53
CA LEU H 168 -10.64 1.60 27.55
C LEU H 168 -11.97 1.18 26.94
N ASN H 169 -12.72 0.39 27.72
CA ASN H 169 -13.97 -0.17 27.22
C ASN H 169 -15.11 0.86 27.19
N ASP H 170 -15.10 1.84 28.09
CA ASP H 170 -16.15 2.84 28.09
C ASP H 170 -15.57 4.16 28.55
N GLN H 171 -16.40 5.20 28.55
CA GLN H 171 -16.00 6.54 28.95
C GLN H 171 -17.00 7.15 29.92
N GLY H 172 -17.63 6.32 30.75
CA GLY H 172 -18.58 6.82 31.71
C GLY H 172 -17.92 7.44 32.93
N GLY H 173 -18.72 8.15 33.71
CA GLY H 173 -18.24 8.79 34.92
C GLY H 173 -18.45 7.93 36.15
N TYR H 174 -18.47 8.56 37.33
CA TYR H 174 -18.56 7.81 38.58
C TYR H 174 -19.98 7.31 38.80
N PHE H 175 -20.10 6.04 39.21
CA PHE H 175 -21.40 5.38 39.40
C PHE H 175 -22.30 5.52 38.19
N ASP H 176 -21.79 5.21 37.01
CA ASP H 176 -22.56 5.36 35.78
C ASP H 176 -23.25 4.06 35.40
N LEU H 177 -24.01 4.13 34.31
CA LEU H 177 -24.66 2.98 33.69
C LEU H 177 -24.11 2.78 32.28
N ALA H 178 -22.91 3.32 32.03
CA ALA H 178 -22.36 3.31 30.67
C ALA H 178 -22.31 1.91 30.06
N PRO H 179 -21.85 0.87 30.75
CA PRO H 179 -21.95 -0.46 30.11
C PRO H 179 -23.37 -1.00 30.18
N MET H 180 -24.19 -0.61 29.21
CA MET H 180 -25.57 -1.01 29.14
C MET H 180 -25.75 -2.13 28.12
N ASP H 181 -27.02 -2.47 27.84
CA ASP H 181 -27.41 -3.40 26.80
C ASP H 181 -26.99 -4.83 27.08
N LEU H 182 -26.44 -5.51 26.09
CA LEU H 182 -26.02 -6.91 26.23
C LEU H 182 -24.62 -7.10 25.68
N GLY H 183 -24.18 -6.19 24.81
CA GLY H 183 -22.87 -6.30 24.21
C GLY H 183 -21.74 -6.11 25.20
N GLU H 184 -21.12 -7.21 25.60
CA GLU H 184 -19.95 -7.21 26.48
C GLU H 184 -20.21 -6.48 27.79
N ASN H 185 -21.33 -6.81 28.43
CA ASN H 185 -21.57 -6.38 29.81
C ASN H 185 -20.84 -7.32 30.76
N CYS H 186 -19.54 -7.04 30.93
CA CYS H 186 -18.71 -7.87 31.78
C CYS H 186 -19.16 -7.79 33.24
N ARG H 187 -19.71 -6.64 33.63
CA ARG H 187 -20.14 -6.43 35.04
C ARG H 187 -21.30 -7.37 35.38
N ARG H 188 -22.33 -7.43 34.54
CA ARG H 188 -23.47 -8.30 34.81
C ARG H 188 -23.06 -9.76 34.81
N GLU H 189 -22.30 -10.17 33.80
CA GLU H 189 -21.89 -11.56 33.69
C GLU H 189 -21.05 -11.97 34.90
N ILE H 190 -20.13 -11.11 35.31
CA ILE H 190 -19.24 -11.46 36.41
C ILE H 190 -20.02 -11.53 37.71
N VAL H 191 -20.98 -10.63 37.91
CA VAL H 191 -21.80 -10.70 39.12
C VAL H 191 -22.60 -11.99 39.14
N LEU H 192 -23.16 -12.38 38.00
CA LEU H 192 -23.99 -13.59 37.95
C LEU H 192 -23.15 -14.83 38.23
N LYS H 193 -21.96 -14.93 37.62
CA LYS H 193 -21.13 -16.10 37.85
C LYS H 193 -20.59 -16.14 39.28
N LEU H 194 -20.23 -14.98 39.84
CA LEU H 194 -19.79 -14.97 41.24
C LEU H 194 -20.92 -15.39 42.17
N GLU H 195 -22.15 -14.97 41.86
CA GLU H 195 -23.29 -15.43 42.66
C GLU H 195 -23.50 -16.93 42.51
N GLU H 196 -23.34 -17.44 41.28
CA GLU H 196 -23.50 -18.88 41.05
C GLU H 196 -22.40 -19.67 41.74
N MET H 197 -21.26 -19.03 42.04
CA MET H 197 -20.31 -19.64 42.95
C MET H 197 -20.90 -19.75 44.35
N GLY H 198 -21.83 -18.88 44.69
CA GLY H 198 -22.38 -18.82 46.02
C GLY H 198 -21.76 -17.66 46.78
N PHE H 199 -20.89 -16.93 46.10
CA PHE H 199 -20.20 -15.81 46.74
C PHE H 199 -21.15 -14.64 46.96
N GLU H 200 -21.02 -14.02 48.12
CA GLU H 200 -22.01 -13.08 48.63
C GLU H 200 -21.63 -11.69 48.14
N ILE H 201 -22.36 -11.22 47.13
CA ILE H 201 -22.05 -9.97 46.45
C ILE H 201 -22.97 -8.87 46.98
N GLU H 202 -22.37 -7.80 47.49
CA GLU H 202 -23.16 -6.69 48.02
C GLU H 202 -23.58 -5.71 46.93
N ALA H 203 -22.65 -5.33 46.06
CA ALA H 203 -22.94 -4.36 45.01
C ALA H 203 -21.87 -4.43 43.93
N SER H 204 -22.17 -3.80 42.80
CA SER H 204 -21.25 -3.74 41.67
C SER H 204 -21.59 -2.52 40.83
N HIS H 205 -20.58 -1.75 40.48
CA HIS H 205 -20.83 -0.42 39.90
C HIS H 205 -19.61 0.06 39.15
N HIS H 206 -19.79 1.18 38.44
CA HIS H 206 -18.74 1.81 37.69
C HIS H 206 -17.98 2.80 38.57
N GLU H 207 -16.66 2.81 38.43
CA GLU H 207 -15.84 3.58 39.35
C GLU H 207 -15.40 4.89 38.71
N VAL H 208 -14.54 5.64 39.41
CA VAL H 208 -14.30 7.04 39.09
C VAL H 208 -13.72 7.19 37.68
N ALA H 209 -12.70 6.46 37.39
CA ALA H 209 -12.12 6.60 36.07
C ALA H 209 -12.97 5.86 35.05
N PRO H 210 -12.83 6.17 33.77
CA PRO H 210 -13.41 5.32 32.73
C PRO H 210 -12.84 3.91 32.83
N GLY H 211 -13.69 2.92 32.53
CA GLY H 211 -13.21 1.55 32.45
C GLY H 211 -12.88 0.89 33.76
N GLN H 212 -13.29 1.46 34.89
CA GLN H 212 -12.97 0.90 36.20
C GLN H 212 -14.24 0.39 36.87
N HIS H 213 -14.22 -0.88 37.24
CA HIS H 213 -15.37 -1.54 37.85
C HIS H 213 -15.01 -2.04 39.24
N GLU H 214 -15.83 -1.68 40.23
CA GLU H 214 -15.64 -2.09 41.61
C GLU H 214 -16.66 -3.17 41.95
N ILE H 215 -16.22 -4.22 42.63
CA ILE H 215 -17.10 -5.29 43.07
C ILE H 215 -17.08 -5.32 44.59
N ASP H 216 -18.24 -5.14 45.20
CA ASP H 216 -18.35 -5.12 46.65
C ASP H 216 -18.73 -6.51 47.15
N PHE H 217 -17.98 -7.02 48.11
CA PHE H 217 -18.29 -8.32 48.68
C PHE H 217 -19.08 -8.15 49.97
N LYS H 218 -19.99 -9.09 50.20
CA LYS H 218 -20.58 -9.20 51.52
C LYS H 218 -19.56 -9.82 52.47
N TYR H 219 -19.73 -9.54 53.75
CA TYR H 219 -18.67 -9.75 54.70
C TYR H 219 -18.60 -11.22 55.11
N ALA H 220 -17.37 -11.69 55.35
CA ALA H 220 -17.11 -13.09 55.60
C ALA H 220 -15.87 -13.21 56.47
N ASP H 221 -15.57 -14.43 56.90
CA ASP H 221 -14.41 -14.65 57.74
C ASP H 221 -13.13 -14.43 56.95
N ALA H 222 -12.03 -14.22 57.68
CA ALA H 222 -10.80 -13.72 57.07
C ALA H 222 -10.28 -14.65 55.98
N VAL H 223 -10.12 -15.94 56.29
CA VAL H 223 -9.56 -16.87 55.32
C VAL H 223 -10.48 -17.01 54.12
N LYS H 224 -11.79 -17.16 54.39
CA LYS H 224 -12.74 -17.28 53.29
C LYS H 224 -12.83 -15.98 52.50
N ALA H 225 -12.67 -14.84 53.17
CA ALA H 225 -12.67 -13.56 52.45
C ALA H 225 -11.47 -13.47 51.51
N ALA H 226 -10.29 -13.87 51.97
CA ALA H 226 -9.13 -13.87 51.10
C ALA H 226 -9.30 -14.82 49.92
N ASP H 227 -9.85 -16.01 50.19
CA ASP H 227 -10.12 -16.95 49.11
C ASP H 227 -11.12 -16.36 48.12
N GLN H 228 -12.12 -15.65 48.63
CA GLN H 228 -13.06 -14.96 47.75
C GLN H 228 -12.36 -13.93 46.88
N ILE H 229 -11.42 -13.18 47.46
CA ILE H 229 -10.69 -12.18 46.67
C ILE H 229 -9.88 -12.86 45.57
N GLN H 230 -9.21 -13.95 45.91
CA GLN H 230 -8.39 -14.65 44.91
C GLN H 230 -9.25 -15.18 43.78
N THR H 231 -10.32 -15.91 44.12
CA THR H 231 -11.18 -16.45 43.08
C THR H 231 -11.89 -15.34 42.33
N PHE H 232 -12.17 -14.22 43.01
CA PHE H 232 -12.68 -13.02 42.37
C PHE H 232 -11.76 -12.59 41.24
N LYS H 233 -10.47 -12.44 41.55
CA LYS H 233 -9.51 -12.01 40.53
C LYS H 233 -9.49 -13.01 39.37
N LEU H 234 -9.42 -14.30 39.70
CA LEU H 234 -9.32 -15.32 38.66
C LEU H 234 -10.55 -15.29 37.75
N VAL H 235 -11.75 -15.20 38.33
CA VAL H 235 -12.96 -15.26 37.54
C VAL H 235 -13.13 -14.00 36.70
N VAL H 236 -12.78 -12.84 37.28
CA VAL H 236 -12.87 -11.59 36.51
C VAL H 236 -11.94 -11.64 35.31
N LYS H 237 -10.69 -12.07 35.52
CA LYS H 237 -9.78 -12.17 34.39
C LYS H 237 -10.27 -13.19 33.37
N THR H 238 -10.79 -14.32 33.84
CA THR H 238 -11.30 -15.34 32.92
C THR H 238 -12.39 -14.78 32.03
N ILE H 239 -13.40 -14.14 32.63
CA ILE H 239 -14.50 -13.62 31.83
C ILE H 239 -14.04 -12.49 30.92
N ALA H 240 -13.08 -11.68 31.38
CA ALA H 240 -12.57 -10.62 30.52
C ALA H 240 -11.90 -11.20 29.28
N ARG H 241 -11.06 -12.23 29.45
CA ARG H 241 -10.50 -12.90 28.28
C ARG H 241 -11.61 -13.47 27.41
N GLN H 242 -12.69 -13.96 28.02
CA GLN H 242 -13.79 -14.48 27.23
C GLN H 242 -14.48 -13.41 26.41
N HIS H 243 -14.59 -12.19 26.92
CA HIS H 243 -15.29 -11.10 26.24
C HIS H 243 -14.36 -10.30 25.32
N GLY H 244 -13.15 -10.79 25.09
CA GLY H 244 -12.20 -10.04 24.29
C GLY H 244 -11.73 -8.76 24.94
N LEU H 245 -11.59 -8.76 26.26
CA LEU H 245 -11.07 -7.62 27.00
C LEU H 245 -9.94 -8.09 27.89
N HIS H 246 -9.15 -7.16 28.39
CA HIS H 246 -8.06 -7.47 29.31
C HIS H 246 -8.39 -6.85 30.66
N ALA H 247 -8.41 -7.68 31.70
CA ALA H 247 -8.69 -7.23 33.06
C ALA H 247 -7.39 -7.13 33.83
N THR H 248 -7.14 -5.95 34.39
CA THR H 248 -5.90 -5.69 35.12
C THR H 248 -6.22 -5.05 36.46
N PHE H 249 -5.44 -5.41 37.48
CA PHE H 249 -5.51 -4.79 38.78
C PHE H 249 -4.35 -3.85 39.03
N MET H 250 -3.62 -3.47 37.98
CA MET H 250 -2.43 -2.65 38.17
C MET H 250 -2.82 -1.37 38.90
N PRO H 251 -2.16 -1.04 40.01
CA PRO H 251 -2.69 0.00 40.91
C PRO H 251 -2.85 1.36 40.26
N LYS H 252 -2.07 1.68 39.22
CA LYS H 252 -2.17 2.95 38.51
C LYS H 252 -1.83 2.71 37.06
N PRO H 253 -2.75 2.13 36.28
CA PRO H 253 -2.41 1.74 34.91
C PRO H 253 -2.04 2.90 34.01
N LEU H 254 -2.67 4.06 34.19
CA LEU H 254 -2.46 5.18 33.29
C LEU H 254 -2.24 6.45 34.10
N PHE H 255 -1.35 7.30 33.63
CA PHE H 255 -1.13 8.58 34.28
C PHE H 255 -2.30 9.50 34.02
N GLY H 256 -2.65 10.30 35.03
CA GLY H 256 -3.73 11.25 34.90
C GLY H 256 -5.11 10.73 35.24
N VAL H 257 -5.25 9.44 35.52
CA VAL H 257 -6.52 8.86 35.92
C VAL H 257 -6.33 8.22 37.30
N ASN H 258 -7.43 8.13 38.03
CA ASN H 258 -7.37 7.55 39.36
C ASN H 258 -7.03 6.06 39.28
N GLY H 259 -6.28 5.58 40.27
CA GLY H 259 -5.85 4.21 40.30
C GLY H 259 -6.91 3.28 40.89
N SER H 260 -6.48 2.10 41.25
CA SER H 260 -7.36 1.06 41.77
C SER H 260 -7.09 0.86 43.26
N GLY H 261 -8.11 1.13 44.07
CA GLY H 261 -8.03 0.94 45.50
C GLY H 261 -8.78 -0.31 45.93
N MET H 262 -8.36 -0.84 47.07
CA MET H 262 -8.88 -2.09 47.60
C MET H 262 -9.21 -1.94 49.09
N HIS H 263 -10.01 -0.91 49.39
CA HIS H 263 -10.45 -0.68 50.76
C HIS H 263 -10.91 -1.97 51.41
N CYS H 264 -10.45 -2.20 52.63
CA CYS H 264 -10.81 -3.37 53.40
C CYS H 264 -11.50 -2.92 54.68
N ASN H 265 -12.68 -3.47 54.94
CA ASN H 265 -13.39 -3.18 56.17
C ASN H 265 -13.18 -4.33 57.16
N GLN H 266 -12.75 -4.00 58.36
CA GLN H 266 -12.42 -4.98 59.37
C GLN H 266 -13.27 -4.75 60.61
N SER H 267 -13.59 -5.85 61.29
CA SER H 267 -14.25 -5.81 62.59
C SER H 267 -13.94 -7.09 63.34
N LEU H 268 -13.62 -6.98 64.62
CA LEU H 268 -13.33 -8.15 65.42
C LEU H 268 -14.61 -8.76 65.98
N PHE H 269 -14.59 -10.07 66.17
CA PHE H 269 -15.74 -10.80 66.69
C PHE H 269 -15.32 -11.74 67.80
N LYS H 270 -16.05 -11.69 68.91
CA LYS H 270 -15.97 -12.73 69.96
C LYS H 270 -17.40 -13.25 70.18
N ASP H 271 -17.60 -14.52 69.85
CA ASP H 271 -18.88 -15.20 70.08
C ASP H 271 -20.03 -14.39 69.47
N ASN H 272 -19.98 -14.30 68.13
CA ASN H 272 -20.93 -13.54 67.28
C ASN H 272 -21.37 -12.24 67.93
N GLU H 273 -20.44 -11.57 68.61
CA GLU H 273 -20.66 -10.25 69.20
C GLU H 273 -19.62 -9.30 68.65
N ASN H 274 -20.06 -8.16 68.12
CA ASN H 274 -19.17 -7.16 67.57
C ASN H 274 -18.55 -6.36 68.71
N VAL H 275 -17.27 -6.61 68.99
CA VAL H 275 -16.61 -5.94 70.11
C VAL H 275 -16.43 -4.45 69.90
N PHE H 276 -16.39 -3.99 68.65
CA PHE H 276 -16.17 -2.59 68.36
C PHE H 276 -17.32 -1.71 68.79
N TYR H 277 -18.55 -2.22 68.76
CA TYR H 277 -19.73 -1.41 69.05
C TYR H 277 -19.82 -1.08 70.53
N ASP H 278 -20.21 0.16 70.82
CA ASP H 278 -20.41 0.61 72.18
C ASP H 278 -21.32 1.83 72.15
N GLU H 279 -22.57 1.65 72.59
CA GLU H 279 -23.52 2.76 72.58
C GLU H 279 -23.12 3.86 73.55
N THR H 280 -22.21 3.57 74.49
CA THR H 280 -21.76 4.59 75.41
C THR H 280 -20.76 5.55 74.78
N ASP H 281 -20.12 5.15 73.68
CA ASP H 281 -19.14 6.02 73.05
C ASP H 281 -19.82 7.13 72.25
N GLU H 282 -19.14 8.28 72.16
CA GLU H 282 -19.68 9.39 71.39
C GLU H 282 -19.82 9.04 69.92
N LEU H 283 -18.81 8.37 69.36
CA LEU H 283 -18.84 7.92 67.98
C LEU H 283 -19.29 6.46 67.86
N GLY H 284 -19.63 5.82 68.96
CA GLY H 284 -19.99 4.42 68.94
C GLY H 284 -18.83 3.50 68.62
N LEU H 285 -17.65 3.77 69.18
CA LEU H 285 -16.48 2.92 69.05
C LEU H 285 -15.99 2.54 70.43
N SER H 286 -15.87 1.24 70.68
CA SER H 286 -15.38 0.77 71.96
C SER H 286 -13.89 1.08 72.11
N GLN H 287 -13.42 1.01 73.35
CA GLN H 287 -12.00 1.26 73.61
C GLN H 287 -11.11 0.28 72.87
N THR H 288 -11.60 -0.95 72.69
CA THR H 288 -10.85 -1.91 71.90
C THR H 288 -10.72 -1.44 70.46
N ALA H 289 -11.79 -0.88 69.89
CA ALA H 289 -11.71 -0.33 68.54
C ALA H 289 -10.68 0.79 68.46
N ARG H 290 -10.67 1.69 69.45
CA ARG H 290 -9.72 2.79 69.41
C ARG H 290 -8.29 2.29 69.53
N HIS H 291 -8.05 1.29 70.38
CA HIS H 291 -6.73 0.70 70.44
C HIS H 291 -6.36 0.07 69.10
N TYR H 292 -7.32 -0.56 68.44
CA TYR H 292 -7.07 -1.13 67.11
C TYR H 292 -6.62 -0.05 66.13
N MET H 293 -7.32 1.07 66.11
CA MET H 293 -6.95 2.14 65.19
C MET H 293 -5.59 2.72 65.53
N ALA H 294 -5.30 2.90 66.81
CA ALA H 294 -3.99 3.41 67.19
C ALA H 294 -2.89 2.46 66.73
N GLY H 295 -3.09 1.16 66.93
CA GLY H 295 -2.08 0.20 66.52
C GLY H 295 -1.88 0.14 65.02
N ILE H 296 -2.97 0.25 64.25
CA ILE H 296 -2.84 0.27 62.81
C ILE H 296 -2.14 1.54 62.35
N LEU H 297 -2.48 2.69 62.96
CA LEU H 297 -1.88 3.94 62.56
C LEU H 297 -0.38 3.96 62.84
N LYS H 298 0.03 3.47 64.02
CA LYS H 298 1.45 3.55 64.37
C LYS H 298 2.31 2.74 63.42
N HIS H 299 1.86 1.55 63.03
CA HIS H 299 2.64 0.67 62.17
C HIS H 299 2.24 0.78 60.70
N ALA H 300 1.60 1.89 60.31
CA ALA H 300 1.14 2.03 58.93
C ALA H 300 2.30 2.04 57.95
N ARG H 301 3.28 2.91 58.19
CA ARG H 301 4.44 3.00 57.30
C ARG H 301 5.15 1.66 57.19
N ALA H 302 5.17 0.88 58.27
CA ALA H 302 5.80 -0.43 58.23
C ALA H 302 5.03 -1.39 57.33
N MET H 303 3.71 -1.43 57.48
CA MET H 303 2.93 -2.39 56.72
C MET H 303 2.74 -1.97 55.26
N ALA H 304 3.05 -0.73 54.91
CA ALA H 304 2.89 -0.29 53.53
C ALA H 304 3.70 -1.15 52.56
N ALA H 305 4.86 -1.65 52.99
CA ALA H 305 5.71 -2.44 52.11
C ALA H 305 5.06 -3.74 51.67
N ILE H 306 4.13 -4.27 52.45
CA ILE H 306 3.42 -5.49 52.10
C ILE H 306 2.06 -5.18 51.50
N THR H 307 1.35 -4.20 52.07
CA THR H 307 0.02 -3.88 51.57
C THR H 307 0.07 -2.97 50.35
N ASN H 308 1.24 -2.43 50.01
CA ASN H 308 1.46 -1.73 48.75
C ASN H 308 2.75 -2.28 48.15
N PRO H 309 2.68 -3.48 47.57
CA PRO H 309 3.93 -4.21 47.28
C PRO H 309 4.63 -3.76 46.00
N THR H 310 3.88 -3.33 45.00
CA THR H 310 4.47 -3.02 43.70
C THR H 310 5.18 -1.67 43.75
N VAL H 311 6.08 -1.47 42.78
CA VAL H 311 6.66 -0.15 42.57
C VAL H 311 5.60 0.81 42.06
N ASN H 312 4.71 0.31 41.19
CA ASN H 312 3.66 1.15 40.64
C ASN H 312 2.68 1.65 41.69
N SER H 313 2.52 0.92 42.79
CA SER H 313 1.51 1.30 43.77
C SER H 313 1.79 2.67 44.35
N TYR H 314 3.04 2.99 44.61
CA TYR H 314 3.38 4.29 45.18
C TYR H 314 3.29 5.41 44.15
N LYS H 315 3.06 5.09 42.88
CA LYS H 315 2.64 6.10 41.93
C LYS H 315 1.19 6.52 42.15
N ARG H 316 0.38 5.62 42.69
CA ARG H 316 -1.02 5.94 42.97
C ARG H 316 -1.15 6.83 44.20
N LEU H 317 -0.25 6.68 45.16
CA LEU H 317 -0.28 7.50 46.37
C LEU H 317 0.27 8.90 46.09
N VAL H 318 -0.47 9.62 45.25
CA VAL H 318 -0.14 11.00 44.91
C VAL H 318 -1.39 11.85 45.11
N PRO H 319 -1.27 13.14 45.40
CA PRO H 319 -2.47 13.95 45.69
C PRO H 319 -3.33 14.17 44.45
N GLY H 320 -4.63 14.32 44.70
CA GLY H 320 -5.57 14.71 43.67
C GLY H 320 -6.42 13.62 43.08
N TYR H 321 -6.37 12.40 43.61
CA TYR H 321 -7.16 11.31 43.08
C TYR H 321 -7.78 10.45 44.17
N GLU H 322 -8.22 11.07 45.27
CA GLU H 322 -8.86 10.40 46.41
C GLU H 322 -7.87 9.52 47.18
N ALA H 323 -6.64 9.37 46.68
CA ALA H 323 -5.69 8.44 47.27
C ALA H 323 -5.30 8.88 48.67
N PRO H 324 -5.46 8.02 49.66
CA PRO H 324 -5.02 8.36 51.02
C PRO H 324 -3.51 8.26 51.14
N CYS H 325 -2.87 9.40 51.42
CA CYS H 325 -1.43 9.47 51.48
C CYS H 325 -0.87 9.79 52.87
N TYR H 326 -1.70 9.80 53.92
CA TYR H 326 -1.25 10.27 55.22
C TYR H 326 -1.95 9.55 56.36
N VAL H 327 -1.27 9.55 57.51
CA VAL H 327 -1.76 8.80 58.69
C VAL H 327 -2.67 9.65 59.57
N ALA H 328 -3.98 9.56 59.35
CA ALA H 328 -4.96 10.25 60.18
C ALA H 328 -6.29 9.53 60.03
N TRP H 329 -7.07 9.54 61.11
CA TRP H 329 -8.34 8.85 61.15
C TRP H 329 -9.47 9.87 61.23
N SER H 330 -10.54 9.60 60.49
CA SER H 330 -11.69 10.49 60.49
C SER H 330 -12.92 9.70 60.11
N ALA H 331 -14.07 10.15 60.62
CA ALA H 331 -15.34 9.59 60.21
C ALA H 331 -15.71 10.00 58.79
N SER H 332 -15.23 11.15 58.32
CA SER H 332 -15.55 11.62 56.99
C SER H 332 -14.50 12.64 56.57
N ASN H 333 -13.68 12.29 55.58
CA ASN H 333 -12.71 13.21 55.03
C ASN H 333 -12.28 12.70 53.66
N ARG H 334 -11.74 13.61 52.85
CA ARG H 334 -11.30 13.27 51.50
C ARG H 334 -10.20 12.22 51.54
N SER H 335 -9.22 12.39 52.43
CA SER H 335 -8.10 11.46 52.46
C SER H 335 -7.50 11.33 53.85
N PRO H 336 -8.19 10.71 54.80
CA PRO H 336 -7.52 10.24 56.01
C PRO H 336 -7.06 8.81 55.84
N MET H 337 -6.15 8.35 56.69
CA MET H 337 -5.71 6.94 56.63
C MET H 337 -6.88 5.99 56.90
N ILE H 338 -7.70 6.28 57.91
CA ILE H 338 -8.74 5.35 58.33
C ILE H 338 -10.08 6.05 58.30
N ARG H 339 -11.06 5.45 57.65
CA ARG H 339 -12.42 5.95 57.62
C ARG H 339 -13.30 5.07 58.49
N ILE H 340 -14.11 5.70 59.34
CA ILE H 340 -15.05 5.00 60.20
C ILE H 340 -16.45 5.32 59.70
N PRO H 341 -17.16 4.39 59.06
CA PRO H 341 -18.47 4.71 58.49
C PRO H 341 -19.49 5.03 59.56
N ALA H 342 -20.66 5.47 59.09
CA ALA H 342 -21.75 5.82 60.00
C ALA H 342 -22.51 4.60 60.49
N SER H 343 -22.42 3.47 59.79
CA SER H 343 -23.13 2.27 60.21
C SER H 343 -22.62 1.80 61.56
N ARG H 344 -23.55 1.41 62.43
CA ARG H 344 -23.21 1.06 63.80
C ARG H 344 -23.79 -0.29 64.18
N GLY H 345 -23.81 -0.59 65.48
CA GLY H 345 -24.40 -1.84 65.94
C GLY H 345 -23.50 -3.00 65.58
N LEU H 346 -24.08 -4.03 64.98
CA LEU H 346 -23.29 -5.14 64.46
C LEU H 346 -22.57 -4.77 63.17
N SER H 347 -22.91 -3.62 62.57
CA SER H 347 -22.33 -3.18 61.30
C SER H 347 -21.26 -2.11 61.48
N THR H 348 -20.94 -1.74 62.73
CA THR H 348 -19.84 -0.83 62.95
C THR H 348 -18.53 -1.49 62.51
N ARG H 349 -17.68 -0.74 61.83
CA ARG H 349 -16.53 -1.34 61.18
C ARG H 349 -15.48 -0.26 60.93
N VAL H 350 -14.26 -0.71 60.63
CA VAL H 350 -13.14 0.19 60.38
C VAL H 350 -12.63 -0.06 58.97
N GLU H 351 -12.58 0.98 58.16
CA GLU H 351 -12.22 0.84 56.75
C GLU H 351 -10.81 1.39 56.52
N VAL H 352 -9.88 0.49 56.21
CA VAL H 352 -8.52 0.87 55.87
C VAL H 352 -8.42 0.91 54.35
N ARG H 353 -7.97 2.05 53.81
CA ARG H 353 -8.07 2.32 52.39
C ARG H 353 -6.74 2.25 51.67
N ASN H 354 -5.64 2.03 52.39
CA ASN H 354 -4.32 1.97 51.75
C ASN H 354 -4.18 0.81 50.78
N PRO H 355 -4.52 -0.43 51.12
CA PRO H 355 -4.17 -1.55 50.23
C PRO H 355 -4.83 -1.44 48.87
N ASP H 356 -4.16 -1.99 47.88
CA ASP H 356 -4.56 -2.01 46.49
C ASP H 356 -4.62 -3.44 45.98
N PRO H 357 -5.39 -3.72 44.93
CA PRO H 357 -5.68 -5.11 44.57
C PRO H 357 -4.44 -5.93 44.23
N ALA H 358 -3.33 -5.31 43.87
CA ALA H 358 -2.10 -6.06 43.63
C ALA H 358 -1.55 -6.66 44.90
N ALA H 359 -1.86 -6.10 46.06
CA ALA H 359 -1.35 -6.62 47.33
C ALA H 359 -1.98 -7.96 47.67
N ASN H 360 -1.19 -8.83 48.26
CA ASN H 360 -1.66 -10.15 48.66
C ASN H 360 -2.72 -9.99 49.75
N PRO H 361 -3.92 -10.55 49.60
CA PRO H 361 -4.94 -10.36 50.65
C PRO H 361 -4.59 -11.06 51.94
N TYR H 362 -4.02 -12.27 51.86
CA TYR H 362 -3.63 -12.97 53.07
C TYR H 362 -2.63 -12.16 53.87
N LEU H 363 -1.55 -11.72 53.24
CA LEU H 363 -0.54 -10.95 53.96
C LEU H 363 -1.08 -9.61 54.43
N ALA H 364 -1.89 -8.94 53.60
CA ALA H 364 -2.40 -7.63 53.99
C ALA H 364 -3.28 -7.74 55.22
N LEU H 365 -4.22 -8.68 55.21
CA LEU H 365 -5.07 -8.87 56.38
C LEU H 365 -4.26 -9.31 57.59
N ALA H 366 -3.26 -10.17 57.37
CA ALA H 366 -2.44 -10.65 58.48
C ALA H 366 -1.70 -9.51 59.16
N VAL H 367 -1.09 -8.62 58.36
CA VAL H 367 -0.32 -7.52 58.96
C VAL H 367 -1.25 -6.50 59.59
N MET H 368 -2.40 -6.21 58.96
CA MET H 368 -3.38 -5.34 59.60
C MET H 368 -3.76 -5.87 60.97
N LEU H 369 -4.16 -7.13 61.04
CA LEU H 369 -4.63 -7.67 62.32
C LEU H 369 -3.50 -7.74 63.33
N ARG H 370 -2.29 -8.11 62.89
CA ARG H 370 -1.19 -8.21 63.86
C ARG H 370 -0.85 -6.84 64.44
N ALA H 371 -0.76 -5.81 63.60
CA ALA H 371 -0.49 -4.49 64.12
C ALA H 371 -1.61 -3.99 65.02
N GLY H 372 -2.86 -4.28 64.63
CA GLY H 372 -3.98 -3.86 65.47
C GLY H 372 -3.99 -4.56 66.81
N LEU H 373 -3.67 -5.86 66.82
CA LEU H 373 -3.60 -6.59 68.08
C LEU H 373 -2.46 -6.09 68.94
N ASP H 374 -1.35 -5.71 68.32
CA ASP H 374 -0.27 -5.09 69.09
C ASP H 374 -0.75 -3.79 69.72
N GLY H 375 -1.49 -2.98 68.96
CA GLY H 375 -2.05 -1.77 69.53
C GLY H 375 -3.02 -2.06 70.66
N ILE H 376 -3.81 -3.11 70.52
CA ILE H 376 -4.77 -3.47 71.56
C ILE H 376 -4.04 -3.90 72.83
N LYS H 377 -3.03 -4.76 72.69
CA LYS H 377 -2.28 -5.23 73.85
C LYS H 377 -1.54 -4.09 74.53
N ARG H 378 -0.91 -3.22 73.75
CA ARG H 378 -0.16 -2.11 74.32
C ARG H 378 -1.06 -0.95 74.74
N GLN H 379 -2.36 -1.00 74.41
CA GLN H 379 -3.31 0.03 74.79
C GLN H 379 -2.84 1.41 74.35
N MET H 380 -2.46 1.50 73.07
CA MET H 380 -1.91 2.72 72.52
C MET H 380 -2.95 3.85 72.58
N ALA H 381 -2.48 5.04 72.92
CA ALA H 381 -3.33 6.21 73.00
C ALA H 381 -3.65 6.71 71.60
N LEU H 382 -4.92 6.64 71.24
CA LEU H 382 -5.33 7.02 69.89
C LEU H 382 -5.25 8.52 69.72
N PRO H 383 -4.58 9.03 68.70
CA PRO H 383 -4.50 10.48 68.49
C PRO H 383 -5.86 11.05 68.12
N ALA H 384 -5.91 12.37 68.08
CA ALA H 384 -7.17 13.06 67.82
C ALA H 384 -7.63 12.80 66.38
N PRO H 385 -8.93 12.79 66.13
CA PRO H 385 -9.41 12.68 64.74
C PRO H 385 -9.11 13.93 63.96
N ILE H 386 -8.99 13.76 62.64
CA ILE H 386 -8.80 14.89 61.74
C ILE H 386 -10.15 15.42 61.30
N ASP H 387 -10.34 16.73 61.41
CA ASP H 387 -11.57 17.38 61.03
C ASP H 387 -11.57 17.61 59.51
N ARG H 388 -12.49 18.44 59.02
CA ARG H 388 -12.56 18.73 57.59
C ARG H 388 -11.29 19.41 57.08
N ASN H 389 -10.38 19.78 57.98
CA ASN H 389 -9.11 20.37 57.60
C ASN H 389 -8.43 19.52 56.52
N ILE H 390 -8.02 20.16 55.44
CA ILE H 390 -7.59 19.43 54.25
C ILE H 390 -6.09 19.66 54.09
N TYR H 391 -5.49 19.05 53.09
CA TYR H 391 -4.06 18.74 53.09
C TYR H 391 -3.29 19.70 52.21
N VAL H 392 -3.70 20.97 52.21
CA VAL H 392 -2.86 22.03 51.63
C VAL H 392 -1.90 22.60 52.65
N MET H 393 -2.00 22.18 53.91
CA MET H 393 -1.17 22.70 54.98
C MET H 393 0.27 22.19 54.84
N SER H 394 1.19 22.97 55.40
CA SER H 394 2.62 22.80 55.13
C SER H 394 3.18 21.57 55.84
N GLU H 395 4.35 21.13 55.37
CA GLU H 395 5.04 20.01 56.01
C GLU H 395 5.45 20.36 57.43
N GLU H 396 5.89 21.59 57.66
CA GLU H 396 6.16 22.04 59.03
C GLU H 396 4.90 21.97 59.87
N GLU H 397 3.77 22.43 59.31
CA GLU H 397 2.49 22.25 59.99
C GLU H 397 2.13 20.78 60.10
N ARG H 398 2.42 19.99 59.06
CA ARG H 398 2.03 18.58 59.06
C ARG H 398 2.70 17.82 60.20
N ILE H 399 3.99 18.07 60.43
CA ILE H 399 4.65 17.50 61.61
C ILE H 399 4.24 18.21 62.88
N GLU H 400 3.86 19.49 62.80
CA GLU H 400 3.37 20.19 63.99
C GLU H 400 2.07 19.59 64.49
N GLU H 401 1.18 19.21 63.58
CA GLU H 401 -0.08 18.55 63.93
C GLU H 401 0.09 17.06 64.15
N GLY H 402 1.29 16.52 63.97
CA GLY H 402 1.52 15.10 64.16
C GLY H 402 0.85 14.20 63.14
N ILE H 403 0.91 14.56 61.86
CA ILE H 403 0.31 13.79 60.78
C ILE H 403 1.45 13.21 59.94
N PRO H 404 1.85 11.96 60.14
CA PRO H 404 2.90 11.37 59.33
C PRO H 404 2.42 11.08 57.91
N SER H 405 3.31 10.52 57.11
CA SER H 405 3.03 10.22 55.71
C SER H 405 3.42 8.79 55.38
N LEU H 406 2.74 8.23 54.38
CA LEU H 406 3.11 6.92 53.87
C LEU H 406 4.44 7.02 53.12
N PRO H 407 5.19 5.91 53.02
CA PRO H 407 6.50 5.97 52.36
C PRO H 407 6.37 6.44 50.92
N ALA H 408 7.38 7.18 50.48
CA ALA H 408 7.35 7.79 49.16
C ALA H 408 7.45 6.77 48.02
N ASP H 409 8.19 5.69 48.22
CA ASP H 409 8.34 4.67 47.19
C ASP H 409 8.70 3.36 47.87
N LEU H 410 9.02 2.34 47.06
CA LEU H 410 9.16 0.99 47.59
C LEU H 410 10.38 0.86 48.49
N LYS H 411 11.48 1.56 48.18
CA LYS H 411 12.69 1.41 48.96
C LYS H 411 12.51 1.88 50.40
N GLU H 412 11.87 3.04 50.58
CA GLU H 412 11.59 3.52 51.92
C GLU H 412 10.69 2.56 52.67
N ALA H 413 9.70 2.00 51.97
CA ALA H 413 8.82 1.01 52.59
C ALA H 413 9.59 -0.20 53.06
N LEU H 414 10.53 -0.68 52.25
CA LEU H 414 11.32 -1.85 52.63
C LEU H 414 12.18 -1.55 53.85
N SER H 415 12.83 -0.39 53.88
CA SER H 415 13.65 -0.05 55.02
C SER H 415 12.81 0.04 56.29
N GLU H 416 11.63 0.66 56.19
CA GLU H 416 10.75 0.74 57.35
C GLU H 416 10.30 -0.64 57.80
N LEU H 417 9.99 -1.54 56.85
CA LEU H 417 9.59 -2.88 57.21
C LEU H 417 10.68 -3.61 57.96
N ILE H 418 11.92 -3.49 57.48
CA ILE H 418 13.03 -4.15 58.16
C ILE H 418 13.20 -3.58 59.57
N ARG H 419 13.11 -2.25 59.70
CA ARG H 419 13.29 -1.65 61.02
C ARG H 419 12.10 -1.88 61.95
N SER H 420 11.00 -2.41 61.45
CA SER H 420 9.84 -2.69 62.29
C SER H 420 9.93 -4.10 62.87
N GLU H 421 9.70 -4.21 64.18
CA GLU H 421 9.86 -5.48 64.88
C GLU H 421 8.57 -6.27 65.02
N VAL H 422 7.43 -5.69 64.65
CA VAL H 422 6.16 -6.40 64.79
C VAL H 422 5.79 -7.12 63.51
N ILE H 423 5.73 -6.37 62.40
CA ILE H 423 5.33 -6.94 61.12
C ILE H 423 6.34 -7.96 60.61
N SER H 424 7.63 -7.76 60.86
CA SER H 424 8.62 -8.77 60.51
C SER H 424 8.34 -10.08 61.25
N ASP H 425 7.99 -9.98 62.53
CA ASP H 425 7.60 -11.18 63.26
C ASP H 425 6.34 -11.80 62.68
N ALA H 426 5.36 -10.97 62.31
CA ALA H 426 4.11 -11.50 61.76
C ALA H 426 4.37 -12.30 60.49
N LEU H 427 5.19 -11.76 59.58
CA LEU H 427 5.50 -12.48 58.36
C LEU H 427 6.32 -13.72 58.65
N GLY H 428 7.08 -13.72 59.73
CA GLY H 428 7.95 -14.83 60.05
C GLY H 428 9.35 -14.65 59.49
N ASP H 429 10.31 -15.28 60.16
CA ASP H 429 11.71 -15.06 59.83
C ASP H 429 12.05 -15.57 58.43
N HIS H 430 11.55 -16.75 58.07
CA HIS H 430 11.89 -17.31 56.76
C HIS H 430 11.24 -16.52 55.63
N ALA H 431 9.96 -16.18 55.78
CA ALA H 431 9.26 -15.47 54.72
C ALA H 431 9.75 -14.03 54.57
N LEU H 432 10.16 -13.41 55.68
CA LEU H 432 10.63 -12.04 55.63
C LEU H 432 11.85 -11.91 54.73
N ALA H 433 12.80 -12.84 54.88
CA ALA H 433 14.01 -12.78 54.08
C ALA H 433 13.71 -12.89 52.59
N TYR H 434 12.84 -13.83 52.23
CA TYR H 434 12.57 -14.03 50.81
C TYR H 434 11.76 -12.88 50.22
N PHE H 435 10.80 -12.35 50.97
CA PHE H 435 10.06 -11.19 50.48
C PHE H 435 10.98 -9.99 50.32
N TYR H 436 11.87 -9.77 51.29
CA TYR H 436 12.81 -8.66 51.19
C TYR H 436 13.72 -8.82 49.99
N GLU H 437 14.24 -10.03 49.77
CA GLU H 437 15.11 -10.27 48.63
C GLU H 437 14.36 -10.02 47.32
N LEU H 438 13.12 -10.50 47.24
CA LEU H 438 12.31 -10.29 46.06
C LEU H 438 12.12 -8.81 45.77
N LYS H 439 11.75 -8.04 46.78
CA LYS H 439 11.50 -6.62 46.57
C LYS H 439 12.78 -5.86 46.30
N GLU H 440 13.90 -6.25 46.90
CA GLU H 440 15.18 -5.66 46.55
C GLU H 440 15.52 -5.88 45.09
N ILE H 441 15.32 -7.10 44.59
CA ILE H 441 15.60 -7.37 43.19
C ILE H 441 14.70 -6.53 42.30
N GLU H 442 13.40 -6.46 42.65
CA GLU H 442 12.46 -5.69 41.84
C GLU H 442 12.85 -4.21 41.81
N TRP H 443 13.16 -3.63 42.97
CA TRP H 443 13.51 -2.22 43.02
C TRP H 443 14.83 -1.95 42.31
N ASP H 444 15.80 -2.87 42.45
CA ASP H 444 17.07 -2.70 41.76
C ASP H 444 16.87 -2.71 40.25
N MET H 445 15.99 -3.60 39.77
CA MET H 445 15.67 -3.59 38.34
C MET H 445 15.00 -2.28 37.94
N TYR H 446 14.10 -1.77 38.78
CA TYR H 446 13.35 -0.58 38.40
C TYR H 446 14.22 0.67 38.38
N ARG H 447 15.11 0.82 39.37
CA ARG H 447 15.83 2.08 39.53
C ARG H 447 16.85 2.33 38.43
N THR H 448 17.33 1.28 37.78
CA THR H 448 18.39 1.45 36.78
C THR H 448 17.85 1.56 35.36
N GLN H 449 16.54 1.58 35.18
CA GLN H 449 15.98 1.76 33.84
C GLN H 449 16.15 3.19 33.38
N VAL H 450 16.04 3.38 32.07
CA VAL H 450 16.03 4.70 31.46
C VAL H 450 14.71 4.84 30.72
N HIS H 451 13.78 5.57 31.31
CA HIS H 451 12.41 5.64 30.81
C HIS H 451 12.30 6.67 29.70
N GLN H 452 11.19 6.60 28.96
CA GLN H 452 10.98 7.49 27.84
C GLN H 452 10.75 8.93 28.29
N TRP H 453 10.21 9.11 29.50
CA TRP H 453 9.98 10.46 30.00
C TRP H 453 11.28 11.24 30.12
N GLU H 454 12.35 10.56 30.53
CA GLU H 454 13.65 11.21 30.61
C GLU H 454 14.11 11.67 29.23
N ARG H 455 13.98 10.81 28.22
CA ARG H 455 14.36 11.20 26.87
C ARG H 455 13.45 12.29 26.32
N ASP H 456 12.25 12.42 26.87
CA ASP H 456 11.39 13.53 26.49
C ASP H 456 11.90 14.84 27.08
N GLN H 457 12.08 14.88 28.40
CA GLN H 457 12.55 16.10 29.05
C GLN H 457 13.97 16.42 28.60
N TYR H 458 14.87 15.46 28.67
CA TYR H 458 16.25 15.63 28.27
C TYR H 458 16.40 15.22 26.80
N LEU H 459 17.64 15.00 26.37
CA LEU H 459 17.99 14.61 25.00
C LEU H 459 17.83 15.79 24.06
N THR H 460 17.29 16.89 24.57
CA THR H 460 17.24 18.16 23.87
C THR H 460 17.70 19.32 24.75
N LEU H 461 17.34 19.32 26.03
CA LEU H 461 17.72 20.41 26.91
C LEU H 461 19.18 20.33 27.32
N TYR H 462 19.73 19.12 27.39
CA TYR H 462 21.14 18.93 27.69
C TYR H 462 21.83 18.21 26.54
N SER I 22 -50.26 -0.31 40.94
CA SER I 22 -49.20 -0.17 41.94
C SER I 22 -48.55 -1.52 42.23
N TYR I 23 -47.69 -1.56 43.25
CA TYR I 23 -46.96 -2.76 43.62
C TYR I 23 -46.69 -2.72 45.11
N THR I 24 -46.29 -3.86 45.65
CA THR I 24 -45.89 -3.97 47.05
C THR I 24 -44.66 -4.88 47.15
N ARG I 25 -44.13 -4.96 48.37
CA ARG I 25 -42.93 -5.75 48.60
C ARG I 25 -43.12 -7.19 48.21
N GLU I 26 -44.20 -7.82 48.69
CA GLU I 26 -44.47 -9.21 48.37
C GLU I 26 -44.75 -9.39 46.88
N ASP I 27 -45.45 -8.43 46.27
CA ASP I 27 -45.65 -8.49 44.83
C ASP I 27 -44.32 -8.43 44.08
N ILE I 28 -43.41 -7.57 44.53
CA ILE I 28 -42.11 -7.44 43.88
C ILE I 28 -41.35 -8.76 44.01
N ILE I 29 -41.36 -9.35 45.20
CA ILE I 29 -40.66 -10.61 45.42
C ILE I 29 -41.24 -11.72 44.56
N ARG I 30 -42.57 -11.79 44.48
CA ARG I 30 -43.21 -12.81 43.66
C ARG I 30 -42.87 -12.63 42.19
N ILE I 31 -42.91 -11.38 41.71
CA ILE I 31 -42.59 -11.13 40.30
C ILE I 31 -41.15 -11.50 40.00
N ALA I 32 -40.23 -11.15 40.90
CA ALA I 32 -38.84 -11.52 40.72
C ALA I 32 -38.68 -13.04 40.69
N GLU I 33 -39.41 -13.74 41.56
CA GLU I 33 -39.31 -15.20 41.60
C GLU I 33 -39.85 -15.82 40.31
N GLU I 34 -40.96 -15.29 39.78
CA GLU I 34 -41.60 -15.94 38.63
C GLU I 34 -40.94 -15.53 37.32
N GLU I 35 -40.46 -14.29 37.25
CA GLU I 35 -39.85 -13.78 36.02
C GLU I 35 -38.39 -14.21 35.87
N ASN I 36 -37.81 -14.82 36.91
CA ASN I 36 -36.40 -15.17 36.93
C ASN I 36 -35.52 -13.94 36.74
N VAL I 37 -35.91 -12.84 37.37
CA VAL I 37 -35.08 -11.64 37.39
C VAL I 37 -33.83 -11.93 38.21
N ARG I 38 -32.66 -11.69 37.61
CA ARG I 38 -31.40 -11.96 38.27
C ARG I 38 -30.55 -10.74 38.54
N PHE I 39 -30.91 -9.58 37.99
CA PHE I 39 -30.01 -8.44 37.94
C PHE I 39 -30.84 -7.17 38.12
N ILE I 40 -30.48 -6.36 39.10
CA ILE I 40 -31.31 -5.24 39.55
C ILE I 40 -30.52 -3.95 39.40
N ARG I 41 -31.16 -2.92 38.87
CA ARG I 41 -30.54 -1.61 38.71
C ARG I 41 -31.19 -0.63 39.68
N LEU I 42 -30.57 -0.44 40.85
CA LEU I 42 -30.98 0.58 41.80
C LEU I 42 -30.57 1.92 41.19
N GLN I 43 -31.52 2.57 40.53
CA GLN I 43 -31.19 3.63 39.59
C GLN I 43 -31.68 4.99 40.07
N PHE I 44 -30.89 6.02 39.78
CA PHE I 44 -31.22 7.40 40.14
C PHE I 44 -30.46 8.33 39.21
N THR I 45 -30.45 9.63 39.56
CA THR I 45 -29.86 10.65 38.73
C THR I 45 -29.12 11.66 39.59
N ASP I 46 -28.10 12.28 39.01
CA ASP I 46 -27.37 13.37 39.64
C ASP I 46 -27.88 14.71 39.12
N LEU I 47 -27.21 15.79 39.53
CA LEU I 47 -27.57 17.11 39.03
C LEU I 47 -27.16 17.29 37.58
N LEU I 48 -26.11 16.60 37.14
CA LEU I 48 -25.67 16.67 35.76
C LEU I 48 -26.61 15.97 34.80
N GLY I 49 -27.50 15.12 35.30
CA GLY I 49 -28.51 14.47 34.49
C GLY I 49 -28.18 13.08 34.02
N THR I 50 -26.90 12.72 33.93
CA THR I 50 -26.54 11.41 33.42
C THR I 50 -26.98 10.32 34.38
N ILE I 51 -27.55 9.26 33.81
CA ILE I 51 -28.19 8.20 34.59
C ILE I 51 -27.15 7.48 35.43
N LYS I 52 -27.42 7.34 36.72
CA LYS I 52 -26.53 6.64 37.64
C LYS I 52 -27.28 5.46 38.24
N ASN I 53 -26.54 4.44 38.68
CA ASN I 53 -27.19 3.25 39.22
C ASN I 53 -26.23 2.42 40.05
N VAL I 54 -26.78 1.39 40.67
CA VAL I 54 -26.02 0.34 41.35
C VAL I 54 -26.56 -1.01 40.87
N GLU I 55 -25.65 -1.91 40.50
CA GLU I 55 -26.06 -3.23 40.04
C GLU I 55 -26.07 -4.22 41.20
N ILE I 56 -27.16 -4.96 41.33
CA ILE I 56 -27.35 -5.82 42.49
C ILE I 56 -27.80 -7.21 42.05
N PRO I 57 -27.31 -8.27 42.67
CA PRO I 57 -27.86 -9.60 42.40
C PRO I 57 -29.22 -9.77 43.06
N VAL I 58 -29.98 -10.77 42.58
CA VAL I 58 -31.33 -10.96 43.08
C VAL I 58 -31.36 -11.32 44.56
N SER I 59 -30.32 -11.97 45.07
CA SER I 59 -30.31 -12.42 46.45
C SER I 59 -30.31 -11.28 47.46
N GLN I 60 -29.97 -10.06 47.04
CA GLN I 60 -30.02 -8.89 47.91
C GLN I 60 -31.32 -8.11 47.76
N LEU I 61 -32.24 -8.59 46.92
CA LEU I 61 -33.43 -7.81 46.57
C LEU I 61 -34.23 -7.44 47.81
N GLU I 62 -34.42 -8.39 48.72
CA GLU I 62 -35.15 -8.10 49.95
C GLU I 62 -34.48 -6.94 50.70
N LYS I 63 -33.15 -6.97 50.83
CA LYS I 63 -32.47 -5.86 51.49
C LYS I 63 -32.67 -4.56 50.71
N ALA I 64 -32.76 -4.66 49.38
CA ALA I 64 -33.05 -3.47 48.58
C ALA I 64 -34.43 -2.93 48.92
N LEU I 65 -35.40 -3.82 49.17
CA LEU I 65 -36.74 -3.35 49.49
C LEU I 65 -36.83 -2.80 50.90
N ASP I 66 -35.78 -3.00 51.71
CA ASP I 66 -35.76 -2.56 53.09
C ASP I 66 -35.28 -1.12 53.25
N ASN I 67 -34.89 -0.48 52.14
CA ASN I 67 -34.31 0.87 52.19
C ASN I 67 -33.09 0.91 53.09
N LYS I 68 -32.18 -0.05 52.91
CA LYS I 68 -30.99 -0.17 53.74
C LYS I 68 -29.71 -0.19 52.92
N MET I 69 -29.79 0.03 51.61
CA MET I 69 -28.60 0.07 50.77
C MET I 69 -27.93 1.43 50.86
N MET I 70 -26.61 1.45 51.01
CA MET I 70 -25.84 2.68 51.10
C MET I 70 -24.86 2.76 49.94
N PHE I 71 -24.47 3.99 49.60
CA PHE I 71 -23.46 4.25 48.58
C PHE I 71 -22.80 5.59 48.89
N ASP I 72 -21.99 6.07 47.95
CA ASP I 72 -21.17 7.26 48.19
C ASP I 72 -22.04 8.46 48.56
N GLY I 73 -23.10 8.70 47.79
CA GLY I 73 -23.98 9.83 48.00
C GLY I 73 -23.44 11.15 47.47
N SER I 74 -22.16 11.42 47.67
CA SER I 74 -21.56 12.65 47.15
C SER I 74 -21.53 12.69 45.63
N SER I 75 -21.81 11.57 44.96
CA SER I 75 -21.86 11.57 43.50
C SER I 75 -22.90 12.53 42.97
N ILE I 76 -23.90 12.89 43.79
CA ILE I 76 -24.89 13.88 43.37
C ILE I 76 -24.21 15.21 43.06
N GLU I 77 -23.20 15.58 43.84
CA GLU I 77 -22.49 16.82 43.57
C GLU I 77 -21.64 16.75 42.30
N GLY I 78 -21.48 15.56 41.72
CA GLY I 78 -20.77 15.42 40.46
C GLY I 78 -19.29 15.13 40.62
N TYR I 79 -18.48 15.64 39.69
CA TYR I 79 -17.04 15.46 39.73
C TYR I 79 -16.34 16.48 40.61
N VAL I 80 -17.09 17.40 41.22
CA VAL I 80 -16.53 18.39 42.13
C VAL I 80 -16.70 17.97 43.59
N ARG I 81 -17.04 16.71 43.84
CA ARG I 81 -17.17 16.23 45.22
C ARG I 81 -15.83 16.31 45.92
N ILE I 82 -15.84 16.87 47.12
CA ILE I 82 -14.62 17.14 47.87
C ILE I 82 -14.56 16.31 49.15
N GLU I 83 -15.69 15.84 49.64
CA GLU I 83 -15.73 15.00 50.84
C GLU I 83 -16.67 13.83 50.60
N GLU I 84 -16.25 12.66 51.05
CA GLU I 84 -17.05 11.46 50.86
C GLU I 84 -18.10 11.34 51.95
N SER I 85 -19.31 10.97 51.58
CA SER I 85 -20.42 10.78 52.49
C SER I 85 -20.92 9.34 52.39
N ASP I 86 -22.05 9.08 53.05
CA ASP I 86 -22.76 7.81 52.95
C ASP I 86 -24.24 8.13 52.82
N MET I 87 -24.88 7.60 51.78
CA MET I 87 -26.27 7.95 51.56
C MET I 87 -27.03 6.71 51.10
N TYR I 88 -28.27 6.60 51.55
CA TYR I 88 -29.06 5.38 51.33
C TYR I 88 -30.02 5.56 50.17
N LEU I 89 -30.25 4.45 49.46
CA LEU I 89 -31.16 4.39 48.33
C LEU I 89 -32.51 3.91 48.80
N TYR I 90 -33.56 4.69 48.54
CA TYR I 90 -34.92 4.31 48.88
C TYR I 90 -35.69 4.08 47.60
N PRO I 91 -35.93 2.84 47.18
CA PRO I 91 -36.62 2.61 45.91
C PRO I 91 -38.09 3.02 45.98
N ASP I 92 -38.64 3.34 44.82
CA ASP I 92 -40.08 3.59 44.68
C ASP I 92 -40.68 2.40 43.94
N LEU I 93 -41.40 1.56 44.70
CA LEU I 93 -41.87 0.29 44.16
C LEU I 93 -42.79 0.49 42.96
N ASP I 94 -43.54 1.59 42.93
CA ASP I 94 -44.45 1.85 41.84
C ASP I 94 -43.75 2.03 40.51
N THR I 95 -42.43 2.25 40.52
CA THR I 95 -41.64 2.44 39.31
C THR I 95 -40.91 1.19 38.88
N TRP I 96 -41.22 0.03 39.48
CA TRP I 96 -40.59 -1.22 39.06
C TRP I 96 -40.90 -1.50 37.60
N VAL I 97 -39.91 -2.06 36.89
CA VAL I 97 -40.09 -2.44 35.50
C VAL I 97 -38.97 -3.42 35.14
N VAL I 98 -39.21 -4.24 34.13
CA VAL I 98 -38.27 -5.28 33.73
C VAL I 98 -37.89 -5.05 32.27
N PHE I 99 -36.59 -5.09 31.99
CA PHE I 99 -36.09 -4.83 30.65
C PHE I 99 -36.39 -6.01 29.72
N PRO I 100 -37.01 -5.76 28.58
CA PRO I 100 -37.25 -6.84 27.62
C PRO I 100 -36.14 -7.01 26.60
N TRP I 101 -34.97 -7.49 27.00
CA TRP I 101 -33.87 -7.62 26.05
C TRP I 101 -33.67 -9.06 25.55
N VAL I 102 -34.75 -9.82 25.42
CA VAL I 102 -34.78 -11.14 24.78
C VAL I 102 -33.52 -11.95 25.08
N THR I 103 -33.25 -12.18 26.37
CA THR I 103 -32.11 -13.00 26.77
C THR I 103 -32.39 -13.60 28.13
N SER I 104 -31.67 -14.66 28.48
CA SER I 104 -31.77 -15.24 29.81
C SER I 104 -31.12 -14.30 30.83
N ASP I 105 -31.16 -14.66 32.10
CA ASP I 105 -30.62 -13.82 33.17
C ASP I 105 -31.31 -12.46 33.15
N ARG I 106 -32.60 -12.45 33.43
CA ARG I 106 -33.41 -11.24 33.25
C ARG I 106 -32.94 -10.13 34.18
N VAL I 107 -33.11 -8.89 33.71
CA VAL I 107 -32.64 -7.70 34.41
C VAL I 107 -33.83 -6.81 34.73
N ALA I 108 -33.82 -6.20 35.90
CA ALA I 108 -34.93 -5.39 36.38
C ALA I 108 -34.44 -4.01 36.77
N ARG I 109 -35.37 -3.06 36.79
CA ARG I 109 -35.06 -1.66 37.05
C ARG I 109 -35.89 -1.19 38.23
N LEU I 110 -35.25 -0.43 39.12
CA LEU I 110 -35.96 0.30 40.17
C LEU I 110 -35.44 1.72 40.21
N ILE I 111 -36.35 2.68 40.27
CA ILE I 111 -36.01 4.09 40.38
C ILE I 111 -36.06 4.48 41.85
N CYS I 112 -35.00 5.12 42.33
CA CYS I 112 -34.79 5.32 43.75
C CYS I 112 -34.63 6.81 44.05
N ASP I 113 -34.99 7.18 45.27
CA ASP I 113 -34.63 8.48 45.82
C ASP I 113 -33.44 8.30 46.74
N ILE I 114 -32.80 9.40 47.08
CA ILE I 114 -31.60 9.41 47.92
C ILE I 114 -31.96 9.99 49.26
N TYR I 115 -31.51 9.35 50.34
CA TYR I 115 -31.81 9.80 51.68
C TYR I 115 -30.52 9.87 52.50
N LYS I 116 -30.50 10.81 53.45
CA LYS I 116 -29.37 10.95 54.35
C LYS I 116 -29.35 9.78 55.33
N PRO I 117 -28.20 9.53 55.97
CA PRO I 117 -28.16 8.46 56.98
C PRO I 117 -29.09 8.70 58.16
N ASP I 118 -29.42 9.96 58.47
CA ASP I 118 -30.32 10.21 59.58
C ASP I 118 -31.78 10.11 59.19
N GLY I 119 -32.09 9.84 57.92
CA GLY I 119 -33.44 9.63 57.45
C GLY I 119 -34.03 10.78 56.68
N SER I 120 -33.48 11.99 56.80
CA SER I 120 -34.04 13.13 56.11
C SER I 120 -33.70 13.08 54.63
N PRO I 121 -34.53 13.68 53.78
CA PRO I 121 -34.23 13.70 52.34
C PRO I 121 -32.98 14.51 52.04
N PHE I 122 -32.28 14.11 50.99
CA PHE I 122 -31.13 14.86 50.52
C PHE I 122 -31.60 16.06 49.71
N ALA I 123 -31.10 17.24 50.06
CA ALA I 123 -31.55 18.47 49.42
C ALA I 123 -31.22 18.53 47.93
N GLY I 124 -30.09 17.96 47.51
CA GLY I 124 -29.60 18.14 46.17
C GLY I 124 -30.07 17.14 45.13
N ASP I 125 -31.06 16.33 45.43
CA ASP I 125 -31.53 15.32 44.48
C ASP I 125 -32.57 15.93 43.55
N PRO I 126 -32.37 15.88 42.22
CA PRO I 126 -33.36 16.50 41.32
C PRO I 126 -34.77 15.97 41.50
N ARG I 127 -34.92 14.66 41.71
CA ARG I 127 -36.23 14.11 41.97
C ARG I 127 -36.81 14.68 43.27
N GLY I 128 -35.98 14.82 44.29
CA GLY I 128 -36.42 15.47 45.52
C GLY I 128 -36.85 16.90 45.27
N ILE I 129 -36.13 17.61 44.40
CA ILE I 129 -36.49 18.99 44.07
C ILE I 129 -37.87 19.03 43.41
N LEU I 130 -38.08 18.16 42.43
CA LEU I 130 -39.36 18.14 41.73
C LEU I 130 -40.49 17.78 42.67
N LYS I 131 -40.27 16.80 43.55
CA LYS I 131 -41.32 16.40 44.48
C LYS I 131 -41.61 17.51 45.49
N ARG I 132 -40.58 18.25 45.92
CA ARG I 132 -40.82 19.38 46.80
C ARG I 132 -41.64 20.46 46.11
N VAL I 133 -41.34 20.72 44.84
CA VAL I 133 -42.11 21.74 44.11
C VAL I 133 -43.54 21.26 43.87
N LEU I 134 -43.72 19.96 43.64
CA LEU I 134 -45.08 19.42 43.55
C LEU I 134 -45.81 19.51 44.87
N LYS I 135 -45.10 19.31 45.99
CA LYS I 135 -45.71 19.48 47.30
C LYS I 135 -46.17 20.91 47.52
N GLU I 136 -45.33 21.88 47.16
CA GLU I 136 -45.74 23.28 47.31
C GLU I 136 -46.80 23.68 46.31
N ALA I 137 -46.92 22.94 45.19
CA ALA I 137 -48.06 23.14 44.30
C ALA I 137 -49.34 22.58 44.92
N GLU I 138 -49.26 21.40 45.52
CA GLU I 138 -50.42 20.79 46.18
C GLU I 138 -50.91 21.66 47.32
N GLU I 139 -50.00 22.26 48.08
CA GLU I 139 -50.38 23.17 49.15
C GLU I 139 -51.18 24.36 48.63
N LEU I 140 -51.04 24.67 47.33
CA LEU I 140 -51.83 25.73 46.72
C LEU I 140 -53.14 25.24 46.13
N GLY I 141 -53.44 23.94 46.26
CA GLY I 141 -54.72 23.40 45.85
C GLY I 141 -54.73 22.65 44.54
N TYR I 142 -53.66 22.72 43.75
CA TYR I 142 -53.58 22.02 42.48
C TYR I 142 -53.00 20.63 42.75
N THR I 143 -53.72 19.60 42.31
CA THR I 143 -53.35 18.24 42.69
C THR I 143 -52.11 17.75 41.96
N SER I 144 -51.98 18.03 40.67
CA SER I 144 -50.86 17.49 39.91
C SER I 144 -50.56 18.36 38.69
N MET I 145 -49.48 18.01 38.01
CA MET I 145 -49.04 18.70 36.80
C MET I 145 -48.92 17.67 35.68
N ASN I 146 -49.82 17.74 34.71
CA ASN I 146 -49.78 16.84 33.57
C ASN I 146 -48.73 17.35 32.59
N VAL I 147 -47.78 16.49 32.25
CA VAL I 147 -46.61 16.85 31.45
C VAL I 147 -46.43 15.83 30.35
N GLY I 148 -46.32 16.32 29.11
CA GLY I 148 -46.01 15.48 27.99
C GLY I 148 -44.86 16.06 27.17
N PRO I 149 -43.74 15.34 27.11
CA PRO I 149 -42.58 15.84 26.39
C PRO I 149 -42.59 15.38 24.94
N GLU I 150 -41.80 16.09 24.12
CA GLU I 150 -41.57 15.70 22.73
C GLU I 150 -40.08 15.75 22.43
N PRO I 151 -39.32 14.76 22.93
CA PRO I 151 -37.86 14.77 22.72
C PRO I 151 -37.47 14.19 21.37
N GLU I 152 -36.41 14.75 20.79
CA GLU I 152 -35.85 14.32 19.52
C GLU I 152 -34.40 13.90 19.76
N PHE I 153 -33.93 12.92 18.98
CA PHE I 153 -32.56 12.47 19.11
C PHE I 153 -31.97 12.25 17.73
N PHE I 154 -30.64 12.32 17.67
CA PHE I 154 -29.90 12.12 16.43
C PHE I 154 -29.25 10.74 16.43
N LEU I 155 -29.21 10.14 15.25
CA LEU I 155 -28.58 8.84 15.04
C LEU I 155 -27.44 9.01 14.05
N PHE I 156 -26.26 8.56 14.45
CA PHE I 156 -25.06 8.68 13.63
C PHE I 156 -24.44 7.30 13.41
N LYS I 157 -23.96 7.08 12.19
CA LYS I 157 -23.26 5.84 11.91
C LYS I 157 -21.94 5.80 12.69
N THR I 158 -21.63 4.62 13.21
CA THR I 158 -20.42 4.41 14.00
C THR I 158 -19.31 3.87 13.12
N ASP I 159 -18.09 3.92 13.66
CA ASP I 159 -16.92 3.39 12.96
C ASP I 159 -16.61 1.98 13.46
N GLU I 160 -15.44 1.47 13.09
CA GLU I 160 -15.04 0.13 13.52
C GLU I 160 -14.78 0.07 15.02
N LYS I 161 -14.28 1.16 15.61
CA LYS I 161 -13.94 1.18 17.02
C LYS I 161 -15.11 1.54 17.93
N GLY I 162 -16.29 1.79 17.38
CA GLY I 162 -17.43 2.17 18.19
C GLY I 162 -17.55 3.64 18.47
N ASP I 163 -16.86 4.49 17.73
CA ASP I 163 -16.83 5.94 17.81
C ASP I 163 -17.79 6.54 16.78
N PRO I 164 -18.74 7.36 17.22
CA PRO I 164 -19.68 7.97 16.27
C PRO I 164 -18.97 8.85 15.25
N THR I 165 -19.44 8.77 14.01
CA THR I 165 -18.92 9.59 12.93
C THR I 165 -19.86 10.76 12.68
N THR I 166 -19.62 11.48 11.59
CA THR I 166 -20.37 12.69 11.28
C THR I 166 -21.53 12.45 10.32
N GLU I 167 -21.59 11.28 9.68
CA GLU I 167 -22.59 11.00 8.67
C GLU I 167 -23.85 10.42 9.32
N LEU I 168 -25.01 10.91 8.91
CA LEU I 168 -26.28 10.50 9.51
C LEU I 168 -26.71 9.16 8.96
N ASN I 169 -27.78 8.62 9.55
CA ASN I 169 -28.29 7.32 9.10
C ASN I 169 -29.12 7.43 7.82
N ASP I 170 -29.85 8.52 7.63
CA ASP I 170 -30.64 8.70 6.42
C ASP I 170 -30.53 10.15 5.97
N GLN I 171 -31.24 10.46 4.89
CA GLN I 171 -31.27 11.80 4.32
C GLN I 171 -32.69 12.23 3.99
N GLY I 172 -33.66 11.78 4.79
CA GLY I 172 -35.04 12.16 4.56
C GLY I 172 -35.36 13.55 5.07
N GLY I 173 -36.53 14.04 4.68
CA GLY I 173 -36.99 15.35 5.08
C GLY I 173 -37.89 15.32 6.31
N TYR I 174 -38.70 16.36 6.49
CA TYR I 174 -39.55 16.45 7.68
C TYR I 174 -40.75 15.54 7.53
N PHE I 175 -41.07 14.80 8.60
CA PHE I 175 -42.13 13.79 8.60
C PHE I 175 -42.00 12.84 7.42
N ASP I 176 -40.92 12.07 7.37
CA ASP I 176 -40.67 11.21 6.23
C ASP I 176 -40.87 9.74 6.59
N LEU I 177 -40.74 8.90 5.56
CA LEU I 177 -40.74 7.45 5.71
C LEU I 177 -39.39 6.88 5.27
N ALA I 178 -38.34 7.71 5.34
CA ALA I 178 -37.02 7.28 4.90
C ALA I 178 -36.54 6.02 5.61
N PRO I 179 -36.62 5.92 6.95
CA PRO I 179 -36.23 4.61 7.52
C PRO I 179 -37.33 3.58 7.33
N MET I 180 -37.31 2.94 6.17
CA MET I 180 -38.31 1.96 5.79
C MET I 180 -37.76 0.55 5.98
N ASP I 181 -38.53 -0.45 5.52
CA ASP I 181 -38.12 -1.84 5.45
C ASP I 181 -37.96 -2.48 6.82
N LEU I 182 -36.87 -3.22 7.01
CA LEU I 182 -36.59 -3.90 8.28
C LEU I 182 -35.15 -3.67 8.71
N GLY I 183 -34.30 -3.31 7.74
CA GLY I 183 -32.90 -3.08 8.05
C GLY I 183 -32.66 -1.87 8.91
N GLU I 184 -32.38 -2.11 10.20
CA GLU I 184 -32.03 -1.06 11.16
C GLU I 184 -33.11 0.01 11.26
N ASN I 185 -34.37 -0.43 11.40
CA ASN I 185 -35.45 0.49 11.76
C ASN I 185 -35.44 0.70 13.28
N CYS I 186 -34.58 1.61 13.70
CA CYS I 186 -34.43 1.90 15.12
C CYS I 186 -35.70 2.50 15.70
N ARG I 187 -36.40 3.31 14.89
CA ARG I 187 -37.62 3.99 15.39
C ARG I 187 -38.65 2.93 15.81
N ARG I 188 -38.94 1.95 14.95
CA ARG I 188 -39.93 0.93 15.25
C ARG I 188 -39.53 0.11 16.46
N GLU I 189 -38.26 -0.27 16.53
CA GLU I 189 -37.79 -1.06 17.66
C GLU I 189 -37.95 -0.29 18.96
N ILE I 190 -37.61 1.00 18.96
CA ILE I 190 -37.76 1.81 20.15
C ILE I 190 -39.23 1.89 20.56
N VAL I 191 -40.11 2.12 19.59
CA VAL I 191 -41.54 2.23 19.92
C VAL I 191 -42.03 0.93 20.55
N LEU I 192 -41.66 -0.20 19.95
CA LEU I 192 -42.16 -1.49 20.43
C LEU I 192 -41.60 -1.82 21.81
N LYS I 193 -40.31 -1.55 22.04
CA LYS I 193 -39.73 -1.86 23.34
C LYS I 193 -40.28 -0.94 24.42
N LEU I 194 -40.53 0.33 24.09
CA LEU I 194 -41.16 1.21 25.07
C LEU I 194 -42.59 0.77 25.36
N GLU I 195 -43.30 0.28 24.34
CA GLU I 195 -44.67 -0.20 24.57
C GLU I 195 -44.68 -1.44 25.46
N GLU I 196 -43.80 -2.40 25.17
CA GLU I 196 -43.69 -3.58 26.03
C GLU I 196 -43.19 -3.19 27.42
N MET I 197 -42.47 -2.09 27.51
CA MET I 197 -42.01 -1.60 28.80
C MET I 197 -43.15 -0.99 29.61
N GLY I 198 -44.27 -0.67 28.96
CA GLY I 198 -45.41 -0.11 29.65
C GLY I 198 -45.58 1.37 29.45
N PHE I 199 -44.79 1.95 28.56
CA PHE I 199 -44.88 3.37 28.28
C PHE I 199 -45.90 3.67 27.20
N GLU I 200 -46.56 4.82 27.33
CA GLU I 200 -47.64 5.24 26.44
C GLU I 200 -47.04 6.15 25.38
N ILE I 201 -46.94 5.65 24.15
CA ILE I 201 -46.31 6.37 23.06
C ILE I 201 -47.40 6.97 22.17
N GLU I 202 -47.46 8.30 22.11
CA GLU I 202 -48.46 8.97 21.30
C GLU I 202 -48.13 8.90 19.82
N ALA I 203 -46.86 9.09 19.46
CA ALA I 203 -46.45 9.09 18.06
C ALA I 203 -44.94 9.01 17.97
N SER I 204 -44.45 8.72 16.77
CA SER I 204 -43.03 8.65 16.48
C SER I 204 -42.83 8.91 15.00
N HIS I 205 -41.86 9.77 14.67
CA HIS I 205 -41.76 10.25 13.30
C HIS I 205 -40.36 10.79 13.05
N HIS I 206 -40.12 11.15 11.78
CA HIS I 206 -38.85 11.70 11.36
C HIS I 206 -38.88 13.23 11.45
N GLU I 207 -37.81 13.81 11.96
CA GLU I 207 -37.81 15.22 12.25
C GLU I 207 -37.10 16.00 11.14
N VAL I 208 -36.91 17.30 11.36
CA VAL I 208 -36.56 18.21 10.27
C VAL I 208 -35.21 17.85 9.65
N ALA I 209 -34.20 17.73 10.45
CA ALA I 209 -32.91 17.44 9.85
C ALA I 209 -32.84 15.97 9.47
N PRO I 210 -31.94 15.61 8.57
CA PRO I 210 -31.67 14.18 8.33
C PRO I 210 -31.21 13.50 9.62
N GLY I 211 -31.70 12.29 9.84
CA GLY I 211 -31.25 11.50 10.97
C GLY I 211 -31.80 11.91 12.32
N GLN I 212 -32.89 12.67 12.37
CA GLN I 212 -33.47 13.12 13.63
C GLN I 212 -34.83 12.46 13.84
N HIS I 213 -34.97 11.77 14.97
CA HIS I 213 -36.19 11.05 15.30
C HIS I 213 -36.81 11.62 16.57
N GLU I 214 -38.10 11.97 16.49
CA GLU I 214 -38.82 12.51 17.63
C GLU I 214 -39.78 11.45 18.15
N ILE I 215 -39.85 11.31 19.48
CA ILE I 215 -40.78 10.38 20.11
C ILE I 215 -41.72 11.17 20.99
N ASP I 216 -43.01 11.06 20.72
CA ASP I 216 -44.04 11.79 21.45
C ASP I 216 -44.60 10.89 22.55
N PHE I 217 -44.67 11.41 23.76
CA PHE I 217 -45.23 10.65 24.86
C PHE I 217 -46.67 11.04 25.13
N LYS I 218 -47.45 10.05 25.56
CA LYS I 218 -48.74 10.37 26.14
C LYS I 218 -48.54 10.93 27.54
N TYR I 219 -49.56 11.66 28.00
CA TYR I 219 -49.37 12.53 29.15
C TYR I 219 -49.43 11.74 30.44
N ALA I 220 -48.65 12.19 31.42
CA ALA I 220 -48.54 11.49 32.69
C ALA I 220 -48.21 12.51 33.79
N ASP I 221 -48.17 12.03 35.02
CA ASP I 221 -47.85 12.91 36.14
C ASP I 221 -46.38 13.31 36.08
N ALA I 222 -46.06 14.39 36.78
CA ALA I 222 -44.77 15.05 36.60
C ALA I 222 -43.60 14.12 36.90
N VAL I 223 -43.62 13.49 38.07
CA VAL I 223 -42.50 12.63 38.46
C VAL I 223 -42.40 11.43 37.52
N LYS I 224 -43.54 10.81 37.22
CA LYS I 224 -43.51 9.67 36.32
C LYS I 224 -43.17 10.09 34.90
N ALA I 225 -43.53 11.32 34.51
CA ALA I 225 -43.14 11.82 33.20
C ALA I 225 -41.63 12.00 33.10
N ALA I 226 -41.02 12.55 34.15
CA ALA I 226 -39.56 12.67 34.17
C ALA I 226 -38.89 11.31 34.12
N ASP I 227 -39.42 10.35 34.89
CA ASP I 227 -38.89 9.00 34.82
C ASP I 227 -39.07 8.41 33.42
N GLN I 228 -40.19 8.74 32.78
CA GLN I 228 -40.40 8.33 31.40
C GLN I 228 -39.31 8.87 30.50
N ILE I 229 -38.98 10.15 30.64
CA ILE I 229 -37.95 10.75 29.80
C ILE I 229 -36.60 10.07 30.04
N GLN I 230 -36.27 9.84 31.32
CA GLN I 230 -34.98 9.23 31.63
C GLN I 230 -34.87 7.82 31.04
N THR I 231 -35.85 6.97 31.32
CA THR I 231 -35.81 5.61 30.81
C THR I 231 -35.91 5.62 29.28
N PHE I 232 -36.61 6.61 28.73
CA PHE I 232 -36.67 6.80 27.29
C PHE I 232 -35.27 7.00 26.71
N LYS I 233 -34.51 7.92 27.30
CA LYS I 233 -33.15 8.15 26.83
C LYS I 233 -32.32 6.88 26.93
N LEU I 234 -32.41 6.19 28.07
CA LEU I 234 -31.61 4.98 28.25
C LEU I 234 -31.96 3.93 27.21
N VAL I 235 -33.26 3.74 26.96
CA VAL I 235 -33.67 2.69 26.03
C VAL I 235 -33.28 3.05 24.61
N VAL I 236 -33.45 4.32 24.24
CA VAL I 236 -33.08 4.74 22.89
C VAL I 236 -31.60 4.52 22.65
N LYS I 237 -30.76 4.93 23.60
CA LYS I 237 -29.33 4.71 23.45
C LYS I 237 -28.99 3.22 23.41
N THR I 238 -29.62 2.42 24.28
CA THR I 238 -29.34 0.99 24.29
C THR I 238 -29.65 0.36 22.93
N ILE I 239 -30.82 0.68 22.37
CA ILE I 239 -31.20 0.13 21.09
C ILE I 239 -30.28 0.61 19.98
N ALA I 240 -29.90 1.90 20.01
CA ALA I 240 -29.00 2.42 18.99
C ALA I 240 -27.65 1.71 19.03
N ARG I 241 -27.09 1.51 20.21
CA ARG I 241 -25.87 0.71 20.32
C ARG I 241 -26.09 -0.69 19.78
N GLN I 242 -27.29 -1.26 20.01
CA GLN I 242 -27.56 -2.60 19.53
C GLN I 242 -27.59 -2.67 18.00
N HIS I 243 -28.09 -1.63 17.33
CA HIS I 243 -28.20 -1.62 15.88
C HIS I 243 -26.94 -1.09 15.20
N GLY I 244 -25.85 -0.95 15.95
CA GLY I 244 -24.64 -0.40 15.38
C GLY I 244 -24.73 1.07 15.02
N LEU I 245 -25.46 1.85 15.81
CA LEU I 245 -25.59 3.28 15.62
C LEU I 245 -25.29 3.98 16.94
N HIS I 246 -25.15 5.31 16.87
CA HIS I 246 -24.91 6.11 18.06
C HIS I 246 -26.06 7.08 18.20
N ALA I 247 -26.68 7.09 19.38
CA ALA I 247 -27.79 7.98 19.69
C ALA I 247 -27.30 9.13 20.56
N THR I 248 -27.54 10.35 20.10
CA THR I 248 -27.08 11.54 20.82
C THR I 248 -28.24 12.53 20.96
N PHE I 249 -28.32 13.16 22.12
CA PHE I 249 -29.28 14.24 22.35
C PHE I 249 -28.62 15.61 22.33
N MET I 250 -27.38 15.69 21.87
CA MET I 250 -26.65 16.95 21.95
C MET I 250 -27.43 18.03 21.22
N PRO I 251 -27.72 19.16 21.86
CA PRO I 251 -28.75 20.07 21.33
C PRO I 251 -28.48 20.60 19.93
N LYS I 252 -27.21 20.69 19.53
CA LYS I 252 -26.85 21.16 18.19
C LYS I 252 -25.58 20.47 17.75
N PRO I 253 -25.68 19.25 17.23
CA PRO I 253 -24.46 18.48 16.93
C PRO I 253 -23.71 19.00 15.72
N LEU I 254 -24.41 19.44 14.69
CA LEU I 254 -23.77 19.83 13.45
C LEU I 254 -24.22 21.22 13.04
N PHE I 255 -23.27 22.03 12.58
CA PHE I 255 -23.62 23.36 12.11
C PHE I 255 -24.37 23.27 10.79
N GLY I 256 -25.37 24.14 10.63
CA GLY I 256 -26.15 24.17 9.43
C GLY I 256 -27.38 23.29 9.42
N VAL I 257 -27.60 22.48 10.45
CA VAL I 257 -28.79 21.67 10.57
C VAL I 257 -29.49 22.02 11.87
N ASN I 258 -30.80 21.82 11.88
CA ASN I 258 -31.58 22.14 13.07
C ASN I 258 -31.19 21.21 14.22
N GLY I 259 -31.30 21.73 15.43
CA GLY I 259 -30.93 21.01 16.62
C GLY I 259 -32.06 20.16 17.17
N SER I 260 -31.92 19.78 18.43
CA SER I 260 -32.88 18.92 19.11
C SER I 260 -33.62 19.71 20.18
N GLY I 261 -34.95 19.74 20.09
CA GLY I 261 -35.78 20.42 21.04
C GLY I 261 -36.62 19.43 21.84
N MET I 262 -37.03 19.89 23.02
CA MET I 262 -37.80 19.09 23.96
C MET I 262 -39.03 19.89 24.41
N HIS I 263 -39.82 20.33 23.43
CA HIS I 263 -41.09 20.96 23.72
C HIS I 263 -41.85 20.16 24.78
N CYS I 264 -42.21 20.83 25.86
CA CYS I 264 -42.94 20.19 26.96
C CYS I 264 -44.32 20.82 27.03
N ASN I 265 -45.34 19.97 26.98
CA ASN I 265 -46.72 20.39 27.19
C ASN I 265 -47.05 20.23 28.66
N GLN I 266 -47.54 21.28 29.29
CA GLN I 266 -47.87 21.24 30.70
C GLN I 266 -49.26 21.82 30.94
N SER I 267 -49.92 21.26 31.96
CA SER I 267 -51.24 21.73 32.37
C SER I 267 -51.48 21.35 33.82
N LEU I 268 -52.08 22.25 34.58
CA LEU I 268 -52.36 21.96 35.98
C LEU I 268 -53.65 21.18 36.12
N PHE I 269 -53.67 20.26 37.10
CA PHE I 269 -54.82 19.44 37.39
C PHE I 269 -55.21 19.57 38.86
N LYS I 270 -56.51 19.79 39.09
CA LYS I 270 -57.08 19.88 40.43
C LYS I 270 -58.29 18.94 40.49
N ASP I 271 -58.08 17.74 41.02
CA ASP I 271 -59.13 16.74 41.22
C ASP I 271 -59.82 16.40 39.89
N ASN I 272 -58.99 15.89 38.97
CA ASN I 272 -59.44 15.51 37.63
C ASN I 272 -60.17 16.66 36.95
N GLU I 273 -59.73 17.89 37.21
CA GLU I 273 -60.27 19.07 36.56
C GLU I 273 -59.11 19.88 35.99
N ASN I 274 -59.18 20.17 34.70
CA ASN I 274 -58.18 21.00 34.04
C ASN I 274 -58.49 22.46 34.34
N VAL I 275 -57.74 23.05 35.27
CA VAL I 275 -58.01 24.43 35.68
C VAL I 275 -57.78 25.44 34.57
N PHE I 276 -56.96 25.10 33.57
CA PHE I 276 -56.67 26.01 32.48
C PHE I 276 -57.88 26.28 31.60
N TYR I 277 -58.77 25.32 31.43
CA TYR I 277 -59.87 25.44 30.49
C TYR I 277 -60.94 26.40 31.01
N ASP I 278 -61.47 27.20 30.10
CA ASP I 278 -62.55 28.12 30.43
C ASP I 278 -63.26 28.48 29.14
N GLU I 279 -64.49 27.97 28.96
CA GLU I 279 -65.24 28.26 27.75
C GLU I 279 -65.62 29.73 27.66
N THR I 280 -65.56 30.46 28.77
CA THR I 280 -65.88 31.88 28.75
C THR I 280 -64.77 32.72 28.14
N ASP I 281 -63.54 32.21 28.11
CA ASP I 281 -62.42 32.97 27.56
C ASP I 281 -62.50 33.04 26.04
N GLU I 282 -61.99 34.14 25.48
CA GLU I 282 -61.99 34.31 24.04
C GLU I 282 -61.16 33.24 23.35
N LEU I 283 -59.98 32.94 23.89
CA LEU I 283 -59.13 31.87 23.36
C LEU I 283 -59.30 30.58 24.15
N GLY I 284 -60.20 30.54 25.12
CA GLY I 284 -60.41 29.36 25.92
C GLY I 284 -59.29 29.04 26.88
N LEU I 285 -58.77 30.04 27.58
CA LEU I 285 -57.79 29.84 28.65
C LEU I 285 -58.23 30.61 29.88
N SER I 286 -58.26 29.93 31.02
CA SER I 286 -58.69 30.55 32.26
C SER I 286 -57.62 31.54 32.74
N GLN I 287 -58.02 32.39 33.70
CA GLN I 287 -57.10 33.38 34.24
C GLN I 287 -55.90 32.71 34.90
N THR I 288 -56.10 31.52 35.46
CA THR I 288 -55.00 30.78 36.06
C THR I 288 -53.95 30.41 35.02
N ALA I 289 -54.40 29.97 33.84
CA ALA I 289 -53.46 29.67 32.76
C ALA I 289 -52.68 30.91 32.34
N ARG I 290 -53.36 32.05 32.24
CA ARG I 290 -52.68 33.28 31.85
C ARG I 290 -51.65 33.68 32.89
N HIS I 291 -51.99 33.60 34.17
CA HIS I 291 -51.01 33.90 35.21
C HIS I 291 -49.84 32.93 35.15
N TYR I 292 -50.11 31.65 34.90
CA TYR I 292 -49.06 30.65 34.79
C TYR I 292 -48.09 30.99 33.68
N MET I 293 -48.62 31.27 32.48
CA MET I 293 -47.76 31.55 31.35
C MET I 293 -47.02 32.87 31.54
N ALA I 294 -47.66 33.86 32.17
CA ALA I 294 -46.97 35.12 32.43
C ALA I 294 -45.81 34.91 33.40
N GLY I 295 -46.02 34.10 34.44
CA GLY I 295 -44.94 33.81 35.36
C GLY I 295 -43.80 33.05 34.70
N ILE I 296 -44.13 32.15 33.78
CA ILE I 296 -43.09 31.48 33.01
C ILE I 296 -42.33 32.49 32.15
N LEU I 297 -43.05 33.42 31.53
CA LEU I 297 -42.41 34.42 30.67
C LEU I 297 -41.44 35.30 31.44
N LYS I 298 -41.88 35.79 32.61
CA LYS I 298 -41.06 36.77 33.33
C LYS I 298 -39.71 36.18 33.75
N HIS I 299 -39.71 34.95 34.24
CA HIS I 299 -38.49 34.32 34.73
C HIS I 299 -37.82 33.46 33.67
N ALA I 300 -38.12 33.67 32.39
CA ALA I 300 -37.58 32.83 31.33
C ALA I 300 -36.07 32.91 31.26
N ARG I 301 -35.53 34.14 31.20
CA ARG I 301 -34.08 34.31 31.15
C ARG I 301 -33.42 33.67 32.36
N ALA I 302 -34.08 33.69 33.51
CA ALA I 302 -33.51 33.06 34.69
C ALA I 302 -33.48 31.54 34.54
N MET I 303 -34.59 30.93 34.12
CA MET I 303 -34.64 29.48 34.09
C MET I 303 -33.87 28.89 32.92
N ALA I 304 -33.45 29.71 31.95
CA ALA I 304 -32.70 29.18 30.83
C ALA I 304 -31.42 28.49 31.27
N ALA I 305 -30.81 28.96 32.36
CA ALA I 305 -29.54 28.38 32.81
C ALA I 305 -29.68 26.93 33.24
N ILE I 306 -30.86 26.50 33.65
CA ILE I 306 -31.11 25.12 34.03
C ILE I 306 -31.77 24.35 32.90
N THR I 307 -32.72 24.99 32.20
CA THR I 307 -33.41 24.32 31.12
C THR I 307 -32.61 24.32 29.82
N ASN I 308 -31.53 25.09 29.75
CA ASN I 308 -30.59 25.04 28.60
C ASN I 308 -29.24 24.99 29.32
N PRO I 309 -28.76 23.80 29.77
CA PRO I 309 -27.62 23.75 30.68
C PRO I 309 -26.26 23.71 30.01
N THR I 310 -26.19 23.25 28.76
CA THR I 310 -24.90 23.06 28.11
C THR I 310 -24.43 24.34 27.45
N VAL I 311 -23.13 24.38 27.15
CA VAL I 311 -22.61 25.43 26.28
C VAL I 311 -23.20 25.30 24.89
N ASN I 312 -23.30 24.07 24.39
CA ASN I 312 -23.79 23.83 23.04
C ASN I 312 -25.24 24.25 22.85
N SER I 313 -26.04 24.23 23.91
CA SER I 313 -27.46 24.51 23.77
C SER I 313 -27.70 25.91 23.21
N TYR I 314 -26.93 26.89 23.66
CA TYR I 314 -27.12 28.25 23.17
C TYR I 314 -26.56 28.46 21.77
N LYS I 315 -25.89 27.45 21.21
CA LYS I 315 -25.63 27.45 19.78
C LYS I 315 -26.89 27.13 18.98
N ARG I 316 -27.83 26.43 19.61
CA ARG I 316 -29.10 26.07 18.91
C ARG I 316 -30.01 27.30 18.87
N LEU I 317 -29.97 28.16 19.90
CA LEU I 317 -30.83 29.34 19.95
C LEU I 317 -30.28 30.43 19.02
N VAL I 318 -30.32 30.12 17.73
CA VAL I 318 -29.90 31.06 16.69
C VAL I 318 -31.02 31.13 15.64
N PRO I 319 -31.15 32.25 14.93
CA PRO I 319 -32.27 32.36 13.98
C PRO I 319 -32.12 31.44 12.78
N GLY I 320 -33.26 31.05 12.22
CA GLY I 320 -33.30 30.30 10.99
C GLY I 320 -33.52 28.81 11.09
N TYR I 321 -33.75 28.28 12.30
CA TYR I 321 -33.94 26.84 12.46
C TYR I 321 -35.09 26.52 13.41
N GLU I 322 -36.17 27.30 13.37
CA GLU I 322 -37.37 27.09 14.19
C GLU I 322 -37.11 27.39 15.67
N ALA I 323 -35.86 27.63 16.07
CA ALA I 323 -35.50 27.77 17.47
C ALA I 323 -36.16 29.01 18.07
N PRO I 324 -36.94 28.87 19.19
CA PRO I 324 -37.51 30.03 19.88
C PRO I 324 -36.40 30.77 20.61
N CYS I 325 -36.21 32.05 20.27
CA CYS I 325 -35.17 32.86 20.86
C CYS I 325 -35.67 34.08 21.64
N TYR I 326 -36.97 34.24 21.82
CA TYR I 326 -37.48 35.46 22.44
C TYR I 326 -38.71 35.18 23.29
N VAL I 327 -38.98 36.10 24.21
CA VAL I 327 -40.03 35.98 25.21
C VAL I 327 -41.32 36.58 24.66
N ALA I 328 -42.17 35.73 24.10
CA ALA I 328 -43.49 36.15 23.65
C ALA I 328 -44.37 34.92 23.52
N TRP I 329 -45.67 35.12 23.70
CA TRP I 329 -46.63 34.01 23.65
C TRP I 329 -47.56 34.21 22.47
N SER I 330 -47.86 33.11 21.79
CA SER I 330 -48.76 33.16 20.64
C SER I 330 -49.42 31.80 20.46
N ALA I 331 -50.65 31.83 19.98
CA ALA I 331 -51.31 30.60 19.59
C ALA I 331 -50.70 29.98 18.34
N SER I 332 -50.10 30.79 17.46
CA SER I 332 -49.49 30.28 16.25
C SER I 332 -48.46 31.30 15.77
N ASN I 333 -47.18 30.95 15.86
CA ASN I 333 -46.12 31.78 15.32
C ASN I 333 -44.87 30.91 15.17
N ARG I 334 -43.96 31.37 14.32
CA ARG I 334 -42.76 30.60 14.02
C ARG I 334 -41.96 30.31 15.28
N SER I 335 -41.79 31.32 16.14
CA SER I 335 -41.01 31.10 17.35
C SER I 335 -41.38 32.09 18.45
N PRO I 336 -42.53 31.93 19.09
CA PRO I 336 -42.76 32.62 20.35
C PRO I 336 -42.31 31.74 21.52
N MET I 337 -42.06 32.33 22.69
CA MET I 337 -41.64 31.54 23.87
C MET I 337 -42.70 30.49 24.24
N ILE I 338 -43.98 30.88 24.34
CA ILE I 338 -45.01 29.97 24.83
C ILE I 338 -46.03 29.78 23.73
N ARG I 339 -46.32 28.53 23.39
CA ARG I 339 -47.32 28.20 22.39
C ARG I 339 -48.54 27.64 23.07
N ILE I 340 -49.72 28.10 22.64
CA ILE I 340 -50.99 27.59 23.12
C ILE I 340 -51.65 26.82 21.97
N PRO I 341 -51.71 25.50 22.02
CA PRO I 341 -52.26 24.74 20.89
C PRO I 341 -53.75 24.99 20.73
N ALA I 342 -54.29 24.44 19.64
CA ALA I 342 -55.71 24.59 19.34
C ALA I 342 -56.57 23.67 20.20
N SER I 343 -56.04 22.55 20.66
CA SER I 343 -56.83 21.61 21.45
C SER I 343 -57.29 22.26 22.75
N ARG I 344 -58.55 22.00 23.12
CA ARG I 344 -59.17 22.66 24.26
C ARG I 344 -59.78 21.64 25.21
N GLY I 345 -60.64 22.12 26.10
CA GLY I 345 -61.32 21.22 27.02
C GLY I 345 -60.35 20.68 28.05
N LEU I 346 -60.32 19.37 28.21
CA LEU I 346 -59.34 18.74 29.07
C LEU I 346 -57.96 18.67 28.43
N SER I 347 -57.85 19.03 27.15
CA SER I 347 -56.60 18.97 26.41
C SER I 347 -55.99 20.36 26.18
N THR I 348 -56.54 21.39 26.80
CA THR I 348 -55.89 22.70 26.74
C THR I 348 -54.58 22.64 27.51
N ARG I 349 -53.55 23.30 26.99
CA ARG I 349 -52.22 23.12 27.53
C ARG I 349 -51.34 24.31 27.16
N VAL I 350 -50.20 24.42 27.84
CA VAL I 350 -49.17 25.40 27.51
C VAL I 350 -47.94 24.64 27.04
N GLU I 351 -47.42 25.00 25.87
CA GLU I 351 -46.25 24.33 25.32
C GLU I 351 -45.05 25.25 25.45
N VAL I 352 -44.08 24.86 26.30
CA VAL I 352 -42.82 25.65 26.40
C VAL I 352 -41.80 25.01 25.45
N ARG I 353 -41.37 25.74 24.41
CA ARG I 353 -40.48 25.16 23.37
C ARG I 353 -39.00 25.42 23.70
N ASN I 354 -38.72 26.19 24.76
CA ASN I 354 -37.31 26.50 25.17
C ASN I 354 -36.54 25.23 25.61
N PRO I 355 -37.01 24.35 26.53
CA PRO I 355 -36.23 23.19 27.04
C PRO I 355 -35.46 22.30 26.05
N ASP I 356 -34.44 21.58 26.55
CA ASP I 356 -33.57 20.76 25.67
C ASP I 356 -33.50 19.30 26.11
N PRO I 357 -33.28 18.30 25.23
CA PRO I 357 -33.14 16.92 25.71
C PRO I 357 -31.92 16.79 26.62
N ALA I 358 -30.87 17.60 26.41
CA ALA I 358 -29.74 17.57 27.33
C ALA I 358 -30.11 18.09 28.71
N ALA I 359 -31.14 18.92 28.82
CA ALA I 359 -31.52 19.48 30.12
C ALA I 359 -32.16 18.41 30.99
N ASN I 360 -31.93 18.54 32.29
CA ASN I 360 -32.49 17.59 33.25
C ASN I 360 -34.00 17.75 33.31
N PRO I 361 -34.78 16.70 33.08
CA PRO I 361 -36.25 16.87 33.09
C PRO I 361 -36.79 17.22 34.47
N TYR I 362 -36.27 16.59 35.52
CA TYR I 362 -36.71 16.91 36.87
C TYR I 362 -36.52 18.40 37.15
N LEU I 363 -35.30 18.90 36.94
CA LEU I 363 -35.02 20.30 37.23
C LEU I 363 -35.81 21.22 36.31
N ALA I 364 -35.92 20.88 35.02
CA ALA I 364 -36.62 21.76 34.09
C ALA I 364 -38.09 21.89 34.46
N LEU I 365 -38.75 20.77 34.72
CA LEU I 365 -40.15 20.83 35.13
C LEU I 365 -40.30 21.54 36.47
N ALA I 366 -39.37 21.29 37.40
CA ALA I 366 -39.46 21.94 38.71
C ALA I 366 -39.38 23.45 38.58
N VAL I 367 -38.41 23.96 37.82
CA VAL I 367 -38.27 25.41 37.70
C VAL I 367 -39.42 26.01 36.90
N MET I 368 -39.88 25.30 35.86
CA MET I 368 -41.03 25.79 35.11
C MET I 368 -42.25 25.96 36.02
N LEU I 369 -42.58 24.91 36.77
CA LEU I 369 -43.74 24.99 37.64
C LEU I 369 -43.55 26.01 38.75
N ARG I 370 -42.35 26.12 39.31
CA ARG I 370 -42.14 27.09 40.37
C ARG I 370 -42.33 28.52 39.87
N ALA I 371 -41.75 28.84 38.72
CA ALA I 371 -41.92 30.17 38.16
C ALA I 371 -43.38 30.43 37.81
N GLY I 372 -44.06 29.43 37.23
CA GLY I 372 -45.46 29.60 36.91
C GLY I 372 -46.33 29.81 38.13
N LEU I 373 -46.06 29.06 39.20
CA LEU I 373 -46.82 29.24 40.43
C LEU I 373 -46.54 30.59 41.06
N ASP I 374 -45.31 31.08 40.94
CA ASP I 374 -45.03 32.44 41.39
C ASP I 374 -45.85 33.45 40.60
N GLY I 375 -45.91 33.26 39.28
CA GLY I 375 -46.75 34.14 38.47
C GLY I 375 -48.21 34.05 38.86
N ILE I 376 -48.68 32.86 39.21
CA ILE I 376 -50.07 32.68 39.63
C ILE I 376 -50.31 33.43 40.94
N LYS I 377 -49.41 33.27 41.90
CA LYS I 377 -49.58 33.91 43.20
C LYS I 377 -49.54 35.43 43.09
N ARG I 378 -48.60 35.97 42.31
CA ARG I 378 -48.51 37.40 42.15
C ARG I 378 -49.53 37.95 41.14
N GLN I 379 -50.26 37.08 40.45
CA GLN I 379 -51.27 37.49 39.49
C GLN I 379 -50.69 38.45 38.45
N MET I 380 -49.58 38.03 37.86
CA MET I 380 -48.86 38.86 36.91
C MET I 380 -49.71 39.15 35.69
N ALA I 381 -49.66 40.39 35.22
CA ALA I 381 -50.43 40.82 34.07
C ALA I 381 -49.80 40.27 32.79
N LEU I 382 -50.55 39.47 32.06
CA LEU I 382 -50.03 38.84 30.86
C LEU I 382 -49.86 39.88 29.75
N PRO I 383 -48.69 39.99 29.15
CA PRO I 383 -48.53 40.91 28.02
C PRO I 383 -49.32 40.43 26.81
N ALA I 384 -49.44 41.32 25.84
CA ALA I 384 -50.22 41.01 24.65
C ALA I 384 -49.56 39.89 23.86
N PRO I 385 -50.32 39.05 23.17
CA PRO I 385 -49.72 38.02 22.34
C PRO I 385 -49.02 38.61 21.13
N ILE I 386 -48.03 37.88 20.64
CA ILE I 386 -47.32 38.28 19.42
C ILE I 386 -48.09 37.77 18.21
N ASP I 387 -48.34 38.66 17.26
CA ASP I 387 -49.10 38.34 16.06
C ASP I 387 -48.17 37.66 15.07
N ARG I 388 -48.59 37.58 13.79
CA ARG I 388 -47.74 36.99 12.77
C ARG I 388 -46.45 37.79 12.58
N ASN I 389 -46.41 39.01 13.12
CA ASN I 389 -45.19 39.81 13.10
C ASN I 389 -44.03 39.00 13.63
N ILE I 390 -43.02 38.80 12.76
CA ILE I 390 -41.92 37.86 13.10
C ILE I 390 -40.73 38.60 13.74
N TYR I 391 -39.51 38.10 13.56
CA TYR I 391 -38.36 38.65 14.27
C TYR I 391 -37.41 39.33 13.31
N VAL I 392 -37.95 40.03 12.31
CA VAL I 392 -37.13 40.86 11.43
C VAL I 392 -36.98 42.28 11.96
N MET I 393 -37.70 42.64 13.01
CA MET I 393 -37.65 44.00 13.52
C MET I 393 -36.33 44.27 14.24
N SER I 394 -36.05 45.55 14.43
CA SER I 394 -34.79 45.97 15.03
C SER I 394 -34.81 45.75 16.55
N GLU I 395 -33.62 45.83 17.15
CA GLU I 395 -33.51 45.73 18.60
C GLU I 395 -34.26 46.87 19.28
N GLU I 396 -34.17 48.08 18.73
CA GLU I 396 -34.96 49.20 19.25
C GLU I 396 -36.45 48.90 19.13
N GLU I 397 -36.87 48.35 17.99
CA GLU I 397 -38.26 47.93 17.86
C GLU I 397 -38.57 46.75 18.75
N ARG I 398 -37.60 45.84 18.95
CA ARG I 398 -37.84 44.67 19.79
C ARG I 398 -38.11 45.06 21.23
N ILE I 399 -37.34 46.02 21.76
CA ILE I 399 -37.61 46.52 23.10
C ILE I 399 -38.77 47.49 23.13
N GLU I 400 -39.10 48.13 22.01
CA GLU I 400 -40.26 49.01 21.95
C GLU I 400 -41.55 48.23 22.15
N GLU I 401 -41.64 47.05 21.56
CA GLU I 401 -42.79 46.17 21.75
C GLU I 401 -42.70 45.34 23.03
N GLY I 402 -41.61 45.47 23.78
CA GLY I 402 -41.44 44.70 25.00
C GLY I 402 -41.21 43.22 24.79
N ILE I 403 -40.32 42.85 23.87
CA ILE I 403 -40.01 41.46 23.57
C ILE I 403 -38.56 41.20 24.00
N PRO I 404 -38.34 40.63 25.17
CA PRO I 404 -36.95 40.34 25.59
C PRO I 404 -36.39 39.15 24.85
N SER I 405 -35.16 38.81 25.19
CA SER I 405 -34.43 37.73 24.53
C SER I 405 -33.86 36.75 25.55
N LEU I 406 -33.68 35.51 25.09
CA LEU I 406 -33.06 34.48 25.95
C LEU I 406 -31.55 34.76 26.00
N PRO I 407 -30.85 34.40 27.09
CA PRO I 407 -29.42 34.68 27.24
C PRO I 407 -28.62 34.09 26.09
N ALA I 408 -27.52 34.76 25.76
CA ALA I 408 -26.71 34.38 24.60
C ALA I 408 -25.87 33.13 24.85
N ASP I 409 -25.50 32.85 26.09
CA ASP I 409 -24.64 31.72 26.41
C ASP I 409 -24.72 31.46 27.91
N LEU I 410 -23.96 30.46 28.37
CA LEU I 410 -24.08 30.03 29.77
C LEU I 410 -23.70 31.13 30.75
N LYS I 411 -22.81 32.05 30.37
CA LYS I 411 -22.37 33.05 31.33
C LYS I 411 -23.51 33.98 31.72
N GLU I 412 -24.21 34.53 30.73
CA GLU I 412 -25.35 35.40 31.02
C GLU I 412 -26.45 34.63 31.73
N ALA I 413 -26.68 33.39 31.33
CA ALA I 413 -27.70 32.57 31.98
C ALA I 413 -27.37 32.37 33.46
N LEU I 414 -26.10 32.09 33.77
CA LEU I 414 -25.69 31.89 35.16
C LEU I 414 -25.82 33.17 35.97
N SER I 415 -25.44 34.30 35.38
CA SER I 415 -25.59 35.57 36.10
C SER I 415 -27.06 35.85 36.40
N GLU I 416 -27.94 35.60 35.42
CA GLU I 416 -29.36 35.78 35.66
C GLU I 416 -29.89 34.82 36.72
N LEU I 417 -29.42 33.57 36.70
CA LEU I 417 -29.85 32.60 37.70
C LEU I 417 -29.47 33.06 39.10
N ILE I 418 -28.25 33.54 39.28
CA ILE I 418 -27.84 34.02 40.59
C ILE I 418 -28.68 35.24 40.98
N ARG I 419 -28.90 36.15 40.04
CA ARG I 419 -29.68 37.34 40.35
C ARG I 419 -31.17 37.07 40.52
N SER I 420 -31.64 35.87 40.16
CA SER I 420 -33.05 35.54 40.33
C SER I 420 -33.28 34.90 41.69
N GLU I 421 -34.28 35.41 42.40
CA GLU I 421 -34.57 34.95 43.75
C GLU I 421 -35.64 33.86 43.81
N VAL I 422 -36.21 33.47 42.67
CA VAL I 422 -37.27 32.47 42.70
C VAL I 422 -36.71 31.08 42.46
N ILE I 423 -36.11 30.86 41.28
CA ILE I 423 -35.61 29.53 40.96
C ILE I 423 -34.39 29.16 41.77
N SER I 424 -33.64 30.14 42.28
CA SER I 424 -32.59 29.83 43.24
C SER I 424 -33.18 29.19 44.49
N ASP I 425 -34.30 29.73 44.98
CA ASP I 425 -35.01 29.09 46.08
C ASP I 425 -35.54 27.73 45.68
N ALA I 426 -36.09 27.60 44.47
CA ALA I 426 -36.65 26.34 44.02
C ALA I 426 -35.59 25.24 44.02
N LEU I 427 -34.41 25.53 43.47
CA LEU I 427 -33.35 24.54 43.45
C LEU I 427 -32.83 24.25 44.85
N GLY I 428 -32.95 25.20 45.76
CA GLY I 428 -32.43 25.03 47.10
C GLY I 428 -31.00 25.57 47.23
N ASP I 429 -30.67 25.97 48.45
CA ASP I 429 -29.40 26.65 48.69
C ASP I 429 -28.22 25.72 48.43
N HIS I 430 -28.30 24.47 48.86
CA HIS I 430 -27.18 23.55 48.69
C HIS I 430 -26.98 23.20 47.22
N ALA I 431 -28.06 22.87 46.51
CA ALA I 431 -27.94 22.45 45.13
C ALA I 431 -27.55 23.60 44.22
N LEU I 432 -27.99 24.82 44.55
CA LEU I 432 -27.68 25.98 43.71
C LEU I 432 -26.18 26.19 43.65
N ALA I 433 -25.50 26.12 44.79
CA ALA I 433 -24.06 26.34 44.82
C ALA I 433 -23.33 25.33 43.96
N TYR I 434 -23.70 24.06 44.07
CA TYR I 434 -22.97 23.03 43.33
C TYR I 434 -23.26 23.11 41.84
N PHE I 435 -24.51 23.37 41.46
CA PHE I 435 -24.81 23.56 40.04
C PHE I 435 -24.07 24.76 39.46
N TYR I 436 -24.04 25.87 40.21
CA TYR I 436 -23.31 27.04 39.75
C TYR I 436 -21.83 26.74 39.60
N GLU I 437 -21.26 25.99 40.54
CA GLU I 437 -19.85 25.64 40.47
C GLU I 437 -19.57 24.78 39.25
N LEU I 438 -20.42 23.79 38.99
CA LEU I 438 -20.24 22.93 37.82
C LEU I 438 -20.30 23.75 36.54
N LYS I 439 -21.30 24.61 36.41
CA LYS I 439 -21.43 25.39 35.19
C LYS I 439 -20.31 26.42 35.05
N GLU I 440 -19.86 26.99 36.15
CA GLU I 440 -18.71 27.90 36.10
C GLU I 440 -17.47 27.18 35.60
N ILE I 441 -17.20 25.98 36.12
CA ILE I 441 -16.04 25.24 35.67
C ILE I 441 -16.17 24.89 34.20
N GLU I 442 -17.36 24.44 33.78
CA GLU I 442 -17.56 24.08 32.37
C GLU I 442 -17.33 25.27 31.46
N TRP I 443 -17.91 26.43 31.81
CA TRP I 443 -17.75 27.61 30.97
C TRP I 443 -16.30 28.09 30.97
N ASP I 444 -15.63 28.02 32.11
CA ASP I 444 -14.23 28.42 32.17
C ASP I 444 -13.38 27.53 31.28
N MET I 445 -13.66 26.24 31.27
CA MET I 445 -12.96 25.34 30.35
C MET I 445 -13.26 25.70 28.90
N TYR I 446 -14.51 26.03 28.60
CA TYR I 446 -14.88 26.28 27.21
C TYR I 446 -14.29 27.57 26.68
N ARG I 447 -14.29 28.63 27.48
CA ARG I 447 -13.91 29.95 26.97
C ARG I 447 -12.43 30.04 26.64
N THR I 448 -11.58 29.23 27.26
CA THR I 448 -10.15 29.35 27.05
C THR I 448 -9.63 28.40 25.96
N GLN I 449 -10.50 27.65 25.30
CA GLN I 449 -10.06 26.79 24.22
C GLN I 449 -9.74 27.62 22.98
N VAL I 450 -8.92 27.05 22.11
CA VAL I 450 -8.62 27.65 20.81
C VAL I 450 -9.12 26.68 19.74
N HIS I 451 -10.25 27.03 19.14
CA HIS I 451 -10.93 26.12 18.23
C HIS I 451 -10.33 26.19 16.84
N GLN I 452 -10.70 25.21 16.01
CA GLN I 452 -10.18 25.14 14.66
C GLN I 452 -10.70 26.27 13.77
N TRP I 453 -11.89 26.78 14.07
CA TRP I 453 -12.45 27.85 13.26
C TRP I 453 -11.58 29.09 13.33
N GLU I 454 -11.01 29.39 14.51
CA GLU I 454 -10.11 30.52 14.63
C GLU I 454 -8.88 30.33 13.76
N ARG I 455 -8.29 29.14 13.76
CA ARG I 455 -7.13 28.89 12.91
C ARG I 455 -7.51 28.91 11.45
N ASP I 456 -8.78 28.65 11.12
CA ASP I 456 -9.21 28.76 9.74
C ASP I 456 -9.29 30.23 9.31
N GLN I 457 -9.98 31.05 10.09
CA GLN I 457 -10.13 32.46 9.75
C GLN I 457 -8.79 33.19 9.88
N TYR I 458 -8.12 33.01 11.01
CA TYR I 458 -6.83 33.63 11.26
C TYR I 458 -5.72 32.66 10.83
N LEU I 459 -4.50 32.92 11.27
CA LEU I 459 -3.33 32.11 10.98
C LEU I 459 -2.90 32.33 9.53
N THR I 460 -3.70 33.06 8.78
CA THR I 460 -3.36 33.54 7.45
C THR I 460 -3.64 35.03 7.27
N LEU I 461 -4.75 35.53 7.85
CA LEU I 461 -5.10 36.93 7.70
C LEU I 461 -4.23 37.81 8.59
N TYR I 462 -3.80 37.29 9.73
CA TYR I 462 -2.90 38.02 10.62
C TYR I 462 -1.59 37.28 10.79
N SER J 22 6.07 53.31 -36.32
CA SER J 22 5.68 52.42 -37.40
C SER J 22 6.86 51.59 -37.89
N TYR J 23 6.64 50.85 -38.97
CA TYR J 23 7.66 49.97 -39.52
C TYR J 23 7.43 49.85 -41.02
N THR J 24 8.43 49.32 -41.72
CA THR J 24 8.32 49.03 -43.14
C THR J 24 8.97 47.69 -43.44
N ARG J 25 8.85 47.27 -44.70
CA ARG J 25 9.38 45.98 -45.12
C ARG J 25 10.88 45.89 -44.85
N GLU J 26 11.63 46.90 -45.29
CA GLU J 26 13.08 46.87 -45.11
C GLU J 26 13.44 46.96 -43.63
N ASP J 27 12.68 47.75 -42.86
CA ASP J 27 12.90 47.77 -41.42
C ASP J 27 12.66 46.40 -40.80
N ILE J 28 11.60 45.71 -41.24
CA ILE J 28 11.29 44.39 -40.70
C ILE J 28 12.43 43.43 -41.01
N ILE J 29 12.92 43.46 -42.26
CA ILE J 29 14.01 42.57 -42.66
C ILE J 29 15.27 42.87 -41.86
N ARG J 30 15.59 44.15 -41.68
CA ARG J 30 16.77 44.52 -40.91
C ARG J 30 16.66 44.05 -39.47
N ILE J 31 15.49 44.26 -38.86
CA ILE J 31 15.30 43.86 -37.47
C ILE J 31 15.42 42.34 -37.34
N ALA J 32 14.83 41.60 -38.27
CA ALA J 32 14.95 40.15 -38.25
C ALA J 32 16.41 39.73 -38.39
N GLU J 33 17.15 40.40 -39.27
CA GLU J 33 18.56 40.05 -39.45
C GLU J 33 19.38 40.34 -38.20
N GLU J 34 19.13 41.47 -37.54
CA GLU J 34 19.98 41.86 -36.42
C GLU J 34 19.58 41.17 -35.13
N GLU J 35 18.29 40.91 -34.93
CA GLU J 35 17.81 40.32 -33.70
C GLU J 35 17.90 38.79 -33.71
N ASN J 36 18.35 38.21 -34.82
CA ASN J 36 18.42 36.76 -34.99
C ASN J 36 17.05 36.11 -34.78
N VAL J 37 16.01 36.77 -35.29
CA VAL J 37 14.68 36.19 -35.29
C VAL J 37 14.66 34.98 -36.22
N ARG J 38 14.23 33.83 -35.71
CA ARG J 38 14.21 32.61 -36.49
C ARG J 38 12.83 32.03 -36.71
N PHE J 39 11.82 32.49 -35.98
CA PHE J 39 10.54 31.80 -35.88
C PHE J 39 9.44 32.85 -35.86
N ILE J 40 8.49 32.74 -36.80
CA ILE J 40 7.51 33.79 -37.04
C ILE J 40 6.11 33.22 -36.82
N ARG J 41 5.27 33.98 -36.13
CA ARG J 41 3.88 33.59 -35.90
C ARG J 41 2.97 34.51 -36.70
N LEU J 42 2.58 34.05 -37.90
CA LEU J 42 1.57 34.74 -38.70
C LEU J 42 0.24 34.52 -38.00
N GLN J 43 -0.16 35.50 -37.19
CA GLN J 43 -1.19 35.28 -36.18
C GLN J 43 -2.46 36.04 -36.49
N PHE J 44 -3.60 35.42 -36.17
CA PHE J 44 -4.91 36.03 -36.34
C PHE J 44 -5.89 35.34 -35.39
N THR J 45 -7.18 35.62 -35.59
CA THR J 45 -8.22 35.11 -34.70
C THR J 45 -9.40 34.60 -35.53
N ASP J 46 -10.14 33.65 -34.96
CA ASP J 46 -11.37 33.15 -35.55
C ASP J 46 -12.57 33.84 -34.91
N LEU J 47 -13.76 33.38 -35.27
CA LEU J 47 -14.97 33.91 -34.66
C LEU J 47 -15.12 33.44 -33.21
N LEU J 48 -14.51 32.31 -32.87
CA LEU J 48 -14.58 31.79 -31.51
C LEU J 48 -13.71 32.57 -30.54
N GLY J 49 -12.76 33.36 -31.04
CA GLY J 49 -11.85 34.11 -30.20
C GLY J 49 -10.53 33.44 -29.94
N THR J 50 -10.43 32.13 -30.15
CA THR J 50 -9.19 31.42 -29.88
C THR J 50 -8.08 31.91 -30.82
N ILE J 51 -6.89 32.06 -30.27
CA ILE J 51 -5.76 32.62 -31.01
C ILE J 51 -5.25 31.59 -32.00
N LYS J 52 -5.29 31.91 -33.29
CA LYS J 52 -4.84 31.01 -34.34
C LYS J 52 -3.63 31.63 -35.03
N ASN J 53 -2.83 30.77 -35.69
CA ASN J 53 -1.62 31.28 -36.32
C ASN J 53 -1.03 30.25 -37.27
N VAL J 54 0.07 30.66 -37.91
CA VAL J 54 0.90 29.79 -38.72
C VAL J 54 2.35 30.03 -38.32
N GLU J 55 3.10 28.94 -38.11
CA GLU J 55 4.51 29.07 -37.76
C GLU J 55 5.38 28.99 -39.00
N ILE J 56 6.30 29.94 -39.13
CA ILE J 56 7.09 30.09 -40.34
C ILE J 56 8.57 30.23 -39.99
N PRO J 57 9.48 29.62 -40.75
CA PRO J 57 10.90 29.90 -40.57
C PRO J 57 11.26 31.26 -41.14
N VAL J 58 12.41 31.78 -40.72
CA VAL J 58 12.81 33.13 -41.11
C VAL J 58 13.03 33.25 -42.61
N SER J 59 13.44 32.18 -43.27
CA SER J 59 13.77 32.25 -44.69
C SER J 59 12.57 32.56 -45.58
N GLN J 60 11.35 32.40 -45.07
CA GLN J 60 10.14 32.75 -45.81
C GLN J 60 9.63 34.14 -45.49
N LEU J 61 10.33 34.87 -44.62
CA LEU J 61 9.81 36.14 -44.12
C LEU J 61 9.51 37.11 -45.25
N GLU J 62 10.41 37.20 -46.24
CA GLU J 62 10.15 38.07 -47.37
C GLU J 62 8.83 37.70 -48.05
N LYS J 63 8.60 36.41 -48.29
CA LYS J 63 7.34 35.99 -48.88
C LYS J 63 6.17 36.34 -47.97
N ALA J 64 6.40 36.28 -46.65
CA ALA J 64 5.36 36.70 -45.71
C ALA J 64 5.05 38.18 -45.89
N LEU J 65 6.07 39.00 -46.15
CA LEU J 65 5.84 40.43 -46.31
C LEU J 65 5.18 40.76 -47.64
N ASP J 66 5.11 39.79 -48.55
CA ASP J 66 4.54 39.99 -49.87
C ASP J 66 3.03 39.80 -49.89
N ASN J 67 2.43 39.41 -48.76
CA ASN J 67 1.01 39.09 -48.70
C ASN J 67 0.65 37.99 -49.69
N LYS J 68 1.40 36.89 -49.64
CA LYS J 68 1.20 35.78 -50.57
C LYS J 68 0.98 34.45 -49.85
N MET J 69 1.15 34.42 -48.53
CA MET J 69 0.95 33.19 -47.76
C MET J 69 -0.52 32.82 -47.75
N MET J 70 -0.82 31.54 -47.97
CA MET J 70 -2.19 31.04 -48.01
C MET J 70 -2.39 29.91 -47.01
N PHE J 71 -3.63 29.73 -46.59
CA PHE J 71 -4.00 28.66 -45.66
C PHE J 71 -5.47 28.31 -45.92
N ASP J 72 -6.03 27.50 -45.01
CA ASP J 72 -7.37 26.95 -45.22
C ASP J 72 -8.40 28.04 -45.40
N GLY J 73 -8.44 29.00 -44.49
CA GLY J 73 -9.43 30.06 -44.51
C GLY J 73 -10.76 29.68 -43.90
N SER J 74 -11.30 28.51 -44.28
CA SER J 74 -12.57 28.05 -43.71
C SER J 74 -12.49 27.83 -42.21
N SER J 75 -11.29 27.72 -41.64
CA SER J 75 -11.16 27.56 -40.20
C SER J 75 -11.71 28.76 -39.45
N ILE J 76 -11.89 29.90 -40.12
CA ILE J 76 -12.56 31.04 -39.50
C ILE J 76 -13.95 30.65 -39.02
N GLU J 77 -14.67 29.84 -39.81
CA GLU J 77 -16.00 29.42 -39.40
C GLU J 77 -15.97 28.46 -38.23
N GLY J 78 -14.80 27.96 -37.84
CA GLY J 78 -14.67 27.09 -36.69
C GLY J 78 -14.68 25.61 -37.03
N TYR J 79 -15.26 24.79 -36.15
CA TYR J 79 -15.38 23.37 -36.41
C TYR J 79 -16.65 23.02 -37.19
N VAL J 80 -17.43 24.03 -37.58
CA VAL J 80 -18.62 23.82 -38.39
C VAL J 80 -18.33 24.04 -39.87
N ARG J 81 -17.04 24.14 -40.24
CA ARG J 81 -16.68 24.33 -41.63
C ARG J 81 -17.07 23.11 -42.46
N ILE J 82 -17.72 23.35 -43.59
CA ILE J 82 -18.22 22.29 -44.45
C ILE J 82 -17.52 22.28 -45.81
N GLU J 83 -17.18 23.46 -46.33
CA GLU J 83 -16.52 23.54 -47.63
C GLU J 83 -15.20 24.28 -47.47
N GLU J 84 -14.17 23.75 -48.11
CA GLU J 84 -12.81 24.28 -47.96
C GLU J 84 -12.60 25.47 -48.87
N SER J 85 -11.76 26.40 -48.43
CA SER J 85 -11.37 27.57 -49.18
C SER J 85 -9.85 27.65 -49.25
N ASP J 86 -9.37 28.76 -49.81
CA ASP J 86 -7.94 29.11 -49.77
C ASP J 86 -7.88 30.60 -49.51
N MET J 87 -7.24 30.99 -48.41
CA MET J 87 -7.31 32.38 -48.00
C MET J 87 -5.92 32.87 -47.62
N TYR J 88 -5.63 34.12 -47.97
CA TYR J 88 -4.29 34.67 -47.82
C TYR J 88 -4.18 35.52 -46.58
N LEU J 89 -2.99 35.46 -45.97
CA LEU J 89 -2.67 36.24 -44.78
C LEU J 89 -1.97 37.52 -45.19
N TYR J 90 -2.54 38.66 -44.79
CA TYR J 90 -1.93 39.96 -45.06
C TYR J 90 -1.47 40.56 -43.74
N PRO J 91 -0.18 40.54 -43.44
CA PRO J 91 0.27 41.03 -42.12
C PRO J 91 0.15 42.55 -42.03
N ASP J 92 0.04 43.03 -40.79
CA ASP J 92 0.06 44.45 -40.50
C ASP J 92 1.39 44.77 -39.85
N LEU J 93 2.28 45.39 -40.61
CA LEU J 93 3.65 45.58 -40.17
C LEU J 93 3.74 46.40 -38.89
N ASP J 94 2.80 47.33 -38.70
CA ASP J 94 2.80 48.17 -37.51
C ASP J 94 2.60 47.37 -36.23
N THR J 95 2.11 46.13 -36.33
CA THR J 95 1.88 45.28 -35.17
C THR J 95 2.99 44.28 -34.94
N TRP J 96 4.13 44.43 -35.62
CA TRP J 96 5.27 43.53 -35.41
C TRP J 96 5.75 43.64 -33.96
N VAL J 97 6.19 42.51 -33.41
CA VAL J 97 6.77 42.48 -32.07
C VAL J 97 7.53 41.18 -31.94
N VAL J 98 8.47 41.13 -31.02
CA VAL J 98 9.32 39.96 -30.81
C VAL J 98 9.19 39.52 -29.36
N PHE J 99 8.97 38.23 -29.14
CA PHE J 99 8.70 37.71 -27.81
C PHE J 99 9.97 37.75 -26.97
N PRO J 100 9.92 38.35 -25.77
CA PRO J 100 11.09 38.33 -24.88
C PRO J 100 11.11 37.13 -23.95
N TRP J 101 11.33 35.93 -24.49
CA TRP J 101 11.32 34.73 -23.67
C TRP J 101 12.70 34.33 -23.16
N VAL J 102 13.72 35.14 -23.43
CA VAL J 102 15.08 34.90 -22.97
C VAL J 102 15.48 33.47 -23.34
N THR J 103 15.63 33.23 -24.64
CA THR J 103 16.09 31.93 -25.13
C THR J 103 16.73 32.15 -26.50
N SER J 104 17.55 31.20 -26.92
CA SER J 104 18.13 31.25 -28.26
C SER J 104 17.05 30.98 -29.29
N ASP J 105 17.33 31.25 -30.56
CA ASP J 105 16.35 31.13 -31.64
C ASP J 105 15.12 31.98 -31.32
N ARG J 106 15.34 33.29 -31.21
CA ARG J 106 14.31 34.19 -30.72
C ARG J 106 13.16 34.26 -31.69
N VAL J 107 11.94 34.41 -31.17
CA VAL J 107 10.71 34.23 -31.94
C VAL J 107 9.99 35.57 -32.08
N ALA J 108 9.29 35.75 -33.19
CA ALA J 108 8.65 37.01 -33.53
C ALA J 108 7.17 36.79 -33.83
N ARG J 109 6.40 37.87 -33.68
CA ARG J 109 4.95 37.82 -33.84
C ARG J 109 4.52 38.81 -34.91
N LEU J 110 3.58 38.40 -35.76
CA LEU J 110 2.91 39.32 -36.67
C LEU J 110 1.41 39.07 -36.59
N ILE J 111 0.64 40.16 -36.54
CA ILE J 111 -0.81 40.09 -36.56
C ILE J 111 -1.30 40.36 -37.97
N CYS J 112 -2.16 39.49 -38.48
CA CYS J 112 -2.53 39.49 -39.88
C CYS J 112 -4.03 39.61 -40.04
N ASP J 113 -4.43 40.16 -41.17
CA ASP J 113 -5.82 40.10 -41.63
C ASP J 113 -5.95 38.98 -42.66
N ILE J 114 -7.18 38.59 -42.94
CA ILE J 114 -7.47 37.50 -43.86
C ILE J 114 -8.12 38.07 -45.10
N TYR J 115 -7.64 37.63 -46.27
CA TYR J 115 -8.16 38.13 -47.53
C TYR J 115 -8.53 36.97 -48.45
N LYS J 116 -9.55 37.20 -49.28
CA LYS J 116 -9.96 36.22 -50.26
C LYS J 116 -8.91 36.09 -51.36
N PRO J 117 -8.92 34.99 -52.11
CA PRO J 117 -7.97 34.86 -53.22
C PRO J 117 -8.13 35.94 -54.29
N ASP J 118 -9.32 36.51 -54.44
CA ASP J 118 -9.50 37.56 -55.44
C ASP J 118 -9.11 38.93 -54.93
N GLY J 119 -8.68 39.05 -53.68
CA GLY J 119 -8.18 40.29 -53.11
C GLY J 119 -9.13 40.99 -52.18
N SER J 120 -10.42 40.67 -52.23
CA SER J 120 -11.38 41.34 -51.36
C SER J 120 -11.26 40.85 -49.92
N PRO J 121 -11.62 41.68 -48.95
CA PRO J 121 -11.56 41.25 -47.56
C PRO J 121 -12.58 40.15 -47.27
N PHE J 122 -12.23 39.30 -46.31
CA PHE J 122 -13.15 38.25 -45.87
C PHE J 122 -14.16 38.86 -44.90
N ALA J 123 -15.44 38.62 -45.18
CA ALA J 123 -16.50 39.22 -44.36
C ALA J 123 -16.49 38.69 -42.93
N GLY J 124 -16.08 37.44 -42.71
CA GLY J 124 -16.22 36.81 -41.43
C GLY J 124 -15.09 36.99 -40.45
N ASP J 125 -14.14 37.89 -40.72
CA ASP J 125 -13.00 38.06 -39.84
C ASP J 125 -13.34 39.12 -38.78
N PRO J 126 -13.22 38.79 -37.48
CA PRO J 126 -13.58 39.78 -36.45
C PRO J 126 -12.81 41.09 -36.56
N ARG J 127 -11.52 41.03 -36.89
CA ARG J 127 -10.76 42.25 -37.09
C ARG J 127 -11.31 43.05 -38.26
N GLY J 128 -11.68 42.37 -39.34
CA GLY J 128 -12.33 43.05 -40.45
C GLY J 128 -13.63 43.70 -40.02
N ILE J 129 -14.39 43.03 -39.15
CA ILE J 129 -15.65 43.59 -38.64
C ILE J 129 -15.38 44.87 -37.87
N LEU J 130 -14.39 44.83 -36.97
CA LEU J 130 -14.08 46.00 -36.17
C LEU J 130 -13.59 47.15 -37.04
N LYS J 131 -12.77 46.85 -38.04
CA LYS J 131 -12.27 47.90 -38.91
C LYS J 131 -13.38 48.48 -39.77
N ARG J 132 -14.33 47.65 -40.20
CA ARG J 132 -15.48 48.18 -40.94
C ARG J 132 -16.32 49.10 -40.05
N VAL J 133 -16.51 48.72 -38.78
CA VAL J 133 -17.28 49.58 -37.88
C VAL J 133 -16.52 50.88 -37.60
N LEU J 134 -15.19 50.80 -37.50
CA LEU J 134 -14.41 52.03 -37.36
C LEU J 134 -14.49 52.89 -38.61
N LYS J 135 -14.54 52.27 -39.79
CA LYS J 135 -14.70 53.03 -41.02
C LYS J 135 -16.05 53.75 -41.04
N GLU J 136 -17.12 53.06 -40.65
CA GLU J 136 -18.42 53.72 -40.63
C GLU J 136 -18.52 54.74 -39.48
N ALA J 137 -17.67 54.61 -38.46
CA ALA J 137 -17.58 55.68 -37.47
C ALA J 137 -16.86 56.90 -38.02
N GLU J 138 -15.77 56.67 -38.77
CA GLU J 138 -15.03 57.77 -39.38
C GLU J 138 -15.89 58.51 -40.38
N GLU J 139 -16.70 57.79 -41.16
CA GLU J 139 -17.62 58.45 -42.07
C GLU J 139 -18.62 59.34 -41.34
N LEU J 140 -18.83 59.10 -40.05
CA LEU J 140 -19.67 59.96 -39.22
C LEU J 140 -18.90 61.13 -38.62
N GLY J 141 -17.60 61.23 -38.87
CA GLY J 141 -16.81 62.36 -38.42
C GLY J 141 -15.93 62.12 -37.22
N TYR J 142 -16.11 61.02 -36.51
CA TYR J 142 -15.31 60.70 -35.33
C TYR J 142 -14.09 59.92 -35.79
N THR J 143 -12.90 60.42 -35.47
CA THR J 143 -11.69 59.86 -36.04
C THR J 143 -11.32 58.51 -35.44
N SER J 144 -11.45 58.35 -34.13
CA SER J 144 -10.95 57.12 -33.51
C SER J 144 -11.78 56.76 -32.28
N MET J 145 -11.51 55.58 -31.75
CA MET J 145 -12.23 55.00 -30.62
C MET J 145 -11.20 54.59 -29.57
N ASN J 146 -11.09 55.39 -28.50
CA ASN J 146 -10.17 55.09 -27.42
C ASN J 146 -10.80 54.04 -26.52
N VAL J 147 -10.13 52.91 -26.37
CA VAL J 147 -10.64 51.76 -25.63
C VAL J 147 -9.58 51.30 -24.63
N GLY J 148 -9.98 51.17 -23.37
CA GLY J 148 -9.11 50.62 -22.36
C GLY J 148 -9.80 49.54 -21.55
N PRO J 149 -9.29 48.31 -21.65
CA PRO J 149 -9.91 47.20 -20.93
C PRO J 149 -9.33 47.02 -19.54
N GLU J 150 -10.06 46.27 -18.72
CA GLU J 150 -9.59 45.85 -17.40
C GLU J 150 -9.87 44.37 -17.22
N PRO J 151 -9.11 43.50 -17.90
CA PRO J 151 -9.37 42.06 -17.82
C PRO J 151 -8.78 41.44 -16.56
N GLU J 152 -9.50 40.45 -16.02
CA GLU J 152 -9.07 39.68 -14.86
C GLU J 152 -8.94 38.21 -15.26
N PHE J 153 -8.00 37.51 -14.63
CA PHE J 153 -7.81 36.10 -14.92
C PHE J 153 -7.60 35.35 -13.61
N PHE J 154 -7.91 34.06 -13.65
CA PHE J 154 -7.75 33.18 -12.51
C PHE J 154 -6.52 32.30 -12.70
N LEU J 155 -5.84 32.02 -11.60
CA LEU J 155 -4.70 31.11 -11.61
C LEU J 155 -5.00 29.96 -10.67
N PHE J 156 -4.83 28.74 -11.18
CA PHE J 156 -5.09 27.52 -10.42
C PHE J 156 -3.84 26.66 -10.40
N LYS J 157 -3.60 26.02 -9.27
CA LYS J 157 -2.48 25.08 -9.19
C LYS J 157 -2.75 23.88 -10.09
N THR J 158 -1.68 23.38 -10.70
CA THR J 158 -1.76 22.25 -11.62
C THR J 158 -1.41 20.97 -10.88
N ASP J 159 -1.79 19.84 -11.48
CA ASP J 159 -1.45 18.53 -10.95
C ASP J 159 -0.18 18.01 -11.64
N GLU J 160 0.14 16.74 -11.39
CA GLU J 160 1.33 16.15 -11.99
C GLU J 160 1.22 16.02 -13.50
N LYS J 161 0.01 15.80 -14.01
CA LYS J 161 -0.19 15.61 -15.44
C LYS J 161 -0.34 16.92 -16.21
N GLY J 162 -0.31 18.06 -15.52
CA GLY J 162 -0.45 19.33 -16.20
C GLY J 162 -1.86 19.84 -16.36
N ASP J 163 -2.80 19.36 -15.55
CA ASP J 163 -4.16 19.85 -15.70
C ASP J 163 -4.53 20.77 -14.54
N PRO J 164 -5.44 21.72 -14.75
CA PRO J 164 -5.83 22.61 -13.65
C PRO J 164 -6.68 21.91 -12.62
N THR J 165 -6.37 22.14 -11.35
CA THR J 165 -7.14 21.63 -10.23
C THR J 165 -8.03 22.75 -9.70
N THR J 166 -8.67 22.52 -8.56
CA THR J 166 -9.65 23.46 -8.02
C THR J 166 -9.03 24.37 -6.96
N GLU J 167 -7.78 24.15 -6.57
CA GLU J 167 -7.16 24.95 -5.51
C GLU J 167 -6.46 26.16 -6.10
N LEU J 168 -6.77 27.33 -5.57
CA LEU J 168 -6.23 28.58 -6.08
C LEU J 168 -4.78 28.76 -5.63
N ASN J 169 -4.12 29.76 -6.23
CA ASN J 169 -2.72 30.02 -5.89
C ASN J 169 -2.55 30.75 -4.56
N ASP J 170 -3.54 31.55 -4.14
CA ASP J 170 -3.45 32.25 -2.88
C ASP J 170 -4.85 32.35 -2.28
N GLN J 171 -4.92 32.99 -1.11
CA GLN J 171 -6.17 33.18 -0.39
C GLN J 171 -6.30 34.62 0.10
N GLY J 172 -5.76 35.57 -0.67
CA GLY J 172 -5.86 36.97 -0.29
C GLY J 172 -7.20 37.58 -0.65
N GLY J 173 -7.46 38.75 -0.07
CA GLY J 173 -8.69 39.47 -0.32
C GLY J 173 -8.55 40.49 -1.44
N TYR J 174 -9.43 41.49 -1.46
CA TYR J 174 -9.45 42.46 -2.54
C TYR J 174 -8.30 43.44 -2.39
N PHE J 175 -7.60 43.72 -3.50
CA PHE J 175 -6.43 44.60 -3.52
C PHE J 175 -5.39 44.19 -2.48
N ASP J 176 -5.03 42.93 -2.44
CA ASP J 176 -4.08 42.43 -1.46
C ASP J 176 -2.66 42.40 -2.02
N LEU J 177 -1.74 41.95 -1.18
CA LEU J 177 -0.35 41.74 -1.54
C LEU J 177 0.02 40.27 -1.36
N ALA J 178 -0.99 39.38 -1.38
CA ALA J 178 -0.74 37.98 -1.09
C ALA J 178 0.32 37.36 -1.99
N PRO J 179 0.33 37.59 -3.31
CA PRO J 179 1.46 37.02 -4.06
C PRO J 179 2.71 37.89 -3.92
N MET J 180 3.43 37.68 -2.83
CA MET J 180 4.61 38.47 -2.52
C MET J 180 5.87 37.70 -2.92
N ASP J 181 7.03 38.33 -2.70
CA ASP J 181 8.34 37.72 -2.87
C ASP J 181 8.67 37.41 -4.33
N LEU J 182 9.21 36.21 -4.58
CA LEU J 182 9.57 35.81 -5.93
C LEU J 182 9.08 34.40 -6.24
N GLY J 183 8.83 33.62 -5.19
CA GLY J 183 8.35 32.26 -5.38
C GLY J 183 6.97 32.19 -5.98
N GLU J 184 6.91 31.84 -7.27
CA GLU J 184 5.65 31.77 -8.02
C GLU J 184 4.90 33.10 -7.97
N ASN J 185 5.66 34.20 -7.96
CA ASN J 185 5.08 35.54 -7.96
C ASN J 185 4.85 35.98 -9.40
N CYS J 186 3.73 35.48 -9.96
CA CYS J 186 3.47 35.62 -11.38
C CYS J 186 3.22 37.06 -11.78
N ARG J 187 2.42 37.79 -10.99
CA ARG J 187 1.91 39.10 -11.41
C ARG J 187 3.05 40.04 -11.82
N ARG J 188 4.09 40.13 -11.00
CA ARG J 188 5.20 41.02 -11.31
C ARG J 188 5.84 40.65 -12.63
N GLU J 189 6.13 39.36 -12.82
CA GLU J 189 6.81 38.92 -14.03
C GLU J 189 5.95 39.17 -15.25
N ILE J 190 4.63 38.98 -15.12
CA ILE J 190 3.72 39.27 -16.22
C ILE J 190 3.79 40.74 -16.58
N VAL J 191 3.72 41.62 -15.58
CA VAL J 191 3.76 43.05 -15.87
C VAL J 191 5.07 43.42 -16.55
N LEU J 192 6.17 42.85 -16.07
CA LEU J 192 7.48 43.18 -16.61
C LEU J 192 7.62 42.73 -18.06
N LYS J 193 7.18 41.51 -18.38
CA LYS J 193 7.32 41.04 -19.75
C LYS J 193 6.36 41.76 -20.69
N LEU J 194 5.17 42.11 -20.21
CA LEU J 194 4.30 42.95 -21.03
C LEU J 194 4.94 44.29 -21.31
N GLU J 195 5.53 44.91 -20.29
CA GLU J 195 6.14 46.23 -20.47
C GLU J 195 7.33 46.15 -21.42
N GLU J 196 8.15 45.10 -21.29
CA GLU J 196 9.25 44.89 -22.21
C GLU J 196 8.76 44.63 -23.63
N MET J 197 7.58 44.01 -23.76
CA MET J 197 7.02 43.81 -25.08
C MET J 197 6.64 45.12 -25.74
N GLY J 198 6.34 46.14 -24.95
CA GLY J 198 5.91 47.41 -25.50
C GLY J 198 4.49 47.73 -25.11
N PHE J 199 4.07 47.20 -23.97
CA PHE J 199 2.70 47.36 -23.50
C PHE J 199 2.62 48.50 -22.51
N GLU J 200 1.46 49.15 -22.48
CA GLU J 200 1.23 50.30 -21.61
C GLU J 200 0.35 49.84 -20.46
N ILE J 201 0.98 49.52 -19.34
CA ILE J 201 0.29 48.94 -18.19
C ILE J 201 0.00 50.04 -17.17
N GLU J 202 -1.28 50.29 -16.93
CA GLU J 202 -1.68 51.32 -15.98
C GLU J 202 -1.58 50.83 -14.55
N ALA J 203 -1.94 49.58 -14.29
CA ALA J 203 -1.93 49.02 -12.94
C ALA J 203 -2.08 47.52 -13.02
N SER J 204 -1.82 46.87 -11.88
CA SER J 204 -1.96 45.42 -11.74
C SER J 204 -2.12 45.09 -10.27
N HIS J 205 -3.13 44.31 -9.95
CA HIS J 205 -3.54 44.16 -8.56
C HIS J 205 -4.30 42.85 -8.37
N HIS J 206 -4.57 42.54 -7.11
CA HIS J 206 -5.31 41.33 -6.74
C HIS J 206 -6.80 41.62 -6.69
N GLU J 207 -7.59 40.73 -7.24
CA GLU J 207 -9.01 40.99 -7.39
C GLU J 207 -9.80 40.32 -6.26
N VAL J 208 -11.12 40.40 -6.34
CA VAL J 208 -11.98 40.11 -5.20
C VAL J 208 -11.81 38.66 -4.73
N ALA J 209 -11.94 37.74 -5.62
CA ALA J 209 -11.84 36.36 -5.18
C ALA J 209 -10.38 36.00 -4.96
N PRO J 210 -10.10 34.94 -4.20
CA PRO J 210 -8.75 34.42 -4.15
C PRO J 210 -8.28 33.96 -5.53
N GLY J 211 -7.03 34.26 -5.86
CA GLY J 211 -6.45 33.82 -7.10
C GLY J 211 -6.88 34.56 -8.34
N GLN J 212 -7.46 35.75 -8.20
CA GLN J 212 -7.91 36.53 -9.35
C GLN J 212 -7.06 37.79 -9.49
N HIS J 213 -6.45 37.97 -10.66
CA HIS J 213 -5.58 39.09 -10.92
C HIS J 213 -6.10 39.91 -12.10
N GLU J 214 -6.20 41.22 -11.88
CA GLU J 214 -6.67 42.16 -12.90
C GLU J 214 -5.48 42.93 -13.43
N ILE J 215 -5.42 43.10 -14.75
CA ILE J 215 -4.36 43.89 -15.39
C ILE J 215 -5.02 45.05 -16.10
N ASP J 216 -4.63 46.27 -15.73
CA ASP J 216 -5.21 47.47 -16.30
C ASP J 216 -4.34 47.96 -17.45
N PHE J 217 -4.96 48.21 -18.60
CA PHE J 217 -4.23 48.72 -19.74
C PHE J 217 -4.39 50.23 -19.85
N LYS J 218 -3.35 50.88 -20.38
CA LYS J 218 -3.49 52.27 -20.74
C LYS J 218 -4.23 52.38 -22.07
N TYR J 219 -4.88 53.52 -22.26
CA TYR J 219 -5.83 53.67 -23.35
C TYR J 219 -5.13 53.74 -24.69
N ALA J 220 -5.75 53.12 -25.69
CA ALA J 220 -5.15 53.01 -27.01
C ALA J 220 -6.26 52.92 -28.05
N ASP J 221 -5.87 52.93 -29.32
CA ASP J 221 -6.85 52.87 -30.39
C ASP J 221 -7.51 51.50 -30.44
N ALA J 222 -8.69 51.46 -31.06
CA ALA J 222 -9.57 50.29 -30.93
C ALA J 222 -8.91 49.01 -31.43
N VAL J 223 -8.39 49.03 -32.66
CA VAL J 223 -7.78 47.83 -33.23
C VAL J 223 -6.55 47.44 -32.43
N LYS J 224 -5.71 48.41 -32.09
CA LYS J 224 -4.53 48.12 -31.29
C LYS J 224 -4.92 47.67 -29.88
N ALA J 225 -6.02 48.22 -29.35
CA ALA J 225 -6.48 47.77 -28.04
C ALA J 225 -6.92 46.32 -28.06
N ALA J 226 -7.65 45.91 -29.09
CA ALA J 226 -8.07 44.52 -29.20
C ALA J 226 -6.87 43.60 -29.39
N ASP J 227 -5.91 44.00 -30.23
CA ASP J 227 -4.69 43.23 -30.36
C ASP J 227 -3.95 43.15 -29.03
N GLN J 228 -3.98 44.23 -28.26
CA GLN J 228 -3.39 44.22 -26.93
C GLN J 228 -4.06 43.20 -26.04
N ILE J 229 -5.40 43.13 -26.07
CA ILE J 229 -6.11 42.16 -25.25
C ILE J 229 -5.74 40.74 -25.65
N GLN J 230 -5.68 40.48 -26.96
CA GLN J 230 -5.39 39.12 -27.41
C GLN J 230 -3.97 38.71 -27.02
N THR J 231 -2.99 39.57 -27.29
CA THR J 231 -1.62 39.24 -26.93
C THR J 231 -1.45 39.18 -25.42
N PHE J 232 -2.22 40.00 -24.69
CA PHE J 232 -2.30 39.91 -23.25
C PHE J 232 -2.69 38.51 -22.81
N LYS J 233 -3.78 37.98 -23.38
CA LYS J 233 -4.22 36.65 -23.02
C LYS J 233 -3.13 35.62 -23.33
N LEU J 234 -2.54 35.70 -24.52
CA LEU J 234 -1.52 34.73 -24.90
C LEU J 234 -0.34 34.78 -23.94
N VAL J 235 0.11 35.98 -23.58
CA VAL J 235 1.30 36.11 -22.75
C VAL J 235 1.00 35.61 -21.34
N VAL J 236 -0.18 35.94 -20.81
CA VAL J 236 -0.54 35.48 -19.47
C VAL J 236 -0.62 33.97 -19.44
N LYS J 237 -1.24 33.38 -20.45
CA LYS J 237 -1.30 31.90 -20.52
C LYS J 237 0.14 31.35 -20.51
N THR J 238 1.00 31.84 -21.41
CA THR J 238 2.35 31.30 -21.53
C THR J 238 3.10 31.41 -20.21
N ILE J 239 3.01 32.57 -19.56
CA ILE J 239 3.70 32.77 -18.29
C ILE J 239 3.19 31.80 -17.24
N ALA J 240 1.87 31.62 -17.16
CA ALA J 240 1.32 30.69 -16.18
C ALA J 240 1.82 29.28 -16.41
N ARG J 241 1.83 28.82 -17.67
CA ARG J 241 2.40 27.50 -17.93
C ARG J 241 3.86 27.42 -17.52
N GLN J 242 4.61 28.52 -17.69
CA GLN J 242 6.00 28.51 -17.26
C GLN J 242 6.14 28.39 -15.74
N HIS J 243 5.26 29.03 -14.97
CA HIS J 243 5.35 29.01 -13.52
C HIS J 243 4.66 27.81 -12.90
N GLY J 244 4.28 26.83 -13.72
CA GLY J 244 3.57 25.67 -13.20
C GLY J 244 2.19 25.98 -12.67
N LEU J 245 1.50 26.94 -13.30
CA LEU J 245 0.14 27.29 -12.95
C LEU J 245 -0.73 27.26 -14.19
N HIS J 246 -2.04 27.29 -14.00
CA HIS J 246 -2.98 27.34 -15.10
C HIS J 246 -3.72 28.66 -15.05
N ALA J 247 -3.69 29.40 -16.15
CA ALA J 247 -4.39 30.66 -16.29
C ALA J 247 -5.68 30.45 -17.05
N THR J 248 -6.80 30.86 -16.45
CA THR J 248 -8.10 30.69 -17.08
C THR J 248 -8.84 32.01 -17.06
N PHE J 249 -9.56 32.28 -18.15
CA PHE J 249 -10.46 33.42 -18.20
C PHE J 249 -11.92 33.00 -18.10
N MET J 250 -12.17 31.77 -17.67
CA MET J 250 -13.53 31.27 -17.63
C MET J 250 -14.38 32.18 -16.77
N PRO J 251 -15.50 32.70 -17.28
CA PRO J 251 -16.18 33.83 -16.61
C PRO J 251 -16.61 33.53 -15.19
N LYS J 252 -16.89 32.28 -14.84
CA LYS J 252 -17.29 31.91 -13.48
C LYS J 252 -16.71 30.53 -13.19
N PRO J 253 -15.42 30.44 -12.90
CA PRO J 253 -14.80 29.12 -12.77
C PRO J 253 -15.36 28.30 -11.62
N LEU J 254 -15.73 28.92 -10.51
CA LEU J 254 -16.16 28.20 -9.33
C LEU J 254 -17.43 28.83 -8.78
N PHE J 255 -18.32 27.99 -8.28
CA PHE J 255 -19.54 28.50 -7.66
C PHE J 255 -19.20 29.09 -6.30
N GLY J 256 -19.88 30.18 -5.96
CA GLY J 256 -19.69 30.83 -4.68
C GLY J 256 -18.60 31.89 -4.66
N VAL J 257 -17.86 32.07 -5.74
CA VAL J 257 -16.84 33.11 -5.84
C VAL J 257 -17.18 34.01 -7.00
N ASN J 258 -16.72 35.25 -6.92
CA ASN J 258 -16.99 36.21 -7.99
C ASN J 258 -16.26 35.81 -9.26
N GLY J 259 -16.87 36.12 -10.40
CA GLY J 259 -16.34 35.75 -11.69
C GLY J 259 -15.33 36.76 -12.20
N SER J 260 -15.06 36.67 -13.50
CA SER J 260 -14.07 37.51 -14.16
C SER J 260 -14.78 38.50 -15.08
N GLY J 261 -14.53 39.79 -14.87
CA GLY J 261 -15.13 40.83 -15.66
C GLY J 261 -14.12 41.51 -16.57
N MET J 262 -14.65 42.14 -17.63
CA MET J 262 -13.76 42.85 -18.59
C MET J 262 -14.27 44.28 -18.79
N HIS J 263 -14.57 45.00 -17.70
CA HIS J 263 -14.94 46.41 -17.79
C HIS J 263 -14.08 47.09 -18.85
N CYS J 264 -14.74 47.60 -19.88
CA CYS J 264 -14.06 48.27 -20.98
C CYS J 264 -14.50 49.72 -21.01
N ASN J 265 -13.53 50.63 -21.07
CA ASN J 265 -13.81 52.05 -21.15
C ASN J 265 -13.67 52.52 -22.60
N GLN J 266 -14.72 53.17 -23.09
CA GLN J 266 -14.76 53.67 -24.45
C GLN J 266 -14.94 55.18 -24.44
N SER J 267 -14.33 55.83 -25.43
CA SER J 267 -14.50 57.26 -25.63
C SER J 267 -14.22 57.60 -27.09
N LEU J 268 -15.09 58.40 -27.69
CA LEU J 268 -14.90 58.79 -29.07
C LEU J 268 -13.91 59.93 -29.18
N PHE J 269 -13.11 59.92 -30.25
CA PHE J 269 -12.12 60.95 -30.51
C PHE J 269 -12.32 61.52 -31.91
N LYS J 270 -12.33 62.85 -31.99
CA LYS J 270 -12.42 63.56 -33.27
C LYS J 270 -11.29 64.59 -33.31
N ASP J 271 -10.20 64.24 -34.01
CA ASP J 271 -9.06 65.12 -34.22
C ASP J 271 -8.46 65.55 -32.87
N ASN J 272 -8.02 64.54 -32.12
CA ASN J 272 -7.48 64.71 -30.77
C ASN J 272 -8.39 65.59 -29.92
N GLU J 273 -9.70 65.42 -30.07
CA GLU J 273 -10.68 66.10 -29.24
C GLU J 273 -11.63 65.06 -28.68
N ASN J 274 -11.80 65.06 -27.36
CA ASN J 274 -12.75 64.17 -26.70
C ASN J 274 -14.15 64.76 -26.83
N VAL J 275 -14.94 64.21 -27.75
CA VAL J 275 -16.28 64.75 -28.01
C VAL J 275 -17.21 64.59 -26.82
N PHE J 276 -16.95 63.64 -25.93
CA PHE J 276 -17.79 63.40 -24.77
C PHE J 276 -17.76 64.55 -23.77
N TYR J 277 -16.62 65.21 -23.62
CA TYR J 277 -16.47 66.23 -22.58
C TYR J 277 -17.26 67.48 -22.93
N ASP J 278 -17.89 68.05 -21.90
CA ASP J 278 -18.62 69.30 -22.06
C ASP J 278 -18.73 69.95 -20.67
N GLU J 279 -17.99 71.04 -20.47
CA GLU J 279 -18.02 71.71 -19.17
C GLU J 279 -19.38 72.33 -18.89
N THR J 280 -20.21 72.50 -19.92
CA THR J 280 -21.54 73.07 -19.71
C THR J 280 -22.51 72.06 -19.12
N ASP J 281 -22.23 70.77 -19.24
CA ASP J 281 -23.13 69.76 -18.70
C ASP J 281 -22.99 69.65 -17.18
N GLU J 282 -24.10 69.28 -16.53
CA GLU J 282 -24.07 69.11 -15.09
C GLU J 282 -23.12 67.98 -14.69
N LEU J 283 -23.16 66.86 -15.41
CA LEU J 283 -22.27 65.74 -15.18
C LEU J 283 -21.04 65.78 -16.08
N GLY J 284 -20.91 66.81 -16.91
CA GLY J 284 -19.80 66.88 -17.84
C GLY J 284 -19.85 65.85 -18.94
N LEU J 285 -21.05 65.57 -19.47
CA LEU J 285 -21.23 64.68 -20.60
C LEU J 285 -21.92 65.46 -21.71
N SER J 286 -21.34 65.44 -22.90
CA SER J 286 -21.93 66.12 -24.03
C SER J 286 -23.18 65.36 -24.50
N GLN J 287 -24.00 66.05 -25.31
CA GLN J 287 -25.20 65.43 -25.85
C GLN J 287 -24.85 64.20 -26.69
N THR J 288 -23.71 64.24 -27.37
CA THR J 288 -23.24 63.07 -28.10
C THR J 288 -22.98 61.91 -27.15
N ALA J 289 -22.40 62.19 -25.99
CA ALA J 289 -22.17 61.15 -25.00
C ALA J 289 -23.50 60.54 -24.54
N ARG J 290 -24.51 61.37 -24.30
CA ARG J 290 -25.79 60.86 -23.83
C ARG J 290 -26.48 60.05 -24.91
N HIS J 291 -26.39 60.48 -26.17
CA HIS J 291 -26.93 59.68 -27.25
C HIS J 291 -26.22 58.33 -27.34
N TYR J 292 -24.90 58.33 -27.14
CA TYR J 292 -24.15 57.08 -27.06
C TYR J 292 -24.69 56.20 -25.94
N MET J 293 -24.96 56.82 -24.79
CA MET J 293 -25.44 56.06 -23.64
C MET J 293 -26.76 55.39 -23.96
N ALA J 294 -27.70 56.15 -24.51
CA ALA J 294 -29.01 55.60 -24.85
C ALA J 294 -28.88 54.50 -25.89
N GLY J 295 -28.01 54.70 -26.88
CA GLY J 295 -27.85 53.70 -27.92
C GLY J 295 -27.29 52.39 -27.39
N ILE J 296 -26.34 52.47 -26.47
CA ILE J 296 -25.81 51.24 -25.87
C ILE J 296 -26.85 50.59 -24.98
N LEU J 297 -27.59 51.39 -24.21
CA LEU J 297 -28.59 50.83 -23.30
C LEU J 297 -29.70 50.11 -24.05
N LYS J 298 -30.20 50.72 -25.13
CA LYS J 298 -31.34 50.14 -25.83
C LYS J 298 -31.01 48.78 -26.43
N HIS J 299 -29.82 48.63 -27.01
CA HIS J 299 -29.43 47.39 -27.65
C HIS J 299 -28.61 46.49 -26.74
N ALA J 300 -28.69 46.68 -25.42
CA ALA J 300 -27.88 45.91 -24.50
C ALA J 300 -28.22 44.42 -24.57
N ARG J 301 -29.50 44.08 -24.43
CA ARG J 301 -29.92 42.69 -24.49
C ARG J 301 -29.51 42.05 -25.81
N ALA J 302 -29.60 42.80 -26.90
CA ALA J 302 -29.21 42.25 -28.19
C ALA J 302 -27.73 41.95 -28.24
N MET J 303 -26.89 42.86 -27.74
CA MET J 303 -25.45 42.66 -27.84
C MET J 303 -24.91 41.70 -26.80
N ALA J 304 -25.71 41.33 -25.78
CA ALA J 304 -25.22 40.41 -24.76
C ALA J 304 -24.82 39.06 -25.35
N ALA J 305 -25.48 38.63 -26.43
CA ALA J 305 -25.19 37.34 -27.02
C ALA J 305 -23.77 37.22 -27.54
N ILE J 306 -23.18 38.32 -27.99
CA ILE J 306 -21.80 38.32 -28.49
C ILE J 306 -20.83 38.84 -27.44
N THR J 307 -21.27 39.77 -26.60
CA THR J 307 -20.38 40.26 -25.55
C THR J 307 -20.38 39.35 -24.32
N ASN J 308 -21.31 38.41 -24.24
CA ASN J 308 -21.30 37.34 -23.23
C ASN J 308 -21.54 36.03 -23.97
N PRO J 309 -20.52 35.49 -24.62
CA PRO J 309 -20.75 34.42 -25.60
C PRO J 309 -20.94 33.03 -24.99
N THR J 310 -20.27 32.74 -23.89
CA THR J 310 -20.28 31.40 -23.35
C THR J 310 -21.59 31.12 -22.62
N VAL J 311 -21.87 29.82 -22.43
CA VAL J 311 -22.97 29.44 -21.57
C VAL J 311 -22.63 29.75 -20.12
N ASN J 312 -21.37 29.56 -19.74
CA ASN J 312 -20.94 29.85 -18.38
C ASN J 312 -21.07 31.32 -18.02
N SER J 313 -20.98 32.22 -19.00
CA SER J 313 -20.97 33.65 -18.69
C SER J 313 -22.24 34.07 -17.98
N TYR J 314 -23.38 33.54 -18.39
CA TYR J 314 -24.64 33.90 -17.76
C TYR J 314 -24.83 33.26 -16.40
N LYS J 315 -23.93 32.36 -16.00
CA LYS J 315 -23.86 31.98 -14.59
C LYS J 315 -23.25 33.06 -13.73
N ARG J 316 -22.40 33.92 -14.32
CA ARG J 316 -21.81 35.02 -13.57
C ARG J 316 -22.80 36.15 -13.36
N LEU J 317 -23.72 36.34 -14.30
CA LEU J 317 -24.74 37.39 -14.18
C LEU J 317 -25.84 36.97 -13.20
N VAL J 318 -25.44 36.82 -11.94
CA VAL J 318 -26.36 36.48 -10.87
C VAL J 318 -26.15 37.48 -9.72
N PRO J 319 -27.16 37.75 -8.91
CA PRO J 319 -27.01 38.75 -7.86
C PRO J 319 -26.06 38.30 -6.76
N GLY J 320 -25.42 39.28 -6.12
CA GLY J 320 -24.60 39.03 -4.96
C GLY J 320 -23.10 39.10 -5.17
N TYR J 321 -22.64 39.47 -6.36
CA TYR J 321 -21.21 39.56 -6.62
C TYR J 321 -20.83 40.80 -7.43
N GLU J 322 -21.60 41.88 -7.31
CA GLU J 322 -21.40 43.14 -8.02
C GLU J 322 -21.67 42.99 -9.52
N ALA J 323 -21.99 41.79 -9.99
CA ALA J 323 -22.18 41.55 -11.42
C ALA J 323 -23.33 42.41 -11.95
N PRO J 324 -23.08 43.21 -12.99
CA PRO J 324 -24.15 44.03 -13.54
C PRO J 324 -25.16 43.18 -14.31
N CYS J 325 -26.39 43.16 -13.79
CA CYS J 325 -27.44 42.35 -14.37
C CYS J 325 -28.59 43.14 -14.95
N TYR J 326 -28.49 44.46 -15.04
CA TYR J 326 -29.65 45.27 -15.41
C TYR J 326 -29.24 46.51 -16.19
N VAL J 327 -30.21 47.06 -16.92
CA VAL J 327 -30.01 48.19 -17.82
C VAL J 327 -30.28 49.49 -17.07
N ALA J 328 -29.22 50.12 -16.57
CA ALA J 328 -29.34 51.44 -15.94
C ALA J 328 -27.95 52.06 -15.88
N TRP J 329 -27.92 53.38 -15.97
CA TRP J 329 -26.65 54.10 -15.98
C TRP J 329 -26.55 54.97 -14.73
N SER J 330 -25.34 55.01 -14.17
CA SER J 330 -25.10 55.79 -12.96
C SER J 330 -23.66 56.26 -12.94
N ALA J 331 -23.44 57.36 -12.25
CA ALA J 331 -22.08 57.77 -11.93
C ALA J 331 -21.45 56.90 -10.86
N SER J 332 -22.28 56.33 -9.97
CA SER J 332 -21.76 55.50 -8.89
C SER J 332 -22.89 54.61 -8.39
N ASN J 333 -22.78 53.30 -8.62
CA ASN J 333 -23.74 52.35 -8.08
C ASN J 333 -23.12 50.97 -8.11
N ARG J 334 -23.63 50.09 -7.25
CA ARG J 334 -23.10 48.73 -7.15
C ARG J 334 -23.30 47.97 -8.46
N SER J 335 -24.49 48.09 -9.05
CA SER J 335 -24.79 47.31 -10.23
C SER J 335 -25.70 48.05 -11.21
N PRO J 336 -25.23 49.12 -11.85
CA PRO J 336 -25.92 49.62 -13.04
C PRO J 336 -25.28 49.04 -14.29
N MET J 337 -25.94 49.16 -15.43
CA MET J 337 -25.34 48.70 -16.70
C MET J 337 -24.09 49.52 -17.05
N ILE J 338 -24.15 50.84 -16.88
CA ILE J 338 -23.07 51.69 -17.36
C ILE J 338 -22.62 52.58 -16.22
N ARG J 339 -21.31 52.61 -15.98
CA ARG J 339 -20.72 53.47 -14.97
C ARG J 339 -19.96 54.59 -15.65
N ILE J 340 -20.22 55.82 -15.22
CA ILE J 340 -19.54 57.00 -15.74
C ILE J 340 -18.60 57.51 -14.65
N PRO J 341 -17.29 57.37 -14.80
CA PRO J 341 -16.38 57.74 -13.72
C PRO J 341 -16.38 59.24 -13.47
N ALA J 342 -15.69 59.62 -12.39
CA ALA J 342 -15.60 61.03 -12.02
C ALA J 342 -14.56 61.78 -12.85
N SER J 343 -13.61 61.08 -13.46
CA SER J 343 -12.59 61.74 -14.25
C SER J 343 -13.23 62.44 -15.44
N ARG J 344 -12.77 63.66 -15.73
CA ARG J 344 -13.37 64.50 -16.75
C ARG J 344 -12.33 65.01 -17.72
N GLY J 345 -12.71 66.00 -18.52
CA GLY J 345 -11.76 66.59 -19.46
C GLY J 345 -11.49 65.64 -20.60
N LEU J 346 -10.22 65.38 -20.87
CA LEU J 346 -9.86 64.40 -21.87
C LEU J 346 -9.99 62.96 -21.37
N SER J 347 -10.21 62.78 -20.07
CA SER J 347 -10.29 61.46 -19.46
C SER J 347 -11.72 61.05 -19.12
N THR J 348 -12.72 61.86 -19.50
CA THR J 348 -14.10 61.44 -19.34
C THR J 348 -14.38 60.26 -20.26
N ARG J 349 -15.09 59.26 -19.75
CA ARG J 349 -15.15 57.98 -20.45
C ARG J 349 -16.43 57.23 -20.08
N VAL J 350 -16.66 56.15 -20.81
CA VAL J 350 -17.84 55.31 -20.66
C VAL J 350 -17.37 53.90 -20.31
N GLU J 351 -17.63 53.46 -19.09
CA GLU J 351 -17.18 52.15 -18.65
C GLU J 351 -18.35 51.17 -18.72
N VAL J 352 -18.32 50.30 -19.73
CA VAL J 352 -19.32 49.24 -19.87
C VAL J 352 -18.75 48.00 -19.22
N ARG J 353 -19.53 47.41 -18.32
CA ARG J 353 -19.02 46.38 -17.41
C ARG J 353 -19.51 44.98 -17.74
N ASN J 354 -20.47 44.87 -18.65
CA ASN J 354 -21.09 43.55 -18.96
C ASN J 354 -20.08 42.57 -19.60
N PRO J 355 -19.20 42.94 -20.56
CA PRO J 355 -18.36 41.94 -21.23
C PRO J 355 -17.37 41.29 -20.27
N ASP J 356 -17.06 40.04 -20.57
CA ASP J 356 -16.17 39.19 -19.80
C ASP J 356 -15.04 38.66 -20.69
N PRO J 357 -13.83 38.37 -20.13
CA PRO J 357 -12.68 38.00 -20.96
C PRO J 357 -12.90 36.90 -22.01
N ALA J 358 -13.88 36.03 -21.81
CA ALA J 358 -14.14 35.03 -22.84
C ALA J 358 -14.68 35.65 -24.12
N ALA J 359 -15.30 36.83 -24.04
CA ALA J 359 -15.87 37.46 -25.21
C ALA J 359 -14.79 37.95 -26.16
N ASN J 360 -15.08 37.88 -27.45
CA ASN J 360 -14.14 38.35 -28.46
C ASN J 360 -13.99 39.86 -28.36
N PRO J 361 -12.77 40.39 -28.18
CA PRO J 361 -12.65 41.84 -28.02
C PRO J 361 -13.00 42.63 -29.27
N TYR J 362 -12.54 42.15 -30.44
CA TYR J 362 -12.92 42.80 -31.69
C TYR J 362 -14.43 42.89 -31.82
N LEU J 363 -15.11 41.75 -31.64
CA LEU J 363 -16.56 41.73 -31.80
C LEU J 363 -17.27 42.56 -30.75
N ALA J 364 -16.82 42.48 -29.49
CA ALA J 364 -17.46 43.24 -28.43
C ALA J 364 -17.35 44.73 -28.68
N LEU J 365 -16.15 45.21 -29.01
CA LEU J 365 -15.98 46.62 -29.29
C LEU J 365 -16.78 47.02 -30.54
N ALA J 366 -16.81 46.16 -31.55
CA ALA J 366 -17.55 46.49 -32.76
C ALA J 366 -19.03 46.67 -32.48
N VAL J 367 -19.62 45.75 -31.70
CA VAL J 367 -21.05 45.85 -31.45
C VAL J 367 -21.35 47.03 -30.52
N MET J 368 -20.50 47.27 -29.51
CA MET J 368 -20.67 48.46 -28.69
C MET J 368 -20.70 49.71 -29.55
N LEU J 369 -19.69 49.89 -30.41
CA LEU J 369 -19.64 51.10 -31.21
C LEU J 369 -20.80 51.19 -32.18
N ARG J 370 -21.18 50.07 -32.80
CA ARG J 370 -22.28 50.14 -33.76
C ARG J 370 -23.59 50.54 -33.09
N ALA J 371 -23.89 49.92 -31.94
CA ALA J 371 -25.11 50.29 -31.23
C ALA J 371 -25.05 51.74 -30.76
N GLY J 372 -23.90 52.18 -30.26
CA GLY J 372 -23.78 53.55 -29.82
C GLY J 372 -23.93 54.55 -30.95
N LEU J 373 -23.36 54.23 -32.11
CA LEU J 373 -23.50 55.12 -33.26
C LEU J 373 -24.94 55.14 -33.75
N ASP J 374 -25.64 54.01 -33.66
CA ASP J 374 -27.06 54.02 -33.99
C ASP J 374 -27.82 54.93 -33.04
N GLY J 375 -27.50 54.87 -31.75
CA GLY J 375 -28.12 55.77 -30.79
C GLY J 375 -27.80 57.22 -31.09
N ILE J 376 -26.56 57.50 -31.50
CA ILE J 376 -26.16 58.87 -31.82
C ILE J 376 -26.95 59.37 -33.03
N LYS J 377 -27.03 58.55 -34.08
CA LYS J 377 -27.74 58.97 -35.29
C LYS J 377 -29.22 59.18 -35.01
N ARG J 378 -29.83 58.27 -34.25
CA ARG J 378 -31.25 58.42 -33.95
C ARG J 378 -31.53 59.40 -32.82
N GLN J 379 -30.48 59.90 -32.16
CA GLN J 379 -30.62 60.86 -31.07
C GLN J 379 -31.58 60.35 -30.01
N MET J 380 -31.35 59.12 -29.57
CA MET J 380 -32.22 58.47 -28.62
C MET J 380 -32.25 59.23 -27.30
N ALA J 381 -33.45 59.33 -26.73
CA ALA J 381 -33.64 60.04 -25.48
C ALA J 381 -33.12 59.19 -24.32
N LEU J 382 -32.12 59.69 -23.63
CA LEU J 382 -31.49 58.93 -22.55
C LEU J 382 -32.40 58.88 -21.34
N PRO J 383 -32.69 57.70 -20.79
CA PRO J 383 -33.52 57.62 -19.59
C PRO J 383 -32.83 58.23 -18.38
N ALA J 384 -33.61 58.35 -17.31
CA ALA J 384 -33.09 58.97 -16.10
C ALA J 384 -32.00 58.12 -15.48
N PRO J 385 -31.02 58.72 -14.82
CA PRO J 385 -30.02 57.91 -14.12
C PRO J 385 -30.60 57.22 -12.89
N ILE J 386 -29.97 56.10 -12.53
CA ILE J 386 -30.33 55.41 -11.31
C ILE J 386 -29.62 56.06 -10.13
N ASP J 387 -30.36 56.33 -9.07
CA ASP J 387 -29.82 56.89 -7.85
C ASP J 387 -29.25 55.76 -7.00
N ARG J 388 -28.96 56.04 -5.72
CA ARG J 388 -28.43 55.01 -4.84
C ARG J 388 -29.42 53.85 -4.64
N ASN J 389 -30.63 54.00 -5.18
CA ASN J 389 -31.65 52.95 -5.09
C ASN J 389 -31.09 51.63 -5.62
N ILE J 390 -31.22 50.57 -4.82
CA ILE J 390 -30.60 49.26 -5.23
C ILE J 390 -31.69 48.31 -5.72
N TYR J 391 -31.32 47.11 -6.19
CA TYR J 391 -32.31 46.19 -6.81
C TYR J 391 -32.94 45.25 -5.76
N VAL J 392 -33.32 45.77 -4.60
CA VAL J 392 -34.04 44.93 -3.59
C VAL J 392 -35.53 45.10 -3.87
N MET J 393 -35.87 45.73 -4.99
CA MET J 393 -37.30 45.99 -5.34
C MET J 393 -37.91 44.79 -6.06
N SER J 394 -39.16 44.93 -6.51
CA SER J 394 -39.85 43.85 -7.20
C SER J 394 -39.75 44.00 -8.71
N GLU J 395 -40.06 42.90 -9.41
CA GLU J 395 -40.12 42.93 -10.86
C GLU J 395 -41.20 43.87 -11.36
N GLU J 396 -42.34 43.92 -10.66
CA GLU J 396 -43.36 44.91 -10.99
C GLU J 396 -42.83 46.32 -10.84
N GLU J 397 -42.10 46.59 -9.76
CA GLU J 397 -41.43 47.88 -9.62
C GLU J 397 -40.33 48.05 -10.66
N ARG J 398 -39.64 46.95 -11.01
CA ARG J 398 -38.54 47.04 -11.97
C ARG J 398 -39.04 47.46 -13.34
N ILE J 399 -40.17 46.92 -13.79
CA ILE J 399 -40.77 47.39 -15.03
C ILE J 399 -41.49 48.71 -14.86
N GLU J 400 -41.96 49.01 -13.64
CA GLU J 400 -42.58 50.31 -13.39
C GLU J 400 -41.56 51.44 -13.54
N GLU J 401 -40.34 51.23 -13.07
CA GLU J 401 -39.28 52.22 -13.21
C GLU J 401 -38.58 52.13 -14.55
N GLY J 402 -38.98 51.20 -15.42
CA GLY J 402 -38.36 51.05 -16.72
C GLY J 402 -36.92 50.57 -16.69
N ILE J 403 -36.63 49.56 -15.88
CA ILE J 403 -35.29 49.00 -15.76
C ILE J 403 -35.32 47.58 -16.32
N PRO J 404 -34.90 47.37 -17.57
CA PRO J 404 -34.87 46.01 -18.12
C PRO J 404 -33.73 45.21 -17.53
N SER J 405 -33.63 43.95 -17.96
CA SER J 405 -32.63 43.03 -17.46
C SER J 405 -31.90 42.36 -18.63
N LEU J 406 -30.67 41.93 -18.36
CA LEU J 406 -29.92 41.17 -19.33
C LEU J 406 -30.53 39.78 -19.51
N PRO J 407 -30.31 39.14 -20.66
CA PRO J 407 -30.90 37.83 -20.90
C PRO J 407 -30.46 36.82 -19.85
N ALA J 408 -31.38 35.92 -19.49
CA ALA J 408 -31.13 34.96 -18.43
C ALA J 408 -30.04 33.96 -18.78
N ASP J 409 -29.97 33.53 -20.03
CA ASP J 409 -28.96 32.57 -20.46
C ASP J 409 -28.75 32.75 -21.96
N LEU J 410 -28.00 31.82 -22.55
CA LEU J 410 -27.51 32.02 -23.91
C LEU J 410 -28.63 31.95 -24.94
N LYS J 411 -29.66 31.15 -24.69
CA LYS J 411 -30.72 30.97 -25.68
C LYS J 411 -31.49 32.25 -25.92
N GLU J 412 -31.93 32.91 -24.85
CA GLU J 412 -32.63 34.18 -24.99
C GLU J 412 -31.73 35.23 -25.61
N ALA J 413 -30.44 35.19 -25.28
CA ALA J 413 -29.49 36.10 -25.91
C ALA J 413 -29.46 35.91 -27.42
N LEU J 414 -29.43 34.65 -27.87
CA LEU J 414 -29.41 34.36 -29.29
C LEU J 414 -30.69 34.83 -29.97
N SER J 415 -31.84 34.58 -29.35
CA SER J 415 -33.10 35.00 -29.94
C SER J 415 -33.16 36.52 -30.07
N GLU J 416 -32.71 37.23 -29.03
CA GLU J 416 -32.70 38.69 -29.09
C GLU J 416 -31.74 39.17 -30.17
N LEU J 417 -30.58 38.52 -30.30
CA LEU J 417 -29.63 38.91 -31.34
C LEU J 417 -30.24 38.76 -32.73
N ILE J 418 -30.92 37.64 -32.97
CA ILE J 418 -31.57 37.45 -34.27
C ILE J 418 -32.63 38.51 -34.49
N ARG J 419 -33.44 38.80 -33.47
CA ARG J 419 -34.50 39.79 -33.64
C ARG J 419 -33.98 41.22 -33.74
N SER J 420 -32.70 41.46 -33.48
CA SER J 420 -32.14 42.80 -33.57
C SER J 420 -31.61 43.05 -34.99
N GLU J 421 -32.00 44.20 -35.55
CA GLU J 421 -31.63 44.52 -36.92
C GLU J 421 -30.37 45.37 -37.03
N VAL J 422 -29.79 45.80 -35.91
CA VAL J 422 -28.59 46.63 -35.96
C VAL J 422 -27.33 45.78 -35.79
N ILE J 423 -27.27 45.03 -34.69
CA ILE J 423 -26.11 44.20 -34.40
C ILE J 423 -25.92 43.09 -35.42
N SER J 424 -27.01 42.51 -35.93
CA SER J 424 -26.89 41.54 -37.00
C SER J 424 -26.24 42.16 -38.23
N ASP J 425 -26.62 43.39 -38.57
CA ASP J 425 -25.95 44.10 -39.66
C ASP J 425 -24.48 44.35 -39.35
N ALA J 426 -24.18 44.73 -38.10
CA ALA J 426 -22.79 45.00 -37.74
C ALA J 426 -21.92 43.76 -37.91
N LEU J 427 -22.40 42.61 -37.46
CA LEU J 427 -21.64 41.38 -37.65
C LEU J 427 -21.55 40.99 -39.11
N GLY J 428 -22.56 41.37 -39.90
CA GLY J 428 -22.58 40.99 -41.30
C GLY J 428 -23.37 39.72 -41.52
N ASP J 429 -23.92 39.59 -42.74
CA ASP J 429 -24.83 38.50 -43.03
C ASP J 429 -24.13 37.15 -42.98
N HIS J 430 -22.92 37.06 -43.51
CA HIS J 430 -22.21 35.79 -43.53
C HIS J 430 -21.79 35.37 -42.12
N ALA J 431 -21.19 36.28 -41.37
CA ALA J 431 -20.69 35.93 -40.04
C ALA J 431 -21.83 35.66 -39.06
N LEU J 432 -22.95 36.35 -39.22
CA LEU J 432 -24.08 36.15 -38.31
C LEU J 432 -24.58 34.71 -38.37
N ALA J 433 -24.71 34.17 -39.58
CA ALA J 433 -25.22 32.81 -39.71
C ALA J 433 -24.29 31.81 -39.03
N TYR J 434 -22.98 31.95 -39.25
CA TYR J 434 -22.05 30.97 -38.69
C TYR J 434 -21.95 31.10 -37.17
N PHE J 435 -21.96 32.33 -36.65
CA PHE J 435 -21.93 32.49 -35.20
C PHE J 435 -23.21 31.93 -34.57
N TYR J 436 -24.35 32.19 -35.20
CA TYR J 436 -25.62 31.66 -34.69
C TYR J 436 -25.61 30.14 -34.70
N GLU J 437 -25.12 29.53 -35.78
CA GLU J 437 -25.06 28.08 -35.85
C GLU J 437 -24.14 27.53 -34.77
N LEU J 438 -23.00 28.18 -34.56
CA LEU J 438 -22.06 27.77 -33.53
C LEU J 438 -22.72 27.78 -32.16
N LYS J 439 -23.38 28.89 -31.83
CA LYS J 439 -23.99 29.01 -30.50
C LYS J 439 -25.19 28.08 -30.35
N GLU J 440 -25.95 27.84 -31.42
CA GLU J 440 -27.01 26.84 -31.35
C GLU J 440 -26.45 25.46 -31.04
N ILE J 441 -25.36 25.08 -31.70
CA ILE J 441 -24.76 23.78 -31.42
C ILE J 441 -24.27 23.72 -29.98
N GLU J 442 -23.63 24.79 -29.51
CA GLU J 442 -23.13 24.81 -28.13
C GLU J 442 -24.28 24.67 -27.13
N TRP J 443 -25.33 25.45 -27.31
CA TRP J 443 -26.46 25.40 -26.38
C TRP J 443 -27.18 24.06 -26.44
N ASP J 444 -27.32 23.49 -27.64
CA ASP J 444 -27.95 22.20 -27.77
C ASP J 444 -27.15 21.13 -27.05
N MET J 445 -25.81 21.20 -27.14
CA MET J 445 -24.99 20.28 -26.37
C MET J 445 -25.17 20.49 -24.87
N TYR J 446 -25.25 21.75 -24.44
CA TYR J 446 -25.31 22.02 -23.01
C TYR J 446 -26.64 21.59 -22.40
N ARG J 447 -27.75 21.85 -23.10
CA ARG J 447 -29.06 21.65 -22.49
C ARG J 447 -29.39 20.18 -22.28
N THR J 448 -28.79 19.27 -23.03
CA THR J 448 -29.14 17.86 -22.93
C THR J 448 -28.23 17.08 -21.98
N GLN J 449 -27.31 17.75 -21.30
CA GLN J 449 -26.45 17.07 -20.34
C GLN J 449 -27.23 16.72 -19.08
N VAL J 450 -26.69 15.78 -18.32
CA VAL J 450 -27.23 15.43 -17.00
C VAL J 450 -26.12 15.67 -15.99
N HIS J 451 -26.20 16.78 -15.27
CA HIS J 451 -25.14 17.22 -14.40
C HIS J 451 -25.22 16.51 -13.05
N GLN J 452 -24.13 16.60 -12.29
CA GLN J 452 -24.07 15.93 -11.00
C GLN J 452 -24.99 16.57 -9.97
N TRP J 453 -25.27 17.86 -10.12
CA TRP J 453 -26.15 18.53 -9.17
C TRP J 453 -27.55 17.91 -9.20
N GLU J 454 -28.01 17.51 -10.38
CA GLU J 454 -29.29 16.83 -10.48
C GLU J 454 -29.28 15.51 -9.72
N ARG J 455 -28.22 14.72 -9.89
CA ARG J 455 -28.12 13.47 -9.16
C ARG J 455 -27.94 13.69 -7.68
N ASP J 456 -27.49 14.88 -7.27
CA ASP J 456 -27.43 15.20 -5.86
C ASP J 456 -28.82 15.49 -5.31
N GLN J 457 -29.53 16.45 -5.91
CA GLN J 457 -30.88 16.76 -5.46
C GLN J 457 -31.81 15.58 -5.63
N TYR J 458 -31.84 15.01 -6.82
CA TYR J 458 -32.68 13.86 -7.13
C TYR J 458 -31.88 12.58 -6.89
N LEU J 459 -32.39 11.46 -7.42
CA LEU J 459 -31.78 10.14 -7.29
C LEU J 459 -32.01 9.61 -5.88
N THR J 460 -32.54 10.44 -5.00
CA THR J 460 -32.98 10.04 -3.67
C THR J 460 -34.37 10.57 -3.35
N LEU J 461 -34.69 11.80 -3.74
CA LEU J 461 -35.98 12.39 -3.42
C LEU J 461 -37.08 11.81 -4.30
N TYR J 462 -36.73 11.40 -5.52
CA TYR J 462 -37.69 10.77 -6.42
C TYR J 462 -37.23 9.37 -6.79
N SER K 22 54.69 -1.69 -34.55
CA SER K 22 55.18 -2.50 -33.44
C SER K 22 55.60 -1.63 -32.27
N TYR K 23 56.22 -2.25 -31.26
CA TYR K 23 56.64 -1.56 -30.05
C TYR K 23 57.85 -2.27 -29.48
N THR K 24 58.52 -1.59 -28.55
CA THR K 24 59.65 -2.17 -27.83
C THR K 24 59.59 -1.72 -26.37
N ARG K 25 60.44 -2.33 -25.55
CA ARG K 25 60.41 -2.09 -24.12
C ARG K 25 60.56 -0.61 -23.80
N GLU K 26 61.56 0.04 -24.38
CA GLU K 26 61.74 1.47 -24.16
C GLU K 26 60.56 2.27 -24.68
N ASP K 27 59.98 1.84 -25.81
CA ASP K 27 58.78 2.50 -26.31
C ASP K 27 57.64 2.40 -25.31
N ILE K 28 57.45 1.23 -24.71
CA ILE K 28 56.39 1.06 -23.72
C ILE K 28 56.64 1.94 -22.51
N ILE K 29 57.88 1.98 -22.03
CA ILE K 29 58.21 2.80 -20.87
C ILE K 29 57.94 4.27 -21.17
N ARG K 30 58.38 4.74 -22.34
CA ARG K 30 58.17 6.14 -22.72
C ARG K 30 56.69 6.47 -22.84
N ILE K 31 55.92 5.57 -23.46
CA ILE K 31 54.49 5.83 -23.61
C ILE K 31 53.79 5.84 -22.27
N ALA K 32 54.14 4.89 -21.39
CA ALA K 32 53.60 4.90 -20.03
C ALA K 32 53.93 6.21 -19.33
N GLU K 33 55.11 6.77 -19.60
CA GLU K 33 55.44 8.09 -19.08
C GLU K 33 54.59 9.18 -19.72
N GLU K 34 54.17 8.97 -20.98
CA GLU K 34 53.57 10.06 -21.73
C GLU K 34 52.16 10.39 -21.24
N GLU K 35 51.21 9.47 -21.42
CA GLU K 35 49.82 9.75 -21.05
C GLU K 35 49.50 9.36 -19.62
N ASN K 36 50.50 9.13 -18.78
CA ASN K 36 50.31 8.90 -17.35
C ASN K 36 49.49 7.64 -17.10
N VAL K 37 49.87 6.54 -17.76
CA VAL K 37 49.27 5.25 -17.46
C VAL K 37 49.61 4.86 -16.03
N ARG K 38 48.58 4.52 -15.25
CA ARG K 38 48.76 4.15 -13.86
C ARG K 38 48.36 2.72 -13.53
N PHE K 39 47.71 2.01 -14.46
CA PHE K 39 47.01 0.78 -14.15
C PHE K 39 47.08 -0.14 -15.36
N ILE K 40 47.63 -1.33 -15.17
CA ILE K 40 47.90 -2.24 -16.29
C ILE K 40 47.11 -3.52 -16.09
N ARG K 41 46.47 -3.98 -17.17
CA ARG K 41 45.73 -5.23 -17.16
C ARG K 41 46.53 -6.28 -17.93
N LEU K 42 47.29 -7.09 -17.20
CA LEU K 42 48.04 -8.21 -17.80
C LEU K 42 47.03 -9.31 -18.07
N GLN K 43 46.58 -9.39 -19.32
CA GLN K 43 45.41 -10.20 -19.64
C GLN K 43 45.77 -11.50 -20.34
N PHE K 44 44.84 -12.46 -20.29
CA PHE K 44 44.91 -13.72 -21.02
C PHE K 44 43.53 -14.37 -20.95
N THR K 45 43.45 -15.62 -21.40
CA THR K 45 42.18 -16.32 -21.46
C THR K 45 42.36 -17.77 -21.02
N ASP K 46 41.31 -18.33 -20.43
CA ASP K 46 41.28 -19.74 -20.06
C ASP K 46 40.63 -20.55 -21.16
N LEU K 47 40.46 -21.84 -20.91
CA LEU K 47 39.77 -22.69 -21.88
C LEU K 47 38.28 -22.39 -21.94
N LEU K 48 37.70 -21.90 -20.84
CA LEU K 48 36.30 -21.54 -20.81
C LEU K 48 35.99 -20.29 -21.61
N GLY K 49 37.01 -19.48 -21.93
CA GLY K 49 36.85 -18.33 -22.78
C GLY K 49 36.71 -17.00 -22.08
N THR K 50 36.25 -16.99 -20.82
CA THR K 50 36.04 -15.73 -20.13
C THR K 50 37.37 -15.04 -19.85
N ILE K 51 37.39 -13.73 -20.06
CA ILE K 51 38.63 -12.95 -20.02
C ILE K 51 39.19 -12.98 -18.60
N LYS K 52 40.46 -13.38 -18.49
CA LYS K 52 41.15 -13.40 -17.18
C LYS K 52 42.29 -12.37 -17.23
N ASN K 53 42.77 -11.93 -16.06
CA ASN K 53 43.86 -10.96 -16.03
C ASN K 53 44.43 -10.83 -14.63
N VAL K 54 45.43 -9.96 -14.52
CA VAL K 54 45.92 -9.47 -13.24
C VAL K 54 46.14 -7.96 -13.36
N GLU K 55 45.80 -7.23 -12.30
CA GLU K 55 45.94 -5.78 -12.29
C GLU K 55 47.24 -5.37 -11.62
N ILE K 56 47.98 -4.47 -12.26
CA ILE K 56 49.30 -4.10 -11.79
C ILE K 56 49.44 -2.58 -11.73
N PRO K 57 50.07 -2.03 -10.70
CA PRO K 57 50.40 -0.60 -10.73
C PRO K 57 51.54 -0.33 -11.69
N VAL K 58 51.65 0.94 -12.11
CA VAL K 58 52.63 1.29 -13.13
C VAL K 58 54.06 1.07 -12.66
N SER K 59 54.32 1.16 -11.36
CA SER K 59 55.67 1.04 -10.84
C SER K 59 56.27 -0.35 -11.03
N GLN K 60 55.45 -1.36 -11.31
CA GLN K 60 55.92 -2.70 -11.59
C GLN K 60 56.06 -2.97 -13.09
N LEU K 61 55.79 -1.96 -13.93
CA LEU K 61 55.71 -2.18 -15.36
C LEU K 61 57.01 -2.76 -15.92
N GLU K 62 58.14 -2.24 -15.47
CA GLU K 62 59.42 -2.78 -15.92
C GLU K 62 59.51 -4.28 -15.63
N LYS K 63 59.14 -4.69 -14.41
CA LYS K 63 59.15 -6.10 -14.09
C LYS K 63 58.17 -6.86 -14.96
N ALA K 64 57.05 -6.22 -15.32
CA ALA K 64 56.12 -6.85 -16.25
C ALA K 64 56.77 -7.06 -17.61
N LEU K 65 57.59 -6.11 -18.05
CA LEU K 65 58.25 -6.26 -19.35
C LEU K 65 59.36 -7.29 -19.30
N ASP K 66 59.76 -7.71 -18.11
CA ASP K 66 60.83 -8.68 -17.93
C ASP K 66 60.35 -10.12 -18.03
N ASN K 67 59.04 -10.33 -18.20
CA ASN K 67 58.45 -11.66 -18.21
C ASN K 67 58.76 -12.41 -16.92
N LYS K 68 58.42 -11.79 -15.78
CA LYS K 68 58.71 -12.35 -14.48
C LYS K 68 57.47 -12.41 -13.57
N MET K 69 56.35 -11.83 -14.01
CA MET K 69 55.13 -11.86 -13.21
C MET K 69 54.61 -13.28 -13.12
N MET K 70 54.21 -13.69 -11.91
CA MET K 70 53.78 -15.05 -11.63
C MET K 70 52.36 -15.05 -11.09
N PHE K 71 51.63 -16.13 -11.36
CA PHE K 71 50.27 -16.30 -10.86
C PHE K 71 50.00 -17.80 -10.72
N ASP K 72 48.74 -18.12 -10.42
CA ASP K 72 48.35 -19.49 -10.10
C ASP K 72 48.69 -20.45 -11.23
N GLY K 73 48.30 -20.09 -12.47
CA GLY K 73 48.50 -20.94 -13.62
C GLY K 73 47.44 -22.00 -13.79
N SER K 74 47.05 -22.68 -12.72
CA SER K 74 46.00 -23.69 -12.80
C SER K 74 44.64 -23.09 -13.14
N SER K 75 44.50 -21.77 -13.09
CA SER K 75 43.25 -21.14 -13.49
C SER K 75 42.86 -21.48 -14.93
N ILE K 76 43.83 -21.83 -15.76
CA ILE K 76 43.53 -22.25 -17.13
C ILE K 76 42.63 -23.47 -17.13
N GLU K 77 42.85 -24.40 -16.21
CA GLU K 77 41.99 -25.58 -16.14
C GLU K 77 40.58 -25.26 -15.65
N GLY K 78 40.35 -24.04 -15.17
CA GLY K 78 39.02 -23.62 -14.77
C GLY K 78 38.69 -23.87 -13.31
N TYR K 79 37.43 -24.21 -13.04
CA TYR K 79 36.98 -24.50 -11.68
C TYR K 79 37.23 -25.95 -11.28
N VAL K 80 37.79 -26.76 -12.17
CA VAL K 80 38.12 -28.15 -11.87
C VAL K 80 39.59 -28.32 -11.52
N ARG K 81 40.29 -27.22 -11.24
CA ARG K 81 41.70 -27.31 -10.86
C ARG K 81 41.84 -28.02 -9.52
N ILE K 82 42.72 -29.02 -9.49
CA ILE K 82 42.90 -29.86 -8.32
C ILE K 82 44.27 -29.66 -7.69
N GLU K 83 45.30 -29.40 -8.50
CA GLU K 83 46.64 -29.19 -8.00
C GLU K 83 47.16 -27.85 -8.48
N GLU K 84 47.84 -27.13 -7.58
CA GLU K 84 48.27 -25.77 -7.86
C GLU K 84 49.62 -25.77 -8.56
N SER K 85 49.83 -24.77 -9.40
CA SER K 85 51.09 -24.54 -10.09
C SER K 85 51.57 -23.11 -9.83
N ASP K 86 52.65 -22.74 -10.51
CA ASP K 86 53.11 -21.37 -10.58
C ASP K 86 53.45 -21.09 -12.04
N MET K 87 52.85 -20.04 -12.61
CA MET K 87 53.01 -19.84 -14.04
C MET K 87 53.25 -18.37 -14.32
N TYR K 88 54.13 -18.12 -15.29
CA TYR K 88 54.58 -16.76 -15.58
C TYR K 88 53.82 -16.18 -16.77
N LEU K 89 53.61 -14.87 -16.71
CA LEU K 89 52.95 -14.13 -17.76
C LEU K 89 54.00 -13.49 -18.67
N TYR K 90 53.93 -13.80 -19.96
CA TYR K 90 54.86 -13.21 -20.93
C TYR K 90 54.06 -12.29 -21.85
N PRO K 91 54.14 -10.98 -21.66
CA PRO K 91 53.34 -10.07 -22.50
C PRO K 91 53.83 -10.05 -23.93
N ASP K 92 52.91 -9.74 -24.84
CA ASP K 92 53.23 -9.51 -26.24
C ASP K 92 53.14 -8.01 -26.49
N LEU K 93 54.30 -7.38 -26.63
CA LEU K 93 54.35 -5.91 -26.65
C LEU K 93 53.57 -5.34 -27.81
N ASP K 94 53.49 -6.06 -28.93
CA ASP K 94 52.77 -5.57 -30.10
C ASP K 94 51.28 -5.40 -29.84
N THR K 95 50.75 -5.99 -28.77
CA THR K 95 49.35 -5.88 -28.41
C THR K 95 49.07 -4.81 -27.36
N TRP K 96 50.06 -4.00 -27.02
CA TRP K 96 49.84 -2.91 -26.07
C TRP K 96 48.77 -1.96 -26.58
N VAL K 97 47.93 -1.48 -25.67
CA VAL K 97 46.86 -0.55 -26.02
C VAL K 97 46.40 0.12 -24.73
N VAL K 98 45.81 1.31 -24.86
CA VAL K 98 45.40 2.11 -23.73
C VAL K 98 43.90 2.38 -23.83
N PHE K 99 43.19 2.16 -22.73
CA PHE K 99 41.74 2.31 -22.72
C PHE K 99 41.36 3.79 -22.74
N PRO K 100 40.51 4.21 -23.67
CA PRO K 100 40.05 5.60 -23.69
C PRO K 100 38.76 5.82 -22.90
N TRP K 101 38.81 5.74 -21.57
CA TRP K 101 37.59 5.92 -20.79
C TRP K 101 37.45 7.30 -20.17
N VAL K 102 37.97 8.33 -20.83
CA VAL K 102 37.78 9.75 -20.50
C VAL K 102 37.78 9.97 -18.98
N THR K 103 38.88 9.58 -18.33
CA THR K 103 39.02 9.80 -16.90
C THR K 103 40.50 9.86 -16.57
N SER K 104 40.83 10.42 -15.40
CA SER K 104 42.21 10.44 -14.93
C SER K 104 42.62 9.04 -14.51
N ASP K 105 43.87 8.87 -14.07
CA ASP K 105 44.39 7.56 -13.69
C ASP K 105 44.27 6.60 -14.86
N ARG K 106 45.02 6.87 -15.93
CA ARG K 106 44.87 6.12 -17.16
C ARG K 106 45.21 4.64 -16.96
N VAL K 107 44.52 3.79 -17.74
CA VAL K 107 44.64 2.35 -17.63
C VAL K 107 45.11 1.80 -18.96
N ALA K 108 45.97 0.78 -18.91
CA ALA K 108 46.56 0.20 -20.11
C ALA K 108 46.34 -1.31 -20.12
N ARG K 109 46.33 -1.87 -21.33
CA ARG K 109 46.06 -3.28 -21.52
C ARG K 109 47.28 -3.95 -22.13
N LEU K 110 47.59 -5.15 -21.65
CA LEU K 110 48.61 -5.98 -22.26
C LEU K 110 48.11 -7.40 -22.36
N ILE K 111 48.21 -7.98 -23.56
CA ILE K 111 47.81 -9.35 -23.80
C ILE K 111 49.02 -10.26 -23.66
N CYS K 112 48.87 -11.32 -22.87
CA CYS K 112 50.00 -12.13 -22.46
C CYS K 112 49.78 -13.58 -22.85
N ASP K 113 50.88 -14.29 -23.04
CA ASP K 113 50.88 -15.74 -23.10
C ASP K 113 51.29 -16.28 -21.74
N ILE K 114 51.03 -17.57 -21.52
CA ILE K 114 51.31 -18.22 -20.25
C ILE K 114 52.47 -19.19 -20.45
N TYR K 115 53.44 -19.15 -19.54
CA TYR K 115 54.62 -19.99 -19.65
C TYR K 115 54.86 -20.74 -18.35
N LYS K 116 55.41 -21.95 -18.48
CA LYS K 116 55.77 -22.75 -17.33
C LYS K 116 56.95 -22.13 -16.61
N PRO K 117 57.19 -22.51 -15.35
CA PRO K 117 58.37 -22.00 -14.65
C PRO K 117 59.68 -22.40 -15.31
N ASP K 118 59.72 -23.52 -16.01
CA ASP K 118 60.96 -23.94 -16.65
C ASP K 118 61.17 -23.29 -18.02
N GLY K 119 60.22 -22.47 -18.48
CA GLY K 119 60.36 -21.73 -19.71
C GLY K 119 59.56 -22.26 -20.87
N SER K 120 59.13 -23.52 -20.82
CA SER K 120 58.39 -24.09 -21.93
C SER K 120 56.95 -23.54 -21.95
N PRO K 121 56.34 -23.49 -23.13
CA PRO K 121 54.95 -23.01 -23.22
C PRO K 121 53.99 -23.96 -22.50
N PHE K 122 52.92 -23.39 -21.97
CA PHE K 122 51.88 -24.20 -21.37
C PHE K 122 51.01 -24.80 -22.45
N ALA K 123 50.78 -26.12 -22.37
CA ALA K 123 50.04 -26.82 -23.41
C ALA K 123 48.59 -26.37 -23.51
N GLY K 124 47.97 -26.01 -22.39
CA GLY K 124 46.54 -25.76 -22.36
C GLY K 124 46.09 -24.35 -22.61
N ASP K 125 46.96 -23.48 -23.12
CA ASP K 125 46.58 -22.09 -23.36
C ASP K 125 45.97 -21.95 -24.74
N PRO K 126 44.74 -21.42 -24.87
CA PRO K 126 44.13 -21.33 -26.21
C PRO K 126 44.96 -20.54 -27.21
N ARG K 127 45.58 -19.44 -26.76
CA ARG K 127 46.47 -18.70 -27.64
C ARG K 127 47.65 -19.56 -28.07
N GLY K 128 48.22 -20.33 -27.14
CA GLY K 128 49.27 -21.26 -27.50
C GLY K 128 48.81 -22.28 -28.52
N ILE K 129 47.56 -22.76 -28.36
CA ILE K 129 47.02 -23.72 -29.33
C ILE K 129 46.92 -23.10 -30.71
N LEU K 130 46.38 -21.88 -30.78
CA LEU K 130 46.23 -21.23 -32.08
C LEU K 130 47.57 -20.96 -32.71
N LYS K 131 48.56 -20.53 -31.92
CA LYS K 131 49.88 -20.25 -32.48
C LYS K 131 50.57 -21.54 -32.93
N ARG K 132 50.36 -22.64 -32.22
CA ARG K 132 50.91 -23.90 -32.66
C ARG K 132 50.29 -24.34 -33.98
N VAL K 133 48.97 -24.15 -34.12
CA VAL K 133 48.31 -24.51 -35.38
C VAL K 133 48.78 -23.59 -36.51
N LEU K 134 49.00 -22.32 -36.21
CA LEU K 134 49.58 -21.43 -37.23
C LEU K 134 51.00 -21.84 -37.59
N LYS K 135 51.77 -22.31 -36.61
CA LYS K 135 53.12 -22.80 -36.91
C LYS K 135 53.07 -24.01 -37.83
N GLU K 136 52.17 -24.96 -37.55
CA GLU K 136 52.06 -26.12 -38.42
C GLU K 136 51.45 -25.78 -39.78
N ALA K 137 50.72 -24.66 -39.86
CA ALA K 137 50.28 -24.16 -41.16
C ALA K 137 51.46 -23.56 -41.93
N GLU K 138 52.29 -22.78 -41.25
CA GLU K 138 53.46 -22.18 -41.88
C GLU K 138 54.41 -23.24 -42.38
N GLU K 139 54.59 -24.32 -41.62
CA GLU K 139 55.42 -25.43 -42.07
C GLU K 139 54.92 -26.03 -43.37
N LEU K 140 53.65 -25.84 -43.70
CA LEU K 140 53.09 -26.31 -44.96
C LEU K 140 53.19 -25.27 -46.07
N GLY K 141 53.78 -24.11 -45.79
CA GLY K 141 54.02 -23.11 -46.81
C GLY K 141 53.07 -21.94 -46.83
N TYR K 142 52.00 -21.97 -46.04
CA TYR K 142 51.02 -20.88 -45.99
C TYR K 142 51.44 -19.94 -44.85
N THR K 143 51.68 -18.67 -45.19
CA THR K 143 52.28 -17.76 -44.23
C THR K 143 51.29 -17.33 -43.15
N SER K 144 50.04 -17.05 -43.51
CA SER K 144 49.12 -16.48 -42.53
C SER K 144 47.69 -16.90 -42.84
N MET K 145 46.81 -16.61 -41.89
CA MET K 145 45.39 -16.91 -41.97
C MET K 145 44.61 -15.62 -41.78
N ASN K 146 43.95 -15.15 -42.83
CA ASN K 146 43.15 -13.93 -42.76
C ASN K 146 41.77 -14.31 -42.23
N VAL K 147 41.37 -13.69 -41.13
CA VAL K 147 40.13 -14.01 -40.42
C VAL K 147 39.39 -12.72 -40.12
N GLY K 148 38.12 -12.66 -40.55
CA GLY K 148 37.25 -11.56 -40.19
C GLY K 148 35.95 -12.06 -39.59
N PRO K 149 35.71 -11.74 -38.34
CA PRO K 149 34.50 -12.21 -37.66
C PRO K 149 33.32 -11.24 -37.85
N GLU K 150 32.13 -11.76 -37.62
CA GLU K 150 30.91 -10.95 -37.59
C GLU K 150 30.09 -11.29 -36.35
N PRO K 151 30.52 -10.83 -35.17
CA PRO K 151 29.80 -11.17 -33.94
C PRO K 151 28.60 -10.25 -33.71
N GLU K 152 27.54 -10.82 -33.13
CA GLU K 152 26.32 -10.12 -32.78
C GLU K 152 26.09 -10.24 -31.29
N PHE K 153 25.52 -9.21 -30.69
CA PHE K 153 25.30 -9.20 -29.25
C PHE K 153 23.95 -8.58 -28.94
N PHE K 154 23.38 -8.97 -27.80
CA PHE K 154 22.08 -8.50 -27.36
C PHE K 154 22.23 -7.47 -26.25
N LEU K 155 21.35 -6.48 -26.26
CA LEU K 155 21.23 -5.50 -25.19
C LEU K 155 19.88 -5.65 -24.53
N PHE K 156 19.89 -5.81 -23.20
CA PHE K 156 18.70 -5.92 -22.40
C PHE K 156 18.67 -4.80 -21.36
N LYS K 157 17.49 -4.23 -21.15
CA LYS K 157 17.35 -3.23 -20.11
C LYS K 157 17.55 -3.86 -18.74
N THR K 158 18.25 -3.15 -17.87
CA THR K 158 18.56 -3.64 -16.54
C THR K 158 17.49 -3.18 -15.56
N ASP K 159 17.49 -3.80 -14.39
CA ASP K 159 16.59 -3.43 -13.31
C ASP K 159 17.32 -2.51 -12.33
N GLU K 160 16.69 -2.24 -11.19
CA GLU K 160 17.29 -1.34 -10.21
C GLU K 160 18.53 -1.95 -9.57
N LYS K 161 18.58 -3.27 -9.42
CA LYS K 161 19.70 -3.92 -8.77
C LYS K 161 20.86 -4.22 -9.72
N GLY K 162 20.72 -3.92 -11.01
CA GLY K 162 21.79 -4.16 -11.95
C GLY K 162 21.74 -5.48 -12.67
N ASP K 163 20.60 -6.17 -12.67
CA ASP K 163 20.55 -7.43 -13.40
C ASP K 163 19.78 -7.27 -14.70
N PRO K 164 20.08 -8.07 -15.72
CA PRO K 164 19.35 -7.95 -16.98
C PRO K 164 17.93 -8.48 -16.85
N THR K 165 16.99 -7.75 -17.44
CA THR K 165 15.60 -8.18 -17.52
C THR K 165 15.37 -8.86 -18.86
N THR K 166 14.11 -9.11 -19.18
CA THR K 166 13.76 -9.85 -20.40
C THR K 166 13.40 -8.94 -21.56
N GLU K 167 13.23 -7.64 -21.33
CA GLU K 167 12.79 -6.72 -22.36
C GLU K 167 14.00 -6.09 -23.05
N LEU K 168 13.94 -6.02 -24.39
CA LEU K 168 15.06 -5.56 -25.18
C LEU K 168 15.14 -4.03 -25.15
N ASN K 169 16.23 -3.50 -25.70
CA ASN K 169 16.42 -2.06 -25.74
C ASN K 169 15.57 -1.38 -26.81
N ASP K 170 15.34 -2.04 -27.95
CA ASP K 170 14.57 -1.46 -29.03
C ASP K 170 13.72 -2.55 -29.67
N GLN K 171 12.93 -2.15 -30.66
CA GLN K 171 12.02 -3.06 -31.36
C GLN K 171 12.12 -2.90 -32.86
N GLY K 172 13.31 -2.60 -33.36
CA GLY K 172 13.50 -2.45 -34.79
C GLY K 172 13.65 -3.80 -35.50
N GLY K 173 13.57 -3.74 -36.82
CA GLY K 173 13.71 -4.93 -37.65
C GLY K 173 15.12 -5.13 -38.13
N TYR K 174 15.28 -5.89 -39.22
CA TYR K 174 16.62 -6.21 -39.73
C TYR K 174 17.19 -5.00 -40.47
N PHE K 175 18.47 -4.69 -40.22
CA PHE K 175 19.13 -3.51 -40.76
C PHE K 175 18.31 -2.25 -40.56
N ASP K 176 18.11 -1.86 -39.30
CA ASP K 176 17.25 -0.73 -39.00
C ASP K 176 18.06 0.46 -38.48
N LEU K 177 17.35 1.56 -38.28
CA LEU K 177 17.86 2.76 -37.64
C LEU K 177 17.12 3.05 -36.34
N ALA K 178 16.58 1.99 -35.72
CA ALA K 178 15.82 2.16 -34.48
C ALA K 178 16.64 2.85 -33.39
N PRO K 179 17.89 2.46 -33.12
CA PRO K 179 18.61 3.26 -32.11
C PRO K 179 19.14 4.56 -32.71
N MET K 180 18.28 5.56 -32.76
CA MET K 180 18.62 6.85 -33.33
C MET K 180 18.96 7.84 -32.22
N ASP K 181 19.27 9.08 -32.61
CA ASP K 181 19.53 10.20 -31.71
C ASP K 181 20.81 10.02 -30.92
N LEU K 182 20.76 10.32 -29.62
CA LEU K 182 21.91 10.21 -28.73
C LEU K 182 21.53 9.50 -27.45
N GLY K 183 20.23 9.51 -27.12
CA GLY K 183 19.76 8.85 -25.93
C GLY K 183 19.95 7.34 -25.97
N GLU K 184 20.93 6.86 -25.19
CA GLU K 184 21.27 5.44 -25.14
C GLU K 184 21.59 4.89 -26.53
N ASN K 185 22.27 5.72 -27.33
CA ASN K 185 22.77 5.29 -28.64
C ASN K 185 24.11 4.57 -28.46
N CYS K 186 24.00 3.30 -28.07
CA CYS K 186 25.19 2.53 -27.75
C CYS K 186 26.05 2.27 -28.99
N ARG K 187 25.43 1.81 -30.08
CA ARG K 187 26.18 1.31 -31.22
C ARG K 187 27.21 2.32 -31.73
N ARG K 188 26.77 3.58 -31.90
CA ARG K 188 27.66 4.61 -32.40
C ARG K 188 28.89 4.77 -31.51
N GLU K 189 28.65 4.93 -30.21
CA GLU K 189 29.75 5.22 -29.31
C GLU K 189 30.66 4.00 -29.16
N ILE K 190 30.10 2.79 -29.27
CA ILE K 190 30.93 1.60 -29.28
C ILE K 190 31.87 1.62 -30.49
N VAL K 191 31.32 1.92 -31.66
CA VAL K 191 32.16 1.96 -32.85
C VAL K 191 33.25 3.01 -32.69
N LEU K 192 32.90 4.16 -32.13
CA LEU K 192 33.87 5.25 -31.97
C LEU K 192 34.98 4.85 -30.99
N LYS K 193 34.62 4.22 -29.87
CA LYS K 193 35.64 3.82 -28.90
C LYS K 193 36.54 2.73 -29.47
N LEU K 194 35.98 1.79 -30.22
CA LEU K 194 36.84 0.80 -30.87
C LEU K 194 37.76 1.47 -31.88
N GLU K 195 37.26 2.45 -32.63
CA GLU K 195 38.11 3.11 -33.61
C GLU K 195 39.25 3.86 -32.92
N GLU K 196 38.95 4.57 -31.83
CA GLU K 196 40.00 5.22 -31.06
C GLU K 196 40.94 4.19 -30.43
N MET K 197 40.45 2.99 -30.20
CA MET K 197 41.30 1.91 -29.72
C MET K 197 42.28 1.45 -30.79
N GLY K 198 42.02 1.79 -32.05
CA GLY K 198 42.87 1.34 -33.14
C GLY K 198 42.24 0.22 -33.93
N PHE K 199 40.95 -0.04 -33.66
CA PHE K 199 40.24 -1.15 -34.28
C PHE K 199 39.80 -0.79 -35.70
N GLU K 200 39.81 -1.79 -36.57
CA GLU K 200 39.40 -1.64 -37.97
C GLU K 200 37.97 -2.16 -38.07
N ILE K 201 37.02 -1.23 -38.10
CA ILE K 201 35.60 -1.58 -38.11
C ILE K 201 35.07 -1.44 -39.53
N GLU K 202 34.57 -2.54 -40.08
CA GLU K 202 34.03 -2.52 -41.44
C GLU K 202 32.60 -1.98 -41.48
N ALA K 203 31.78 -2.38 -40.51
CA ALA K 203 30.39 -1.96 -40.48
C ALA K 203 29.79 -2.27 -39.11
N SER K 204 28.61 -1.69 -38.86
CA SER K 204 27.87 -1.92 -37.64
C SER K 204 26.40 -1.62 -37.91
N HIS K 205 25.53 -2.53 -37.50
CA HIS K 205 24.14 -2.45 -37.94
C HIS K 205 23.25 -3.22 -36.98
N HIS K 206 21.93 -3.09 -37.19
CA HIS K 206 20.93 -3.76 -36.37
C HIS K 206 20.58 -5.11 -36.99
N GLU K 207 20.50 -6.13 -36.14
CA GLU K 207 20.36 -7.48 -36.64
C GLU K 207 18.88 -7.90 -36.58
N VAL K 208 18.64 -9.17 -36.90
CA VAL K 208 17.28 -9.63 -37.20
C VAL K 208 16.37 -9.46 -35.99
N ALA K 209 16.79 -9.94 -34.86
CA ALA K 209 15.90 -9.83 -33.72
C ALA K 209 15.93 -8.40 -33.19
N PRO K 210 14.90 -7.99 -32.45
CA PRO K 210 14.99 -6.73 -31.71
C PRO K 210 16.14 -6.78 -30.71
N GLY K 211 16.86 -5.66 -30.60
CA GLY K 211 17.92 -5.55 -29.62
C GLY K 211 19.19 -6.27 -29.95
N GLN K 212 19.42 -6.66 -31.20
CA GLN K 212 20.62 -7.38 -31.59
C GLN K 212 21.48 -6.52 -32.52
N HIS K 213 22.73 -6.30 -32.12
CA HIS K 213 23.66 -5.47 -32.86
C HIS K 213 24.85 -6.30 -33.31
N GLU K 214 25.17 -6.23 -34.61
CA GLU K 214 26.30 -6.94 -35.18
C GLU K 214 27.41 -5.96 -35.47
N ILE K 215 28.65 -6.33 -35.17
CA ILE K 215 29.82 -5.49 -35.44
C ILE K 215 30.74 -6.24 -36.37
N ASP K 216 30.98 -5.69 -37.54
CA ASP K 216 31.81 -6.31 -38.56
C ASP K 216 33.23 -5.79 -38.43
N PHE K 217 34.20 -6.70 -38.41
CA PHE K 217 35.59 -6.30 -38.33
C PHE K 217 36.25 -6.33 -39.69
N LYS K 218 37.24 -5.45 -39.87
CA LYS K 218 38.11 -5.57 -41.01
C LYS K 218 39.14 -6.66 -40.75
N TYR K 219 39.70 -7.18 -41.84
CA TYR K 219 40.37 -8.46 -41.78
C TYR K 219 41.74 -8.31 -41.14
N ALA K 220 42.14 -9.33 -40.40
CA ALA K 220 43.38 -9.26 -39.63
C ALA K 220 43.98 -10.66 -39.52
N ASP K 221 45.20 -10.71 -38.99
CA ASP K 221 45.86 -11.98 -38.80
C ASP K 221 45.17 -12.76 -37.68
N ALA K 222 45.37 -14.08 -37.68
CA ALA K 222 44.57 -14.98 -36.85
C ALA K 222 44.68 -14.62 -35.38
N VAL K 223 45.90 -14.53 -34.85
CA VAL K 223 46.08 -14.23 -33.44
C VAL K 223 45.55 -12.83 -33.12
N LYS K 224 45.87 -11.86 -33.98
CA LYS K 224 45.36 -10.51 -33.77
C LYS K 224 43.85 -10.45 -33.94
N ALA K 225 43.31 -11.27 -34.84
CA ALA K 225 41.85 -11.31 -35.00
C ALA K 225 41.17 -11.84 -33.74
N ALA K 226 41.73 -12.89 -33.15
CA ALA K 226 41.17 -13.42 -31.91
C ALA K 226 41.28 -12.40 -30.78
N ASP K 227 42.43 -11.75 -30.67
CA ASP K 227 42.56 -10.68 -29.68
C ASP K 227 41.56 -9.57 -29.94
N GLN K 228 41.31 -9.27 -31.21
CA GLN K 228 40.29 -8.29 -31.55
C GLN K 228 38.92 -8.73 -31.05
N ILE K 229 38.57 -9.99 -31.23
CA ILE K 229 37.26 -10.48 -30.77
C ILE K 229 37.17 -10.37 -29.26
N GLN K 230 38.23 -10.77 -28.56
CA GLN K 230 38.20 -10.72 -27.10
C GLN K 230 38.05 -9.30 -26.58
N THR K 231 38.91 -8.40 -27.06
CA THR K 231 38.83 -7.01 -26.60
C THR K 231 37.52 -6.37 -27.04
N PHE K 232 37.00 -6.79 -28.20
CA PHE K 232 35.69 -6.35 -28.64
C PHE K 232 34.61 -6.71 -27.64
N LYS K 233 34.61 -7.97 -27.19
CA LYS K 233 33.65 -8.39 -26.19
C LYS K 233 33.80 -7.55 -24.92
N LEU K 234 35.04 -7.37 -24.45
CA LEU K 234 35.25 -6.62 -23.22
C LEU K 234 34.75 -5.19 -23.35
N VAL K 235 35.04 -4.55 -24.49
CA VAL K 235 34.65 -3.15 -24.66
C VAL K 235 33.14 -3.03 -24.75
N VAL K 236 32.49 -3.94 -25.49
CA VAL K 236 31.03 -3.88 -25.59
C VAL K 236 30.39 -4.08 -24.23
N LYS K 237 30.90 -5.04 -23.47
CA LYS K 237 30.36 -5.26 -22.10
C LYS K 237 30.52 -3.96 -21.30
N THR K 238 31.73 -3.39 -21.27
CA THR K 238 31.99 -2.20 -20.47
C THR K 238 31.05 -1.06 -20.84
N ILE K 239 30.89 -0.83 -22.14
CA ILE K 239 30.01 0.25 -22.60
C ILE K 239 28.57 -0.02 -22.20
N ALA K 240 28.10 -1.25 -22.36
CA ALA K 240 26.73 -1.55 -21.99
C ALA K 240 26.50 -1.29 -20.50
N ARG K 241 27.44 -1.72 -19.65
CA ARG K 241 27.32 -1.40 -18.23
C ARG K 241 27.30 0.11 -18.01
N GLN K 242 28.06 0.86 -18.81
CA GLN K 242 28.07 2.31 -18.68
C GLN K 242 26.73 2.94 -19.04
N HIS K 243 26.06 2.45 -20.09
CA HIS K 243 24.81 3.04 -20.55
C HIS K 243 23.60 2.49 -19.81
N GLY K 244 23.81 1.79 -18.70
CA GLY K 244 22.71 1.19 -17.98
C GLY K 244 22.01 0.08 -18.72
N LEU K 245 22.74 -0.68 -19.53
CA LEU K 245 22.20 -1.81 -20.26
C LEU K 245 23.05 -3.04 -19.94
N HIS K 246 22.58 -4.20 -20.39
CA HIS K 246 23.32 -5.44 -20.24
C HIS K 246 23.58 -6.02 -21.61
N ALA K 247 24.85 -6.28 -21.92
CA ALA K 247 25.25 -6.88 -23.18
C ALA K 247 25.53 -8.35 -22.97
N THR K 248 24.91 -9.20 -23.78
CA THR K 248 25.06 -10.64 -23.65
C THR K 248 25.31 -11.25 -25.02
N PHE K 249 26.20 -12.25 -25.06
CA PHE K 249 26.45 -13.02 -26.26
C PHE K 249 25.80 -14.39 -26.23
N MET K 250 24.90 -14.63 -25.28
CA MET K 250 24.35 -15.95 -25.10
C MET K 250 23.68 -16.39 -26.40
N PRO K 251 24.04 -17.55 -26.95
CA PRO K 251 23.70 -17.84 -28.35
C PRO K 251 22.21 -17.86 -28.66
N LYS K 252 21.35 -18.04 -27.66
CA LYS K 252 19.90 -18.02 -27.85
C LYS K 252 19.24 -17.56 -26.56
N PRO K 253 19.26 -16.25 -26.30
CA PRO K 253 18.76 -15.78 -25.00
C PRO K 253 17.28 -15.99 -24.81
N LEU K 254 16.48 -15.85 -25.86
CA LEU K 254 15.03 -15.89 -25.73
C LEU K 254 14.46 -16.84 -26.78
N PHE K 255 13.46 -17.61 -26.37
CA PHE K 255 12.79 -18.50 -27.31
C PHE K 255 11.92 -17.68 -28.25
N GLY K 256 11.87 -18.11 -29.51
CA GLY K 256 11.06 -17.44 -30.51
C GLY K 256 11.75 -16.33 -31.26
N VAL K 257 12.98 -15.97 -30.89
CA VAL K 257 13.74 -14.97 -31.61
C VAL K 257 15.07 -15.58 -32.04
N ASN K 258 15.62 -15.04 -33.12
CA ASN K 258 16.88 -15.56 -33.62
C ASN K 258 18.00 -15.28 -32.63
N GLY K 259 18.97 -16.19 -32.60
CA GLY K 259 20.08 -16.10 -31.69
C GLY K 259 21.23 -15.28 -32.23
N SER K 260 22.41 -15.50 -31.66
CA SER K 260 23.61 -14.76 -32.02
C SER K 260 24.58 -15.68 -32.75
N GLY K 261 24.97 -15.28 -33.97
CA GLY K 261 25.91 -16.01 -34.75
C GLY K 261 27.22 -15.25 -34.90
N MET K 262 28.29 -16.00 -35.17
CA MET K 262 29.63 -15.45 -35.31
C MET K 262 30.25 -15.97 -36.60
N HIS K 263 29.54 -15.74 -37.71
CA HIS K 263 30.10 -16.05 -39.03
C HIS K 263 31.53 -15.55 -39.11
N CYS K 264 32.45 -16.47 -39.40
CA CYS K 264 33.86 -16.14 -39.54
C CYS K 264 34.25 -16.32 -40.99
N ASN K 265 34.81 -15.28 -41.59
CA ASN K 265 35.36 -15.35 -42.93
C ASN K 265 36.85 -15.67 -42.83
N GLN K 266 37.29 -16.68 -43.57
CA GLN K 266 38.67 -17.11 -43.50
C GLN K 266 39.25 -17.29 -44.89
N SER K 267 40.57 -17.11 -44.98
CA SER K 267 41.31 -17.32 -46.22
C SER K 267 42.77 -17.57 -45.87
N LEU K 268 43.46 -18.35 -46.70
CA LEU K 268 44.87 -18.61 -46.49
C LEU K 268 45.73 -17.64 -47.29
N PHE K 269 46.91 -17.33 -46.75
CA PHE K 269 47.84 -16.42 -47.39
C PHE K 269 49.25 -17.02 -47.39
N LYS K 270 49.89 -16.95 -48.56
CA LYS K 270 51.34 -17.21 -48.67
C LYS K 270 51.95 -16.01 -49.39
N ASP K 271 52.75 -15.22 -48.66
CA ASP K 271 53.47 -14.08 -49.22
C ASP K 271 52.49 -13.13 -49.93
N ASN K 272 51.62 -12.54 -49.10
CA ASN K 272 50.54 -11.61 -49.49
C ASN K 272 49.89 -12.02 -50.81
N GLU K 273 49.71 -13.32 -51.01
CA GLU K 273 49.01 -13.87 -52.16
C GLU K 273 47.87 -14.74 -51.65
N ASN K 274 46.66 -14.47 -52.15
CA ASN K 274 45.48 -15.24 -51.75
C ASN K 274 45.46 -16.53 -52.54
N VAL K 275 45.77 -17.65 -51.89
CA VAL K 275 45.83 -18.94 -52.56
C VAL K 275 44.47 -19.42 -53.05
N PHE K 276 43.39 -19.01 -52.39
CA PHE K 276 42.06 -19.47 -52.76
C PHE K 276 41.63 -18.99 -54.13
N TYR K 277 42.10 -17.83 -54.58
CA TYR K 277 41.67 -17.26 -55.83
C TYR K 277 42.26 -18.00 -57.02
N ASP K 278 41.43 -18.19 -58.05
CA ASP K 278 41.89 -18.82 -59.28
C ASP K 278 40.91 -18.42 -60.39
N GLU K 279 41.37 -17.62 -61.34
CA GLU K 279 40.49 -17.17 -62.42
C GLU K 279 40.10 -18.32 -63.34
N THR K 280 40.84 -19.43 -63.29
CA THR K 280 40.52 -20.57 -64.13
C THR K 280 39.32 -21.36 -63.60
N ASP K 281 39.02 -21.24 -62.31
CA ASP K 281 37.90 -21.98 -61.74
C ASP K 281 36.56 -21.39 -62.18
N GLU K 282 35.56 -22.26 -62.29
CA GLU K 282 34.22 -21.80 -62.65
C GLU K 282 33.65 -20.86 -61.60
N LEU K 283 33.83 -21.19 -60.33
CA LEU K 283 33.40 -20.34 -59.23
C LEU K 283 34.52 -19.47 -58.69
N GLY K 284 35.70 -19.53 -59.29
CA GLY K 284 36.83 -18.77 -58.78
C GLY K 284 37.36 -19.27 -57.45
N LEU K 285 37.42 -20.59 -57.27
CA LEU K 285 38.00 -21.21 -56.09
C LEU K 285 39.09 -22.17 -56.52
N SER K 286 40.30 -22.00 -55.99
CA SER K 286 41.40 -22.87 -56.33
C SER K 286 41.20 -24.25 -55.72
N GLN K 287 41.97 -25.22 -56.22
CA GLN K 287 41.87 -26.58 -55.71
C GLN K 287 42.22 -26.65 -54.24
N THR K 288 43.15 -25.81 -53.79
CA THR K 288 43.48 -25.75 -52.38
C THR K 288 42.27 -25.28 -51.57
N ALA K 289 41.52 -24.31 -52.09
CA ALA K 289 40.31 -23.88 -51.41
C ALA K 289 39.30 -25.03 -51.30
N ARG K 290 39.12 -25.78 -52.39
CA ARG K 290 38.16 -26.88 -52.36
C ARG K 290 38.57 -27.97 -51.37
N HIS K 291 39.87 -28.28 -51.32
CA HIS K 291 40.34 -29.23 -50.32
C HIS K 291 40.09 -28.69 -48.92
N TYR K 292 40.29 -27.40 -48.73
CA TYR K 292 40.00 -26.77 -47.44
C TYR K 292 38.54 -26.98 -47.05
N MET K 293 37.63 -26.75 -48.00
CA MET K 293 36.22 -26.86 -47.67
C MET K 293 35.84 -28.30 -47.39
N ALA K 294 36.38 -29.24 -48.17
CA ALA K 294 36.10 -30.64 -47.90
C ALA K 294 36.59 -31.03 -46.51
N GLY K 295 37.78 -30.56 -46.12
CA GLY K 295 38.30 -30.88 -44.81
C GLY K 295 37.47 -30.30 -43.68
N ILE K 296 36.97 -29.07 -43.86
CA ILE K 296 36.12 -28.47 -42.85
C ILE K 296 34.78 -29.21 -42.78
N LEU K 297 34.24 -29.61 -43.93
CA LEU K 297 32.96 -30.30 -43.94
C LEU K 297 33.05 -31.65 -43.26
N LYS K 298 34.11 -32.42 -43.54
CA LYS K 298 34.19 -33.78 -43.01
C LYS K 298 34.24 -33.79 -41.49
N HIS K 299 35.00 -32.88 -40.89
CA HIS K 299 35.17 -32.85 -39.45
C HIS K 299 34.22 -31.87 -38.77
N ALA K 300 33.14 -31.47 -39.44
CA ALA K 300 32.24 -30.45 -38.89
C ALA K 300 31.58 -30.93 -37.60
N ARG K 301 30.97 -32.12 -37.63
CA ARG K 301 30.34 -32.67 -36.44
C ARG K 301 31.33 -32.77 -35.29
N ALA K 302 32.59 -33.10 -35.59
CA ALA K 302 33.60 -33.18 -34.55
C ALA K 302 33.89 -31.80 -33.96
N MET K 303 34.12 -30.81 -34.81
CA MET K 303 34.51 -29.50 -34.31
C MET K 303 33.36 -28.72 -33.69
N ALA K 304 32.12 -29.19 -33.85
CA ALA K 304 31.00 -28.48 -33.26
C ALA K 304 31.11 -28.39 -31.74
N ALA K 305 31.70 -29.41 -31.09
CA ALA K 305 31.77 -29.44 -29.64
C ALA K 305 32.60 -28.30 -29.07
N ILE K 306 33.56 -27.79 -29.83
CA ILE K 306 34.40 -26.69 -29.39
C ILE K 306 33.97 -25.37 -30.02
N THR K 307 33.44 -25.42 -31.24
CA THR K 307 32.95 -24.18 -31.84
C THR K 307 31.52 -23.87 -31.45
N ASN K 308 30.82 -24.80 -30.81
CA ASN K 308 29.52 -24.54 -30.19
C ASN K 308 29.58 -25.13 -28.79
N PRO K 309 30.22 -24.44 -27.85
CA PRO K 309 30.60 -25.08 -26.59
C PRO K 309 29.48 -25.18 -25.57
N THR K 310 28.56 -24.21 -25.55
CA THR K 310 27.55 -24.15 -24.51
C THR K 310 26.44 -25.17 -24.77
N VAL K 311 25.69 -25.48 -23.72
CA VAL K 311 24.47 -26.26 -23.88
C VAL K 311 23.44 -25.43 -24.63
N ASN K 312 23.38 -24.13 -24.34
CA ASN K 312 22.41 -23.26 -24.99
C ASN K 312 22.64 -23.13 -26.48
N SER K 313 23.86 -23.28 -26.95
CA SER K 313 24.15 -23.04 -28.36
C SER K 313 23.37 -23.98 -29.26
N TYR K 314 23.22 -25.24 -28.87
CA TYR K 314 22.47 -26.19 -29.67
C TYR K 314 20.97 -25.97 -29.60
N LYS K 315 20.50 -25.08 -28.73
CA LYS K 315 19.14 -24.59 -28.84
C LYS K 315 18.97 -23.64 -30.02
N ARG K 316 20.05 -22.96 -30.42
CA ARG K 316 19.99 -22.06 -31.57
C ARG K 316 19.94 -22.82 -32.88
N LEU K 317 20.60 -23.98 -32.94
CA LEU K 317 20.61 -24.79 -34.16
C LEU K 317 19.27 -25.50 -34.34
N VAL K 318 18.23 -24.70 -34.57
CA VAL K 318 16.89 -25.22 -34.84
C VAL K 318 16.36 -24.54 -36.10
N PRO K 319 15.46 -25.18 -36.85
CA PRO K 319 15.01 -24.59 -38.11
C PRO K 319 14.15 -23.37 -37.91
N GLY K 320 14.22 -22.45 -38.88
CA GLY K 320 13.33 -21.32 -38.94
C GLY K 320 13.90 -19.99 -38.47
N TYR K 321 15.19 -19.92 -38.15
CA TYR K 321 15.79 -18.69 -37.67
C TYR K 321 17.14 -18.43 -38.32
N GLU K 322 17.29 -18.76 -39.60
CA GLU K 322 18.51 -18.58 -40.38
C GLU K 322 19.62 -19.53 -39.91
N ALA K 323 19.42 -20.25 -38.82
CA ALA K 323 20.47 -21.06 -38.23
C ALA K 323 20.83 -22.21 -39.17
N PRO K 324 22.09 -22.33 -39.57
CA PRO K 324 22.50 -23.47 -40.37
C PRO K 324 22.61 -24.72 -39.52
N CYS K 325 21.70 -25.67 -39.78
CA CYS K 325 21.67 -26.92 -39.06
C CYS K 325 22.24 -28.10 -39.83
N TYR K 326 22.89 -27.86 -40.97
CA TYR K 326 23.28 -28.94 -41.85
C TYR K 326 24.63 -28.65 -42.50
N VAL K 327 25.37 -29.74 -42.78
CA VAL K 327 26.77 -29.58 -43.29
C VAL K 327 26.88 -29.79 -44.80
N ALA K 328 26.64 -28.73 -45.58
CA ALA K 328 26.82 -28.75 -47.02
C ALA K 328 27.25 -27.35 -47.44
N TRP K 329 27.94 -27.27 -48.58
CA TRP K 329 28.51 -26.02 -49.03
C TRP K 329 27.68 -25.47 -50.18
N SER K 330 27.51 -24.15 -50.18
CA SER K 330 26.74 -23.50 -51.23
C SER K 330 27.19 -22.05 -51.35
N ALA K 331 27.14 -21.55 -52.58
CA ALA K 331 27.42 -20.14 -52.81
C ALA K 331 26.32 -19.24 -52.29
N SER K 332 25.08 -19.73 -52.28
CA SER K 332 23.96 -18.93 -51.79
C SER K 332 22.82 -19.88 -51.42
N ASN K 333 22.52 -19.99 -50.13
CA ASN K 333 21.40 -20.80 -49.68
C ASN K 333 21.00 -20.37 -48.28
N ARG K 334 19.78 -20.73 -47.90
CA ARG K 334 19.25 -20.34 -46.59
C ARG K 334 20.09 -20.95 -45.47
N SER K 335 20.45 -22.22 -45.59
CA SER K 335 21.16 -22.89 -44.50
C SER K 335 22.13 -23.95 -44.99
N PRO K 336 23.24 -23.56 -45.61
CA PRO K 336 24.35 -24.52 -45.78
C PRO K 336 25.40 -24.33 -44.69
N MET K 337 26.28 -25.31 -44.52
CA MET K 337 27.38 -25.12 -43.53
C MET K 337 28.36 -24.05 -44.02
N ILE K 338 28.63 -23.96 -45.32
CA ILE K 338 29.67 -23.06 -45.79
C ILE K 338 29.11 -22.16 -46.87
N ARG K 339 29.29 -20.87 -46.71
CA ARG K 339 28.90 -19.88 -47.70
C ARG K 339 30.14 -19.32 -48.37
N ILE K 340 30.12 -19.30 -49.69
CA ILE K 340 31.20 -18.73 -50.49
C ILE K 340 30.70 -17.44 -51.11
N PRO K 341 31.14 -16.28 -50.63
CA PRO K 341 30.59 -15.01 -51.13
C PRO K 341 30.96 -14.77 -52.58
N ALA K 342 30.35 -13.72 -53.14
CA ALA K 342 30.60 -13.36 -54.53
C ALA K 342 31.93 -12.65 -54.73
N SER K 343 32.45 -12.00 -53.68
CA SER K 343 33.71 -11.26 -53.81
C SER K 343 34.84 -12.21 -54.15
N ARG K 344 35.70 -11.78 -55.07
CA ARG K 344 36.76 -12.62 -55.61
C ARG K 344 38.12 -11.93 -55.52
N GLY K 345 39.09 -12.46 -56.25
CA GLY K 345 40.41 -11.83 -56.28
C GLY K 345 41.11 -12.03 -54.97
N LEU K 346 41.71 -10.96 -54.44
CA LEU K 346 42.30 -11.00 -53.11
C LEU K 346 41.23 -11.03 -52.03
N SER K 347 39.96 -10.81 -52.38
CA SER K 347 38.87 -10.79 -51.43
C SER K 347 37.99 -12.02 -51.52
N THR K 348 38.49 -13.11 -52.13
CA THR K 348 37.77 -14.36 -52.07
C THR K 348 37.91 -14.97 -50.68
N ARG K 349 36.79 -15.40 -50.10
CA ARG K 349 36.77 -15.84 -48.72
C ARG K 349 35.90 -17.07 -48.59
N VAL K 350 36.01 -17.74 -47.45
CA VAL K 350 35.12 -18.85 -47.10
C VAL K 350 34.48 -18.52 -45.77
N GLU K 351 33.16 -18.54 -45.71
CA GLU K 351 32.43 -18.10 -44.53
C GLU K 351 31.85 -19.31 -43.81
N VAL K 352 32.37 -19.59 -42.62
CA VAL K 352 31.82 -20.64 -41.77
C VAL K 352 30.89 -19.96 -40.77
N ARG K 353 29.64 -20.41 -40.74
CA ARG K 353 28.56 -19.66 -40.09
C ARG K 353 28.12 -20.27 -38.77
N ASN K 354 28.39 -21.56 -38.55
CA ASN K 354 27.92 -22.23 -37.34
C ASN K 354 28.52 -21.68 -36.04
N PRO K 355 29.82 -21.37 -35.94
CA PRO K 355 30.35 -20.88 -34.67
C PRO K 355 29.64 -19.63 -34.20
N ASP K 356 29.47 -19.51 -32.90
CA ASP K 356 28.72 -18.45 -32.25
C ASP K 356 29.56 -17.72 -31.21
N PRO K 357 29.18 -16.49 -30.85
CA PRO K 357 30.09 -15.65 -30.05
C PRO K 357 30.48 -16.22 -28.70
N ALA K 358 29.71 -17.16 -28.15
CA ALA K 358 30.10 -17.77 -26.89
C ALA K 358 31.33 -18.67 -27.05
N ALA K 359 31.59 -19.16 -28.26
CA ALA K 359 32.73 -20.04 -28.49
C ALA K 359 34.04 -19.27 -28.39
N ASN K 360 35.07 -19.95 -27.92
CA ASN K 360 36.40 -19.35 -27.80
C ASN K 360 36.94 -19.08 -29.20
N PRO K 361 37.33 -17.84 -29.51
CA PRO K 361 37.83 -17.57 -30.87
C PRO K 361 39.14 -18.26 -31.17
N TYR K 362 40.07 -18.28 -30.20
CA TYR K 362 41.33 -18.98 -30.41
C TYR K 362 41.09 -20.45 -30.76
N LEU K 363 40.30 -21.14 -29.93
CA LEU K 363 40.06 -22.56 -30.16
C LEU K 363 39.27 -22.78 -31.44
N ALA K 364 38.26 -21.95 -31.70
CA ALA K 364 37.43 -22.15 -32.89
C ALA K 364 38.26 -22.00 -34.16
N LEU K 365 39.05 -20.92 -34.24
CA LEU K 365 39.91 -20.73 -35.40
C LEU K 365 40.96 -21.84 -35.50
N ALA K 366 41.50 -22.27 -34.37
CA ALA K 366 42.51 -23.32 -34.38
C ALA K 366 41.95 -24.61 -34.95
N VAL K 367 40.77 -25.03 -34.48
CA VAL K 367 40.21 -26.28 -34.96
C VAL K 367 39.75 -26.16 -36.41
N MET K 368 39.18 -25.01 -36.79
CA MET K 368 38.81 -24.80 -38.18
C MET K 368 40.01 -24.96 -39.09
N LEU K 369 41.09 -24.25 -38.78
CA LEU K 369 42.28 -24.30 -39.63
C LEU K 369 42.89 -25.69 -39.62
N ARG K 370 42.93 -26.37 -38.47
CA ARG K 370 43.53 -27.69 -38.43
C ARG K 370 42.75 -28.68 -39.28
N ALA K 371 41.43 -28.66 -39.19
CA ALA K 371 40.62 -29.53 -40.04
C ALA K 371 40.81 -29.17 -41.51
N GLY K 372 40.91 -27.89 -41.82
CA GLY K 372 41.14 -27.49 -43.20
C GLY K 372 42.45 -27.98 -43.76
N LEU K 373 43.53 -27.87 -42.98
CA LEU K 373 44.82 -28.38 -43.44
C LEU K 373 44.81 -29.90 -43.53
N ASP K 374 44.07 -30.57 -42.65
CA ASP K 374 43.93 -32.01 -42.81
C ASP K 374 43.27 -32.35 -44.13
N GLY K 375 42.21 -31.61 -44.48
CA GLY K 375 41.58 -31.82 -45.77
C GLY K 375 42.50 -31.50 -46.93
N ILE K 376 43.31 -30.45 -46.79
CA ILE K 376 44.23 -30.07 -47.84
C ILE K 376 45.28 -31.16 -48.06
N LYS K 377 45.86 -31.67 -46.97
CA LYS K 377 46.86 -32.72 -47.08
C LYS K 377 46.26 -33.99 -47.65
N ARG K 378 45.07 -34.37 -47.20
CA ARG K 378 44.46 -35.60 -47.70
C ARG K 378 43.80 -35.41 -49.06
N GLN K 379 43.72 -34.17 -49.56
CA GLN K 379 43.12 -33.88 -50.86
C GLN K 379 41.72 -34.47 -50.96
N MET K 380 40.91 -34.17 -49.95
CA MET K 380 39.57 -34.72 -49.87
C MET K 380 38.71 -34.23 -51.02
N ALA K 381 37.93 -35.14 -51.60
CA ALA K 381 37.08 -34.80 -52.73
C ALA K 381 35.87 -34.01 -52.24
N LEU K 382 35.73 -32.80 -52.76
CA LEU K 382 34.65 -31.92 -52.33
C LEU K 382 33.31 -32.43 -52.85
N PRO K 383 32.31 -32.63 -52.00
CA PRO K 383 30.99 -33.00 -52.51
C PRO K 383 30.36 -31.87 -53.29
N ALA K 384 29.31 -32.22 -54.03
CA ALA K 384 28.66 -31.25 -54.89
C ALA K 384 27.97 -30.18 -54.06
N PRO K 385 27.88 -28.95 -54.55
CA PRO K 385 27.12 -27.92 -53.83
C PRO K 385 25.63 -28.15 -53.97
N ILE K 386 24.87 -27.53 -53.07
CA ILE K 386 23.42 -27.60 -53.14
C ILE K 386 22.91 -26.43 -53.96
N ASP K 387 21.85 -26.67 -54.73
CA ASP K 387 21.19 -25.63 -55.50
C ASP K 387 20.22 -24.89 -54.58
N ARG K 388 19.30 -24.11 -55.17
CA ARG K 388 18.30 -23.40 -54.37
C ARG K 388 17.43 -24.38 -53.57
N ASN K 389 17.63 -25.68 -53.77
CA ASN K 389 16.92 -26.71 -53.02
C ASN K 389 17.07 -26.47 -51.53
N ILE K 390 15.95 -26.59 -50.81
CA ILE K 390 15.94 -26.31 -49.38
C ILE K 390 15.73 -27.64 -48.68
N TYR K 391 15.77 -27.64 -47.34
CA TYR K 391 15.92 -28.88 -46.59
C TYR K 391 14.62 -29.25 -45.89
N VAL K 392 13.50 -29.09 -46.62
CA VAL K 392 12.22 -29.64 -46.17
C VAL K 392 12.13 -31.14 -46.43
N MET K 393 13.15 -31.73 -47.06
CA MET K 393 13.12 -33.13 -47.43
C MET K 393 13.18 -34.02 -46.19
N SER K 394 12.88 -35.29 -46.41
CA SER K 394 12.86 -36.27 -45.33
C SER K 394 14.29 -36.66 -44.95
N GLU K 395 14.40 -37.33 -43.79
CA GLU K 395 15.70 -37.83 -43.36
C GLU K 395 16.25 -38.86 -44.34
N GLU K 396 15.37 -39.72 -44.87
CA GLU K 396 15.79 -40.65 -45.91
C GLU K 396 16.28 -39.90 -47.14
N GLU K 397 15.57 -38.85 -47.55
CA GLU K 397 16.04 -38.02 -48.65
C GLU K 397 17.31 -37.26 -48.27
N ARG K 398 17.41 -36.82 -47.01
CA ARG K 398 18.59 -36.07 -46.58
C ARG K 398 19.84 -36.92 -46.64
N ILE K 399 19.75 -38.18 -46.22
CA ILE K 399 20.89 -39.10 -46.32
C ILE K 399 21.09 -39.62 -47.73
N GLU K 400 20.03 -39.66 -48.54
CA GLU K 400 20.16 -40.09 -49.92
C GLU K 400 21.03 -39.13 -50.71
N GLU K 401 20.89 -37.83 -50.45
CA GLU K 401 21.74 -36.83 -51.08
C GLU K 401 23.08 -36.65 -50.36
N GLY K 402 23.32 -37.42 -49.29
CA GLY K 402 24.56 -37.30 -48.55
C GLY K 402 24.75 -35.99 -47.82
N ILE K 403 23.71 -35.52 -47.12
CA ILE K 403 23.75 -34.27 -46.39
C ILE K 403 23.61 -34.59 -44.90
N PRO K 404 24.72 -34.69 -44.16
CA PRO K 404 24.61 -34.93 -42.73
C PRO K 404 24.18 -33.68 -41.99
N SER K 405 24.06 -33.81 -40.67
CA SER K 405 23.60 -32.73 -39.81
C SER K 405 24.52 -32.55 -38.62
N LEU K 406 24.47 -31.37 -38.01
CA LEU K 406 25.25 -31.08 -36.84
C LEU K 406 24.70 -31.85 -35.64
N PRO K 407 25.51 -32.06 -34.60
CA PRO K 407 25.03 -32.81 -33.43
C PRO K 407 23.83 -32.13 -32.80
N ALA K 408 22.92 -32.96 -32.27
CA ALA K 408 21.66 -32.46 -31.72
C ALA K 408 21.84 -31.68 -30.43
N ASP K 409 22.80 -32.06 -29.59
CA ASP K 409 23.03 -31.38 -28.33
C ASP K 409 24.49 -31.57 -27.95
N LEU K 410 24.84 -31.13 -26.74
CA LEU K 410 26.23 -31.09 -26.35
C LEU K 410 26.82 -32.49 -26.16
N LYS K 411 26.03 -33.44 -25.67
CA LYS K 411 26.57 -34.77 -25.40
C LYS K 411 27.02 -35.47 -26.68
N GLU K 412 26.21 -35.39 -27.73
CA GLU K 412 26.60 -35.97 -29.01
C GLU K 412 27.85 -35.30 -29.54
N ALA K 413 27.94 -33.98 -29.38
CA ALA K 413 29.13 -33.26 -29.82
C ALA K 413 30.37 -33.73 -29.08
N LEU K 414 30.25 -33.94 -27.76
CA LEU K 414 31.39 -34.41 -26.98
C LEU K 414 31.83 -35.81 -27.41
N SER K 415 30.86 -36.70 -27.63
CA SER K 415 31.22 -38.04 -28.07
C SER K 415 31.93 -37.99 -29.42
N GLU K 416 31.43 -37.16 -30.34
CA GLU K 416 32.09 -37.03 -31.64
C GLU K 416 33.49 -36.45 -31.49
N LEU K 417 33.67 -35.48 -30.60
CA LEU K 417 34.99 -34.91 -30.36
C LEU K 417 35.96 -35.97 -29.87
N ILE K 418 35.54 -36.79 -28.92
CA ILE K 418 36.42 -37.85 -28.42
C ILE K 418 36.74 -38.83 -29.54
N ARG K 419 35.75 -39.21 -30.33
CA ARG K 419 35.99 -40.17 -31.41
C ARG K 419 36.79 -39.59 -32.56
N SER K 420 36.99 -38.28 -32.61
CA SER K 420 37.75 -37.66 -33.68
C SER K 420 39.22 -37.58 -33.33
N GLU K 421 40.08 -38.02 -34.24
CA GLU K 421 41.51 -38.07 -34.00
C GLU K 421 42.26 -36.85 -34.50
N VAL K 422 41.58 -35.90 -35.13
CA VAL K 422 42.26 -34.73 -35.68
C VAL K 422 42.24 -33.57 -34.69
N ILE K 423 41.04 -33.09 -34.36
CA ILE K 423 40.94 -31.92 -33.48
C ILE K 423 41.31 -32.27 -32.04
N SER K 424 41.20 -33.54 -31.64
CA SER K 424 41.74 -33.94 -30.35
C SER K 424 43.25 -33.71 -30.31
N ASP K 425 43.94 -34.07 -31.40
CA ASP K 425 45.36 -33.75 -31.50
C ASP K 425 45.60 -32.25 -31.52
N ALA K 426 44.77 -31.51 -32.27
CA ALA K 426 44.94 -30.07 -32.38
C ALA K 426 44.86 -29.40 -31.01
N LEU K 427 43.85 -29.77 -30.22
CA LEU K 427 43.72 -29.19 -28.88
C LEU K 427 44.86 -29.63 -27.97
N GLY K 428 45.43 -30.80 -28.23
CA GLY K 428 46.47 -31.33 -27.38
C GLY K 428 45.93 -32.25 -26.31
N ASP K 429 46.79 -33.18 -25.88
CA ASP K 429 46.34 -34.23 -24.96
C ASP K 429 45.93 -33.65 -23.61
N HIS K 430 46.70 -32.70 -23.08
CA HIS K 430 46.38 -32.14 -21.77
C HIS K 430 45.11 -31.31 -21.81
N ALA K 431 44.98 -30.43 -22.79
CA ALA K 431 43.81 -29.56 -22.84
C ALA K 431 42.54 -30.33 -23.17
N LEU K 432 42.65 -31.39 -23.98
CA LEU K 432 41.49 -32.16 -24.35
C LEU K 432 40.81 -32.76 -23.13
N ALA K 433 41.60 -33.33 -22.22
CA ALA K 433 41.03 -33.95 -21.03
C ALA K 433 40.28 -32.94 -20.18
N TYR K 434 40.88 -31.75 -19.98
CA TYR K 434 40.25 -30.77 -19.10
C TYR K 434 39.01 -30.16 -19.73
N PHE K 435 39.04 -29.89 -21.04
CA PHE K 435 37.85 -29.39 -21.71
C PHE K 435 36.74 -30.42 -21.68
N TYR K 436 37.06 -31.69 -21.93
CA TYR K 436 36.07 -32.75 -21.87
C TYR K 436 35.47 -32.85 -20.47
N GLU K 437 36.31 -32.73 -19.44
CA GLU K 437 35.81 -32.79 -18.07
C GLU K 437 34.87 -31.64 -17.78
N LEU K 438 35.24 -30.43 -18.20
CA LEU K 438 34.37 -29.27 -17.99
C LEU K 438 33.03 -29.45 -18.68
N LYS K 439 33.05 -29.87 -19.94
CA LYS K 439 31.79 -30.02 -20.65
C LYS K 439 30.96 -31.18 -20.11
N GLU K 440 31.61 -32.25 -19.65
CA GLU K 440 30.89 -33.35 -19.01
C GLU K 440 30.18 -32.87 -17.76
N ILE K 441 30.87 -32.08 -16.93
CA ILE K 441 30.25 -31.57 -15.72
C ILE K 441 29.09 -30.65 -16.07
N GLU K 442 29.28 -29.77 -17.07
CA GLU K 442 28.21 -28.87 -17.48
C GLU K 442 26.98 -29.66 -17.94
N TRP K 443 27.18 -30.65 -18.80
CA TRP K 443 26.05 -31.43 -19.31
C TRP K 443 25.39 -32.24 -18.20
N ASP K 444 26.20 -32.80 -17.29
CA ASP K 444 25.63 -33.55 -16.18
C ASP K 444 24.76 -32.66 -15.30
N MET K 445 25.21 -31.43 -15.06
CA MET K 445 24.38 -30.49 -14.30
C MET K 445 23.11 -30.15 -15.06
N TYR K 446 23.21 -29.97 -16.38
CA TYR K 446 22.06 -29.54 -17.15
C TYR K 446 21.00 -30.63 -17.26
N ARG K 447 21.42 -31.88 -17.47
CA ARG K 447 20.46 -32.94 -17.76
C ARG K 447 19.61 -33.31 -16.55
N THR K 448 20.08 -33.06 -15.34
CA THR K 448 19.34 -33.46 -14.15
C THR K 448 18.46 -32.36 -13.58
N GLN K 449 18.40 -31.20 -14.23
CA GLN K 449 17.52 -30.14 -13.77
C GLN K 449 16.07 -30.46 -14.11
N VAL K 450 15.17 -29.82 -13.38
CA VAL K 450 13.74 -29.92 -13.65
C VAL K 450 13.24 -28.51 -13.96
N HIS K 451 13.00 -28.24 -15.24
CA HIS K 451 12.69 -26.90 -15.70
C HIS K 451 11.20 -26.61 -15.55
N GLN K 452 10.87 -25.33 -15.68
CA GLN K 452 9.47 -24.91 -15.51
C GLN K 452 8.59 -25.39 -16.66
N TRP K 453 9.17 -25.60 -17.84
CA TRP K 453 8.37 -26.07 -18.97
C TRP K 453 7.77 -27.44 -18.67
N GLU K 454 8.52 -28.29 -17.98
CA GLU K 454 7.98 -29.59 -17.58
C GLU K 454 6.80 -29.43 -16.65
N ARG K 455 6.92 -28.54 -15.65
CA ARG K 455 5.81 -28.32 -14.73
C ARG K 455 4.64 -27.66 -15.44
N ASP K 456 4.88 -27.01 -16.57
CA ASP K 456 3.77 -26.45 -17.34
C ASP K 456 3.04 -27.54 -18.10
N GLN K 457 3.78 -28.32 -18.89
CA GLN K 457 3.15 -29.41 -19.64
C GLN K 457 2.57 -30.45 -18.69
N TYR K 458 3.37 -30.93 -17.75
CA TYR K 458 2.94 -31.92 -16.77
C TYR K 458 2.45 -31.19 -15.53
N LEU K 459 2.32 -31.94 -14.42
CA LEU K 459 1.84 -31.43 -13.13
C LEU K 459 0.33 -31.21 -13.19
N THR K 460 -0.25 -31.34 -14.37
CA THR K 460 -1.68 -31.36 -14.57
C THR K 460 -2.14 -32.51 -15.45
N LEU K 461 -1.38 -32.83 -16.49
CA LEU K 461 -1.78 -33.89 -17.41
C LEU K 461 -1.53 -35.26 -16.80
N TYR K 462 -0.55 -35.38 -15.90
CA TYR K 462 -0.28 -36.62 -15.20
C TYR K 462 -0.39 -36.43 -13.70
N SER L 22 25.70 21.07 -55.46
CA SER L 22 26.15 19.69 -55.61
C SER L 22 27.42 19.44 -54.77
N TYR L 23 27.99 18.25 -54.93
CA TYR L 23 29.17 17.85 -54.17
C TYR L 23 29.98 16.88 -55.02
N THR L 24 31.19 16.59 -54.54
CA THR L 24 32.05 15.59 -55.17
C THR L 24 32.79 14.82 -54.09
N ARG L 25 33.57 13.83 -54.53
CA ARG L 25 34.32 12.99 -53.59
C ARG L 25 35.26 13.82 -52.74
N GLU L 26 36.07 14.66 -53.39
CA GLU L 26 37.01 15.49 -52.66
C GLU L 26 36.28 16.49 -51.77
N ASP L 27 35.14 17.00 -52.22
CA ASP L 27 34.34 17.88 -51.37
C ASP L 27 33.86 17.14 -50.13
N ILE L 28 33.41 15.90 -50.31
CA ILE L 28 32.94 15.12 -49.16
C ILE L 28 34.08 14.88 -48.18
N ILE L 29 35.24 14.50 -48.68
CA ILE L 29 36.38 14.23 -47.80
C ILE L 29 36.80 15.51 -47.06
N ARG L 30 36.83 16.63 -47.78
CA ARG L 30 37.22 17.90 -47.17
C ARG L 30 36.22 18.34 -46.11
N ILE L 31 34.93 18.17 -46.39
CA ILE L 31 33.91 18.54 -45.40
C ILE L 31 34.00 17.65 -44.18
N ALA L 32 34.22 16.35 -44.38
CA ALA L 32 34.41 15.43 -43.26
C ALA L 32 35.61 15.84 -42.43
N GLU L 33 36.69 16.27 -43.08
CA GLU L 33 37.85 16.77 -42.35
C GLU L 33 37.50 18.03 -41.57
N GLU L 34 36.72 18.94 -42.18
CA GLU L 34 36.38 20.17 -41.49
C GLU L 34 35.44 19.94 -40.32
N GLU L 35 34.38 19.17 -40.52
CA GLU L 35 33.32 19.05 -39.53
C GLU L 35 33.61 18.02 -38.45
N ASN L 36 34.74 17.33 -38.52
CA ASN L 36 35.07 16.25 -37.59
C ASN L 36 33.97 15.20 -37.57
N VAL L 37 33.45 14.88 -38.76
CA VAL L 37 32.47 13.82 -38.88
C VAL L 37 33.12 12.49 -38.54
N ARG L 38 32.53 11.77 -37.59
CA ARG L 38 33.08 10.48 -37.16
C ARG L 38 32.17 9.30 -37.45
N PHE L 39 30.94 9.54 -37.92
CA PHE L 39 29.92 8.51 -37.98
C PHE L 39 29.05 8.75 -39.20
N ILE L 40 28.91 7.72 -40.02
CA ILE L 40 28.26 7.84 -41.32
C ILE L 40 27.08 6.89 -41.37
N ARG L 41 25.93 7.38 -41.83
CA ARG L 41 24.73 6.57 -41.99
C ARG L 41 24.48 6.38 -43.48
N LEU L 42 24.89 5.24 -44.02
CA LEU L 42 24.59 4.86 -45.40
C LEU L 42 23.12 4.45 -45.42
N GLN L 43 22.27 5.38 -45.87
CA GLN L 43 20.83 5.20 -45.76
C GLN L 43 20.27 4.48 -46.98
N PHE L 44 19.09 3.88 -46.80
CA PHE L 44 18.24 3.44 -47.91
C PHE L 44 16.89 3.02 -47.32
N THR L 45 16.02 2.50 -48.17
CA THR L 45 14.67 2.13 -47.76
C THR L 45 14.29 0.80 -48.41
N ASP L 46 13.48 0.02 -47.69
CA ASP L 46 12.93 -1.22 -48.19
C ASP L 46 11.56 -0.95 -48.80
N LEU L 47 10.89 -2.04 -49.22
CA LEU L 47 9.54 -1.90 -49.75
C LEU L 47 8.54 -1.57 -48.65
N LEU L 48 8.85 -1.92 -47.41
CA LEU L 48 7.97 -1.62 -46.30
C LEU L 48 7.94 -0.13 -45.97
N GLY L 49 8.93 0.63 -46.42
CA GLY L 49 9.02 2.04 -46.15
C GLY L 49 9.88 2.41 -44.97
N THR L 50 10.11 1.48 -44.04
CA THR L 50 10.89 1.79 -42.85
C THR L 50 12.33 2.11 -43.23
N ILE L 51 12.91 3.09 -42.55
CA ILE L 51 14.24 3.60 -42.88
C ILE L 51 15.29 2.58 -42.47
N LYS L 52 16.14 2.16 -43.41
CA LYS L 52 17.19 1.20 -43.14
C LYS L 52 18.53 1.84 -43.45
N ASN L 53 19.60 1.29 -42.89
CA ASN L 53 20.91 1.91 -43.09
C ASN L 53 22.05 0.99 -42.68
N VAL L 54 23.26 1.51 -42.83
CA VAL L 54 24.48 0.91 -42.29
C VAL L 54 25.28 2.00 -41.60
N GLU L 55 25.82 1.69 -40.42
CA GLU L 55 26.65 2.64 -39.69
C GLU L 55 28.12 2.38 -39.96
N ILE L 56 28.85 3.43 -40.28
CA ILE L 56 30.25 3.29 -40.71
C ILE L 56 31.13 4.29 -39.97
N PRO L 57 32.33 3.92 -39.56
CA PRO L 57 33.27 4.92 -39.03
C PRO L 57 33.87 5.75 -40.16
N VAL L 58 34.42 6.90 -39.79
CA VAL L 58 34.93 7.83 -40.79
C VAL L 58 36.09 7.26 -41.59
N SER L 59 36.88 6.36 -41.00
CA SER L 59 38.06 5.83 -41.69
C SER L 59 37.72 5.00 -42.92
N GLN L 60 36.47 4.55 -43.06
CA GLN L 60 36.03 3.81 -44.23
C GLN L 60 35.36 4.71 -45.26
N LEU L 61 35.30 6.02 -45.01
CA LEU L 61 34.51 6.92 -45.86
C LEU L 61 34.97 6.85 -47.31
N GLU L 62 36.28 6.84 -47.54
CA GLU L 62 36.78 6.73 -48.91
C GLU L 62 36.24 5.47 -49.58
N LYS L 63 36.28 4.34 -48.89
CA LYS L 63 35.73 3.12 -49.46
C LYS L 63 34.24 3.25 -49.70
N ALA L 64 33.55 4.00 -48.82
CA ALA L 64 32.14 4.27 -49.06
C ALA L 64 31.93 5.05 -50.34
N LEU L 65 32.83 6.01 -50.63
CA LEU L 65 32.68 6.81 -51.84
C LEU L 65 33.06 6.01 -53.08
N ASP L 66 33.66 4.84 -52.92
CA ASP L 66 34.06 4.00 -54.03
C ASP L 66 32.94 3.11 -54.54
N ASN L 67 31.77 3.16 -53.90
CA ASN L 67 30.65 2.28 -54.22
C ASN L 67 31.06 0.81 -54.12
N LYS L 68 31.64 0.45 -52.98
CA LYS L 68 32.15 -0.90 -52.77
C LYS L 68 31.58 -1.58 -51.52
N MET L 69 30.82 -0.85 -50.70
CA MET L 69 30.24 -1.43 -49.51
C MET L 69 29.17 -2.46 -49.88
N MET L 70 29.18 -3.60 -49.20
CA MET L 70 28.22 -4.67 -49.45
C MET L 70 27.40 -4.94 -48.20
N PHE L 71 26.20 -5.49 -48.40
CA PHE L 71 25.34 -5.92 -47.31
C PHE L 71 24.43 -7.02 -47.83
N ASP L 72 23.46 -7.41 -46.99
CA ASP L 72 22.61 -8.55 -47.29
C ASP L 72 21.88 -8.38 -48.62
N GLY L 73 21.26 -7.22 -48.83
CA GLY L 73 20.47 -6.97 -50.02
C GLY L 73 19.07 -7.54 -49.96
N SER L 74 18.91 -8.75 -49.46
CA SER L 74 17.59 -9.35 -49.31
C SER L 74 16.71 -8.62 -48.30
N SER L 75 17.30 -7.74 -47.49
CA SER L 75 16.52 -6.94 -46.56
C SER L 75 15.46 -6.11 -47.27
N ILE L 76 15.67 -5.81 -48.56
CA ILE L 76 14.66 -5.09 -49.33
C ILE L 76 13.35 -5.86 -49.36
N GLU L 77 13.42 -7.19 -49.48
CA GLU L 77 12.21 -7.99 -49.48
C GLU L 77 11.53 -8.04 -48.11
N GLY L 78 12.19 -7.54 -47.06
CA GLY L 78 11.60 -7.50 -45.74
C GLY L 78 11.86 -8.75 -44.91
N TYR L 79 10.88 -9.14 -44.10
CA TYR L 79 11.00 -10.34 -43.27
C TYR L 79 10.58 -11.61 -44.00
N VAL L 80 10.20 -11.50 -45.27
CA VAL L 80 9.84 -12.66 -46.08
C VAL L 80 11.02 -13.15 -46.92
N ARG L 81 12.23 -12.67 -46.63
CA ARG L 81 13.41 -13.08 -47.38
C ARG L 81 13.68 -14.57 -47.15
N ILE L 82 13.90 -15.29 -48.25
CA ILE L 82 14.10 -16.73 -48.20
C ILE L 82 15.50 -17.12 -48.65
N GLU L 83 16.07 -16.42 -49.62
CA GLU L 83 17.40 -16.72 -50.12
C GLU L 83 18.28 -15.49 -50.00
N GLU L 84 19.51 -15.70 -49.53
CA GLU L 84 20.40 -14.60 -49.23
C GLU L 84 21.09 -14.09 -50.50
N SER L 85 21.41 -12.81 -50.51
CA SER L 85 22.12 -12.16 -51.60
C SER L 85 23.30 -11.38 -51.05
N ASP L 86 23.98 -10.67 -51.94
CA ASP L 86 25.01 -9.70 -51.58
C ASP L 86 24.81 -8.49 -52.49
N MET L 87 24.59 -7.33 -51.89
CA MET L 87 24.23 -6.17 -52.70
C MET L 87 25.02 -4.96 -52.22
N TYR L 88 25.43 -4.13 -53.17
CA TYR L 88 26.33 -3.02 -52.89
C TYR L 88 25.56 -1.71 -52.78
N LEU L 89 26.07 -0.84 -51.91
CA LEU L 89 25.48 0.47 -51.67
C LEU L 89 26.20 1.50 -52.51
N TYR L 90 25.45 2.22 -53.35
CA TYR L 90 26.02 3.29 -54.18
C TYR L 90 25.49 4.62 -53.67
N PRO L 91 26.28 5.40 -52.95
CA PRO L 91 25.76 6.66 -52.40
C PRO L 91 25.52 7.70 -53.48
N ASP L 92 24.60 8.62 -53.19
CA ASP L 92 24.35 9.78 -54.05
C ASP L 92 24.92 11.00 -53.35
N LEU L 93 26.06 11.48 -53.85
CA LEU L 93 26.80 12.52 -53.14
C LEU L 93 26.00 13.78 -52.97
N ASP L 94 25.08 14.06 -53.90
CA ASP L 94 24.26 15.27 -53.82
C ASP L 94 23.36 15.28 -52.61
N THR L 95 23.14 14.13 -51.96
CA THR L 95 22.30 14.03 -50.79
C THR L 95 23.07 14.00 -49.48
N TRP L 96 24.36 14.31 -49.51
CA TRP L 96 25.13 14.40 -48.28
C TRP L 96 24.54 15.47 -47.37
N VAL L 97 24.52 15.20 -46.07
CA VAL L 97 24.01 16.14 -45.09
C VAL L 97 24.52 15.71 -43.72
N VAL L 98 24.56 16.66 -42.79
CA VAL L 98 25.13 16.43 -41.47
C VAL L 98 24.11 16.84 -40.41
N PHE L 99 23.91 15.97 -39.42
CA PHE L 99 22.91 16.22 -38.40
C PHE L 99 23.41 17.25 -37.39
N PRO L 100 22.58 18.23 -37.03
CA PRO L 100 22.97 19.19 -36.00
C PRO L 100 22.52 18.79 -34.60
N TRP L 101 23.04 17.69 -34.06
CA TRP L 101 22.56 17.17 -32.79
C TRP L 101 23.29 17.76 -31.58
N VAL L 102 24.09 18.81 -31.78
CA VAL L 102 24.77 19.51 -30.71
C VAL L 102 25.49 18.52 -29.80
N THR L 103 26.49 17.84 -30.34
CA THR L 103 27.30 16.92 -29.56
C THR L 103 28.64 16.73 -30.27
N SER L 104 29.65 16.29 -29.53
CA SER L 104 30.93 15.94 -30.14
C SER L 104 30.77 14.66 -30.95
N ASP L 105 31.78 14.31 -31.74
CA ASP L 105 31.72 13.13 -32.60
C ASP L 105 30.52 13.22 -33.54
N ARG L 106 30.53 14.22 -34.43
CA ARG L 106 29.38 14.53 -35.24
C ARG L 106 29.10 13.41 -36.25
N VAL L 107 27.85 13.32 -36.70
CA VAL L 107 27.38 12.23 -37.54
C VAL L 107 26.92 12.79 -38.88
N ALA L 108 27.12 12.01 -39.94
CA ALA L 108 26.79 12.41 -41.30
C ALA L 108 25.84 11.41 -41.93
N ARG L 109 25.08 11.88 -42.92
CA ARG L 109 24.09 11.07 -43.59
C ARG L 109 24.40 10.99 -45.07
N LEU L 110 24.27 9.80 -45.64
CA LEU L 110 24.32 9.61 -47.09
C LEU L 110 23.16 8.73 -47.51
N ILE L 111 22.45 9.15 -48.55
CA ILE L 111 21.36 8.37 -49.12
C ILE L 111 21.89 7.58 -50.30
N CYS L 112 21.60 6.29 -50.32
CA CYS L 112 22.23 5.37 -51.26
C CYS L 112 21.18 4.64 -52.08
N ASP L 113 21.59 4.23 -53.27
CA ASP L 113 20.84 3.27 -54.06
C ASP L 113 21.47 1.89 -53.87
N ILE L 114 20.73 0.87 -54.27
CA ILE L 114 21.16 -0.52 -54.11
C ILE L 114 21.47 -1.09 -55.49
N TYR L 115 22.61 -1.76 -55.61
CA TYR L 115 23.04 -2.32 -56.89
C TYR L 115 23.40 -3.78 -56.72
N LYS L 116 23.16 -4.56 -57.77
CA LYS L 116 23.53 -5.96 -57.78
C LYS L 116 25.05 -6.11 -57.85
N PRO L 117 25.57 -7.27 -57.48
CA PRO L 117 27.02 -7.48 -57.59
C PRO L 117 27.54 -7.38 -59.02
N ASP L 118 26.71 -7.65 -60.02
CA ASP L 118 27.17 -7.55 -61.40
C ASP L 118 27.07 -6.13 -61.95
N GLY L 119 26.57 -5.17 -61.16
CA GLY L 119 26.52 -3.79 -61.55
C GLY L 119 25.15 -3.27 -61.93
N SER L 120 24.22 -4.16 -62.27
CA SER L 120 22.90 -3.72 -62.68
C SER L 120 22.09 -3.26 -61.47
N PRO L 121 21.13 -2.36 -61.68
CA PRO L 121 20.28 -1.91 -60.57
C PRO L 121 19.40 -3.03 -60.05
N PHE L 122 19.11 -2.98 -58.75
CA PHE L 122 18.16 -3.92 -58.16
C PHE L 122 16.75 -3.51 -58.51
N ALA L 123 15.96 -4.46 -59.01
CA ALA L 123 14.61 -4.17 -59.46
C ALA L 123 13.70 -3.71 -58.33
N GLY L 124 13.85 -4.27 -57.13
CA GLY L 124 12.92 -4.05 -56.05
C GLY L 124 13.18 -2.86 -55.16
N ASP L 125 14.05 -1.94 -55.56
CA ASP L 125 14.35 -0.80 -54.72
C ASP L 125 13.37 0.34 -55.02
N PRO L 126 12.64 0.84 -54.02
CA PRO L 126 11.65 1.89 -54.31
C PRO L 126 12.24 3.13 -54.97
N ARG L 127 13.44 3.55 -54.55
CA ARG L 127 14.09 4.66 -55.20
C ARG L 127 14.40 4.34 -56.66
N GLY L 128 14.85 3.11 -56.92
CA GLY L 128 15.04 2.68 -58.29
C GLY L 128 13.75 2.71 -59.08
N ILE L 129 12.64 2.33 -58.45
CA ILE L 129 11.36 2.36 -59.13
C ILE L 129 10.99 3.79 -59.51
N LEU L 130 11.14 4.71 -58.55
CA LEU L 130 10.80 6.10 -58.83
C LEU L 130 11.68 6.68 -59.91
N LYS L 131 12.98 6.37 -59.89
CA LYS L 131 13.88 6.90 -60.90
C LYS L 131 13.57 6.30 -62.27
N ARG L 132 13.19 5.03 -62.32
CA ARG L 132 12.79 4.44 -63.59
C ARG L 132 11.53 5.11 -64.15
N VAL L 133 10.57 5.41 -63.27
CA VAL L 133 9.35 6.06 -63.74
C VAL L 133 9.66 7.49 -64.18
N LEU L 134 10.57 8.17 -63.48
CA LEU L 134 11.01 9.49 -63.94
C LEU L 134 11.72 9.41 -65.28
N LYS L 135 12.51 8.35 -65.49
CA LYS L 135 13.17 8.18 -66.79
C LYS L 135 12.15 7.99 -67.90
N GLU L 136 11.14 7.16 -67.66
CA GLU L 136 10.11 6.96 -68.68
C GLU L 136 9.23 8.21 -68.83
N ALA L 137 9.18 9.07 -67.82
CA ALA L 137 8.52 10.36 -68.00
C ALA L 137 9.36 11.30 -68.85
N GLU L 138 10.68 11.33 -68.61
CA GLU L 138 11.56 12.16 -69.42
C GLU L 138 11.56 11.73 -70.87
N GLU L 139 11.51 10.42 -71.12
CA GLU L 139 11.38 9.93 -72.49
C GLU L 139 10.12 10.45 -73.18
N LEU L 140 9.12 10.85 -72.41
CA LEU L 140 7.91 11.44 -72.95
C LEU L 140 8.02 12.96 -73.13
N GLY L 141 9.15 13.55 -72.77
CA GLY L 141 9.39 14.95 -73.00
C GLY L 141 9.23 15.86 -71.81
N TYR L 142 8.76 15.35 -70.67
CA TYR L 142 8.61 16.14 -69.45
C TYR L 142 9.86 15.97 -68.62
N THR L 143 10.51 17.09 -68.27
CA THR L 143 11.82 17.01 -67.65
C THR L 143 11.76 16.54 -66.21
N SER L 144 10.78 17.00 -65.43
CA SER L 144 10.77 16.68 -64.01
C SER L 144 9.34 16.71 -63.46
N MET L 145 9.22 16.29 -62.20
CA MET L 145 7.95 16.24 -61.50
C MET L 145 8.09 17.01 -60.19
N ASN L 146 7.49 18.20 -60.14
CA ASN L 146 7.52 19.00 -58.92
C ASN L 146 6.50 18.44 -57.94
N VAL L 147 6.98 18.05 -56.76
CA VAL L 147 6.18 17.37 -55.76
C VAL L 147 6.39 18.05 -54.41
N GLY L 148 5.29 18.43 -53.76
CA GLY L 148 5.34 18.98 -52.43
C GLY L 148 4.34 18.31 -51.52
N PRO L 149 4.82 17.63 -50.49
CA PRO L 149 3.93 16.91 -49.57
C PRO L 149 3.46 17.80 -48.43
N GLU L 150 2.40 17.35 -47.77
CA GLU L 150 1.91 17.98 -46.55
C GLU L 150 1.65 16.91 -45.50
N PRO L 151 2.70 16.34 -44.92
CA PRO L 151 2.51 15.25 -43.95
C PRO L 151 2.18 15.78 -42.56
N GLU L 152 1.38 15.00 -41.83
CA GLU L 152 0.97 15.30 -40.47
C GLU L 152 1.41 14.16 -39.57
N PHE L 153 1.77 14.48 -38.32
CA PHE L 153 2.18 13.45 -37.40
C PHE L 153 1.50 13.68 -36.05
N PHE L 154 1.38 12.60 -35.30
CA PHE L 154 0.77 12.59 -33.98
C PHE L 154 1.84 12.53 -32.91
N LEU L 155 1.63 13.28 -31.83
CA LEU L 155 2.53 13.30 -30.68
C LEU L 155 1.78 12.78 -29.47
N PHE L 156 2.33 11.76 -28.82
CA PHE L 156 1.71 11.13 -27.67
C PHE L 156 2.67 11.17 -26.48
N LYS L 157 2.14 11.43 -25.30
CA LYS L 157 2.93 11.37 -24.10
C LYS L 157 3.38 9.93 -23.83
N THR L 158 4.63 9.79 -23.39
CA THR L 158 5.21 8.50 -23.11
C THR L 158 5.04 8.16 -21.64
N ASP L 159 5.17 6.87 -21.33
CA ASP L 159 5.12 6.39 -19.96
C ASP L 159 6.55 6.32 -19.39
N GLU L 160 6.68 5.68 -18.23
CA GLU L 160 7.98 5.58 -17.59
C GLU L 160 8.95 4.70 -18.39
N LYS L 161 8.45 3.63 -18.99
CA LYS L 161 9.30 2.69 -19.71
C LYS L 161 9.60 3.11 -21.14
N GLY L 162 9.04 4.23 -21.60
CA GLY L 162 9.30 4.69 -22.95
C GLY L 162 8.29 4.29 -23.99
N ASP L 163 7.11 3.83 -23.58
CA ASP L 163 6.14 3.49 -24.63
C ASP L 163 5.07 4.56 -24.72
N PRO L 164 4.49 4.76 -25.91
CA PRO L 164 3.47 5.79 -26.05
C PRO L 164 2.17 5.39 -25.35
N THR L 165 1.57 6.37 -24.67
CA THR L 165 0.27 6.19 -24.04
C THR L 165 -0.82 6.67 -24.99
N THR L 166 -2.04 6.78 -24.49
CA THR L 166 -3.18 7.13 -25.32
C THR L 166 -3.52 8.62 -25.25
N GLU L 167 -2.89 9.37 -24.35
CA GLU L 167 -3.21 10.77 -24.15
C GLU L 167 -2.29 11.66 -24.98
N LEU L 168 -2.88 12.65 -25.64
CA LEU L 168 -2.13 13.51 -26.55
C LEU L 168 -1.30 14.53 -25.77
N ASN L 169 -0.47 15.28 -26.51
CA ASN L 169 0.35 16.30 -25.88
C ASN L 169 -0.42 17.58 -25.58
N ASP L 170 -1.38 17.95 -26.41
CA ASP L 170 -2.16 19.16 -26.18
C ASP L 170 -3.61 18.89 -26.56
N GLN L 171 -4.45 19.91 -26.39
CA GLN L 171 -5.87 19.82 -26.67
C GLN L 171 -6.35 21.02 -27.48
N GLY L 172 -5.52 21.51 -28.40
CA GLY L 172 -5.91 22.62 -29.24
C GLY L 172 -6.76 22.19 -30.42
N GLY L 173 -7.34 23.19 -31.08
CA GLY L 173 -8.16 22.94 -32.25
C GLY L 173 -7.42 23.13 -33.55
N TYR L 174 -8.15 23.28 -34.65
CA TYR L 174 -7.53 23.41 -35.97
C TYR L 174 -6.82 24.76 -36.08
N PHE L 175 -5.59 24.74 -36.60
CA PHE L 175 -4.75 25.93 -36.69
C PHE L 175 -4.68 26.69 -35.38
N ASP L 176 -4.08 26.09 -34.36
CA ASP L 176 -4.04 26.72 -33.06
C ASP L 176 -2.63 27.14 -32.69
N LEU L 177 -2.53 27.79 -31.52
CA LEU L 177 -1.26 28.16 -30.91
C LEU L 177 -1.08 27.44 -29.58
N ALA L 178 -1.79 26.33 -29.41
CA ALA L 178 -1.73 25.59 -28.14
C ALA L 178 -0.30 25.18 -27.78
N PRO L 179 0.50 24.61 -28.69
CA PRO L 179 1.89 24.34 -28.24
C PRO L 179 2.72 25.60 -28.24
N MET L 180 2.62 26.36 -27.16
CA MET L 180 3.26 27.65 -27.05
C MET L 180 4.51 27.54 -26.17
N ASP L 181 5.16 28.68 -25.94
CA ASP L 181 6.28 28.81 -24.99
C ASP L 181 7.51 28.03 -25.44
N LEU L 182 8.14 27.33 -24.50
CA LEU L 182 9.34 26.56 -24.79
C LEU L 182 9.24 25.16 -24.19
N GLY L 183 8.40 24.99 -23.18
CA GLY L 183 8.25 23.70 -22.54
C GLY L 183 7.67 22.64 -23.44
N GLU L 184 8.51 21.70 -23.87
CA GLU L 184 8.12 20.61 -24.77
C GLU L 184 7.46 21.15 -26.04
N ASN L 185 8.00 22.27 -26.54
CA ASN L 185 7.47 22.90 -27.75
C ASN L 185 8.21 22.35 -28.96
N CYS L 186 7.73 21.19 -29.41
CA CYS L 186 8.47 20.40 -30.39
C CYS L 186 8.43 21.04 -31.78
N ARG L 187 7.32 21.67 -32.14
CA ARG L 187 7.14 22.13 -33.51
C ARG L 187 8.24 23.10 -33.94
N ARG L 188 8.56 24.06 -33.07
CA ARG L 188 9.61 25.01 -33.38
C ARG L 188 10.94 24.31 -33.57
N GLU L 189 11.24 23.35 -32.70
CA GLU L 189 12.49 22.62 -32.80
C GLU L 189 12.58 21.88 -34.12
N ILE L 190 11.49 21.25 -34.54
CA ILE L 190 11.48 20.54 -35.82
C ILE L 190 11.73 21.50 -36.97
N VAL L 191 11.04 22.64 -36.95
CA VAL L 191 11.20 23.59 -38.04
C VAL L 191 12.64 24.08 -38.12
N LEU L 192 13.23 24.40 -36.96
CA LEU L 192 14.58 24.94 -36.94
C LEU L 192 15.60 23.90 -37.40
N LYS L 193 15.47 22.66 -36.93
CA LYS L 193 16.43 21.64 -37.33
C LYS L 193 16.27 21.26 -38.81
N LEU L 194 15.04 21.27 -39.32
CA LEU L 194 14.88 21.02 -40.76
C LEU L 194 15.40 22.19 -41.57
N GLU L 195 15.37 23.40 -41.02
CA GLU L 195 15.95 24.54 -41.73
C GLU L 195 17.47 24.45 -41.75
N GLU L 196 18.08 24.09 -40.62
CA GLU L 196 19.53 23.87 -40.60
C GLU L 196 19.90 22.69 -41.50
N MET L 197 18.98 21.74 -41.68
CA MET L 197 19.17 20.69 -42.66
C MET L 197 19.23 21.25 -44.08
N GLY L 198 18.76 22.47 -44.28
CA GLY L 198 18.72 23.08 -45.59
C GLY L 198 17.42 22.84 -46.31
N PHE L 199 16.52 22.07 -45.68
CA PHE L 199 15.22 21.81 -46.27
C PHE L 199 14.34 23.04 -46.19
N GLU L 200 13.52 23.24 -47.22
CA GLU L 200 12.71 24.44 -47.39
C GLU L 200 11.33 24.16 -46.79
N ILE L 201 11.05 24.80 -45.65
CA ILE L 201 9.80 24.60 -44.93
C ILE L 201 8.84 25.74 -45.27
N GLU L 202 7.74 25.40 -45.92
CA GLU L 202 6.75 26.41 -46.30
C GLU L 202 5.94 26.87 -45.09
N ALA L 203 5.53 25.95 -44.23
CA ALA L 203 4.71 26.28 -43.07
C ALA L 203 4.70 25.12 -42.10
N SER L 204 4.21 25.39 -40.89
CA SER L 204 4.06 24.40 -39.85
C SER L 204 3.00 24.87 -38.87
N HIS L 205 2.06 23.98 -38.54
CA HIS L 205 0.87 24.41 -37.81
C HIS L 205 0.24 23.22 -37.11
N HIS L 206 -0.77 23.53 -36.30
CA HIS L 206 -1.53 22.53 -35.56
C HIS L 206 -2.71 22.06 -36.39
N GLU L 207 -2.93 20.75 -36.40
CA GLU L 207 -3.93 20.19 -37.29
C GLU L 207 -5.22 19.92 -36.53
N VAL L 208 -6.18 19.25 -37.20
CA VAL L 208 -7.56 19.22 -36.73
C VAL L 208 -7.66 18.58 -35.35
N ALA L 209 -7.23 17.37 -35.22
CA ALA L 209 -7.37 16.71 -33.94
C ALA L 209 -6.36 17.26 -32.96
N PRO L 210 -6.59 17.09 -31.65
CA PRO L 210 -5.55 17.43 -30.68
C PRO L 210 -4.28 16.63 -30.93
N GLY L 211 -3.13 17.28 -30.76
CA GLY L 211 -1.87 16.60 -30.86
C GLY L 211 -1.39 16.27 -32.25
N GLN L 212 -1.93 16.91 -33.29
CA GLN L 212 -1.54 16.63 -34.66
C GLN L 212 -0.85 17.83 -35.27
N HIS L 213 0.39 17.63 -35.73
CA HIS L 213 1.19 18.69 -36.31
C HIS L 213 1.50 18.39 -37.77
N GLU L 214 1.18 19.35 -38.63
CA GLU L 214 1.41 19.23 -40.07
C GLU L 214 2.62 20.08 -40.44
N ILE L 215 3.50 19.55 -41.28
CA ILE L 215 4.67 20.27 -41.76
C ILE L 215 4.59 20.36 -43.27
N ASP L 216 4.53 21.59 -43.77
CA ASP L 216 4.40 21.83 -45.21
C ASP L 216 5.79 22.03 -45.79
N PHE L 217 6.09 21.30 -46.86
CA PHE L 217 7.36 21.45 -47.53
C PHE L 217 7.23 22.38 -48.74
N LYS L 218 8.30 23.11 -49.01
CA LYS L 218 8.39 23.80 -50.29
C LYS L 218 8.74 22.79 -51.38
N TYR L 219 8.44 23.17 -52.61
CA TYR L 219 8.41 22.21 -53.69
C TYR L 219 9.82 21.82 -54.10
N ALA L 220 9.96 20.58 -54.57
CA ALA L 220 11.26 20.03 -54.89
C ALA L 220 11.09 18.95 -55.95
N ASP L 221 12.20 18.50 -56.51
CA ASP L 221 12.14 17.42 -57.48
C ASP L 221 11.74 16.12 -56.81
N ALA L 222 11.26 15.17 -57.62
CA ALA L 222 10.59 13.99 -57.08
C ALA L 222 11.49 13.21 -56.13
N VAL L 223 12.69 12.86 -56.60
CA VAL L 223 13.58 12.04 -55.78
C VAL L 223 14.00 12.78 -54.52
N LYS L 224 14.37 14.06 -54.67
CA LYS L 224 14.77 14.84 -53.50
C LYS L 224 13.59 15.10 -52.58
N ALA L 225 12.38 15.23 -53.15
CA ALA L 225 11.20 15.39 -52.30
C ALA L 225 10.95 14.14 -51.47
N ALA L 226 11.08 12.96 -52.08
CA ALA L 226 10.91 11.73 -51.33
C ALA L 226 11.97 11.59 -50.25
N ASP L 227 13.22 11.93 -50.57
CA ASP L 227 14.27 11.92 -49.56
C ASP L 227 13.96 12.91 -48.45
N GLN L 228 13.38 14.06 -48.80
CA GLN L 228 12.94 15.02 -47.80
C GLN L 228 11.91 14.41 -46.87
N ILE L 229 10.94 13.67 -47.44
CA ILE L 229 9.91 13.04 -46.61
C ILE L 229 10.53 12.02 -45.67
N GLN L 230 11.44 11.20 -46.19
CA GLN L 230 12.07 10.18 -45.35
C GLN L 230 12.86 10.79 -44.20
N THR L 231 13.75 11.73 -44.53
CA THR L 231 14.54 12.37 -43.49
C THR L 231 13.66 13.20 -42.57
N PHE L 232 12.56 13.72 -43.10
CA PHE L 232 11.57 14.42 -42.30
C PHE L 232 11.02 13.52 -41.21
N LYS L 233 10.58 12.32 -41.61
CA LYS L 233 10.08 11.37 -40.62
C LYS L 233 11.15 11.05 -39.58
N LEU L 234 12.37 10.78 -40.05
CA LEU L 234 13.44 10.41 -39.11
C LEU L 234 13.70 11.54 -38.12
N VAL L 235 13.77 12.78 -38.60
CA VAL L 235 14.10 13.90 -37.74
C VAL L 235 12.98 14.18 -36.77
N VAL L 236 11.73 14.13 -37.24
CA VAL L 236 10.60 14.38 -36.35
C VAL L 236 10.57 13.34 -35.23
N LYS L 237 10.76 12.06 -35.58
CA LYS L 237 10.76 11.04 -34.55
C LYS L 237 11.93 11.23 -33.58
N THR L 238 13.12 11.56 -34.10
CA THR L 238 14.28 11.77 -33.23
C THR L 238 14.01 12.89 -32.24
N ILE L 239 13.48 14.02 -32.72
CA ILE L 239 13.18 15.14 -31.84
C ILE L 239 12.13 14.75 -30.81
N ALA L 240 11.09 14.03 -31.23
CA ALA L 240 10.05 13.62 -30.29
C ALA L 240 10.62 12.73 -29.19
N ARG L 241 11.48 11.78 -29.55
CA ARG L 241 12.13 10.98 -28.51
C ARG L 241 12.97 11.86 -27.60
N GLN L 242 13.60 12.89 -28.15
CA GLN L 242 14.41 13.78 -27.31
C GLN L 242 13.57 14.54 -26.30
N HIS L 243 12.35 14.95 -26.67
CA HIS L 243 11.49 15.73 -25.79
C HIS L 243 10.63 14.87 -24.89
N GLY L 244 10.91 13.56 -24.82
CA GLY L 244 10.09 12.65 -24.04
C GLY L 244 8.69 12.47 -24.60
N LEU L 245 8.55 12.47 -25.92
CA LEU L 245 7.28 12.25 -26.58
C LEU L 245 7.46 11.13 -27.60
N HIS L 246 6.34 10.65 -28.14
CA HIS L 246 6.35 9.63 -29.17
C HIS L 246 5.70 10.20 -30.42
N ALA L 247 6.40 10.12 -31.54
CA ALA L 247 5.89 10.60 -32.82
C ALA L 247 5.44 9.42 -33.67
N THR L 248 4.19 9.45 -34.12
CA THR L 248 3.62 8.37 -34.90
C THR L 248 2.95 8.93 -36.14
N PHE L 249 3.09 8.20 -37.26
CA PHE L 249 2.38 8.51 -38.49
C PHE L 249 1.24 7.56 -38.74
N MET L 250 0.88 6.73 -37.77
CA MET L 250 -0.18 5.76 -37.98
C MET L 250 -1.45 6.48 -38.41
N PRO L 251 -2.04 6.12 -39.55
CA PRO L 251 -3.06 6.99 -40.16
C PRO L 251 -4.26 7.29 -39.27
N LYS L 252 -4.74 6.32 -38.50
CA LYS L 252 -5.91 6.51 -37.65
C LYS L 252 -5.66 5.85 -36.30
N PRO L 253 -4.81 6.46 -35.47
CA PRO L 253 -4.46 5.81 -34.20
C PRO L 253 -5.62 5.67 -33.24
N LEU L 254 -6.53 6.61 -33.22
CA LEU L 254 -7.59 6.63 -32.22
C LEU L 254 -8.93 6.77 -32.91
N PHE L 255 -9.90 6.00 -32.45
CA PHE L 255 -11.25 6.10 -32.99
C PHE L 255 -11.89 7.40 -32.52
N GLY L 256 -12.65 8.03 -33.40
CA GLY L 256 -13.34 9.26 -33.07
C GLY L 256 -12.58 10.53 -33.34
N VAL L 257 -11.30 10.45 -33.73
CA VAL L 257 -10.52 11.62 -34.08
C VAL L 257 -10.08 11.49 -35.53
N ASN L 258 -9.84 12.63 -36.16
CA ASN L 258 -9.45 12.61 -37.56
C ASN L 258 -8.06 12.00 -37.71
N GLY L 259 -7.83 11.39 -38.88
CA GLY L 259 -6.59 10.70 -39.15
C GLY L 259 -5.50 11.63 -39.66
N SER L 260 -4.44 11.01 -40.18
CA SER L 260 -3.28 11.70 -40.70
C SER L 260 -3.20 11.50 -42.21
N GLY L 261 -3.11 12.60 -42.94
CA GLY L 261 -3.04 12.56 -44.39
C GLY L 261 -1.74 13.15 -44.92
N MET L 262 -1.45 12.81 -46.18
CA MET L 262 -0.21 13.30 -46.83
C MET L 262 -0.57 13.92 -48.17
N HIS L 263 -1.59 14.79 -48.23
CA HIS L 263 -1.90 15.51 -49.46
C HIS L 263 -0.60 15.87 -50.17
N CYS L 264 -0.47 15.41 -51.40
CA CYS L 264 0.70 15.67 -52.22
C CYS L 264 0.30 16.57 -53.38
N ASN L 265 1.01 17.67 -53.55
CA ASN L 265 0.83 18.56 -54.68
C ASN L 265 1.82 18.18 -55.77
N GLN L 266 1.34 17.98 -56.99
CA GLN L 266 2.21 17.57 -58.07
C GLN L 266 1.93 18.39 -59.32
N SER L 267 2.99 18.58 -60.10
CA SER L 267 2.90 19.29 -61.37
C SER L 267 4.06 18.88 -62.26
N LEU L 268 3.79 18.67 -63.54
CA LEU L 268 4.85 18.31 -64.47
C LEU L 268 5.62 19.54 -64.92
N PHE L 269 6.93 19.36 -65.13
CA PHE L 269 7.80 20.42 -65.58
C PHE L 269 8.54 19.99 -66.84
N LYS L 270 8.52 20.86 -67.85
CA LYS L 270 9.25 20.65 -69.10
C LYS L 270 10.07 21.92 -69.35
N ASP L 271 11.36 21.86 -69.01
CA ASP L 271 12.29 22.97 -69.21
C ASP L 271 11.79 24.23 -68.52
N ASN L 272 11.77 24.14 -67.17
CA ASN L 272 11.27 25.15 -66.23
C ASN L 272 10.02 25.85 -66.76
N GLU L 273 9.16 25.10 -67.43
CA GLU L 273 7.87 25.57 -67.92
C GLU L 273 6.80 24.63 -67.39
N ASN L 274 5.83 25.19 -66.68
CA ASN L 274 4.74 24.40 -66.10
C ASN L 274 3.75 24.05 -67.21
N VAL L 275 3.75 22.79 -67.65
CA VAL L 275 2.88 22.36 -68.74
C VAL L 275 1.41 22.42 -68.37
N PHE L 276 1.08 22.34 -67.08
CA PHE L 276 -0.31 22.35 -66.65
C PHE L 276 -0.99 23.69 -66.87
N TYR L 277 -0.27 24.80 -66.77
CA TYR L 277 -0.86 26.11 -66.86
C TYR L 277 -1.29 26.42 -68.28
N ASP L 278 -2.46 27.08 -68.40
CA ASP L 278 -2.96 27.52 -69.70
C ASP L 278 -3.98 28.63 -69.44
N GLU L 279 -3.63 29.85 -69.84
CA GLU L 279 -4.54 30.97 -69.62
C GLU L 279 -5.78 30.87 -70.50
N THR L 280 -5.74 30.04 -71.53
CA THR L 280 -6.91 29.86 -72.38
C THR L 280 -7.97 28.98 -71.75
N ASP L 281 -7.61 28.18 -70.75
CA ASP L 281 -8.57 27.29 -70.11
C ASP L 281 -9.51 28.08 -69.21
N GLU L 282 -10.75 27.56 -69.09
CA GLU L 282 -11.73 28.22 -68.22
C GLU L 282 -11.29 28.22 -66.78
N LEU L 283 -10.76 27.09 -66.29
CA LEU L 283 -10.25 26.99 -64.94
C LEU L 283 -8.73 27.11 -64.88
N GLY L 284 -8.09 27.40 -66.02
CA GLY L 284 -6.65 27.52 -66.05
C GLY L 284 -5.90 26.21 -65.90
N LEU L 285 -6.35 25.17 -66.57
CA LEU L 285 -5.65 23.89 -66.62
C LEU L 285 -5.54 23.43 -68.06
N SER L 286 -4.32 23.12 -68.50
CA SER L 286 -4.10 22.68 -69.86
C SER L 286 -4.65 21.29 -70.07
N GLN L 287 -4.77 20.89 -71.34
CA GLN L 287 -5.29 19.57 -71.67
C GLN L 287 -4.42 18.47 -71.09
N THR L 288 -3.10 18.73 -70.99
CA THR L 288 -2.21 17.75 -70.38
C THR L 288 -2.57 17.53 -68.91
N ALA L 289 -2.88 18.61 -68.19
CA ALA L 289 -3.31 18.47 -66.80
C ALA L 289 -4.59 17.66 -66.69
N ARG L 290 -5.54 17.90 -67.60
CA ARG L 290 -6.80 17.15 -67.56
C ARG L 290 -6.57 15.67 -67.84
N HIS L 291 -5.72 15.36 -68.82
CA HIS L 291 -5.40 13.97 -69.07
C HIS L 291 -4.70 13.33 -67.88
N TYR L 292 -3.81 14.08 -67.23
CA TYR L 292 -3.12 13.57 -66.06
C TYR L 292 -4.11 13.24 -64.94
N MET L 293 -5.05 14.16 -64.69
CA MET L 293 -6.04 13.93 -63.64
C MET L 293 -6.94 12.75 -63.99
N ALA L 294 -7.33 12.63 -65.26
CA ALA L 294 -8.18 11.52 -65.66
C ALA L 294 -7.44 10.19 -65.47
N GLY L 295 -6.16 10.15 -65.83
CA GLY L 295 -5.39 8.94 -65.63
C GLY L 295 -5.23 8.57 -64.16
N ILE L 296 -5.06 9.57 -63.30
CA ILE L 296 -5.02 9.30 -61.87
C ILE L 296 -6.37 8.78 -61.39
N LEU L 297 -7.46 9.38 -61.88
CA LEU L 297 -8.79 8.98 -61.44
C LEU L 297 -9.10 7.54 -61.82
N LYS L 298 -8.81 7.15 -63.07
CA LYS L 298 -9.20 5.83 -63.54
C LYS L 298 -8.52 4.72 -62.75
N HIS L 299 -7.24 4.88 -62.43
CA HIS L 299 -6.48 3.87 -61.73
C HIS L 299 -6.43 4.11 -60.23
N ALA L 300 -7.38 4.90 -59.68
CA ALA L 300 -7.33 5.24 -58.26
C ALA L 300 -7.49 4.00 -57.38
N ARG L 301 -8.52 3.19 -57.64
CA ARG L 301 -8.73 1.98 -56.86
C ARG L 301 -7.53 1.06 -56.94
N ALA L 302 -6.92 0.94 -58.12
CA ALA L 302 -5.75 0.10 -58.26
C ALA L 302 -4.58 0.63 -57.44
N MET L 303 -4.35 1.93 -57.48
CA MET L 303 -3.19 2.49 -56.81
C MET L 303 -3.40 2.68 -55.30
N ALA L 304 -4.61 2.46 -54.81
CA ALA L 304 -4.85 2.61 -53.37
C ALA L 304 -4.03 1.62 -52.56
N ALA L 305 -3.85 0.39 -53.05
CA ALA L 305 -3.16 -0.64 -52.29
C ALA L 305 -1.71 -0.27 -52.00
N ILE L 306 -1.10 0.56 -52.84
CA ILE L 306 0.27 1.01 -52.63
C ILE L 306 0.32 2.39 -52.00
N THR L 307 -0.67 3.24 -52.28
CA THR L 307 -0.68 4.54 -51.65
C THR L 307 -1.42 4.54 -50.32
N ASN L 308 -2.11 3.45 -49.99
CA ASN L 308 -2.71 3.24 -48.66
C ASN L 308 -2.33 1.83 -48.22
N PRO L 309 -1.11 1.62 -47.75
CA PRO L 309 -0.60 0.25 -47.62
C PRO L 309 -1.08 -0.49 -46.38
N THR L 310 -1.27 0.21 -45.27
CA THR L 310 -1.58 -0.44 -44.01
C THR L 310 -3.04 -0.89 -43.98
N VAL L 311 -3.32 -1.83 -43.08
CA VAL L 311 -4.71 -2.17 -42.79
C VAL L 311 -5.40 -1.02 -42.07
N ASN L 312 -4.66 -0.34 -41.18
CA ASN L 312 -5.23 0.78 -40.44
C ASN L 312 -5.65 1.93 -41.34
N SER L 313 -4.99 2.08 -42.50
CA SER L 313 -5.26 3.24 -43.35
C SER L 313 -6.71 3.26 -43.81
N TYR L 314 -7.27 2.11 -44.15
CA TYR L 314 -8.65 2.06 -44.60
C TYR L 314 -9.64 2.21 -43.46
N LYS L 315 -9.18 2.24 -42.22
CA LYS L 315 -10.02 2.72 -41.14
C LYS L 315 -10.18 4.24 -41.18
N ARG L 316 -9.20 4.95 -41.74
CA ARG L 316 -9.29 6.40 -41.86
C ARG L 316 -10.26 6.82 -42.96
N LEU L 317 -10.35 6.02 -44.03
CA LEU L 317 -11.26 6.34 -45.14
C LEU L 317 -12.71 6.03 -44.75
N VAL L 318 -13.20 6.79 -43.78
CA VAL L 318 -14.58 6.69 -43.33
C VAL L 318 -15.20 8.09 -43.33
N PRO L 319 -16.50 8.24 -43.51
CA PRO L 319 -17.10 9.57 -43.59
C PRO L 319 -17.07 10.31 -42.26
N GLY L 320 -17.01 11.63 -42.37
CA GLY L 320 -17.16 12.49 -41.21
C GLY L 320 -15.88 13.07 -40.63
N TYR L 321 -14.73 12.84 -41.25
CA TYR L 321 -13.46 13.35 -40.73
C TYR L 321 -12.60 13.94 -41.82
N GLU L 322 -13.21 14.62 -42.80
CA GLU L 322 -12.53 15.24 -43.93
C GLU L 322 -11.93 14.20 -44.88
N ALA L 323 -11.93 12.92 -44.51
CA ALA L 323 -11.27 11.90 -45.30
C ALA L 323 -11.97 11.74 -46.66
N PRO L 324 -11.23 11.88 -47.75
CA PRO L 324 -11.82 11.66 -49.07
C PRO L 324 -11.99 10.18 -49.35
N CYS L 325 -13.24 9.76 -49.50
CA CYS L 325 -13.56 8.37 -49.77
C CYS L 325 -14.07 8.12 -51.18
N TYR L 326 -13.91 9.06 -52.10
CA TYR L 326 -14.58 8.98 -53.39
C TYR L 326 -13.68 9.47 -54.51
N VAL L 327 -13.89 8.91 -55.70
CA VAL L 327 -13.10 9.20 -56.88
C VAL L 327 -13.82 10.21 -57.75
N ALA L 328 -13.58 11.49 -57.51
CA ALA L 328 -14.11 12.56 -58.36
C ALA L 328 -13.24 13.79 -58.14
N TRP L 329 -13.19 14.64 -59.15
CA TRP L 329 -12.30 15.81 -59.12
C TRP L 329 -13.12 17.06 -58.93
N SER L 330 -12.60 17.98 -58.12
CA SER L 330 -13.30 19.22 -57.84
C SER L 330 -12.29 20.28 -57.44
N ALA L 331 -12.56 21.50 -57.86
CA ALA L 331 -11.75 22.64 -57.42
C ALA L 331 -11.93 22.94 -55.94
N SER L 332 -13.11 22.65 -55.38
CA SER L 332 -13.36 22.89 -53.97
C SER L 332 -14.53 22.02 -53.53
N ASN L 333 -14.27 21.03 -52.68
CA ASN L 333 -15.32 20.20 -52.13
C ASN L 333 -14.79 19.51 -50.89
N ARG L 334 -15.74 19.01 -50.07
CA ARG L 334 -15.38 18.34 -48.83
C ARG L 334 -14.53 17.10 -49.09
N SER L 335 -14.91 16.31 -50.09
CA SER L 335 -14.21 15.06 -50.32
C SER L 335 -14.20 14.67 -51.80
N PRO L 336 -13.43 15.35 -52.64
CA PRO L 336 -13.14 14.80 -53.97
C PRO L 336 -11.82 14.06 -54.00
N MET L 337 -11.61 13.20 -55.00
CA MET L 337 -10.29 12.52 -55.13
C MET L 337 -9.20 13.54 -55.44
N ILE L 338 -9.44 14.46 -56.38
CA ILE L 338 -8.40 15.37 -56.83
C ILE L 338 -8.86 16.80 -56.57
N ARG L 339 -8.03 17.58 -55.90
CA ARG L 339 -8.31 18.98 -55.64
C ARG L 339 -7.38 19.84 -56.49
N ILE L 340 -7.95 20.86 -57.11
CA ILE L 340 -7.20 21.82 -57.91
C ILE L 340 -7.23 23.17 -57.19
N PRO L 341 -6.14 23.61 -56.59
CA PRO L 341 -6.17 24.86 -55.83
C PRO L 341 -6.39 26.07 -56.73
N ALA L 342 -6.57 27.22 -56.08
CA ALA L 342 -6.80 28.46 -56.80
C ALA L 342 -5.52 29.02 -57.42
N SER L 343 -4.36 28.70 -56.85
CA SER L 343 -3.10 29.24 -57.36
C SER L 343 -2.88 28.77 -58.80
N ARG L 344 -2.40 29.70 -59.63
CA ARG L 344 -2.27 29.45 -61.06
C ARG L 344 -0.87 29.79 -61.55
N GLY L 345 -0.70 29.90 -62.86
CA GLY L 345 0.60 30.25 -63.41
C GLY L 345 1.58 29.13 -63.22
N LEU L 346 2.76 29.46 -62.72
CA LEU L 346 3.74 28.44 -62.37
C LEU L 346 3.36 27.69 -61.11
N SER L 347 2.33 28.14 -60.39
CA SER L 347 1.88 27.51 -59.16
C SER L 347 0.57 26.73 -59.34
N THR L 348 0.22 26.39 -60.57
CA THR L 348 -0.89 25.48 -60.80
C THR L 348 -0.46 24.06 -60.45
N ARG L 349 -1.37 23.28 -59.87
CA ARG L 349 -1.00 21.99 -59.34
C ARG L 349 -2.22 21.08 -59.28
N VAL L 350 -1.95 19.78 -59.08
CA VAL L 350 -2.99 18.80 -58.76
C VAL L 350 -2.68 18.26 -57.37
N GLU L 351 -3.65 18.30 -56.47
CA GLU L 351 -3.46 17.86 -55.10
C GLU L 351 -4.19 16.54 -54.90
N VAL L 352 -3.43 15.46 -54.73
CA VAL L 352 -3.98 14.14 -54.44
C VAL L 352 -3.94 13.96 -52.93
N ARG L 353 -5.09 13.71 -52.33
CA ARG L 353 -5.25 13.83 -50.88
C ARG L 353 -5.36 12.49 -50.17
N ASN L 354 -5.69 11.42 -50.88
CA ASN L 354 -5.89 10.12 -50.23
C ASN L 354 -4.64 9.54 -49.58
N PRO L 355 -3.46 9.57 -50.18
CA PRO L 355 -2.31 8.88 -49.56
C PRO L 355 -2.00 9.41 -48.18
N ASP L 356 -1.58 8.50 -47.31
CA ASP L 356 -1.30 8.71 -45.91
C ASP L 356 0.19 8.67 -45.61
N PRO L 357 0.64 9.23 -44.49
CA PRO L 357 2.08 9.27 -44.21
C PRO L 357 2.72 7.90 -44.09
N ALA L 358 1.95 6.85 -43.82
CA ALA L 358 2.54 5.52 -43.76
C ALA L 358 2.93 4.98 -45.13
N ALA L 359 2.34 5.50 -46.20
CA ALA L 359 2.65 5.03 -47.54
C ALA L 359 4.07 5.43 -47.95
N ASN L 360 4.71 4.55 -48.69
CA ASN L 360 6.07 4.81 -49.16
C ASN L 360 6.04 5.99 -50.12
N PRO L 361 6.81 7.05 -49.87
CA PRO L 361 6.75 8.22 -50.77
C PRO L 361 7.27 7.90 -52.16
N TYR L 362 8.39 7.17 -52.27
CA TYR L 362 8.89 6.76 -53.56
C TYR L 362 7.83 5.99 -54.33
N LEU L 363 7.25 4.98 -53.69
CA LEU L 363 6.25 4.15 -54.36
C LEU L 363 5.01 4.94 -54.73
N ALA L 364 4.51 5.77 -53.81
CA ALA L 364 3.29 6.52 -54.07
C ALA L 364 3.47 7.49 -55.22
N LEU L 365 4.58 8.23 -55.22
CA LEU L 365 4.85 9.15 -56.31
C LEU L 365 5.04 8.40 -57.62
N ALA L 366 5.73 7.26 -57.58
CA ALA L 366 5.96 6.49 -58.79
C ALA L 366 4.65 6.03 -59.41
N VAL L 367 3.75 5.48 -58.59
CA VAL L 367 2.50 4.97 -59.14
C VAL L 367 1.60 6.11 -59.59
N MET L 368 1.55 7.21 -58.82
CA MET L 368 0.79 8.38 -59.25
C MET L 368 1.25 8.84 -60.61
N LEU L 369 2.55 9.05 -60.78
CA LEU L 369 3.04 9.59 -62.04
C LEU L 369 2.84 8.60 -63.17
N ARG L 370 3.05 7.31 -62.92
CA ARG L 370 2.87 6.33 -63.98
C ARG L 370 1.43 6.27 -64.45
N ALA L 371 0.48 6.26 -63.52
CA ALA L 371 -0.92 6.29 -63.92
C ALA L 371 -1.25 7.57 -64.66
N GLY L 372 -0.69 8.69 -64.22
CA GLY L 372 -0.96 9.95 -64.90
C GLY L 372 -0.43 9.99 -66.31
N LEU L 373 0.79 9.48 -66.52
CA LEU L 373 1.32 9.43 -67.88
C LEU L 373 0.55 8.44 -68.74
N ASP L 374 0.05 7.36 -68.13
CA ASP L 374 -0.83 6.47 -68.89
C ASP L 374 -2.07 7.22 -69.35
N GLY L 375 -2.67 8.01 -68.47
CA GLY L 375 -3.82 8.82 -68.85
C GLY L 375 -3.47 9.84 -69.92
N ILE L 376 -2.28 10.43 -69.81
CA ILE L 376 -1.86 11.43 -70.79
C ILE L 376 -1.69 10.79 -72.17
N LYS L 377 -1.02 9.64 -72.23
CA LYS L 377 -0.83 8.96 -73.50
C LYS L 377 -2.16 8.51 -74.09
N ARG L 378 -3.04 7.96 -73.26
CA ARG L 378 -4.33 7.49 -73.77
C ARG L 378 -5.33 8.61 -73.99
N GLN L 379 -5.01 9.84 -73.57
CA GLN L 379 -5.89 10.99 -73.74
C GLN L 379 -7.28 10.70 -73.18
N MET L 380 -7.31 10.22 -71.95
CA MET L 380 -8.56 9.85 -71.31
C MET L 380 -9.47 11.07 -71.13
N ALA L 381 -10.75 10.87 -71.42
CA ALA L 381 -11.73 11.94 -71.32
C ALA L 381 -12.03 12.21 -69.85
N LEU L 382 -11.76 13.42 -69.41
CA LEU L 382 -11.94 13.78 -68.01
C LEU L 382 -13.43 13.88 -67.69
N PRO L 383 -13.93 13.16 -66.70
CA PRO L 383 -15.33 13.32 -66.31
C PRO L 383 -15.59 14.70 -65.72
N ALA L 384 -16.87 15.04 -65.62
CA ALA L 384 -17.26 16.36 -65.16
C ALA L 384 -16.88 16.55 -63.70
N PRO L 385 -16.55 17.77 -63.29
CA PRO L 385 -16.32 18.02 -61.86
C PRO L 385 -17.61 18.03 -61.07
N ILE L 386 -17.49 17.84 -59.77
CA ILE L 386 -18.66 17.90 -58.89
C ILE L 386 -18.78 19.33 -58.36
N ASP L 387 -20.02 19.78 -58.22
CA ASP L 387 -20.31 21.08 -57.65
C ASP L 387 -20.27 20.97 -56.12
N ARG L 388 -20.80 21.98 -55.42
CA ARG L 388 -20.86 21.93 -53.96
C ARG L 388 -21.66 20.72 -53.46
N ASN L 389 -22.27 19.96 -54.38
CA ASN L 389 -23.01 18.75 -54.05
C ASN L 389 -22.16 17.83 -53.18
N ILE L 390 -22.78 17.30 -52.13
CA ILE L 390 -22.06 16.44 -51.19
C ILE L 390 -22.63 15.04 -51.35
N TYR L 391 -22.05 14.06 -50.66
CA TYR L 391 -22.29 12.67 -50.99
C TYR L 391 -23.13 11.99 -49.92
N VAL L 392 -24.19 12.68 -49.46
CA VAL L 392 -25.27 12.01 -48.75
C VAL L 392 -26.16 11.22 -49.69
N MET L 393 -25.91 11.29 -50.99
CA MET L 393 -26.72 10.61 -51.99
C MET L 393 -26.51 9.10 -51.93
N SER L 394 -27.48 8.38 -52.48
CA SER L 394 -27.52 6.93 -52.36
C SER L 394 -26.48 6.27 -53.26
N GLU L 395 -26.23 4.99 -53.00
CA GLU L 395 -25.32 4.22 -53.84
C GLU L 395 -25.86 4.10 -55.26
N GLU L 396 -27.18 3.93 -55.41
CA GLU L 396 -27.77 3.97 -56.74
C GLU L 396 -27.55 5.33 -57.39
N GLU L 397 -27.73 6.41 -56.63
CA GLU L 397 -27.39 7.73 -57.13
C GLU L 397 -25.88 7.86 -57.37
N ARG L 398 -25.07 7.28 -56.48
CA ARG L 398 -23.62 7.42 -56.60
C ARG L 398 -23.12 6.80 -57.90
N ILE L 399 -23.64 5.63 -58.27
CA ILE L 399 -23.30 5.04 -59.56
C ILE L 399 -24.04 5.70 -60.71
N GLU L 400 -25.19 6.32 -60.44
CA GLU L 400 -25.90 7.03 -61.49
C GLU L 400 -25.10 8.21 -62.01
N GLU L 401 -24.44 8.94 -61.11
CA GLU L 401 -23.58 10.04 -61.49
C GLU L 401 -22.18 9.60 -61.88
N GLY L 402 -21.90 8.31 -61.82
CA GLY L 402 -20.59 7.79 -62.18
C GLY L 402 -19.48 8.18 -61.22
N ILE L 403 -19.71 8.04 -59.92
CA ILE L 403 -18.74 8.39 -58.89
C ILE L 403 -18.29 7.10 -58.20
N PRO L 404 -17.17 6.50 -58.58
CA PRO L 404 -16.69 5.31 -57.88
C PRO L 404 -16.14 5.66 -56.51
N SER L 405 -15.83 4.63 -55.74
CA SER L 405 -15.32 4.79 -54.39
C SER L 405 -14.05 3.98 -54.21
N LEU L 406 -13.24 4.40 -53.23
CA LEU L 406 -12.01 3.71 -52.93
C LEU L 406 -12.30 2.35 -52.31
N PRO L 407 -11.35 1.42 -52.40
CA PRO L 407 -11.58 0.08 -51.83
C PRO L 407 -11.84 0.15 -50.33
N ALA L 408 -12.71 -0.75 -49.86
CA ALA L 408 -13.15 -0.72 -48.48
C ALA L 408 -12.07 -1.11 -47.49
N ASP L 409 -11.18 -2.01 -47.87
CA ASP L 409 -10.12 -2.46 -46.98
C ASP L 409 -8.96 -2.98 -47.82
N LEU L 410 -7.96 -3.55 -47.16
CA LEU L 410 -6.72 -3.89 -47.82
C LEU L 410 -6.90 -5.00 -48.85
N LYS L 411 -7.75 -5.99 -48.57
CA LYS L 411 -7.87 -7.14 -49.46
C LYS L 411 -8.42 -6.74 -50.83
N GLU L 412 -9.47 -5.91 -50.84
CA GLU L 412 -10.01 -5.44 -52.11
C GLU L 412 -8.99 -4.62 -52.87
N ALA L 413 -8.22 -3.80 -52.16
CA ALA L 413 -7.16 -3.04 -52.80
C ALA L 413 -6.13 -3.95 -53.44
N LEU L 414 -5.75 -5.02 -52.76
CA LEU L 414 -4.77 -5.96 -53.31
C LEU L 414 -5.32 -6.64 -54.56
N SER L 415 -6.58 -7.08 -54.52
CA SER L 415 -7.15 -7.72 -55.69
C SER L 415 -7.20 -6.76 -56.87
N GLU L 416 -7.58 -5.50 -56.61
CA GLU L 416 -7.60 -4.51 -57.68
C GLU L 416 -6.20 -4.26 -58.23
N LEU L 417 -5.20 -4.21 -57.36
CA LEU L 417 -3.83 -4.00 -57.81
C LEU L 417 -3.37 -5.14 -58.72
N ILE L 418 -3.68 -6.38 -58.34
CA ILE L 418 -3.31 -7.50 -59.19
C ILE L 418 -4.03 -7.42 -60.53
N ARG L 419 -5.31 -7.06 -60.51
CA ARG L 419 -6.08 -6.97 -61.76
C ARG L 419 -5.66 -5.81 -62.63
N SER L 420 -4.86 -4.87 -62.12
CA SER L 420 -4.42 -3.72 -62.90
C SER L 420 -3.13 -4.03 -63.64
N GLU L 421 -3.09 -3.68 -64.92
CA GLU L 421 -1.93 -3.97 -65.75
C GLU L 421 -0.95 -2.81 -65.85
N VAL L 422 -1.28 -1.65 -65.32
CA VAL L 422 -0.38 -0.50 -65.41
C VAL L 422 0.48 -0.38 -64.17
N ILE L 423 -0.16 -0.31 -63.00
CA ILE L 423 0.57 -0.15 -61.74
C ILE L 423 1.44 -1.36 -61.44
N SER L 424 0.98 -2.58 -61.78
CA SER L 424 1.82 -3.75 -61.62
C SER L 424 3.09 -3.63 -62.45
N ASP L 425 2.97 -3.14 -63.68
CA ASP L 425 4.15 -2.89 -64.49
C ASP L 425 5.04 -1.82 -63.86
N ALA L 426 4.44 -0.75 -63.34
CA ALA L 426 5.22 0.31 -62.72
C ALA L 426 6.05 -0.21 -61.55
N LEU L 427 5.44 -1.04 -60.69
CA LEU L 427 6.19 -1.61 -59.58
C LEU L 427 7.24 -2.59 -60.07
N GLY L 428 7.00 -3.22 -61.21
CA GLY L 428 7.91 -4.23 -61.70
C GLY L 428 7.54 -5.63 -61.25
N ASP L 429 7.92 -6.61 -62.07
CA ASP L 429 7.47 -7.98 -61.83
C ASP L 429 8.03 -8.54 -60.53
N HIS L 430 9.30 -8.28 -60.24
CA HIS L 430 9.92 -8.83 -59.03
C HIS L 430 9.35 -8.19 -57.78
N ALA L 431 9.23 -6.86 -57.77
CA ALA L 431 8.75 -6.18 -56.58
C ALA L 431 7.27 -6.44 -56.33
N LEU L 432 6.49 -6.60 -57.41
CA LEU L 432 5.06 -6.83 -57.26
C LEU L 432 4.79 -8.10 -56.47
N ALA L 433 5.51 -9.18 -56.78
CA ALA L 433 5.28 -10.43 -56.09
C ALA L 433 5.59 -10.31 -54.61
N TYR L 434 6.70 -9.67 -54.26
CA TYR L 434 7.09 -9.59 -52.86
C TYR L 434 6.16 -8.68 -52.08
N PHE L 435 5.76 -7.55 -52.66
CA PHE L 435 4.81 -6.67 -51.96
C PHE L 435 3.46 -7.36 -51.79
N TYR L 436 2.99 -8.07 -52.82
CA TYR L 436 1.74 -8.80 -52.70
C TYR L 436 1.82 -9.85 -51.60
N GLU L 437 2.93 -10.59 -51.56
CA GLU L 437 3.09 -11.60 -50.51
C GLU L 437 3.10 -10.97 -49.14
N LEU L 438 3.80 -9.84 -49.00
CA LEU L 438 3.84 -9.13 -47.73
C LEU L 438 2.46 -8.72 -47.27
N LYS L 439 1.68 -8.12 -48.17
CA LYS L 439 0.36 -7.65 -47.79
C LYS L 439 -0.61 -8.80 -47.56
N GLU L 440 -0.46 -9.91 -48.29
CA GLU L 440 -1.25 -11.09 -47.99
C GLU L 440 -0.96 -11.60 -46.59
N ILE L 441 0.31 -11.65 -46.20
CA ILE L 441 0.63 -12.10 -44.86
C ILE L 441 0.05 -11.15 -43.82
N GLU L 442 0.16 -9.85 -44.06
CA GLU L 442 -0.38 -8.88 -43.12
C GLU L 442 -1.88 -9.03 -42.96
N TRP L 443 -2.60 -9.11 -44.08
CA TRP L 443 -4.05 -9.23 -44.01
C TRP L 443 -4.48 -10.56 -43.40
N ASP L 444 -3.75 -11.64 -43.71
CA ASP L 444 -4.08 -12.93 -43.13
C ASP L 444 -3.91 -12.89 -41.62
N MET L 445 -2.86 -12.24 -41.14
CA MET L 445 -2.70 -12.07 -39.70
C MET L 445 -3.82 -11.24 -39.11
N TYR L 446 -4.23 -10.18 -39.82
CA TYR L 446 -5.22 -9.27 -39.26
C TYR L 446 -6.61 -9.90 -39.20
N ARG L 447 -6.99 -10.66 -40.25
CA ARG L 447 -8.36 -11.14 -40.34
C ARG L 447 -8.68 -12.22 -39.32
N THR L 448 -7.69 -12.93 -38.80
CA THR L 448 -7.94 -14.02 -37.87
C THR L 448 -7.84 -13.61 -36.41
N GLN L 449 -7.61 -12.32 -36.14
CA GLN L 449 -7.57 -11.86 -34.76
C GLN L 449 -8.96 -11.79 -34.16
N VAL L 450 -9.02 -11.81 -32.84
CA VAL L 450 -10.26 -11.62 -32.10
C VAL L 450 -10.07 -10.39 -31.21
N HIS L 451 -10.65 -9.28 -31.62
CA HIS L 451 -10.42 -8.00 -30.97
C HIS L 451 -11.34 -7.83 -29.77
N GLN L 452 -11.01 -6.83 -28.94
CA GLN L 452 -11.78 -6.59 -27.73
C GLN L 452 -13.17 -6.06 -28.04
N TRP L 453 -13.35 -5.39 -29.17
CA TRP L 453 -14.68 -4.86 -29.52
C TRP L 453 -15.67 -6.00 -29.68
N GLU L 454 -15.24 -7.12 -30.24
CA GLU L 454 -16.12 -8.28 -30.36
C GLU L 454 -16.53 -8.78 -28.98
N ARG L 455 -15.57 -8.91 -28.05
CA ARG L 455 -15.91 -9.35 -26.71
C ARG L 455 -16.77 -8.33 -25.97
N ASP L 456 -16.75 -7.08 -26.42
CA ASP L 456 -17.64 -6.09 -25.84
C ASP L 456 -19.06 -6.28 -26.34
N GLN L 457 -19.24 -6.28 -27.66
CA GLN L 457 -20.57 -6.48 -28.23
C GLN L 457 -21.12 -7.85 -27.88
N TYR L 458 -20.34 -8.89 -28.12
CA TYR L 458 -20.72 -10.26 -27.83
C TYR L 458 -20.21 -10.63 -26.43
N LEU L 459 -20.21 -11.93 -26.12
CA LEU L 459 -19.78 -12.47 -24.84
C LEU L 459 -20.83 -12.20 -23.77
N THR L 460 -21.84 -11.42 -24.11
CA THR L 460 -23.02 -11.22 -23.29
C THR L 460 -24.31 -11.36 -24.09
N LEU L 461 -24.34 -10.87 -25.32
CA LEU L 461 -25.55 -10.94 -26.13
C LEU L 461 -25.77 -12.34 -26.66
N TYR L 462 -24.71 -13.11 -26.86
CA TYR L 462 -24.82 -14.50 -27.29
C TYR L 462 -24.16 -15.42 -26.28
#